data_7AX5
#
_entry.id   7AX5
#
_cell.length_a   76.810
_cell.length_b   76.810
_cell.length_c   30.900
_cell.angle_alpha   90.000
_cell.angle_beta   90.000
_cell.angle_gamma   120.000
#
_symmetry.space_group_name_H-M   'P 64'
#
loop_
_entity.id
_entity.type
_entity.pdbx_description
1 polymer 'Similar to acyl carrier protein'
2 non-polymer 'ZINC ION'
3 water water
#
_entity_poly.entity_id   1
_entity_poly.type   'polypeptide(L)'
_entity_poly.pdbx_seq_one_letter_code
;MDDEEIEKGVTSIVAEVTELDEKEIWEKRDANFFQDLEIDSLLALEILALIEKKFKVQIPEEKLVDITSLSATIGLTKSV
LAESGKLEHHHHHH
;
_entity_poly.pdbx_strand_id   A
#
# COMPACT_ATOMS: atom_id res chain seq x y z
N ASP A 2 13.41 4.50 1.09
CA ASP A 2 14.01 3.20 1.46
C ASP A 2 13.16 1.93 1.17
N ASP A 3 13.72 0.99 0.41
CA ASP A 3 12.94 -0.15 -0.09
C ASP A 3 12.31 -0.96 1.05
N GLU A 4 13.15 -1.49 1.94
CA GLU A 4 12.66 -2.18 3.13
C GLU A 4 11.65 -1.33 3.90
N GLU A 5 12.02 -0.07 4.18
CA GLU A 5 11.16 0.80 4.97
C GLU A 5 9.78 0.94 4.33
N ILE A 6 9.74 1.05 3.00
CA ILE A 6 8.46 1.25 2.32
C ILE A 6 7.65 -0.05 2.34
N GLU A 7 8.29 -1.17 2.01
CA GLU A 7 7.56 -2.43 1.95
C GLU A 7 6.99 -2.80 3.33
N LYS A 8 7.72 -2.51 4.40
CA LYS A 8 7.23 -2.81 5.74
C LYS A 8 6.13 -1.83 6.19
N GLY A 9 6.31 -0.55 5.87
CA GLY A 9 5.31 0.43 6.20
C GLY A 9 3.97 0.21 5.51
N VAL A 10 4.00 -0.17 4.23
CA VAL A 10 2.76 -0.41 3.52
C VAL A 10 2.11 -1.68 4.06
N THR A 11 2.93 -2.69 4.40
CA THR A 11 2.39 -3.91 4.98
C THR A 11 1.64 -3.62 6.27
N SER A 12 2.26 -2.86 7.18
CA SER A 12 1.62 -2.50 8.44
C SER A 12 0.28 -1.82 8.21
N ILE A 13 0.22 -0.88 7.27
CA ILE A 13 -1.02 -0.14 7.04
C ILE A 13 -2.12 -1.08 6.54
N VAL A 14 -1.79 -1.93 5.57
CA VAL A 14 -2.79 -2.82 5.00
C VAL A 14 -3.26 -3.84 6.06
N ALA A 15 -2.31 -4.38 6.84
CA ALA A 15 -2.65 -5.22 7.99
C ALA A 15 -3.67 -4.54 8.94
N GLU A 16 -3.42 -3.27 9.33
CA GLU A 16 -4.38 -2.55 10.16
C GLU A 16 -5.74 -2.49 9.52
N VAL A 17 -5.81 -1.86 8.34
CA VAL A 17 -7.10 -1.60 7.72
C VAL A 17 -7.87 -2.89 7.62
N THR A 18 -7.18 -3.98 7.35
CA THR A 18 -7.84 -5.25 7.05
C THR A 18 -8.06 -6.12 8.29
N GLU A 19 -7.43 -5.76 9.40
CA GLU A 19 -7.48 -6.57 10.62
C GLU A 19 -6.92 -7.97 10.34
N LEU A 20 -5.83 -8.01 9.61
CA LEU A 20 -5.10 -9.26 9.38
C LEU A 20 -3.69 -9.13 9.93
N ASP A 21 -3.03 -10.27 10.07
CA ASP A 21 -1.68 -10.31 10.58
C ASP A 21 -0.68 -9.87 9.52
N GLU A 22 0.34 -9.10 9.95
CA GLU A 22 1.34 -8.58 9.02
C GLU A 22 2.04 -9.71 8.24
N LYS A 23 2.34 -10.84 8.88
CA LYS A 23 3.04 -11.93 8.17
C LYS A 23 2.16 -12.55 7.09
N GLU A 24 0.85 -12.73 7.37
CA GLU A 24 -0.03 -13.33 6.37
C GLU A 24 -0.19 -12.41 5.17
N ILE A 25 -0.46 -11.13 5.42
CA ILE A 25 -0.63 -10.20 4.31
C ILE A 25 0.62 -10.21 3.44
N TRP A 26 1.79 -10.24 4.08
CA TRP A 26 3.03 -10.28 3.30
C TRP A 26 3.13 -11.60 2.51
N GLU A 27 2.78 -12.73 3.14
CA GLU A 27 2.78 -13.98 2.38
C GLU A 27 1.84 -13.90 1.18
N LYS A 28 0.73 -13.17 1.29
CA LYS A 28 -0.24 -12.99 0.23
C LYS A 28 0.00 -11.72 -0.57
N ARG A 29 1.26 -11.27 -0.68
CA ARG A 29 1.51 -9.99 -1.32
C ARG A 29 1.00 -9.93 -2.77
N ASP A 30 0.95 -11.06 -3.48
CA ASP A 30 0.41 -11.06 -4.84
C ASP A 30 -1.06 -11.45 -4.93
N ALA A 31 -1.74 -11.66 -3.82
CA ALA A 31 -3.17 -11.94 -3.89
C ALA A 31 -3.90 -10.71 -4.39
N ASN A 32 -5.04 -10.93 -5.06
CA ASN A 32 -5.97 -9.86 -5.40
C ASN A 32 -6.63 -9.32 -4.14
N PHE A 33 -6.75 -8.01 -4.04
CA PHE A 33 -7.20 -7.39 -2.79
C PHE A 33 -8.67 -7.66 -2.53
N PHE A 34 -9.45 -7.81 -3.60
CA PHE A 34 -10.91 -7.86 -3.47
C PHE A 34 -11.45 -9.27 -3.63
N GLN A 35 -12.50 -9.62 -2.90
CA GLN A 35 -13.12 -10.94 -3.05
C GLN A 35 -12.23 -12.03 -2.47
N ASP A 36 -11.06 -12.22 -3.06
CA ASP A 36 -9.96 -13.00 -2.50
C ASP A 36 -9.54 -12.52 -1.10
N LEU A 37 -10.42 -12.60 -0.11
CA LEU A 37 -10.34 -11.78 1.11
C LEU A 37 -10.86 -10.37 0.86
N GLU A 38 -11.20 -9.64 1.90
CA GLU A 38 -12.16 -8.54 1.78
C GLU A 38 -11.53 -7.36 1.04
N ILE A 39 -11.51 -6.19 1.67
CA ILE A 39 -11.02 -4.97 1.04
C ILE A 39 -11.97 -4.56 -0.08
N ASP A 40 -12.70 -3.50 0.19
CA ASP A 40 -13.62 -2.85 -0.73
C ASP A 40 -13.07 -1.47 -1.08
N SER A 41 -13.94 -0.60 -1.62
CA SER A 41 -13.47 0.73 -1.99
C SER A 41 -13.27 1.61 -0.77
N LEU A 42 -14.04 1.39 0.30
CA LEU A 42 -13.81 2.13 1.54
C LEU A 42 -12.48 1.76 2.18
N LEU A 43 -12.18 0.46 2.24
CA LEU A 43 -10.91 0.07 2.83
C LEU A 43 -9.73 0.53 1.98
N ALA A 44 -9.87 0.44 0.66
CA ALA A 44 -8.79 0.91 -0.22
C ALA A 44 -8.61 2.41 -0.06
N LEU A 45 -9.72 3.16 -0.03
CA LEU A 45 -9.65 4.57 0.29
C LEU A 45 -8.88 4.80 1.58
N GLU A 46 -9.10 3.94 2.58
CA GLU A 46 -8.43 4.19 3.85
C GLU A 46 -6.94 3.86 3.76
N ILE A 47 -6.61 2.81 3.03
CA ILE A 47 -5.20 2.48 2.81
C ILE A 47 -4.51 3.66 2.16
N LEU A 48 -5.12 4.21 1.12
CA LEU A 48 -4.52 5.35 0.42
C LEU A 48 -4.25 6.49 1.39
N ALA A 49 -5.22 6.80 2.27
CA ALA A 49 -5.09 7.94 3.17
C ALA A 49 -3.97 7.71 4.19
N LEU A 50 -3.87 6.48 4.70
CA LEU A 50 -2.85 6.20 5.70
C LEU A 50 -1.45 6.20 5.07
N ILE A 51 -1.34 5.85 3.79
CA ILE A 51 -0.04 5.93 3.12
C ILE A 51 0.32 7.40 2.94
N GLU A 52 -0.66 8.21 2.54
CA GLU A 52 -0.52 9.67 2.52
C GLU A 52 -0.50 10.26 3.93
N LYS A 53 -0.01 9.52 4.92
CA LYS A 53 0.31 10.10 6.21
C LYS A 53 1.65 9.60 6.70
N LYS A 54 1.83 8.27 6.66
CA LYS A 54 3.12 7.67 6.97
C LYS A 54 4.24 8.41 6.27
N PHE A 55 4.25 8.40 4.93
CA PHE A 55 5.39 8.80 4.13
C PHE A 55 5.35 10.27 3.69
N LYS A 56 4.30 11.02 4.05
CA LYS A 56 4.18 12.45 3.76
C LYS A 56 4.15 12.72 2.25
N VAL A 57 3.10 12.18 1.63
CA VAL A 57 3.06 11.98 0.19
C VAL A 57 1.62 12.21 -0.28
N GLN A 58 1.48 13.00 -1.34
CA GLN A 58 0.20 13.28 -1.97
C GLN A 58 -0.09 12.25 -3.05
N ILE A 59 -1.20 11.54 -2.93
CA ILE A 59 -1.62 10.57 -3.91
C ILE A 59 -3.01 10.99 -4.38
N PRO A 60 -3.16 11.61 -5.55
CA PRO A 60 -4.50 11.76 -6.12
C PRO A 60 -5.27 10.47 -5.92
N GLU A 61 -6.43 10.58 -5.25
CA GLU A 61 -6.94 9.48 -4.45
C GLU A 61 -7.79 8.53 -5.28
N GLU A 62 -7.52 8.46 -6.59
CA GLU A 62 -8.39 7.70 -7.47
C GLU A 62 -7.73 6.47 -8.08
N LYS A 63 -6.84 5.77 -7.36
CA LYS A 63 -6.33 4.53 -7.94
C LYS A 63 -6.95 3.29 -7.33
N LEU A 64 -7.27 3.30 -6.03
CA LEU A 64 -7.99 2.23 -5.32
C LEU A 64 -8.52 1.12 -6.21
N VAL A 65 -9.05 1.43 -7.40
CA VAL A 65 -9.43 0.38 -8.35
C VAL A 65 -8.21 -0.44 -8.75
N ASP A 66 -7.01 0.07 -8.43
CA ASP A 66 -5.75 -0.55 -8.82
C ASP A 66 -4.75 -0.60 -7.66
N ILE A 67 -5.09 0.00 -6.52
CA ILE A 67 -4.68 -0.48 -5.21
C ILE A 67 -5.35 -1.85 -5.08
N THR A 68 -4.72 -2.85 -5.68
CA THR A 68 -5.35 -4.13 -5.95
C THR A 68 -4.62 -5.31 -5.37
N SER A 69 -3.38 -5.13 -4.94
CA SER A 69 -2.64 -6.14 -4.20
C SER A 69 -1.63 -5.42 -3.34
N LEU A 70 -1.06 -6.13 -2.38
CA LEU A 70 -0.01 -5.50 -1.58
C LEU A 70 1.13 -5.05 -2.48
N SER A 71 1.59 -5.92 -3.37
CA SER A 71 2.74 -5.58 -4.20
C SER A 71 2.41 -4.44 -5.17
N ALA A 72 1.18 -4.42 -5.72
CA ALA A 72 0.76 -3.26 -6.49
C ALA A 72 0.75 -2.00 -5.64
N THR A 73 0.26 -2.10 -4.41
CA THR A 73 0.21 -0.93 -3.54
C THR A 73 1.60 -0.44 -3.17
N ILE A 74 2.52 -1.38 -2.92
CA ILE A 74 3.91 -1.01 -2.67
C ILE A 74 4.50 -0.31 -3.88
N GLY A 75 4.25 -0.87 -5.07
CA GLY A 75 4.77 -0.26 -6.28
C GLY A 75 4.24 1.15 -6.46
N LEU A 76 2.95 1.35 -6.17
CA LEU A 76 2.36 2.69 -6.24
C LEU A 76 3.08 3.64 -5.31
N THR A 77 3.34 3.19 -4.08
CA THR A 77 3.97 4.04 -3.09
C THR A 77 5.39 4.40 -3.54
N LYS A 78 6.10 3.44 -4.12
CA LYS A 78 7.47 3.70 -4.60
C LYS A 78 7.47 4.73 -5.74
N SER A 79 6.64 4.52 -6.77
CA SER A 79 6.47 5.50 -7.85
C SER A 79 6.26 6.91 -7.31
N VAL A 80 5.33 7.04 -6.36
CA VAL A 80 4.98 8.35 -5.83
C VAL A 80 6.14 8.92 -5.04
N LEU A 81 6.85 8.07 -4.31
CA LEU A 81 8.01 8.55 -3.58
C LEU A 81 9.11 8.99 -4.55
N ALA A 82 9.22 8.33 -5.70
CA ALA A 82 10.23 8.71 -6.69
C ALA A 82 9.85 10.02 -7.39
N GLU A 83 8.56 10.24 -7.64
CA GLU A 83 8.05 11.55 -8.04
C GLU A 83 8.46 12.65 -7.07
N SER A 84 8.53 12.36 -5.78
CA SER A 84 8.72 13.37 -4.74
C SER A 84 10.19 13.55 -4.36
N GLY A 85 11.11 12.90 -5.05
CA GLY A 85 12.50 12.90 -4.60
C GLY A 85 12.66 12.44 -3.16
N LYS A 86 12.21 11.22 -2.86
CA LYS A 86 12.38 10.71 -1.49
C LYS A 86 12.58 9.20 -1.48
N LEU A 87 12.73 8.57 -2.63
CA LEU A 87 12.97 7.14 -2.74
C LEU A 87 14.46 6.88 -2.80
N GLU A 88 14.97 6.02 -1.90
CA GLU A 88 16.27 5.37 -2.12
C GLU A 88 15.92 3.95 -2.53
N HIS A 89 16.24 3.62 -3.77
CA HIS A 89 15.90 2.35 -4.38
C HIS A 89 17.17 1.66 -4.87
N HIS A 90 17.33 0.40 -4.51
CA HIS A 90 18.50 -0.36 -4.90
C HIS A 90 18.11 -1.46 -5.90
N ASP A 2 13.41 4.29 0.83
CA ASP A 2 14.07 2.99 1.08
C ASP A 2 13.17 1.72 0.97
N ASP A 3 13.55 0.78 0.09
CA ASP A 3 12.66 -0.32 -0.28
C ASP A 3 12.11 -1.06 0.94
N GLU A 4 12.99 -1.44 1.87
CA GLU A 4 12.55 -2.15 3.07
C GLU A 4 11.56 -1.30 3.88
N GLU A 5 11.91 -0.05 4.15
CA GLU A 5 11.03 0.83 4.91
C GLU A 5 9.66 0.94 4.28
N ILE A 6 9.61 1.12 2.96
CA ILE A 6 8.34 1.25 2.28
C ILE A 6 7.56 -0.05 2.40
N GLU A 7 8.28 -1.17 2.30
CA GLU A 7 7.65 -2.48 2.34
C GLU A 7 7.04 -2.79 3.69
N LYS A 8 7.76 -2.49 4.79
CA LYS A 8 7.17 -2.71 6.11
C LYS A 8 6.04 -1.74 6.37
N GLY A 9 6.22 -0.48 5.99
CA GLY A 9 5.20 0.52 6.25
C GLY A 9 3.89 0.23 5.54
N VAL A 10 3.95 -0.13 4.26
CA VAL A 10 2.72 -0.40 3.53
C VAL A 10 2.08 -1.68 4.09
N THR A 11 2.91 -2.67 4.41
CA THR A 11 2.38 -3.91 4.97
C THR A 11 1.63 -3.65 6.27
N SER A 12 2.23 -2.91 7.21
CA SER A 12 1.56 -2.66 8.48
C SER A 12 0.26 -1.86 8.27
N ILE A 13 0.24 -0.97 7.30
CA ILE A 13 -0.99 -0.19 7.04
C ILE A 13 -2.10 -1.10 6.53
N VAL A 14 -1.80 -1.95 5.56
CA VAL A 14 -2.81 -2.84 5.00
C VAL A 14 -3.29 -3.84 6.06
N ALA A 15 -2.34 -4.38 6.84
CA ALA A 15 -2.69 -5.24 7.97
C ALA A 15 -3.67 -4.56 8.93
N GLU A 16 -3.38 -3.33 9.33
CA GLU A 16 -4.22 -2.67 10.33
C GLU A 16 -5.59 -2.35 9.76
N VAL A 17 -5.65 -1.91 8.49
CA VAL A 17 -6.92 -1.59 7.90
C VAL A 17 -7.77 -2.84 7.71
N THR A 18 -7.16 -3.95 7.34
CA THR A 18 -7.88 -5.18 7.06
C THR A 18 -8.04 -6.07 8.30
N GLU A 19 -7.42 -5.70 9.41
CA GLU A 19 -7.46 -6.48 10.64
C GLU A 19 -6.92 -7.88 10.41
N LEU A 20 -5.78 -7.93 9.74
CA LEU A 20 -5.11 -9.19 9.45
C LEU A 20 -3.67 -9.11 9.90
N ASP A 21 -3.05 -10.27 10.09
CA ASP A 21 -1.68 -10.35 10.57
C ASP A 21 -0.69 -9.89 9.50
N GLU A 22 0.37 -9.19 9.93
CA GLU A 22 1.35 -8.65 9.00
C GLU A 22 2.08 -9.74 8.21
N LYS A 23 2.46 -10.83 8.88
CA LYS A 23 3.11 -11.91 8.15
C LYS A 23 2.18 -12.50 7.10
N GLU A 24 0.91 -12.72 7.46
CA GLU A 24 0.03 -13.41 6.52
C GLU A 24 -0.23 -12.55 5.30
N ILE A 25 -0.37 -11.24 5.50
CA ILE A 25 -0.60 -10.32 4.39
C ILE A 25 0.64 -10.26 3.51
N TRP A 26 1.83 -10.26 4.14
CA TRP A 26 3.05 -10.31 3.35
C TRP A 26 3.13 -11.60 2.52
N GLU A 27 2.76 -12.73 3.12
CA GLU A 27 2.72 -13.98 2.35
C GLU A 27 1.85 -13.86 1.10
N LYS A 28 0.71 -13.17 1.19
CA LYS A 28 -0.21 -13.06 0.07
C LYS A 28 -0.07 -11.71 -0.61
N ARG A 29 1.17 -11.24 -0.68
CA ARG A 29 1.45 -9.93 -1.27
C ARG A 29 1.02 -9.84 -2.73
N ASP A 30 1.08 -10.93 -3.49
CA ASP A 30 0.67 -10.90 -4.89
C ASP A 30 -0.81 -11.22 -5.10
N ALA A 31 -1.54 -11.59 -4.06
CA ALA A 31 -2.95 -11.90 -4.19
C ALA A 31 -3.75 -10.64 -4.51
N ASN A 32 -4.99 -10.84 -4.98
CA ASN A 32 -5.87 -9.72 -5.32
C ASN A 32 -6.70 -9.28 -4.11
N PHE A 33 -6.76 -7.96 -3.90
CA PHE A 33 -7.51 -7.41 -2.79
C PHE A 33 -9.00 -7.70 -2.94
N PHE A 34 -9.58 -7.26 -4.06
CA PHE A 34 -10.98 -7.51 -4.28
C PHE A 34 -11.33 -8.99 -4.12
N GLN A 35 -11.72 -9.40 -2.90
CA GLN A 35 -12.35 -10.70 -2.64
C GLN A 35 -11.34 -11.79 -2.27
N ASP A 36 -10.20 -11.91 -2.95
CA ASP A 36 -9.20 -12.82 -2.40
C ASP A 36 -8.49 -12.20 -1.21
N LEU A 37 -9.08 -12.33 -0.02
CA LEU A 37 -9.02 -11.38 1.07
C LEU A 37 -9.97 -10.20 0.84
N GLU A 38 -10.46 -9.58 1.89
CA GLU A 38 -11.61 -8.67 1.79
C GLU A 38 -11.25 -7.41 0.97
N ILE A 39 -11.21 -6.26 1.62
CA ILE A 39 -11.00 -4.97 0.97
C ILE A 39 -12.09 -4.74 -0.05
N ASP A 40 -12.76 -3.59 0.11
CA ASP A 40 -13.67 -2.98 -0.84
C ASP A 40 -13.26 -1.53 -1.02
N SER A 41 -14.19 -0.70 -1.52
CA SER A 41 -13.84 0.68 -1.87
C SER A 41 -13.44 1.51 -0.65
N LEU A 42 -14.19 1.41 0.46
CA LEU A 42 -13.85 2.19 1.64
C LEU A 42 -12.51 1.78 2.22
N LEU A 43 -12.22 0.47 2.21
CA LEU A 43 -10.96 0.01 2.78
C LEU A 43 -9.78 0.49 1.94
N ALA A 44 -9.91 0.43 0.61
CA ALA A 44 -8.80 0.88 -0.24
C ALA A 44 -8.58 2.37 -0.06
N LEU A 45 -9.66 3.13 0.12
CA LEU A 45 -9.49 4.55 0.36
C LEU A 45 -8.83 4.79 1.71
N GLU A 46 -9.09 3.94 2.70
CA GLU A 46 -8.42 4.15 3.98
C GLU A 46 -6.93 3.84 3.85
N ILE A 47 -6.59 2.81 3.08
CA ILE A 47 -5.19 2.49 2.84
C ILE A 47 -4.49 3.67 2.19
N LEU A 48 -5.10 4.21 1.13
CA LEU A 48 -4.51 5.34 0.44
C LEU A 48 -4.26 6.49 1.40
N ALA A 49 -5.25 6.80 2.26
CA ALA A 49 -5.14 7.92 3.18
C ALA A 49 -4.02 7.70 4.18
N LEU A 50 -3.89 6.48 4.70
CA LEU A 50 -2.86 6.23 5.69
C LEU A 50 -1.46 6.22 5.06
N ILE A 51 -1.36 5.86 3.78
CA ILE A 51 -0.08 5.93 3.10
C ILE A 51 0.32 7.39 2.95
N GLU A 52 -0.63 8.22 2.51
CA GLU A 52 -0.41 9.66 2.28
C GLU A 52 -0.09 10.43 3.56
N LYS A 53 0.45 9.76 4.57
CA LYS A 53 0.82 10.46 5.81
C LYS A 53 1.94 9.73 6.52
N LYS A 54 1.86 8.39 6.57
CA LYS A 54 3.04 7.60 6.87
C LYS A 54 4.23 8.07 6.04
N PHE A 55 3.99 8.38 4.76
CA PHE A 55 5.04 8.69 3.81
C PHE A 55 5.03 10.15 3.34
N LYS A 56 4.37 11.03 4.08
CA LYS A 56 4.44 12.48 3.86
C LYS A 56 4.24 12.82 2.39
N VAL A 57 3.20 12.23 1.82
CA VAL A 57 2.98 12.25 0.38
C VAL A 57 1.50 12.46 0.10
N GLN A 58 1.24 13.14 -1.02
CA GLN A 58 -0.07 13.22 -1.63
C GLN A 58 -0.14 12.20 -2.75
N ILE A 59 -1.29 11.54 -2.89
CA ILE A 59 -1.53 10.57 -3.95
C ILE A 59 -2.85 10.96 -4.60
N PRO A 60 -2.87 11.38 -5.87
CA PRO A 60 -4.17 11.65 -6.51
C PRO A 60 -5.09 10.45 -6.33
N GLU A 61 -6.29 10.72 -5.84
CA GLU A 61 -6.98 9.72 -5.03
C GLU A 61 -7.92 8.86 -5.88
N GLU A 62 -7.52 8.55 -7.12
CA GLU A 62 -8.29 7.64 -7.94
C GLU A 62 -7.62 6.28 -8.16
N LYS A 63 -6.77 5.79 -7.24
CA LYS A 63 -6.18 4.50 -7.54
C LYS A 63 -7.02 3.32 -7.04
N LEU A 64 -7.19 3.16 -5.72
CA LEU A 64 -8.07 2.16 -5.11
C LEU A 64 -8.59 1.08 -6.06
N VAL A 65 -9.12 1.48 -7.22
CA VAL A 65 -9.39 0.50 -8.29
C VAL A 65 -8.15 0.34 -9.15
N ASP A 66 -6.97 0.61 -8.57
CA ASP A 66 -5.67 0.21 -9.08
C ASP A 66 -4.68 -0.08 -7.93
N ILE A 67 -5.04 0.27 -6.68
CA ILE A 67 -4.57 -0.38 -5.46
C ILE A 67 -5.31 -1.70 -5.32
N THR A 68 -4.67 -2.79 -5.72
CA THR A 68 -5.34 -4.05 -6.00
C THR A 68 -4.61 -5.28 -5.48
N SER A 69 -3.34 -5.14 -5.12
CA SER A 69 -2.61 -6.16 -4.37
C SER A 69 -1.64 -5.43 -3.47
N LEU A 70 -1.11 -6.14 -2.47
CA LEU A 70 -0.13 -5.49 -1.63
C LEU A 70 1.08 -5.07 -2.48
N SER A 71 1.48 -5.94 -3.42
CA SER A 71 2.63 -5.63 -4.26
C SER A 71 2.32 -4.46 -5.21
N ALA A 72 1.09 -4.40 -5.74
CA ALA A 72 0.71 -3.21 -6.52
C ALA A 72 0.74 -1.96 -5.65
N THR A 73 0.27 -2.07 -4.41
CA THR A 73 0.21 -0.91 -3.55
C THR A 73 1.60 -0.43 -3.16
N ILE A 74 2.51 -1.37 -2.92
CA ILE A 74 3.91 -1.02 -2.67
C ILE A 74 4.50 -0.31 -3.88
N GLY A 75 4.26 -0.87 -5.07
CA GLY A 75 4.79 -0.27 -6.28
C GLY A 75 4.26 1.13 -6.49
N LEU A 76 2.98 1.34 -6.16
CA LEU A 76 2.39 2.67 -6.25
C LEU A 76 3.10 3.64 -5.32
N THR A 77 3.37 3.18 -4.09
CA THR A 77 3.97 4.05 -3.10
C THR A 77 5.40 4.41 -3.52
N LYS A 78 6.14 3.45 -4.07
CA LYS A 78 7.49 3.73 -4.54
C LYS A 78 7.50 4.71 -5.71
N SER A 79 6.67 4.44 -6.74
CA SER A 79 6.46 5.37 -7.85
C SER A 79 6.22 6.80 -7.35
N VAL A 80 5.35 6.93 -6.35
CA VAL A 80 4.98 8.26 -5.87
C VAL A 80 6.12 8.88 -5.06
N LEU A 81 6.85 8.06 -4.31
CA LEU A 81 7.97 8.61 -3.57
C LEU A 81 9.08 9.04 -4.51
N ALA A 82 9.23 8.36 -5.65
CA ALA A 82 10.25 8.73 -6.62
C ALA A 82 9.91 10.06 -7.29
N GLU A 83 8.62 10.44 -7.32
CA GLU A 83 8.22 11.76 -7.77
C GLU A 83 8.56 12.85 -6.77
N SER A 84 8.60 12.51 -5.48
CA SER A 84 8.86 13.46 -4.42
C SER A 84 10.34 13.59 -4.07
N GLY A 85 11.23 13.02 -4.87
CA GLY A 85 12.62 12.95 -4.44
C GLY A 85 12.75 12.35 -3.05
N LYS A 86 11.97 11.30 -2.77
CA LYS A 86 11.85 10.72 -1.44
C LYS A 86 12.23 9.22 -1.42
N LEU A 87 12.76 8.68 -2.51
CA LEU A 87 12.97 7.24 -2.66
C LEU A 87 14.45 6.87 -2.74
N GLU A 88 14.89 5.96 -1.87
CA GLU A 88 16.19 5.28 -2.02
C GLU A 88 15.89 3.87 -2.51
N HIS A 89 16.22 3.60 -3.76
CA HIS A 89 15.87 2.34 -4.42
C HIS A 89 17.10 1.50 -4.79
N HIS A 90 17.07 0.24 -4.38
CA HIS A 90 18.17 -0.70 -4.67
C HIS A 90 17.64 -2.05 -5.19
N ASP A 2 14.12 3.49 -0.02
CA ASP A 2 14.61 2.25 0.57
C ASP A 2 13.46 1.25 0.59
N ASP A 3 13.60 0.21 -0.23
CA ASP A 3 12.50 -0.72 -0.44
C ASP A 3 11.97 -1.26 0.88
N GLU A 4 12.87 -1.64 1.79
CA GLU A 4 12.43 -2.37 2.98
C GLU A 4 11.55 -1.51 3.88
N GLU A 5 11.97 -0.26 4.14
CA GLU A 5 11.18 0.60 5.01
C GLU A 5 9.81 0.87 4.37
N ILE A 6 9.76 0.97 3.05
CA ILE A 6 8.48 1.18 2.37
C ILE A 6 7.64 -0.10 2.42
N GLU A 7 8.29 -1.25 2.24
CA GLU A 7 7.60 -2.54 2.30
C GLU A 7 7.00 -2.79 3.67
N LYS A 8 7.75 -2.52 4.73
CA LYS A 8 7.26 -2.77 6.08
C LYS A 8 6.13 -1.82 6.44
N GLY A 9 6.24 -0.57 6.00
CA GLY A 9 5.24 0.43 6.31
C GLY A 9 3.93 0.19 5.59
N VAL A 10 3.98 -0.13 4.31
CA VAL A 10 2.74 -0.38 3.58
C VAL A 10 2.09 -1.66 4.10
N THR A 11 2.91 -2.67 4.45
CA THR A 11 2.36 -3.90 5.03
C THR A 11 1.64 -3.61 6.35
N SER A 12 2.27 -2.84 7.25
CA SER A 12 1.60 -2.44 8.48
C SER A 12 0.23 -1.82 8.21
N ILE A 13 0.16 -0.91 7.25
CA ILE A 13 -1.09 -0.17 7.00
C ILE A 13 -2.18 -1.11 6.48
N VAL A 14 -1.84 -1.95 5.50
CA VAL A 14 -2.83 -2.86 4.93
C VAL A 14 -3.30 -3.86 5.99
N ALA A 15 -2.37 -4.38 6.81
CA ALA A 15 -2.73 -5.22 7.96
C ALA A 15 -3.67 -4.49 8.93
N GLU A 16 -3.34 -3.24 9.24
CA GLU A 16 -4.22 -2.39 10.02
C GLU A 16 -5.63 -2.40 9.46
N VAL A 17 -5.77 -1.91 8.23
CA VAL A 17 -7.10 -1.70 7.65
C VAL A 17 -7.85 -3.02 7.53
N THR A 18 -7.16 -4.07 7.16
CA THR A 18 -7.80 -5.33 6.88
C THR A 18 -7.99 -6.20 8.11
N GLU A 19 -7.40 -5.80 9.24
CA GLU A 19 -7.48 -6.55 10.49
C GLU A 19 -6.91 -7.94 10.31
N LEU A 20 -5.80 -8.03 9.60
CA LEU A 20 -5.08 -9.27 9.39
C LEU A 20 -3.66 -9.13 9.87
N ASP A 21 -3.03 -10.29 10.09
CA ASP A 21 -1.68 -10.37 10.59
C ASP A 21 -0.67 -9.93 9.52
N GLU A 22 0.34 -9.16 9.93
CA GLU A 22 1.32 -8.64 8.98
C GLU A 22 2.06 -9.74 8.23
N LYS A 23 2.46 -10.82 8.92
CA LYS A 23 3.08 -11.94 8.24
C LYS A 23 2.15 -12.56 7.20
N GLU A 24 0.88 -12.77 7.57
CA GLU A 24 0.01 -13.52 6.65
C GLU A 24 -0.23 -12.70 5.39
N ILE A 25 -0.31 -11.36 5.51
CA ILE A 25 -0.61 -10.52 4.36
C ILE A 25 0.63 -10.31 3.50
N TRP A 26 1.82 -10.26 4.13
CA TRP A 26 3.05 -10.32 3.33
C TRP A 26 3.11 -11.60 2.50
N GLU A 27 2.74 -12.74 3.10
CA GLU A 27 2.75 -13.99 2.35
C GLU A 27 1.84 -13.91 1.12
N LYS A 28 0.74 -13.18 1.21
CA LYS A 28 -0.20 -13.05 0.10
C LYS A 28 -0.03 -11.71 -0.60
N ARG A 29 1.21 -11.25 -0.73
CA ARG A 29 1.48 -9.97 -1.37
C ARG A 29 1.03 -9.93 -2.83
N ASP A 30 0.93 -11.06 -3.52
CA ASP A 30 0.32 -11.12 -4.85
C ASP A 30 -1.14 -11.51 -4.83
N ALA A 31 -1.73 -11.67 -3.67
CA ALA A 31 -3.16 -11.93 -3.65
C ALA A 31 -3.89 -10.68 -4.13
N ASN A 32 -4.91 -10.89 -4.95
CA ASN A 32 -5.79 -9.81 -5.35
C ASN A 32 -6.59 -9.34 -4.13
N PHE A 33 -6.54 -8.04 -3.85
CA PHE A 33 -7.33 -7.47 -2.77
C PHE A 33 -8.79 -7.83 -2.94
N PHE A 34 -9.32 -7.64 -4.14
CA PHE A 34 -10.70 -7.96 -4.39
C PHE A 34 -10.97 -9.45 -4.26
N GLN A 35 -11.37 -9.91 -3.06
CA GLN A 35 -11.97 -11.23 -2.87
C GLN A 35 -10.99 -12.38 -3.18
N ASP A 36 -9.70 -12.08 -3.43
CA ASP A 36 -8.62 -13.02 -3.18
C ASP A 36 -7.89 -12.71 -1.88
N LEU A 37 -8.50 -13.03 -0.73
CA LEU A 37 -8.32 -12.28 0.52
C LEU A 37 -8.98 -10.91 0.41
N GLU A 38 -9.80 -10.52 1.42
CA GLU A 38 -10.94 -9.60 1.30
C GLU A 38 -10.50 -8.21 0.86
N ILE A 39 -11.40 -7.22 1.06
CA ILE A 39 -11.14 -5.78 0.87
C ILE A 39 -12.04 -5.26 -0.25
N ASP A 40 -12.28 -3.94 -0.23
CA ASP A 40 -13.20 -3.24 -1.11
C ASP A 40 -12.96 -1.73 -1.07
N SER A 41 -13.95 -0.99 -1.60
CA SER A 41 -13.85 0.45 -1.86
C SER A 41 -13.41 1.28 -0.66
N LEU A 42 -14.19 1.28 0.41
CA LEU A 42 -13.86 2.11 1.58
C LEU A 42 -12.51 1.74 2.17
N LEU A 43 -12.20 0.44 2.21
CA LEU A 43 -10.94 0.02 2.80
C LEU A 43 -9.76 0.50 1.95
N ALA A 44 -9.89 0.42 0.62
CA ALA A 44 -8.81 0.90 -0.24
C ALA A 44 -8.59 2.39 -0.05
N LEU A 45 -9.67 3.15 0.10
CA LEU A 45 -9.52 4.58 0.36
C LEU A 45 -8.82 4.82 1.68
N GLU A 46 -9.08 3.99 2.69
CA GLU A 46 -8.38 4.24 3.95
C GLU A 46 -6.91 3.88 3.83
N ILE A 47 -6.59 2.85 3.06
CA ILE A 47 -5.18 2.50 2.82
C ILE A 47 -4.48 3.69 2.18
N LEU A 48 -5.07 4.23 1.13
CA LEU A 48 -4.50 5.40 0.46
C LEU A 48 -4.24 6.51 1.45
N ALA A 49 -5.26 6.88 2.24
CA ALA A 49 -5.13 8.01 3.16
C ALA A 49 -4.01 7.76 4.16
N LEU A 50 -3.91 6.53 4.64
CA LEU A 50 -2.89 6.21 5.63
C LEU A 50 -1.49 6.23 5.01
N ILE A 51 -1.35 5.81 3.75
CA ILE A 51 -0.04 5.85 3.13
C ILE A 51 0.43 7.29 3.05
N GLU A 52 -0.46 8.19 2.65
CA GLU A 52 -0.15 9.62 2.63
C GLU A 52 0.32 10.11 4.00
N LYS A 53 -0.44 9.81 5.06
CA LYS A 53 -0.09 10.38 6.37
C LYS A 53 1.02 9.57 7.05
N LYS A 54 1.53 8.54 6.39
CA LYS A 54 2.70 7.84 6.90
C LYS A 54 3.98 8.36 6.26
N PHE A 55 4.06 8.33 4.94
CA PHE A 55 5.27 8.65 4.21
C PHE A 55 5.37 10.13 3.87
N LYS A 56 4.38 10.91 4.29
CA LYS A 56 4.42 12.36 4.17
C LYS A 56 4.33 12.76 2.69
N VAL A 57 3.22 12.36 2.09
CA VAL A 57 3.07 12.37 0.65
C VAL A 57 1.61 12.53 0.28
N GLN A 58 1.36 13.43 -0.66
CA GLN A 58 0.14 13.49 -1.46
C GLN A 58 0.11 12.31 -2.43
N ILE A 59 -1.05 11.65 -2.55
CA ILE A 59 -1.29 10.70 -3.62
C ILE A 59 -2.54 11.16 -4.36
N PRO A 60 -2.46 11.47 -5.66
CA PRO A 60 -3.68 11.83 -6.39
C PRO A 60 -4.76 10.80 -6.15
N GLU A 61 -5.92 11.28 -5.70
CA GLU A 61 -6.93 10.36 -5.23
C GLU A 61 -7.88 9.97 -6.37
N GLU A 62 -7.29 9.60 -7.52
CA GLU A 62 -7.96 8.73 -8.48
C GLU A 62 -7.69 7.27 -8.18
N LYS A 63 -6.41 6.86 -8.23
CA LYS A 63 -5.96 5.48 -8.11
C LYS A 63 -6.99 4.50 -7.58
N LEU A 64 -6.82 3.99 -6.36
CA LEU A 64 -7.84 3.14 -5.79
C LEU A 64 -8.07 1.88 -6.62
N VAL A 65 -8.71 2.01 -7.78
CA VAL A 65 -8.89 0.86 -8.67
C VAL A 65 -7.59 0.58 -9.42
N ASP A 66 -6.51 1.26 -9.03
CA ASP A 66 -5.14 0.85 -9.30
C ASP A 66 -4.35 0.57 -8.01
N ILE A 67 -5.06 0.19 -6.93
CA ILE A 67 -4.55 -0.43 -5.70
C ILE A 67 -5.26 -1.75 -5.49
N THR A 68 -4.65 -2.86 -5.91
CA THR A 68 -5.37 -4.12 -6.05
C THR A 68 -4.64 -5.31 -5.43
N SER A 69 -3.45 -5.10 -4.88
CA SER A 69 -2.74 -6.11 -4.10
C SER A 69 -1.69 -5.38 -3.29
N LEU A 70 -1.12 -6.07 -2.30
CA LEU A 70 -0.04 -5.44 -1.55
C LEU A 70 1.09 -5.05 -2.48
N SER A 71 1.47 -5.94 -3.42
CA SER A 71 2.61 -5.66 -4.28
C SER A 71 2.32 -4.48 -5.22
N ALA A 72 1.09 -4.38 -5.73
CA ALA A 72 0.72 -3.19 -6.49
C ALA A 72 0.74 -1.94 -5.62
N THR A 73 0.27 -2.06 -4.38
CA THR A 73 0.21 -0.90 -3.51
C THR A 73 1.60 -0.42 -3.12
N ILE A 74 2.51 -1.36 -2.87
CA ILE A 74 3.90 -1.00 -2.62
C ILE A 74 4.50 -0.33 -3.84
N GLY A 75 4.25 -0.90 -5.02
CA GLY A 75 4.78 -0.31 -6.25
C GLY A 75 4.24 1.10 -6.47
N LEU A 76 2.98 1.32 -6.13
CA LEU A 76 2.41 2.65 -6.23
C LEU A 76 3.11 3.62 -5.30
N THR A 77 3.35 3.18 -4.07
CA THR A 77 3.97 4.05 -3.09
C THR A 77 5.40 4.40 -3.51
N LYS A 78 6.13 3.43 -4.08
CA LYS A 78 7.48 3.71 -4.55
C LYS A 78 7.50 4.71 -5.71
N SER A 79 6.68 4.47 -6.74
CA SER A 79 6.48 5.43 -7.84
C SER A 79 6.23 6.85 -7.32
N VAL A 80 5.31 6.98 -6.37
CA VAL A 80 4.96 8.30 -5.85
C VAL A 80 6.12 8.88 -5.06
N LEU A 81 6.84 8.04 -4.33
CA LEU A 81 7.99 8.54 -3.60
C LEU A 81 9.09 8.99 -4.56
N ALA A 82 9.26 8.28 -5.69
CA ALA A 82 10.27 8.67 -6.67
C ALA A 82 9.92 10.01 -7.33
N GLU A 83 8.63 10.22 -7.61
CA GLU A 83 8.15 11.52 -8.08
C GLU A 83 8.43 12.63 -7.07
N SER A 84 8.49 12.33 -5.79
CA SER A 84 8.77 13.33 -4.76
C SER A 84 10.26 13.55 -4.55
N GLY A 85 11.12 12.78 -5.24
CA GLY A 85 12.54 12.83 -4.94
C GLY A 85 12.94 12.16 -3.65
N LYS A 86 12.11 11.26 -3.12
CA LYS A 86 12.35 10.72 -1.79
C LYS A 86 12.95 9.31 -1.81
N LEU A 87 12.65 8.53 -2.85
CA LEU A 87 12.96 7.09 -2.88
C LEU A 87 14.47 6.85 -2.89
N GLU A 88 14.94 5.89 -2.09
CA GLU A 88 16.27 5.29 -2.28
C GLU A 88 16.01 3.84 -2.69
N HIS A 89 16.12 3.58 -4.00
CA HIS A 89 15.82 2.28 -4.59
C HIS A 89 17.10 1.48 -4.84
N HIS A 90 17.24 0.37 -4.15
CA HIS A 90 18.44 -0.47 -4.25
C HIS A 90 18.09 -1.97 -4.14
N ASP A 2 15.19 3.32 0.07
CA ASP A 2 15.20 2.22 1.04
C ASP A 2 13.86 1.47 1.02
N ASP A 3 13.79 0.53 0.08
CA ASP A 3 12.55 -0.15 -0.22
C ASP A 3 12.03 -0.96 0.98
N GLU A 4 12.95 -1.45 1.83
CA GLU A 4 12.54 -2.31 2.95
C GLU A 4 11.55 -1.59 3.87
N GLU A 5 11.81 -0.32 4.19
CA GLU A 5 10.94 0.38 5.13
C GLU A 5 9.63 0.78 4.45
N ILE A 6 9.67 0.98 3.13
CA ILE A 6 8.43 1.19 2.39
C ILE A 6 7.59 -0.08 2.39
N GLU A 7 8.25 -1.23 2.16
CA GLU A 7 7.56 -2.50 2.14
C GLU A 7 6.95 -2.83 3.50
N LYS A 8 7.67 -2.56 4.59
CA LYS A 8 7.09 -2.86 5.91
C LYS A 8 6.01 -1.86 6.29
N GLY A 9 6.25 -0.58 6.02
CA GLY A 9 5.26 0.44 6.30
C GLY A 9 3.94 0.20 5.59
N VAL A 10 3.99 -0.16 4.31
CA VAL A 10 2.76 -0.41 3.58
C VAL A 10 2.10 -1.68 4.09
N THR A 11 2.92 -2.68 4.44
CA THR A 11 2.36 -3.90 5.04
C THR A 11 1.63 -3.60 6.33
N SER A 12 2.26 -2.83 7.23
CA SER A 12 1.61 -2.39 8.47
C SER A 12 0.23 -1.80 8.20
N ILE A 13 0.15 -0.90 7.22
CA ILE A 13 -1.10 -0.17 7.01
C ILE A 13 -2.18 -1.11 6.48
N VAL A 14 -1.85 -1.95 5.51
CA VAL A 14 -2.85 -2.86 4.94
C VAL A 14 -3.31 -3.85 6.01
N ALA A 15 -2.37 -4.37 6.83
CA ALA A 15 -2.73 -5.21 7.96
C ALA A 15 -3.69 -4.52 8.93
N GLU A 16 -3.35 -3.30 9.34
CA GLU A 16 -4.20 -2.54 10.26
C GLU A 16 -5.61 -2.40 9.67
N VAL A 17 -5.68 -1.98 8.40
CA VAL A 17 -6.96 -1.69 7.80
C VAL A 17 -7.77 -2.97 7.58
N THR A 18 -7.13 -4.05 7.18
CA THR A 18 -7.84 -5.28 6.96
C THR A 18 -8.03 -6.09 8.24
N GLU A 19 -7.46 -5.63 9.35
CA GLU A 19 -7.40 -6.36 10.62
C GLU A 19 -6.91 -7.78 10.40
N LEU A 20 -5.79 -7.89 9.69
CA LEU A 20 -5.12 -9.15 9.44
C LEU A 20 -3.68 -9.06 9.93
N ASP A 21 -3.05 -10.24 10.04
CA ASP A 21 -1.68 -10.37 10.51
C ASP A 21 -0.68 -9.88 9.47
N GLU A 22 0.36 -9.13 9.93
CA GLU A 22 1.41 -8.65 9.03
C GLU A 22 2.03 -9.77 8.23
N LYS A 23 2.39 -10.88 8.88
CA LYS A 23 3.09 -11.93 8.17
C LYS A 23 2.20 -12.57 7.11
N GLU A 24 0.91 -12.78 7.42
CA GLU A 24 0.07 -13.46 6.43
C GLU A 24 -0.24 -12.54 5.27
N ILE A 25 -0.35 -11.22 5.51
CA ILE A 25 -0.55 -10.28 4.42
C ILE A 25 0.68 -10.25 3.51
N TRP A 26 1.87 -10.26 4.11
CA TRP A 26 3.09 -10.33 3.31
C TRP A 26 3.15 -11.63 2.48
N GLU A 27 2.80 -12.77 3.09
CA GLU A 27 2.75 -14.01 2.34
C GLU A 27 1.86 -13.90 1.10
N LYS A 28 0.75 -13.19 1.22
CA LYS A 28 -0.18 -13.04 0.11
C LYS A 28 0.01 -11.69 -0.57
N ARG A 29 1.26 -11.22 -0.62
CA ARG A 29 1.52 -9.91 -1.21
C ARG A 29 1.05 -9.81 -2.66
N ASP A 30 1.09 -10.92 -3.42
CA ASP A 30 0.69 -10.89 -4.81
C ASP A 30 -0.77 -11.30 -5.04
N ALA A 31 -1.54 -11.55 -3.99
CA ALA A 31 -2.94 -11.91 -4.16
C ALA A 31 -3.74 -10.66 -4.53
N ASN A 32 -4.92 -10.89 -5.11
CA ASN A 32 -5.81 -9.80 -5.49
C ASN A 32 -6.59 -9.31 -4.26
N PHE A 33 -6.78 -7.99 -4.16
CA PHE A 33 -7.47 -7.41 -3.01
C PHE A 33 -8.96 -7.64 -3.10
N PHE A 34 -9.46 -7.71 -4.33
CA PHE A 34 -10.89 -7.79 -4.57
C PHE A 34 -11.41 -9.21 -4.61
N GLN A 35 -12.13 -9.64 -3.57
CA GLN A 35 -12.58 -11.02 -3.47
C GLN A 35 -11.48 -12.03 -3.85
N ASP A 36 -10.27 -11.87 -3.31
CA ASP A 36 -9.23 -12.88 -3.46
C ASP A 36 -8.17 -12.81 -2.36
N LEU A 37 -8.58 -12.81 -1.10
CA LEU A 37 -7.90 -12.08 0.01
C LEU A 37 -8.60 -10.74 0.19
N GLU A 38 -8.99 -10.40 1.41
CA GLU A 38 -10.26 -9.71 1.66
C GLU A 38 -10.04 -8.22 1.98
N ILE A 39 -10.15 -7.42 0.92
CA ILE A 39 -10.16 -5.96 0.99
C ILE A 39 -11.36 -5.50 0.17
N ASP A 40 -11.67 -4.19 0.21
CA ASP A 40 -12.76 -3.65 -0.62
C ASP A 40 -12.75 -2.11 -0.73
N SER A 41 -13.77 -1.63 -1.45
CA SER A 41 -13.99 -0.23 -1.83
C SER A 41 -13.55 0.80 -0.81
N LEU A 42 -14.32 0.98 0.26
CA LEU A 42 -13.96 1.93 1.33
C LEU A 42 -12.61 1.60 1.95
N LEU A 43 -12.23 0.33 1.97
CA LEU A 43 -10.99 -0.04 2.62
C LEU A 43 -9.79 0.48 1.82
N ALA A 44 -9.89 0.44 0.49
CA ALA A 44 -8.81 0.96 -0.34
C ALA A 44 -8.61 2.45 -0.11
N LEU A 45 -9.70 3.20 -0.04
CA LEU A 45 -9.62 4.62 0.31
C LEU A 45 -8.87 4.82 1.62
N GLU A 46 -9.12 3.94 2.60
CA GLU A 46 -8.46 4.12 3.88
C GLU A 46 -6.97 3.83 3.77
N ILE A 47 -6.61 2.81 3.01
CA ILE A 47 -5.20 2.48 2.80
C ILE A 47 -4.49 3.68 2.18
N LEU A 48 -5.08 4.24 1.13
CA LEU A 48 -4.48 5.38 0.44
C LEU A 48 -4.21 6.53 1.39
N ALA A 49 -5.20 6.91 2.22
CA ALA A 49 -5.02 8.06 3.10
C ALA A 49 -3.96 7.80 4.13
N LEU A 50 -3.89 6.57 4.63
CA LEU A 50 -2.89 6.20 5.62
C LEU A 50 -1.48 6.18 5.01
N ILE A 51 -1.36 5.82 3.73
CA ILE A 51 -0.05 5.86 3.10
C ILE A 51 0.41 7.31 3.01
N GLU A 52 -0.47 8.19 2.52
CA GLU A 52 -0.18 9.62 2.56
C GLU A 52 0.25 10.06 3.96
N LYS A 53 -0.34 9.44 5.00
CA LYS A 53 -0.08 9.82 6.38
C LYS A 53 0.82 8.80 7.08
N LYS A 54 1.76 8.21 6.35
CA LYS A 54 2.95 7.63 6.97
C LYS A 54 4.19 8.06 6.22
N PHE A 55 4.06 8.35 4.93
CA PHE A 55 5.19 8.68 4.08
C PHE A 55 5.21 10.15 3.69
N LYS A 56 4.25 10.92 4.16
CA LYS A 56 4.23 12.36 4.01
C LYS A 56 4.24 12.74 2.53
N VAL A 57 3.33 12.10 1.81
CA VAL A 57 3.22 12.25 0.37
C VAL A 57 1.79 12.63 0.01
N GLN A 58 1.69 13.41 -1.05
CA GLN A 58 0.44 13.77 -1.69
C GLN A 58 0.13 12.77 -2.80
N ILE A 59 -0.88 11.93 -2.58
CA ILE A 59 -1.30 10.94 -3.57
C ILE A 59 -2.67 11.34 -4.09
N PRO A 60 -2.77 11.97 -5.27
CA PRO A 60 -4.09 12.34 -5.78
C PRO A 60 -5.10 11.22 -5.58
N GLU A 61 -6.35 11.64 -5.44
CA GLU A 61 -7.42 10.66 -5.33
C GLU A 61 -7.97 10.31 -6.70
N GLU A 62 -7.15 9.64 -7.52
CA GLU A 62 -7.60 8.88 -8.66
C GLU A 62 -7.07 7.46 -8.61
N LYS A 63 -5.76 7.31 -8.85
CA LYS A 63 -5.00 6.06 -8.80
C LYS A 63 -5.77 4.92 -8.15
N LEU A 64 -6.32 5.11 -6.95
CA LEU A 64 -7.08 4.10 -6.23
C LEU A 64 -7.07 2.72 -6.89
N VAL A 65 -7.50 2.60 -8.14
CA VAL A 65 -7.72 1.26 -8.70
C VAL A 65 -6.41 0.48 -8.72
N ASP A 66 -5.29 1.19 -8.85
CA ASP A 66 -3.96 0.61 -8.70
C ASP A 66 -3.59 0.44 -7.22
N ILE A 67 -4.51 -0.10 -6.42
CA ILE A 67 -4.35 -0.43 -5.02
C ILE A 67 -5.24 -1.66 -4.88
N THR A 68 -4.67 -2.81 -5.20
CA THR A 68 -5.41 -4.02 -5.54
C THR A 68 -4.71 -5.29 -5.12
N SER A 69 -3.40 -5.22 -4.89
CA SER A 69 -2.66 -6.22 -4.15
C SER A 69 -1.65 -5.46 -3.30
N LEU A 70 -1.10 -6.11 -2.28
CA LEU A 70 -0.04 -5.46 -1.53
C LEU A 70 1.09 -5.06 -2.47
N SER A 71 1.43 -5.93 -3.42
CA SER A 71 2.56 -5.68 -4.31
C SER A 71 2.31 -4.47 -5.20
N ALA A 72 1.11 -4.36 -5.78
CA ALA A 72 0.80 -3.16 -6.56
C ALA A 72 0.76 -1.92 -5.68
N THR A 73 0.26 -2.06 -4.45
CA THR A 73 0.19 -0.92 -3.55
C THR A 73 1.58 -0.44 -3.16
N ILE A 74 2.49 -1.38 -2.90
CA ILE A 74 3.88 -1.02 -2.63
C ILE A 74 4.49 -0.33 -3.84
N GLY A 75 4.24 -0.88 -5.03
CA GLY A 75 4.79 -0.27 -6.23
C GLY A 75 4.25 1.13 -6.47
N LEU A 76 2.98 1.34 -6.14
CA LEU A 76 2.41 2.67 -6.23
C LEU A 76 3.11 3.63 -5.29
N THR A 77 3.37 3.18 -4.08
CA THR A 77 3.98 4.03 -3.07
C THR A 77 5.42 4.39 -3.48
N LYS A 78 6.14 3.43 -4.06
CA LYS A 78 7.51 3.70 -4.50
C LYS A 78 7.55 4.75 -5.61
N SER A 79 6.81 4.53 -6.70
CA SER A 79 6.77 5.47 -7.81
C SER A 79 6.35 6.87 -7.37
N VAL A 80 5.37 6.92 -6.47
CA VAL A 80 4.94 8.21 -5.93
C VAL A 80 6.07 8.84 -5.11
N LEU A 81 6.80 8.02 -4.36
CA LEU A 81 7.97 8.56 -3.67
C LEU A 81 9.04 9.02 -4.65
N ALA A 82 9.24 8.26 -5.75
CA ALA A 82 10.24 8.62 -6.74
C ALA A 82 9.87 9.91 -7.46
N GLU A 83 8.59 10.07 -7.78
CA GLU A 83 8.14 11.35 -8.33
C GLU A 83 8.35 12.51 -7.38
N SER A 84 8.55 12.25 -6.09
CA SER A 84 8.83 13.29 -5.10
C SER A 84 10.27 13.28 -4.60
N GLY A 85 11.20 12.71 -5.35
CA GLY A 85 12.57 12.69 -4.91
C GLY A 85 12.79 12.10 -3.53
N LYS A 86 11.90 11.21 -3.07
CA LYS A 86 11.96 10.64 -1.73
C LYS A 86 12.72 9.30 -1.68
N LEU A 87 12.70 8.53 -2.76
CA LEU A 87 13.03 7.10 -2.76
C LEU A 87 14.53 6.84 -2.80
N GLU A 88 15.03 5.87 -1.98
CA GLU A 88 16.29 5.16 -2.30
C GLU A 88 15.89 3.76 -2.73
N HIS A 89 16.19 3.47 -3.98
CA HIS A 89 15.93 2.20 -4.62
C HIS A 89 17.27 1.70 -5.14
N HIS A 90 17.63 0.45 -4.89
CA HIS A 90 19.03 0.10 -5.12
C HIS A 90 19.23 -1.19 -5.90
N ASP A 2 13.01 4.83 0.53
CA ASP A 2 13.67 3.57 0.87
C ASP A 2 12.90 2.22 0.67
N ASP A 3 13.57 1.19 0.13
CA ASP A 3 12.89 -0.07 -0.15
C ASP A 3 12.26 -0.70 1.09
N GLU A 4 13.10 -1.17 2.02
CA GLU A 4 12.64 -1.90 3.19
C GLU A 4 11.58 -1.11 3.97
N GLU A 5 11.91 0.13 4.33
CA GLU A 5 10.94 1.01 4.97
C GLU A 5 9.61 0.98 4.27
N ILE A 6 9.60 1.09 2.93
CA ILE A 6 8.35 1.20 2.21
C ILE A 6 7.58 -0.11 2.31
N GLU A 7 8.27 -1.23 2.13
CA GLU A 7 7.59 -2.52 2.16
C GLU A 7 6.98 -2.81 3.51
N LYS A 8 7.69 -2.52 4.61
CA LYS A 8 7.12 -2.81 5.91
C LYS A 8 6.04 -1.79 6.31
N GLY A 9 6.25 -0.53 5.96
CA GLY A 9 5.26 0.48 6.26
C GLY A 9 3.94 0.23 5.57
N VAL A 10 3.98 -0.14 4.29
CA VAL A 10 2.74 -0.40 3.55
C VAL A 10 2.09 -1.69 4.08
N THR A 11 2.90 -2.71 4.38
CA THR A 11 2.36 -3.93 4.96
C THR A 11 1.62 -3.64 6.26
N SER A 12 2.26 -2.88 7.16
CA SER A 12 1.63 -2.49 8.43
C SER A 12 0.28 -1.83 8.21
N ILE A 13 0.20 -0.92 7.24
CA ILE A 13 -1.04 -0.17 7.02
C ILE A 13 -2.14 -1.09 6.52
N VAL A 14 -1.83 -1.94 5.54
CA VAL A 14 -2.84 -2.82 4.98
C VAL A 14 -3.31 -3.82 6.04
N ALA A 15 -2.37 -4.34 6.87
CA ALA A 15 -2.74 -5.19 8.01
C ALA A 15 -3.67 -4.46 8.98
N GLU A 16 -3.33 -3.22 9.36
CA GLU A 16 -4.16 -2.41 10.24
C GLU A 16 -5.58 -2.28 9.67
N VAL A 17 -5.67 -1.98 8.37
CA VAL A 17 -6.96 -1.72 7.74
C VAL A 17 -7.77 -3.01 7.56
N THR A 18 -7.12 -4.08 7.11
CA THR A 18 -7.80 -5.35 6.87
C THR A 18 -8.03 -6.16 8.14
N GLU A 19 -7.40 -5.76 9.24
CA GLU A 19 -7.36 -6.53 10.49
C GLU A 19 -6.89 -7.96 10.23
N LEU A 20 -5.84 -8.12 9.41
CA LEU A 20 -5.10 -9.36 9.27
C LEU A 20 -3.68 -9.18 9.80
N ASP A 21 -3.02 -10.31 10.06
CA ASP A 21 -1.65 -10.33 10.56
C ASP A 21 -0.66 -9.86 9.49
N GLU A 22 0.34 -9.06 9.90
CA GLU A 22 1.32 -8.53 8.96
C GLU A 22 2.04 -9.66 8.21
N LYS A 23 2.40 -10.74 8.90
CA LYS A 23 3.09 -11.82 8.21
C LYS A 23 2.20 -12.47 7.15
N GLU A 24 0.91 -12.66 7.43
CA GLU A 24 0.10 -13.41 6.47
C GLU A 24 -0.24 -12.53 5.27
N ILE A 25 -0.38 -11.22 5.47
CA ILE A 25 -0.62 -10.34 4.34
C ILE A 25 0.63 -10.26 3.46
N TRP A 26 1.81 -10.27 4.09
CA TRP A 26 3.05 -10.34 3.31
C TRP A 26 3.12 -11.63 2.48
N GLU A 27 2.78 -12.77 3.08
CA GLU A 27 2.74 -14.02 2.31
C GLU A 27 1.80 -13.92 1.11
N LYS A 28 0.74 -13.15 1.23
CA LYS A 28 -0.25 -12.99 0.17
C LYS A 28 -0.04 -11.68 -0.59
N ARG A 29 1.21 -11.24 -0.69
CA ARG A 29 1.50 -9.94 -1.31
C ARG A 29 1.06 -9.86 -2.77
N ASP A 30 1.02 -10.97 -3.50
CA ASP A 30 0.65 -10.91 -4.90
C ASP A 30 -0.84 -11.14 -5.18
N ALA A 31 -1.62 -11.53 -4.17
CA ALA A 31 -3.02 -11.88 -4.41
C ALA A 31 -3.94 -10.65 -4.40
N ASN A 32 -5.17 -10.86 -4.87
CA ASN A 32 -6.10 -9.79 -5.19
C ASN A 32 -6.77 -9.19 -3.97
N PHE A 33 -7.06 -7.89 -4.00
CA PHE A 33 -7.57 -7.21 -2.81
C PHE A 33 -9.07 -7.41 -2.65
N PHE A 34 -9.81 -7.42 -3.75
CA PHE A 34 -11.25 -7.20 -3.73
C PHE A 34 -12.07 -8.47 -3.86
N GLN A 35 -12.35 -9.17 -2.76
CA GLN A 35 -12.90 -10.52 -2.88
C GLN A 35 -11.88 -11.45 -3.52
N ASP A 36 -11.56 -12.57 -2.86
CA ASP A 36 -10.35 -13.36 -3.10
C ASP A 36 -9.25 -13.10 -2.08
N LEU A 37 -9.32 -12.00 -1.32
CA LEU A 37 -8.27 -11.59 -0.38
C LEU A 37 -8.40 -10.11 -0.06
N GLU A 38 -8.61 -9.78 1.21
CA GLU A 38 -9.80 -9.03 1.62
C GLU A 38 -9.58 -7.52 1.80
N ILE A 39 -9.88 -6.74 0.72
CA ILE A 39 -10.00 -5.28 0.82
C ILE A 39 -10.90 -4.73 -0.28
N ASP A 40 -11.40 -3.50 -0.06
CA ASP A 40 -12.73 -3.06 -0.47
C ASP A 40 -12.80 -1.54 -0.67
N SER A 41 -13.87 -1.09 -1.37
CA SER A 41 -14.10 0.34 -1.69
C SER A 41 -13.61 1.29 -0.60
N LEU A 42 -14.27 1.30 0.56
CA LEU A 42 -13.85 2.16 1.66
C LEU A 42 -12.49 1.78 2.22
N LEU A 43 -12.19 0.48 2.26
CA LEU A 43 -10.92 0.05 2.84
C LEU A 43 -9.75 0.51 1.96
N ALA A 44 -9.93 0.47 0.64
CA ALA A 44 -8.89 0.94 -0.27
C ALA A 44 -8.65 2.43 -0.10
N LEU A 45 -9.73 3.21 -0.05
CA LEU A 45 -9.61 4.63 0.26
C LEU A 45 -8.87 4.84 1.57
N GLU A 46 -9.10 3.98 2.56
CA GLU A 46 -8.44 4.21 3.83
C GLU A 46 -6.95 3.86 3.74
N ILE A 47 -6.61 2.82 3.01
CA ILE A 47 -5.21 2.49 2.79
C ILE A 47 -4.50 3.68 2.17
N LEU A 48 -5.06 4.22 1.09
CA LEU A 48 -4.42 5.35 0.42
C LEU A 48 -4.19 6.51 1.39
N ALA A 49 -5.20 6.82 2.21
CA ALA A 49 -5.10 7.94 3.14
C ALA A 49 -3.99 7.73 4.15
N LEU A 50 -3.87 6.50 4.66
CA LEU A 50 -2.86 6.22 5.65
C LEU A 50 -1.46 6.20 5.03
N ILE A 51 -1.35 5.84 3.75
CA ILE A 51 -0.05 5.85 3.11
C ILE A 51 0.44 7.29 2.97
N GLU A 52 -0.44 8.19 2.54
CA GLU A 52 -0.06 9.59 2.44
C GLU A 52 0.64 10.09 3.70
N LYS A 53 0.38 9.45 4.84
CA LYS A 53 0.77 10.02 6.13
C LYS A 53 1.80 9.19 6.87
N LYS A 54 2.06 7.95 6.45
CA LYS A 54 3.37 7.42 6.81
C LYS A 54 4.45 8.07 5.94
N PHE A 55 4.14 8.37 4.67
CA PHE A 55 5.18 8.71 3.68
C PHE A 55 5.12 10.14 3.16
N LYS A 56 4.70 11.09 4.00
CA LYS A 56 4.27 12.45 3.66
C LYS A 56 4.31 12.71 2.16
N VAL A 57 3.33 12.10 1.49
CA VAL A 57 3.07 12.34 0.08
C VAL A 57 1.58 12.59 -0.12
N GLN A 58 1.28 13.36 -1.15
CA GLN A 58 -0.05 13.39 -1.74
C GLN A 58 -0.14 12.26 -2.74
N ILE A 59 -1.23 11.48 -2.68
CA ILE A 59 -1.57 10.53 -3.72
C ILE A 59 -2.95 10.93 -4.20
N PRO A 60 -3.07 11.72 -5.28
CA PRO A 60 -4.41 12.12 -5.71
C PRO A 60 -5.31 10.90 -5.86
N GLU A 61 -6.60 11.12 -5.59
CA GLU A 61 -7.63 10.14 -5.93
C GLU A 61 -7.77 9.98 -7.44
N GLU A 62 -6.67 9.67 -8.13
CA GLU A 62 -6.74 9.04 -9.44
C GLU A 62 -6.18 7.63 -9.37
N LYS A 63 -5.29 7.39 -8.43
CA LYS A 63 -4.55 6.15 -8.39
C LYS A 63 -5.16 5.11 -7.45
N LEU A 64 -6.36 5.37 -6.93
CA LEU A 64 -7.09 4.29 -6.26
C LEU A 64 -7.14 3.03 -7.13
N VAL A 65 -7.09 3.18 -8.45
CA VAL A 65 -7.14 2.03 -9.36
C VAL A 65 -5.97 1.08 -9.14
N ASP A 66 -4.86 1.58 -8.58
CA ASP A 66 -3.65 0.77 -8.39
C ASP A 66 -3.66 -0.04 -7.09
N ILE A 67 -4.66 0.14 -6.22
CA ILE A 67 -4.71 -0.55 -4.94
C ILE A 67 -5.43 -1.88 -5.13
N THR A 68 -4.73 -2.85 -5.73
CA THR A 68 -5.29 -4.13 -6.12
C THR A 68 -4.56 -5.32 -5.51
N SER A 69 -3.49 -5.08 -4.76
CA SER A 69 -2.74 -6.11 -4.07
C SER A 69 -1.67 -5.41 -3.27
N LEU A 70 -1.11 -6.10 -2.28
CA LEU A 70 -0.05 -5.47 -1.51
C LEU A 70 1.09 -5.06 -2.45
N SER A 71 1.46 -5.94 -3.39
CA SER A 71 2.61 -5.65 -4.23
C SER A 71 2.34 -4.48 -5.17
N ALA A 72 1.15 -4.42 -5.75
CA ALA A 72 0.78 -3.24 -6.54
C ALA A 72 0.76 -1.98 -5.67
N THR A 73 0.25 -2.10 -4.44
CA THR A 73 0.20 -0.94 -3.56
C THR A 73 1.59 -0.46 -3.18
N ILE A 74 2.49 -1.41 -2.91
CA ILE A 74 3.88 -1.04 -2.64
C ILE A 74 4.48 -0.35 -3.87
N GLY A 75 4.23 -0.90 -5.04
CA GLY A 75 4.78 -0.31 -6.26
C GLY A 75 4.25 1.10 -6.47
N LEU A 76 2.99 1.33 -6.13
CA LEU A 76 2.43 2.68 -6.25
C LEU A 76 3.12 3.63 -5.30
N THR A 77 3.36 3.18 -4.07
CA THR A 77 3.98 4.02 -3.07
C THR A 77 5.42 4.36 -3.48
N LYS A 78 6.13 3.40 -4.06
CA LYS A 78 7.50 3.66 -4.52
C LYS A 78 7.52 4.72 -5.63
N SER A 79 6.74 4.51 -6.69
CA SER A 79 6.70 5.46 -7.80
C SER A 79 6.30 6.86 -7.34
N VAL A 80 5.32 6.96 -6.46
CA VAL A 80 4.92 8.25 -5.92
C VAL A 80 6.06 8.86 -5.13
N LEU A 81 6.78 8.05 -4.35
CA LEU A 81 7.92 8.58 -3.62
C LEU A 81 9.05 8.99 -4.57
N ALA A 82 9.18 8.31 -5.72
CA ALA A 82 10.22 8.67 -6.69
C ALA A 82 9.87 9.93 -7.44
N GLU A 83 8.58 10.11 -7.76
CA GLU A 83 8.10 11.38 -8.29
C GLU A 83 8.36 12.55 -7.34
N SER A 84 8.48 12.29 -6.04
CA SER A 84 8.65 13.32 -5.03
C SER A 84 10.13 13.57 -4.70
N GLY A 85 11.04 12.88 -5.37
CA GLY A 85 12.43 12.90 -4.91
C GLY A 85 12.60 12.43 -3.50
N LYS A 86 12.05 11.26 -3.15
CA LYS A 86 12.07 10.79 -1.77
C LYS A 86 12.44 9.30 -1.69
N LEU A 87 12.63 8.64 -2.81
CA LEU A 87 12.88 7.21 -2.86
C LEU A 87 14.38 6.93 -2.83
N GLU A 88 14.80 5.99 -1.98
CA GLU A 88 16.12 5.35 -2.11
C GLU A 88 15.85 3.91 -2.50
N HIS A 89 16.04 3.63 -3.79
CA HIS A 89 15.75 2.33 -4.39
C HIS A 89 17.05 1.65 -4.78
N HIS A 90 17.11 0.34 -4.73
CA HIS A 90 18.38 -0.34 -5.00
C HIS A 90 18.21 -1.46 -6.02
N ASP A 2 13.41 4.41 0.98
CA ASP A 2 14.03 3.09 1.24
C ASP A 2 13.13 1.84 1.03
N ASP A 3 13.64 0.84 0.31
CA ASP A 3 12.80 -0.24 -0.19
C ASP A 3 12.14 -1.04 0.94
N GLU A 4 12.95 -1.64 1.81
CA GLU A 4 12.37 -2.46 2.87
C GLU A 4 11.52 -1.60 3.81
N GLU A 5 11.93 -0.34 3.98
CA GLU A 5 11.20 0.58 4.82
C GLU A 5 9.81 0.84 4.26
N ILE A 6 9.71 1.00 2.94
CA ILE A 6 8.42 1.20 2.31
C ILE A 6 7.62 -0.09 2.34
N GLU A 7 8.30 -1.23 2.14
CA GLU A 7 7.61 -2.52 2.20
C GLU A 7 7.06 -2.80 3.59
N LYS A 8 7.82 -2.43 4.63
CA LYS A 8 7.35 -2.59 6.01
C LYS A 8 6.14 -1.69 6.29
N GLY A 9 6.27 -0.42 5.92
CA GLY A 9 5.23 0.54 6.23
C GLY A 9 3.91 0.24 5.54
N VAL A 10 3.96 -0.13 4.25
CA VAL A 10 2.74 -0.41 3.53
C VAL A 10 2.09 -1.69 4.08
N THR A 11 2.90 -2.71 4.36
CA THR A 11 2.36 -3.94 4.92
C THR A 11 1.59 -3.67 6.21
N SER A 12 2.20 -2.91 7.13
CA SER A 12 1.57 -2.63 8.41
C SER A 12 0.26 -1.87 8.24
N ILE A 13 0.21 -0.95 7.27
CA ILE A 13 -1.02 -0.19 7.04
C ILE A 13 -2.12 -1.10 6.53
N VAL A 14 -1.81 -1.94 5.55
CA VAL A 14 -2.82 -2.82 5.00
C VAL A 14 -3.30 -3.81 6.08
N ALA A 15 -2.36 -4.31 6.91
CA ALA A 15 -2.71 -5.16 8.05
C ALA A 15 -3.69 -4.47 9.01
N GLU A 16 -3.39 -3.22 9.42
CA GLU A 16 -4.25 -2.54 10.37
C GLU A 16 -5.64 -2.33 9.77
N VAL A 17 -5.69 -2.00 8.47
CA VAL A 17 -6.97 -1.70 7.83
C VAL A 17 -7.79 -2.96 7.61
N THR A 18 -7.16 -4.04 7.16
CA THR A 18 -7.89 -5.28 6.87
C THR A 18 -8.09 -6.15 8.10
N GLU A 19 -7.46 -5.79 9.22
CA GLU A 19 -7.67 -6.51 10.46
C GLU A 19 -7.03 -7.90 10.37
N LEU A 20 -5.88 -7.95 9.69
CA LEU A 20 -5.15 -9.18 9.44
C LEU A 20 -3.72 -9.06 9.96
N ASP A 21 -3.05 -10.21 10.05
CA ASP A 21 -1.69 -10.28 10.58
C ASP A 21 -0.68 -9.86 9.51
N GLU A 22 0.37 -9.11 9.92
CA GLU A 22 1.32 -8.59 8.96
C GLU A 22 2.07 -9.70 8.22
N LYS A 23 2.52 -10.73 8.93
CA LYS A 23 3.15 -11.85 8.26
C LYS A 23 2.21 -12.45 7.22
N GLU A 24 0.92 -12.59 7.55
CA GLU A 24 0.05 -13.30 6.62
C GLU A 24 -0.22 -12.49 5.38
N ILE A 25 -0.37 -11.16 5.51
CA ILE A 25 -0.64 -10.36 4.33
C ILE A 25 0.63 -10.27 3.49
N TRP A 26 1.81 -10.28 4.11
CA TRP A 26 3.05 -10.33 3.34
C TRP A 26 3.13 -11.61 2.50
N GLU A 27 2.76 -12.76 3.09
CA GLU A 27 2.68 -13.99 2.30
C GLU A 27 1.72 -13.85 1.12
N LYS A 28 0.64 -13.10 1.30
CA LYS A 28 -0.39 -12.91 0.27
C LYS A 28 -0.08 -11.68 -0.59
N ARG A 29 1.17 -11.28 -0.71
CA ARG A 29 1.46 -10.01 -1.37
C ARG A 29 0.92 -9.95 -2.80
N ASP A 30 0.74 -11.08 -3.49
CA ASP A 30 0.09 -11.10 -4.79
C ASP A 30 -1.35 -11.62 -4.76
N ALA A 31 -2.02 -11.59 -3.62
CA ALA A 31 -3.44 -11.87 -3.59
C ALA A 31 -4.21 -10.60 -3.95
N ASN A 32 -5.26 -10.78 -4.76
CA ASN A 32 -6.15 -9.66 -5.10
C ASN A 32 -6.92 -9.23 -3.87
N PHE A 33 -6.81 -7.94 -3.52
CA PHE A 33 -7.36 -7.44 -2.25
C PHE A 33 -8.83 -7.77 -2.11
N PHE A 34 -9.56 -7.78 -3.23
CA PHE A 34 -11.00 -7.54 -3.28
C PHE A 34 -11.85 -8.81 -3.27
N GLN A 35 -11.94 -9.53 -2.15
CA GLN A 35 -12.57 -10.86 -2.19
C GLN A 35 -11.73 -11.80 -3.06
N ASP A 36 -11.08 -12.79 -2.43
CA ASP A 36 -9.72 -13.18 -2.79
C ASP A 36 -8.73 -12.69 -1.76
N LEU A 37 -9.19 -12.48 -0.51
CA LEU A 37 -8.86 -11.32 0.31
C LEU A 37 -9.97 -10.27 0.22
N GLU A 38 -10.42 -9.74 1.34
CA GLU A 38 -11.61 -8.88 1.38
C GLU A 38 -11.25 -7.41 1.48
N ILE A 39 -11.40 -6.71 0.38
CA ILE A 39 -11.34 -5.25 0.37
C ILE A 39 -12.47 -4.72 -0.50
N ASP A 40 -13.07 -3.62 -0.09
CA ASP A 40 -14.02 -2.86 -0.88
C ASP A 40 -13.51 -1.44 -1.08
N SER A 41 -14.42 -0.52 -1.45
CA SER A 41 -13.98 0.84 -1.80
C SER A 41 -13.50 1.63 -0.58
N LEU A 42 -14.19 1.50 0.55
CA LEU A 42 -13.80 2.26 1.74
C LEU A 42 -12.46 1.80 2.28
N LEU A 43 -12.21 0.50 2.27
CA LEU A 43 -10.94 0.00 2.78
C LEU A 43 -9.77 0.48 1.92
N ALA A 44 -9.92 0.41 0.60
CA ALA A 44 -8.85 0.88 -0.28
C ALA A 44 -8.60 2.37 -0.08
N LEU A 45 -9.67 3.13 0.11
CA LEU A 45 -9.51 4.56 0.34
C LEU A 45 -8.81 4.81 1.66
N GLU A 46 -9.07 3.98 2.67
CA GLU A 46 -8.40 4.21 3.95
C GLU A 46 -6.92 3.88 3.83
N ILE A 47 -6.60 2.82 3.09
CA ILE A 47 -5.20 2.48 2.83
C ILE A 47 -4.50 3.69 2.20
N LEU A 48 -5.10 4.24 1.14
CA LEU A 48 -4.48 5.37 0.45
C LEU A 48 -4.23 6.53 1.41
N ALA A 49 -5.21 6.86 2.24
CA ALA A 49 -5.08 8.00 3.15
C ALA A 49 -3.99 7.75 4.17
N LEU A 50 -3.89 6.51 4.65
CA LEU A 50 -2.88 6.17 5.64
C LEU A 50 -1.48 6.16 5.02
N ILE A 51 -1.36 5.81 3.74
CA ILE A 51 -0.07 5.89 3.09
C ILE A 51 0.35 7.34 2.91
N GLU A 52 -0.52 8.15 2.29
CA GLU A 52 -0.25 9.58 2.15
C GLU A 52 0.29 10.14 3.45
N LYS A 53 -0.47 9.97 4.52
CA LYS A 53 -0.06 10.38 5.86
C LYS A 53 1.30 9.82 6.25
N LYS A 54 1.53 8.53 6.06
CA LYS A 54 2.65 7.89 6.76
C LYS A 54 3.99 8.26 6.11
N PHE A 55 4.02 8.36 4.79
CA PHE A 55 5.23 8.69 4.06
C PHE A 55 5.27 10.17 3.65
N LYS A 56 4.16 10.88 3.86
CA LYS A 56 4.00 12.33 3.67
C LYS A 56 4.06 12.72 2.19
N VAL A 57 3.27 11.96 1.42
CA VAL A 57 3.00 12.25 0.02
C VAL A 57 1.51 12.47 -0.14
N GLN A 58 1.13 13.00 -1.29
CA GLN A 58 -0.25 13.02 -1.75
C GLN A 58 -0.37 12.11 -2.97
N ILE A 59 -1.35 11.22 -2.95
CA ILE A 59 -1.64 10.36 -4.08
C ILE A 59 -2.96 10.86 -4.65
N PRO A 60 -3.12 10.98 -5.96
CA PRO A 60 -4.46 11.25 -6.51
C PRO A 60 -5.28 9.97 -6.60
N GLU A 61 -6.54 10.07 -6.14
CA GLU A 61 -7.37 8.86 -6.08
C GLU A 61 -7.58 8.26 -7.45
N GLU A 62 -7.38 9.05 -8.52
CA GLU A 62 -7.03 8.43 -9.80
C GLU A 62 -6.31 7.12 -9.59
N LYS A 63 -5.27 7.14 -8.75
CA LYS A 63 -4.48 5.96 -8.48
C LYS A 63 -5.14 5.01 -7.49
N LEU A 64 -6.42 5.21 -7.15
CA LEU A 64 -7.14 4.09 -6.57
C LEU A 64 -7.04 2.86 -7.47
N VAL A 65 -6.90 3.06 -8.78
CA VAL A 65 -6.68 1.98 -9.74
C VAL A 65 -5.49 1.11 -9.33
N ASP A 66 -4.51 1.67 -8.62
CA ASP A 66 -3.29 0.95 -8.25
C ASP A 66 -3.46 0.04 -7.03
N ILE A 67 -4.58 0.15 -6.29
CA ILE A 67 -4.76 -0.55 -5.01
C ILE A 67 -5.49 -1.87 -5.24
N THR A 68 -4.78 -2.87 -5.73
CA THR A 68 -5.36 -4.17 -6.09
C THR A 68 -4.64 -5.36 -5.47
N SER A 69 -3.37 -5.21 -5.13
CA SER A 69 -2.64 -6.20 -4.35
C SER A 69 -1.70 -5.45 -3.42
N LEU A 70 -1.13 -6.17 -2.44
CA LEU A 70 -0.14 -5.52 -1.60
C LEU A 70 1.06 -5.11 -2.46
N SER A 71 1.43 -5.95 -3.42
CA SER A 71 2.58 -5.66 -4.26
C SER A 71 2.32 -4.46 -5.17
N ALA A 72 1.12 -4.38 -5.75
CA ALA A 72 0.78 -3.18 -6.52
C ALA A 72 0.77 -1.93 -5.64
N THR A 73 0.26 -2.07 -4.42
CA THR A 73 0.20 -0.92 -3.52
C THR A 73 1.60 -0.45 -3.15
N ILE A 74 2.51 -1.40 -2.90
CA ILE A 74 3.89 -1.05 -2.63
C ILE A 74 4.50 -0.35 -3.86
N GLY A 75 4.24 -0.89 -5.04
CA GLY A 75 4.76 -0.28 -6.25
C GLY A 75 4.24 1.12 -6.45
N LEU A 76 2.97 1.33 -6.15
CA LEU A 76 2.39 2.68 -6.22
C LEU A 76 3.12 3.64 -5.30
N THR A 77 3.38 3.19 -4.07
CA THR A 77 3.98 4.04 -3.07
C THR A 77 5.42 4.41 -3.47
N LYS A 78 6.15 3.44 -4.02
CA LYS A 78 7.53 3.73 -4.46
C LYS A 78 7.55 4.76 -5.58
N SER A 79 6.70 4.59 -6.60
CA SER A 79 6.67 5.52 -7.73
C SER A 79 6.30 6.94 -7.32
N VAL A 80 5.32 7.09 -6.43
CA VAL A 80 4.98 8.44 -5.98
C VAL A 80 6.10 8.99 -5.10
N LEU A 81 6.79 8.11 -4.38
CA LEU A 81 7.96 8.57 -3.64
C LEU A 81 9.08 8.98 -4.58
N ALA A 82 9.20 8.31 -5.74
CA ALA A 82 10.25 8.65 -6.70
C ALA A 82 9.90 9.95 -7.44
N GLU A 83 8.63 10.14 -7.76
CA GLU A 83 8.15 11.41 -8.28
C GLU A 83 8.41 12.56 -7.31
N SER A 84 8.52 12.28 -6.02
CA SER A 84 8.73 13.30 -4.99
C SER A 84 10.21 13.46 -4.61
N GLY A 85 11.11 12.71 -5.25
CA GLY A 85 12.53 12.88 -4.96
C GLY A 85 13.02 12.19 -3.71
N LYS A 86 12.22 11.32 -3.08
CA LYS A 86 12.61 10.84 -1.76
C LYS A 86 12.95 9.35 -1.75
N LEU A 87 12.54 8.61 -2.78
CA LEU A 87 12.85 7.19 -2.90
C LEU A 87 14.36 6.96 -2.85
N GLU A 88 14.81 6.02 -2.03
CA GLU A 88 16.17 5.50 -2.13
C GLU A 88 16.02 4.01 -2.41
N HIS A 89 16.31 3.65 -3.65
CA HIS A 89 15.91 2.38 -4.25
C HIS A 89 17.13 1.62 -4.74
N HIS A 90 17.23 0.34 -4.42
CA HIS A 90 18.43 -0.39 -4.82
C HIS A 90 18.11 -1.39 -5.93
N ASP A 2 13.74 3.58 1.94
CA ASP A 2 14.19 2.57 0.97
C ASP A 2 13.16 1.47 0.72
N ASP A 3 13.56 0.46 -0.03
CA ASP A 3 12.62 -0.58 -0.42
C ASP A 3 12.07 -1.30 0.80
N GLU A 4 12.96 -1.76 1.70
CA GLU A 4 12.50 -2.47 2.89
C GLU A 4 11.56 -1.60 3.71
N GLU A 5 11.91 -0.33 3.90
CA GLU A 5 11.16 0.50 4.81
C GLU A 5 9.79 0.86 4.23
N ILE A 6 9.72 1.01 2.90
CA ILE A 6 8.43 1.19 2.26
C ILE A 6 7.63 -0.10 2.31
N GLU A 7 8.30 -1.25 2.06
CA GLU A 7 7.61 -2.53 2.07
C GLU A 7 7.03 -2.84 3.45
N LYS A 8 7.75 -2.51 4.53
CA LYS A 8 7.27 -2.80 5.87
C LYS A 8 6.20 -1.80 6.31
N GLY A 9 6.33 -0.55 5.89
CA GLY A 9 5.33 0.45 6.22
C GLY A 9 4.00 0.22 5.53
N VAL A 10 4.02 -0.16 4.24
CA VAL A 10 2.77 -0.42 3.54
C VAL A 10 2.11 -1.68 4.11
N THR A 11 2.91 -2.71 4.40
CA THR A 11 2.35 -3.92 4.99
C THR A 11 1.62 -3.61 6.29
N SER A 12 2.28 -2.85 7.17
CA SER A 12 1.68 -2.29 8.39
C SER A 12 0.27 -1.77 8.14
N ILE A 13 0.14 -0.85 7.18
CA ILE A 13 -1.12 -0.16 6.96
C ILE A 13 -2.19 -1.12 6.48
N VAL A 14 -1.85 -1.97 5.52
CA VAL A 14 -2.84 -2.87 4.97
C VAL A 14 -3.29 -3.86 6.05
N ALA A 15 -2.34 -4.36 6.86
CA ALA A 15 -2.67 -5.20 8.02
C ALA A 15 -3.68 -4.53 8.96
N GLU A 16 -3.42 -3.28 9.37
CA GLU A 16 -4.31 -2.70 10.37
C GLU A 16 -5.67 -2.39 9.75
N VAL A 17 -5.69 -1.91 8.50
CA VAL A 17 -6.96 -1.59 7.87
C VAL A 17 -7.80 -2.85 7.68
N THR A 18 -7.17 -3.94 7.26
CA THR A 18 -7.85 -5.19 6.97
C THR A 18 -7.90 -6.14 8.15
N GLU A 19 -7.37 -5.72 9.29
CA GLU A 19 -7.53 -6.46 10.52
C GLU A 19 -6.95 -7.87 10.38
N LEU A 20 -5.82 -7.97 9.69
CA LEU A 20 -5.11 -9.23 9.45
C LEU A 20 -3.66 -9.13 9.91
N ASP A 21 -3.01 -10.29 10.03
CA ASP A 21 -1.65 -10.33 10.53
C ASP A 21 -0.66 -9.88 9.43
N GLU A 22 0.36 -9.12 9.83
CA GLU A 22 1.32 -8.60 8.85
C GLU A 22 2.07 -9.73 8.16
N LYS A 23 2.49 -10.77 8.90
CA LYS A 23 3.13 -11.89 8.23
C LYS A 23 2.20 -12.50 7.19
N GLU A 24 0.91 -12.64 7.53
CA GLU A 24 0.05 -13.37 6.60
C GLU A 24 -0.23 -12.55 5.35
N ILE A 25 -0.40 -11.23 5.44
CA ILE A 25 -0.67 -10.50 4.21
C ILE A 25 0.62 -10.33 3.41
N TRP A 26 1.78 -10.31 4.08
CA TRP A 26 3.03 -10.35 3.34
C TRP A 26 3.15 -11.62 2.51
N GLU A 27 2.81 -12.78 3.09
CA GLU A 27 2.80 -14.02 2.31
C GLU A 27 1.96 -13.89 1.06
N LYS A 28 0.81 -13.24 1.18
CA LYS A 28 -0.16 -13.09 0.11
C LYS A 28 0.01 -11.75 -0.59
N ARG A 29 1.26 -11.27 -0.67
CA ARG A 29 1.49 -9.96 -1.24
C ARG A 29 0.98 -9.85 -2.68
N ASP A 30 1.00 -10.94 -3.46
CA ASP A 30 0.45 -10.91 -4.80
C ASP A 30 -1.00 -11.38 -4.88
N ALA A 31 -1.68 -11.52 -3.75
CA ALA A 31 -3.06 -12.01 -3.73
C ALA A 31 -4.05 -10.85 -3.89
N ASN A 32 -4.65 -10.79 -5.09
CA ASN A 32 -5.71 -9.84 -5.40
C ASN A 32 -6.50 -9.46 -4.15
N PHE A 33 -6.60 -8.15 -3.89
CA PHE A 33 -7.09 -7.68 -2.60
C PHE A 33 -8.56 -8.03 -2.41
N PHE A 34 -9.34 -7.83 -3.46
CA PHE A 34 -10.79 -7.82 -3.32
C PHE A 34 -11.39 -9.22 -3.29
N GLN A 35 -12.28 -9.48 -2.32
CA GLN A 35 -12.90 -10.79 -2.15
C GLN A 35 -11.98 -11.91 -2.63
N ASP A 36 -11.13 -12.42 -1.72
CA ASP A 36 -9.81 -12.98 -1.98
C ASP A 36 -8.83 -12.59 -0.90
N LEU A 37 -9.34 -12.31 0.30
CA LEU A 37 -9.18 -11.02 0.99
C LEU A 37 -10.36 -10.11 0.65
N GLU A 38 -11.00 -9.51 1.64
CA GLU A 38 -12.27 -8.83 1.46
C GLU A 38 -12.12 -7.33 1.66
N ILE A 39 -11.16 -6.76 0.95
CA ILE A 39 -11.05 -5.31 0.83
C ILE A 39 -12.15 -4.87 -0.14
N ASP A 40 -12.73 -3.72 0.13
CA ASP A 40 -13.61 -3.02 -0.81
C ASP A 40 -13.16 -1.58 -0.93
N SER A 41 -13.92 -0.77 -1.69
CA SER A 41 -13.43 0.56 -2.04
C SER A 41 -13.22 1.45 -0.82
N LEU A 42 -14.06 1.31 0.21
CA LEU A 42 -13.86 2.08 1.43
C LEU A 42 -12.55 1.70 2.12
N LEU A 43 -12.24 0.41 2.19
CA LEU A 43 -10.98 0.01 2.80
C LEU A 43 -9.80 0.48 1.96
N ALA A 44 -9.93 0.42 0.64
CA ALA A 44 -8.84 0.86 -0.23
C ALA A 44 -8.60 2.36 -0.07
N LEU A 45 -9.66 3.13 0.11
CA LEU A 45 -9.50 4.56 0.33
C LEU A 45 -8.80 4.81 1.65
N GLU A 46 -9.09 4.00 2.67
CA GLU A 46 -8.39 4.24 3.93
C GLU A 46 -6.92 3.90 3.80
N ILE A 47 -6.60 2.85 3.06
CA ILE A 47 -5.20 2.49 2.82
C ILE A 47 -4.50 3.68 2.19
N LEU A 48 -5.08 4.23 1.13
CA LEU A 48 -4.46 5.36 0.43
C LEU A 48 -4.23 6.52 1.38
N ALA A 49 -5.21 6.81 2.22
CA ALA A 49 -5.13 7.97 3.11
C ALA A 49 -4.03 7.78 4.14
N LEU A 50 -3.87 6.54 4.62
CA LEU A 50 -2.86 6.29 5.64
C LEU A 50 -1.46 6.21 5.03
N ILE A 51 -1.34 5.80 3.77
CA ILE A 51 -0.04 5.85 3.11
C ILE A 51 0.41 7.30 2.96
N GLU A 52 -0.49 8.15 2.45
CA GLU A 52 -0.18 9.58 2.34
C GLU A 52 0.38 10.13 3.64
N LYS A 53 -0.08 9.57 4.76
CA LYS A 53 0.26 10.13 6.06
C LYS A 53 1.58 9.56 6.56
N LYS A 54 1.73 8.24 6.48
CA LYS A 54 2.99 7.58 6.81
C LYS A 54 4.16 8.18 6.02
N PHE A 55 3.97 8.47 4.74
CA PHE A 55 5.07 8.73 3.81
C PHE A 55 5.15 10.18 3.28
N LYS A 56 4.42 11.12 3.88
CA LYS A 56 4.50 12.56 3.58
C LYS A 56 4.22 12.85 2.10
N VAL A 57 3.31 12.05 1.55
CA VAL A 57 3.10 12.03 0.11
C VAL A 57 1.61 12.26 -0.14
N GLN A 58 1.29 12.89 -1.26
CA GLN A 58 -0.10 13.05 -1.66
C GLN A 58 -0.31 12.29 -2.96
N ILE A 59 -1.45 11.61 -3.05
CA ILE A 59 -1.66 10.58 -4.07
C ILE A 59 -3.03 10.80 -4.69
N PRO A 60 -3.13 11.27 -5.93
CA PRO A 60 -4.44 11.43 -6.55
C PRO A 60 -5.31 10.18 -6.37
N GLU A 61 -6.61 10.41 -6.15
CA GLU A 61 -7.50 9.27 -5.95
C GLU A 61 -7.72 8.52 -7.26
N GLU A 62 -7.44 9.17 -8.40
CA GLU A 62 -7.25 8.42 -9.65
C GLU A 62 -6.63 7.06 -9.39
N LYS A 63 -5.50 7.05 -8.70
CA LYS A 63 -4.72 5.83 -8.52
C LYS A 63 -5.37 4.82 -7.59
N LEU A 64 -6.70 4.89 -7.38
CA LEU A 64 -7.38 3.70 -6.86
C LEU A 64 -7.06 2.48 -7.71
N VAL A 65 -6.92 2.67 -9.02
CA VAL A 65 -6.53 1.60 -9.95
C VAL A 65 -5.32 0.82 -9.44
N ASP A 66 -4.33 1.52 -8.87
CA ASP A 66 -3.08 0.90 -8.43
C ASP A 66 -3.28 -0.05 -7.24
N ILE A 67 -4.41 0.06 -6.54
CA ILE A 67 -4.51 -0.45 -5.18
C ILE A 67 -5.32 -1.75 -5.18
N THR A 68 -4.73 -2.79 -5.79
CA THR A 68 -5.39 -4.07 -6.03
C THR A 68 -4.68 -5.27 -5.39
N SER A 69 -3.45 -5.11 -4.92
CA SER A 69 -2.78 -6.12 -4.12
C SER A 69 -1.70 -5.42 -3.32
N LEU A 70 -1.07 -6.15 -2.39
CA LEU A 70 -0.04 -5.52 -1.59
C LEU A 70 1.13 -5.10 -2.48
N SER A 71 1.54 -5.97 -3.42
CA SER A 71 2.66 -5.63 -4.29
C SER A 71 2.36 -4.40 -5.14
N ALA A 72 1.16 -4.32 -5.73
CA ALA A 72 0.81 -3.14 -6.50
C ALA A 72 0.76 -1.90 -5.63
N THR A 73 0.25 -2.03 -4.41
CA THR A 73 0.20 -0.89 -3.52
C THR A 73 1.60 -0.43 -3.14
N ILE A 74 2.50 -1.38 -2.87
CA ILE A 74 3.89 -1.06 -2.63
C ILE A 74 4.49 -0.37 -3.85
N GLY A 75 4.23 -0.91 -5.03
CA GLY A 75 4.78 -0.31 -6.24
C GLY A 75 4.25 1.09 -6.46
N LEU A 76 2.99 1.32 -6.13
CA LEU A 76 2.42 2.66 -6.21
C LEU A 76 3.15 3.61 -5.28
N THR A 77 3.39 3.17 -4.05
CA THR A 77 3.99 4.03 -3.05
C THR A 77 5.43 4.39 -3.47
N LYS A 78 6.16 3.43 -4.04
CA LYS A 78 7.52 3.71 -4.50
C LYS A 78 7.54 4.74 -5.64
N SER A 79 6.72 4.52 -6.67
CA SER A 79 6.66 5.46 -7.79
C SER A 79 6.29 6.88 -7.35
N VAL A 80 5.32 7.00 -6.42
CA VAL A 80 4.97 8.34 -5.94
C VAL A 80 6.11 8.91 -5.12
N LEU A 81 6.80 8.07 -4.36
CA LEU A 81 7.95 8.55 -3.60
C LEU A 81 9.09 8.98 -4.53
N ALA A 82 9.25 8.27 -5.65
CA ALA A 82 10.28 8.66 -6.62
C ALA A 82 9.90 9.95 -7.34
N GLU A 83 8.60 10.22 -7.42
CA GLU A 83 8.13 11.40 -8.14
C GLU A 83 8.44 12.70 -7.41
N SER A 84 8.73 12.65 -6.11
CA SER A 84 9.12 13.85 -5.39
C SER A 84 10.47 13.72 -4.68
N GLY A 85 11.41 12.98 -5.27
CA GLY A 85 12.71 12.88 -4.67
C GLY A 85 12.72 12.46 -3.22
N LYS A 86 12.12 11.31 -2.89
CA LYS A 86 12.36 10.72 -1.58
C LYS A 86 12.31 9.19 -1.63
N LEU A 87 12.68 8.61 -2.77
CA LEU A 87 12.92 7.17 -2.89
C LEU A 87 14.41 6.91 -2.91
N GLU A 88 14.89 5.96 -2.12
CA GLU A 88 16.31 5.61 -2.15
C GLU A 88 16.46 4.20 -2.72
N HIS A 89 15.72 3.91 -3.77
CA HIS A 89 15.69 2.60 -4.43
C HIS A 89 17.06 1.97 -4.60
N HIS A 90 17.18 0.68 -4.30
CA HIS A 90 18.44 -0.01 -4.60
C HIS A 90 18.17 -1.10 -5.62
N ASP A 2 13.63 4.01 2.33
CA ASP A 2 14.16 2.98 1.46
C ASP A 2 13.17 1.85 1.15
N ASP A 3 13.60 0.93 0.28
CA ASP A 3 12.70 -0.08 -0.26
C ASP A 3 12.05 -0.92 0.83
N GLU A 4 12.86 -1.60 1.64
CA GLU A 4 12.22 -2.52 2.58
C GLU A 4 11.52 -1.71 3.69
N GLU A 5 11.90 -0.45 3.86
CA GLU A 5 11.20 0.42 4.80
C GLU A 5 9.84 0.82 4.24
N ILE A 6 9.74 0.99 2.92
CA ILE A 6 8.45 1.16 2.26
C ILE A 6 7.64 -0.13 2.36
N GLU A 7 8.30 -1.25 2.13
CA GLU A 7 7.64 -2.56 2.24
C GLU A 7 7.00 -2.76 3.60
N LYS A 8 7.75 -2.49 4.67
CA LYS A 8 7.24 -2.76 6.02
C LYS A 8 6.13 -1.77 6.39
N GLY A 9 6.29 -0.51 5.95
CA GLY A 9 5.28 0.49 6.24
C GLY A 9 3.95 0.23 5.55
N VAL A 10 3.99 -0.14 4.26
CA VAL A 10 2.75 -0.41 3.54
C VAL A 10 2.10 -1.68 4.08
N THR A 11 2.91 -2.70 4.38
CA THR A 11 2.36 -3.93 4.96
C THR A 11 1.63 -3.64 6.26
N SER A 12 2.27 -2.88 7.16
CA SER A 12 1.64 -2.49 8.43
C SER A 12 0.28 -1.82 8.20
N ILE A 13 0.21 -0.89 7.25
CA ILE A 13 -1.05 -0.17 7.01
C ILE A 13 -2.13 -1.12 6.53
N VAL A 14 -1.79 -1.97 5.56
CA VAL A 14 -2.80 -2.85 4.99
C VAL A 14 -3.27 -3.85 6.05
N ALA A 15 -2.33 -4.31 6.91
CA ALA A 15 -2.66 -5.14 8.08
C ALA A 15 -3.65 -4.45 9.02
N GLU A 16 -3.38 -3.18 9.39
CA GLU A 16 -4.32 -2.45 10.23
C GLU A 16 -5.70 -2.41 9.57
N VAL A 17 -5.75 -2.08 8.28
CA VAL A 17 -7.03 -1.83 7.62
C VAL A 17 -7.85 -3.11 7.49
N THR A 18 -7.23 -4.19 7.06
CA THR A 18 -7.92 -5.46 6.88
C THR A 18 -8.05 -6.26 8.18
N GLU A 19 -7.53 -5.71 9.28
CA GLU A 19 -7.37 -6.41 10.56
C GLU A 19 -6.89 -7.85 10.34
N LEU A 20 -5.77 -7.96 9.65
CA LEU A 20 -5.09 -9.22 9.38
C LEU A 20 -3.64 -9.13 9.85
N ASP A 21 -3.01 -10.28 10.01
CA ASP A 21 -1.66 -10.36 10.56
C ASP A 21 -0.63 -9.85 9.52
N GLU A 22 0.35 -9.05 10.01
CA GLU A 22 1.48 -8.63 9.18
C GLU A 22 2.05 -9.77 8.31
N LYS A 23 2.45 -10.88 8.93
CA LYS A 23 3.13 -11.92 8.17
C LYS A 23 2.19 -12.56 7.15
N GLU A 24 0.94 -12.79 7.55
CA GLU A 24 0.08 -13.59 6.69
C GLU A 24 -0.23 -12.84 5.41
N ILE A 25 -0.27 -11.51 5.47
CA ILE A 25 -0.62 -10.79 4.25
C ILE A 25 0.63 -10.38 3.47
N TRP A 26 1.79 -10.32 4.13
CA TRP A 26 3.04 -10.34 3.36
C TRP A 26 3.13 -11.61 2.50
N GLU A 27 2.79 -12.77 3.08
CA GLU A 27 2.77 -14.00 2.30
C GLU A 27 1.89 -13.89 1.07
N LYS A 28 0.78 -13.18 1.17
CA LYS A 28 -0.19 -13.07 0.10
C LYS A 28 -0.09 -11.73 -0.59
N ARG A 29 1.16 -11.28 -0.73
CA ARG A 29 1.45 -9.95 -1.28
C ARG A 29 1.05 -9.81 -2.74
N ASP A 30 1.06 -10.89 -3.52
CA ASP A 30 0.71 -10.80 -4.93
C ASP A 30 -0.76 -11.15 -5.19
N ALA A 31 -1.51 -11.58 -4.17
CA ALA A 31 -2.91 -11.92 -4.33
C ALA A 31 -3.78 -10.67 -4.50
N ASN A 32 -5.00 -10.89 -4.99
CA ASN A 32 -5.93 -9.82 -5.29
C ASN A 32 -6.71 -9.38 -4.05
N PHE A 33 -6.89 -8.06 -3.92
CA PHE A 33 -7.45 -7.48 -2.70
C PHE A 33 -8.92 -7.85 -2.54
N PHE A 34 -9.66 -7.87 -3.62
CA PHE A 34 -11.11 -7.94 -3.56
C PHE A 34 -11.61 -9.39 -3.57
N GLN A 35 -12.57 -9.73 -2.71
CA GLN A 35 -13.00 -11.13 -2.55
C GLN A 35 -11.82 -12.10 -2.58
N ASP A 36 -11.09 -12.27 -1.44
CA ASP A 36 -9.94 -13.16 -1.27
C ASP A 36 -9.00 -12.72 -0.16
N LEU A 37 -9.49 -12.54 1.07
CA LEU A 37 -9.20 -11.32 1.83
C LEU A 37 -10.11 -10.22 1.35
N GLU A 38 -11.33 -10.14 1.83
CA GLU A 38 -12.30 -9.26 1.20
C GLU A 38 -12.04 -7.81 1.60
N ILE A 39 -11.62 -7.06 0.59
CA ILE A 39 -11.41 -5.62 0.67
C ILE A 39 -12.42 -4.98 -0.28
N ASP A 40 -12.95 -3.82 0.11
CA ASP A 40 -13.85 -3.05 -0.74
C ASP A 40 -13.31 -1.63 -0.89
N SER A 41 -14.08 -0.76 -1.55
CA SER A 41 -13.53 0.52 -1.97
C SER A 41 -13.29 1.45 -0.79
N LEU A 42 -14.10 1.34 0.28
CA LEU A 42 -13.84 2.11 1.48
C LEU A 42 -12.51 1.73 2.13
N LEU A 43 -12.23 0.42 2.20
CA LEU A 43 -10.96 -0.01 2.78
C LEU A 43 -9.79 0.48 1.92
N ALA A 44 -9.92 0.40 0.60
CA ALA A 44 -8.83 0.87 -0.27
C ALA A 44 -8.58 2.35 -0.06
N LEU A 45 -9.65 3.11 0.18
CA LEU A 45 -9.52 4.54 0.41
C LEU A 45 -8.83 4.80 1.74
N GLU A 46 -9.12 3.97 2.74
CA GLU A 46 -8.44 4.11 4.02
C GLU A 46 -6.94 3.83 3.87
N ILE A 47 -6.61 2.82 3.06
CA ILE A 47 -5.21 2.47 2.83
C ILE A 47 -4.49 3.66 2.23
N LEU A 48 -5.09 4.25 1.20
CA LEU A 48 -4.43 5.36 0.52
C LEU A 48 -4.19 6.53 1.47
N ALA A 49 -5.19 6.85 2.30
CA ALA A 49 -5.06 7.98 3.22
C ALA A 49 -3.96 7.71 4.24
N LEU A 50 -3.84 6.46 4.70
CA LEU A 50 -2.84 6.14 5.69
C LEU A 50 -1.44 6.17 5.08
N ILE A 51 -1.30 5.82 3.81
CA ILE A 51 0.00 5.90 3.17
C ILE A 51 0.42 7.36 3.04
N GLU A 52 -0.50 8.22 2.61
CA GLU A 52 -0.23 9.66 2.58
C GLU A 52 0.33 10.13 3.91
N LYS A 53 -0.28 9.72 5.02
CA LYS A 53 0.18 10.17 6.33
C LYS A 53 1.55 9.63 6.64
N LYS A 54 1.72 8.30 6.65
CA LYS A 54 2.96 7.69 7.09
C LYS A 54 4.17 8.22 6.33
N PHE A 55 4.08 8.29 4.99
CA PHE A 55 5.23 8.61 4.16
C PHE A 55 5.31 10.10 3.83
N LYS A 56 4.35 10.88 4.27
CA LYS A 56 4.38 12.33 4.10
C LYS A 56 4.41 12.68 2.61
N VAL A 57 3.30 12.32 1.97
CA VAL A 57 3.22 12.19 0.52
C VAL A 57 1.75 12.38 0.15
N GLN A 58 1.48 13.07 -0.95
CA GLN A 58 0.13 13.20 -1.43
C GLN A 58 -0.01 12.30 -2.65
N ILE A 59 -1.17 11.66 -2.79
CA ILE A 59 -1.42 10.68 -3.83
C ILE A 59 -2.72 11.08 -4.53
N PRO A 60 -2.72 11.42 -5.82
CA PRO A 60 -3.99 11.72 -6.49
C PRO A 60 -4.99 10.59 -6.31
N GLU A 61 -6.27 10.91 -6.44
CA GLU A 61 -7.29 9.93 -6.09
C GLU A 61 -7.55 8.97 -7.25
N GLU A 62 -7.29 9.40 -8.49
CA GLU A 62 -7.36 8.50 -9.64
C GLU A 62 -6.77 7.13 -9.34
N LYS A 63 -5.54 7.09 -8.82
CA LYS A 63 -4.89 5.81 -8.59
C LYS A 63 -5.60 4.95 -7.56
N LEU A 64 -6.85 5.27 -7.20
CA LEU A 64 -7.75 4.27 -6.64
C LEU A 64 -7.73 2.99 -7.44
N VAL A 65 -7.65 3.12 -8.77
CA VAL A 65 -7.45 1.95 -9.64
C VAL A 65 -6.35 1.07 -9.06
N ASP A 66 -5.20 1.66 -8.72
CA ASP A 66 -3.97 0.91 -8.46
C ASP A 66 -4.11 -0.12 -7.34
N ILE A 67 -4.67 0.28 -6.21
CA ILE A 67 -4.60 -0.45 -4.94
C ILE A 67 -5.41 -1.75 -5.05
N THR A 68 -4.77 -2.79 -5.57
CA THR A 68 -5.42 -4.06 -5.91
C THR A 68 -4.67 -5.29 -5.40
N SER A 69 -3.43 -5.14 -4.97
CA SER A 69 -2.72 -6.16 -4.21
C SER A 69 -1.69 -5.44 -3.36
N LEU A 70 -1.11 -6.15 -2.40
CA LEU A 70 -0.08 -5.50 -1.60
C LEU A 70 1.10 -5.08 -2.48
N SER A 71 1.52 -5.96 -3.40
CA SER A 71 2.66 -5.62 -4.27
C SER A 71 2.35 -4.41 -5.14
N ALA A 72 1.13 -4.33 -5.67
CA ALA A 72 0.77 -3.16 -6.46
C ALA A 72 0.73 -1.90 -5.60
N THR A 73 0.25 -2.03 -4.37
CA THR A 73 0.22 -0.87 -3.50
C THR A 73 1.62 -0.41 -3.13
N ILE A 74 2.52 -1.38 -2.89
CA ILE A 74 3.93 -1.04 -2.66
C ILE A 74 4.51 -0.34 -3.87
N GLY A 75 4.28 -0.88 -5.06
CA GLY A 75 4.80 -0.26 -6.27
C GLY A 75 4.28 1.13 -6.46
N LEU A 76 3.01 1.35 -6.11
CA LEU A 76 2.43 2.69 -6.18
C LEU A 76 3.14 3.64 -5.26
N THR A 77 3.36 3.21 -4.02
CA THR A 77 3.99 4.07 -3.03
C THR A 77 5.43 4.38 -3.46
N LYS A 78 6.13 3.42 -4.06
CA LYS A 78 7.49 3.67 -4.54
C LYS A 78 7.51 4.70 -5.67
N SER A 79 6.71 4.48 -6.71
CA SER A 79 6.66 5.41 -7.83
C SER A 79 6.25 6.82 -7.38
N VAL A 80 5.28 6.92 -6.47
CA VAL A 80 4.90 8.21 -5.92
C VAL A 80 6.07 8.82 -5.14
N LEU A 81 6.77 8.00 -4.35
CA LEU A 81 7.91 8.51 -3.61
C LEU A 81 9.02 8.98 -4.56
N ALA A 82 9.23 8.26 -5.67
CA ALA A 82 10.26 8.67 -6.63
C ALA A 82 9.89 9.99 -7.27
N GLU A 83 8.60 10.25 -7.43
CA GLU A 83 8.15 11.51 -8.00
C GLU A 83 8.40 12.69 -7.06
N SER A 84 8.59 12.44 -5.76
CA SER A 84 8.84 13.49 -4.78
C SER A 84 10.31 13.57 -4.34
N GLY A 85 11.21 12.86 -5.01
CA GLY A 85 12.60 12.90 -4.64
C GLY A 85 12.91 12.39 -3.24
N LYS A 86 12.26 11.32 -2.80
CA LYS A 86 12.73 10.71 -1.56
C LYS A 86 12.53 9.19 -1.57
N LEU A 87 12.83 8.54 -2.69
CA LEU A 87 13.01 7.09 -2.77
C LEU A 87 14.50 6.77 -2.69
N GLU A 88 14.83 5.67 -2.00
CA GLU A 88 16.22 5.25 -1.74
C GLU A 88 16.57 4.03 -2.60
N HIS A 89 15.84 3.83 -3.69
CA HIS A 89 15.81 2.55 -4.40
C HIS A 89 17.17 1.89 -4.64
N HIS A 90 17.24 0.59 -4.43
CA HIS A 90 18.46 -0.15 -4.79
C HIS A 90 18.13 -1.19 -5.83
N ASP A 2 13.53 4.68 1.08
CA ASP A 2 14.13 3.32 1.20
C ASP A 2 13.14 2.16 1.09
N ASP A 3 13.52 1.14 0.32
CA ASP A 3 12.56 0.12 -0.11
C ASP A 3 12.03 -0.71 1.06
N GLU A 4 12.93 -1.26 1.86
CA GLU A 4 12.44 -2.13 2.92
C GLU A 4 11.65 -1.31 3.96
N GLU A 5 12.02 -0.03 4.15
CA GLU A 5 11.17 0.89 4.90
C GLU A 5 9.76 0.95 4.31
N ILE A 6 9.66 1.04 2.98
CA ILE A 6 8.37 1.21 2.33
C ILE A 6 7.59 -0.09 2.33
N GLU A 7 8.27 -1.21 2.07
CA GLU A 7 7.61 -2.51 2.14
C GLU A 7 7.05 -2.79 3.53
N LYS A 8 7.79 -2.45 4.58
CA LYS A 8 7.32 -2.64 5.96
C LYS A 8 6.12 -1.74 6.26
N GLY A 9 6.23 -0.46 5.90
CA GLY A 9 5.21 0.50 6.25
C GLY A 9 3.90 0.26 5.54
N VAL A 10 3.95 -0.12 4.25
CA VAL A 10 2.71 -0.40 3.53
C VAL A 10 2.07 -1.68 4.08
N THR A 11 2.89 -2.69 4.39
CA THR A 11 2.35 -3.92 4.98
C THR A 11 1.63 -3.63 6.28
N SER A 12 2.26 -2.89 7.19
CA SER A 12 1.63 -2.52 8.46
C SER A 12 0.29 -1.83 8.22
N ILE A 13 0.23 -0.91 7.26
CA ILE A 13 -1.01 -0.17 7.01
C ILE A 13 -2.10 -1.10 6.51
N VAL A 14 -1.75 -1.99 5.59
CA VAL A 14 -2.76 -2.86 5.00
C VAL A 14 -3.25 -3.87 6.05
N ALA A 15 -2.33 -4.37 6.90
CA ALA A 15 -2.70 -5.20 8.05
C ALA A 15 -3.67 -4.49 8.99
N GLU A 16 -3.36 -3.25 9.37
CA GLU A 16 -4.20 -2.51 10.30
C GLU A 16 -5.61 -2.35 9.72
N VAL A 17 -5.69 -1.87 8.48
CA VAL A 17 -6.99 -1.55 7.89
C VAL A 17 -7.82 -2.82 7.70
N THR A 18 -7.18 -3.92 7.35
CA THR A 18 -7.88 -5.14 7.01
C THR A 18 -8.03 -6.11 8.19
N GLU A 19 -7.40 -5.80 9.31
CA GLU A 19 -7.41 -6.65 10.50
C GLU A 19 -6.91 -8.05 10.20
N LEU A 20 -5.80 -8.11 9.48
CA LEU A 20 -5.06 -9.34 9.29
C LEU A 20 -3.65 -9.16 9.81
N ASP A 21 -2.98 -10.28 10.04
CA ASP A 21 -1.64 -10.23 10.57
C ASP A 21 -0.64 -9.83 9.46
N GLU A 22 0.40 -9.08 9.85
CA GLU A 22 1.35 -8.57 8.85
C GLU A 22 2.06 -9.71 8.11
N LYS A 23 2.38 -10.80 8.81
CA LYS A 23 3.04 -11.93 8.16
C LYS A 23 2.15 -12.54 7.08
N GLU A 24 0.85 -12.70 7.37
CA GLU A 24 -0.06 -13.26 6.38
C GLU A 24 -0.25 -12.32 5.19
N ILE A 25 -0.45 -11.03 5.45
CA ILE A 25 -0.61 -10.14 4.31
C ILE A 25 0.64 -10.19 3.45
N TRP A 26 1.82 -10.23 4.10
CA TRP A 26 3.07 -10.32 3.33
C TRP A 26 3.13 -11.61 2.50
N GLU A 27 2.81 -12.76 3.11
CA GLU A 27 2.83 -13.99 2.35
C GLU A 27 1.82 -13.95 1.19
N LYS A 28 0.79 -13.11 1.27
CA LYS A 28 -0.17 -12.97 0.18
C LYS A 28 0.02 -11.68 -0.61
N ARG A 29 1.26 -11.27 -0.82
CA ARG A 29 1.50 -10.03 -1.56
C ARG A 29 1.05 -10.14 -3.03
N ASP A 30 0.97 -11.35 -3.58
CA ASP A 30 0.39 -11.64 -4.89
C ASP A 30 -1.14 -11.61 -4.91
N ALA A 31 -1.79 -11.75 -3.76
CA ALA A 31 -3.23 -11.94 -3.73
C ALA A 31 -3.94 -10.66 -4.18
N ASN A 32 -5.01 -10.85 -4.95
CA ASN A 32 -5.87 -9.74 -5.34
C ASN A 32 -6.76 -9.33 -4.18
N PHE A 33 -6.72 -8.03 -3.86
CA PHE A 33 -7.46 -7.48 -2.72
C PHE A 33 -8.95 -7.80 -2.83
N PHE A 34 -9.56 -7.43 -3.97
CA PHE A 34 -10.98 -7.60 -4.22
C PHE A 34 -11.33 -9.05 -4.57
N GLN A 35 -12.48 -9.55 -4.09
CA GLN A 35 -12.77 -10.99 -4.10
C GLN A 35 -11.52 -11.81 -3.86
N ASP A 36 -11.37 -12.30 -2.61
CA ASP A 36 -10.15 -12.64 -1.86
C ASP A 36 -9.86 -11.64 -0.73
N LEU A 37 -10.46 -11.84 0.46
CA LEU A 37 -10.50 -10.83 1.52
C LEU A 37 -11.37 -9.66 1.11
N GLU A 38 -12.54 -9.50 1.73
CA GLU A 38 -13.41 -8.38 1.36
C GLU A 38 -12.75 -7.06 1.76
N ILE A 39 -11.68 -6.76 1.05
CA ILE A 39 -11.22 -5.39 0.89
C ILE A 39 -12.15 -4.76 -0.15
N ASP A 40 -12.88 -3.73 0.25
CA ASP A 40 -13.76 -3.00 -0.65
C ASP A 40 -13.21 -1.58 -0.85
N SER A 41 -14.00 -0.74 -1.52
CA SER A 41 -13.45 0.55 -1.94
C SER A 41 -13.26 1.49 -0.77
N LEU A 42 -14.05 1.34 0.29
CA LEU A 42 -13.82 2.12 1.51
C LEU A 42 -12.49 1.75 2.16
N LEU A 43 -12.19 0.45 2.27
CA LEU A 43 -10.92 0.05 2.86
C LEU A 43 -9.75 0.52 1.99
N ALA A 44 -9.89 0.43 0.66
CA ALA A 44 -8.81 0.91 -0.22
C ALA A 44 -8.59 2.41 -0.03
N LEU A 45 -9.67 3.16 0.15
CA LEU A 45 -9.53 4.59 0.40
C LEU A 45 -8.83 4.83 1.72
N GLU A 46 -9.08 4.00 2.73
CA GLU A 46 -8.39 4.18 4.00
C GLU A 46 -6.90 3.88 3.85
N ILE A 47 -6.57 2.87 3.04
CA ILE A 47 -5.19 2.53 2.77
C ILE A 47 -4.50 3.71 2.10
N LEU A 48 -5.17 4.27 1.08
CA LEU A 48 -4.66 5.48 0.43
C LEU A 48 -4.28 6.55 1.44
N ALA A 49 -5.23 6.93 2.31
CA ALA A 49 -5.02 8.08 3.17
C ALA A 49 -3.94 7.82 4.20
N LEU A 50 -3.85 6.58 4.68
CA LEU A 50 -2.84 6.25 5.66
C LEU A 50 -1.44 6.23 5.02
N ILE A 51 -1.33 5.81 3.76
CA ILE A 51 -0.04 5.87 3.08
C ILE A 51 0.39 7.30 2.91
N GLU A 52 -0.50 8.15 2.37
CA GLU A 52 -0.18 9.56 2.20
C GLU A 52 0.45 10.13 3.47
N LYS A 53 0.07 9.58 4.63
CA LYS A 53 0.40 10.17 5.92
C LYS A 53 1.74 9.67 6.45
N LYS A 54 1.89 8.36 6.67
CA LYS A 54 3.11 7.86 7.29
C LYS A 54 4.33 8.15 6.43
N PHE A 55 4.14 8.41 5.14
CA PHE A 55 5.24 8.74 4.25
C PHE A 55 5.28 10.23 3.90
N LYS A 56 4.26 10.99 4.32
CA LYS A 56 4.19 12.43 4.09
C LYS A 56 4.33 12.72 2.60
N VAL A 57 3.34 12.20 1.88
CA VAL A 57 3.36 12.00 0.43
C VAL A 57 2.00 12.46 -0.06
N GLN A 58 1.75 12.35 -1.37
CA GLN A 58 0.45 12.75 -1.86
C GLN A 58 0.01 11.95 -3.09
N ILE A 59 -0.87 10.97 -2.86
CA ILE A 59 -1.30 10.05 -3.91
C ILE A 59 -2.58 10.59 -4.53
N PRO A 60 -2.56 11.05 -5.78
CA PRO A 60 -3.76 11.60 -6.39
C PRO A 60 -4.92 10.62 -6.38
N GLU A 61 -6.12 11.18 -6.42
CA GLU A 61 -7.35 10.40 -6.33
C GLU A 61 -7.39 9.30 -7.39
N GLU A 62 -6.97 9.62 -8.63
CA GLU A 62 -6.86 8.61 -9.68
C GLU A 62 -6.41 7.28 -9.12
N LYS A 63 -5.17 7.23 -8.63
CA LYS A 63 -4.48 5.97 -8.39
C LYS A 63 -5.17 5.07 -7.37
N LEU A 64 -6.30 5.52 -6.80
CA LEU A 64 -7.32 4.60 -6.28
C LEU A 64 -7.24 3.23 -6.93
N VAL A 65 -7.37 3.18 -8.26
CA VAL A 65 -7.64 1.94 -8.98
C VAL A 65 -6.51 0.94 -8.78
N ASP A 66 -5.27 1.42 -8.73
CA ASP A 66 -4.12 0.54 -8.49
C ASP A 66 -4.33 -0.35 -7.26
N ILE A 67 -4.49 0.25 -6.09
CA ILE A 67 -4.54 -0.46 -4.80
C ILE A 67 -5.38 -1.73 -4.92
N THR A 68 -4.81 -2.75 -5.57
CA THR A 68 -5.44 -4.04 -5.82
C THR A 68 -4.75 -5.22 -5.12
N SER A 69 -3.43 -5.17 -4.96
CA SER A 69 -2.73 -6.16 -4.15
C SER A 69 -1.67 -5.42 -3.33
N LEU A 70 -1.12 -6.11 -2.34
CA LEU A 70 -0.07 -5.47 -1.55
C LEU A 70 1.10 -5.08 -2.44
N SER A 71 1.49 -5.97 -3.37
CA SER A 71 2.61 -5.65 -4.24
C SER A 71 2.32 -4.43 -5.11
N ALA A 72 1.12 -4.37 -5.71
CA ALA A 72 0.76 -3.22 -6.51
C ALA A 72 0.76 -1.94 -5.66
N THR A 73 0.30 -2.05 -4.42
CA THR A 73 0.23 -0.88 -3.56
C THR A 73 1.63 -0.41 -3.16
N ILE A 74 2.54 -1.36 -2.92
CA ILE A 74 3.94 -1.03 -2.68
C ILE A 74 4.53 -0.32 -3.90
N GLY A 75 4.33 -0.89 -5.08
CA GLY A 75 4.85 -0.28 -6.29
C GLY A 75 4.30 1.12 -6.49
N LEU A 76 3.02 1.31 -6.17
CA LEU A 76 2.43 2.64 -6.25
C LEU A 76 3.14 3.60 -5.32
N THR A 77 3.35 3.16 -4.07
CA THR A 77 3.97 4.02 -3.09
C THR A 77 5.41 4.37 -3.52
N LYS A 78 6.12 3.40 -4.09
CA LYS A 78 7.47 3.68 -4.57
C LYS A 78 7.46 4.71 -5.71
N SER A 79 6.60 4.50 -6.71
CA SER A 79 6.48 5.44 -7.83
C SER A 79 6.18 6.85 -7.36
N VAL A 80 5.26 7.00 -6.41
CA VAL A 80 4.91 8.33 -5.90
C VAL A 80 6.05 8.90 -5.08
N LEU A 81 6.77 8.05 -4.35
CA LEU A 81 7.92 8.55 -3.60
C LEU A 81 9.04 9.00 -4.53
N ALA A 82 9.22 8.30 -5.66
CA ALA A 82 10.26 8.69 -6.62
C ALA A 82 9.90 10.02 -7.28
N GLU A 83 8.62 10.24 -7.57
CA GLU A 83 8.17 11.53 -8.06
C GLU A 83 8.41 12.64 -7.04
N SER A 84 8.44 12.32 -5.75
CA SER A 84 8.70 13.28 -4.69
C SER A 84 10.18 13.45 -4.40
N GLY A 85 11.05 12.76 -5.14
CA GLY A 85 12.47 12.88 -4.92
C GLY A 85 13.02 12.18 -3.70
N LYS A 86 12.20 11.40 -2.96
CA LYS A 86 12.76 10.83 -1.75
C LYS A 86 12.65 9.30 -1.69
N LEU A 87 12.77 8.62 -2.84
CA LEU A 87 12.91 7.17 -2.89
C LEU A 87 14.37 6.79 -2.90
N GLU A 88 14.80 5.96 -1.96
CA GLU A 88 16.14 5.38 -2.01
C GLU A 88 15.96 3.90 -2.38
N HIS A 89 16.59 3.49 -3.50
CA HIS A 89 16.22 2.25 -4.18
C HIS A 89 17.35 1.52 -4.91
N HIS A 90 17.44 0.21 -4.68
CA HIS A 90 18.52 -0.58 -5.27
C HIS A 90 18.03 -1.43 -6.45
N ASP A 2 13.51 4.62 1.11
CA ASP A 2 14.03 3.36 1.66
C ASP A 2 13.14 2.14 1.39
N ASP A 3 13.61 1.12 0.67
CA ASP A 3 12.69 0.10 0.21
C ASP A 3 12.22 -0.82 1.34
N GLU A 4 13.11 -1.15 2.28
CA GLU A 4 12.70 -1.88 3.48
C GLU A 4 11.55 -1.15 4.17
N GLU A 5 11.78 0.12 4.53
CA GLU A 5 10.75 0.95 5.15
C GLU A 5 9.46 0.92 4.35
N ILE A 6 9.57 1.08 3.02
CA ILE A 6 8.36 1.16 2.21
C ILE A 6 7.59 -0.15 2.31
N GLU A 7 8.28 -1.26 2.06
CA GLU A 7 7.63 -2.57 2.12
C GLU A 7 7.00 -2.82 3.48
N LYS A 8 7.71 -2.51 4.56
CA LYS A 8 7.21 -2.81 5.89
C LYS A 8 6.13 -1.81 6.32
N GLY A 9 6.28 -0.55 5.91
CA GLY A 9 5.27 0.46 6.22
C GLY A 9 3.95 0.22 5.52
N VAL A 10 3.98 -0.14 4.24
CA VAL A 10 2.74 -0.40 3.53
C VAL A 10 2.09 -1.68 4.07
N THR A 11 2.90 -2.71 4.35
CA THR A 11 2.36 -3.94 4.92
C THR A 11 1.62 -3.67 6.23
N SER A 12 2.22 -2.88 7.12
CA SER A 12 1.60 -2.60 8.41
C SER A 12 0.27 -1.85 8.22
N ILE A 13 0.23 -0.91 7.29
CA ILE A 13 -1.02 -0.17 7.04
C ILE A 13 -2.09 -1.11 6.50
N VAL A 14 -1.74 -1.98 5.56
CA VAL A 14 -2.75 -2.85 4.99
C VAL A 14 -3.25 -3.84 6.05
N ALA A 15 -2.33 -4.31 6.91
CA ALA A 15 -2.69 -5.18 8.03
C ALA A 15 -3.72 -4.53 8.95
N GLU A 16 -3.47 -3.29 9.38
CA GLU A 16 -4.37 -2.69 10.37
C GLU A 16 -5.72 -2.40 9.74
N VAL A 17 -5.74 -2.03 8.45
CA VAL A 17 -7.00 -1.78 7.76
C VAL A 17 -7.81 -3.06 7.56
N THR A 18 -7.19 -4.10 7.03
CA THR A 18 -7.88 -5.37 6.85
C THR A 18 -8.07 -6.11 8.16
N GLU A 19 -7.41 -5.66 9.22
CA GLU A 19 -7.48 -6.32 10.52
C GLU A 19 -6.98 -7.76 10.39
N LEU A 20 -5.83 -7.91 9.72
CA LEU A 20 -5.14 -9.19 9.52
C LEU A 20 -3.69 -9.08 10.00
N ASP A 21 -3.00 -10.23 10.11
CA ASP A 21 -1.63 -10.20 10.60
C ASP A 21 -0.66 -9.80 9.48
N GLU A 22 0.38 -9.04 9.86
CA GLU A 22 1.33 -8.53 8.87
C GLU A 22 2.06 -9.68 8.16
N LYS A 23 2.55 -10.67 8.90
CA LYS A 23 3.23 -11.78 8.25
C LYS A 23 2.30 -12.47 7.25
N GLU A 24 1.03 -12.62 7.63
CA GLU A 24 0.07 -13.27 6.75
C GLU A 24 -0.16 -12.47 5.48
N ILE A 25 -0.34 -11.15 5.57
CA ILE A 25 -0.61 -10.38 4.35
C ILE A 25 0.64 -10.30 3.50
N TRP A 26 1.83 -10.29 4.14
CA TRP A 26 3.06 -10.35 3.35
C TRP A 26 3.13 -11.63 2.51
N GLU A 27 2.75 -12.77 3.09
CA GLU A 27 2.65 -14.00 2.30
C GLU A 27 1.73 -13.82 1.08
N LYS A 28 0.64 -13.10 1.24
CA LYS A 28 -0.35 -12.94 0.19
C LYS A 28 -0.12 -11.68 -0.63
N ARG A 29 1.15 -11.30 -0.78
CA ARG A 29 1.45 -10.01 -1.41
C ARG A 29 1.01 -9.95 -2.87
N ASP A 30 1.07 -11.07 -3.60
CA ASP A 30 0.56 -11.16 -4.97
C ASP A 30 -0.95 -11.43 -5.03
N ALA A 31 -1.63 -11.53 -3.90
CA ALA A 31 -3.04 -11.88 -3.90
C ALA A 31 -3.89 -10.66 -4.21
N ASN A 32 -4.84 -10.85 -5.13
CA ASN A 32 -5.73 -9.77 -5.53
C ASN A 32 -6.46 -9.16 -4.34
N PHE A 33 -6.62 -7.84 -4.35
CA PHE A 33 -7.40 -7.16 -3.32
C PHE A 33 -8.89 -7.34 -3.57
N PHE A 34 -9.37 -6.86 -4.72
CA PHE A 34 -10.81 -6.86 -4.94
C PHE A 34 -11.36 -8.23 -5.30
N GLN A 35 -12.60 -8.52 -4.89
CA GLN A 35 -13.09 -9.90 -4.78
C GLN A 35 -11.95 -10.87 -4.46
N ASP A 36 -11.20 -10.59 -3.42
CA ASP A 36 -10.30 -11.56 -2.81
C ASP A 36 -9.90 -11.13 -1.40
N LEU A 37 -10.86 -11.14 -0.47
CA LEU A 37 -10.77 -10.45 0.82
C LEU A 37 -11.24 -9.02 0.68
N GLU A 38 -12.28 -8.64 1.40
CA GLU A 38 -13.07 -7.47 1.04
C GLU A 38 -12.37 -6.19 1.46
N ILE A 39 -11.24 -5.94 0.80
CA ILE A 39 -10.69 -4.60 0.69
C ILE A 39 -11.41 -3.87 -0.43
N ASP A 40 -12.73 -3.79 -0.31
CA ASP A 40 -13.57 -2.95 -1.16
C ASP A 40 -13.10 -1.51 -1.06
N SER A 41 -13.92 -0.60 -1.59
CA SER A 41 -13.42 0.73 -1.91
C SER A 41 -13.22 1.59 -0.67
N LEU A 42 -14.03 1.40 0.37
CA LEU A 42 -13.80 2.14 1.61
C LEU A 42 -12.47 1.77 2.24
N LEU A 43 -12.17 0.47 2.31
CA LEU A 43 -10.89 0.07 2.88
C LEU A 43 -9.73 0.53 2.00
N ALA A 44 -9.90 0.44 0.67
CA ALA A 44 -8.83 0.90 -0.23
C ALA A 44 -8.63 2.40 -0.10
N LEU A 45 -9.72 3.16 -0.07
CA LEU A 45 -9.63 4.58 0.24
C LEU A 45 -8.91 4.80 1.57
N GLU A 46 -9.16 3.92 2.55
CA GLU A 46 -8.53 4.05 3.86
C GLU A 46 -7.02 3.80 3.75
N ILE A 47 -6.65 2.81 2.95
CA ILE A 47 -5.24 2.49 2.77
C ILE A 47 -4.53 3.68 2.14
N LEU A 48 -5.10 4.21 1.06
CA LEU A 48 -4.53 5.38 0.39
C LEU A 48 -4.24 6.49 1.39
N ALA A 49 -5.22 6.84 2.22
CA ALA A 49 -5.09 7.99 3.11
C ALA A 49 -3.99 7.77 4.14
N LEU A 50 -3.89 6.53 4.63
CA LEU A 50 -2.87 6.23 5.63
C LEU A 50 -1.47 6.24 5.02
N ILE A 51 -1.33 5.81 3.76
CA ILE A 51 -0.03 5.88 3.12
C ILE A 51 0.39 7.34 2.99
N GLU A 52 -0.53 8.18 2.50
CA GLU A 52 -0.24 9.61 2.43
C GLU A 52 0.26 10.13 3.78
N LYS A 53 -0.49 9.90 4.84
CA LYS A 53 -0.09 10.49 6.13
C LYS A 53 1.09 9.75 6.76
N LYS A 54 1.40 8.53 6.30
CA LYS A 54 2.60 7.85 6.74
C LYS A 54 3.84 8.46 6.10
N PHE A 55 3.94 8.39 4.77
CA PHE A 55 5.12 8.73 4.00
C PHE A 55 5.14 10.23 3.61
N LYS A 56 4.22 11.01 4.15
CA LYS A 56 4.07 12.44 3.92
C LYS A 56 4.22 12.76 2.43
N VAL A 57 3.40 12.05 1.65
CA VAL A 57 3.47 12.03 0.21
C VAL A 57 2.09 12.36 -0.32
N GLN A 58 2.06 12.83 -1.56
CA GLN A 58 0.82 13.19 -2.24
C GLN A 58 0.43 12.06 -3.17
N ILE A 59 -0.87 11.80 -3.28
CA ILE A 59 -1.39 10.79 -4.18
C ILE A 59 -2.62 11.35 -4.87
N PRO A 60 -2.59 11.60 -6.18
CA PRO A 60 -3.83 11.90 -6.90
C PRO A 60 -4.90 10.87 -6.58
N GLU A 61 -6.15 11.30 -6.77
CA GLU A 61 -7.28 10.38 -6.71
C GLU A 61 -7.23 9.38 -7.86
N GLU A 62 -6.35 9.63 -8.84
CA GLU A 62 -6.31 8.80 -10.05
C GLU A 62 -5.73 7.43 -9.80
N LYS A 63 -4.89 7.30 -8.77
CA LYS A 63 -4.08 6.10 -8.59
C LYS A 63 -4.70 5.10 -7.63
N LEU A 64 -5.82 5.45 -7.00
CA LEU A 64 -6.59 4.44 -6.28
C LEU A 64 -6.77 3.18 -7.11
N VAL A 65 -6.86 3.30 -8.45
CA VAL A 65 -7.10 2.14 -9.30
C VAL A 65 -5.81 1.33 -9.50
N ASP A 66 -4.73 1.76 -8.85
CA ASP A 66 -3.51 0.97 -8.74
C ASP A 66 -3.54 0.07 -7.51
N ILE A 67 -4.52 0.26 -6.63
CA ILE A 67 -4.51 -0.37 -5.32
C ILE A 67 -5.28 -1.68 -5.39
N THR A 68 -4.65 -2.71 -5.96
CA THR A 68 -5.25 -4.02 -6.21
C THR A 68 -4.54 -5.19 -5.54
N SER A 69 -3.40 -4.97 -4.89
CA SER A 69 -2.73 -6.00 -4.11
C SER A 69 -1.67 -5.32 -3.28
N LEU A 70 -1.08 -6.05 -2.33
CA LEU A 70 -0.01 -5.44 -1.56
C LEU A 70 1.15 -5.04 -2.47
N SER A 71 1.52 -5.93 -3.40
CA SER A 71 2.65 -5.63 -4.27
C SER A 71 2.34 -4.46 -5.20
N ALA A 72 1.11 -4.40 -5.73
CA ALA A 72 0.69 -3.23 -6.49
C ALA A 72 0.72 -1.98 -5.64
N THR A 73 0.27 -2.09 -4.39
CA THR A 73 0.20 -0.93 -3.52
C THR A 73 1.59 -0.45 -3.14
N ILE A 74 2.51 -1.40 -2.94
CA ILE A 74 3.91 -1.05 -2.68
C ILE A 74 4.51 -0.36 -3.90
N GLY A 75 4.27 -0.89 -5.09
CA GLY A 75 4.80 -0.28 -6.29
C GLY A 75 4.26 1.12 -6.50
N LEU A 76 2.97 1.31 -6.22
CA LEU A 76 2.39 2.66 -6.28
C LEU A 76 3.13 3.60 -5.35
N THR A 77 3.35 3.16 -4.11
CA THR A 77 3.99 4.01 -3.13
C THR A 77 5.44 4.35 -3.56
N LYS A 78 6.18 3.35 -4.03
CA LYS A 78 7.53 3.62 -4.53
C LYS A 78 7.51 4.70 -5.61
N SER A 79 6.66 4.52 -6.62
CA SER A 79 6.62 5.43 -7.76
C SER A 79 6.27 6.85 -7.32
N VAL A 80 5.30 7.00 -6.41
CA VAL A 80 4.94 8.33 -5.93
C VAL A 80 6.05 8.90 -5.06
N LEU A 81 6.79 8.06 -4.35
CA LEU A 81 7.93 8.57 -3.60
C LEU A 81 9.04 9.02 -4.55
N ALA A 82 9.23 8.32 -5.67
CA ALA A 82 10.28 8.69 -6.62
C ALA A 82 9.93 10.02 -7.31
N GLU A 83 8.65 10.23 -7.60
CA GLU A 83 8.23 11.50 -8.18
C GLU A 83 8.40 12.66 -7.21
N SER A 84 8.51 12.39 -5.90
CA SER A 84 8.73 13.43 -4.91
C SER A 84 10.21 13.58 -4.52
N GLY A 85 11.11 12.84 -5.15
CA GLY A 85 12.49 12.86 -4.72
C GLY A 85 12.75 12.42 -3.29
N LYS A 86 12.10 11.33 -2.83
CA LYS A 86 12.56 10.77 -1.56
C LYS A 86 12.52 9.23 -1.57
N LEU A 87 12.88 8.61 -2.69
CA LEU A 87 13.01 7.16 -2.79
C LEU A 87 14.48 6.78 -2.87
N GLU A 88 14.96 5.97 -1.92
CA GLU A 88 16.26 5.30 -2.04
C GLU A 88 15.95 3.86 -2.48
N HIS A 89 16.37 3.52 -3.69
CA HIS A 89 16.00 2.27 -4.34
C HIS A 89 17.23 1.63 -4.97
N HIS A 90 17.29 0.31 -5.03
CA HIS A 90 18.50 -0.29 -5.63
C HIS A 90 18.21 -1.51 -6.51
N ASP A 2 13.10 4.55 0.50
CA ASP A 2 13.79 3.36 1.04
C ASP A 2 13.05 1.98 1.00
N ASP A 3 13.47 1.04 0.13
CA ASP A 3 12.53 0.02 -0.34
C ASP A 3 12.04 -0.91 0.79
N GLU A 4 12.96 -1.48 1.57
CA GLU A 4 12.52 -2.43 2.61
C GLU A 4 11.63 -1.72 3.64
N GLU A 5 11.96 -0.45 3.95
CA GLU A 5 11.18 0.32 4.90
C GLU A 5 9.84 0.73 4.31
N ILE A 6 9.77 0.94 3.00
CA ILE A 6 8.48 1.19 2.38
C ILE A 6 7.65 -0.09 2.37
N GLU A 7 8.29 -1.21 2.06
CA GLU A 7 7.59 -2.49 2.05
C GLU A 7 6.99 -2.82 3.41
N LYS A 8 7.70 -2.51 4.50
CA LYS A 8 7.15 -2.82 5.82
C LYS A 8 6.10 -1.81 6.26
N GLY A 9 6.27 -0.54 5.88
CA GLY A 9 5.28 0.47 6.19
C GLY A 9 3.96 0.23 5.50
N VAL A 10 3.98 -0.15 4.22
CA VAL A 10 2.73 -0.41 3.51
C VAL A 10 2.09 -1.68 4.05
N THR A 11 2.89 -2.74 4.27
CA THR A 11 2.36 -3.95 4.87
C THR A 11 1.62 -3.64 6.18
N SER A 12 2.25 -2.86 7.05
CA SER A 12 1.66 -2.56 8.34
C SER A 12 0.33 -1.81 8.20
N ILE A 13 0.26 -0.88 7.23
CA ILE A 13 -1.00 -0.17 6.97
C ILE A 13 -2.08 -1.12 6.48
N VAL A 14 -1.75 -1.99 5.55
CA VAL A 14 -2.77 -2.86 4.97
C VAL A 14 -3.26 -3.85 6.03
N ALA A 15 -2.34 -4.37 6.85
CA ALA A 15 -2.70 -5.22 7.98
C ALA A 15 -3.66 -4.50 8.94
N GLU A 16 -3.39 -3.23 9.25
CA GLU A 16 -4.23 -2.50 10.19
C GLU A 16 -5.64 -2.30 9.62
N VAL A 17 -5.73 -1.93 8.33
CA VAL A 17 -7.03 -1.69 7.71
C VAL A 17 -7.82 -2.98 7.55
N THR A 18 -7.19 -4.05 7.11
CA THR A 18 -7.89 -5.31 6.90
C THR A 18 -8.05 -6.10 8.20
N GLU A 19 -7.41 -5.67 9.28
CA GLU A 19 -7.46 -6.37 10.54
C GLU A 19 -6.94 -7.81 10.37
N LEU A 20 -5.81 -7.92 9.70
CA LEU A 20 -5.10 -9.18 9.49
C LEU A 20 -3.67 -9.11 9.99
N ASP A 21 -3.04 -10.27 10.08
CA ASP A 21 -1.68 -10.40 10.56
C ASP A 21 -0.67 -9.93 9.50
N GLU A 22 0.34 -9.17 9.93
CA GLU A 22 1.30 -8.62 8.99
C GLU A 22 2.04 -9.70 8.20
N LYS A 23 2.49 -10.79 8.88
CA LYS A 23 3.17 -11.84 8.13
C LYS A 23 2.20 -12.51 7.16
N GLU A 24 0.97 -12.75 7.63
CA GLU A 24 0.02 -13.51 6.83
C GLU A 24 -0.20 -12.82 5.49
N ILE A 25 -0.23 -11.48 5.46
CA ILE A 25 -0.56 -10.82 4.21
C ILE A 25 0.69 -10.42 3.44
N TRP A 26 1.84 -10.33 4.11
CA TRP A 26 3.08 -10.36 3.35
C TRP A 26 3.16 -11.64 2.50
N GLU A 27 2.80 -12.78 3.10
CA GLU A 27 2.77 -14.02 2.33
C GLU A 27 1.87 -13.92 1.10
N LYS A 28 0.74 -13.22 1.22
CA LYS A 28 -0.19 -13.05 0.12
C LYS A 28 0.02 -11.73 -0.60
N ARG A 29 1.28 -11.30 -0.73
CA ARG A 29 1.54 -9.98 -1.30
C ARG A 29 1.11 -9.85 -2.76
N ASP A 30 1.28 -10.90 -3.57
CA ASP A 30 0.87 -10.85 -4.97
C ASP A 30 -0.42 -11.61 -5.19
N ALA A 31 -1.37 -11.49 -4.26
CA ALA A 31 -2.75 -11.86 -4.46
C ALA A 31 -3.57 -10.60 -4.71
N ASN A 32 -4.89 -10.76 -4.79
CA ASN A 32 -5.75 -9.69 -5.25
C ASN A 32 -6.53 -9.06 -4.11
N PHE A 33 -6.71 -7.74 -4.15
CA PHE A 33 -7.64 -7.08 -3.22
C PHE A 33 -9.06 -7.13 -3.77
N PHE A 34 -9.27 -6.55 -4.97
CA PHE A 34 -10.60 -6.56 -5.55
C PHE A 34 -10.96 -7.93 -6.12
N GLN A 35 -12.26 -8.32 -6.03
CA GLN A 35 -12.63 -9.74 -5.94
C GLN A 35 -11.50 -10.62 -5.42
N ASP A 36 -11.22 -10.54 -4.12
CA ASP A 36 -10.28 -11.40 -3.41
C ASP A 36 -10.09 -10.97 -1.96
N LEU A 37 -10.67 -11.71 -1.02
CA LEU A 37 -10.79 -11.24 0.36
C LEU A 37 -11.31 -9.81 0.41
N GLU A 38 -12.59 -9.58 0.08
CA GLU A 38 -13.16 -8.24 -0.20
C GLU A 38 -12.28 -7.13 0.36
N ILE A 39 -12.05 -6.11 -0.45
CA ILE A 39 -11.39 -4.89 0.02
C ILE A 39 -12.01 -3.72 -0.73
N ASP A 40 -13.33 -3.68 -0.70
CA ASP A 40 -14.15 -2.64 -1.28
C ASP A 40 -13.49 -1.27 -1.16
N SER A 41 -14.13 -0.29 -1.80
CA SER A 41 -13.46 0.97 -2.03
C SER A 41 -13.23 1.73 -0.74
N LEU A 42 -14.04 1.48 0.29
CA LEU A 42 -13.83 2.15 1.55
C LEU A 42 -12.50 1.75 2.17
N LEU A 43 -12.24 0.45 2.25
CA LEU A 43 -10.97 -0.02 2.79
C LEU A 43 -9.80 0.50 1.95
N ALA A 44 -9.93 0.40 0.62
CA ALA A 44 -8.83 0.85 -0.24
C ALA A 44 -8.61 2.34 -0.07
N LEU A 45 -9.67 3.07 0.27
CA LEU A 45 -9.51 4.50 0.44
C LEU A 45 -8.82 4.82 1.75
N GLU A 46 -9.04 4.01 2.79
CA GLU A 46 -8.34 4.23 4.04
C GLU A 46 -6.85 3.93 3.87
N ILE A 47 -6.54 2.88 3.11
CA ILE A 47 -5.15 2.52 2.85
C ILE A 47 -4.45 3.69 2.18
N LEU A 48 -5.06 4.23 1.12
CA LEU A 48 -4.48 5.38 0.44
C LEU A 48 -4.21 6.51 1.42
N ALA A 49 -5.20 6.84 2.26
CA ALA A 49 -5.08 7.97 3.18
C ALA A 49 -3.95 7.76 4.17
N LEU A 50 -3.83 6.56 4.71
CA LEU A 50 -2.80 6.29 5.69
C LEU A 50 -1.41 6.26 5.05
N ILE A 51 -1.30 5.82 3.80
CA ILE A 51 -0.01 5.87 3.12
C ILE A 51 0.41 7.33 2.97
N GLU A 52 -0.50 8.17 2.46
CA GLU A 52 -0.18 9.58 2.24
C GLU A 52 0.54 10.16 3.44
N LYS A 53 0.09 9.85 4.65
CA LYS A 53 0.64 10.52 5.82
C LYS A 53 1.85 9.78 6.37
N LYS A 54 1.82 8.44 6.34
CA LYS A 54 3.01 7.66 6.65
C LYS A 54 4.22 8.15 5.86
N PHE A 55 4.06 8.36 4.56
CA PHE A 55 5.16 8.71 3.67
C PHE A 55 5.10 10.18 3.20
N LYS A 56 4.53 11.05 4.04
CA LYS A 56 4.40 12.50 3.82
C LYS A 56 4.15 12.83 2.36
N VAL A 57 3.37 11.97 1.71
CA VAL A 57 3.06 12.16 0.30
C VAL A 57 1.58 12.47 0.19
N GLN A 58 1.25 13.23 -0.84
CA GLN A 58 -0.09 13.26 -1.38
C GLN A 58 -0.17 12.25 -2.52
N ILE A 59 -1.30 11.55 -2.60
CA ILE A 59 -1.56 10.58 -3.66
C ILE A 59 -2.96 10.82 -4.19
N PRO A 60 -3.13 11.25 -5.43
CA PRO A 60 -4.46 11.69 -5.87
C PRO A 60 -5.44 10.53 -5.97
N GLU A 61 -6.54 10.80 -6.68
CA GLU A 61 -7.61 9.83 -6.88
C GLU A 61 -7.55 9.23 -8.28
N GLU A 62 -6.47 9.49 -9.03
CA GLU A 62 -6.26 8.77 -10.28
C GLU A 62 -5.95 7.32 -10.02
N LYS A 63 -5.50 7.01 -8.81
CA LYS A 63 -4.67 5.84 -8.55
C LYS A 63 -5.24 4.89 -7.52
N LEU A 64 -6.47 5.12 -7.03
CA LEU A 64 -7.14 4.09 -6.23
C LEU A 64 -7.23 2.77 -6.99
N VAL A 65 -7.12 2.81 -8.32
CA VAL A 65 -7.18 1.59 -9.14
C VAL A 65 -5.82 0.88 -9.15
N ASP A 66 -4.93 1.28 -8.24
CA ASP A 66 -3.64 0.62 -8.06
C ASP A 66 -3.56 -0.10 -6.72
N ILE A 67 -4.62 0.01 -5.92
CA ILE A 67 -4.69 -0.61 -4.60
C ILE A 67 -5.42 -1.93 -4.78
N THR A 68 -4.77 -2.86 -5.46
CA THR A 68 -5.35 -4.12 -5.92
C THR A 68 -4.58 -5.34 -5.46
N SER A 69 -3.36 -5.15 -4.98
CA SER A 69 -2.61 -6.18 -4.27
C SER A 69 -1.62 -5.44 -3.37
N LEU A 70 -1.02 -6.15 -2.43
CA LEU A 70 0.01 -5.49 -1.66
C LEU A 70 1.15 -5.06 -2.57
N SER A 71 1.56 -5.95 -3.49
CA SER A 71 2.64 -5.62 -4.42
C SER A 71 2.32 -4.38 -5.24
N ALA A 72 1.13 -4.34 -5.82
CA ALA A 72 0.72 -3.15 -6.57
C ALA A 72 0.72 -1.91 -5.69
N THR A 73 0.26 -2.05 -4.46
CA THR A 73 0.19 -0.89 -3.56
C THR A 73 1.59 -0.43 -3.18
N ILE A 74 2.51 -1.39 -3.00
CA ILE A 74 3.91 -1.04 -2.72
C ILE A 74 4.52 -0.34 -3.91
N GLY A 75 4.27 -0.85 -5.12
CA GLY A 75 4.83 -0.23 -6.31
C GLY A 75 4.27 1.16 -6.53
N LEU A 76 2.98 1.33 -6.28
CA LEU A 76 2.38 2.67 -6.30
C LEU A 76 3.11 3.61 -5.35
N THR A 77 3.35 3.15 -4.12
CA THR A 77 3.97 4.01 -3.13
C THR A 77 5.42 4.35 -3.54
N LYS A 78 6.15 3.37 -4.06
CA LYS A 78 7.52 3.64 -4.52
C LYS A 78 7.55 4.72 -5.60
N SER A 79 6.79 4.52 -6.67
CA SER A 79 6.85 5.44 -7.80
C SER A 79 6.35 6.83 -7.44
N VAL A 80 5.34 6.90 -6.57
CA VAL A 80 4.91 8.18 -6.02
C VAL A 80 6.01 8.81 -5.18
N LEU A 81 6.75 8.00 -4.42
CA LEU A 81 7.89 8.55 -3.70
C LEU A 81 8.98 9.00 -4.68
N ALA A 82 9.21 8.25 -5.76
CA ALA A 82 10.23 8.64 -6.74
C ALA A 82 9.87 9.96 -7.39
N GLU A 83 8.58 10.16 -7.68
CA GLU A 83 8.08 11.46 -8.11
C GLU A 83 8.36 12.57 -7.09
N SER A 84 8.52 12.23 -5.82
CA SER A 84 8.75 13.19 -4.75
C SER A 84 10.23 13.42 -4.43
N GLY A 85 11.15 12.84 -5.21
CA GLY A 85 12.54 12.88 -4.79
C GLY A 85 12.79 12.30 -3.42
N LYS A 86 11.92 11.38 -2.98
CA LYS A 86 12.07 10.72 -1.68
C LYS A 86 12.75 9.34 -1.82
N LEU A 87 12.36 8.55 -2.80
CA LEU A 87 12.75 7.14 -2.92
C LEU A 87 14.27 6.97 -2.86
N GLU A 88 14.72 6.05 -2.01
CA GLU A 88 16.11 5.59 -2.04
C GLU A 88 16.03 4.08 -2.33
N HIS A 89 16.46 3.69 -3.53
CA HIS A 89 15.98 2.46 -4.18
C HIS A 89 17.10 1.55 -4.64
N HIS A 90 17.08 0.29 -4.22
CA HIS A 90 18.14 -0.63 -4.62
C HIS A 90 17.54 -1.86 -5.30
N ASP A 2 13.71 3.65 -0.27
CA ASP A 2 14.18 2.58 0.64
C ASP A 2 13.22 1.42 0.70
N ASP A 3 13.59 0.35 0.02
CA ASP A 3 12.61 -0.63 -0.38
C ASP A 3 12.04 -1.35 0.83
N GLU A 4 12.89 -1.58 1.84
CA GLU A 4 12.49 -2.33 3.03
C GLU A 4 11.50 -1.52 3.87
N GLU A 5 11.86 -0.27 4.17
CA GLU A 5 11.03 0.52 5.06
C GLU A 5 9.70 0.88 4.37
N ILE A 6 9.70 1.01 3.05
CA ILE A 6 8.45 1.19 2.33
C ILE A 6 7.63 -0.10 2.35
N GLU A 7 8.28 -1.23 2.06
CA GLU A 7 7.58 -2.51 2.07
C GLU A 7 7.01 -2.82 3.44
N LYS A 8 7.74 -2.52 4.51
CA LYS A 8 7.24 -2.78 5.87
C LYS A 8 6.12 -1.81 6.25
N GLY A 9 6.27 -0.54 5.85
CA GLY A 9 5.26 0.45 6.16
C GLY A 9 3.94 0.21 5.46
N VAL A 10 3.98 -0.15 4.18
CA VAL A 10 2.73 -0.42 3.48
C VAL A 10 2.08 -1.68 4.04
N THR A 11 2.89 -2.71 4.31
CA THR A 11 2.35 -3.94 4.91
C THR A 11 1.62 -3.63 6.22
N SER A 12 2.25 -2.85 7.09
CA SER A 12 1.64 -2.52 8.37
C SER A 12 0.30 -1.79 8.20
N ILE A 13 0.22 -0.87 7.23
CA ILE A 13 -1.02 -0.15 7.00
C ILE A 13 -2.11 -1.10 6.50
N VAL A 14 -1.77 -1.98 5.57
CA VAL A 14 -2.79 -2.85 4.99
C VAL A 14 -3.27 -3.85 6.04
N ALA A 15 -2.32 -4.39 6.83
CA ALA A 15 -2.68 -5.28 7.94
C ALA A 15 -3.68 -4.63 8.86
N GLU A 16 -3.44 -3.39 9.23
CA GLU A 16 -4.21 -2.82 10.31
C GLU A 16 -5.58 -2.33 9.80
N VAL A 17 -5.64 -1.91 8.53
CA VAL A 17 -6.94 -1.60 7.91
C VAL A 17 -7.77 -2.87 7.70
N THR A 18 -7.15 -3.96 7.27
CA THR A 18 -7.87 -5.20 7.02
C THR A 18 -8.00 -6.07 8.27
N GLU A 19 -7.39 -5.68 9.38
CA GLU A 19 -7.35 -6.48 10.60
C GLU A 19 -6.90 -7.91 10.30
N LEU A 20 -5.84 -8.03 9.51
CA LEU A 20 -5.11 -9.27 9.34
C LEU A 20 -3.70 -9.13 9.87
N ASP A 21 -3.03 -10.27 10.00
CA ASP A 21 -1.67 -10.33 10.54
C ASP A 21 -0.66 -9.90 9.48
N GLU A 22 0.35 -9.12 9.90
CA GLU A 22 1.38 -8.64 8.97
C GLU A 22 2.04 -9.77 8.19
N LYS A 23 2.45 -10.85 8.87
CA LYS A 23 3.09 -11.96 8.16
C LYS A 23 2.15 -12.55 7.13
N GLU A 24 0.88 -12.75 7.50
CA GLU A 24 -0.05 -13.45 6.65
C GLU A 24 -0.24 -12.70 5.33
N ILE A 25 -0.33 -11.37 5.38
CA ILE A 25 -0.62 -10.68 4.13
C ILE A 25 0.66 -10.34 3.38
N TRP A 26 1.81 -10.30 4.08
CA TRP A 26 3.06 -10.35 3.32
C TRP A 26 3.14 -11.63 2.49
N GLU A 27 2.78 -12.77 3.08
CA GLU A 27 2.78 -14.03 2.33
C GLU A 27 1.92 -13.96 1.08
N LYS A 28 0.82 -13.24 1.13
CA LYS A 28 -0.12 -13.12 0.04
C LYS A 28 -0.03 -11.75 -0.63
N ARG A 29 1.20 -11.27 -0.79
CA ARG A 29 1.42 -9.96 -1.38
C ARG A 29 0.91 -9.84 -2.82
N ASP A 30 0.69 -10.97 -3.51
CA ASP A 30 0.10 -10.94 -4.86
C ASP A 30 -1.38 -11.29 -4.89
N ALA A 31 -1.97 -11.69 -3.78
CA ALA A 31 -3.40 -11.92 -3.74
C ALA A 31 -4.12 -10.61 -4.07
N ASN A 32 -4.88 -10.63 -5.16
CA ASN A 32 -5.56 -9.45 -5.66
C ASN A 32 -6.50 -8.90 -4.59
N PHE A 33 -6.56 -7.59 -4.42
CA PHE A 33 -7.50 -7.02 -3.46
C PHE A 33 -8.92 -7.03 -4.02
N PHE A 34 -9.08 -6.49 -5.25
CA PHE A 34 -10.37 -6.61 -5.93
C PHE A 34 -10.57 -8.00 -6.53
N GLN A 35 -11.83 -8.37 -6.85
CA GLN A 35 -12.26 -9.76 -6.92
C GLN A 35 -11.20 -10.74 -6.38
N ASP A 36 -10.83 -10.58 -5.09
CA ASP A 36 -9.91 -11.47 -4.40
C ASP A 36 -9.66 -11.04 -2.95
N LEU A 37 -9.78 -11.97 -2.00
CA LEU A 37 -9.88 -11.69 -0.57
C LEU A 37 -10.56 -10.35 -0.22
N GLU A 38 -11.56 -9.94 -0.99
CA GLU A 38 -12.45 -8.82 -0.65
C GLU A 38 -11.69 -7.60 -0.15
N ILE A 39 -11.55 -6.61 -1.03
CA ILE A 39 -11.35 -5.24 -0.56
C ILE A 39 -12.40 -4.36 -1.25
N ASP A 40 -13.42 -3.99 -0.50
CA ASP A 40 -14.32 -2.93 -0.90
C ASP A 40 -13.55 -1.62 -0.95
N SER A 41 -14.20 -0.59 -1.48
CA SER A 41 -13.50 0.63 -1.83
C SER A 41 -13.26 1.52 -0.62
N LEU A 42 -14.08 1.39 0.43
CA LEU A 42 -13.80 2.16 1.65
C LEU A 42 -12.46 1.77 2.24
N LEU A 43 -12.18 0.47 2.30
CA LEU A 43 -10.90 0.02 2.82
C LEU A 43 -9.76 0.53 1.95
N ALA A 44 -9.91 0.45 0.63
CA ALA A 44 -8.86 0.91 -0.27
C ALA A 44 -8.61 2.39 -0.09
N LEU A 45 -9.68 3.16 0.15
CA LEU A 45 -9.52 4.59 0.39
C LEU A 45 -8.82 4.85 1.71
N GLU A 46 -9.06 4.00 2.71
CA GLU A 46 -8.36 4.15 3.98
C GLU A 46 -6.88 3.88 3.81
N ILE A 47 -6.56 2.83 3.06
CA ILE A 47 -5.16 2.49 2.81
C ILE A 47 -4.46 3.68 2.16
N LEU A 48 -5.06 4.20 1.09
CA LEU A 48 -4.47 5.36 0.41
C LEU A 48 -4.22 6.50 1.37
N ALA A 49 -5.21 6.80 2.23
CA ALA A 49 -5.11 7.91 3.16
C ALA A 49 -3.96 7.72 4.13
N LEU A 50 -3.84 6.53 4.70
CA LEU A 50 -2.81 6.27 5.70
C LEU A 50 -1.41 6.27 5.08
N ILE A 51 -1.29 5.84 3.83
CA ILE A 51 0.01 5.90 3.17
C ILE A 51 0.45 7.35 3.04
N GLU A 52 -0.45 8.23 2.60
CA GLU A 52 -0.13 9.65 2.53
C GLU A 52 0.49 10.15 3.84
N LYS A 53 0.03 9.64 4.97
CA LYS A 53 0.39 10.25 6.24
C LYS A 53 1.62 9.63 6.85
N LYS A 54 1.72 8.29 6.78
CA LYS A 54 2.96 7.58 7.11
C LYS A 54 4.16 8.22 6.45
N PHE A 55 4.14 8.34 5.14
CA PHE A 55 5.33 8.64 4.34
C PHE A 55 5.43 10.13 4.02
N LYS A 56 4.35 10.88 4.22
CA LYS A 56 4.31 12.33 4.04
C LYS A 56 4.34 12.68 2.55
N VAL A 57 3.28 12.22 1.87
CA VAL A 57 3.14 12.29 0.43
C VAL A 57 1.66 12.52 0.11
N GLN A 58 1.38 13.24 -0.98
CA GLN A 58 0.02 13.34 -1.51
C GLN A 58 -0.11 12.35 -2.66
N ILE A 59 -1.22 11.60 -2.67
CA ILE A 59 -1.50 10.61 -3.69
C ILE A 59 -2.92 10.85 -4.16
N PRO A 60 -3.16 11.24 -5.40
CA PRO A 60 -4.55 11.46 -5.83
C PRO A 60 -5.32 10.15 -5.94
N GLU A 61 -6.65 10.27 -5.84
CA GLU A 61 -7.53 9.11 -5.94
C GLU A 61 -7.58 8.56 -7.36
N GLU A 62 -7.32 9.42 -8.35
CA GLU A 62 -6.98 9.00 -9.70
C GLU A 62 -6.39 7.60 -9.74
N LYS A 63 -5.47 7.29 -8.83
CA LYS A 63 -4.73 6.03 -8.79
C LYS A 63 -5.34 5.00 -7.84
N LEU A 64 -6.56 5.23 -7.35
CA LEU A 64 -7.22 4.18 -6.58
C LEU A 64 -7.28 2.87 -7.36
N VAL A 65 -7.36 2.94 -8.70
CA VAL A 65 -7.46 1.72 -9.49
C VAL A 65 -6.13 0.97 -9.54
N ASP A 66 -5.16 1.40 -8.72
CA ASP A 66 -3.90 0.66 -8.57
C ASP A 66 -3.77 0.03 -7.19
N ILE A 67 -4.75 0.23 -6.32
CA ILE A 67 -4.75 -0.35 -4.97
C ILE A 67 -5.44 -1.71 -5.04
N THR A 68 -4.77 -2.68 -5.67
CA THR A 68 -5.37 -3.97 -6.00
C THR A 68 -4.63 -5.18 -5.45
N SER A 69 -3.52 -4.99 -4.74
CA SER A 69 -2.84 -6.06 -4.03
C SER A 69 -1.70 -5.39 -3.27
N LEU A 70 -1.11 -6.11 -2.31
CA LEU A 70 -0.05 -5.47 -1.56
C LEU A 70 1.10 -5.10 -2.48
N SER A 71 1.43 -6.00 -3.41
CA SER A 71 2.52 -5.75 -4.36
C SER A 71 2.24 -4.52 -5.21
N ALA A 72 1.03 -4.41 -5.75
CA ALA A 72 0.68 -3.22 -6.53
C ALA A 72 0.72 -1.96 -5.68
N THR A 73 0.25 -2.06 -4.43
CA THR A 73 0.19 -0.89 -3.57
C THR A 73 1.59 -0.44 -3.16
N ILE A 74 2.50 -1.40 -2.94
CA ILE A 74 3.89 -1.06 -2.68
C ILE A 74 4.49 -0.36 -3.90
N GLY A 75 4.23 -0.88 -5.09
CA GLY A 75 4.79 -0.30 -6.30
C GLY A 75 4.28 1.11 -6.53
N LEU A 76 2.98 1.32 -6.25
CA LEU A 76 2.41 2.67 -6.31
C LEU A 76 3.14 3.60 -5.36
N THR A 77 3.36 3.16 -4.12
CA THR A 77 3.98 4.00 -3.12
C THR A 77 5.42 4.33 -3.53
N LYS A 78 6.14 3.37 -4.09
CA LYS A 78 7.51 3.62 -4.58
C LYS A 78 7.51 4.70 -5.67
N SER A 79 6.60 4.62 -6.63
CA SER A 79 6.56 5.57 -7.74
C SER A 79 6.27 7.00 -7.27
N VAL A 80 5.26 7.19 -6.41
CA VAL A 80 4.95 8.54 -5.92
C VAL A 80 6.11 9.05 -5.06
N LEU A 81 6.78 8.15 -4.34
CA LEU A 81 7.98 8.58 -3.61
C LEU A 81 9.08 8.99 -4.58
N ALA A 82 9.25 8.26 -5.68
CA ALA A 82 10.26 8.64 -6.68
C ALA A 82 9.88 9.96 -7.33
N GLU A 83 8.59 10.31 -7.27
CA GLU A 83 8.14 11.58 -7.83
C GLU A 83 8.48 12.76 -6.93
N SER A 84 8.61 12.53 -5.62
CA SER A 84 8.92 13.59 -4.68
C SER A 84 10.42 13.75 -4.41
N GLY A 85 11.27 13.00 -5.13
CA GLY A 85 12.67 12.96 -4.77
C GLY A 85 12.94 12.32 -3.44
N LYS A 86 12.20 11.26 -3.10
CA LYS A 86 12.23 10.70 -1.76
C LYS A 86 12.84 9.30 -1.72
N LEU A 87 12.70 8.54 -2.80
CA LEU A 87 13.00 7.10 -2.82
C LEU A 87 14.50 6.84 -2.85
N GLU A 88 14.97 5.89 -2.03
CA GLU A 88 16.24 5.20 -2.30
C GLU A 88 15.86 3.80 -2.76
N HIS A 89 16.01 3.57 -4.05
CA HIS A 89 15.72 2.27 -4.63
C HIS A 89 17.00 1.50 -4.91
N HIS A 90 17.03 0.24 -4.51
CA HIS A 90 18.16 -0.63 -4.81
C HIS A 90 17.64 -1.96 -5.36
N ASP A 2 13.29 4.44 0.36
CA ASP A 2 13.79 3.38 1.26
C ASP A 2 13.08 1.98 1.16
N ASP A 3 13.65 1.02 0.41
CA ASP A 3 12.86 -0.13 -0.04
C ASP A 3 12.28 -0.93 1.14
N GLU A 4 13.15 -1.49 2.00
CA GLU A 4 12.68 -2.25 3.17
C GLU A 4 11.61 -1.47 3.92
N GLU A 5 11.88 -0.20 4.19
CA GLU A 5 11.02 0.59 5.04
C GLU A 5 9.68 0.86 4.36
N ILE A 6 9.69 1.01 3.04
CA ILE A 6 8.42 1.18 2.32
C ILE A 6 7.61 -0.11 2.35
N GLU A 7 8.26 -1.24 2.06
CA GLU A 7 7.56 -2.51 2.05
C GLU A 7 6.98 -2.84 3.42
N LYS A 8 7.70 -2.53 4.49
CA LYS A 8 7.21 -2.80 5.85
C LYS A 8 6.11 -1.79 6.25
N GLY A 9 6.24 -0.55 5.80
CA GLY A 9 5.23 0.44 6.11
C GLY A 9 3.90 0.20 5.42
N VAL A 10 3.93 -0.14 4.13
CA VAL A 10 2.68 -0.43 3.44
C VAL A 10 2.05 -1.69 4.02
N THR A 11 2.87 -2.71 4.31
CA THR A 11 2.35 -3.94 4.89
C THR A 11 1.62 -3.66 6.21
N SER A 12 2.25 -2.86 7.07
CA SER A 12 1.65 -2.53 8.35
C SER A 12 0.30 -1.81 8.18
N ILE A 13 0.22 -0.88 7.22
CA ILE A 13 -1.03 -0.16 7.00
C ILE A 13 -2.12 -1.11 6.51
N VAL A 14 -1.79 -1.99 5.57
CA VAL A 14 -2.80 -2.86 4.99
C VAL A 14 -3.28 -3.86 6.04
N ALA A 15 -2.36 -4.31 6.92
CA ALA A 15 -2.73 -5.17 8.05
C ALA A 15 -3.71 -4.48 9.00
N GLU A 16 -3.43 -3.22 9.35
CA GLU A 16 -4.31 -2.53 10.29
C GLU A 16 -5.70 -2.29 9.67
N VAL A 17 -5.73 -1.93 8.38
CA VAL A 17 -7.02 -1.70 7.71
C VAL A 17 -7.82 -2.99 7.59
N THR A 18 -7.22 -4.06 7.08
CA THR A 18 -7.93 -5.31 6.87
C THR A 18 -8.11 -6.09 8.15
N GLU A 19 -7.40 -5.73 9.20
CA GLU A 19 -7.54 -6.40 10.47
C GLU A 19 -6.97 -7.82 10.37
N LEU A 20 -5.82 -7.91 9.72
CA LEU A 20 -5.10 -9.16 9.49
C LEU A 20 -3.65 -9.04 9.92
N ASP A 21 -3.01 -10.19 10.08
CA ASP A 21 -1.64 -10.27 10.59
C ASP A 21 -0.65 -9.91 9.47
N GLU A 22 0.39 -9.12 9.81
CA GLU A 22 1.26 -8.61 8.74
C GLU A 22 2.05 -9.72 8.07
N LYS A 23 2.44 -10.76 8.81
CA LYS A 23 3.09 -11.91 8.17
C LYS A 23 2.18 -12.51 7.10
N GLU A 24 0.88 -12.63 7.38
CA GLU A 24 0.00 -13.30 6.43
C GLU A 24 -0.25 -12.44 5.19
N ILE A 25 -0.47 -11.13 5.38
CA ILE A 25 -0.66 -10.30 4.19
C ILE A 25 0.63 -10.25 3.38
N TRP A 26 1.78 -10.28 4.06
CA TRP A 26 3.04 -10.34 3.31
C TRP A 26 3.12 -11.63 2.49
N GLU A 27 2.79 -12.78 3.10
CA GLU A 27 2.85 -14.03 2.35
C GLU A 27 1.94 -14.00 1.12
N LYS A 28 0.83 -13.27 1.20
CA LYS A 28 -0.09 -13.17 0.06
C LYS A 28 0.02 -11.80 -0.59
N ARG A 29 1.25 -11.31 -0.69
CA ARG A 29 1.50 -10.00 -1.28
C ARG A 29 1.06 -9.93 -2.74
N ASP A 30 1.21 -11.02 -3.49
CA ASP A 30 0.83 -11.03 -4.89
C ASP A 30 -0.63 -11.37 -5.07
N ALA A 31 -1.34 -11.70 -3.99
CA ALA A 31 -2.77 -11.91 -4.04
C ALA A 31 -3.47 -10.59 -4.31
N ASN A 32 -4.40 -10.62 -5.23
CA ASN A 32 -5.11 -9.42 -5.63
C ASN A 32 -6.10 -9.01 -4.55
N PHE A 33 -6.05 -7.75 -4.09
CA PHE A 33 -7.09 -7.29 -3.18
C PHE A 33 -8.47 -7.52 -3.80
N PHE A 34 -8.88 -6.63 -4.73
CA PHE A 34 -10.16 -6.73 -5.43
C PHE A 34 -10.39 -8.12 -6.01
N GLN A 35 -11.61 -8.42 -6.47
CA GLN A 35 -12.08 -9.80 -6.62
C GLN A 35 -11.02 -10.84 -6.23
N ASP A 36 -10.63 -10.85 -4.95
CA ASP A 36 -9.75 -11.87 -4.38
C ASP A 36 -9.30 -11.52 -2.96
N LEU A 37 -10.01 -12.03 -1.95
CA LEU A 37 -9.78 -11.82 -0.52
C LEU A 37 -10.40 -10.53 0.04
N GLU A 38 -11.60 -10.19 -0.45
CA GLU A 38 -12.53 -9.21 0.13
C GLU A 38 -11.82 -8.16 1.02
N ILE A 39 -11.09 -7.27 0.34
CA ILE A 39 -10.94 -5.86 0.68
C ILE A 39 -11.82 -5.06 -0.27
N ASP A 40 -12.45 -3.99 0.24
CA ASP A 40 -13.41 -3.17 -0.49
C ASP A 40 -12.84 -1.79 -0.83
N SER A 41 -13.68 -0.99 -1.51
CA SER A 41 -13.25 0.34 -1.94
C SER A 41 -13.16 1.34 -0.78
N LEU A 42 -14.02 1.21 0.23
CA LEU A 42 -13.82 2.03 1.43
C LEU A 42 -12.50 1.71 2.11
N LEU A 43 -12.20 0.43 2.31
CA LEU A 43 -10.94 0.08 2.95
C LEU A 43 -9.77 0.49 2.06
N ALA A 44 -9.90 0.31 0.74
CA ALA A 44 -8.84 0.76 -0.18
C ALA A 44 -8.64 2.26 -0.04
N LEU A 45 -9.72 2.99 0.20
CA LEU A 45 -9.63 4.42 0.39
C LEU A 45 -8.89 4.76 1.68
N GLU A 46 -9.08 3.96 2.73
CA GLU A 46 -8.37 4.25 3.97
C GLU A 46 -6.89 3.90 3.85
N ILE A 47 -6.58 2.84 3.09
CA ILE A 47 -5.18 2.50 2.84
C ILE A 47 -4.48 3.68 2.19
N LEU A 48 -5.10 4.24 1.16
CA LEU A 48 -4.54 5.40 0.45
C LEU A 48 -4.23 6.53 1.42
N ALA A 49 -5.20 6.90 2.26
CA ALA A 49 -5.02 8.05 3.14
C ALA A 49 -3.93 7.77 4.17
N LEU A 50 -3.85 6.54 4.66
CA LEU A 50 -2.83 6.19 5.64
C LEU A 50 -1.43 6.19 5.02
N ILE A 51 -1.31 5.79 3.76
CA ILE A 51 0.00 5.85 3.10
C ILE A 51 0.45 7.31 3.00
N GLU A 52 -0.46 8.20 2.62
CA GLU A 52 -0.13 9.63 2.62
C GLU A 52 0.46 10.08 3.96
N LYS A 53 -0.19 9.74 5.06
CA LYS A 53 0.27 10.25 6.35
C LYS A 53 1.68 9.76 6.69
N LYS A 54 1.92 8.44 6.68
CA LYS A 54 3.21 7.95 7.20
C LYS A 54 4.35 8.16 6.22
N PHE A 55 4.05 8.44 4.94
CA PHE A 55 5.13 8.72 3.99
C PHE A 55 5.17 10.19 3.58
N LYS A 56 4.33 11.02 4.19
CA LYS A 56 4.26 12.47 3.93
C LYS A 56 4.31 12.74 2.43
N VAL A 57 3.36 12.11 1.75
CA VAL A 57 3.21 12.21 0.30
C VAL A 57 1.75 12.52 0.02
N GLN A 58 1.46 13.07 -1.15
CA GLN A 58 0.07 13.17 -1.58
C GLN A 58 -0.13 12.30 -2.81
N ILE A 59 -1.18 11.48 -2.77
CA ILE A 59 -1.55 10.62 -3.88
C ILE A 59 -2.89 11.14 -4.37
N PRO A 60 -3.09 11.37 -5.67
CA PRO A 60 -4.45 11.63 -6.15
C PRO A 60 -5.36 10.44 -5.89
N GLU A 61 -6.67 10.72 -5.72
CA GLU A 61 -7.66 9.67 -5.51
C GLU A 61 -7.80 8.80 -6.75
N GLU A 62 -7.35 9.29 -7.90
CA GLU A 62 -7.47 8.50 -9.13
C GLU A 62 -6.75 7.18 -8.99
N LYS A 63 -5.55 7.17 -8.41
CA LYS A 63 -4.69 6.01 -8.34
C LYS A 63 -5.24 4.88 -7.48
N LEU A 64 -6.50 4.95 -7.06
CA LEU A 64 -7.15 3.75 -6.52
C LEU A 64 -7.24 2.65 -7.57
N VAL A 65 -7.51 3.00 -8.83
CA VAL A 65 -7.63 1.96 -9.85
C VAL A 65 -6.24 1.53 -10.35
N ASP A 66 -5.27 1.50 -9.43
CA ASP A 66 -4.09 0.65 -9.49
C ASP A 66 -3.97 -0.22 -8.24
N ILE A 67 -4.68 0.13 -7.16
CA ILE A 67 -4.55 -0.45 -5.83
C ILE A 67 -5.29 -1.80 -5.79
N THR A 68 -4.63 -2.87 -6.25
CA THR A 68 -5.28 -4.18 -6.32
C THR A 68 -4.54 -5.33 -5.64
N SER A 69 -3.39 -5.09 -5.02
CA SER A 69 -2.69 -6.12 -4.27
C SER A 69 -1.68 -5.42 -3.37
N LEU A 70 -1.07 -6.16 -2.45
CA LEU A 70 -0.09 -5.50 -1.60
C LEU A 70 1.10 -5.06 -2.45
N SER A 71 1.50 -5.90 -3.40
CA SER A 71 2.67 -5.58 -4.23
C SER A 71 2.36 -4.44 -5.19
N ALA A 72 1.14 -4.39 -5.74
CA ALA A 72 0.76 -3.24 -6.55
C ALA A 72 0.72 -1.98 -5.72
N THR A 73 0.28 -2.10 -4.46
CA THR A 73 0.18 -0.94 -3.60
C THR A 73 1.57 -0.46 -3.18
N ILE A 74 2.48 -1.40 -2.93
CA ILE A 74 3.88 -1.05 -2.66
C ILE A 74 4.48 -0.35 -3.87
N GLY A 75 4.22 -0.87 -5.07
CA GLY A 75 4.79 -0.27 -6.26
C GLY A 75 4.29 1.13 -6.50
N LEU A 76 2.99 1.35 -6.24
CA LEU A 76 2.43 2.69 -6.31
C LEU A 76 3.14 3.64 -5.36
N THR A 77 3.37 3.18 -4.13
CA THR A 77 3.97 4.03 -3.12
C THR A 77 5.42 4.38 -3.50
N LYS A 78 6.14 3.40 -4.07
CA LYS A 78 7.51 3.68 -4.53
C LYS A 78 7.52 4.71 -5.66
N SER A 79 6.63 4.56 -6.66
CA SER A 79 6.51 5.54 -7.73
C SER A 79 6.26 6.95 -7.21
N VAL A 80 5.28 7.12 -6.33
CA VAL A 80 4.97 8.46 -5.82
C VAL A 80 6.11 8.99 -4.98
N LEU A 81 6.85 8.11 -4.30
CA LEU A 81 8.03 8.56 -3.58
C LEU A 81 9.11 9.02 -4.56
N ALA A 82 9.29 8.27 -5.67
CA ALA A 82 10.28 8.67 -6.67
C ALA A 82 9.86 9.97 -7.35
N GLU A 83 8.55 10.14 -7.53
CA GLU A 83 7.99 11.37 -8.06
C GLU A 83 8.43 12.61 -7.27
N SER A 84 8.70 12.51 -5.97
CA SER A 84 8.98 13.68 -5.15
C SER A 84 10.33 13.62 -4.42
N GLY A 85 11.31 12.87 -4.93
CA GLY A 85 12.64 12.90 -4.33
C GLY A 85 12.73 12.43 -2.89
N LYS A 86 12.12 11.29 -2.56
CA LYS A 86 12.32 10.67 -1.25
C LYS A 86 12.40 9.15 -1.36
N LEU A 87 12.91 8.61 -2.47
CA LEU A 87 13.08 7.17 -2.66
C LEU A 87 14.55 6.79 -2.75
N GLU A 88 14.95 5.73 -2.03
CA GLU A 88 16.17 4.97 -2.34
C GLU A 88 15.74 3.64 -2.94
N HIS A 89 15.90 3.49 -4.24
CA HIS A 89 15.69 2.20 -4.86
C HIS A 89 17.03 1.60 -5.24
N HIS A 90 17.04 0.31 -5.55
CA HIS A 90 18.23 -0.39 -6.04
C HIS A 90 17.98 -1.89 -6.01
N ASP A 2 13.70 4.39 1.67
CA ASP A 2 14.19 3.08 2.13
C ASP A 2 13.26 1.93 1.62
N ASP A 3 13.73 1.05 0.74
CA ASP A 3 12.87 0.00 0.19
C ASP A 3 12.28 -0.87 1.31
N GLU A 4 13.13 -1.30 2.24
CA GLU A 4 12.65 -1.96 3.46
C GLU A 4 11.55 -1.13 4.11
N GLU A 5 11.85 0.14 4.47
CA GLU A 5 10.85 0.99 5.10
C GLU A 5 9.53 0.95 4.34
N ILE A 6 9.57 1.07 3.02
CA ILE A 6 8.32 1.17 2.27
C ILE A 6 7.55 -0.14 2.34
N GLU A 7 8.25 -1.26 2.13
CA GLU A 7 7.60 -2.56 2.22
C GLU A 7 6.99 -2.79 3.60
N LYS A 8 7.76 -2.49 4.66
CA LYS A 8 7.28 -2.65 6.04
C LYS A 8 6.10 -1.72 6.34
N GLY A 9 6.21 -0.48 5.88
CA GLY A 9 5.19 0.51 6.17
C GLY A 9 3.87 0.22 5.47
N VAL A 10 3.92 -0.13 4.18
CA VAL A 10 2.69 -0.41 3.46
C VAL A 10 2.06 -1.69 4.02
N THR A 11 2.89 -2.70 4.31
CA THR A 11 2.37 -3.94 4.91
C THR A 11 1.65 -3.65 6.23
N SER A 12 2.25 -2.86 7.12
CA SER A 12 1.58 -2.55 8.40
C SER A 12 0.25 -1.84 8.16
N ILE A 13 0.20 -0.91 7.22
CA ILE A 13 -1.04 -0.18 6.98
C ILE A 13 -2.13 -1.12 6.50
N VAL A 14 -1.80 -2.00 5.55
CA VAL A 14 -2.81 -2.87 4.98
C VAL A 14 -3.29 -3.88 6.04
N ALA A 15 -2.37 -4.40 6.86
CA ALA A 15 -2.74 -5.24 8.01
C ALA A 15 -3.69 -4.51 8.94
N GLU A 16 -3.35 -3.27 9.27
CA GLU A 16 -4.22 -2.41 10.05
C GLU A 16 -5.63 -2.38 9.47
N VAL A 17 -5.75 -1.91 8.23
CA VAL A 17 -7.08 -1.67 7.66
C VAL A 17 -7.87 -2.97 7.55
N THR A 18 -7.22 -4.05 7.19
CA THR A 18 -7.92 -5.30 6.94
C THR A 18 -8.06 -6.13 8.21
N GLU A 19 -7.37 -5.74 9.28
CA GLU A 19 -7.43 -6.47 10.53
C GLU A 19 -6.91 -7.89 10.36
N LEU A 20 -5.81 -8.00 9.62
CA LEU A 20 -5.10 -9.25 9.40
C LEU A 20 -3.67 -9.13 9.88
N ASP A 21 -3.00 -10.28 10.02
CA ASP A 21 -1.65 -10.34 10.53
C ASP A 21 -0.65 -9.90 9.47
N GLU A 22 0.38 -9.13 9.90
CA GLU A 22 1.34 -8.58 8.94
C GLU A 22 2.07 -9.69 8.18
N LYS A 23 2.43 -10.79 8.85
CA LYS A 23 3.10 -11.89 8.15
C LYS A 23 2.18 -12.50 7.10
N GLU A 24 0.90 -12.66 7.43
CA GLU A 24 -0.01 -13.33 6.50
C GLU A 24 -0.22 -12.49 5.24
N ILE A 25 -0.44 -11.18 5.40
CA ILE A 25 -0.63 -10.32 4.23
C ILE A 25 0.65 -10.27 3.41
N TRP A 26 1.80 -10.29 4.08
CA TRP A 26 3.06 -10.37 3.33
C TRP A 26 3.13 -11.65 2.48
N GLU A 27 2.74 -12.79 3.04
CA GLU A 27 2.69 -14.02 2.25
C GLU A 27 1.77 -13.87 1.04
N LYS A 28 0.68 -13.15 1.18
CA LYS A 28 -0.30 -12.99 0.12
C LYS A 28 -0.11 -11.68 -0.63
N ARG A 29 1.15 -11.25 -0.77
CA ARG A 29 1.44 -9.95 -1.36
C ARG A 29 0.98 -9.84 -2.82
N ASP A 30 0.94 -10.96 -3.56
CA ASP A 30 0.41 -10.94 -4.92
C ASP A 30 -1.07 -11.35 -4.99
N ALA A 31 -1.69 -11.72 -3.88
CA ALA A 31 -3.12 -11.99 -3.87
C ALA A 31 -3.87 -10.74 -4.31
N ASN A 32 -5.17 -10.90 -4.52
CA ASN A 32 -6.00 -9.77 -4.93
C ASN A 32 -6.86 -9.32 -3.75
N PHE A 33 -6.57 -8.12 -3.23
CA PHE A 33 -7.37 -7.54 -2.15
C PHE A 33 -8.84 -7.84 -2.37
N PHE A 34 -9.26 -7.72 -3.62
CA PHE A 34 -10.47 -7.06 -4.07
C PHE A 34 -11.27 -7.95 -5.01
N GLN A 35 -12.03 -8.90 -4.44
CA GLN A 35 -12.73 -9.95 -5.19
C GLN A 35 -11.91 -11.25 -5.15
N ASP A 36 -11.31 -11.54 -4.01
CA ASP A 36 -10.35 -12.62 -3.81
C ASP A 36 -9.65 -12.56 -2.46
N LEU A 37 -10.34 -12.04 -1.44
CA LEU A 37 -9.86 -11.74 -0.08
C LEU A 37 -10.69 -10.60 0.55
N GLU A 38 -11.80 -10.25 -0.10
CA GLU A 38 -12.75 -9.22 0.36
C GLU A 38 -12.05 -8.13 1.16
N ILE A 39 -11.39 -7.24 0.41
CA ILE A 39 -11.26 -5.82 0.73
C ILE A 39 -12.25 -5.07 -0.17
N ASP A 40 -12.63 -3.85 0.23
CA ASP A 40 -13.62 -3.05 -0.48
C ASP A 40 -13.05 -1.67 -0.83
N SER A 41 -13.89 -0.87 -1.51
CA SER A 41 -13.46 0.46 -1.95
C SER A 41 -13.31 1.42 -0.78
N LEU A 42 -14.09 1.25 0.28
CA LEU A 42 -13.84 2.05 1.48
C LEU A 42 -12.50 1.71 2.11
N LEU A 43 -12.18 0.42 2.22
CA LEU A 43 -10.91 0.04 2.81
C LEU A 43 -9.74 0.48 1.94
N ALA A 44 -9.89 0.37 0.61
CA ALA A 44 -8.81 0.82 -0.27
C ALA A 44 -8.59 2.31 -0.12
N LEU A 45 -9.67 3.05 0.14
CA LEU A 45 -9.56 4.48 0.35
C LEU A 45 -8.86 4.78 1.66
N GLU A 46 -9.09 3.95 2.69
CA GLU A 46 -8.40 4.20 3.95
C GLU A 46 -6.91 3.86 3.83
N ILE A 47 -6.59 2.86 3.03
CA ILE A 47 -5.19 2.50 2.78
C ILE A 47 -4.49 3.68 2.14
N LEU A 48 -5.10 4.25 1.10
CA LEU A 48 -4.55 5.43 0.44
C LEU A 48 -4.23 6.52 1.45
N ALA A 49 -5.21 6.86 2.31
CA ALA A 49 -5.07 7.97 3.24
C ALA A 49 -3.95 7.72 4.24
N LEU A 50 -3.84 6.47 4.72
CA LEU A 50 -2.80 6.16 5.69
C LEU A 50 -1.41 6.17 5.03
N ILE A 51 -1.32 5.78 3.75
CA ILE A 51 -0.04 5.87 3.05
C ILE A 51 0.37 7.33 2.90
N GLU A 52 -0.55 8.17 2.44
CA GLU A 52 -0.25 9.60 2.33
C GLU A 52 0.33 10.14 3.62
N LYS A 53 -0.23 9.73 4.76
CA LYS A 53 0.20 10.27 6.04
C LYS A 53 1.56 9.73 6.46
N LYS A 54 1.76 8.41 6.42
CA LYS A 54 3.01 7.88 6.96
C LYS A 54 4.19 8.23 6.08
N PHE A 55 3.97 8.40 4.78
CA PHE A 55 5.05 8.67 3.84
C PHE A 55 5.04 10.11 3.33
N LYS A 56 4.07 10.90 3.77
CA LYS A 56 3.99 12.34 3.54
C LYS A 56 4.06 12.67 2.05
N VAL A 57 3.27 11.92 1.29
CA VAL A 57 3.08 12.17 -0.12
C VAL A 57 1.64 12.57 -0.33
N GLN A 58 1.35 13.06 -1.52
CA GLN A 58 -0.01 13.18 -2.02
C GLN A 58 -0.21 12.15 -3.12
N ILE A 59 -1.22 11.31 -2.98
CA ILE A 59 -1.60 10.33 -3.98
C ILE A 59 -2.93 10.82 -4.51
N PRO A 60 -3.00 11.40 -5.72
CA PRO A 60 -4.33 11.78 -6.23
C PRO A 60 -5.25 10.58 -6.26
N GLU A 61 -6.53 10.86 -5.94
CA GLU A 61 -7.56 9.82 -5.83
C GLU A 61 -7.60 8.92 -7.05
N GLU A 62 -7.21 9.44 -8.22
CA GLU A 62 -7.19 8.63 -9.43
C GLU A 62 -6.60 7.26 -9.17
N LYS A 63 -5.37 7.20 -8.68
CA LYS A 63 -4.64 5.95 -8.47
C LYS A 63 -5.31 4.98 -7.50
N LEU A 64 -6.57 5.22 -7.13
CA LEU A 64 -7.37 4.17 -6.49
C LEU A 64 -7.74 3.07 -7.46
N VAL A 65 -8.17 3.44 -8.67
CA VAL A 65 -8.37 2.46 -9.74
C VAL A 65 -7.06 1.76 -10.04
N ASP A 66 -6.54 1.00 -9.06
CA ASP A 66 -5.22 0.37 -9.13
C ASP A 66 -4.75 -0.24 -7.80
N ILE A 67 -5.30 0.19 -6.65
CA ILE A 67 -4.93 -0.38 -5.35
C ILE A 67 -5.63 -1.74 -5.17
N THR A 68 -4.91 -2.81 -5.51
CA THR A 68 -5.51 -4.11 -5.73
C THR A 68 -4.79 -5.23 -5.00
N SER A 69 -3.47 -5.23 -4.97
CA SER A 69 -2.68 -6.22 -4.23
C SER A 69 -1.68 -5.48 -3.37
N LEU A 70 -1.08 -6.17 -2.41
CA LEU A 70 -0.05 -5.51 -1.64
C LEU A 70 1.11 -5.11 -2.55
N SER A 71 1.47 -6.00 -3.48
CA SER A 71 2.58 -5.72 -4.39
C SER A 71 2.30 -4.48 -5.23
N ALA A 72 1.09 -4.37 -5.78
CA ALA A 72 0.77 -3.19 -6.58
C ALA A 72 0.72 -1.94 -5.71
N THR A 73 0.26 -2.08 -4.46
CA THR A 73 0.18 -0.92 -3.58
C THR A 73 1.58 -0.44 -3.18
N ILE A 74 2.48 -1.39 -2.92
CA ILE A 74 3.88 -1.05 -2.65
C ILE A 74 4.48 -0.36 -3.86
N GLY A 75 4.22 -0.89 -5.06
CA GLY A 75 4.76 -0.29 -6.27
C GLY A 75 4.26 1.13 -6.47
N LEU A 76 2.97 1.35 -6.23
CA LEU A 76 2.42 2.70 -6.29
C LEU A 76 3.14 3.63 -5.34
N THR A 77 3.36 3.17 -4.10
CA THR A 77 3.99 4.01 -3.10
C THR A 77 5.43 4.32 -3.51
N LYS A 78 6.12 3.34 -4.10
CA LYS A 78 7.48 3.58 -4.62
C LYS A 78 7.47 4.66 -5.70
N SER A 79 6.58 4.53 -6.70
CA SER A 79 6.50 5.49 -7.80
C SER A 79 6.25 6.93 -7.32
N VAL A 80 5.30 7.11 -6.40
CA VAL A 80 4.98 8.48 -5.98
C VAL A 80 6.09 9.03 -5.08
N LEU A 81 6.79 8.16 -4.35
CA LEU A 81 7.96 8.61 -3.63
C LEU A 81 9.07 9.05 -4.61
N ALA A 82 9.26 8.28 -5.70
CA ALA A 82 10.29 8.64 -6.68
C ALA A 82 9.89 9.91 -7.42
N GLU A 83 8.60 10.07 -7.70
CA GLU A 83 8.10 11.24 -8.42
C GLU A 83 8.38 12.55 -7.70
N SER A 84 8.43 12.57 -6.37
CA SER A 84 8.80 13.80 -5.69
C SER A 84 10.19 13.71 -5.06
N GLY A 85 11.01 12.76 -5.50
CA GLY A 85 12.43 12.78 -5.18
C GLY A 85 12.85 12.23 -3.84
N LYS A 86 12.13 11.24 -3.29
CA LYS A 86 12.54 10.75 -1.98
C LYS A 86 12.57 9.23 -1.89
N LEU A 87 12.71 8.53 -3.01
CA LEU A 87 12.91 7.09 -3.02
C LEU A 87 14.40 6.76 -2.98
N GLU A 88 14.81 5.90 -2.05
CA GLU A 88 16.11 5.23 -2.13
C GLU A 88 15.81 3.81 -2.60
N HIS A 89 16.56 3.34 -3.58
CA HIS A 89 16.15 2.15 -4.32
C HIS A 89 17.30 1.50 -5.07
N HIS A 90 17.34 0.19 -5.05
CA HIS A 90 18.31 -0.55 -5.87
C HIS A 90 17.86 -1.99 -5.93
N ASP A 2 14.14 3.49 1.74
CA ASP A 2 14.55 2.10 1.50
C ASP A 2 13.40 1.28 0.90
N ASP A 3 13.71 0.31 0.03
CA ASP A 3 12.67 -0.61 -0.39
C ASP A 3 12.09 -1.33 0.83
N GLU A 4 12.96 -1.79 1.74
CA GLU A 4 12.47 -2.54 2.90
C GLU A 4 11.56 -1.68 3.76
N GLU A 5 11.90 -0.41 3.89
CA GLU A 5 11.16 0.48 4.77
C GLU A 5 9.81 0.85 4.16
N ILE A 6 9.74 0.98 2.83
CA ILE A 6 8.45 1.15 2.19
C ILE A 6 7.63 -0.13 2.31
N GLU A 7 8.28 -1.28 2.10
CA GLU A 7 7.60 -2.57 2.14
C GLU A 7 6.95 -2.81 3.49
N LYS A 8 7.68 -2.56 4.57
CA LYS A 8 7.16 -2.82 5.91
C LYS A 8 6.08 -1.81 6.30
N GLY A 9 6.28 -0.55 5.89
CA GLY A 9 5.29 0.47 6.18
C GLY A 9 3.96 0.23 5.50
N VAL A 10 3.98 -0.16 4.22
CA VAL A 10 2.72 -0.41 3.53
C VAL A 10 2.08 -1.68 4.08
N THR A 11 2.89 -2.70 4.38
CA THR A 11 2.36 -3.93 4.95
C THR A 11 1.62 -3.66 6.25
N SER A 12 2.22 -2.89 7.16
CA SER A 12 1.60 -2.57 8.43
C SER A 12 0.26 -1.84 8.23
N ILE A 13 0.20 -0.91 7.28
CA ILE A 13 -1.05 -0.20 7.02
C ILE A 13 -2.12 -1.14 6.52
N VAL A 14 -1.77 -2.00 5.56
CA VAL A 14 -2.78 -2.88 5.00
C VAL A 14 -3.26 -3.87 6.07
N ALA A 15 -2.33 -4.39 6.89
CA ALA A 15 -2.69 -5.21 8.05
C ALA A 15 -3.69 -4.50 8.96
N GLU A 16 -3.37 -3.27 9.32
CA GLU A 16 -4.24 -2.47 10.19
C GLU A 16 -5.64 -2.36 9.59
N VAL A 17 -5.72 -1.99 8.31
CA VAL A 17 -7.01 -1.76 7.69
C VAL A 17 -7.79 -3.07 7.50
N THR A 18 -7.13 -4.15 7.10
CA THR A 18 -7.84 -5.38 6.85
C THR A 18 -8.03 -6.22 8.11
N GLU A 19 -7.45 -5.78 9.23
CA GLU A 19 -7.48 -6.53 10.48
C GLU A 19 -6.89 -7.93 10.30
N LEU A 20 -5.79 -8.01 9.56
CA LEU A 20 -5.06 -9.26 9.39
C LEU A 20 -3.63 -9.12 9.90
N ASP A 21 -2.98 -10.26 10.07
CA ASP A 21 -1.62 -10.31 10.59
C ASP A 21 -0.63 -9.84 9.53
N GLU A 22 0.38 -9.06 9.98
CA GLU A 22 1.42 -8.55 9.08
C GLU A 22 2.05 -9.66 8.25
N LYS A 23 2.42 -10.78 8.88
CA LYS A 23 3.08 -11.86 8.15
C LYS A 23 2.14 -12.50 7.15
N GLU A 24 0.87 -12.66 7.54
CA GLU A 24 -0.12 -13.24 6.64
C GLU A 24 -0.23 -12.43 5.35
N ILE A 25 -0.38 -11.11 5.48
CA ILE A 25 -0.59 -10.25 4.33
C ILE A 25 0.66 -10.24 3.46
N TRP A 26 1.83 -10.28 4.09
CA TRP A 26 3.07 -10.35 3.33
C TRP A 26 3.13 -11.63 2.49
N GLU A 27 2.76 -12.78 3.07
CA GLU A 27 2.70 -13.99 2.26
C GLU A 27 1.75 -13.83 1.08
N LYS A 28 0.66 -13.13 1.28
CA LYS A 28 -0.37 -12.92 0.26
C LYS A 28 -0.08 -11.68 -0.58
N ARG A 29 1.18 -11.28 -0.71
CA ARG A 29 1.47 -9.98 -1.31
C ARG A 29 1.01 -9.88 -2.77
N ASP A 30 0.90 -10.98 -3.49
CA ASP A 30 0.39 -10.96 -4.86
C ASP A 30 -1.08 -11.34 -4.98
N ALA A 31 -1.72 -11.73 -3.88
CA ALA A 31 -3.13 -12.06 -3.92
C ALA A 31 -3.93 -10.82 -4.34
N ASN A 32 -5.14 -11.06 -4.83
CA ASN A 32 -6.04 -9.96 -5.18
C ASN A 32 -6.73 -9.46 -3.92
N PHE A 33 -6.96 -8.15 -3.86
CA PHE A 33 -7.45 -7.52 -2.62
C PHE A 33 -8.94 -7.79 -2.43
N PHE A 34 -9.74 -7.50 -3.45
CA PHE A 34 -11.12 -7.06 -3.24
C PHE A 34 -12.11 -7.98 -3.96
N GLN A 35 -12.44 -9.10 -3.31
CA GLN A 35 -12.80 -10.35 -3.98
C GLN A 35 -11.58 -11.28 -3.99
N ASP A 36 -11.11 -11.65 -2.80
CA ASP A 36 -9.95 -12.50 -2.51
C ASP A 36 -9.29 -12.17 -1.15
N LEU A 37 -9.17 -10.88 -0.78
CA LEU A 37 -8.75 -10.51 0.56
C LEU A 37 -9.77 -9.64 1.30
N GLU A 38 -10.90 -9.34 0.64
CA GLU A 38 -12.06 -8.63 1.19
C GLU A 38 -11.73 -7.18 1.59
N ILE A 39 -11.08 -6.47 0.67
CA ILE A 39 -11.09 -5.01 0.65
C ILE A 39 -12.32 -4.53 -0.11
N ASP A 40 -13.02 -3.53 0.44
CA ASP A 40 -13.97 -2.78 -0.37
C ASP A 40 -13.34 -1.45 -0.75
N SER A 41 -14.07 -0.65 -1.53
CA SER A 41 -13.51 0.64 -1.94
C SER A 41 -13.30 1.54 -0.74
N LEU A 42 -14.07 1.34 0.34
CA LEU A 42 -13.82 2.10 1.56
C LEU A 42 -12.50 1.73 2.19
N LEU A 43 -12.19 0.43 2.24
CA LEU A 43 -10.92 0.01 2.80
C LEU A 43 -9.75 0.49 1.93
N ALA A 44 -9.91 0.43 0.60
CA ALA A 44 -8.81 0.87 -0.27
C ALA A 44 -8.57 2.36 -0.09
N LEU A 45 -9.64 3.14 0.05
CA LEU A 45 -9.50 4.56 0.31
C LEU A 45 -8.80 4.81 1.63
N GLU A 46 -9.08 3.97 2.63
CA GLU A 46 -8.41 4.18 3.91
C GLU A 46 -6.92 3.86 3.81
N ILE A 47 -6.59 2.83 3.04
CA ILE A 47 -5.19 2.49 2.82
C ILE A 47 -4.47 3.68 2.20
N LEU A 48 -5.05 4.24 1.15
CA LEU A 48 -4.41 5.38 0.47
C LEU A 48 -4.18 6.53 1.43
N ALA A 49 -5.19 6.89 2.24
CA ALA A 49 -5.05 8.04 3.13
C ALA A 49 -3.99 7.78 4.18
N LEU A 50 -3.90 6.54 4.66
CA LEU A 50 -2.86 6.19 5.63
C LEU A 50 -1.47 6.21 5.00
N ILE A 51 -1.35 5.79 3.74
CA ILE A 51 -0.06 5.87 3.06
C ILE A 51 0.34 7.33 2.90
N GLU A 52 -0.59 8.14 2.38
CA GLU A 52 -0.29 9.55 2.14
C GLU A 52 0.30 10.21 3.39
N LYS A 53 -0.13 9.78 4.58
CA LYS A 53 0.32 10.47 5.79
C LYS A 53 1.53 9.79 6.43
N LYS A 54 1.66 8.47 6.33
CA LYS A 54 2.84 7.81 6.90
C LYS A 54 4.12 8.25 6.20
N PHE A 55 4.07 8.38 4.88
CA PHE A 55 5.24 8.69 4.09
C PHE A 55 5.31 10.17 3.69
N LYS A 56 4.34 10.96 4.16
CA LYS A 56 4.23 12.39 3.88
C LYS A 56 4.31 12.65 2.37
N VAL A 57 3.27 12.18 1.70
CA VAL A 57 3.22 12.10 0.25
C VAL A 57 1.77 12.25 -0.15
N GLN A 58 1.51 12.93 -1.26
CA GLN A 58 0.16 13.06 -1.75
C GLN A 58 -0.02 12.13 -2.95
N ILE A 59 -1.25 11.64 -3.12
CA ILE A 59 -1.56 10.60 -4.09
C ILE A 59 -2.87 10.97 -4.77
N PRO A 60 -2.87 11.31 -6.06
CA PRO A 60 -4.15 11.56 -6.75
C PRO A 60 -5.05 10.33 -6.70
N GLU A 61 -6.36 10.59 -6.62
CA GLU A 61 -7.35 9.51 -6.55
C GLU A 61 -7.32 8.64 -7.80
N GLU A 62 -6.86 9.20 -8.92
CA GLU A 62 -6.60 8.43 -10.14
C GLU A 62 -5.86 7.14 -9.86
N LYS A 63 -5.18 7.06 -8.72
CA LYS A 63 -4.41 5.87 -8.38
C LYS A 63 -5.02 5.07 -7.24
N LEU A 64 -6.13 5.53 -6.65
CA LEU A 64 -6.89 4.67 -5.75
C LEU A 64 -7.38 3.42 -6.46
N VAL A 65 -7.99 3.58 -7.65
CA VAL A 65 -8.37 2.41 -8.45
C VAL A 65 -7.12 1.77 -9.03
N ASP A 66 -6.50 0.87 -8.27
CA ASP A 66 -5.20 0.28 -8.55
C ASP A 66 -4.65 -0.45 -7.31
N ILE A 67 -4.69 0.19 -6.13
CA ILE A 67 -4.53 -0.48 -4.84
C ILE A 67 -5.32 -1.78 -4.90
N THR A 68 -4.72 -2.79 -5.54
CA THR A 68 -5.36 -4.04 -5.88
C THR A 68 -4.59 -5.27 -5.44
N SER A 69 -3.47 -5.07 -4.74
CA SER A 69 -2.69 -6.13 -4.14
C SER A 69 -1.66 -5.43 -3.28
N LEU A 70 -1.07 -6.16 -2.33
CA LEU A 70 -0.07 -5.50 -1.53
C LEU A 70 1.09 -5.05 -2.42
N SER A 71 1.48 -5.90 -3.37
CA SER A 71 2.65 -5.60 -4.19
C SER A 71 2.35 -4.46 -5.16
N ALA A 72 1.13 -4.40 -5.70
CA ALA A 72 0.74 -3.25 -6.51
C ALA A 72 0.71 -1.98 -5.66
N THR A 73 0.24 -2.09 -4.41
CA THR A 73 0.19 -0.91 -3.56
C THR A 73 1.59 -0.44 -3.18
N ILE A 74 2.50 -1.40 -2.94
CA ILE A 74 3.89 -1.06 -2.68
C ILE A 74 4.50 -0.35 -3.89
N GLY A 75 4.25 -0.89 -5.08
CA GLY A 75 4.78 -0.27 -6.28
C GLY A 75 4.28 1.14 -6.48
N LEU A 76 2.98 1.35 -6.25
CA LEU A 76 2.41 2.69 -6.30
C LEU A 76 3.14 3.64 -5.35
N THR A 77 3.35 3.19 -4.11
CA THR A 77 3.97 4.04 -3.10
C THR A 77 5.42 4.36 -3.52
N LYS A 78 6.12 3.38 -4.10
CA LYS A 78 7.48 3.64 -4.59
C LYS A 78 7.47 4.68 -5.71
N SER A 79 6.60 4.51 -6.72
CA SER A 79 6.46 5.49 -7.80
C SER A 79 6.20 6.90 -7.29
N VAL A 80 5.24 7.05 -6.38
CA VAL A 80 4.90 8.38 -5.90
C VAL A 80 6.06 8.96 -5.10
N LEU A 81 6.80 8.10 -4.39
CA LEU A 81 7.96 8.58 -3.66
C LEU A 81 9.08 8.98 -4.63
N ALA A 82 9.20 8.28 -5.77
CA ALA A 82 10.24 8.64 -6.75
C ALA A 82 9.93 9.97 -7.41
N GLU A 83 8.66 10.19 -7.76
CA GLU A 83 8.21 11.51 -8.18
C GLU A 83 8.40 12.55 -7.07
N SER A 84 8.44 12.12 -5.83
CA SER A 84 8.62 13.00 -4.69
C SER A 84 10.09 13.29 -4.39
N GLY A 85 11.01 12.72 -5.17
CA GLY A 85 12.41 12.88 -4.86
C GLY A 85 12.88 12.20 -3.59
N LYS A 86 12.04 11.39 -2.93
CA LYS A 86 12.47 10.84 -1.64
C LYS A 86 12.64 9.32 -1.65
N LEU A 87 12.63 8.66 -2.81
CA LEU A 87 12.87 7.22 -2.90
C LEU A 87 14.36 6.93 -2.89
N GLU A 88 14.83 6.14 -1.92
CA GLU A 88 16.22 5.69 -1.96
C GLU A 88 16.16 4.18 -2.24
N HIS A 89 16.39 3.84 -3.49
CA HIS A 89 15.96 2.58 -4.08
C HIS A 89 17.08 1.77 -4.70
N HIS A 90 16.99 0.44 -4.63
CA HIS A 90 18.02 -0.41 -5.30
C HIS A 90 17.46 -1.70 -6.00
N ASP A 2 14.39 3.55 1.55
CA ASP A 2 14.81 2.17 1.56
C ASP A 2 13.63 1.34 1.03
N ASP A 3 13.85 0.41 0.10
CA ASP A 3 12.77 -0.48 -0.27
C ASP A 3 12.20 -1.17 0.97
N GLU A 4 13.09 -1.64 1.86
CA GLU A 4 12.65 -2.32 3.09
C GLU A 4 11.65 -1.48 3.87
N GLU A 5 11.98 -0.21 4.06
CA GLU A 5 11.19 0.67 4.92
C GLU A 5 9.80 0.90 4.33
N ILE A 6 9.71 1.01 3.01
CA ILE A 6 8.41 1.23 2.39
C ILE A 6 7.61 -0.06 2.35
N GLU A 7 8.27 -1.18 2.07
CA GLU A 7 7.60 -2.48 2.10
C GLU A 7 6.99 -2.79 3.46
N LYS A 8 7.72 -2.49 4.54
CA LYS A 8 7.22 -2.80 5.88
C LYS A 8 6.13 -1.81 6.30
N GLY A 9 6.30 -0.54 5.93
CA GLY A 9 5.30 0.47 6.25
C GLY A 9 3.96 0.23 5.56
N VAL A 10 3.99 -0.14 4.28
CA VAL A 10 2.74 -0.39 3.57
C VAL A 10 2.08 -1.67 4.10
N THR A 11 2.89 -2.71 4.34
CA THR A 11 2.36 -3.95 4.91
C THR A 11 1.62 -3.67 6.22
N SER A 12 2.24 -2.90 7.12
CA SER A 12 1.62 -2.55 8.39
C SER A 12 0.28 -1.83 8.21
N ILE A 13 0.22 -0.90 7.25
CA ILE A 13 -1.04 -0.19 7.02
C ILE A 13 -2.11 -1.13 6.50
N VAL A 14 -1.77 -1.97 5.53
CA VAL A 14 -2.78 -2.85 4.96
C VAL A 14 -3.25 -3.83 6.02
N ALA A 15 -2.32 -4.34 6.84
CA ALA A 15 -2.66 -5.22 7.96
C ALA A 15 -3.69 -4.57 8.89
N GLU A 16 -3.44 -3.34 9.34
CA GLU A 16 -4.30 -2.81 10.39
C GLU A 16 -5.66 -2.35 9.83
N VAL A 17 -5.68 -1.83 8.60
CA VAL A 17 -6.97 -1.48 8.00
C VAL A 17 -7.80 -2.73 7.76
N THR A 18 -7.16 -3.83 7.40
CA THR A 18 -7.86 -5.05 7.04
C THR A 18 -8.01 -6.00 8.22
N GLU A 19 -7.37 -5.68 9.35
CA GLU A 19 -7.46 -6.46 10.57
C GLU A 19 -6.93 -7.88 10.36
N LEU A 20 -5.81 -7.96 9.66
CA LEU A 20 -5.10 -9.21 9.43
C LEU A 20 -3.67 -9.10 9.91
N ASP A 21 -3.01 -10.25 10.03
CA ASP A 21 -1.65 -10.33 10.55
C ASP A 21 -0.65 -9.87 9.49
N GLU A 22 0.36 -9.10 9.91
CA GLU A 22 1.31 -8.55 8.93
C GLU A 22 2.04 -9.65 8.17
N LYS A 23 2.48 -10.71 8.86
CA LYS A 23 3.16 -11.79 8.15
C LYS A 23 2.21 -12.47 7.18
N GLU A 24 0.93 -12.60 7.57
CA GLU A 24 0.01 -13.28 6.67
C GLU A 24 -0.25 -12.46 5.41
N ILE A 25 -0.33 -11.12 5.52
CA ILE A 25 -0.61 -10.32 4.33
C ILE A 25 0.65 -10.25 3.47
N TRP A 26 1.82 -10.27 4.10
CA TRP A 26 3.06 -10.35 3.32
C TRP A 26 3.12 -11.63 2.49
N GLU A 27 2.76 -12.78 3.10
CA GLU A 27 2.76 -14.01 2.34
C GLU A 27 1.84 -13.93 1.13
N LYS A 28 0.73 -13.23 1.23
CA LYS A 28 -0.21 -13.06 0.14
C LYS A 28 -0.02 -11.72 -0.56
N ARG A 29 1.24 -11.28 -0.70
CA ARG A 29 1.49 -9.96 -1.24
C ARG A 29 1.05 -9.82 -2.69
N ASP A 30 1.11 -10.88 -3.50
CA ASP A 30 0.83 -10.74 -4.92
C ASP A 30 -0.61 -11.08 -5.27
N ALA A 31 -1.46 -11.38 -4.29
CA ALA A 31 -2.83 -11.81 -4.53
C ALA A 31 -3.80 -10.64 -4.64
N ASN A 32 -5.02 -10.96 -5.10
CA ASN A 32 -6.03 -9.97 -5.45
C ASN A 32 -6.76 -9.46 -4.20
N PHE A 33 -6.95 -8.14 -4.13
CA PHE A 33 -7.38 -7.50 -2.89
C PHE A 33 -8.86 -7.73 -2.61
N PHE A 34 -9.73 -7.41 -3.58
CA PHE A 34 -11.14 -7.17 -3.23
C PHE A 34 -12.06 -8.33 -3.54
N GLN A 35 -11.63 -9.56 -3.23
CA GLN A 35 -12.47 -10.75 -3.27
C GLN A 35 -11.65 -11.98 -2.90
N ASP A 36 -11.07 -11.97 -1.70
CA ASP A 36 -9.94 -12.81 -1.29
C ASP A 36 -9.29 -12.32 -0.01
N LEU A 37 -8.88 -11.05 0.05
CA LEU A 37 -8.60 -10.37 1.33
C LEU A 37 -9.67 -9.34 1.68
N GLU A 38 -10.88 -9.53 1.17
CA GLU A 38 -12.02 -8.68 1.51
C GLU A 38 -11.62 -7.20 1.57
N ILE A 39 -11.24 -6.68 0.41
CA ILE A 39 -11.16 -5.23 0.21
C ILE A 39 -12.38 -4.82 -0.58
N ASP A 40 -12.80 -3.59 -0.33
CA ASP A 40 -13.70 -2.83 -1.17
C ASP A 40 -13.19 -1.40 -1.16
N SER A 41 -13.98 -0.50 -1.73
CA SER A 41 -13.45 0.83 -2.00
C SER A 41 -13.23 1.63 -0.72
N LEU A 42 -14.05 1.41 0.31
CA LEU A 42 -13.82 2.13 1.56
C LEU A 42 -12.50 1.75 2.19
N LEU A 43 -12.21 0.45 2.21
CA LEU A 43 -10.94 -0.01 2.77
C LEU A 43 -9.77 0.48 1.92
N ALA A 44 -9.89 0.43 0.60
CA ALA A 44 -8.78 0.88 -0.25
C ALA A 44 -8.57 2.37 -0.07
N LEU A 45 -9.65 3.12 0.07
CA LEU A 45 -9.55 4.55 0.32
C LEU A 45 -8.83 4.83 1.63
N GLU A 46 -9.06 3.98 2.64
CA GLU A 46 -8.39 4.23 3.91
C GLU A 46 -6.90 3.90 3.80
N ILE A 47 -6.58 2.84 3.06
CA ILE A 47 -5.18 2.49 2.82
C ILE A 47 -4.47 3.69 2.21
N LEU A 48 -5.04 4.24 1.13
CA LEU A 48 -4.42 5.39 0.47
C LEU A 48 -4.18 6.53 1.46
N ALA A 49 -5.18 6.87 2.27
CA ALA A 49 -5.05 8.00 3.17
C ALA A 49 -3.95 7.77 4.20
N LEU A 50 -3.87 6.56 4.73
CA LEU A 50 -2.84 6.23 5.70
C LEU A 50 -1.44 6.24 5.07
N ILE A 51 -1.32 5.81 3.81
CA ILE A 51 -0.02 5.85 3.15
C ILE A 51 0.45 7.30 3.05
N GLU A 52 -0.44 8.18 2.60
CA GLU A 52 -0.11 9.60 2.55
C GLU A 52 0.45 10.09 3.89
N LYS A 53 -0.08 9.60 5.00
CA LYS A 53 0.28 10.21 6.28
C LYS A 53 1.57 9.61 6.83
N LYS A 54 1.81 8.33 6.56
CA LYS A 54 3.06 7.69 6.98
C LYS A 54 4.25 8.20 6.17
N PHE A 55 4.06 8.40 4.87
CA PHE A 55 5.17 8.65 3.95
C PHE A 55 5.25 10.11 3.50
N LYS A 56 4.36 10.97 3.99
CA LYS A 56 4.45 12.42 3.82
C LYS A 56 4.19 12.81 2.35
N VAL A 57 3.27 12.08 1.70
CA VAL A 57 2.99 12.33 0.28
C VAL A 57 1.51 12.54 0.05
N GLN A 58 1.21 13.11 -1.11
CA GLN A 58 -0.13 13.13 -1.66
C GLN A 58 -0.20 12.18 -2.86
N ILE A 59 -1.23 11.33 -2.87
CA ILE A 59 -1.44 10.36 -3.94
C ILE A 59 -2.68 10.81 -4.69
N PRO A 60 -2.60 11.06 -6.00
CA PRO A 60 -3.83 11.31 -6.76
C PRO A 60 -4.77 10.11 -6.69
N GLU A 61 -6.03 10.38 -6.34
CA GLU A 61 -6.96 9.29 -6.06
C GLU A 61 -7.45 8.61 -7.34
N GLU A 62 -7.21 9.24 -8.50
CA GLU A 62 -7.20 8.52 -9.78
C GLU A 62 -6.66 7.10 -9.64
N LYS A 63 -5.58 6.93 -8.85
CA LYS A 63 -4.92 5.64 -8.70
C LYS A 63 -5.31 4.93 -7.41
N LEU A 64 -6.39 5.35 -6.74
CA LEU A 64 -6.97 4.52 -5.68
C LEU A 64 -7.48 3.20 -6.25
N VAL A 65 -8.56 3.22 -7.05
CA VAL A 65 -8.72 2.14 -8.03
C VAL A 65 -7.39 1.95 -8.75
N ASP A 66 -6.76 0.80 -8.57
CA ASP A 66 -5.35 0.51 -8.88
C ASP A 66 -4.59 0.01 -7.65
N ILE A 67 -5.12 0.26 -6.45
CA ILE A 67 -4.70 -0.40 -5.21
C ILE A 67 -5.37 -1.76 -5.16
N THR A 68 -4.71 -2.77 -5.71
CA THR A 68 -5.32 -4.06 -6.04
C THR A 68 -4.57 -5.26 -5.49
N SER A 69 -3.41 -5.05 -4.87
CA SER A 69 -2.67 -6.11 -4.20
C SER A 69 -1.66 -5.41 -3.31
N LEU A 70 -1.08 -6.13 -2.35
CA LEU A 70 -0.07 -5.47 -1.56
C LEU A 70 1.10 -5.05 -2.46
N SER A 71 1.48 -5.93 -3.39
CA SER A 71 2.61 -5.64 -4.27
C SER A 71 2.32 -4.43 -5.17
N ALA A 72 1.10 -4.37 -5.71
CA ALA A 72 0.71 -3.18 -6.48
C ALA A 72 0.71 -1.94 -5.60
N THR A 73 0.24 -2.05 -4.36
CA THR A 73 0.19 -0.89 -3.49
C THR A 73 1.59 -0.41 -3.13
N ILE A 74 2.50 -1.36 -2.90
CA ILE A 74 3.90 -1.02 -2.65
C ILE A 74 4.50 -0.35 -3.87
N GLY A 75 4.26 -0.90 -5.06
CA GLY A 75 4.77 -0.30 -6.27
C GLY A 75 4.27 1.12 -6.48
N LEU A 76 2.98 1.34 -6.20
CA LEU A 76 2.43 2.68 -6.28
C LEU A 76 3.15 3.62 -5.31
N THR A 77 3.35 3.17 -4.08
CA THR A 77 3.97 4.02 -3.08
C THR A 77 5.41 4.36 -3.50
N LYS A 78 6.11 3.38 -4.10
CA LYS A 78 7.45 3.64 -4.62
C LYS A 78 7.44 4.70 -5.72
N SER A 79 6.64 4.49 -6.78
CA SER A 79 6.52 5.46 -7.87
C SER A 79 6.23 6.86 -7.37
N VAL A 80 5.27 6.98 -6.45
CA VAL A 80 4.90 8.26 -5.89
C VAL A 80 6.06 8.86 -5.10
N LEU A 81 6.83 8.02 -4.42
CA LEU A 81 7.97 8.52 -3.68
C LEU A 81 9.08 8.96 -4.63
N ALA A 82 9.26 8.25 -5.74
CA ALA A 82 10.29 8.62 -6.71
C ALA A 82 9.96 9.97 -7.33
N GLU A 83 8.67 10.29 -7.43
CA GLU A 83 8.25 11.54 -8.01
C GLU A 83 8.40 12.71 -7.05
N SER A 84 8.43 12.45 -5.75
CA SER A 84 8.69 13.47 -4.75
C SER A 84 10.19 13.71 -4.52
N GLY A 85 11.06 12.99 -5.22
CA GLY A 85 12.45 12.97 -4.80
C GLY A 85 12.63 12.42 -3.39
N LYS A 86 12.08 11.25 -3.12
CA LYS A 86 12.15 10.70 -1.78
C LYS A 86 12.78 9.30 -1.80
N LEU A 87 12.44 8.50 -2.81
CA LEU A 87 12.89 7.11 -2.95
C LEU A 87 14.40 7.04 -3.01
N GLU A 88 15.00 6.05 -2.35
CA GLU A 88 16.44 5.82 -2.55
C GLU A 88 16.65 4.36 -2.98
N HIS A 89 15.69 3.84 -3.74
CA HIS A 89 15.72 2.55 -4.44
C HIS A 89 17.11 1.99 -4.69
N HIS A 90 17.32 0.73 -4.35
CA HIS A 90 18.60 0.08 -4.66
C HIS A 90 18.43 -1.01 -5.73
N ASP A 2 13.07 4.80 0.75
CA ASP A 2 13.70 3.53 1.08
C ASP A 2 12.92 2.22 1.00
N ASP A 3 13.41 1.27 0.21
CA ASP A 3 12.61 0.11 -0.16
C ASP A 3 12.28 -0.79 1.03
N GLU A 4 13.30 -1.19 1.77
CA GLU A 4 13.13 -1.81 3.08
C GLU A 4 11.94 -1.22 3.85
N GLU A 5 12.02 0.07 4.14
CA GLU A 5 11.04 0.69 5.03
C GLU A 5 9.71 0.88 4.31
N ILE A 6 9.74 0.98 2.98
CA ILE A 6 8.49 1.11 2.24
C ILE A 6 7.66 -0.16 2.37
N GLU A 7 8.27 -1.30 2.06
CA GLU A 7 7.56 -2.57 2.09
C GLU A 7 6.98 -2.86 3.47
N LYS A 8 7.71 -2.50 4.53
CA LYS A 8 7.24 -2.74 5.88
C LYS A 8 6.13 -1.78 6.30
N GLY A 9 6.29 -0.50 5.97
CA GLY A 9 5.27 0.48 6.29
C GLY A 9 3.95 0.23 5.60
N VAL A 10 3.99 -0.13 4.32
CA VAL A 10 2.75 -0.39 3.59
C VAL A 10 2.09 -1.67 4.11
N THR A 11 2.90 -2.69 4.39
CA THR A 11 2.35 -3.94 4.94
C THR A 11 1.60 -3.67 6.24
N SER A 12 2.21 -2.90 7.15
CA SER A 12 1.56 -2.62 8.44
C SER A 12 0.25 -1.84 8.24
N ILE A 13 0.22 -0.92 7.30
CA ILE A 13 -1.02 -0.19 7.03
C ILE A 13 -2.09 -1.13 6.49
N VAL A 14 -1.74 -1.97 5.54
CA VAL A 14 -2.77 -2.84 4.98
C VAL A 14 -3.23 -3.84 6.04
N ALA A 15 -2.29 -4.32 6.88
CA ALA A 15 -2.65 -5.15 8.03
C ALA A 15 -3.66 -4.47 8.94
N GLU A 16 -3.45 -3.20 9.30
CA GLU A 16 -4.36 -2.59 10.27
C GLU A 16 -5.73 -2.34 9.65
N VAL A 17 -5.78 -2.02 8.34
CA VAL A 17 -7.06 -1.83 7.67
C VAL A 17 -7.84 -3.13 7.52
N THR A 18 -7.17 -4.19 7.11
CA THR A 18 -7.85 -5.46 6.89
C THR A 18 -8.10 -6.21 8.19
N GLU A 19 -7.50 -5.74 9.29
CA GLU A 19 -7.51 -6.47 10.55
C GLU A 19 -6.97 -7.88 10.37
N LEU A 20 -5.86 -7.98 9.62
CA LEU A 20 -5.16 -9.22 9.39
C LEU A 20 -3.72 -9.10 9.87
N ASP A 21 -3.07 -10.25 10.00
CA ASP A 21 -1.73 -10.34 10.54
C ASP A 21 -0.69 -9.87 9.53
N GLU A 22 0.31 -9.13 10.01
CA GLU A 22 1.34 -8.59 9.15
C GLU A 22 2.05 -9.69 8.35
N LYS A 23 2.50 -10.76 9.01
CA LYS A 23 3.18 -11.82 8.26
C LYS A 23 2.24 -12.45 7.25
N GLU A 24 0.96 -12.61 7.62
CA GLU A 24 0.09 -13.37 6.75
C GLU A 24 -0.25 -12.55 5.51
N ILE A 25 -0.33 -11.22 5.64
CA ILE A 25 -0.55 -10.33 4.49
C ILE A 25 0.68 -10.31 3.58
N TRP A 26 1.86 -10.30 4.18
CA TRP A 26 3.08 -10.34 3.38
C TRP A 26 3.14 -11.61 2.53
N GLU A 27 2.80 -12.77 3.12
CA GLU A 27 2.75 -13.99 2.33
C GLU A 27 1.87 -13.85 1.11
N LYS A 28 0.76 -13.16 1.23
CA LYS A 28 -0.20 -13.05 0.13
C LYS A 28 -0.10 -11.69 -0.56
N ARG A 29 1.14 -11.25 -0.79
CA ARG A 29 1.36 -9.97 -1.43
C ARG A 29 0.90 -9.95 -2.89
N ASP A 30 0.65 -11.10 -3.50
CA ASP A 30 0.00 -11.17 -4.81
C ASP A 30 -1.47 -11.56 -4.75
N ALA A 31 -2.06 -11.63 -3.56
CA ALA A 31 -3.48 -11.91 -3.42
C ALA A 31 -4.31 -10.70 -3.83
N ASN A 32 -5.21 -10.94 -4.79
CA ASN A 32 -6.20 -9.96 -5.24
C ASN A 32 -6.96 -9.36 -4.06
N PHE A 33 -6.82 -8.05 -3.86
CA PHE A 33 -7.39 -7.40 -2.68
C PHE A 33 -8.87 -7.70 -2.52
N PHE A 34 -9.64 -7.67 -3.63
CA PHE A 34 -11.08 -7.70 -3.44
C PHE A 34 -11.74 -9.01 -3.84
N GLN A 35 -10.97 -10.06 -4.20
CA GLN A 35 -11.56 -11.40 -4.11
C GLN A 35 -10.64 -12.39 -3.39
N ASP A 36 -9.81 -11.91 -2.46
CA ASP A 36 -9.14 -12.76 -1.49
C ASP A 36 -8.91 -12.13 -0.13
N LEU A 37 -8.81 -10.79 -0.03
CA LEU A 37 -8.64 -10.15 1.26
C LEU A 37 -9.92 -9.46 1.76
N GLU A 38 -11.04 -9.62 1.05
CA GLU A 38 -12.33 -9.03 1.42
C GLU A 38 -12.22 -7.50 1.58
N ILE A 39 -11.47 -6.90 0.65
CA ILE A 39 -11.33 -5.45 0.55
C ILE A 39 -12.34 -4.91 -0.45
N ASP A 40 -13.15 -3.97 0.02
CA ASP A 40 -14.01 -3.13 -0.80
C ASP A 40 -13.36 -1.76 -0.96
N SER A 41 -14.09 -0.84 -1.58
CA SER A 41 -13.49 0.44 -1.95
C SER A 41 -13.25 1.34 -0.76
N LEU A 42 -14.08 1.24 0.29
CA LEU A 42 -13.84 2.06 1.48
C LEU A 42 -12.52 1.71 2.14
N LEU A 43 -12.19 0.41 2.17
CA LEU A 43 -10.93 0.00 2.76
C LEU A 43 -9.74 0.47 1.92
N ALA A 44 -9.86 0.39 0.59
CA ALA A 44 -8.78 0.87 -0.27
C ALA A 44 -8.55 2.36 -0.05
N LEU A 45 -9.65 3.10 0.08
CA LEU A 45 -9.56 4.52 0.37
C LEU A 45 -8.85 4.79 1.68
N GLU A 46 -9.07 3.95 2.68
CA GLU A 46 -8.39 4.19 3.95
C GLU A 46 -6.91 3.88 3.83
N ILE A 47 -6.57 2.84 3.06
CA ILE A 47 -5.18 2.49 2.84
C ILE A 47 -4.46 3.67 2.20
N LEU A 48 -5.05 4.22 1.14
CA LEU A 48 -4.42 5.36 0.45
C LEU A 48 -4.19 6.51 1.41
N ALA A 49 -5.18 6.82 2.25
CA ALA A 49 -5.04 7.96 3.15
C ALA A 49 -3.95 7.72 4.18
N LEU A 50 -3.89 6.52 4.74
CA LEU A 50 -2.84 6.20 5.70
C LEU A 50 -1.44 6.23 5.06
N ILE A 51 -1.33 5.84 3.79
CA ILE A 51 -0.02 5.88 3.15
C ILE A 51 0.45 7.32 3.04
N GLU A 52 -0.44 8.21 2.61
CA GLU A 52 -0.13 9.64 2.58
C GLU A 52 0.46 10.13 3.90
N LYS A 53 -0.18 9.81 5.01
CA LYS A 53 0.31 10.33 6.29
C LYS A 53 1.67 9.76 6.63
N LYS A 54 1.82 8.43 6.51
CA LYS A 54 3.04 7.75 6.95
C LYS A 54 4.26 8.22 6.17
N PHE A 55 4.10 8.45 4.87
CA PHE A 55 5.22 8.74 3.98
C PHE A 55 5.26 10.19 3.51
N LYS A 56 4.32 11.01 3.96
CA LYS A 56 4.31 12.46 3.73
C LYS A 56 4.15 12.80 2.26
N VAL A 57 3.26 12.07 1.61
CA VAL A 57 3.00 12.28 0.20
C VAL A 57 1.53 12.57 0.01
N GLN A 58 1.25 13.32 -1.05
CA GLN A 58 -0.09 13.39 -1.62
C GLN A 58 -0.15 12.37 -2.74
N ILE A 59 -1.28 11.68 -2.85
CA ILE A 59 -1.51 10.72 -3.92
C ILE A 59 -2.83 11.15 -4.57
N PRO A 60 -2.87 11.40 -5.87
CA PRO A 60 -4.19 11.61 -6.49
C PRO A 60 -5.08 10.45 -6.13
N GLU A 61 -6.21 10.75 -5.49
CA GLU A 61 -7.08 9.67 -5.04
C GLU A 61 -7.75 8.97 -6.23
N GLU A 62 -7.51 9.46 -7.44
CA GLU A 62 -7.87 8.66 -8.62
C GLU A 62 -7.23 7.28 -8.55
N LYS A 63 -5.90 7.23 -8.44
CA LYS A 63 -5.13 5.99 -8.56
C LYS A 63 -5.36 5.01 -7.41
N LEU A 64 -6.49 5.14 -6.70
CA LEU A 64 -6.91 4.15 -5.70
C LEU A 64 -6.80 2.73 -6.23
N VAL A 65 -7.90 2.17 -6.76
CA VAL A 65 -7.83 1.06 -7.72
C VAL A 65 -6.54 1.11 -8.51
N ASP A 66 -5.89 -0.03 -8.70
CA ASP A 66 -4.42 -0.17 -8.76
C ASP A 66 -3.86 -0.50 -7.38
N ILE A 67 -4.50 0.01 -6.32
CA ILE A 67 -4.39 -0.55 -4.99
C ILE A 67 -5.23 -1.82 -5.04
N THR A 68 -4.70 -2.84 -5.74
CA THR A 68 -5.36 -4.11 -5.98
C THR A 68 -4.68 -5.29 -5.32
N SER A 69 -3.40 -5.15 -4.97
CA SER A 69 -2.69 -6.15 -4.19
C SER A 69 -1.68 -5.43 -3.32
N LEU A 70 -1.08 -6.14 -2.38
CA LEU A 70 -0.04 -5.47 -1.60
C LEU A 70 1.10 -5.05 -2.51
N SER A 71 1.48 -5.92 -3.44
CA SER A 71 2.61 -5.64 -4.32
C SER A 71 2.33 -4.45 -5.23
N ALA A 72 1.12 -4.37 -5.77
CA ALA A 72 0.74 -3.19 -6.54
C ALA A 72 0.73 -1.94 -5.65
N THR A 73 0.26 -2.07 -4.42
CA THR A 73 0.18 -0.90 -3.55
C THR A 73 1.58 -0.42 -3.17
N ILE A 74 2.50 -1.35 -2.93
CA ILE A 74 3.89 -1.01 -2.66
C ILE A 74 4.51 -0.33 -3.87
N GLY A 75 4.27 -0.88 -5.06
CA GLY A 75 4.79 -0.27 -6.28
C GLY A 75 4.27 1.14 -6.49
N LEU A 76 2.97 1.33 -6.21
CA LEU A 76 2.41 2.68 -6.30
C LEU A 76 3.12 3.63 -5.34
N THR A 77 3.34 3.18 -4.11
CA THR A 77 3.95 4.03 -3.11
C THR A 77 5.38 4.37 -3.53
N LYS A 78 6.11 3.39 -4.08
CA LYS A 78 7.47 3.65 -4.57
C LYS A 78 7.48 4.71 -5.68
N SER A 79 6.66 4.52 -6.73
CA SER A 79 6.61 5.49 -7.83
C SER A 79 6.29 6.90 -7.34
N VAL A 80 5.32 7.02 -6.43
CA VAL A 80 4.94 8.32 -5.91
C VAL A 80 6.06 8.90 -5.07
N LEU A 81 6.83 8.05 -4.39
CA LEU A 81 7.98 8.55 -3.65
C LEU A 81 9.10 8.98 -4.61
N ALA A 82 9.25 8.29 -5.74
CA ALA A 82 10.27 8.64 -6.72
C ALA A 82 9.91 9.94 -7.44
N GLU A 83 8.63 10.08 -7.80
CA GLU A 83 8.12 11.34 -8.33
C GLU A 83 8.35 12.52 -7.40
N SER A 84 8.42 12.27 -6.10
CA SER A 84 8.66 13.34 -5.13
C SER A 84 10.15 13.46 -4.76
N GLY A 85 11.03 12.69 -5.41
CA GLY A 85 12.45 12.76 -5.09
C GLY A 85 12.84 12.10 -3.78
N LYS A 86 12.07 11.11 -3.32
CA LYS A 86 12.19 10.66 -1.95
C LYS A 86 12.47 9.15 -1.83
N LEU A 87 12.80 8.48 -2.93
CA LEU A 87 12.99 7.03 -2.98
C LEU A 87 14.48 6.69 -3.09
N GLU A 88 14.90 5.57 -2.48
CA GLU A 88 16.30 5.13 -2.64
C GLU A 88 16.44 3.75 -3.32
N HIS A 89 15.59 3.45 -4.29
CA HIS A 89 15.58 2.14 -4.97
C HIS A 89 16.96 1.45 -5.17
N HIS A 90 17.19 0.37 -4.45
CA HIS A 90 18.43 -0.40 -4.65
C HIS A 90 18.14 -1.71 -5.38
N ASP A 2 13.43 4.40 1.04
CA ASP A 2 14.07 3.12 1.44
C ASP A 2 13.19 1.85 1.27
N ASP A 3 13.59 0.92 0.40
CA ASP A 3 12.66 -0.11 -0.06
C ASP A 3 12.19 -1.01 1.09
N GLU A 4 13.15 -1.55 1.84
CA GLU A 4 12.87 -2.22 3.12
C GLU A 4 11.76 -1.50 3.90
N GLU A 5 11.92 -0.19 4.06
CA GLU A 5 11.07 0.58 4.96
C GLU A 5 9.72 0.88 4.30
N ILE A 6 9.69 1.02 2.97
CA ILE A 6 8.41 1.20 2.31
C ILE A 6 7.60 -0.09 2.38
N GLU A 7 8.27 -1.22 2.13
CA GLU A 7 7.61 -2.51 2.16
C GLU A 7 7.01 -2.80 3.54
N LYS A 8 7.76 -2.50 4.60
CA LYS A 8 7.27 -2.73 5.97
C LYS A 8 6.13 -1.78 6.33
N GLY A 9 6.24 -0.52 5.92
CA GLY A 9 5.22 0.47 6.24
C GLY A 9 3.90 0.22 5.53
N VAL A 10 3.94 -0.14 4.25
CA VAL A 10 2.70 -0.40 3.53
C VAL A 10 2.05 -1.68 4.07
N THR A 11 2.86 -2.69 4.39
CA THR A 11 2.33 -3.94 4.95
C THR A 11 1.60 -3.66 6.26
N SER A 12 2.24 -2.90 7.15
CA SER A 12 1.62 -2.50 8.42
C SER A 12 0.26 -1.82 8.20
N ILE A 13 0.19 -0.88 7.27
CA ILE A 13 -1.07 -0.17 6.99
C ILE A 13 -2.14 -1.14 6.51
N VAL A 14 -1.78 -1.98 5.53
CA VAL A 14 -2.76 -2.87 4.97
C VAL A 14 -3.23 -3.88 6.03
N ALA A 15 -2.29 -4.37 6.84
CA ALA A 15 -2.63 -5.21 8.00
C ALA A 15 -3.63 -4.52 8.93
N GLU A 16 -3.36 -3.27 9.30
CA GLU A 16 -4.18 -2.61 10.31
C GLU A 16 -5.60 -2.33 9.77
N VAL A 17 -5.68 -1.79 8.54
CA VAL A 17 -7.00 -1.46 7.98
C VAL A 17 -7.84 -2.72 7.78
N THR A 18 -7.19 -3.83 7.46
CA THR A 18 -7.89 -5.05 7.10
C THR A 18 -8.04 -6.02 8.26
N GLU A 19 -7.41 -5.70 9.40
CA GLU A 19 -7.51 -6.51 10.61
C GLU A 19 -6.93 -7.90 10.38
N LEU A 20 -5.80 -7.95 9.69
CA LEU A 20 -5.10 -9.19 9.40
C LEU A 20 -3.68 -9.09 9.92
N ASP A 21 -2.99 -10.22 10.04
CA ASP A 21 -1.63 -10.20 10.57
C ASP A 21 -0.63 -9.81 9.48
N GLU A 22 0.41 -9.06 9.88
CA GLU A 22 1.35 -8.54 8.91
C GLU A 22 2.06 -9.67 8.15
N LYS A 23 2.45 -10.73 8.86
CA LYS A 23 3.13 -11.83 8.20
C LYS A 23 2.24 -12.48 7.14
N GLU A 24 0.93 -12.60 7.44
CA GLU A 24 0.05 -13.27 6.49
C GLU A 24 -0.22 -12.39 5.27
N ILE A 25 -0.42 -11.09 5.47
CA ILE A 25 -0.60 -10.20 4.32
C ILE A 25 0.65 -10.25 3.44
N TRP A 26 1.82 -10.29 4.08
CA TRP A 26 3.06 -10.36 3.30
C TRP A 26 3.12 -11.64 2.47
N GLU A 27 2.77 -12.78 3.08
CA GLU A 27 2.72 -14.02 2.31
C GLU A 27 1.80 -13.89 1.09
N LYS A 28 0.69 -13.19 1.23
CA LYS A 28 -0.25 -13.01 0.13
C LYS A 28 -0.02 -11.70 -0.60
N ARG A 29 1.23 -11.27 -0.71
CA ARG A 29 1.49 -9.95 -1.30
C ARG A 29 1.05 -9.87 -2.75
N ASP A 30 1.13 -10.96 -3.51
CA ASP A 30 0.81 -10.92 -4.93
C ASP A 30 -0.66 -11.24 -5.22
N ALA A 31 -1.46 -11.62 -4.22
CA ALA A 31 -2.87 -11.94 -4.40
C ALA A 31 -3.67 -10.70 -4.80
N ASN A 32 -4.99 -10.88 -4.91
CA ASN A 32 -5.92 -9.80 -5.28
C ASN A 32 -6.75 -9.35 -4.06
N PHE A 33 -6.69 -8.06 -3.74
CA PHE A 33 -7.21 -7.57 -2.46
C PHE A 33 -8.66 -7.99 -2.25
N PHE A 34 -9.45 -7.98 -3.33
CA PHE A 34 -10.89 -7.98 -3.15
C PHE A 34 -11.55 -9.32 -3.46
N GLN A 35 -10.93 -10.19 -4.28
CA GLN A 35 -11.45 -11.56 -4.41
C GLN A 35 -10.63 -12.56 -3.62
N ASP A 36 -9.65 -12.10 -2.82
CA ASP A 36 -8.87 -12.97 -1.96
C ASP A 36 -8.73 -12.46 -0.52
N LEU A 37 -8.46 -11.17 -0.31
CA LEU A 37 -8.30 -10.63 1.05
C LEU A 37 -9.61 -10.05 1.59
N GLU A 38 -10.58 -9.78 0.72
CA GLU A 38 -11.88 -9.22 1.12
C GLU A 38 -11.69 -7.83 1.75
N ILE A 39 -11.52 -6.83 0.86
CA ILE A 39 -11.25 -5.45 1.22
C ILE A 39 -11.97 -4.51 0.24
N ASP A 40 -13.18 -4.03 0.62
CA ASP A 40 -14.06 -3.28 -0.29
C ASP A 40 -13.43 -1.91 -0.63
N SER A 41 -14.22 -1.05 -1.30
CA SER A 41 -13.64 0.18 -1.82
C SER A 41 -13.36 1.19 -0.72
N LEU A 42 -14.16 1.20 0.36
CA LEU A 42 -13.86 2.06 1.49
C LEU A 42 -12.53 1.71 2.12
N LEU A 43 -12.22 0.42 2.20
CA LEU A 43 -10.95 0.02 2.79
C LEU A 43 -9.79 0.49 1.93
N ALA A 44 -9.95 0.46 0.60
CA ALA A 44 -8.88 0.93 -0.29
C ALA A 44 -8.60 2.41 -0.05
N LEU A 45 -9.65 3.21 0.12
CA LEU A 45 -9.42 4.63 0.35
C LEU A 45 -8.77 4.87 1.70
N GLU A 46 -9.05 4.00 2.67
CA GLU A 46 -8.40 4.17 3.96
C GLU A 46 -6.91 3.89 3.84
N ILE A 47 -6.57 2.83 3.10
CA ILE A 47 -5.17 2.50 2.85
C ILE A 47 -4.47 3.69 2.22
N LEU A 48 -5.05 4.21 1.13
CA LEU A 48 -4.45 5.34 0.42
C LEU A 48 -4.19 6.50 1.38
N ALA A 49 -5.19 6.83 2.22
CA ALA A 49 -5.06 7.96 3.12
C ALA A 49 -3.97 7.72 4.15
N LEU A 50 -3.90 6.51 4.68
CA LEU A 50 -2.86 6.19 5.65
C LEU A 50 -1.47 6.23 5.02
N ILE A 51 -1.33 5.78 3.77
CA ILE A 51 -0.03 5.84 3.12
C ILE A 51 0.40 7.29 2.97
N GLU A 52 -0.50 8.11 2.43
CA GLU A 52 -0.22 9.53 2.25
C GLU A 52 0.45 10.14 3.48
N LYS A 53 -0.15 9.96 4.66
CA LYS A 53 0.36 10.65 5.83
C LYS A 53 1.58 9.95 6.42
N LYS A 54 1.63 8.61 6.33
CA LYS A 54 2.78 7.90 6.89
C LYS A 54 4.07 8.32 6.21
N PHE A 55 4.08 8.34 4.88
CA PHE A 55 5.26 8.65 4.11
C PHE A 55 5.32 10.13 3.76
N LYS A 56 4.30 10.87 4.13
CA LYS A 56 4.29 12.31 4.03
C LYS A 56 4.26 12.72 2.56
N VAL A 57 3.28 12.15 1.87
CA VAL A 57 3.14 12.29 0.43
C VAL A 57 1.67 12.53 0.11
N GLN A 58 1.43 13.36 -0.89
CA GLN A 58 0.15 13.42 -1.56
C GLN A 58 0.09 12.27 -2.55
N ILE A 59 -1.03 11.55 -2.54
CA ILE A 59 -1.37 10.61 -3.60
C ILE A 59 -2.79 10.97 -4.02
N PRO A 60 -3.00 11.59 -5.18
CA PRO A 60 -4.36 12.00 -5.56
C PRO A 60 -5.32 10.82 -5.48
N GLU A 61 -6.62 11.15 -5.45
CA GLU A 61 -7.63 10.18 -5.05
C GLU A 61 -7.89 9.16 -6.15
N GLU A 62 -7.55 9.49 -7.40
CA GLU A 62 -7.97 8.63 -8.49
C GLU A 62 -7.26 7.28 -8.49
N LYS A 63 -5.94 7.27 -8.45
CA LYS A 63 -5.13 6.05 -8.56
C LYS A 63 -5.48 5.01 -7.50
N LEU A 64 -6.75 4.88 -7.11
CA LEU A 64 -7.10 3.89 -6.09
C LEU A 64 -6.84 2.47 -6.60
N VAL A 65 -7.62 1.98 -7.56
CA VAL A 65 -7.29 0.71 -8.20
C VAL A 65 -5.81 0.68 -8.56
N ASP A 66 -5.21 -0.50 -8.60
CA ASP A 66 -3.79 -0.67 -8.37
C ASP A 66 -3.46 -0.51 -6.89
N ILE A 67 -4.41 -0.04 -6.08
CA ILE A 67 -4.54 -0.52 -4.71
C ILE A 67 -5.41 -1.76 -4.87
N THR A 68 -4.80 -2.82 -5.41
CA THR A 68 -5.44 -4.07 -5.78
C THR A 68 -4.68 -5.29 -5.32
N SER A 69 -3.44 -5.12 -4.89
CA SER A 69 -2.68 -6.15 -4.23
C SER A 69 -1.66 -5.44 -3.34
N LEU A 70 -1.07 -6.17 -2.39
CA LEU A 70 -0.03 -5.54 -1.62
C LEU A 70 1.12 -5.11 -2.55
N SER A 71 1.47 -5.98 -3.50
CA SER A 71 2.57 -5.71 -4.40
C SER A 71 2.31 -4.46 -5.25
N ALA A 72 1.10 -4.36 -5.81
CA ALA A 72 0.76 -3.15 -6.56
C ALA A 72 0.75 -1.92 -5.66
N THR A 73 0.26 -2.06 -4.43
CA THR A 73 0.19 -0.90 -3.55
C THR A 73 1.60 -0.41 -3.20
N ILE A 74 2.50 -1.35 -2.93
CA ILE A 74 3.89 -1.01 -2.68
C ILE A 74 4.51 -0.34 -3.91
N GLY A 75 4.28 -0.92 -5.09
CA GLY A 75 4.76 -0.33 -6.32
C GLY A 75 4.26 1.09 -6.50
N LEU A 76 2.99 1.32 -6.16
CA LEU A 76 2.43 2.66 -6.26
C LEU A 76 3.13 3.63 -5.32
N THR A 77 3.37 3.19 -4.08
CA THR A 77 3.95 4.06 -3.08
C THR A 77 5.38 4.44 -3.47
N LYS A 78 6.14 3.47 -4.00
CA LYS A 78 7.49 3.76 -4.47
C LYS A 78 7.48 4.75 -5.64
N SER A 79 6.63 4.51 -6.65
CA SER A 79 6.45 5.42 -7.78
C SER A 79 6.21 6.86 -7.35
N VAL A 80 5.29 7.07 -6.40
CA VAL A 80 4.98 8.43 -5.96
C VAL A 80 6.12 8.99 -5.12
N LEU A 81 6.80 8.12 -4.37
CA LEU A 81 7.97 8.59 -3.63
C LEU A 81 9.09 9.01 -4.57
N ALA A 82 9.25 8.31 -5.71
CA ALA A 82 10.27 8.66 -6.68
C ALA A 82 9.91 9.95 -7.42
N GLU A 83 8.61 10.15 -7.67
CA GLU A 83 8.15 11.42 -8.21
C GLU A 83 8.34 12.56 -7.21
N SER A 84 8.44 12.24 -5.92
CA SER A 84 8.62 13.23 -4.86
C SER A 84 10.06 13.30 -4.34
N GLY A 85 11.00 12.63 -5.01
CA GLY A 85 12.41 12.90 -4.76
C GLY A 85 12.98 12.30 -3.50
N LYS A 86 12.28 11.36 -2.84
CA LYS A 86 12.81 10.85 -1.59
C LYS A 86 12.84 9.32 -1.56
N LEU A 87 12.82 8.67 -2.72
CA LEU A 87 12.99 7.23 -2.83
C LEU A 87 14.47 6.89 -2.90
N GLU A 88 14.90 5.82 -2.24
CA GLU A 88 16.19 5.23 -2.63
C GLU A 88 15.96 3.75 -2.88
N HIS A 89 16.13 3.38 -4.16
CA HIS A 89 15.81 2.07 -4.75
C HIS A 89 17.11 1.31 -5.03
N HIS A 90 17.32 0.24 -4.31
CA HIS A 90 18.62 -0.44 -4.33
C HIS A 90 18.47 -1.96 -4.12
N ASP A 2 13.57 4.02 0.87
CA ASP A 2 14.31 2.75 0.97
C ASP A 2 13.35 1.55 0.88
N ASP A 3 13.70 0.53 0.08
CA ASP A 3 12.76 -0.52 -0.26
C ASP A 3 12.19 -1.19 1.00
N GLU A 4 13.09 -1.54 1.94
CA GLU A 4 12.69 -2.21 3.18
C GLU A 4 11.61 -1.43 3.90
N GLU A 5 11.91 -0.16 4.18
CA GLU A 5 11.08 0.64 5.05
C GLU A 5 9.75 0.94 4.38
N ILE A 6 9.74 1.00 3.05
CA ILE A 6 8.50 1.16 2.31
C ILE A 6 7.66 -0.11 2.39
N GLU A 7 8.30 -1.26 2.16
CA GLU A 7 7.62 -2.55 2.25
C GLU A 7 6.98 -2.79 3.62
N LYS A 8 7.72 -2.54 4.70
CA LYS A 8 7.17 -2.80 6.03
C LYS A 8 6.07 -1.81 6.39
N GLY A 9 6.23 -0.56 5.96
CA GLY A 9 5.23 0.47 6.24
C GLY A 9 3.92 0.23 5.53
N VAL A 10 3.96 -0.13 4.24
CA VAL A 10 2.72 -0.41 3.53
C VAL A 10 2.07 -1.68 4.08
N THR A 11 2.89 -2.69 4.39
CA THR A 11 2.35 -3.93 4.95
C THR A 11 1.60 -3.67 6.25
N SER A 12 2.21 -2.91 7.17
CA SER A 12 1.55 -2.64 8.45
C SER A 12 0.23 -1.87 8.26
N ILE A 13 0.19 -0.93 7.32
CA ILE A 13 -1.04 -0.19 7.07
C ILE A 13 -2.13 -1.13 6.54
N VAL A 14 -1.77 -1.97 5.56
CA VAL A 14 -2.78 -2.85 4.98
C VAL A 14 -3.26 -3.85 6.03
N ALA A 15 -2.33 -4.38 6.84
CA ALA A 15 -2.68 -5.23 8.00
C ALA A 15 -3.65 -4.53 8.95
N GLU A 16 -3.33 -3.30 9.37
CA GLU A 16 -4.24 -2.56 10.22
C GLU A 16 -5.64 -2.48 9.59
N VAL A 17 -5.70 -2.26 8.25
CA VAL A 17 -6.97 -1.99 7.58
C VAL A 17 -7.80 -3.26 7.40
N THR A 18 -7.21 -4.35 6.91
CA THR A 18 -7.99 -5.57 6.81
C THR A 18 -8.16 -6.26 8.15
N GLU A 19 -7.46 -5.80 9.19
CA GLU A 19 -7.44 -6.47 10.48
C GLU A 19 -6.92 -7.89 10.34
N LEU A 20 -5.78 -8.01 9.65
CA LEU A 20 -5.07 -9.27 9.46
C LEU A 20 -3.64 -9.15 9.96
N ASP A 21 -2.98 -10.27 10.25
CA ASP A 21 -1.64 -10.22 10.82
C ASP A 21 -0.62 -9.84 9.74
N GLU A 22 0.41 -9.13 10.18
CA GLU A 22 1.48 -8.66 9.29
C GLU A 22 2.02 -9.75 8.37
N LYS A 23 2.32 -10.92 8.93
CA LYS A 23 3.04 -11.95 8.18
C LYS A 23 2.17 -12.55 7.09
N GLU A 24 0.87 -12.73 7.39
CA GLU A 24 0.01 -13.40 6.43
C GLU A 24 -0.23 -12.51 5.22
N ILE A 25 -0.43 -11.21 5.44
CA ILE A 25 -0.61 -10.28 4.34
C ILE A 25 0.64 -10.25 3.48
N TRP A 26 1.81 -10.25 4.12
CA TRP A 26 3.05 -10.34 3.35
C TRP A 26 3.10 -11.62 2.52
N GLU A 27 2.75 -12.76 3.13
CA GLU A 27 2.76 -14.01 2.36
C GLU A 27 1.78 -13.93 1.18
N LYS A 28 0.70 -13.16 1.32
CA LYS A 28 -0.27 -12.97 0.24
C LYS A 28 -0.02 -11.70 -0.56
N ARG A 29 1.23 -11.27 -0.73
CA ARG A 29 1.49 -9.98 -1.37
C ARG A 29 1.08 -9.97 -2.84
N ASP A 30 1.13 -11.12 -3.52
CA ASP A 30 0.71 -11.25 -4.91
C ASP A 30 -0.80 -11.25 -5.07
N ALA A 31 -1.54 -11.64 -4.03
CA ALA A 31 -2.97 -11.87 -4.14
C ALA A 31 -3.72 -10.56 -4.29
N ASN A 32 -4.91 -10.65 -4.90
CA ASN A 32 -5.70 -9.48 -5.24
C ASN A 32 -6.66 -9.10 -4.11
N PHE A 33 -6.98 -7.81 -4.01
CA PHE A 33 -7.62 -7.28 -2.81
C PHE A 33 -9.11 -7.55 -2.80
N PHE A 34 -9.72 -7.59 -3.98
CA PHE A 34 -11.18 -7.69 -4.02
C PHE A 34 -11.64 -9.14 -3.99
N GLN A 35 -11.07 -10.02 -4.83
CA GLN A 35 -11.58 -11.38 -5.03
C GLN A 35 -10.85 -12.38 -4.14
N ASP A 36 -9.68 -11.99 -3.59
CA ASP A 36 -8.92 -12.85 -2.67
C ASP A 36 -8.52 -12.18 -1.36
N LEU A 37 -9.30 -11.25 -0.78
CA LEU A 37 -8.91 -10.67 0.51
C LEU A 37 -9.89 -9.63 1.07
N GLU A 38 -11.02 -9.39 0.39
CA GLU A 38 -12.17 -8.65 0.93
C GLU A 38 -11.97 -7.13 0.98
N ILE A 39 -10.79 -6.68 0.57
CA ILE A 39 -10.53 -5.25 0.45
C ILE A 39 -11.45 -4.66 -0.61
N ASP A 40 -12.33 -3.74 -0.19
CA ASP A 40 -13.22 -3.00 -1.07
C ASP A 40 -12.90 -1.50 -1.01
N SER A 41 -13.73 -0.71 -1.69
CA SER A 41 -13.35 0.66 -2.01
C SER A 41 -13.20 1.54 -0.78
N LEU A 42 -14.05 1.36 0.23
CA LEU A 42 -13.83 2.11 1.47
C LEU A 42 -12.51 1.72 2.12
N LEU A 43 -12.23 0.42 2.20
CA LEU A 43 -10.97 -0.02 2.75
C LEU A 43 -9.81 0.50 1.93
N ALA A 44 -9.94 0.48 0.59
CA ALA A 44 -8.84 0.95 -0.26
C ALA A 44 -8.60 2.43 -0.07
N LEU A 45 -9.67 3.21 0.07
CA LEU A 45 -9.49 4.63 0.33
C LEU A 45 -8.79 4.86 1.66
N GLU A 46 -9.07 3.99 2.64
CA GLU A 46 -8.41 4.15 3.91
C GLU A 46 -6.92 3.86 3.80
N ILE A 47 -6.58 2.81 3.06
CA ILE A 47 -5.17 2.49 2.84
C ILE A 47 -4.48 3.68 2.20
N LEU A 48 -5.06 4.21 1.13
CA LEU A 48 -4.45 5.35 0.43
C LEU A 48 -4.20 6.49 1.39
N ALA A 49 -5.19 6.80 2.24
CA ALA A 49 -5.08 7.93 3.16
C ALA A 49 -3.97 7.72 4.17
N LEU A 50 -3.85 6.50 4.69
CA LEU A 50 -2.83 6.22 5.70
C LEU A 50 -1.43 6.23 5.08
N ILE A 51 -1.30 5.82 3.82
CA ILE A 51 0.00 5.91 3.16
C ILE A 51 0.41 7.37 3.05
N GLU A 52 -0.55 8.25 2.75
CA GLU A 52 -0.28 9.68 2.65
C GLU A 52 0.11 10.31 3.99
N LYS A 53 0.16 9.51 5.05
CA LYS A 53 0.36 10.07 6.38
C LYS A 53 1.64 9.57 7.01
N LYS A 54 1.98 8.30 6.75
CA LYS A 54 3.27 7.75 7.14
C LYS A 54 4.39 8.32 6.29
N PHE A 55 4.13 8.51 4.99
CA PHE A 55 5.20 8.78 4.04
C PHE A 55 5.24 10.24 3.60
N LYS A 56 4.43 11.09 4.20
CA LYS A 56 4.40 12.53 3.95
C LYS A 56 4.44 12.79 2.45
N VAL A 57 3.43 12.23 1.79
CA VAL A 57 3.38 12.08 0.34
C VAL A 57 1.91 12.18 -0.04
N GLN A 58 1.59 12.94 -1.09
CA GLN A 58 0.19 13.08 -1.45
C GLN A 58 -0.08 12.34 -2.76
N ILE A 59 -0.89 11.28 -2.67
CA ILE A 59 -1.28 10.51 -3.83
C ILE A 59 -2.60 11.12 -4.28
N PRO A 60 -2.65 11.81 -5.42
CA PRO A 60 -3.95 12.32 -5.87
C PRO A 60 -4.95 11.18 -5.92
N GLU A 61 -6.22 11.55 -5.84
CA GLU A 61 -7.25 10.55 -5.61
C GLU A 61 -7.31 9.54 -6.77
N GLU A 62 -6.68 9.85 -7.89
CA GLU A 62 -6.82 9.01 -9.08
C GLU A 62 -6.28 7.59 -8.87
N LYS A 63 -5.00 7.43 -8.54
CA LYS A 63 -4.46 6.08 -8.48
C LYS A 63 -5.07 5.21 -7.37
N LEU A 64 -6.39 5.24 -7.21
CA LEU A 64 -7.08 4.27 -6.38
C LEU A 64 -7.16 2.90 -7.06
N VAL A 65 -7.08 2.88 -8.40
CA VAL A 65 -6.88 1.61 -9.10
C VAL A 65 -5.40 1.36 -9.26
N ASP A 66 -4.98 0.09 -9.34
CA ASP A 66 -3.65 -0.36 -8.91
C ASP A 66 -3.56 -0.54 -7.40
N ILE A 67 -4.55 -0.07 -6.64
CA ILE A 67 -4.67 -0.47 -5.24
C ILE A 67 -5.44 -1.78 -5.27
N THR A 68 -4.78 -2.81 -5.83
CA THR A 68 -5.38 -4.12 -6.10
C THR A 68 -4.68 -5.28 -5.42
N SER A 69 -3.47 -5.07 -4.89
CA SER A 69 -2.76 -6.10 -4.13
C SER A 69 -1.71 -5.39 -3.30
N LEU A 70 -1.15 -6.10 -2.33
CA LEU A 70 -0.10 -5.46 -1.55
C LEU A 70 1.06 -5.05 -2.45
N SER A 71 1.44 -5.93 -3.38
CA SER A 71 2.59 -5.65 -4.23
C SER A 71 2.30 -4.48 -5.17
N ALA A 72 1.07 -4.38 -5.68
CA ALA A 72 0.69 -3.21 -6.46
C ALA A 72 0.69 -1.94 -5.59
N THR A 73 0.24 -2.06 -4.35
CA THR A 73 0.19 -0.88 -3.49
C THR A 73 1.60 -0.40 -3.16
N ILE A 74 2.50 -1.34 -2.87
CA ILE A 74 3.90 -1.01 -2.64
C ILE A 74 4.50 -0.33 -3.87
N GLY A 75 4.26 -0.89 -5.05
CA GLY A 75 4.78 -0.30 -6.27
C GLY A 75 4.26 1.11 -6.50
N LEU A 76 2.97 1.32 -6.27
CA LEU A 76 2.41 2.67 -6.34
C LEU A 76 3.13 3.61 -5.40
N THR A 77 3.35 3.17 -4.16
CA THR A 77 3.94 4.03 -3.15
C THR A 77 5.37 4.39 -3.54
N LYS A 78 6.13 3.43 -4.07
CA LYS A 78 7.50 3.72 -4.51
C LYS A 78 7.51 4.75 -5.64
N SER A 79 6.61 4.62 -6.62
CA SER A 79 6.48 5.58 -7.73
C SER A 79 6.21 7.00 -7.25
N VAL A 80 5.27 7.17 -6.31
CA VAL A 80 4.96 8.51 -5.81
C VAL A 80 6.15 9.05 -5.02
N LEU A 81 6.82 8.19 -4.28
CA LEU A 81 8.04 8.61 -3.60
C LEU A 81 9.11 9.05 -4.61
N ALA A 82 9.28 8.29 -5.70
CA ALA A 82 10.29 8.63 -6.70
C ALA A 82 9.90 9.92 -7.44
N GLU A 83 8.61 10.22 -7.49
CA GLU A 83 8.12 11.45 -8.10
C GLU A 83 8.39 12.67 -7.24
N SER A 84 8.42 12.50 -5.93
CA SER A 84 8.71 13.59 -5.02
C SER A 84 10.19 13.87 -4.89
N GLY A 85 11.05 12.88 -5.17
CA GLY A 85 12.46 13.01 -4.88
C GLY A 85 12.92 12.34 -3.59
N LYS A 86 12.13 11.43 -3.01
CA LYS A 86 12.58 10.85 -1.75
C LYS A 86 12.43 9.32 -1.71
N LEU A 87 12.72 8.65 -2.82
CA LEU A 87 12.87 7.20 -2.85
C LEU A 87 14.36 6.83 -2.74
N GLU A 88 14.72 6.06 -1.71
CA GLU A 88 16.09 5.50 -1.62
C GLU A 88 15.94 4.08 -2.17
N HIS A 89 16.48 3.85 -3.36
CA HIS A 89 16.14 2.62 -4.08
C HIS A 89 17.39 1.80 -4.37
N HIS A 90 17.69 0.86 -3.47
CA HIS A 90 19.03 0.29 -3.38
C HIS A 90 19.05 -1.22 -3.29
N ASP A 2 13.72 3.75 2.26
CA ASP A 2 14.27 2.86 1.25
C ASP A 2 13.33 1.69 0.99
N ASP A 3 13.75 0.68 0.24
CA ASP A 3 12.80 -0.32 -0.26
C ASP A 3 12.13 -1.06 0.90
N GLU A 4 12.91 -1.64 1.81
CA GLU A 4 12.29 -2.43 2.87
C GLU A 4 11.51 -1.53 3.84
N GLU A 5 11.90 -0.26 3.95
CA GLU A 5 11.14 0.68 4.75
C GLU A 5 9.74 0.88 4.16
N ILE A 6 9.65 1.07 2.84
CA ILE A 6 8.34 1.24 2.22
C ILE A 6 7.57 -0.05 2.32
N GLU A 7 8.26 -1.15 2.10
CA GLU A 7 7.70 -2.50 2.18
C GLU A 7 7.06 -2.77 3.54
N LYS A 8 7.77 -2.49 4.61
CA LYS A 8 7.28 -2.73 5.97
C LYS A 8 6.14 -1.79 6.33
N GLY A 9 6.26 -0.52 5.93
CA GLY A 9 5.24 0.47 6.24
C GLY A 9 3.92 0.21 5.52
N VAL A 10 3.97 -0.14 4.25
CA VAL A 10 2.73 -0.40 3.52
C VAL A 10 2.08 -1.69 4.06
N THR A 11 2.89 -2.72 4.35
CA THR A 11 2.35 -3.94 4.93
C THR A 11 1.62 -3.65 6.23
N SER A 12 2.25 -2.88 7.13
CA SER A 12 1.62 -2.55 8.40
C SER A 12 0.28 -1.84 8.21
N ILE A 13 0.21 -0.92 7.26
CA ILE A 13 -1.04 -0.19 7.02
C ILE A 13 -2.12 -1.13 6.50
N VAL A 14 -1.77 -1.99 5.55
CA VAL A 14 -2.78 -2.88 4.99
C VAL A 14 -3.27 -3.87 6.07
N ALA A 15 -2.36 -4.36 6.91
CA ALA A 15 -2.72 -5.17 8.07
C ALA A 15 -3.66 -4.43 9.04
N GLU A 16 -3.31 -3.20 9.41
CA GLU A 16 -4.18 -2.35 10.22
C GLU A 16 -5.58 -2.31 9.64
N VAL A 17 -5.70 -1.89 8.37
CA VAL A 17 -7.00 -1.63 7.77
C VAL A 17 -7.80 -2.92 7.60
N THR A 18 -7.15 -4.00 7.21
CA THR A 18 -7.82 -5.26 6.96
C THR A 18 -8.01 -6.09 8.22
N GLU A 19 -7.42 -5.67 9.34
CA GLU A 19 -7.45 -6.44 10.59
C GLU A 19 -6.92 -7.86 10.35
N LEU A 20 -5.81 -7.94 9.63
CA LEU A 20 -5.12 -9.20 9.38
C LEU A 20 -3.68 -9.11 9.87
N ASP A 21 -3.03 -10.26 10.01
CA ASP A 21 -1.66 -10.32 10.49
C ASP A 21 -0.66 -9.89 9.41
N GLU A 22 0.37 -9.11 9.79
CA GLU A 22 1.26 -8.52 8.81
C GLU A 22 2.10 -9.58 8.08
N LYS A 23 2.46 -10.66 8.76
CA LYS A 23 3.20 -11.75 8.13
C LYS A 23 2.30 -12.48 7.15
N GLU A 24 1.02 -12.64 7.53
CA GLU A 24 0.09 -13.34 6.67
C GLU A 24 -0.21 -12.51 5.42
N ILE A 25 -0.38 -11.19 5.55
CA ILE A 25 -0.60 -10.33 4.38
C ILE A 25 0.66 -10.30 3.52
N TRP A 26 1.83 -10.29 4.15
CA TRP A 26 3.06 -10.36 3.37
C TRP A 26 3.11 -11.62 2.52
N GLU A 27 2.73 -12.76 3.09
CA GLU A 27 2.71 -14.00 2.31
C GLU A 27 1.83 -13.88 1.08
N LYS A 28 0.71 -13.20 1.19
CA LYS A 28 -0.23 -13.04 0.09
C LYS A 28 -0.04 -11.71 -0.62
N ARG A 29 1.20 -11.25 -0.75
CA ARG A 29 1.44 -9.98 -1.41
C ARG A 29 1.03 -10.01 -2.88
N ASP A 30 1.04 -11.19 -3.50
CA ASP A 30 0.59 -11.41 -4.87
C ASP A 30 -0.94 -11.45 -4.99
N ALA A 31 -1.64 -11.79 -3.91
CA ALA A 31 -3.08 -11.95 -3.96
C ALA A 31 -3.72 -10.68 -4.48
N ASN A 32 -4.97 -10.79 -4.90
CA ASN A 32 -5.71 -9.59 -5.29
C ASN A 32 -6.66 -9.18 -4.18
N PHE A 33 -6.79 -7.87 -3.98
CA PHE A 33 -7.49 -7.35 -2.81
C PHE A 33 -8.98 -7.63 -2.89
N PHE A 34 -9.59 -7.29 -4.02
CA PHE A 34 -11.02 -7.39 -4.11
C PHE A 34 -11.47 -8.82 -4.37
N GLN A 35 -10.77 -9.56 -5.22
CA GLN A 35 -11.21 -10.91 -5.53
C GLN A 35 -10.97 -11.85 -4.37
N ASP A 36 -9.75 -11.88 -3.80
CA ASP A 36 -9.38 -12.90 -2.82
C ASP A 36 -9.31 -12.46 -1.37
N LEU A 37 -9.67 -11.24 -0.99
CA LEU A 37 -9.24 -10.81 0.33
C LEU A 37 -9.96 -9.59 0.93
N GLU A 38 -11.27 -9.47 0.72
CA GLU A 38 -12.16 -8.79 1.68
C GLU A 38 -12.13 -7.26 1.55
N ILE A 39 -11.45 -6.77 0.53
CA ILE A 39 -11.22 -5.34 0.38
C ILE A 39 -12.23 -4.74 -0.61
N ASP A 40 -13.02 -3.79 -0.12
CA ASP A 40 -13.90 -2.96 -0.93
C ASP A 40 -13.33 -1.55 -1.04
N SER A 41 -14.13 -0.63 -1.58
CA SER A 41 -13.58 0.67 -1.95
C SER A 41 -13.38 1.57 -0.74
N LEU A 42 -14.10 1.33 0.35
CA LEU A 42 -13.83 2.10 1.56
C LEU A 42 -12.49 1.72 2.17
N LEU A 43 -12.18 0.43 2.21
CA LEU A 43 -10.90 -0.01 2.77
C LEU A 43 -9.74 0.50 1.91
N ALA A 44 -9.85 0.37 0.59
CA ALA A 44 -8.78 0.87 -0.28
C ALA A 44 -8.60 2.37 -0.08
N LEU A 45 -9.70 3.06 0.18
CA LEU A 45 -9.64 4.49 0.41
C LEU A 45 -8.87 4.79 1.69
N GLU A 46 -9.06 3.98 2.75
CA GLU A 46 -8.33 4.30 3.97
C GLU A 46 -6.86 3.93 3.83
N ILE A 47 -6.57 2.86 3.09
CA ILE A 47 -5.17 2.50 2.82
C ILE A 47 -4.47 3.69 2.18
N LEU A 48 -5.07 4.25 1.13
CA LEU A 48 -4.46 5.40 0.46
C LEU A 48 -4.19 6.52 1.44
N ALA A 49 -5.18 6.86 2.28
CA ALA A 49 -5.04 7.99 3.19
C ALA A 49 -3.95 7.73 4.22
N LEU A 50 -3.88 6.51 4.71
CA LEU A 50 -2.86 6.18 5.70
C LEU A 50 -1.46 6.21 5.07
N ILE A 51 -1.34 5.78 3.82
CA ILE A 51 -0.05 5.89 3.14
C ILE A 51 0.34 7.35 3.02
N GLU A 52 -0.52 8.15 2.41
CA GLU A 52 -0.23 9.57 2.24
C GLU A 52 0.35 10.16 3.53
N LYS A 53 -0.14 9.69 4.68
CA LYS A 53 0.30 10.22 5.98
C LYS A 53 1.64 9.65 6.41
N LYS A 54 1.75 8.31 6.39
CA LYS A 54 3.00 7.64 6.73
C LYS A 54 4.15 8.14 5.87
N PHE A 55 3.90 8.41 4.59
CA PHE A 55 4.94 8.76 3.64
C PHE A 55 4.84 10.21 3.15
N LYS A 56 4.26 11.08 3.98
CA LYS A 56 3.96 12.50 3.70
C LYS A 56 3.98 12.77 2.19
N VAL A 57 3.16 11.95 1.54
CA VAL A 57 3.03 11.87 0.10
C VAL A 57 1.59 12.26 -0.21
N GLN A 58 1.35 12.74 -1.42
CA GLN A 58 -0.02 12.94 -1.87
C GLN A 58 -0.25 12.07 -3.09
N ILE A 59 -1.28 11.23 -3.05
CA ILE A 59 -1.63 10.34 -4.13
C ILE A 59 -2.95 10.87 -4.64
N PRO A 60 -3.02 11.52 -5.80
CA PRO A 60 -4.32 11.84 -6.36
C PRO A 60 -5.21 10.61 -6.34
N GLU A 61 -6.51 10.85 -6.33
CA GLU A 61 -7.45 9.74 -6.26
C GLU A 61 -7.43 8.94 -7.55
N GLU A 62 -6.84 9.48 -8.62
CA GLU A 62 -6.71 8.76 -9.87
C GLU A 62 -6.09 7.39 -9.70
N LYS A 63 -5.00 7.31 -8.96
CA LYS A 63 -4.29 6.04 -8.77
C LYS A 63 -4.84 5.24 -7.61
N LEU A 64 -6.02 5.60 -7.10
CA LEU A 64 -6.84 4.64 -6.38
C LEU A 64 -6.94 3.34 -7.15
N VAL A 65 -7.19 3.42 -8.46
CA VAL A 65 -7.03 2.25 -9.31
C VAL A 65 -5.68 1.60 -9.01
N ASP A 66 -5.52 0.34 -9.37
CA ASP A 66 -4.27 -0.35 -9.08
C ASP A 66 -3.94 -0.41 -7.58
N ILE A 67 -4.90 -0.16 -6.68
CA ILE A 67 -4.78 -0.66 -5.31
C ILE A 67 -5.47 -2.01 -5.31
N THR A 68 -4.85 -2.98 -5.98
CA THR A 68 -5.44 -4.30 -6.16
C THR A 68 -4.68 -5.42 -5.46
N SER A 69 -3.43 -5.20 -5.09
CA SER A 69 -2.66 -6.20 -4.35
C SER A 69 -1.67 -5.46 -3.46
N LEU A 70 -1.09 -6.17 -2.49
CA LEU A 70 -0.08 -5.50 -1.68
C LEU A 70 1.10 -5.09 -2.56
N SER A 71 1.48 -5.95 -3.51
CA SER A 71 2.61 -5.64 -4.37
C SER A 71 2.32 -4.43 -5.25
N ALA A 72 1.10 -4.32 -5.77
CA ALA A 72 0.73 -3.12 -6.53
C ALA A 72 0.73 -1.89 -5.64
N THR A 73 0.22 -2.02 -4.41
CA THR A 73 0.18 -0.88 -3.52
C THR A 73 1.59 -0.42 -3.16
N ILE A 74 2.49 -1.37 -2.92
CA ILE A 74 3.89 -1.03 -2.67
C ILE A 74 4.50 -0.33 -3.87
N GLY A 75 4.27 -0.87 -5.07
CA GLY A 75 4.80 -0.26 -6.28
C GLY A 75 4.29 1.15 -6.49
N LEU A 76 2.99 1.36 -6.24
CA LEU A 76 2.43 2.70 -6.31
C LEU A 76 3.12 3.64 -5.33
N THR A 77 3.34 3.18 -4.11
CA THR A 77 3.96 4.02 -3.10
C THR A 77 5.40 4.35 -3.51
N LYS A 78 6.10 3.38 -4.12
CA LYS A 78 7.48 3.65 -4.57
C LYS A 78 7.51 4.68 -5.70
N SER A 79 6.68 4.51 -6.75
CA SER A 79 6.63 5.48 -7.85
C SER A 79 6.26 6.88 -7.37
N VAL A 80 5.31 6.97 -6.44
CA VAL A 80 4.93 8.26 -5.88
C VAL A 80 6.09 8.87 -5.11
N LEU A 81 6.83 8.05 -4.37
CA LEU A 81 7.97 8.59 -3.64
C LEU A 81 9.09 9.02 -4.61
N ALA A 82 9.26 8.29 -5.73
CA ALA A 82 10.26 8.67 -6.72
C ALA A 82 9.87 9.98 -7.40
N GLU A 83 8.57 10.24 -7.49
CA GLU A 83 8.07 11.54 -7.92
C GLU A 83 8.40 12.65 -6.94
N SER A 84 8.51 12.31 -5.65
CA SER A 84 8.77 13.27 -4.59
C SER A 84 10.26 13.50 -4.37
N GLY A 85 11.13 12.95 -5.20
CA GLY A 85 12.52 12.91 -4.81
C GLY A 85 12.71 12.43 -3.39
N LYS A 86 12.11 11.29 -3.05
CA LYS A 86 12.29 10.73 -1.72
C LYS A 86 12.92 9.34 -1.80
N LEU A 87 12.45 8.52 -2.73
CA LEU A 87 12.80 7.11 -2.86
C LEU A 87 14.31 6.87 -2.82
N GLU A 88 14.75 6.06 -1.87
CA GLU A 88 16.11 5.50 -1.89
C GLU A 88 15.94 4.04 -2.35
N HIS A 89 16.07 3.83 -3.66
CA HIS A 89 15.81 2.53 -4.29
C HIS A 89 17.16 1.87 -4.61
N HIS A 90 17.44 0.72 -4.00
CA HIS A 90 18.82 0.27 -3.96
C HIS A 90 19.03 -0.97 -3.10
N ASP A 2 13.69 4.03 2.14
CA ASP A 2 14.29 2.95 1.37
C ASP A 2 13.31 1.79 1.17
N ASP A 3 13.72 0.80 0.37
CA ASP A 3 12.81 -0.25 -0.06
C ASP A 3 12.24 -1.03 1.13
N GLU A 4 13.11 -1.47 2.06
CA GLU A 4 12.60 -2.20 3.22
C GLU A 4 11.54 -1.36 3.93
N GLU A 5 11.94 -0.16 4.32
CA GLU A 5 11.06 0.69 5.10
C GLU A 5 9.73 0.89 4.38
N ILE A 6 9.75 0.93 3.04
CA ILE A 6 8.50 1.12 2.30
C ILE A 6 7.66 -0.14 2.36
N GLU A 7 8.28 -1.30 2.16
CA GLU A 7 7.54 -2.56 2.25
C GLU A 7 6.95 -2.79 3.62
N LYS A 8 7.73 -2.48 4.68
CA LYS A 8 7.25 -2.63 6.06
C LYS A 8 6.06 -1.72 6.34
N GLY A 9 6.21 -0.45 5.97
CA GLY A 9 5.19 0.54 6.24
C GLY A 9 3.88 0.25 5.52
N VAL A 10 3.95 -0.12 4.24
CA VAL A 10 2.72 -0.40 3.51
C VAL A 10 2.07 -1.68 4.06
N THR A 11 2.87 -2.71 4.31
CA THR A 11 2.34 -3.95 4.91
C THR A 11 1.64 -3.65 6.23
N SER A 12 2.28 -2.87 7.11
CA SER A 12 1.68 -2.49 8.38
C SER A 12 0.32 -1.82 8.19
N ILE A 13 0.22 -0.91 7.23
CA ILE A 13 -1.05 -0.19 7.03
C ILE A 13 -2.12 -1.12 6.51
N VAL A 14 -1.78 -1.98 5.56
CA VAL A 14 -2.78 -2.87 5.00
C VAL A 14 -3.25 -3.88 6.06
N ALA A 15 -2.33 -4.42 6.85
CA ALA A 15 -2.68 -5.25 8.00
C ALA A 15 -3.66 -4.54 8.94
N GLU A 16 -3.34 -3.30 9.33
CA GLU A 16 -4.21 -2.53 10.22
C GLU A 16 -5.61 -2.41 9.64
N VAL A 17 -5.71 -1.99 8.37
CA VAL A 17 -7.01 -1.68 7.80
C VAL A 17 -7.84 -2.95 7.61
N THR A 18 -7.22 -4.04 7.20
CA THR A 18 -7.94 -5.28 6.98
C THR A 18 -8.08 -6.11 8.24
N GLU A 19 -7.44 -5.71 9.33
CA GLU A 19 -7.47 -6.46 10.59
C GLU A 19 -6.95 -7.89 10.37
N LEU A 20 -5.81 -7.97 9.70
CA LEU A 20 -5.10 -9.23 9.45
C LEU A 20 -3.67 -9.13 9.94
N ASP A 21 -3.02 -10.29 10.12
CA ASP A 21 -1.64 -10.34 10.56
C ASP A 21 -0.70 -9.88 9.45
N GLU A 22 0.32 -9.08 9.80
CA GLU A 22 1.15 -8.53 8.75
C GLU A 22 2.02 -9.62 8.09
N LYS A 23 2.35 -10.70 8.83
CA LYS A 23 3.04 -11.83 8.21
C LYS A 23 2.19 -12.50 7.15
N GLU A 24 0.89 -12.69 7.43
CA GLU A 24 0.03 -13.36 6.46
C GLU A 24 -0.16 -12.53 5.20
N ILE A 25 -0.42 -11.23 5.33
CA ILE A 25 -0.69 -10.47 4.13
C ILE A 25 0.59 -10.28 3.34
N TRP A 26 1.74 -10.26 4.03
CA TRP A 26 3.02 -10.32 3.29
C TRP A 26 3.11 -11.61 2.48
N GLU A 27 2.79 -12.75 3.09
CA GLU A 27 2.78 -14.00 2.34
C GLU A 27 1.89 -13.91 1.12
N LYS A 28 0.77 -13.21 1.22
CA LYS A 28 -0.16 -13.07 0.11
C LYS A 28 -0.02 -11.71 -0.58
N ARG A 29 1.23 -11.27 -0.74
CA ARG A 29 1.48 -9.94 -1.31
C ARG A 29 0.98 -9.81 -2.76
N ASP A 30 0.92 -10.90 -3.52
CA ASP A 30 0.47 -10.85 -4.90
C ASP A 30 -0.97 -11.38 -5.07
N ALA A 31 -1.74 -11.44 -3.98
CA ALA A 31 -3.14 -11.85 -4.03
C ALA A 31 -4.06 -10.64 -4.16
N ASN A 32 -5.11 -10.81 -4.95
CA ASN A 32 -6.10 -9.75 -5.14
C ASN A 32 -6.76 -9.37 -3.82
N PHE A 33 -6.42 -8.19 -3.30
CA PHE A 33 -7.06 -7.65 -2.10
C PHE A 33 -8.52 -8.06 -2.04
N PHE A 34 -9.21 -7.89 -3.16
CA PHE A 34 -10.64 -8.09 -3.24
C PHE A 34 -11.01 -9.56 -3.32
N GLN A 35 -10.69 -10.23 -4.44
CA GLN A 35 -10.98 -11.64 -4.65
C GLN A 35 -10.46 -12.54 -3.53
N ASP A 36 -9.47 -12.08 -2.75
CA ASP A 36 -8.81 -12.92 -1.77
C ASP A 36 -8.81 -12.36 -0.35
N LEU A 37 -8.23 -11.18 -0.15
CA LEU A 37 -8.03 -10.63 1.18
C LEU A 37 -9.15 -9.66 1.59
N GLU A 38 -10.39 -9.92 1.14
CA GLU A 38 -11.64 -9.54 1.82
C GLU A 38 -11.87 -8.01 1.86
N ILE A 39 -11.28 -7.31 0.89
CA ILE A 39 -11.26 -5.84 0.88
C ILE A 39 -12.26 -5.28 -0.15
N ASP A 40 -12.74 -4.05 0.10
CA ASP A 40 -13.62 -3.29 -0.79
C ASP A 40 -13.16 -1.84 -0.95
N SER A 41 -14.04 -0.99 -1.52
CA SER A 41 -13.61 0.33 -1.97
C SER A 41 -13.39 1.31 -0.81
N LEU A 42 -14.13 1.17 0.29
CA LEU A 42 -13.86 2.01 1.45
C LEU A 42 -12.52 1.68 2.10
N LEU A 43 -12.18 0.40 2.21
CA LEU A 43 -10.90 0.04 2.81
C LEU A 43 -9.75 0.52 1.94
N ALA A 44 -9.91 0.44 0.62
CA ALA A 44 -8.86 0.91 -0.29
C ALA A 44 -8.63 2.41 -0.11
N LEU A 45 -9.72 3.18 -0.10
CA LEU A 45 -9.61 4.60 0.22
C LEU A 45 -8.89 4.80 1.55
N GLU A 46 -9.13 3.92 2.52
CA GLU A 46 -8.46 4.11 3.80
C GLU A 46 -6.98 3.80 3.71
N ILE A 47 -6.63 2.74 2.98
CA ILE A 47 -5.23 2.43 2.77
C ILE A 47 -4.53 3.65 2.17
N LEU A 48 -5.08 4.18 1.08
CA LEU A 48 -4.48 5.34 0.42
C LEU A 48 -4.23 6.47 1.40
N ALA A 49 -5.23 6.79 2.24
CA ALA A 49 -5.12 7.92 3.15
C ALA A 49 -3.99 7.71 4.14
N LEU A 50 -3.88 6.50 4.68
CA LEU A 50 -2.84 6.24 5.67
C LEU A 50 -1.46 6.21 5.03
N ILE A 51 -1.37 5.80 3.76
CA ILE A 51 -0.08 5.87 3.06
C ILE A 51 0.33 7.32 2.91
N GLU A 52 -0.53 8.12 2.26
CA GLU A 52 -0.24 9.55 2.14
C GLU A 52 0.29 10.10 3.45
N LYS A 53 -0.35 9.68 4.55
CA LYS A 53 0.00 10.17 5.88
C LYS A 53 1.38 9.74 6.32
N LYS A 54 1.65 8.44 6.25
CA LYS A 54 2.80 7.85 6.94
C LYS A 54 4.11 8.27 6.30
N PHE A 55 4.13 8.45 4.98
CA PHE A 55 5.35 8.75 4.24
C PHE A 55 5.46 10.21 3.81
N LYS A 56 4.47 11.04 4.14
CA LYS A 56 4.39 12.45 3.71
C LYS A 56 4.49 12.52 2.19
N VAL A 57 3.34 12.29 1.56
CA VAL A 57 3.22 12.08 0.13
C VAL A 57 1.79 12.38 -0.28
N GLN A 58 1.63 13.06 -1.41
CA GLN A 58 0.32 13.18 -2.06
C GLN A 58 0.15 12.02 -3.00
N ILE A 59 -1.07 11.47 -3.06
CA ILE A 59 -1.44 10.49 -4.06
C ILE A 59 -2.78 10.97 -4.60
N PRO A 60 -3.02 10.95 -5.91
CA PRO A 60 -4.35 11.28 -6.41
C PRO A 60 -5.26 10.06 -6.40
N GLU A 61 -6.56 10.30 -6.17
CA GLU A 61 -7.46 9.16 -6.00
C GLU A 61 -7.71 8.45 -7.32
N GLU A 62 -7.45 9.13 -8.45
CA GLU A 62 -7.22 8.42 -9.70
C GLU A 62 -6.63 7.03 -9.45
N LYS A 63 -5.56 6.96 -8.67
CA LYS A 63 -4.84 5.72 -8.43
C LYS A 63 -5.45 4.89 -7.31
N LEU A 64 -6.64 5.25 -6.82
CA LEU A 64 -7.43 4.27 -6.09
C LEU A 64 -7.68 3.06 -6.97
N VAL A 65 -7.81 3.27 -8.29
CA VAL A 65 -7.68 2.17 -9.24
C VAL A 65 -6.24 1.68 -9.21
N ASP A 66 -6.05 0.37 -9.07
CA ASP A 66 -4.74 -0.26 -8.93
C ASP A 66 -4.22 -0.30 -7.49
N ILE A 67 -5.09 -0.04 -6.48
CA ILE A 67 -4.91 -0.56 -5.13
C ILE A 67 -5.54 -1.94 -5.15
N THR A 68 -4.82 -2.91 -5.69
CA THR A 68 -5.39 -4.20 -6.04
C THR A 68 -4.62 -5.39 -5.47
N SER A 69 -3.45 -5.16 -4.91
CA SER A 69 -2.71 -6.18 -4.18
C SER A 69 -1.66 -5.46 -3.35
N LEU A 70 -1.04 -6.18 -2.42
CA LEU A 70 -0.01 -5.51 -1.65
C LEU A 70 1.13 -5.09 -2.57
N SER A 71 1.50 -5.95 -3.51
CA SER A 71 2.62 -5.64 -4.42
C SER A 71 2.33 -4.39 -5.24
N ALA A 72 1.13 -4.29 -5.82
CA ALA A 72 0.80 -3.11 -6.60
C ALA A 72 0.76 -1.87 -5.70
N THR A 73 0.25 -2.03 -4.49
CA THR A 73 0.20 -0.88 -3.58
C THR A 73 1.61 -0.42 -3.20
N ILE A 74 2.51 -1.37 -2.96
CA ILE A 74 3.90 -1.04 -2.69
C ILE A 74 4.52 -0.36 -3.90
N GLY A 75 4.28 -0.91 -5.08
CA GLY A 75 4.79 -0.30 -6.31
C GLY A 75 4.27 1.11 -6.51
N LEU A 76 2.98 1.32 -6.23
CA LEU A 76 2.41 2.65 -6.29
C LEU A 76 3.12 3.61 -5.33
N THR A 77 3.34 3.16 -4.09
CA THR A 77 3.96 4.02 -3.10
C THR A 77 5.40 4.36 -3.50
N LYS A 78 6.13 3.39 -4.07
CA LYS A 78 7.50 3.69 -4.54
C LYS A 78 7.50 4.70 -5.69
N SER A 79 6.66 4.45 -6.69
CA SER A 79 6.41 5.40 -7.78
C SER A 79 6.20 6.83 -7.30
N VAL A 80 5.29 7.01 -6.33
CA VAL A 80 4.96 8.33 -5.83
C VAL A 80 6.13 8.91 -5.03
N LEU A 81 6.86 8.06 -4.33
CA LEU A 81 8.02 8.56 -3.61
C LEU A 81 9.11 9.02 -4.56
N ALA A 82 9.27 8.34 -5.70
CA ALA A 82 10.27 8.73 -6.68
C ALA A 82 9.88 10.04 -7.35
N GLU A 83 8.59 10.38 -7.29
CA GLU A 83 8.07 11.61 -7.89
C GLU A 83 8.50 12.86 -7.15
N SER A 84 8.67 12.79 -5.83
CA SER A 84 9.11 13.95 -5.06
C SER A 84 10.52 13.78 -4.49
N GLY A 85 11.39 13.05 -5.19
CA GLY A 85 12.77 12.90 -4.74
C GLY A 85 12.95 12.24 -3.40
N LYS A 86 12.07 11.29 -3.04
CA LYS A 86 12.10 10.67 -1.73
C LYS A 86 12.75 9.28 -1.75
N LEU A 87 12.62 8.54 -2.85
CA LEU A 87 12.95 7.11 -2.91
C LEU A 87 14.45 6.88 -2.93
N GLU A 88 14.96 6.06 -2.00
CA GLU A 88 16.31 5.51 -2.18
C GLU A 88 16.12 4.01 -2.45
N HIS A 89 16.51 3.60 -3.66
CA HIS A 89 16.08 2.34 -4.25
C HIS A 89 17.29 1.59 -4.77
N HIS A 90 17.22 0.28 -4.75
CA HIS A 90 18.40 -0.58 -4.99
C HIS A 90 19.32 -0.66 -3.76
N ASP A 2 13.78 3.70 2.15
CA ASP A 2 14.25 2.75 1.14
C ASP A 2 13.24 1.64 0.93
N ASP A 3 13.49 0.71 0.00
CA ASP A 3 12.53 -0.35 -0.23
C ASP A 3 12.16 -1.03 1.08
N GLU A 4 13.16 -1.22 1.95
CA GLU A 4 12.96 -1.81 3.28
C GLU A 4 11.80 -1.14 4.02
N GLU A 5 11.97 0.16 4.31
CA GLU A 5 10.99 0.91 5.08
C GLU A 5 9.64 0.93 4.38
N ILE A 6 9.64 1.01 3.05
CA ILE A 6 8.38 1.18 2.35
C ILE A 6 7.58 -0.12 2.34
N GLU A 7 8.26 -1.24 2.15
CA GLU A 7 7.59 -2.53 2.19
C GLU A 7 6.99 -2.81 3.56
N LYS A 8 7.71 -2.48 4.62
CA LYS A 8 7.24 -2.75 5.97
C LYS A 8 6.14 -1.76 6.37
N GLY A 9 6.29 -0.51 5.94
CA GLY A 9 5.28 0.50 6.22
C GLY A 9 3.97 0.25 5.51
N VAL A 10 4.01 -0.14 4.24
CA VAL A 10 2.76 -0.40 3.52
C VAL A 10 2.10 -1.66 4.07
N THR A 11 2.90 -2.70 4.37
CA THR A 11 2.35 -3.93 4.95
C THR A 11 1.59 -3.63 6.24
N SER A 12 2.21 -2.89 7.16
CA SER A 12 1.55 -2.61 8.44
C SER A 12 0.24 -1.84 8.24
N ILE A 13 0.22 -0.89 7.30
CA ILE A 13 -1.02 -0.16 7.04
C ILE A 13 -2.10 -1.10 6.52
N VAL A 14 -1.77 -1.97 5.57
CA VAL A 14 -2.79 -2.83 5.00
C VAL A 14 -3.26 -3.85 6.03
N ALA A 15 -2.32 -4.41 6.81
CA ALA A 15 -2.69 -5.28 7.93
C ALA A 15 -3.69 -4.61 8.88
N GLU A 16 -3.39 -3.39 9.33
CA GLU A 16 -4.26 -2.78 10.32
C GLU A 16 -5.64 -2.48 9.73
N VAL A 17 -5.69 -2.06 8.44
CA VAL A 17 -6.97 -1.75 7.82
C VAL A 17 -7.79 -3.03 7.56
N THR A 18 -7.14 -4.09 7.12
CA THR A 18 -7.78 -5.38 6.89
C THR A 18 -8.03 -6.15 8.18
N GLU A 19 -7.42 -5.73 9.29
CA GLU A 19 -7.46 -6.47 10.54
C GLU A 19 -6.96 -7.90 10.33
N LEU A 20 -5.86 -8.02 9.59
CA LEU A 20 -5.12 -9.27 9.40
C LEU A 20 -3.70 -9.12 9.88
N ASP A 21 -3.01 -10.25 10.04
CA ASP A 21 -1.66 -10.24 10.58
C ASP A 21 -0.64 -9.83 9.51
N GLU A 22 0.39 -9.06 9.94
CA GLU A 22 1.42 -8.56 9.03
C GLU A 22 2.06 -9.69 8.23
N LYS A 23 2.47 -10.76 8.89
CA LYS A 23 3.12 -11.86 8.18
C LYS A 23 2.16 -12.52 7.20
N GLU A 24 0.89 -12.67 7.63
CA GLU A 24 -0.11 -13.30 6.78
C GLU A 24 -0.17 -12.64 5.42
N ILE A 25 -0.31 -11.33 5.40
CA ILE A 25 -0.67 -10.67 4.17
C ILE A 25 0.60 -10.32 3.39
N TRP A 26 1.75 -10.27 4.07
CA TRP A 26 3.01 -10.31 3.33
C TRP A 26 3.12 -11.60 2.51
N GLU A 27 2.80 -12.75 3.12
CA GLU A 27 2.88 -14.01 2.39
C GLU A 27 1.98 -13.97 1.16
N LYS A 28 0.87 -13.24 1.23
CA LYS A 28 -0.06 -13.10 0.13
C LYS A 28 0.05 -11.75 -0.55
N ARG A 29 1.28 -11.27 -0.70
CA ARG A 29 1.50 -9.95 -1.28
C ARG A 29 1.00 -9.84 -2.73
N ASP A 30 1.00 -10.94 -3.49
CA ASP A 30 0.55 -10.90 -4.87
C ASP A 30 -0.93 -11.26 -5.04
N ALA A 31 -1.59 -11.72 -3.98
CA ALA A 31 -3.00 -12.03 -4.03
C ALA A 31 -3.79 -10.82 -4.54
N ASN A 32 -5.08 -11.04 -4.80
CA ASN A 32 -5.96 -9.94 -5.17
C ASN A 32 -6.71 -9.45 -3.95
N PHE A 33 -6.94 -8.13 -3.86
CA PHE A 33 -7.40 -7.53 -2.61
C PHE A 33 -8.87 -7.85 -2.34
N PHE A 34 -9.65 -7.94 -3.40
CA PHE A 34 -11.10 -7.95 -3.23
C PHE A 34 -11.63 -9.36 -3.03
N GLN A 35 -11.33 -10.30 -3.94
CA GLN A 35 -11.73 -11.69 -3.67
C GLN A 35 -11.12 -12.22 -2.38
N ASP A 36 -9.78 -12.25 -2.29
CA ASP A 36 -9.07 -12.85 -1.18
C ASP A 36 -9.18 -12.08 0.13
N LEU A 37 -8.95 -10.77 0.12
CA LEU A 37 -8.88 -9.97 1.35
C LEU A 37 -10.13 -9.11 1.57
N GLU A 38 -11.31 -9.65 1.28
CA GLU A 38 -12.62 -9.02 1.60
C GLU A 38 -12.49 -7.49 1.67
N ILE A 39 -11.79 -6.94 0.68
CA ILE A 39 -11.58 -5.50 0.55
C ILE A 39 -12.70 -4.92 -0.30
N ASP A 40 -13.09 -3.69 0.01
CA ASP A 40 -14.06 -2.90 -0.73
C ASP A 40 -13.49 -1.50 -0.98
N SER A 41 -14.32 -0.64 -1.54
CA SER A 41 -13.90 0.72 -1.90
C SER A 41 -13.44 1.51 -0.69
N LEU A 42 -14.16 1.39 0.43
CA LEU A 42 -13.82 2.18 1.62
C LEU A 42 -12.47 1.78 2.21
N LEU A 43 -12.18 0.47 2.26
CA LEU A 43 -10.91 0.04 2.82
C LEU A 43 -9.76 0.52 1.95
N ALA A 44 -9.89 0.41 0.63
CA ALA A 44 -8.85 0.91 -0.26
C ALA A 44 -8.63 2.40 -0.06
N LEU A 45 -9.73 3.16 0.02
CA LEU A 45 -9.60 4.58 0.29
C LEU A 45 -8.87 4.80 1.61
N GLU A 46 -9.12 3.95 2.61
CA GLU A 46 -8.43 4.17 3.88
C GLU A 46 -6.95 3.85 3.77
N ILE A 47 -6.61 2.81 2.99
CA ILE A 47 -5.21 2.46 2.77
C ILE A 47 -4.49 3.65 2.15
N LEU A 48 -5.07 4.22 1.10
CA LEU A 48 -4.48 5.38 0.43
C LEU A 48 -4.23 6.49 1.43
N ALA A 49 -5.23 6.78 2.28
CA ALA A 49 -5.12 7.90 3.22
C ALA A 49 -3.96 7.71 4.17
N LEU A 50 -3.82 6.51 4.74
CA LEU A 50 -2.79 6.29 5.75
C LEU A 50 -1.40 6.23 5.13
N ILE A 51 -1.30 5.83 3.87
CA ILE A 51 0.00 5.89 3.20
C ILE A 51 0.45 7.35 3.09
N GLU A 52 -0.44 8.21 2.60
CA GLU A 52 -0.13 9.63 2.50
C GLU A 52 0.62 10.14 3.73
N LYS A 53 0.16 9.75 4.92
CA LYS A 53 0.71 10.30 6.16
C LYS A 53 2.04 9.69 6.53
N LYS A 54 2.05 8.39 6.84
CA LYS A 54 3.29 7.73 7.28
C LYS A 54 4.47 8.17 6.42
N PHE A 55 4.24 8.39 5.14
CA PHE A 55 5.31 8.76 4.21
C PHE A 55 5.28 10.25 3.87
N LYS A 56 4.20 10.96 4.19
CA LYS A 56 4.05 12.40 3.99
C LYS A 56 4.10 12.76 2.50
N VAL A 57 3.06 12.32 1.79
CA VAL A 57 2.97 12.43 0.34
C VAL A 57 1.50 12.61 -0.05
N GLN A 58 1.29 13.17 -1.24
CA GLN A 58 -0.04 13.31 -1.83
C GLN A 58 -0.23 12.26 -2.93
N ILE A 59 -1.16 11.34 -2.70
CA ILE A 59 -1.57 10.38 -3.72
C ILE A 59 -2.98 10.79 -4.14
N PRO A 60 -3.18 11.34 -5.34
CA PRO A 60 -4.55 11.64 -5.76
C PRO A 60 -5.40 10.39 -5.68
N GLU A 61 -6.72 10.58 -5.74
CA GLU A 61 -7.60 9.42 -5.66
C GLU A 61 -7.75 8.76 -7.01
N GLU A 62 -7.36 9.46 -8.08
CA GLU A 62 -7.06 8.80 -9.35
C GLU A 62 -6.48 7.42 -9.11
N LYS A 63 -5.33 7.35 -8.43
CA LYS A 63 -4.56 6.12 -8.29
C LYS A 63 -5.18 5.11 -7.33
N LEU A 64 -6.43 5.30 -6.89
CA LEU A 64 -7.09 4.27 -6.10
C LEU A 64 -7.39 3.03 -6.93
N VAL A 65 -8.40 3.10 -7.82
CA VAL A 65 -8.53 2.06 -8.83
C VAL A 65 -7.16 1.76 -9.42
N ASP A 66 -6.42 0.84 -8.78
CA ASP A 66 -4.98 0.64 -8.93
C ASP A 66 -4.33 0.07 -7.67
N ILE A 67 -4.92 0.34 -6.48
CA ILE A 67 -4.58 -0.31 -5.21
C ILE A 67 -5.32 -1.64 -5.14
N THR A 68 -4.68 -2.71 -5.61
CA THR A 68 -5.34 -3.97 -5.91
C THR A 68 -4.62 -5.21 -5.37
N SER A 69 -3.38 -5.06 -4.90
CA SER A 69 -2.71 -6.11 -4.14
C SER A 69 -1.69 -5.41 -3.28
N LEU A 70 -1.07 -6.17 -2.36
CA LEU A 70 -0.03 -5.52 -1.58
C LEU A 70 1.11 -5.09 -2.50
N SER A 71 1.51 -5.97 -3.43
CA SER A 71 2.64 -5.64 -4.31
C SER A 71 2.32 -4.43 -5.18
N ALA A 72 1.09 -4.35 -5.72
CA ALA A 72 0.71 -3.17 -6.48
C ALA A 72 0.72 -1.92 -5.61
N THR A 73 0.23 -2.04 -4.39
CA THR A 73 0.19 -0.88 -3.50
C THR A 73 1.60 -0.41 -3.15
N ILE A 74 2.51 -1.37 -2.96
CA ILE A 74 3.90 -1.03 -2.68
C ILE A 74 4.53 -0.35 -3.89
N GLY A 75 4.28 -0.90 -5.09
CA GLY A 75 4.80 -0.29 -6.30
C GLY A 75 4.27 1.13 -6.51
N LEU A 76 2.97 1.33 -6.26
CA LEU A 76 2.40 2.66 -6.32
C LEU A 76 3.12 3.61 -5.37
N THR A 77 3.36 3.16 -4.15
CA THR A 77 3.97 4.00 -3.15
C THR A 77 5.42 4.36 -3.54
N LYS A 78 6.15 3.39 -4.07
CA LYS A 78 7.53 3.65 -4.51
C LYS A 78 7.57 4.69 -5.63
N SER A 79 6.75 4.51 -6.67
CA SER A 79 6.73 5.44 -7.80
C SER A 79 6.35 6.85 -7.35
N VAL A 80 5.34 6.97 -6.49
CA VAL A 80 4.96 8.29 -6.00
C VAL A 80 6.07 8.87 -5.13
N LEU A 81 6.80 8.02 -4.40
CA LEU A 81 7.95 8.55 -3.67
C LEU A 81 9.05 9.01 -4.63
N ALA A 82 9.22 8.29 -5.75
CA ALA A 82 10.24 8.67 -6.74
C ALA A 82 9.88 10.00 -7.39
N GLU A 83 8.59 10.20 -7.67
CA GLU A 83 8.06 11.51 -8.07
C GLU A 83 8.42 12.60 -7.07
N SER A 84 8.45 12.28 -5.79
CA SER A 84 8.69 13.24 -4.73
C SER A 84 10.18 13.51 -4.53
N GLY A 85 11.06 12.80 -5.23
CA GLY A 85 12.47 12.88 -4.94
C GLY A 85 12.86 12.23 -3.62
N LYS A 86 12.01 11.34 -3.09
CA LYS A 86 12.20 10.83 -1.75
C LYS A 86 12.31 9.30 -1.70
N LEU A 87 12.83 8.68 -2.76
CA LEU A 87 13.02 7.24 -2.82
C LEU A 87 14.51 6.93 -2.88
N GLU A 88 14.96 5.94 -2.09
CA GLU A 88 16.26 5.34 -2.37
C GLU A 88 16.04 3.85 -2.66
N HIS A 89 16.26 3.48 -3.91
CA HIS A 89 15.85 2.19 -4.48
C HIS A 89 17.03 1.32 -4.92
N HIS A 90 16.90 0.02 -4.69
CA HIS A 90 17.93 -1.00 -4.92
C HIS A 90 18.99 -0.94 -3.81
N ASP A 2 13.69 3.90 1.85
CA ASP A 2 14.19 2.83 0.97
C ASP A 2 13.19 1.68 0.85
N ASP A 3 13.50 0.69 0.00
CA ASP A 3 12.53 -0.34 -0.36
C ASP A 3 12.01 -1.05 0.89
N GLU A 4 12.93 -1.65 1.63
CA GLU A 4 12.70 -2.26 2.93
C GLU A 4 11.72 -1.43 3.79
N GLU A 5 12.06 -0.17 4.06
CA GLU A 5 11.23 0.67 4.91
C GLU A 5 9.84 0.84 4.30
N ILE A 6 9.77 0.94 2.96
CA ILE A 6 8.48 1.13 2.31
C ILE A 6 7.66 -0.15 2.38
N GLU A 7 8.28 -1.30 2.15
CA GLU A 7 7.56 -2.57 2.22
C GLU A 7 6.96 -2.80 3.58
N LYS A 8 7.73 -2.54 4.63
CA LYS A 8 7.25 -2.82 5.97
C LYS A 8 6.17 -1.82 6.40
N GLY A 9 6.29 -0.57 5.97
CA GLY A 9 5.29 0.43 6.29
C GLY A 9 3.97 0.21 5.57
N VAL A 10 4.00 -0.11 4.28
CA VAL A 10 2.75 -0.38 3.56
C VAL A 10 2.11 -1.66 4.08
N THR A 11 2.92 -2.69 4.34
CA THR A 11 2.40 -3.93 4.93
C THR A 11 1.63 -3.64 6.21
N SER A 12 2.23 -2.87 7.12
CA SER A 12 1.58 -2.58 8.41
C SER A 12 0.27 -1.83 8.21
N ILE A 13 0.21 -0.90 7.25
CA ILE A 13 -1.04 -0.17 6.99
C ILE A 13 -2.12 -1.12 6.49
N VAL A 14 -1.79 -1.99 5.55
CA VAL A 14 -2.80 -2.87 4.99
C VAL A 14 -3.27 -3.87 6.07
N ALA A 15 -2.34 -4.38 6.88
CA ALA A 15 -2.72 -5.23 8.01
C ALA A 15 -3.68 -4.52 8.97
N GLU A 16 -3.36 -3.29 9.35
CA GLU A 16 -4.20 -2.57 10.30
C GLU A 16 -5.60 -2.35 9.72
N VAL A 17 -5.69 -1.99 8.44
CA VAL A 17 -6.99 -1.66 7.85
C VAL A 17 -7.84 -2.91 7.66
N THR A 18 -7.23 -4.00 7.22
CA THR A 18 -7.95 -5.22 6.93
C THR A 18 -8.07 -6.12 8.16
N GLU A 19 -7.48 -5.69 9.27
CA GLU A 19 -7.48 -6.43 10.54
C GLU A 19 -6.96 -7.85 10.37
N LEU A 20 -5.82 -7.94 9.69
CA LEU A 20 -5.13 -9.20 9.45
C LEU A 20 -3.69 -9.10 9.93
N ASP A 21 -3.04 -10.26 10.06
CA ASP A 21 -1.69 -10.32 10.59
C ASP A 21 -0.67 -9.89 9.53
N GLU A 22 0.35 -9.11 9.92
CA GLU A 22 1.22 -8.55 8.89
C GLU A 22 2.05 -9.65 8.21
N LYS A 23 2.33 -10.76 8.87
CA LYS A 23 3.00 -11.88 8.20
C LYS A 23 2.10 -12.51 7.14
N GLU A 24 0.81 -12.68 7.44
CA GLU A 24 -0.09 -13.34 6.50
C GLU A 24 -0.28 -12.51 5.24
N ILE A 25 -0.46 -11.20 5.39
CA ILE A 25 -0.67 -10.37 4.22
C ILE A 25 0.61 -10.27 3.39
N TRP A 26 1.76 -10.30 4.06
CA TRP A 26 3.02 -10.34 3.31
C TRP A 26 3.12 -11.62 2.48
N GLU A 27 2.78 -12.76 3.07
CA GLU A 27 2.74 -14.01 2.32
C GLU A 27 1.82 -13.90 1.11
N LYS A 28 0.73 -13.16 1.26
CA LYS A 28 -0.25 -12.98 0.20
C LYS A 28 0.00 -11.70 -0.58
N ARG A 29 1.26 -11.28 -0.69
CA ARG A 29 1.51 -9.96 -1.26
C ARG A 29 1.03 -9.85 -2.71
N ASP A 30 1.09 -10.94 -3.48
CA ASP A 30 0.64 -10.89 -4.87
C ASP A 30 -0.81 -11.37 -5.03
N ALA A 31 -1.54 -11.60 -3.94
CA ALA A 31 -2.93 -11.99 -4.00
C ALA A 31 -3.82 -10.77 -4.21
N ASN A 32 -5.03 -11.01 -4.73
CA ASN A 32 -5.89 -9.92 -5.18
C ASN A 32 -6.80 -9.43 -4.05
N PHE A 33 -6.84 -8.10 -3.86
CA PHE A 33 -7.58 -7.52 -2.75
C PHE A 33 -9.07 -7.82 -2.85
N PHE A 34 -9.69 -7.50 -3.98
CA PHE A 34 -11.14 -7.50 -4.04
C PHE A 34 -11.73 -8.91 -4.01
N GLN A 35 -10.97 -9.91 -3.53
CA GLN A 35 -11.54 -11.24 -3.26
C GLN A 35 -10.79 -11.93 -2.12
N ASP A 36 -9.46 -12.03 -2.23
CA ASP A 36 -8.64 -12.79 -1.29
C ASP A 36 -8.54 -12.17 0.08
N LEU A 37 -8.09 -10.91 0.18
CA LEU A 37 -7.96 -10.22 1.45
C LEU A 37 -9.32 -9.69 1.91
N GLU A 38 -10.07 -9.06 0.99
CA GLU A 38 -11.38 -8.47 1.23
C GLU A 38 -11.32 -6.94 1.38
N ILE A 39 -10.47 -6.30 0.58
CA ILE A 39 -10.47 -4.84 0.49
C ILE A 39 -11.43 -4.40 -0.60
N ASP A 40 -12.56 -3.80 -0.17
CA ASP A 40 -13.40 -2.99 -1.01
C ASP A 40 -12.89 -1.54 -0.97
N SER A 41 -13.62 -0.65 -1.63
CA SER A 41 -13.09 0.67 -1.92
C SER A 41 -13.01 1.58 -0.69
N LEU A 42 -13.92 1.43 0.27
CA LEU A 42 -13.76 2.15 1.53
C LEU A 42 -12.44 1.78 2.19
N LEU A 43 -12.16 0.48 2.30
CA LEU A 43 -10.89 0.05 2.86
C LEU A 43 -9.72 0.52 1.99
N ALA A 44 -9.85 0.38 0.67
CA ALA A 44 -8.80 0.85 -0.22
C ALA A 44 -8.61 2.35 -0.07
N LEU A 45 -9.71 3.09 0.00
CA LEU A 45 -9.64 4.52 0.28
C LEU A 45 -8.91 4.77 1.58
N GLU A 46 -9.13 3.91 2.57
CA GLU A 46 -8.44 4.13 3.85
C GLU A 46 -6.96 3.81 3.75
N ILE A 47 -6.61 2.77 2.99
CA ILE A 47 -5.20 2.43 2.78
C ILE A 47 -4.49 3.64 2.19
N LEU A 48 -5.07 4.22 1.14
CA LEU A 48 -4.45 5.36 0.46
C LEU A 48 -4.21 6.51 1.42
N ALA A 49 -5.20 6.86 2.25
CA ALA A 49 -5.07 8.01 3.14
C ALA A 49 -3.96 7.78 4.15
N LEU A 50 -3.87 6.55 4.67
CA LEU A 50 -2.86 6.23 5.67
C LEU A 50 -1.44 6.23 5.08
N ILE A 51 -1.30 5.83 3.82
CA ILE A 51 0.01 5.89 3.19
C ILE A 51 0.48 7.34 3.13
N GLU A 52 -0.45 8.26 2.92
CA GLU A 52 -0.10 9.69 2.98
C GLU A 52 0.42 10.10 4.35
N LYS A 53 -0.27 9.74 5.43
CA LYS A 53 0.26 10.10 6.75
C LYS A 53 1.65 9.53 6.95
N LYS A 54 1.81 8.27 6.57
CA LYS A 54 3.04 7.51 6.76
C LYS A 54 4.21 8.16 6.03
N PHE A 55 4.05 8.42 4.74
CA PHE A 55 5.19 8.75 3.88
C PHE A 55 5.17 10.21 3.40
N LYS A 56 4.58 11.11 4.19
CA LYS A 56 4.48 12.55 3.94
C LYS A 56 4.35 12.85 2.45
N VAL A 57 3.44 12.13 1.83
CA VAL A 57 3.16 12.29 0.40
C VAL A 57 1.68 12.59 0.24
N GLN A 58 1.38 13.43 -0.74
CA GLN A 58 0.03 13.55 -1.25
C GLN A 58 -0.10 12.61 -2.44
N ILE A 59 -1.28 12.01 -2.59
CA ILE A 59 -1.53 11.01 -3.61
C ILE A 59 -2.86 11.37 -4.24
N PRO A 60 -2.89 11.89 -5.48
CA PRO A 60 -4.19 12.22 -6.05
C PRO A 60 -5.04 10.96 -6.10
N GLU A 61 -6.36 11.18 -5.95
CA GLU A 61 -7.26 10.05 -5.80
C GLU A 61 -7.50 9.37 -7.14
N GLU A 62 -6.78 9.77 -8.18
CA GLU A 62 -6.82 9.06 -9.45
C GLU A 62 -6.22 7.68 -9.32
N LYS A 63 -5.80 7.30 -8.12
CA LYS A 63 -4.83 6.24 -7.89
C LYS A 63 -5.36 5.09 -7.04
N LEU A 64 -6.61 5.14 -6.59
CA LEU A 64 -7.13 4.07 -5.74
C LEU A 64 -7.31 2.78 -6.51
N VAL A 65 -8.33 2.69 -7.36
CA VAL A 65 -8.32 1.65 -8.40
C VAL A 65 -6.97 1.68 -9.11
N ASP A 66 -6.15 0.65 -8.85
CA ASP A 66 -4.69 0.73 -8.84
C ASP A 66 -4.11 -0.04 -7.65
N ILE A 67 -4.65 0.18 -6.45
CA ILE A 67 -4.31 -0.51 -5.22
C ILE A 67 -5.11 -1.81 -5.14
N THR A 68 -4.60 -2.85 -5.82
CA THR A 68 -5.31 -4.11 -5.98
C THR A 68 -4.61 -5.31 -5.37
N SER A 69 -3.34 -5.17 -4.99
CA SER A 69 -2.63 -6.19 -4.21
C SER A 69 -1.65 -5.45 -3.32
N LEU A 70 -1.08 -6.16 -2.35
CA LEU A 70 -0.04 -5.50 -1.58
C LEU A 70 1.11 -5.10 -2.49
N SER A 71 1.47 -5.98 -3.42
CA SER A 71 2.59 -5.69 -4.33
C SER A 71 2.28 -4.48 -5.20
N ALA A 72 1.05 -4.38 -5.73
CA ALA A 72 0.68 -3.20 -6.50
C ALA A 72 0.71 -1.94 -5.63
N THR A 73 0.29 -2.06 -4.38
CA THR A 73 0.23 -0.90 -3.52
C THR A 73 1.62 -0.42 -3.14
N ILE A 74 2.53 -1.37 -2.93
CA ILE A 74 3.93 -1.03 -2.67
C ILE A 74 4.53 -0.34 -3.89
N GLY A 75 4.29 -0.90 -5.09
CA GLY A 75 4.77 -0.28 -6.31
C GLY A 75 4.25 1.12 -6.48
N LEU A 76 2.96 1.33 -6.21
CA LEU A 76 2.39 2.67 -6.25
C LEU A 76 3.12 3.62 -5.32
N THR A 77 3.37 3.17 -4.10
CA THR A 77 3.99 4.02 -3.10
C THR A 77 5.43 4.37 -3.51
N LYS A 78 6.15 3.40 -4.07
CA LYS A 78 7.52 3.69 -4.55
C LYS A 78 7.53 4.73 -5.66
N SER A 79 6.61 4.63 -6.63
CA SER A 79 6.52 5.58 -7.72
C SER A 79 6.25 7.01 -7.24
N VAL A 80 5.24 7.22 -6.39
CA VAL A 80 4.96 8.58 -5.94
C VAL A 80 6.11 9.09 -5.07
N LEU A 81 6.78 8.18 -4.35
CA LEU A 81 7.97 8.61 -3.62
C LEU A 81 9.09 9.01 -4.58
N ALA A 82 9.22 8.31 -5.72
CA ALA A 82 10.24 8.65 -6.70
C ALA A 82 9.90 9.96 -7.42
N GLU A 83 8.63 10.15 -7.75
CA GLU A 83 8.15 11.45 -8.22
C GLU A 83 8.40 12.54 -7.18
N SER A 84 8.41 12.17 -5.91
CA SER A 84 8.69 13.06 -4.80
C SER A 84 10.12 12.89 -4.28
N GLY A 85 11.10 12.70 -5.17
CA GLY A 85 12.50 12.77 -4.81
C GLY A 85 12.92 12.16 -3.48
N LYS A 86 12.10 11.28 -2.88
CA LYS A 86 12.44 10.74 -1.58
C LYS A 86 12.58 9.21 -1.59
N LEU A 87 12.71 8.61 -2.77
CA LEU A 87 12.94 7.17 -2.91
C LEU A 87 14.44 6.91 -2.94
N GLU A 88 14.91 5.98 -2.13
CA GLU A 88 16.28 5.46 -2.32
C GLU A 88 16.19 3.95 -2.47
N HIS A 89 16.56 3.47 -3.66
CA HIS A 89 16.06 2.22 -4.22
C HIS A 89 17.16 1.40 -4.89
N HIS A 90 17.05 0.08 -4.78
CA HIS A 90 18.13 -0.87 -5.10
C HIS A 90 19.37 -0.52 -4.29
N ASP A 2 13.63 3.91 2.43
CA ASP A 2 14.10 3.08 1.34
C ASP A 2 13.17 1.92 1.07
N ASP A 3 13.66 0.93 0.32
CA ASP A 3 12.83 -0.24 0.08
C ASP A 3 12.43 -0.88 1.40
N GLU A 4 13.42 -1.10 2.30
CA GLU A 4 13.20 -1.57 3.67
C GLU A 4 11.91 -0.99 4.26
N GLU A 5 11.93 0.31 4.55
CA GLU A 5 10.83 0.93 5.28
C GLU A 5 9.53 0.89 4.47
N ILE A 6 9.64 0.99 3.14
CA ILE A 6 8.43 1.14 2.33
C ILE A 6 7.61 -0.13 2.35
N GLU A 7 8.24 -1.28 2.08
CA GLU A 7 7.49 -2.53 2.07
C GLU A 7 6.93 -2.83 3.44
N LYS A 8 7.70 -2.55 4.48
CA LYS A 8 7.25 -2.83 5.84
C LYS A 8 6.17 -1.83 6.28
N GLY A 9 6.33 -0.57 5.93
CA GLY A 9 5.32 0.42 6.27
C GLY A 9 3.99 0.20 5.58
N VAL A 10 4.00 -0.12 4.28
CA VAL A 10 2.75 -0.39 3.57
C VAL A 10 2.10 -1.66 4.10
N THR A 11 2.91 -2.69 4.36
CA THR A 11 2.40 -3.93 4.95
C THR A 11 1.62 -3.64 6.23
N SER A 12 2.22 -2.88 7.14
CA SER A 12 1.59 -2.60 8.43
C SER A 12 0.27 -1.86 8.23
N ILE A 13 0.22 -0.90 7.31
CA ILE A 13 -1.01 -0.16 7.03
C ILE A 13 -2.10 -1.09 6.51
N VAL A 14 -1.77 -1.97 5.56
CA VAL A 14 -2.78 -2.84 5.01
C VAL A 14 -3.28 -3.83 6.08
N ALA A 15 -2.35 -4.38 6.88
CA ALA A 15 -2.72 -5.23 8.02
C ALA A 15 -3.70 -4.52 8.96
N GLU A 16 -3.40 -3.28 9.34
CA GLU A 16 -4.24 -2.62 10.33
C GLU A 16 -5.64 -2.35 9.73
N VAL A 17 -5.71 -2.01 8.45
CA VAL A 17 -7.01 -1.72 7.82
C VAL A 17 -7.82 -3.00 7.60
N THR A 18 -7.19 -4.05 7.15
CA THR A 18 -7.88 -5.30 6.89
C THR A 18 -8.06 -6.14 8.15
N GLU A 19 -7.45 -5.73 9.25
CA GLU A 19 -7.48 -6.46 10.51
C GLU A 19 -6.95 -7.88 10.34
N LEU A 20 -5.85 -8.00 9.61
CA LEU A 20 -5.13 -9.25 9.44
C LEU A 20 -3.70 -9.11 9.94
N ASP A 21 -3.02 -10.26 10.05
CA ASP A 21 -1.68 -10.31 10.58
C ASP A 21 -0.66 -9.85 9.54
N GLU A 22 0.35 -9.08 10.00
CA GLU A 22 1.32 -8.53 9.04
C GLU A 22 2.03 -9.64 8.26
N LYS A 23 2.40 -10.74 8.92
CA LYS A 23 3.08 -11.82 8.21
C LYS A 23 2.17 -12.48 7.18
N GLU A 24 0.88 -12.65 7.50
CA GLU A 24 0.04 -13.39 6.56
C GLU A 24 -0.23 -12.55 5.30
N ILE A 25 -0.39 -11.23 5.44
CA ILE A 25 -0.64 -10.40 4.26
C ILE A 25 0.63 -10.30 3.42
N TRP A 26 1.79 -10.28 4.07
CA TRP A 26 3.04 -10.33 3.30
C TRP A 26 3.12 -11.62 2.48
N GLU A 27 2.76 -12.76 3.07
CA GLU A 27 2.69 -13.99 2.30
C GLU A 27 1.72 -13.87 1.13
N LYS A 28 0.65 -13.10 1.31
CA LYS A 28 -0.40 -12.92 0.30
C LYS A 28 -0.12 -11.70 -0.58
N ARG A 29 1.14 -11.32 -0.77
CA ARG A 29 1.41 -10.03 -1.41
C ARG A 29 0.89 -9.96 -2.86
N ASP A 30 0.66 -11.10 -3.54
CA ASP A 30 0.04 -11.08 -4.87
C ASP A 30 -1.44 -11.43 -4.87
N ALA A 31 -2.03 -11.69 -3.72
CA ALA A 31 -3.45 -12.01 -3.71
C ALA A 31 -4.27 -10.76 -3.95
N ASN A 32 -5.05 -10.79 -5.03
CA ASN A 32 -6.03 -9.75 -5.31
C ASN A 32 -6.76 -9.34 -4.03
N PHE A 33 -6.99 -8.04 -3.88
CA PHE A 33 -7.50 -7.52 -2.61
C PHE A 33 -8.99 -7.79 -2.46
N PHE A 34 -9.75 -7.72 -3.55
CA PHE A 34 -11.20 -7.63 -3.44
C PHE A 34 -11.88 -8.97 -3.21
N GLN A 35 -11.20 -9.96 -2.64
CA GLN A 35 -11.81 -11.28 -2.51
C GLN A 35 -10.95 -12.25 -1.70
N ASP A 36 -9.75 -12.55 -2.21
CA ASP A 36 -8.74 -13.31 -1.48
C ASP A 36 -8.38 -12.65 -0.16
N LEU A 37 -8.71 -11.37 0.01
CA LEU A 37 -8.71 -10.72 1.31
C LEU A 37 -10.11 -10.23 1.66
N GLU A 38 -10.82 -9.69 0.66
CA GLU A 38 -12.21 -9.22 0.74
C GLU A 38 -12.28 -7.69 0.54
N ILE A 39 -11.17 -7.01 0.88
CA ILE A 39 -11.04 -5.55 0.81
C ILE A 39 -11.99 -5.02 -0.25
N ASP A 40 -12.59 -3.86 0.02
CA ASP A 40 -13.38 -3.12 -0.95
C ASP A 40 -13.00 -1.64 -0.92
N SER A 41 -13.81 -0.81 -1.59
CA SER A 41 -13.36 0.52 -1.93
C SER A 41 -13.22 1.46 -0.74
N LEU A 42 -14.05 1.31 0.29
CA LEU A 42 -13.82 2.09 1.51
C LEU A 42 -12.49 1.72 2.15
N LEU A 43 -12.19 0.44 2.25
CA LEU A 43 -10.91 0.04 2.83
C LEU A 43 -9.75 0.53 1.97
N ALA A 44 -9.88 0.44 0.64
CA ALA A 44 -8.79 0.90 -0.22
C ALA A 44 -8.58 2.39 -0.05
N LEU A 45 -9.66 3.14 0.18
CA LEU A 45 -9.52 4.56 0.43
C LEU A 45 -8.83 4.82 1.74
N GLU A 46 -9.07 3.97 2.75
CA GLU A 46 -8.39 4.19 4.01
C GLU A 46 -6.89 3.87 3.88
N ILE A 47 -6.57 2.83 3.12
CA ILE A 47 -5.17 2.49 2.86
C ILE A 47 -4.46 3.68 2.22
N LEU A 48 -5.04 4.20 1.15
CA LEU A 48 -4.45 5.33 0.43
C LEU A 48 -4.23 6.51 1.36
N ALA A 49 -5.22 6.85 2.20
CA ALA A 49 -5.09 7.99 3.09
C ALA A 49 -3.99 7.76 4.12
N LEU A 50 -3.90 6.53 4.63
CA LEU A 50 -2.88 6.20 5.61
C LEU A 50 -1.48 6.20 4.99
N ILE A 51 -1.35 5.79 3.74
CA ILE A 51 -0.06 5.88 3.07
C ILE A 51 0.34 7.35 2.92
N GLU A 52 -0.54 8.14 2.31
CA GLU A 52 -0.26 9.57 2.12
C GLU A 52 0.30 10.20 3.38
N LYS A 53 -0.47 10.12 4.46
CA LYS A 53 -0.04 10.55 5.78
C LYS A 53 1.33 10.00 6.16
N LYS A 54 1.53 8.68 5.97
CA LYS A 54 2.63 8.00 6.63
C LYS A 54 3.94 8.19 5.85
N PHE A 55 3.85 8.48 4.57
CA PHE A 55 5.03 8.73 3.75
C PHE A 55 5.15 10.18 3.27
N LYS A 56 4.36 11.09 3.84
CA LYS A 56 4.46 12.54 3.59
C LYS A 56 4.26 12.86 2.12
N VAL A 57 3.39 12.07 1.51
CA VAL A 57 3.26 12.00 0.07
C VAL A 57 1.79 12.25 -0.23
N GLN A 58 1.51 12.84 -1.38
CA GLN A 58 0.14 13.05 -1.77
C GLN A 58 -0.16 12.21 -3.00
N ILE A 59 -0.78 11.06 -2.75
CA ILE A 59 -1.20 10.15 -3.81
C ILE A 59 -2.37 10.81 -4.52
N PRO A 60 -2.17 11.35 -5.71
CA PRO A 60 -3.31 11.84 -6.48
C PRO A 60 -4.41 10.78 -6.48
N GLU A 61 -5.64 11.25 -6.31
CA GLU A 61 -6.76 10.34 -6.11
C GLU A 61 -7.06 9.57 -7.39
N GLU A 62 -6.24 9.73 -8.42
CA GLU A 62 -6.20 8.79 -9.53
C GLU A 62 -5.49 7.49 -9.15
N LYS A 63 -5.50 7.15 -7.87
CA LYS A 63 -4.73 6.01 -7.40
C LYS A 63 -5.52 5.05 -6.52
N LEU A 64 -6.85 5.18 -6.47
CA LEU A 64 -7.60 4.31 -5.57
C LEU A 64 -7.80 2.91 -6.17
N VAL A 65 -8.93 2.66 -6.83
CA VAL A 65 -8.93 1.52 -7.75
C VAL A 65 -7.65 1.57 -8.59
N ASP A 66 -6.70 0.69 -8.29
CA ASP A 66 -5.27 0.95 -8.39
C ASP A 66 -4.51 0.17 -7.33
N ILE A 67 -5.02 0.22 -6.10
CA ILE A 67 -4.63 -0.58 -4.96
C ILE A 67 -5.41 -1.88 -5.05
N THR A 68 -4.78 -2.90 -5.65
CA THR A 68 -5.40 -4.18 -5.96
C THR A 68 -4.63 -5.37 -5.41
N SER A 69 -3.40 -5.17 -4.96
CA SER A 69 -2.66 -6.18 -4.22
C SER A 69 -1.67 -5.45 -3.33
N LEU A 70 -1.07 -6.16 -2.38
CA LEU A 70 -0.05 -5.51 -1.58
C LEU A 70 1.12 -5.09 -2.46
N SER A 71 1.54 -5.97 -3.37
CA SER A 71 2.68 -5.65 -4.24
C SER A 71 2.33 -4.48 -5.16
N ALA A 72 1.06 -4.39 -5.60
CA ALA A 72 0.61 -3.23 -6.35
C ALA A 72 0.67 -1.96 -5.52
N THR A 73 0.20 -2.02 -4.27
CA THR A 73 0.17 -0.84 -3.42
C THR A 73 1.59 -0.38 -3.10
N ILE A 74 2.49 -1.34 -2.90
CA ILE A 74 3.88 -1.01 -2.65
C ILE A 74 4.50 -0.34 -3.86
N GLY A 75 4.32 -0.92 -5.04
CA GLY A 75 4.80 -0.32 -6.27
C GLY A 75 4.26 1.09 -6.46
N LEU A 76 2.98 1.29 -6.18
CA LEU A 76 2.40 2.63 -6.27
C LEU A 76 3.12 3.60 -5.35
N THR A 77 3.35 3.16 -4.10
CA THR A 77 3.98 4.02 -3.12
C THR A 77 5.40 4.38 -3.55
N LYS A 78 6.14 3.40 -4.08
CA LYS A 78 7.51 3.67 -4.55
C LYS A 78 7.52 4.71 -5.67
N SER A 79 6.62 4.59 -6.66
CA SER A 79 6.52 5.55 -7.75
C SER A 79 6.23 6.97 -7.26
N VAL A 80 5.25 7.15 -6.37
CA VAL A 80 4.95 8.50 -5.89
C VAL A 80 6.12 9.03 -5.06
N LEU A 81 6.80 8.14 -4.36
CA LEU A 81 7.98 8.57 -3.62
C LEU A 81 9.10 9.00 -4.57
N ALA A 82 9.26 8.29 -5.69
CA ALA A 82 10.29 8.66 -6.67
C ALA A 82 9.92 9.96 -7.38
N GLU A 83 8.62 10.19 -7.58
CA GLU A 83 8.16 11.44 -8.17
C GLU A 83 8.41 12.64 -7.26
N SER A 84 8.49 12.45 -5.95
CA SER A 84 8.76 13.53 -5.02
C SER A 84 10.23 13.55 -4.56
N GLY A 85 11.13 12.96 -5.34
CA GLY A 85 12.53 12.88 -4.93
C GLY A 85 12.73 12.35 -3.53
N LYS A 86 12.06 11.27 -3.16
CA LYS A 86 12.18 10.75 -1.81
C LYS A 86 12.81 9.35 -1.80
N LEU A 87 12.50 8.54 -2.80
CA LEU A 87 12.84 7.12 -2.83
C LEU A 87 14.36 6.90 -2.83
N GLU A 88 14.86 6.11 -1.88
CA GLU A 88 16.23 5.61 -1.99
C GLU A 88 16.09 4.11 -2.31
N HIS A 89 16.31 3.79 -3.58
CA HIS A 89 15.95 2.51 -4.19
C HIS A 89 17.17 1.79 -4.75
N HIS A 90 17.14 0.45 -4.67
CA HIS A 90 18.31 -0.38 -4.97
C HIS A 90 19.62 0.33 -4.74
N ASP A 2 13.35 3.58 3.13
CA ASP A 2 13.93 3.03 1.91
C ASP A 2 13.13 1.84 1.36
N ASP A 3 13.73 0.93 0.59
CA ASP A 3 12.96 -0.12 -0.06
C ASP A 3 12.26 -1.03 0.95
N GLU A 4 13.03 -1.60 1.88
CA GLU A 4 12.44 -2.43 2.94
C GLU A 4 11.48 -1.60 3.79
N GLU A 5 11.87 -0.35 4.09
CA GLU A 5 11.05 0.47 4.97
C GLU A 5 9.71 0.80 4.35
N ILE A 6 9.69 1.03 3.03
CA ILE A 6 8.41 1.24 2.38
C ILE A 6 7.61 -0.05 2.36
N GLU A 7 8.28 -1.18 2.10
CA GLU A 7 7.57 -2.44 2.03
C GLU A 7 7.01 -2.84 3.41
N LYS A 8 7.76 -2.59 4.48
CA LYS A 8 7.26 -2.87 5.83
C LYS A 8 6.17 -1.87 6.24
N GLY A 9 6.33 -0.60 5.88
CA GLY A 9 5.33 0.41 6.21
C GLY A 9 4.00 0.18 5.53
N VAL A 10 4.00 -0.15 4.24
CA VAL A 10 2.74 -0.41 3.54
C VAL A 10 2.09 -1.67 4.09
N THR A 11 2.89 -2.71 4.33
CA THR A 11 2.38 -3.93 4.95
C THR A 11 1.62 -3.64 6.24
N SER A 12 2.24 -2.87 7.14
CA SER A 12 1.61 -2.53 8.41
C SER A 12 0.27 -1.82 8.21
N ILE A 13 0.22 -0.88 7.27
CA ILE A 13 -1.04 -0.18 7.00
C ILE A 13 -2.11 -1.13 6.50
N VAL A 14 -1.79 -1.97 5.52
CA VAL A 14 -2.81 -2.85 4.97
C VAL A 14 -3.29 -3.84 6.04
N ALA A 15 -2.35 -4.41 6.80
CA ALA A 15 -2.71 -5.28 7.93
C ALA A 15 -3.70 -4.60 8.87
N GLU A 16 -3.42 -3.35 9.24
CA GLU A 16 -4.24 -2.73 10.27
C GLU A 16 -5.62 -2.37 9.72
N VAL A 17 -5.69 -1.93 8.46
CA VAL A 17 -6.99 -1.61 7.89
C VAL A 17 -7.82 -2.87 7.63
N THR A 18 -7.16 -3.95 7.25
CA THR A 18 -7.86 -5.20 6.96
C THR A 18 -8.02 -6.09 8.20
N GLU A 19 -7.43 -5.68 9.32
CA GLU A 19 -7.48 -6.44 10.58
C GLU A 19 -6.95 -7.85 10.39
N LEU A 20 -5.84 -7.97 9.66
CA LEU A 20 -5.13 -9.22 9.43
C LEU A 20 -3.69 -9.11 9.92
N ASP A 21 -3.03 -10.25 10.07
CA ASP A 21 -1.69 -10.24 10.60
C ASP A 21 -0.67 -9.83 9.53
N GLU A 22 0.35 -9.08 9.95
CA GLU A 22 1.33 -8.56 9.01
C GLU A 22 2.07 -9.68 8.25
N LYS A 23 2.46 -10.75 8.94
CA LYS A 23 3.11 -11.86 8.24
C LYS A 23 2.19 -12.47 7.19
N GLU A 24 0.89 -12.65 7.52
CA GLU A 24 0.02 -13.36 6.59
C GLU A 24 -0.27 -12.52 5.34
N ILE A 25 -0.42 -11.20 5.49
CA ILE A 25 -0.63 -10.34 4.33
C ILE A 25 0.63 -10.30 3.46
N TRP A 26 1.81 -10.28 4.10
CA TRP A 26 3.04 -10.34 3.32
C TRP A 26 3.12 -11.62 2.49
N GLU A 27 2.78 -12.77 3.09
CA GLU A 27 2.80 -14.01 2.34
C GLU A 27 1.94 -13.93 1.09
N LYS A 28 0.79 -13.27 1.18
CA LYS A 28 -0.13 -13.13 0.06
C LYS A 28 0.00 -11.76 -0.57
N ARG A 29 1.24 -11.27 -0.66
CA ARG A 29 1.49 -9.95 -1.21
C ARG A 29 1.06 -9.83 -2.67
N ASP A 30 1.19 -10.90 -3.45
CA ASP A 30 0.97 -10.79 -4.88
C ASP A 30 -0.48 -11.11 -5.28
N ALA A 31 -1.36 -11.41 -4.32
CA ALA A 31 -2.74 -11.79 -4.61
C ALA A 31 -3.69 -10.59 -4.57
N ASN A 32 -4.90 -10.81 -5.09
CA ASN A 32 -5.89 -9.76 -5.32
C ASN A 32 -6.62 -9.37 -4.04
N PHE A 33 -6.79 -8.07 -3.83
CA PHE A 33 -7.42 -7.57 -2.60
C PHE A 33 -8.91 -7.92 -2.55
N PHE A 34 -9.59 -7.81 -3.68
CA PHE A 34 -11.04 -7.70 -3.63
C PHE A 34 -11.76 -9.04 -3.52
N GLN A 35 -11.22 -10.15 -4.03
CA GLN A 35 -11.90 -11.43 -3.80
C GLN A 35 -11.14 -12.35 -2.84
N ASP A 36 -9.84 -12.57 -3.05
CA ASP A 36 -9.03 -13.25 -2.04
C ASP A 36 -9.17 -12.66 -0.65
N LEU A 37 -8.75 -11.41 -0.46
CA LEU A 37 -8.86 -10.70 0.80
C LEU A 37 -10.27 -10.15 0.98
N GLU A 38 -11.12 -10.31 -0.03
CA GLU A 38 -12.54 -10.01 0.03
C GLU A 38 -12.79 -8.52 0.23
N ILE A 39 -11.74 -7.71 -0.03
CA ILE A 39 -11.69 -6.28 0.31
C ILE A 39 -12.87 -5.54 -0.31
N ASP A 40 -12.92 -4.21 -0.08
CA ASP A 40 -13.91 -3.26 -0.58
C ASP A 40 -13.25 -1.92 -0.95
N SER A 41 -14.07 -0.97 -1.42
CA SER A 41 -13.51 0.29 -1.88
C SER A 41 -13.38 1.33 -0.76
N LEU A 42 -14.15 1.19 0.32
CA LEU A 42 -13.88 2.03 1.49
C LEU A 42 -12.53 1.70 2.12
N LEU A 43 -12.21 0.42 2.23
CA LEU A 43 -10.92 0.05 2.82
C LEU A 43 -9.77 0.54 1.94
N ALA A 44 -9.93 0.50 0.62
CA ALA A 44 -8.84 0.96 -0.25
C ALA A 44 -8.60 2.46 -0.07
N LEU A 45 -9.67 3.22 0.13
CA LEU A 45 -9.48 4.64 0.41
C LEU A 45 -8.79 4.84 1.74
N GLU A 46 -9.08 3.98 2.72
CA GLU A 46 -8.41 4.12 3.99
C GLU A 46 -6.91 3.85 3.84
N ILE A 47 -6.58 2.81 3.08
CA ILE A 47 -5.17 2.48 2.83
C ILE A 47 -4.46 3.68 2.22
N LEU A 48 -5.03 4.23 1.16
CA LEU A 48 -4.36 5.34 0.48
C LEU A 48 -4.17 6.53 1.42
N ALA A 49 -5.21 6.87 2.20
CA ALA A 49 -5.09 8.01 3.11
C ALA A 49 -3.98 7.78 4.13
N LEU A 50 -3.88 6.54 4.62
CA LEU A 50 -2.87 6.20 5.61
C LEU A 50 -1.46 6.18 4.98
N ILE A 51 -1.35 5.76 3.73
CA ILE A 51 -0.06 5.83 3.05
C ILE A 51 0.34 7.29 2.89
N GLU A 52 -0.54 8.09 2.27
CA GLU A 52 -0.26 9.51 2.10
C GLU A 52 0.26 10.11 3.39
N LYS A 53 -0.36 9.76 4.52
CA LYS A 53 0.04 10.32 5.79
C LYS A 53 1.32 9.68 6.32
N LYS A 54 1.50 8.38 6.06
CA LYS A 54 2.61 7.61 6.60
C LYS A 54 3.96 8.14 6.11
N PHE A 55 4.11 8.24 4.81
CA PHE A 55 5.38 8.61 4.21
C PHE A 55 5.46 10.11 3.95
N LYS A 56 4.32 10.80 4.02
CA LYS A 56 4.21 12.26 3.88
C LYS A 56 4.24 12.66 2.41
N VAL A 57 3.26 12.11 1.71
CA VAL A 57 3.14 12.10 0.26
C VAL A 57 1.70 12.47 -0.03
N GLN A 58 1.41 12.92 -1.24
CA GLN A 58 0.03 12.97 -1.70
C GLN A 58 -0.09 12.14 -2.97
N ILE A 59 -1.21 11.45 -3.13
CA ILE A 59 -1.39 10.51 -4.22
C ILE A 59 -2.56 10.98 -5.07
N PRO A 60 -2.36 11.26 -6.36
CA PRO A 60 -3.48 11.64 -7.21
C PRO A 60 -4.64 10.69 -6.95
N GLU A 61 -5.80 11.27 -6.65
CA GLU A 61 -6.86 10.46 -6.07
C GLU A 61 -7.43 9.50 -7.11
N GLU A 62 -7.18 9.75 -8.40
CA GLU A 62 -7.38 8.76 -9.45
C GLU A 62 -6.85 7.38 -9.08
N LYS A 63 -6.67 7.09 -7.79
CA LYS A 63 -5.90 5.94 -7.35
C LYS A 63 -6.65 5.03 -6.41
N LEU A 64 -7.96 5.24 -6.21
CA LEU A 64 -8.69 4.32 -5.38
C LEU A 64 -8.87 2.99 -6.07
N VAL A 65 -9.53 2.97 -7.23
CA VAL A 65 -9.51 1.79 -8.09
C VAL A 65 -8.22 1.76 -8.90
N ASP A 66 -7.14 1.28 -8.28
CA ASP A 66 -5.77 1.54 -8.70
C ASP A 66 -4.78 0.92 -7.71
N ILE A 67 -5.27 0.54 -6.54
CA ILE A 67 -4.63 -0.25 -5.49
C ILE A 67 -5.32 -1.61 -5.39
N THR A 68 -4.64 -2.69 -5.79
CA THR A 68 -5.29 -3.98 -6.00
C THR A 68 -4.51 -5.20 -5.50
N SER A 69 -3.36 -5.00 -4.88
CA SER A 69 -2.66 -6.06 -4.18
C SER A 69 -1.62 -5.38 -3.31
N LEU A 70 -1.06 -6.11 -2.36
CA LEU A 70 0.01 -5.48 -1.59
C LEU A 70 1.13 -5.07 -2.53
N SER A 71 1.47 -5.96 -3.47
CA SER A 71 2.55 -5.70 -4.41
C SER A 71 2.32 -4.42 -5.21
N ALA A 72 1.14 -4.29 -5.84
CA ALA A 72 0.87 -3.08 -6.62
C ALA A 72 0.79 -1.85 -5.73
N THR A 73 0.29 -2.02 -4.50
CA THR A 73 0.22 -0.89 -3.59
C THR A 73 1.61 -0.41 -3.18
N ILE A 74 2.49 -1.36 -2.89
CA ILE A 74 3.89 -1.03 -2.63
C ILE A 74 4.50 -0.33 -3.84
N GLY A 75 4.30 -0.88 -5.04
CA GLY A 75 4.81 -0.27 -6.25
C GLY A 75 4.29 1.14 -6.46
N LEU A 76 2.99 1.34 -6.20
CA LEU A 76 2.42 2.68 -6.27
C LEU A 76 3.12 3.63 -5.31
N THR A 77 3.35 3.17 -4.08
CA THR A 77 3.97 4.02 -3.09
C THR A 77 5.41 4.38 -3.52
N LYS A 78 6.12 3.42 -4.11
CA LYS A 78 7.48 3.68 -4.58
C LYS A 78 7.52 4.72 -5.71
N SER A 79 6.67 4.55 -6.72
CA SER A 79 6.57 5.53 -7.81
C SER A 79 6.23 6.93 -7.30
N VAL A 80 5.22 7.04 -6.43
CA VAL A 80 4.86 8.33 -5.85
C VAL A 80 6.06 8.91 -5.08
N LEU A 81 6.80 8.06 -4.39
CA LEU A 81 7.97 8.56 -3.66
C LEU A 81 9.08 9.01 -4.61
N ALA A 82 9.25 8.28 -5.73
CA ALA A 82 10.25 8.66 -6.71
C ALA A 82 9.89 9.99 -7.39
N GLU A 83 8.58 10.25 -7.53
CA GLU A 83 8.13 11.48 -8.14
C GLU A 83 8.45 12.71 -7.31
N SER A 84 8.66 12.58 -6.00
CA SER A 84 9.01 13.73 -5.17
C SER A 84 10.42 13.65 -4.58
N GLY A 85 11.32 12.87 -5.17
CA GLY A 85 12.70 12.85 -4.71
C GLY A 85 12.94 12.20 -3.37
N LYS A 86 12.13 11.17 -3.02
CA LYS A 86 12.17 10.57 -1.70
C LYS A 86 12.81 9.17 -1.72
N LEU A 87 12.69 8.44 -2.82
CA LEU A 87 13.00 7.00 -2.89
C LEU A 87 14.50 6.73 -2.92
N GLU A 88 14.97 5.80 -2.05
CA GLU A 88 16.28 5.13 -2.26
C GLU A 88 16.00 3.68 -2.66
N HIS A 89 16.70 3.23 -3.71
CA HIS A 89 16.30 2.03 -4.44
C HIS A 89 17.49 1.46 -5.24
N HIS A 90 17.75 0.16 -5.16
CA HIS A 90 18.93 -0.49 -5.79
C HIS A 90 20.09 0.46 -6.13
N ASP A 2 13.54 3.91 1.16
CA ASP A 2 14.13 2.66 0.58
C ASP A 2 13.19 1.45 0.57
N ASP A 3 13.55 0.40 -0.18
CA ASP A 3 12.61 -0.68 -0.45
C ASP A 3 12.09 -1.32 0.84
N GLU A 4 13.01 -1.58 1.79
CA GLU A 4 12.65 -2.23 3.06
C GLU A 4 11.60 -1.42 3.84
N GLU A 5 11.93 -0.15 4.10
CA GLU A 5 11.09 0.73 4.88
C GLU A 5 9.72 0.90 4.25
N ILE A 6 9.68 1.06 2.92
CA ILE A 6 8.40 1.19 2.24
C ILE A 6 7.62 -0.11 2.34
N GLU A 7 8.30 -1.24 2.14
CA GLU A 7 7.60 -2.52 2.13
C GLU A 7 7.00 -2.84 3.49
N LYS A 8 7.72 -2.56 4.59
CA LYS A 8 7.13 -2.87 5.89
C LYS A 8 6.09 -1.83 6.31
N GLY A 9 6.28 -0.57 5.91
CA GLY A 9 5.29 0.45 6.20
C GLY A 9 3.96 0.20 5.54
N VAL A 10 3.97 -0.15 4.25
CA VAL A 10 2.72 -0.41 3.54
C VAL A 10 2.07 -1.68 4.07
N THR A 11 2.86 -2.74 4.33
CA THR A 11 2.31 -3.96 4.91
C THR A 11 1.58 -3.67 6.22
N SER A 12 2.25 -2.94 7.11
CA SER A 12 1.65 -2.55 8.39
C SER A 12 0.30 -1.84 8.20
N ILE A 13 0.24 -0.91 7.25
CA ILE A 13 -1.01 -0.18 7.02
C ILE A 13 -2.10 -1.12 6.51
N VAL A 14 -1.78 -1.96 5.53
CA VAL A 14 -2.80 -2.85 4.99
C VAL A 14 -3.27 -3.83 6.07
N ALA A 15 -2.32 -4.34 6.87
CA ALA A 15 -2.67 -5.16 8.04
C ALA A 15 -3.63 -4.44 8.98
N GLU A 16 -3.32 -3.19 9.36
CA GLU A 16 -4.22 -2.43 10.23
C GLU A 16 -5.62 -2.37 9.61
N VAL A 17 -5.72 -1.99 8.33
CA VAL A 17 -7.03 -1.74 7.72
C VAL A 17 -7.84 -3.03 7.58
N THR A 18 -7.21 -4.10 7.14
CA THR A 18 -7.93 -5.34 6.91
C THR A 18 -8.09 -6.17 8.18
N GLU A 19 -7.50 -5.71 9.28
CA GLU A 19 -7.48 -6.42 10.56
C GLU A 19 -6.95 -7.84 10.39
N LEU A 20 -5.82 -7.95 9.68
CA LEU A 20 -5.11 -9.20 9.47
C LEU A 20 -3.66 -9.09 9.91
N ASP A 21 -3.02 -10.25 10.02
CA ASP A 21 -1.65 -10.37 10.48
C ASP A 21 -0.65 -9.88 9.43
N GLU A 22 0.33 -9.06 9.85
CA GLU A 22 1.32 -8.53 8.93
C GLU A 22 2.07 -9.65 8.17
N LYS A 23 2.49 -10.69 8.88
CA LYS A 23 3.17 -11.79 8.19
C LYS A 23 2.23 -12.49 7.22
N GLU A 24 0.98 -12.74 7.63
CA GLU A 24 0.14 -13.57 6.81
C GLU A 24 -0.15 -12.87 5.49
N ILE A 25 -0.21 -11.54 5.49
CA ILE A 25 -0.60 -10.84 4.27
C ILE A 25 0.62 -10.41 3.47
N TRP A 26 1.79 -10.32 4.12
CA TRP A 26 3.03 -10.34 3.34
C TRP A 26 3.13 -11.62 2.51
N GLU A 27 2.78 -12.76 3.10
CA GLU A 27 2.85 -14.02 2.37
C GLU A 27 1.97 -13.98 1.14
N LYS A 28 0.85 -13.28 1.21
CA LYS A 28 -0.09 -13.16 0.09
C LYS A 28 0.02 -11.79 -0.57
N ARG A 29 1.24 -11.32 -0.76
CA ARG A 29 1.48 -10.00 -1.32
C ARG A 29 1.02 -9.87 -2.78
N ASP A 30 0.93 -10.97 -3.53
CA ASP A 30 0.42 -10.91 -4.90
C ASP A 30 -1.05 -11.32 -5.02
N ALA A 31 -1.70 -11.66 -3.92
CA ALA A 31 -3.10 -12.01 -3.97
C ALA A 31 -3.94 -10.77 -4.27
N ASN A 32 -4.97 -10.95 -5.09
CA ASN A 32 -5.85 -9.85 -5.47
C ASN A 32 -6.68 -9.38 -4.28
N PHE A 33 -6.35 -8.17 -3.80
CA PHE A 33 -7.08 -7.51 -2.73
C PHE A 33 -8.58 -7.77 -2.78
N PHE A 34 -9.14 -7.92 -3.99
CA PHE A 34 -10.59 -7.86 -4.13
C PHE A 34 -11.24 -9.25 -4.26
N GLN A 35 -10.78 -10.11 -5.16
CA GLN A 35 -11.30 -11.47 -5.16
C GLN A 35 -10.54 -12.37 -4.19
N ASP A 36 -9.27 -12.05 -3.94
CA ASP A 36 -8.40 -12.86 -3.09
C ASP A 36 -8.28 -12.38 -1.66
N LEU A 37 -8.49 -11.08 -1.38
CA LEU A 37 -8.37 -10.56 -0.03
C LEU A 37 -9.62 -9.81 0.41
N GLU A 38 -10.46 -9.45 -0.57
CA GLU A 38 -11.87 -9.12 -0.33
C GLU A 38 -12.09 -7.62 -0.16
N ILE A 39 -10.98 -6.90 0.10
CA ILE A 39 -10.99 -5.45 0.27
C ILE A 39 -12.08 -4.83 -0.61
N ASP A 40 -12.69 -3.76 -0.08
CA ASP A 40 -13.70 -2.94 -0.74
C ASP A 40 -13.15 -1.57 -1.06
N SER A 41 -13.96 -0.75 -1.73
CA SER A 41 -13.56 0.60 -2.08
C SER A 41 -13.27 1.45 -0.85
N LEU A 42 -14.03 1.27 0.23
CA LEU A 42 -13.81 2.07 1.43
C LEU A 42 -12.49 1.72 2.11
N LEU A 43 -12.18 0.43 2.25
CA LEU A 43 -10.91 0.06 2.84
C LEU A 43 -9.74 0.50 1.96
N ALA A 44 -9.87 0.34 0.63
CA ALA A 44 -8.81 0.80 -0.27
C ALA A 44 -8.63 2.29 -0.16
N LEU A 45 -9.74 3.00 0.02
CA LEU A 45 -9.66 4.43 0.25
C LEU A 45 -8.92 4.73 1.55
N GLU A 46 -9.12 3.91 2.59
CA GLU A 46 -8.44 4.19 3.84
C GLU A 46 -6.95 3.86 3.75
N ILE A 47 -6.61 2.81 3.01
CA ILE A 47 -5.20 2.48 2.81
C ILE A 47 -4.47 3.66 2.22
N LEU A 48 -5.06 4.26 1.18
CA LEU A 48 -4.40 5.38 0.52
C LEU A 48 -4.16 6.53 1.49
N ALA A 49 -5.17 6.87 2.29
CA ALA A 49 -5.04 8.01 3.21
C ALA A 49 -3.93 7.78 4.21
N LEU A 50 -3.82 6.54 4.72
CA LEU A 50 -2.82 6.23 5.72
C LEU A 50 -1.41 6.21 5.12
N ILE A 51 -1.29 5.83 3.85
CA ILE A 51 0.02 5.88 3.20
C ILE A 51 0.49 7.33 3.13
N GLU A 52 -0.42 8.26 2.87
CA GLU A 52 -0.08 9.67 2.99
C GLU A 52 0.46 10.02 4.38
N LYS A 53 -0.23 9.60 5.44
CA LYS A 53 0.26 9.86 6.79
C LYS A 53 1.73 9.51 6.93
N LYS A 54 2.03 8.22 6.95
CA LYS A 54 3.34 7.72 7.36
C LYS A 54 4.43 8.11 6.36
N PHE A 55 4.04 8.39 5.11
CA PHE A 55 5.01 8.72 4.07
C PHE A 55 5.03 10.20 3.71
N LYS A 56 4.13 10.99 4.32
CA LYS A 56 4.06 12.44 4.13
C LYS A 56 4.20 12.77 2.65
N VAL A 57 3.14 12.37 1.95
CA VAL A 57 3.12 12.02 0.54
C VAL A 57 1.68 12.22 0.11
N GLN A 58 1.46 12.80 -1.05
CA GLN A 58 0.09 13.01 -1.50
C GLN A 58 -0.16 12.28 -2.81
N ILE A 59 -1.26 11.55 -2.87
CA ILE A 59 -1.50 10.55 -3.90
C ILE A 59 -2.88 10.83 -4.46
N PRO A 60 -3.01 11.26 -5.72
CA PRO A 60 -4.34 11.66 -6.20
C PRO A 60 -5.35 10.57 -5.90
N GLU A 61 -6.57 11.00 -5.65
CA GLU A 61 -7.57 10.10 -5.12
C GLU A 61 -7.99 9.08 -6.16
N GLU A 62 -7.67 9.33 -7.44
CA GLU A 62 -8.13 8.48 -8.53
C GLU A 62 -7.87 7.00 -8.25
N LYS A 63 -7.08 6.73 -7.23
CA LYS A 63 -6.52 5.41 -6.95
C LYS A 63 -7.48 4.48 -6.23
N LEU A 64 -8.66 4.95 -5.80
CA LEU A 64 -9.65 4.02 -5.24
C LEU A 64 -9.67 2.71 -6.02
N VAL A 65 -9.38 2.77 -7.32
CA VAL A 65 -9.14 1.57 -8.12
C VAL A 65 -7.88 1.78 -8.96
N ASP A 66 -6.93 0.83 -8.91
CA ASP A 66 -5.54 1.00 -9.34
C ASP A 66 -4.57 0.46 -8.29
N ILE A 67 -5.11 -0.28 -7.31
CA ILE A 67 -4.42 -0.75 -6.12
C ILE A 67 -4.94 -2.14 -5.78
N THR A 68 -4.57 -3.13 -6.58
CA THR A 68 -5.22 -4.43 -6.56
C THR A 68 -4.53 -5.49 -5.69
N SER A 69 -3.45 -5.15 -4.99
CA SER A 69 -2.73 -6.13 -4.19
C SER A 69 -1.69 -5.41 -3.34
N LEU A 70 -1.07 -6.15 -2.42
CA LEU A 70 -0.02 -5.51 -1.64
C LEU A 70 1.12 -5.08 -2.55
N SER A 71 1.56 -5.98 -3.44
CA SER A 71 2.70 -5.66 -4.30
C SER A 71 2.35 -4.50 -5.23
N ALA A 72 1.08 -4.41 -5.66
CA ALA A 72 0.61 -3.25 -6.40
C ALA A 72 0.69 -1.97 -5.55
N THR A 73 0.21 -2.05 -4.31
CA THR A 73 0.19 -0.86 -3.45
C THR A 73 1.60 -0.40 -3.14
N ILE A 74 2.50 -1.35 -2.90
CA ILE A 74 3.89 -1.03 -2.64
C ILE A 74 4.51 -0.33 -3.84
N GLY A 75 4.30 -0.87 -5.05
CA GLY A 75 4.84 -0.26 -6.25
C GLY A 75 4.30 1.14 -6.47
N LEU A 76 3.00 1.34 -6.21
CA LEU A 76 2.42 2.66 -6.32
C LEU A 76 3.10 3.62 -5.35
N THR A 77 3.34 3.16 -4.12
CA THR A 77 3.95 4.02 -3.13
C THR A 77 5.38 4.38 -3.55
N LYS A 78 6.13 3.41 -4.08
CA LYS A 78 7.50 3.70 -4.54
C LYS A 78 7.52 4.76 -5.64
N SER A 79 6.64 4.61 -6.64
CA SER A 79 6.56 5.56 -7.75
C SER A 79 6.26 6.98 -7.28
N VAL A 80 5.27 7.16 -6.39
CA VAL A 80 4.96 8.49 -5.89
C VAL A 80 6.13 9.03 -5.05
N LEU A 81 6.82 8.15 -4.35
CA LEU A 81 8.00 8.59 -3.61
C LEU A 81 9.11 9.01 -4.57
N ALA A 82 9.27 8.29 -5.69
CA ALA A 82 10.26 8.69 -6.69
C ALA A 82 9.90 10.03 -7.33
N GLU A 83 8.61 10.24 -7.61
CA GLU A 83 8.14 11.55 -8.05
C GLU A 83 8.43 12.64 -7.03
N SER A 84 8.46 12.30 -5.74
CA SER A 84 8.74 13.25 -4.67
C SER A 84 10.23 13.49 -4.46
N GLY A 85 11.10 12.79 -5.19
CA GLY A 85 12.51 12.80 -4.85
C GLY A 85 12.82 12.19 -3.50
N LYS A 86 11.91 11.35 -2.97
CA LYS A 86 11.97 10.83 -1.61
C LYS A 86 12.31 9.34 -1.58
N LEU A 87 12.66 8.75 -2.72
CA LEU A 87 12.86 7.31 -2.86
C LEU A 87 14.34 6.97 -2.91
N GLU A 88 14.72 5.87 -2.25
CA GLU A 88 16.04 5.25 -2.43
C GLU A 88 15.86 3.80 -2.90
N HIS A 89 15.63 3.61 -4.19
CA HIS A 89 15.46 2.27 -4.76
C HIS A 89 16.80 1.53 -4.84
N HIS A 90 16.75 0.25 -4.49
CA HIS A 90 17.87 -0.70 -4.54
C HIS A 90 19.19 -0.10 -5.02
N ASP A 2 13.29 4.63 0.84
CA ASP A 2 13.98 3.37 1.18
C ASP A 2 13.12 2.08 1.17
N ASP A 3 13.58 1.06 0.43
CA ASP A 3 12.72 -0.04 0.02
C ASP A 3 12.22 -0.86 1.22
N GLU A 4 13.16 -1.32 2.06
CA GLU A 4 12.85 -2.09 3.27
C GLU A 4 11.69 -1.47 4.05
N GLU A 5 11.81 -0.16 4.32
CA GLU A 5 10.85 0.52 5.19
C GLU A 5 9.57 0.83 4.45
N ILE A 6 9.63 1.01 3.12
CA ILE A 6 8.40 1.18 2.37
C ILE A 6 7.59 -0.11 2.38
N GLU A 7 8.27 -1.25 2.16
CA GLU A 7 7.57 -2.53 2.19
C GLU A 7 6.98 -2.81 3.57
N LYS A 8 7.72 -2.48 4.64
CA LYS A 8 7.19 -2.66 5.99
C LYS A 8 6.03 -1.71 6.29
N GLY A 9 6.22 -0.43 5.97
CA GLY A 9 5.19 0.56 6.22
C GLY A 9 3.87 0.24 5.54
N VAL A 10 3.91 -0.12 4.25
CA VAL A 10 2.68 -0.40 3.52
C VAL A 10 2.05 -1.68 4.06
N THR A 11 2.86 -2.71 4.34
CA THR A 11 2.33 -3.93 4.94
C THR A 11 1.59 -3.64 6.24
N SER A 12 2.22 -2.88 7.14
CA SER A 12 1.59 -2.55 8.42
C SER A 12 0.26 -1.84 8.21
N ILE A 13 0.19 -0.92 7.26
CA ILE A 13 -1.04 -0.19 6.98
C ILE A 13 -2.12 -1.13 6.47
N VAL A 14 -1.80 -1.99 5.51
CA VAL A 14 -2.81 -2.87 4.96
C VAL A 14 -3.29 -3.86 6.03
N ALA A 15 -2.35 -4.37 6.84
CA ALA A 15 -2.72 -5.21 7.99
C ALA A 15 -3.67 -4.49 8.95
N GLU A 16 -3.35 -3.24 9.32
CA GLU A 16 -4.20 -2.52 10.26
C GLU A 16 -5.60 -2.31 9.68
N VAL A 17 -5.68 -1.74 8.47
CA VAL A 17 -6.99 -1.48 7.86
C VAL A 17 -7.81 -2.75 7.72
N THR A 18 -7.17 -3.84 7.34
CA THR A 18 -7.86 -5.07 6.99
C THR A 18 -8.02 -6.02 8.18
N GLU A 19 -7.39 -5.70 9.32
CA GLU A 19 -7.46 -6.48 10.55
C GLU A 19 -6.95 -7.91 10.34
N LEU A 20 -5.83 -8.01 9.62
CA LEU A 20 -5.11 -9.26 9.40
C LEU A 20 -3.67 -9.13 9.88
N ASP A 21 -3.01 -10.29 10.03
CA ASP A 21 -1.65 -10.37 10.52
C ASP A 21 -0.65 -9.87 9.48
N GLU A 22 0.34 -9.08 9.91
CA GLU A 22 1.33 -8.55 8.98
C GLU A 22 2.02 -9.69 8.19
N LYS A 23 2.29 -10.83 8.85
CA LYS A 23 2.96 -11.95 8.16
C LYS A 23 2.08 -12.52 7.04
N GLU A 24 0.77 -12.69 7.29
CA GLU A 24 -0.09 -13.24 6.25
C GLU A 24 -0.27 -12.27 5.09
N ILE A 25 -0.47 -10.98 5.37
CA ILE A 25 -0.60 -10.06 4.23
C ILE A 25 0.67 -10.16 3.38
N TRP A 26 1.83 -10.23 4.03
CA TRP A 26 3.07 -10.32 3.27
C TRP A 26 3.14 -11.62 2.47
N GLU A 27 2.77 -12.75 3.09
CA GLU A 27 2.78 -14.00 2.36
C GLU A 27 1.89 -13.94 1.12
N LYS A 28 0.77 -13.23 1.21
CA LYS A 28 -0.14 -13.08 0.09
C LYS A 28 0.01 -11.74 -0.61
N ARG A 29 1.25 -11.28 -0.75
CA ARG A 29 1.48 -9.96 -1.36
C ARG A 29 1.00 -9.88 -2.81
N ASP A 30 0.83 -11.00 -3.51
CA ASP A 30 0.27 -11.00 -4.86
C ASP A 30 -1.19 -11.42 -4.94
N ALA A 31 -1.87 -11.58 -3.83
CA ALA A 31 -3.28 -11.92 -3.85
C ALA A 31 -4.12 -10.67 -4.11
N ASN A 32 -5.30 -10.88 -4.68
CA ASN A 32 -6.18 -9.79 -5.07
C ASN A 32 -6.93 -9.25 -3.86
N PHE A 33 -7.05 -7.92 -3.77
CA PHE A 33 -7.76 -7.32 -2.65
C PHE A 33 -9.25 -7.66 -2.68
N PHE A 34 -9.91 -7.34 -3.79
CA PHE A 34 -11.34 -7.59 -3.88
C PHE A 34 -11.65 -9.08 -3.93
N GLN A 35 -11.23 -9.78 -4.99
CA GLN A 35 -11.57 -11.18 -5.16
C GLN A 35 -11.06 -12.07 -4.03
N ASP A 36 -9.81 -11.86 -3.56
CA ASP A 36 -9.14 -12.84 -2.72
C ASP A 36 -8.62 -12.34 -1.37
N LEU A 37 -9.27 -11.37 -0.74
CA LEU A 37 -8.80 -10.84 0.55
C LEU A 37 -9.86 -9.94 1.18
N GLU A 38 -10.49 -9.10 0.36
CA GLU A 38 -11.85 -8.59 0.56
C GLU A 38 -11.85 -7.16 1.13
N ILE A 39 -10.94 -6.36 0.58
CA ILE A 39 -11.07 -4.90 0.56
C ILE A 39 -12.35 -4.54 -0.18
N ASP A 40 -12.93 -3.40 0.20
CA ASP A 40 -13.97 -2.70 -0.51
C ASP A 40 -13.46 -1.31 -0.92
N SER A 41 -14.34 -0.54 -1.56
CA SER A 41 -14.07 0.88 -1.81
C SER A 41 -13.47 1.58 -0.59
N LEU A 42 -14.14 1.45 0.56
CA LEU A 42 -13.78 2.23 1.74
C LEU A 42 -12.43 1.80 2.28
N LEU A 43 -12.16 0.49 2.34
CA LEU A 43 -10.89 0.05 2.87
C LEU A 43 -9.73 0.54 1.99
N ALA A 44 -9.90 0.47 0.66
CA ALA A 44 -8.83 0.89 -0.24
C ALA A 44 -8.61 2.38 -0.13
N LEU A 45 -9.69 3.12 0.06
CA LEU A 45 -9.57 4.55 0.34
C LEU A 45 -8.87 4.77 1.67
N GLU A 46 -9.10 3.90 2.66
CA GLU A 46 -8.42 4.10 3.94
C GLU A 46 -6.93 3.79 3.83
N ILE A 47 -6.60 2.77 3.05
CA ILE A 47 -5.19 2.45 2.80
C ILE A 47 -4.50 3.66 2.18
N LEU A 48 -5.10 4.19 1.12
CA LEU A 48 -4.50 5.33 0.42
C LEU A 48 -4.24 6.49 1.38
N ALA A 49 -5.25 6.84 2.20
CA ALA A 49 -5.11 7.98 3.10
C ALA A 49 -3.99 7.78 4.10
N LEU A 50 -3.88 6.54 4.63
CA LEU A 50 -2.88 6.24 5.64
C LEU A 50 -1.47 6.23 5.04
N ILE A 51 -1.34 5.83 3.78
CA ILE A 51 -0.04 5.87 3.13
C ILE A 51 0.42 7.32 3.01
N GLU A 52 -0.43 8.16 2.43
CA GLU A 52 -0.12 9.60 2.35
C GLU A 52 0.55 10.12 3.61
N LYS A 53 -0.12 9.95 4.74
CA LYS A 53 0.35 10.42 6.04
C LYS A 53 1.72 9.87 6.39
N LYS A 54 1.83 8.55 6.50
CA LYS A 54 3.06 7.95 7.04
C LYS A 54 4.25 8.28 6.17
N PHE A 55 4.06 8.37 4.85
CA PHE A 55 5.15 8.69 3.94
C PHE A 55 5.17 10.16 3.54
N LYS A 56 4.42 11.00 4.27
CA LYS A 56 4.26 12.43 4.05
C LYS A 56 4.37 12.75 2.56
N VAL A 57 3.37 12.22 1.85
CA VAL A 57 3.31 12.21 0.39
C VAL A 57 1.87 12.54 0.05
N GLN A 58 1.65 13.11 -1.14
CA GLN A 58 0.30 13.38 -1.60
C GLN A 58 0.00 12.45 -2.77
N ILE A 59 -1.11 11.72 -2.67
CA ILE A 59 -1.50 10.75 -3.68
C ILE A 59 -2.90 11.15 -4.14
N PRO A 60 -3.06 11.75 -5.32
CA PRO A 60 -4.43 11.97 -5.82
C PRO A 60 -5.26 10.72 -5.62
N GLU A 61 -6.52 10.92 -5.19
CA GLU A 61 -7.27 9.82 -4.58
C GLU A 61 -7.68 8.78 -5.63
N GLU A 62 -7.23 8.94 -6.87
CA GLU A 62 -7.82 8.20 -7.98
C GLU A 62 -7.62 6.68 -7.90
N LYS A 63 -6.90 6.15 -6.90
CA LYS A 63 -6.37 4.78 -7.02
C LYS A 63 -7.21 3.68 -6.36
N LEU A 64 -8.35 3.98 -5.71
CA LEU A 64 -9.15 2.88 -5.17
C LEU A 64 -8.96 1.59 -5.99
N VAL A 65 -9.12 1.70 -7.31
CA VAL A 65 -8.71 0.67 -8.25
C VAL A 65 -7.34 1.02 -8.85
N ASP A 66 -6.62 0.01 -9.35
CA ASP A 66 -5.18 0.02 -9.59
C ASP A 66 -4.44 -0.63 -8.44
N ILE A 67 -5.16 -0.97 -7.39
CA ILE A 67 -4.60 -1.51 -6.17
C ILE A 67 -5.03 -2.96 -6.03
N THR A 68 -4.83 -3.75 -7.08
CA THR A 68 -5.21 -5.14 -6.98
C THR A 68 -4.60 -5.85 -5.76
N SER A 69 -3.38 -5.48 -5.36
CA SER A 69 -2.56 -6.35 -4.53
C SER A 69 -1.68 -5.53 -3.59
N LEU A 70 -1.09 -6.20 -2.59
CA LEU A 70 -0.11 -5.50 -1.77
C LEU A 70 1.07 -5.08 -2.63
N SER A 71 1.49 -5.95 -3.54
CA SER A 71 2.67 -5.65 -4.35
C SER A 71 2.40 -4.45 -5.26
N ALA A 72 1.21 -4.35 -5.84
CA ALA A 72 0.85 -3.17 -6.62
C ALA A 72 0.81 -1.92 -5.74
N THR A 73 0.31 -2.05 -4.51
CA THR A 73 0.21 -0.92 -3.61
C THR A 73 1.59 -0.44 -3.20
N ILE A 74 2.49 -1.38 -2.92
CA ILE A 74 3.89 -1.03 -2.68
C ILE A 74 4.49 -0.36 -3.90
N GLY A 75 4.24 -0.92 -5.09
CA GLY A 75 4.74 -0.31 -6.31
C GLY A 75 4.22 1.10 -6.51
N LEU A 76 2.92 1.31 -6.24
CA LEU A 76 2.36 2.65 -6.32
C LEU A 76 3.10 3.60 -5.40
N THR A 77 3.33 3.16 -4.16
CA THR A 77 3.96 4.02 -3.17
C THR A 77 5.39 4.36 -3.59
N LYS A 78 6.13 3.36 -4.10
CA LYS A 78 7.49 3.62 -4.57
C LYS A 78 7.53 4.66 -5.70
N SER A 79 6.70 4.47 -6.73
CA SER A 79 6.65 5.43 -7.84
C SER A 79 6.25 6.83 -7.38
N VAL A 80 5.30 6.90 -6.44
CA VAL A 80 4.90 8.17 -5.86
C VAL A 80 6.06 8.81 -5.11
N LEU A 81 6.83 8.01 -4.39
CA LEU A 81 7.97 8.56 -3.67
C LEU A 81 9.07 9.00 -4.63
N ALA A 82 9.27 8.26 -5.73
CA ALA A 82 10.28 8.65 -6.70
C ALA A 82 9.94 9.97 -7.35
N GLU A 83 8.66 10.33 -7.35
CA GLU A 83 8.25 11.62 -7.90
C GLU A 83 8.39 12.74 -6.87
N SER A 84 8.44 12.41 -5.59
CA SER A 84 8.76 13.35 -4.51
C SER A 84 10.26 13.54 -4.32
N GLY A 85 11.10 12.80 -5.03
CA GLY A 85 12.52 12.83 -4.78
C GLY A 85 12.96 12.26 -3.44
N LYS A 86 12.20 11.30 -2.88
CA LYS A 86 12.53 10.76 -1.57
C LYS A 86 12.60 9.23 -1.56
N LEU A 87 12.80 8.62 -2.71
CA LEU A 87 12.96 7.17 -2.82
C LEU A 87 14.43 6.81 -2.87
N GLU A 88 14.86 5.94 -1.97
CA GLU A 88 16.13 5.26 -2.13
C GLU A 88 15.83 3.82 -2.53
N HIS A 89 16.34 3.43 -3.70
CA HIS A 89 15.89 2.22 -4.39
C HIS A 89 17.03 1.34 -4.94
N HIS A 90 16.81 0.02 -4.89
CA HIS A 90 17.81 -1.00 -5.28
C HIS A 90 18.60 -0.71 -6.54
N ASP A 2 13.40 4.41 0.47
CA ASP A 2 13.92 3.35 1.35
C ASP A 2 13.20 1.96 1.20
N ASP A 3 13.74 1.03 0.40
CA ASP A 3 13.00 -0.16 -0.03
C ASP A 3 12.41 -0.94 1.17
N GLU A 4 13.29 -1.42 2.04
CA GLU A 4 12.93 -2.01 3.34
C GLU A 4 11.79 -1.26 4.01
N GLU A 5 11.96 0.06 4.16
CA GLU A 5 11.07 0.88 4.97
C GLU A 5 9.71 0.99 4.32
N ILE A 6 9.67 1.07 2.99
CA ILE A 6 8.40 1.23 2.32
C ILE A 6 7.61 -0.07 2.38
N GLU A 7 8.30 -1.20 2.17
CA GLU A 7 7.60 -2.48 2.12
C GLU A 7 7.00 -2.83 3.48
N LYS A 8 7.72 -2.56 4.57
CA LYS A 8 7.17 -2.86 5.90
C LYS A 8 6.12 -1.84 6.32
N GLY A 9 6.30 -0.57 5.92
CA GLY A 9 5.32 0.45 6.22
C GLY A 9 3.98 0.23 5.53
N VAL A 10 4.00 -0.18 4.26
CA VAL A 10 2.74 -0.40 3.56
C VAL A 10 2.07 -1.67 4.10
N THR A 11 2.87 -2.70 4.39
CA THR A 11 2.31 -3.94 4.95
C THR A 11 1.57 -3.67 6.25
N SER A 12 2.18 -2.93 7.18
CA SER A 12 1.52 -2.67 8.46
C SER A 12 0.22 -1.89 8.26
N ILE A 13 0.20 -0.94 7.32
CA ILE A 13 -1.04 -0.21 7.04
C ILE A 13 -2.12 -1.14 6.51
N VAL A 14 -1.78 -2.00 5.54
CA VAL A 14 -2.80 -2.86 4.97
C VAL A 14 -3.30 -3.86 6.03
N ALA A 15 -2.37 -4.38 6.85
CA ALA A 15 -2.74 -5.24 7.98
C ALA A 15 -3.69 -4.53 8.94
N GLU A 16 -3.39 -3.29 9.30
CA GLU A 16 -4.26 -2.57 10.20
C GLU A 16 -5.66 -2.42 9.60
N VAL A 17 -5.74 -2.16 8.30
CA VAL A 17 -7.04 -1.92 7.67
C VAL A 17 -7.82 -3.22 7.45
N THR A 18 -7.16 -4.28 7.01
CA THR A 18 -7.87 -5.53 6.81
C THR A 18 -8.10 -6.29 8.11
N GLU A 19 -7.52 -5.82 9.21
CA GLU A 19 -7.49 -6.54 10.49
C GLU A 19 -6.93 -7.95 10.31
N LEU A 20 -5.85 -8.05 9.53
CA LEU A 20 -5.12 -9.29 9.34
C LEU A 20 -3.69 -9.14 9.84
N ASP A 21 -3.02 -10.26 9.99
CA ASP A 21 -1.66 -10.28 10.50
C ASP A 21 -0.66 -9.85 9.43
N GLU A 22 0.37 -9.10 9.85
CA GLU A 22 1.32 -8.56 8.89
C GLU A 22 2.10 -9.66 8.15
N LYS A 23 2.61 -10.68 8.85
CA LYS A 23 3.28 -11.80 8.17
C LYS A 23 2.32 -12.49 7.20
N GLU A 24 1.07 -12.68 7.63
CA GLU A 24 0.13 -13.40 6.82
C GLU A 24 -0.15 -12.68 5.52
N ILE A 25 -0.27 -11.35 5.56
CA ILE A 25 -0.63 -10.63 4.35
C ILE A 25 0.62 -10.36 3.50
N TRP A 26 1.79 -10.32 4.13
CA TRP A 26 3.03 -10.35 3.34
C TRP A 26 3.11 -11.62 2.51
N GLU A 27 2.75 -12.76 3.09
CA GLU A 27 2.63 -13.98 2.30
C GLU A 27 1.66 -13.82 1.15
N LYS A 28 0.60 -13.06 1.36
CA LYS A 28 -0.42 -12.86 0.33
C LYS A 28 -0.09 -11.64 -0.52
N ARG A 29 1.17 -11.22 -0.54
CA ARG A 29 1.50 -9.90 -1.08
C ARG A 29 1.09 -9.76 -2.55
N ASP A 30 1.16 -10.84 -3.33
CA ASP A 30 0.84 -10.76 -4.73
C ASP A 30 -0.59 -11.21 -5.02
N ALA A 31 -1.34 -11.65 -4.01
CA ALA A 31 -2.74 -12.01 -4.16
C ALA A 31 -3.57 -10.80 -4.54
N ASN A 32 -4.89 -10.95 -4.49
CA ASN A 32 -5.79 -9.86 -4.90
C ASN A 32 -6.75 -9.47 -3.79
N PHE A 33 -6.64 -8.21 -3.34
CA PHE A 33 -7.32 -7.77 -2.12
C PHE A 33 -8.81 -8.05 -2.17
N PHE A 34 -9.47 -7.59 -3.23
CA PHE A 34 -10.89 -7.73 -3.40
C PHE A 34 -11.29 -9.19 -3.59
N GLN A 35 -11.09 -9.74 -4.78
CA GLN A 35 -11.62 -11.06 -5.11
C GLN A 35 -11.22 -12.12 -4.10
N ASP A 36 -10.06 -11.98 -3.47
CA ASP A 36 -9.52 -13.03 -2.63
C ASP A 36 -9.50 -12.72 -1.14
N LEU A 37 -9.39 -11.46 -0.73
CA LEU A 37 -9.11 -11.15 0.67
C LEU A 37 -10.15 -10.23 1.30
N GLU A 38 -11.17 -9.82 0.54
CA GLU A 38 -12.32 -9.08 1.03
C GLU A 38 -11.91 -7.71 1.58
N ILE A 39 -11.04 -7.04 0.84
CA ILE A 39 -10.91 -5.58 0.85
C ILE A 39 -11.90 -5.05 -0.18
N ASP A 40 -12.36 -3.80 0.03
CA ASP A 40 -13.27 -3.13 -0.91
C ASP A 40 -12.96 -1.63 -0.99
N SER A 41 -13.88 -0.88 -1.60
CA SER A 41 -13.70 0.55 -1.88
C SER A 41 -13.28 1.36 -0.67
N LEU A 42 -14.11 1.34 0.39
CA LEU A 42 -13.80 2.11 1.60
C LEU A 42 -12.46 1.72 2.19
N LEU A 43 -12.17 0.42 2.26
CA LEU A 43 -10.90 0.01 2.81
C LEU A 43 -9.74 0.50 1.94
N ALA A 44 -9.91 0.42 0.60
CA ALA A 44 -8.88 0.92 -0.31
C ALA A 44 -8.63 2.40 -0.10
N LEU A 45 -9.70 3.18 0.09
CA LEU A 45 -9.50 4.60 0.34
C LEU A 45 -8.80 4.82 1.68
N GLU A 46 -9.06 3.97 2.67
CA GLU A 46 -8.38 4.18 3.93
C GLU A 46 -6.89 3.85 3.81
N ILE A 47 -6.59 2.79 3.06
CA ILE A 47 -5.19 2.45 2.79
C ILE A 47 -4.50 3.63 2.15
N LEU A 48 -5.09 4.13 1.05
CA LEU A 48 -4.50 5.27 0.35
C LEU A 48 -4.31 6.43 1.30
N ALA A 49 -5.33 6.73 2.11
CA ALA A 49 -5.27 7.84 3.07
C ALA A 49 -4.11 7.67 4.04
N LEU A 50 -3.93 6.45 4.54
CA LEU A 50 -2.92 6.21 5.57
C LEU A 50 -1.50 6.22 4.97
N ILE A 51 -1.36 5.80 3.71
CA ILE A 51 -0.06 5.88 3.07
C ILE A 51 0.35 7.34 2.92
N GLU A 52 -0.53 8.16 2.37
CA GLU A 52 -0.25 9.59 2.24
C GLU A 52 0.24 10.18 3.55
N LYS A 53 -0.43 9.81 4.64
CA LYS A 53 -0.09 10.38 5.94
C LYS A 53 1.23 9.83 6.46
N LYS A 54 1.51 8.55 6.19
CA LYS A 54 2.64 7.90 6.82
C LYS A 54 3.96 8.29 6.16
N PHE A 55 3.99 8.33 4.84
CA PHE A 55 5.19 8.68 4.11
C PHE A 55 5.28 10.18 3.87
N LYS A 56 4.16 10.88 4.02
CA LYS A 56 4.04 12.34 3.89
C LYS A 56 4.09 12.74 2.42
N VAL A 57 3.05 12.30 1.71
CA VAL A 57 2.94 12.45 0.27
C VAL A 57 1.48 12.63 -0.09
N GLN A 58 1.23 13.35 -1.17
CA GLN A 58 -0.07 13.34 -1.82
C GLN A 58 -0.12 12.18 -2.80
N ILE A 59 -1.21 11.41 -2.74
CA ILE A 59 -1.55 10.43 -3.76
C ILE A 59 -2.96 10.78 -4.20
N PRO A 60 -3.17 11.34 -5.39
CA PRO A 60 -4.55 11.56 -5.84
C PRO A 60 -5.32 10.25 -5.71
N GLU A 61 -6.43 10.32 -4.94
CA GLU A 61 -6.95 9.11 -4.28
C GLU A 61 -7.69 8.20 -5.25
N GLU A 62 -7.24 8.17 -6.51
CA GLU A 62 -7.96 7.52 -7.60
C GLU A 62 -7.30 6.22 -8.00
N LYS A 63 -6.87 5.42 -7.01
CA LYS A 63 -6.40 4.06 -7.21
C LYS A 63 -7.26 3.03 -6.48
N LEU A 64 -8.44 3.40 -5.93
CA LEU A 64 -9.33 2.43 -5.30
C LEU A 64 -9.06 1.01 -5.81
N VAL A 65 -9.34 0.75 -7.08
CA VAL A 65 -8.60 -0.28 -7.82
C VAL A 65 -7.44 0.36 -8.59
N ASP A 66 -6.47 -0.45 -9.01
CA ASP A 66 -5.04 -0.10 -9.10
C ASP A 66 -4.36 -0.50 -7.79
N ILE A 67 -5.16 -1.00 -6.86
CA ILE A 67 -4.76 -1.61 -5.61
C ILE A 67 -5.00 -3.10 -5.83
N THR A 68 -4.57 -3.61 -6.99
CA THR A 68 -4.69 -5.03 -7.25
C THR A 68 -4.25 -5.87 -6.06
N SER A 69 -3.34 -5.37 -5.21
CA SER A 69 -2.60 -6.26 -4.32
C SER A 69 -1.70 -5.46 -3.39
N LEU A 70 -1.13 -6.16 -2.40
CA LEU A 70 -0.09 -5.51 -1.60
C LEU A 70 1.07 -5.09 -2.50
N SER A 71 1.49 -5.97 -3.42
CA SER A 71 2.64 -5.65 -4.26
C SER A 71 2.35 -4.46 -5.17
N ALA A 72 1.14 -4.38 -5.71
CA ALA A 72 0.77 -3.22 -6.52
C ALA A 72 0.78 -1.94 -5.68
N THR A 73 0.27 -2.03 -4.46
CA THR A 73 0.19 -0.87 -3.58
C THR A 73 1.59 -0.39 -3.18
N ILE A 74 2.48 -1.34 -2.93
CA ILE A 74 3.88 -1.01 -2.67
C ILE A 74 4.51 -0.34 -3.88
N GLY A 75 4.28 -0.91 -5.08
CA GLY A 75 4.81 -0.30 -6.29
C GLY A 75 4.28 1.10 -6.52
N LEU A 76 2.99 1.31 -6.23
CA LEU A 76 2.42 2.64 -6.33
C LEU A 76 3.12 3.60 -5.37
N THR A 77 3.34 3.16 -4.13
CA THR A 77 3.95 4.02 -3.14
C THR A 77 5.38 4.38 -3.55
N LYS A 78 6.14 3.39 -4.05
CA LYS A 78 7.51 3.67 -4.51
C LYS A 78 7.54 4.71 -5.62
N SER A 79 6.73 4.52 -6.67
CA SER A 79 6.76 5.44 -7.82
C SER A 79 6.30 6.84 -7.44
N VAL A 80 5.32 6.93 -6.54
CA VAL A 80 4.92 8.22 -6.00
C VAL A 80 6.07 8.84 -5.21
N LEU A 81 6.77 8.02 -4.43
CA LEU A 81 7.93 8.53 -3.70
C LEU A 81 9.04 8.98 -4.64
N ALA A 82 9.22 8.28 -5.76
CA ALA A 82 10.23 8.69 -6.73
C ALA A 82 9.89 10.04 -7.34
N GLU A 83 8.59 10.28 -7.61
CA GLU A 83 8.15 11.56 -8.15
C GLU A 83 8.40 12.72 -7.21
N SER A 84 8.51 12.48 -5.91
CA SER A 84 8.81 13.52 -4.95
C SER A 84 10.28 13.56 -4.54
N GLY A 85 11.13 12.78 -5.19
CA GLY A 85 12.54 12.73 -4.83
C GLY A 85 12.84 12.28 -3.41
N LYS A 86 12.21 11.20 -2.93
CA LYS A 86 12.57 10.72 -1.60
C LYS A 86 12.66 9.19 -1.54
N LEU A 87 12.84 8.53 -2.67
CA LEU A 87 13.04 7.09 -2.74
C LEU A 87 14.52 6.76 -2.79
N GLU A 88 14.98 5.88 -1.89
CA GLU A 88 16.26 5.19 -2.06
C GLU A 88 15.95 3.78 -2.53
N HIS A 89 16.04 3.58 -3.83
CA HIS A 89 15.72 2.32 -4.48
C HIS A 89 16.99 1.56 -4.88
N HIS A 90 16.96 0.24 -4.75
CA HIS A 90 18.10 -0.64 -5.07
C HIS A 90 18.66 -0.46 -6.45
N ASP A 2 13.53 4.09 0.68
CA ASP A 2 14.22 2.80 0.92
C ASP A 2 13.27 1.59 0.76
N ASP A 3 13.60 0.62 -0.10
CA ASP A 3 12.61 -0.38 -0.49
C ASP A 3 12.06 -1.11 0.72
N GLU A 4 12.95 -1.51 1.58
CA GLU A 4 12.56 -2.40 2.60
C GLU A 4 11.72 -1.75 3.71
N GLU A 5 11.95 -0.46 3.94
CA GLU A 5 11.16 0.28 4.92
C GLU A 5 9.84 0.78 4.31
N ILE A 6 9.81 0.95 2.97
CA ILE A 6 8.54 1.12 2.28
C ILE A 6 7.69 -0.14 2.41
N GLU A 7 8.29 -1.29 2.12
CA GLU A 7 7.56 -2.55 2.17
C GLU A 7 6.97 -2.81 3.55
N LYS A 8 7.71 -2.50 4.60
CA LYS A 8 7.25 -2.75 5.96
C LYS A 8 6.14 -1.78 6.36
N GLY A 9 6.28 -0.51 5.95
CA GLY A 9 5.26 0.47 6.27
C GLY A 9 3.94 0.21 5.57
N VAL A 10 3.98 -0.17 4.29
CA VAL A 10 2.74 -0.42 3.56
C VAL A 10 2.08 -1.70 4.09
N THR A 11 2.89 -2.72 4.40
CA THR A 11 2.32 -3.94 4.97
C THR A 11 1.60 -3.64 6.27
N SER A 12 2.22 -2.87 7.16
CA SER A 12 1.61 -2.52 8.44
C SER A 12 0.27 -1.81 8.24
N ILE A 13 0.20 -0.88 7.29
CA ILE A 13 -1.05 -0.16 7.01
C ILE A 13 -2.12 -1.12 6.51
N VAL A 14 -1.78 -1.97 5.54
CA VAL A 14 -2.80 -2.84 4.96
C VAL A 14 -3.29 -3.84 6.01
N ALA A 15 -2.36 -4.36 6.83
CA ALA A 15 -2.72 -5.26 7.92
C ALA A 15 -3.74 -4.64 8.87
N GLU A 16 -3.47 -3.44 9.37
CA GLU A 16 -4.35 -2.94 10.42
C GLU A 16 -5.68 -2.43 9.83
N VAL A 17 -5.65 -1.93 8.58
CA VAL A 17 -6.92 -1.61 7.93
C VAL A 17 -7.74 -2.88 7.68
N THR A 18 -7.08 -3.96 7.28
CA THR A 18 -7.69 -5.25 7.00
C THR A 18 -7.98 -6.08 8.26
N GLU A 19 -7.39 -5.71 9.39
CA GLU A 19 -7.43 -6.53 10.60
C GLU A 19 -6.90 -7.93 10.34
N LEU A 20 -5.83 -8.04 9.54
CA LEU A 20 -5.10 -9.28 9.36
C LEU A 20 -3.67 -9.12 9.83
N ASP A 21 -3.01 -10.25 10.04
CA ASP A 21 -1.64 -10.28 10.56
C ASP A 21 -0.65 -9.86 9.48
N GLU A 22 0.36 -9.07 9.89
CA GLU A 22 1.34 -8.56 8.92
C GLU A 22 2.04 -9.68 8.14
N LYS A 23 2.39 -10.78 8.82
CA LYS A 23 3.08 -11.89 8.15
C LYS A 23 2.20 -12.53 7.08
N GLU A 24 0.90 -12.69 7.36
CA GLU A 24 0.01 -13.34 6.39
C GLU A 24 -0.23 -12.47 5.16
N ILE A 25 -0.45 -11.16 5.34
CA ILE A 25 -0.67 -10.33 4.18
C ILE A 25 0.62 -10.26 3.36
N TRP A 26 1.77 -10.26 4.02
CA TRP A 26 3.03 -10.33 3.30
C TRP A 26 3.10 -11.61 2.47
N GLU A 27 2.76 -12.75 3.08
CA GLU A 27 2.74 -14.01 2.34
C GLU A 27 1.87 -13.92 1.10
N LYS A 28 0.74 -13.23 1.19
CA LYS A 28 -0.20 -13.09 0.09
C LYS A 28 -0.01 -11.77 -0.64
N ARG A 29 1.22 -11.28 -0.73
CA ARG A 29 1.46 -9.98 -1.33
C ARG A 29 1.01 -9.92 -2.80
N ASP A 30 0.90 -11.06 -3.49
CA ASP A 30 0.44 -11.09 -4.87
C ASP A 30 -1.06 -11.39 -5.03
N ALA A 31 -1.81 -11.52 -3.95
CA ALA A 31 -3.23 -11.82 -4.07
C ALA A 31 -4.04 -10.54 -4.33
N ASN A 32 -5.04 -10.66 -5.20
CA ASN A 32 -6.01 -9.58 -5.39
C ASN A 32 -6.59 -9.17 -4.04
N PHE A 33 -6.87 -7.88 -3.90
CA PHE A 33 -7.33 -7.36 -2.61
C PHE A 33 -8.78 -7.72 -2.36
N PHE A 34 -9.55 -7.85 -3.43
CA PHE A 34 -10.99 -7.96 -3.34
C PHE A 34 -11.48 -9.41 -3.45
N GLN A 35 -10.73 -10.27 -4.16
CA GLN A 35 -11.13 -11.66 -4.35
C GLN A 35 -10.37 -12.60 -3.40
N ASP A 36 -9.73 -12.05 -2.37
CA ASP A 36 -8.95 -12.84 -1.43
C ASP A 36 -8.89 -12.24 -0.04
N LEU A 37 -8.53 -10.96 0.09
CA LEU A 37 -8.45 -10.29 1.38
C LEU A 37 -9.60 -9.31 1.57
N GLU A 38 -10.73 -9.56 0.89
CA GLU A 38 -12.02 -8.94 1.17
C GLU A 38 -11.88 -7.43 1.44
N ILE A 39 -11.02 -6.81 0.66
CA ILE A 39 -10.87 -5.36 0.63
C ILE A 39 -11.84 -4.80 -0.41
N ASP A 40 -12.72 -3.89 0.03
CA ASP A 40 -13.58 -3.11 -0.87
C ASP A 40 -13.10 -1.66 -0.93
N SER A 41 -13.89 -0.81 -1.59
CA SER A 41 -13.41 0.52 -1.96
C SER A 41 -13.20 1.44 -0.76
N LEU A 42 -14.04 1.32 0.27
CA LEU A 42 -13.81 2.09 1.49
C LEU A 42 -12.49 1.72 2.15
N LEU A 43 -12.17 0.44 2.20
CA LEU A 43 -10.90 0.04 2.80
C LEU A 43 -9.72 0.49 1.93
N ALA A 44 -9.89 0.43 0.60
CA ALA A 44 -8.85 0.93 -0.30
C ALA A 44 -8.61 2.41 -0.06
N LEU A 45 -9.69 3.17 0.14
CA LEU A 45 -9.55 4.59 0.45
C LEU A 45 -8.83 4.78 1.78
N GLU A 46 -9.10 3.92 2.76
CA GLU A 46 -8.39 4.06 4.04
C GLU A 46 -6.91 3.80 3.86
N ILE A 47 -6.57 2.80 3.06
CA ILE A 47 -5.16 2.48 2.81
C ILE A 47 -4.48 3.67 2.16
N LEU A 48 -5.12 4.24 1.14
CA LEU A 48 -4.52 5.35 0.41
C LEU A 48 -4.25 6.53 1.34
N ALA A 49 -5.23 6.86 2.20
CA ALA A 49 -5.07 8.01 3.11
C ALA A 49 -3.96 7.75 4.12
N LEU A 50 -3.86 6.52 4.60
CA LEU A 50 -2.85 6.18 5.60
C LEU A 50 -1.45 6.19 5.00
N ILE A 51 -1.31 5.83 3.74
CA ILE A 51 0.00 5.87 3.09
C ILE A 51 0.45 7.33 2.99
N GLU A 52 -0.45 8.21 2.59
CA GLU A 52 -0.11 9.64 2.52
C GLU A 52 0.48 10.15 3.83
N LYS A 53 -0.05 9.68 4.96
CA LYS A 53 0.40 10.17 6.25
C LYS A 53 1.76 9.60 6.62
N LYS A 54 1.89 8.27 6.58
CA LYS A 54 3.16 7.61 6.85
C LYS A 54 4.28 8.20 5.98
N PHE A 55 3.99 8.51 4.71
CA PHE A 55 5.05 8.76 3.73
C PHE A 55 5.08 10.20 3.17
N LYS A 56 4.31 11.11 3.77
CA LYS A 56 4.32 12.56 3.50
C LYS A 56 4.15 12.86 2.00
N VAL A 57 3.40 11.99 1.35
CA VAL A 57 3.26 11.97 -0.09
C VAL A 57 1.82 12.28 -0.44
N GLN A 58 1.64 13.13 -1.44
CA GLN A 58 0.34 13.35 -2.03
C GLN A 58 0.08 12.27 -3.07
N ILE A 59 -1.10 11.66 -2.99
CA ILE A 59 -1.51 10.67 -3.96
C ILE A 59 -2.85 11.13 -4.48
N PRO A 60 -3.03 11.30 -5.79
CA PRO A 60 -4.39 11.46 -6.29
C PRO A 60 -5.12 10.15 -6.02
N GLU A 61 -6.14 10.23 -5.15
CA GLU A 61 -6.64 9.03 -4.48
C GLU A 61 -7.47 8.16 -5.42
N GLU A 62 -7.15 8.24 -6.72
CA GLU A 62 -7.98 7.67 -7.77
C GLU A 62 -7.42 6.35 -8.28
N LYS A 63 -7.05 5.44 -7.38
CA LYS A 63 -6.79 4.05 -7.73
C LYS A 63 -7.78 3.11 -7.03
N LEU A 64 -9.10 3.38 -7.10
CA LEU A 64 -10.07 2.55 -6.39
C LEU A 64 -9.78 1.05 -6.54
N VAL A 65 -10.08 0.45 -7.68
CA VAL A 65 -9.35 -0.75 -8.09
C VAL A 65 -8.04 -0.35 -8.75
N ASP A 66 -6.91 -0.66 -8.10
CA ASP A 66 -5.53 -0.32 -8.50
C ASP A 66 -4.58 -0.40 -7.29
N ILE A 67 -5.01 0.10 -6.13
CA ILE A 67 -4.89 -0.63 -4.87
C ILE A 67 -5.48 -2.01 -5.11
N THR A 68 -4.69 -2.93 -5.68
CA THR A 68 -5.18 -4.24 -6.13
C THR A 68 -4.66 -5.37 -5.28
N SER A 69 -3.57 -5.14 -4.56
CA SER A 69 -2.80 -6.16 -3.90
C SER A 69 -1.69 -5.43 -3.15
N LEU A 70 -1.07 -6.11 -2.19
CA LEU A 70 0.03 -5.45 -1.49
C LEU A 70 1.13 -5.06 -2.48
N SER A 71 1.47 -5.94 -3.43
CA SER A 71 2.60 -5.66 -4.30
C SER A 71 2.32 -4.46 -5.21
N ALA A 72 1.11 -4.38 -5.77
CA ALA A 72 0.75 -3.20 -6.56
C ALA A 72 0.72 -1.95 -5.69
N THR A 73 0.24 -2.07 -4.46
CA THR A 73 0.18 -0.92 -3.57
C THR A 73 1.59 -0.44 -3.21
N ILE A 74 2.48 -1.39 -2.94
CA ILE A 74 3.88 -1.05 -2.67
C ILE A 74 4.51 -0.35 -3.88
N GLY A 75 4.30 -0.90 -5.08
CA GLY A 75 4.84 -0.27 -6.28
C GLY A 75 4.30 1.13 -6.48
N LEU A 76 3.00 1.33 -6.21
CA LEU A 76 2.42 2.66 -6.29
C LEU A 76 3.11 3.62 -5.33
N THR A 77 3.34 3.17 -4.11
CA THR A 77 3.96 4.04 -3.11
C THR A 77 5.39 4.40 -3.53
N LYS A 78 6.14 3.41 -4.03
CA LYS A 78 7.50 3.68 -4.52
C LYS A 78 7.49 4.73 -5.64
N SER A 79 6.58 4.58 -6.62
CA SER A 79 6.47 5.49 -7.75
C SER A 79 6.22 6.93 -7.33
N VAL A 80 5.28 7.15 -6.40
CA VAL A 80 4.99 8.52 -5.99
C VAL A 80 6.12 9.04 -5.12
N LEU A 81 6.78 8.16 -4.38
CA LEU A 81 7.96 8.58 -3.63
C LEU A 81 9.09 8.99 -4.58
N ALA A 82 9.25 8.27 -5.70
CA ALA A 82 10.26 8.66 -6.68
C ALA A 82 9.90 9.98 -7.34
N GLU A 83 8.60 10.26 -7.45
CA GLU A 83 8.11 11.53 -7.98
C GLU A 83 8.47 12.71 -7.10
N SER A 84 8.59 12.52 -5.80
CA SER A 84 8.93 13.61 -4.88
C SER A 84 10.38 13.58 -4.43
N GLY A 85 11.24 12.85 -5.14
CA GLY A 85 12.62 12.74 -4.71
C GLY A 85 12.82 12.36 -3.27
N LYS A 86 12.34 11.19 -2.85
CA LYS A 86 12.83 10.67 -1.58
C LYS A 86 13.11 9.17 -1.65
N LEU A 87 12.54 8.48 -2.63
CA LEU A 87 12.84 7.07 -2.85
C LEU A 87 14.34 6.88 -2.87
N GLU A 88 14.83 5.93 -2.08
CA GLU A 88 16.20 5.42 -2.24
C GLU A 88 16.06 3.96 -2.65
N HIS A 89 16.03 3.74 -3.96
CA HIS A 89 15.79 2.43 -4.57
C HIS A 89 17.12 1.75 -4.84
N HIS A 90 17.19 0.44 -4.67
CA HIS A 90 18.46 -0.27 -4.89
C HIS A 90 18.26 -1.51 -5.76
N ASP A 2 14.03 3.64 1.99
CA ASP A 2 14.62 2.51 1.26
C ASP A 2 13.48 1.49 0.99
N ASP A 3 13.75 0.48 0.17
CA ASP A 3 12.69 -0.42 -0.25
C ASP A 3 12.09 -1.13 0.95
N GLU A 4 12.95 -1.61 1.83
CA GLU A 4 12.48 -2.41 2.96
C GLU A 4 11.63 -1.54 3.91
N GLU A 5 12.00 -0.26 4.06
CA GLU A 5 11.20 0.68 4.84
C GLU A 5 9.80 0.86 4.26
N ILE A 6 9.70 1.02 2.94
CA ILE A 6 8.40 1.21 2.32
C ILE A 6 7.61 -0.09 2.35
N GLU A 7 8.27 -1.21 2.07
CA GLU A 7 7.58 -2.50 2.08
C GLU A 7 7.03 -2.82 3.46
N LYS A 8 7.78 -2.49 4.53
CA LYS A 8 7.33 -2.71 5.91
C LYS A 8 6.17 -1.79 6.28
N GLY A 9 6.29 -0.51 5.92
CA GLY A 9 5.27 0.46 6.25
C GLY A 9 3.95 0.21 5.56
N VAL A 10 3.97 -0.15 4.27
CA VAL A 10 2.73 -0.40 3.56
C VAL A 10 2.08 -1.68 4.09
N THR A 11 2.89 -2.71 4.37
CA THR A 11 2.33 -3.92 4.96
C THR A 11 1.61 -3.62 6.28
N SER A 12 2.24 -2.84 7.15
CA SER A 12 1.61 -2.47 8.42
C SER A 12 0.25 -1.81 8.20
N ILE A 13 0.17 -0.87 7.26
CA ILE A 13 -1.09 -0.17 6.98
C ILE A 13 -2.16 -1.13 6.48
N VAL A 14 -1.81 -2.00 5.54
CA VAL A 14 -2.81 -2.90 4.98
C VAL A 14 -3.28 -3.89 6.04
N ALA A 15 -2.37 -4.36 6.90
CA ALA A 15 -2.74 -5.17 8.06
C ALA A 15 -3.69 -4.43 9.01
N GLU A 16 -3.38 -3.17 9.34
CA GLU A 16 -4.28 -2.41 10.19
C GLU A 16 -5.67 -2.39 9.60
N VAL A 17 -5.77 -1.96 8.32
CA VAL A 17 -7.08 -1.67 7.74
C VAL A 17 -7.89 -2.96 7.54
N THR A 18 -7.23 -4.04 7.17
CA THR A 18 -7.93 -5.29 6.92
C THR A 18 -8.09 -6.15 8.17
N GLU A 19 -7.48 -5.73 9.29
CA GLU A 19 -7.48 -6.50 10.52
C GLU A 19 -6.92 -7.91 10.30
N LEU A 20 -5.82 -7.99 9.57
CA LEU A 20 -5.12 -9.24 9.33
C LEU A 20 -3.70 -9.12 9.88
N ASP A 21 -3.04 -10.27 9.99
CA ASP A 21 -1.68 -10.33 10.53
C ASP A 21 -0.67 -9.88 9.47
N GLU A 22 0.33 -9.10 9.91
CA GLU A 22 1.32 -8.57 8.97
C GLU A 22 2.05 -9.68 8.21
N LYS A 23 2.45 -10.77 8.87
CA LYS A 23 3.10 -11.87 8.17
C LYS A 23 2.16 -12.52 7.18
N GLU A 24 0.88 -12.65 7.57
CA GLU A 24 -0.14 -13.23 6.68
C GLU A 24 -0.25 -12.45 5.38
N ILE A 25 -0.43 -11.13 5.47
CA ILE A 25 -0.64 -10.33 4.26
C ILE A 25 0.63 -10.30 3.42
N TRP A 26 1.79 -10.29 4.08
CA TRP A 26 3.04 -10.34 3.31
C TRP A 26 3.13 -11.63 2.50
N GLU A 27 2.82 -12.77 3.13
CA GLU A 27 2.81 -14.03 2.40
C GLU A 27 1.90 -13.96 1.18
N LYS A 28 0.79 -13.24 1.28
CA LYS A 28 -0.17 -13.13 0.19
C LYS A 28 -0.03 -11.79 -0.54
N ARG A 29 1.21 -11.34 -0.71
CA ARG A 29 1.43 -10.02 -1.28
C ARG A 29 0.96 -9.91 -2.74
N ASP A 30 0.94 -11.02 -3.49
CA ASP A 30 0.44 -11.02 -4.86
C ASP A 30 -1.05 -11.35 -4.97
N ALA A 31 -1.74 -11.59 -3.87
CA ALA A 31 -3.15 -11.93 -3.95
C ALA A 31 -3.96 -10.70 -4.33
N ASN A 32 -4.97 -10.91 -5.19
CA ASN A 32 -5.94 -9.87 -5.50
C ASN A 32 -6.63 -9.36 -4.23
N PHE A 33 -6.77 -8.05 -4.11
CA PHE A 33 -7.36 -7.46 -2.89
C PHE A 33 -8.83 -7.77 -2.78
N PHE A 34 -9.52 -7.80 -3.91
CA PHE A 34 -10.97 -7.76 -3.90
C PHE A 34 -11.62 -9.15 -3.89
N GLN A 35 -10.86 -10.21 -4.16
CA GLN A 35 -11.44 -11.55 -4.19
C GLN A 35 -11.00 -12.41 -3.01
N ASP A 36 -10.14 -11.89 -2.14
CA ASP A 36 -9.50 -12.72 -1.13
C ASP A 36 -9.22 -12.00 0.17
N LEU A 37 -8.97 -10.70 0.14
CA LEU A 37 -8.62 -9.96 1.34
C LEU A 37 -9.76 -9.06 1.81
N GLU A 38 -10.92 -9.12 1.16
CA GLU A 38 -12.14 -8.49 1.65
C GLU A 38 -12.07 -6.96 1.54
N ILE A 39 -11.64 -6.48 0.39
CA ILE A 39 -11.21 -5.09 0.27
C ILE A 39 -12.09 -4.36 -0.73
N ASP A 40 -13.20 -3.84 -0.24
CA ASP A 40 -14.03 -2.89 -0.97
C ASP A 40 -13.32 -1.54 -1.02
N SER A 41 -14.04 -0.52 -1.50
CA SER A 41 -13.40 0.74 -1.84
C SER A 41 -13.23 1.66 -0.64
N LEU A 42 -14.06 1.50 0.39
CA LEU A 42 -13.80 2.22 1.64
C LEU A 42 -12.46 1.80 2.23
N LEU A 43 -12.16 0.49 2.20
CA LEU A 43 -10.90 0.03 2.75
C LEU A 43 -9.73 0.51 1.90
N ALA A 44 -9.85 0.44 0.56
CA ALA A 44 -8.79 0.91 -0.30
C ALA A 44 -8.58 2.42 -0.12
N LEU A 45 -9.68 3.15 -0.02
CA LEU A 45 -9.59 4.57 0.29
C LEU A 45 -8.86 4.79 1.60
N GLU A 46 -9.10 3.93 2.60
CA GLU A 46 -8.45 4.11 3.89
C GLU A 46 -6.94 3.82 3.78
N ILE A 47 -6.59 2.78 3.02
CA ILE A 47 -5.19 2.47 2.78
C ILE A 47 -4.50 3.67 2.15
N LEU A 48 -5.10 4.23 1.11
CA LEU A 48 -4.50 5.36 0.42
C LEU A 48 -4.23 6.52 1.38
N ALA A 49 -5.21 6.86 2.23
CA ALA A 49 -5.06 8.01 3.10
C ALA A 49 -3.98 7.78 4.14
N LEU A 50 -3.86 6.53 4.61
CA LEU A 50 -2.86 6.20 5.61
C LEU A 50 -1.45 6.20 5.00
N ILE A 51 -1.32 5.80 3.73
CA ILE A 51 -0.02 5.89 3.08
C ILE A 51 0.39 7.34 2.93
N GLU A 52 -0.50 8.17 2.37
CA GLU A 52 -0.25 9.61 2.28
C GLU A 52 0.22 10.16 3.61
N LYS A 53 -0.48 9.83 4.68
CA LYS A 53 -0.10 10.27 6.01
C LYS A 53 1.30 9.81 6.37
N LYS A 54 1.56 8.51 6.29
CA LYS A 54 2.78 7.95 6.87
C LYS A 54 4.01 8.30 6.03
N PHE A 55 3.87 8.35 4.71
CA PHE A 55 5.00 8.61 3.82
C PHE A 55 5.08 10.06 3.36
N LYS A 56 4.25 10.94 3.93
CA LYS A 56 4.25 12.38 3.64
C LYS A 56 4.33 12.63 2.14
N VAL A 57 3.32 12.11 1.45
CA VAL A 57 3.28 12.05 0.00
C VAL A 57 1.86 12.40 -0.41
N GLN A 58 1.71 12.84 -1.65
CA GLN A 58 0.40 13.11 -2.19
C GLN A 58 0.13 12.17 -3.35
N ILE A 59 -1.08 11.62 -3.37
CA ILE A 59 -1.45 10.60 -4.32
C ILE A 59 -2.75 11.09 -4.95
N PRO A 60 -2.71 11.72 -6.13
CA PRO A 60 -3.95 12.02 -6.83
C PRO A 60 -4.95 10.92 -6.55
N GLU A 61 -6.15 11.34 -6.20
CA GLU A 61 -7.04 10.43 -5.51
C GLU A 61 -7.76 9.52 -6.49
N GLU A 62 -7.16 9.30 -7.68
CA GLU A 62 -7.71 8.36 -8.64
C GLU A 62 -6.83 7.12 -8.86
N LYS A 63 -6.64 6.28 -7.85
CA LYS A 63 -6.27 4.88 -8.08
C LYS A 63 -7.28 3.91 -7.48
N LEU A 64 -8.52 3.88 -8.00
CA LEU A 64 -9.49 2.91 -7.48
C LEU A 64 -8.94 1.50 -7.62
N VAL A 65 -9.42 0.71 -8.59
CA VAL A 65 -9.00 -0.69 -8.66
C VAL A 65 -7.60 -0.79 -9.24
N ASP A 66 -6.61 -0.20 -8.55
CA ASP A 66 -5.18 -0.34 -8.80
C ASP A 66 -4.35 -0.46 -7.51
N ILE A 67 -4.78 0.19 -6.42
CA ILE A 67 -4.54 -0.35 -5.09
C ILE A 67 -5.31 -1.67 -5.04
N THR A 68 -4.68 -2.74 -5.55
CA THR A 68 -5.35 -4.00 -5.85
C THR A 68 -4.65 -5.23 -5.30
N SER A 69 -3.43 -5.07 -4.82
CA SER A 69 -2.68 -6.12 -4.16
C SER A 69 -1.62 -5.41 -3.34
N LEU A 70 -1.07 -6.11 -2.36
CA LEU A 70 -0.01 -5.46 -1.59
C LEU A 70 1.12 -5.05 -2.52
N SER A 71 1.52 -5.94 -3.44
CA SER A 71 2.66 -5.63 -4.30
C SER A 71 2.35 -4.45 -5.22
N ALA A 72 1.09 -4.36 -5.69
CA ALA A 72 0.68 -3.19 -6.47
C ALA A 72 0.68 -1.92 -5.62
N THR A 73 0.21 -2.03 -4.37
CA THR A 73 0.18 -0.88 -3.49
C THR A 73 1.59 -0.41 -3.15
N ILE A 74 2.49 -1.37 -2.92
CA ILE A 74 3.89 -1.05 -2.66
C ILE A 74 4.51 -0.36 -3.88
N GLY A 75 4.27 -0.90 -5.07
CA GLY A 75 4.80 -0.30 -6.28
C GLY A 75 4.27 1.11 -6.49
N LEU A 76 2.98 1.32 -6.20
CA LEU A 76 2.41 2.65 -6.30
C LEU A 76 3.10 3.61 -5.35
N THR A 77 3.34 3.18 -4.12
CA THR A 77 3.95 4.04 -3.13
C THR A 77 5.38 4.41 -3.54
N LYS A 78 6.16 3.44 -4.00
CA LYS A 78 7.53 3.73 -4.42
C LYS A 78 7.57 4.76 -5.56
N SER A 79 6.72 4.57 -6.57
CA SER A 79 6.75 5.45 -7.74
C SER A 79 6.28 6.88 -7.41
N VAL A 80 5.32 7.02 -6.49
CA VAL A 80 4.95 8.36 -6.04
C VAL A 80 6.06 8.94 -5.18
N LEU A 81 6.74 8.10 -4.39
CA LEU A 81 7.90 8.56 -3.64
C LEU A 81 9.03 8.99 -4.58
N ALA A 82 9.20 8.30 -5.72
CA ALA A 82 10.22 8.70 -6.68
C ALA A 82 9.92 10.08 -7.27
N GLU A 83 8.64 10.44 -7.34
CA GLU A 83 8.28 11.77 -7.81
C GLU A 83 8.47 12.84 -6.74
N SER A 84 8.44 12.44 -5.47
CA SER A 84 8.72 13.32 -4.34
C SER A 84 10.21 13.33 -3.99
N GLY A 85 11.06 12.86 -4.89
CA GLY A 85 12.50 12.83 -4.65
C GLY A 85 12.97 12.20 -3.36
N LYS A 86 12.15 11.36 -2.69
CA LYS A 86 12.63 10.80 -1.43
C LYS A 86 13.05 9.33 -1.54
N LEU A 87 12.57 8.60 -2.54
CA LEU A 87 12.91 7.18 -2.72
C LEU A 87 14.43 7.00 -2.80
N GLU A 88 14.97 6.09 -1.97
CA GLU A 88 16.42 5.82 -1.98
C GLU A 88 16.63 4.39 -2.49
N HIS A 89 16.09 4.10 -3.68
CA HIS A 89 15.88 2.75 -4.25
C HIS A 89 17.10 1.91 -4.64
N HIS A 90 17.03 0.61 -4.38
CA HIS A 90 18.11 -0.33 -4.75
C HIS A 90 17.58 -1.68 -5.28
N ASP A 2 14.41 3.14 1.57
CA ASP A 2 14.77 2.07 0.62
C ASP A 2 13.53 1.19 0.51
N ASP A 3 13.62 0.17 -0.33
CA ASP A 3 12.48 -0.70 -0.55
C ASP A 3 11.98 -1.29 0.77
N GLU A 4 12.88 -1.40 1.74
CA GLU A 4 12.57 -2.11 2.98
C GLU A 4 11.57 -1.34 3.86
N GLU A 5 11.90 -0.09 4.24
CA GLU A 5 10.98 0.71 5.05
C GLU A 5 9.62 0.87 4.38
N ILE A 6 9.61 0.97 3.05
CA ILE A 6 8.35 1.15 2.35
C ILE A 6 7.58 -0.16 2.34
N GLU A 7 8.27 -1.27 2.14
CA GLU A 7 7.65 -2.59 2.22
C GLU A 7 6.95 -2.81 3.56
N LYS A 8 7.66 -2.56 4.65
CA LYS A 8 7.12 -2.85 5.98
C LYS A 8 6.05 -1.83 6.36
N GLY A 9 6.26 -0.58 5.95
CA GLY A 9 5.28 0.47 6.19
C GLY A 9 3.95 0.22 5.52
N VAL A 10 3.96 -0.14 4.24
CA VAL A 10 2.70 -0.39 3.54
C VAL A 10 2.07 -1.67 4.08
N THR A 11 2.88 -2.71 4.32
CA THR A 11 2.35 -3.94 4.91
C THR A 11 1.63 -3.65 6.22
N SER A 12 2.27 -2.87 7.11
CA SER A 12 1.66 -2.52 8.38
C SER A 12 0.31 -1.79 8.20
N ILE A 13 0.23 -0.86 7.25
CA ILE A 13 -1.02 -0.16 6.97
C ILE A 13 -2.10 -1.13 6.49
N VAL A 14 -1.76 -1.98 5.52
CA VAL A 14 -2.78 -2.86 4.96
C VAL A 14 -3.25 -3.86 6.02
N ALA A 15 -2.33 -4.32 6.88
CA ALA A 15 -2.70 -5.17 8.02
C ALA A 15 -3.68 -4.48 8.96
N GLU A 16 -3.39 -3.24 9.36
CA GLU A 16 -4.28 -2.53 10.28
C GLU A 16 -5.65 -2.35 9.65
N VAL A 17 -5.70 -1.87 8.40
CA VAL A 17 -6.98 -1.57 7.78
C VAL A 17 -7.81 -2.84 7.61
N THR A 18 -7.19 -3.93 7.20
CA THR A 18 -7.89 -5.18 6.94
C THR A 18 -8.04 -6.05 8.19
N GLU A 19 -7.44 -5.64 9.31
CA GLU A 19 -7.45 -6.42 10.55
C GLU A 19 -6.93 -7.84 10.33
N LEU A 20 -5.81 -7.95 9.63
CA LEU A 20 -5.11 -9.22 9.42
C LEU A 20 -3.67 -9.08 9.89
N ASP A 21 -3.02 -10.22 10.07
CA ASP A 21 -1.67 -10.29 10.63
C ASP A 21 -0.64 -9.86 9.57
N GLU A 22 0.35 -9.05 9.99
CA GLU A 22 1.31 -8.52 9.02
C GLU A 22 2.01 -9.63 8.22
N LYS A 23 2.39 -10.74 8.89
CA LYS A 23 3.13 -11.79 8.18
C LYS A 23 2.23 -12.50 7.17
N GLU A 24 0.93 -12.65 7.48
CA GLU A 24 0.03 -13.32 6.54
C GLU A 24 -0.19 -12.49 5.28
N ILE A 25 -0.36 -11.17 5.42
CA ILE A 25 -0.61 -10.37 4.22
C ILE A 25 0.67 -10.28 3.39
N TRP A 26 1.82 -10.23 4.06
CA TRP A 26 3.08 -10.32 3.31
C TRP A 26 3.14 -11.61 2.49
N GLU A 27 2.81 -12.75 3.10
CA GLU A 27 2.76 -14.00 2.35
C GLU A 27 1.81 -13.90 1.16
N LYS A 28 0.72 -13.16 1.29
CA LYS A 28 -0.25 -13.00 0.22
C LYS A 28 -0.05 -11.69 -0.53
N ARG A 29 1.21 -11.28 -0.69
CA ARG A 29 1.46 -9.99 -1.34
C ARG A 29 1.05 -9.98 -2.81
N ASP A 30 1.16 -11.11 -3.50
CA ASP A 30 0.76 -11.21 -4.90
C ASP A 30 -0.76 -11.24 -5.09
N ALA A 31 -1.50 -11.68 -4.08
CA ALA A 31 -2.93 -11.98 -4.19
C ALA A 31 -3.74 -10.73 -4.54
N ASN A 32 -4.96 -10.96 -5.03
CA ASN A 32 -5.87 -9.88 -5.41
C ASN A 32 -6.68 -9.40 -4.20
N PHE A 33 -6.63 -8.10 -3.94
CA PHE A 33 -7.20 -7.55 -2.72
C PHE A 33 -8.68 -7.86 -2.59
N PHE A 34 -9.44 -7.62 -3.64
CA PHE A 34 -10.88 -7.52 -3.50
C PHE A 34 -11.56 -8.88 -3.47
N GLN A 35 -10.95 -9.91 -4.06
CA GLN A 35 -11.48 -11.26 -3.94
C GLN A 35 -10.86 -12.00 -2.75
N ASP A 36 -9.54 -12.13 -2.73
CA ASP A 36 -8.90 -13.04 -1.79
C ASP A 36 -8.34 -12.38 -0.54
N LEU A 37 -8.77 -11.16 -0.19
CA LEU A 37 -8.40 -10.56 1.09
C LEU A 37 -9.58 -10.03 1.89
N GLU A 38 -10.71 -9.70 1.23
CA GLU A 38 -11.95 -9.23 1.86
C GLU A 38 -12.02 -7.70 1.91
N ILE A 39 -11.17 -7.04 1.10
CA ILE A 39 -11.20 -5.59 0.93
C ILE A 39 -12.47 -5.19 0.15
N ASP A 40 -12.85 -3.91 0.26
CA ASP A 40 -13.67 -3.17 -0.71
C ASP A 40 -13.10 -1.76 -0.90
N SER A 41 -13.91 -0.85 -1.46
CA SER A 41 -13.37 0.44 -1.87
C SER A 41 -13.24 1.42 -0.72
N LEU A 42 -14.07 1.31 0.32
CA LEU A 42 -13.82 2.10 1.52
C LEU A 42 -12.49 1.73 2.16
N LEU A 43 -12.17 0.43 2.21
CA LEU A 43 -10.91 0.02 2.79
C LEU A 43 -9.74 0.51 1.93
N ALA A 44 -9.88 0.43 0.60
CA ALA A 44 -8.81 0.91 -0.27
C ALA A 44 -8.60 2.40 -0.09
N LEU A 45 -9.71 3.15 0.02
CA LEU A 45 -9.63 4.56 0.31
C LEU A 45 -8.86 4.81 1.60
N GLU A 46 -9.09 3.97 2.61
CA GLU A 46 -8.40 4.20 3.89
C GLU A 46 -6.92 3.89 3.78
N ILE A 47 -6.59 2.82 3.06
CA ILE A 47 -5.19 2.49 2.81
C ILE A 47 -4.50 3.68 2.17
N LEU A 48 -5.11 4.22 1.11
CA LEU A 48 -4.52 5.35 0.41
C LEU A 48 -4.26 6.50 1.36
N ALA A 49 -5.22 6.83 2.23
CA ALA A 49 -5.08 7.96 3.13
C ALA A 49 -4.00 7.72 4.17
N LEU A 50 -3.86 6.49 4.63
CA LEU A 50 -2.85 6.18 5.63
C LEU A 50 -1.45 6.18 5.01
N ILE A 51 -1.33 5.78 3.75
CA ILE A 51 -0.04 5.87 3.08
C ILE A 51 0.36 7.33 2.93
N GLU A 52 -0.58 8.15 2.43
CA GLU A 52 -0.31 9.56 2.23
C GLU A 52 0.22 10.23 3.50
N LYS A 53 0.06 9.58 4.65
CA LYS A 53 0.34 10.24 5.92
C LYS A 53 1.50 9.60 6.68
N LYS A 54 1.74 8.29 6.47
CA LYS A 54 2.94 7.66 7.02
C LYS A 54 4.19 8.15 6.29
N PHE A 55 4.09 8.33 4.97
CA PHE A 55 5.23 8.67 4.13
C PHE A 55 5.28 10.17 3.80
N LYS A 56 4.24 10.91 4.15
CA LYS A 56 4.15 12.35 3.94
C LYS A 56 4.20 12.64 2.43
N VAL A 57 3.20 12.02 1.78
CA VAL A 57 3.09 11.86 0.34
C VAL A 57 1.63 12.11 0.02
N GLN A 58 1.36 12.76 -1.09
CA GLN A 58 -0.02 12.89 -1.53
C GLN A 58 -0.20 12.13 -2.84
N ILE A 59 -0.97 11.05 -2.78
CA ILE A 59 -1.25 10.21 -3.94
C ILE A 59 -2.43 10.82 -4.67
N PRO A 60 -2.31 11.14 -5.96
CA PRO A 60 -3.47 11.61 -6.70
C PRO A 60 -4.65 10.70 -6.49
N GLU A 61 -5.83 11.29 -6.62
CA GLU A 61 -7.03 10.62 -6.14
C GLU A 61 -7.37 9.43 -7.02
N GLU A 62 -6.94 9.45 -8.28
CA GLU A 62 -7.27 8.35 -9.17
C GLU A 62 -6.30 7.18 -9.08
N LYS A 63 -5.88 6.77 -7.89
CA LYS A 63 -5.47 5.36 -7.77
C LYS A 63 -6.65 4.48 -7.36
N LEU A 64 -7.55 4.18 -8.30
CA LEU A 64 -8.59 3.22 -8.03
C LEU A 64 -8.06 1.81 -8.21
N VAL A 65 -8.09 1.29 -9.44
CA VAL A 65 -7.74 -0.12 -9.62
C VAL A 65 -6.24 -0.27 -9.86
N ASP A 66 -5.43 0.30 -8.98
CA ASP A 66 -4.07 -0.21 -8.77
C ASP A 66 -3.71 -0.36 -7.28
N ILE A 67 -4.60 0.08 -6.37
CA ILE A 67 -4.57 -0.44 -5.00
C ILE A 67 -5.38 -1.74 -5.02
N THR A 68 -4.76 -2.79 -5.56
CA THR A 68 -5.41 -4.04 -5.89
C THR A 68 -4.68 -5.27 -5.36
N SER A 69 -3.44 -5.10 -4.92
CA SER A 69 -2.69 -6.13 -4.22
C SER A 69 -1.67 -5.40 -3.37
N LEU A 70 -1.09 -6.12 -2.40
CA LEU A 70 -0.04 -5.49 -1.60
C LEU A 70 1.12 -5.08 -2.51
N SER A 71 1.52 -5.96 -3.43
CA SER A 71 2.66 -5.66 -4.29
C SER A 71 2.36 -4.47 -5.21
N ALA A 72 1.13 -4.39 -5.73
CA ALA A 72 0.72 -3.22 -6.50
C ALA A 72 0.71 -1.96 -5.65
N THR A 73 0.23 -2.08 -4.41
CA THR A 73 0.18 -0.90 -3.54
C THR A 73 1.58 -0.44 -3.19
N ILE A 74 2.49 -1.38 -2.96
CA ILE A 74 3.88 -1.03 -2.68
C ILE A 74 4.51 -0.35 -3.88
N GLY A 75 4.26 -0.87 -5.08
CA GLY A 75 4.80 -0.26 -6.27
C GLY A 75 4.27 1.15 -6.47
N LEU A 76 2.97 1.35 -6.23
CA LEU A 76 2.41 2.70 -6.26
C LEU A 76 3.14 3.62 -5.31
N THR A 77 3.34 3.17 -4.07
CA THR A 77 3.97 4.02 -3.08
C THR A 77 5.39 4.38 -3.52
N LYS A 78 6.13 3.42 -4.10
CA LYS A 78 7.48 3.71 -4.57
C LYS A 78 7.48 4.73 -5.72
N SER A 79 6.66 4.51 -6.75
CA SER A 79 6.51 5.46 -7.85
C SER A 79 6.21 6.87 -7.35
N VAL A 80 5.30 6.99 -6.39
CA VAL A 80 4.94 8.30 -5.84
C VAL A 80 6.12 8.89 -5.07
N LEU A 81 6.84 8.04 -4.34
CA LEU A 81 8.00 8.53 -3.61
C LEU A 81 9.11 8.97 -4.57
N ALA A 82 9.25 8.30 -5.72
CA ALA A 82 10.27 8.68 -6.69
C ALA A 82 9.94 10.03 -7.31
N GLU A 83 8.65 10.30 -7.51
CA GLU A 83 8.24 11.56 -8.10
C GLU A 83 8.37 12.71 -7.13
N SER A 84 8.37 12.45 -5.83
CA SER A 84 8.64 13.44 -4.81
C SER A 84 10.14 13.62 -4.57
N GLY A 85 10.97 12.90 -5.33
CA GLY A 85 12.40 12.92 -5.05
C GLY A 85 12.80 12.24 -3.77
N LYS A 86 12.00 11.27 -3.27
CA LYS A 86 12.25 10.74 -1.93
C LYS A 86 12.27 9.21 -1.89
N LEU A 87 12.96 8.56 -2.83
CA LEU A 87 13.08 7.11 -2.89
C LEU A 87 14.55 6.73 -3.00
N GLU A 88 15.02 5.78 -2.18
CA GLU A 88 16.44 5.41 -2.13
C GLU A 88 16.75 4.16 -2.98
N HIS A 89 15.73 3.63 -3.66
CA HIS A 89 15.81 2.40 -4.48
C HIS A 89 17.18 1.85 -4.87
N HIS A 90 17.34 0.54 -4.85
CA HIS A 90 18.64 -0.08 -5.12
C HIS A 90 18.58 -1.08 -6.28
N ASP A 2 13.67 4.19 2.20
CA ASP A 2 14.15 3.14 1.30
C ASP A 2 13.19 1.93 1.19
N ASP A 3 13.54 1.01 0.28
CA ASP A 3 12.68 -0.11 -0.06
C ASP A 3 12.17 -0.86 1.18
N GLU A 4 13.07 -1.29 2.07
CA GLU A 4 12.63 -2.05 3.25
C GLU A 4 11.62 -1.24 4.06
N GLU A 5 11.95 0.00 4.39
CA GLU A 5 11.04 0.87 5.14
C GLU A 5 9.68 0.95 4.47
N ILE A 6 9.63 1.01 3.15
CA ILE A 6 8.35 1.18 2.47
C ILE A 6 7.58 -0.13 2.44
N GLU A 7 8.27 -1.23 2.17
CA GLU A 7 7.64 -2.54 2.27
C GLU A 7 6.95 -2.76 3.59
N LYS A 8 7.66 -2.49 4.69
CA LYS A 8 7.13 -2.77 6.01
C LYS A 8 6.05 -1.77 6.40
N GLY A 9 6.25 -0.51 6.01
CA GLY A 9 5.24 0.50 6.24
C GLY A 9 3.92 0.23 5.54
N VAL A 10 3.96 -0.13 4.25
CA VAL A 10 2.71 -0.40 3.54
C VAL A 10 2.07 -1.68 4.08
N THR A 11 2.88 -2.71 4.35
CA THR A 11 2.35 -3.93 4.95
C THR A 11 1.62 -3.62 6.25
N SER A 12 2.27 -2.87 7.15
CA SER A 12 1.67 -2.47 8.42
C SER A 12 0.32 -1.79 8.21
N ILE A 13 0.23 -0.88 7.24
CA ILE A 13 -1.02 -0.17 6.98
C ILE A 13 -2.11 -1.12 6.49
N VAL A 14 -1.78 -1.98 5.53
CA VAL A 14 -2.79 -2.87 4.98
C VAL A 14 -3.27 -3.86 6.04
N ALA A 15 -2.34 -4.37 6.88
CA ALA A 15 -2.69 -5.17 8.05
C ALA A 15 -3.69 -4.46 8.96
N GLU A 16 -3.39 -3.21 9.33
CA GLU A 16 -4.29 -2.42 10.15
C GLU A 16 -5.69 -2.37 9.57
N VAL A 17 -5.78 -2.06 8.27
CA VAL A 17 -7.08 -1.79 7.69
C VAL A 17 -7.85 -3.09 7.45
N THR A 18 -7.18 -4.14 7.04
CA THR A 18 -7.88 -5.40 6.85
C THR A 18 -8.07 -6.16 8.16
N GLU A 19 -7.50 -5.67 9.26
CA GLU A 19 -7.49 -6.38 10.53
C GLU A 19 -6.96 -7.81 10.36
N LEU A 20 -5.82 -7.92 9.70
CA LEU A 20 -5.11 -9.18 9.48
C LEU A 20 -3.68 -9.06 9.97
N ASP A 21 -2.99 -10.19 9.99
CA ASP A 21 -1.64 -10.32 10.53
C ASP A 21 -0.61 -9.90 9.48
N GLU A 22 0.42 -9.13 9.89
CA GLU A 22 1.43 -8.65 8.95
C GLU A 22 2.07 -9.79 8.18
N LYS A 23 2.36 -10.90 8.86
CA LYS A 23 3.01 -12.03 8.21
C LYS A 23 2.12 -12.61 7.08
N GLU A 24 0.80 -12.74 7.32
CA GLU A 24 -0.07 -13.31 6.27
C GLU A 24 -0.19 -12.38 5.09
N ILE A 25 -0.53 -11.12 5.33
CA ILE A 25 -0.65 -10.18 4.23
C ILE A 25 0.62 -10.23 3.39
N TRP A 26 1.79 -10.25 4.04
CA TRP A 26 3.04 -10.32 3.28
C TRP A 26 3.12 -11.61 2.45
N GLU A 27 2.77 -12.74 3.05
CA GLU A 27 2.74 -13.99 2.29
C GLU A 27 1.81 -13.88 1.09
N LYS A 28 0.71 -13.14 1.22
CA LYS A 28 -0.28 -13.00 0.18
C LYS A 28 -0.08 -11.70 -0.58
N ARG A 29 1.17 -11.27 -0.73
CA ARG A 29 1.44 -10.01 -1.41
C ARG A 29 1.01 -10.04 -2.88
N ASP A 30 0.97 -11.22 -3.50
CA ASP A 30 0.42 -11.46 -4.84
C ASP A 30 -1.08 -11.23 -4.93
N ALA A 31 -1.84 -11.75 -3.97
CA ALA A 31 -3.27 -11.96 -4.12
C ALA A 31 -4.03 -10.63 -4.28
N ASN A 32 -5.25 -10.73 -4.81
CA ASN A 32 -6.06 -9.56 -5.09
C ASN A 32 -6.90 -9.18 -3.87
N PHE A 33 -6.78 -7.92 -3.46
CA PHE A 33 -7.42 -7.42 -2.25
C PHE A 33 -8.88 -7.82 -2.16
N PHE A 34 -9.52 -7.94 -3.31
CA PHE A 34 -10.97 -8.01 -3.33
C PHE A 34 -11.47 -9.45 -3.31
N GLN A 35 -10.82 -10.36 -4.05
CA GLN A 35 -11.29 -11.74 -4.08
C GLN A 35 -10.49 -12.64 -3.11
N ASP A 36 -9.35 -12.19 -2.56
CA ASP A 36 -8.56 -13.09 -1.70
C ASP A 36 -7.98 -12.47 -0.43
N LEU A 37 -8.10 -11.16 -0.22
CA LEU A 37 -7.73 -10.54 1.06
C LEU A 37 -8.89 -9.72 1.62
N GLU A 38 -10.08 -9.79 1.00
CA GLU A 38 -11.23 -8.97 1.36
C GLU A 38 -10.83 -7.48 1.37
N ILE A 39 -11.48 -6.71 0.51
CA ILE A 39 -11.30 -5.27 0.41
C ILE A 39 -12.40 -4.72 -0.51
N ASP A 40 -13.06 -3.66 -0.03
CA ASP A 40 -14.07 -2.93 -0.79
C ASP A 40 -13.59 -1.49 -1.01
N SER A 41 -14.49 -0.66 -1.56
CA SER A 41 -14.18 0.74 -1.83
C SER A 41 -13.58 1.46 -0.63
N LEU A 42 -14.26 1.37 0.53
CA LEU A 42 -13.86 2.17 1.67
C LEU A 42 -12.50 1.76 2.20
N LEU A 43 -12.22 0.46 2.22
CA LEU A 43 -10.94 0.00 2.75
C LEU A 43 -9.79 0.51 1.90
N ALA A 44 -9.92 0.43 0.57
CA ALA A 44 -8.84 0.91 -0.29
C ALA A 44 -8.61 2.39 -0.09
N LEU A 45 -9.69 3.17 0.03
CA LEU A 45 -9.54 4.59 0.29
C LEU A 45 -8.83 4.81 1.63
N GLU A 46 -9.09 3.96 2.62
CA GLU A 46 -8.43 4.16 3.90
C GLU A 46 -6.94 3.84 3.81
N ILE A 47 -6.60 2.82 3.03
CA ILE A 47 -5.20 2.49 2.81
C ILE A 47 -4.49 3.69 2.20
N LEU A 48 -5.05 4.23 1.12
CA LEU A 48 -4.41 5.36 0.45
C LEU A 48 -4.20 6.51 1.41
N ALA A 49 -5.22 6.84 2.21
CA ALA A 49 -5.11 7.97 3.13
C ALA A 49 -4.01 7.75 4.15
N LEU A 50 -3.87 6.50 4.63
CA LEU A 50 -2.86 6.19 5.62
C LEU A 50 -1.46 6.21 5.02
N ILE A 51 -1.32 5.82 3.75
CA ILE A 51 -0.02 5.86 3.11
C ILE A 51 0.46 7.29 2.99
N GLU A 52 -0.42 8.17 2.48
CA GLU A 52 -0.09 9.59 2.50
C GLU A 52 0.44 9.98 3.89
N LYS A 53 -0.26 9.56 4.94
CA LYS A 53 0.11 9.90 6.32
C LYS A 53 1.08 8.89 6.94
N LYS A 54 1.93 8.26 6.15
CA LYS A 54 3.15 7.73 6.76
C LYS A 54 4.38 8.20 6.01
N PHE A 55 4.25 8.41 4.70
CA PHE A 55 5.40 8.75 3.88
C PHE A 55 5.41 10.24 3.50
N LYS A 56 4.64 11.06 4.21
CA LYS A 56 4.47 12.49 3.97
C LYS A 56 4.44 12.76 2.47
N VAL A 57 3.30 12.40 1.90
CA VAL A 57 3.16 12.17 0.47
C VAL A 57 1.69 12.36 0.13
N GLN A 58 1.39 13.35 -0.69
CA GLN A 58 0.03 13.48 -1.20
C GLN A 58 -0.06 12.66 -2.48
N ILE A 59 -1.26 12.19 -2.81
CA ILE A 59 -1.43 11.16 -3.83
C ILE A 59 -2.73 11.42 -4.59
N PRO A 60 -2.70 11.62 -5.91
CA PRO A 60 -3.95 11.83 -6.66
C PRO A 60 -5.00 10.79 -6.35
N GLU A 61 -6.26 11.16 -6.63
CA GLU A 61 -7.37 10.24 -6.42
C GLU A 61 -7.36 9.16 -7.50
N GLU A 62 -6.94 9.54 -8.71
CA GLU A 62 -6.80 8.59 -9.80
C GLU A 62 -6.16 7.31 -9.36
N LYS A 63 -5.02 7.40 -8.67
CA LYS A 63 -4.52 6.25 -7.96
C LYS A 63 -5.66 5.37 -7.47
N LEU A 64 -6.18 4.51 -8.34
CA LEU A 64 -7.45 3.82 -8.13
C LEU A 64 -7.30 2.34 -8.30
N VAL A 65 -7.16 1.88 -9.55
CA VAL A 65 -6.97 0.45 -9.78
C VAL A 65 -5.48 0.13 -9.76
N ASP A 66 -4.74 0.85 -8.91
CA ASP A 66 -3.42 0.43 -8.47
C ASP A 66 -3.42 -0.19 -7.07
N ILE A 67 -4.42 0.12 -6.24
CA ILE A 67 -4.52 -0.48 -4.91
C ILE A 67 -5.35 -1.76 -5.03
N THR A 68 -4.72 -2.81 -5.59
CA THR A 68 -5.36 -4.06 -5.94
C THR A 68 -4.64 -5.29 -5.43
N SER A 69 -3.43 -5.11 -4.91
CA SER A 69 -2.72 -6.13 -4.15
C SER A 69 -1.70 -5.39 -3.30
N LEU A 70 -1.12 -6.08 -2.32
CA LEU A 70 -0.07 -5.43 -1.57
C LEU A 70 1.07 -5.02 -2.50
N SER A 71 1.42 -5.87 -3.46
CA SER A 71 2.60 -5.61 -4.28
C SER A 71 2.34 -4.48 -5.27
N ALA A 72 1.12 -4.40 -5.82
CA ALA A 72 0.73 -3.22 -6.59
C ALA A 72 0.73 -1.97 -5.72
N THR A 73 0.27 -2.08 -4.47
CA THR A 73 0.21 -0.93 -3.58
C THR A 73 1.60 -0.45 -3.22
N ILE A 74 2.53 -1.38 -3.00
CA ILE A 74 3.90 -1.03 -2.70
C ILE A 74 4.54 -0.33 -3.89
N GLY A 75 4.31 -0.85 -5.10
CA GLY A 75 4.85 -0.22 -6.28
C GLY A 75 4.29 1.18 -6.48
N LEU A 76 3.01 1.37 -6.19
CA LEU A 76 2.42 2.71 -6.26
C LEU A 76 3.11 3.65 -5.30
N THR A 77 3.32 3.19 -4.06
CA THR A 77 3.96 4.04 -3.07
C THR A 77 5.39 4.39 -3.51
N LYS A 78 6.11 3.42 -4.09
CA LYS A 78 7.46 3.69 -4.56
C LYS A 78 7.48 4.72 -5.69
N SER A 79 6.66 4.52 -6.73
CA SER A 79 6.57 5.49 -7.83
C SER A 79 6.26 6.90 -7.32
N VAL A 80 5.32 7.04 -6.38
CA VAL A 80 4.96 8.36 -5.90
C VAL A 80 6.10 8.94 -5.06
N LEU A 81 6.81 8.09 -4.32
CA LEU A 81 7.99 8.56 -3.61
C LEU A 81 9.08 9.01 -4.58
N ALA A 82 9.26 8.28 -5.69
CA ALA A 82 10.27 8.68 -6.67
C ALA A 82 9.85 9.94 -7.40
N GLU A 83 8.55 10.06 -7.66
CA GLU A 83 7.98 11.24 -8.31
C GLU A 83 8.21 12.51 -7.50
N SER A 84 8.33 12.41 -6.18
CA SER A 84 8.62 13.55 -5.33
C SER A 84 10.09 13.62 -4.94
N GLY A 85 10.94 12.83 -5.59
CA GLY A 85 12.32 12.74 -5.14
C GLY A 85 12.48 12.40 -3.69
N LYS A 86 12.27 11.14 -3.31
CA LYS A 86 12.47 10.74 -1.92
C LYS A 86 12.83 9.26 -1.79
N LEU A 87 12.76 8.51 -2.87
CA LEU A 87 13.01 7.07 -2.91
C LEU A 87 14.51 6.77 -2.99
N GLU A 88 14.97 5.73 -2.26
CA GLU A 88 16.39 5.28 -2.34
C GLU A 88 16.57 4.10 -3.30
N HIS A 89 15.71 3.10 -3.25
CA HIS A 89 15.73 2.00 -4.24
C HIS A 89 17.12 1.45 -4.65
N HIS A 90 17.52 0.33 -4.08
CA HIS A 90 18.89 -0.15 -4.33
C HIS A 90 19.12 -0.55 -5.80
N ASP A 2 13.22 4.65 0.71
CA ASP A 2 13.92 3.35 0.87
C ASP A 2 13.10 2.02 0.90
N ASP A 3 13.63 0.97 0.25
CA ASP A 3 12.80 -0.15 -0.19
C ASP A 3 12.20 -0.92 0.99
N GLU A 4 13.05 -1.47 1.87
CA GLU A 4 12.53 -2.28 2.97
C GLU A 4 11.62 -1.45 3.88
N GLU A 5 11.95 -0.17 4.07
CA GLU A 5 11.12 0.72 4.87
C GLU A 5 9.76 0.93 4.22
N ILE A 6 9.73 1.04 2.88
CA ILE A 6 8.46 1.16 2.18
C ILE A 6 7.65 -0.12 2.33
N GLU A 7 8.31 -1.26 2.11
CA GLU A 7 7.62 -2.55 2.19
C GLU A 7 7.00 -2.80 3.55
N LYS A 8 7.73 -2.51 4.63
CA LYS A 8 7.21 -2.81 5.96
C LYS A 8 6.12 -1.83 6.36
N GLY A 9 6.29 -0.56 5.98
CA GLY A 9 5.30 0.44 6.29
C GLY A 9 3.98 0.22 5.57
N VAL A 10 4.02 -0.15 4.29
CA VAL A 10 2.78 -0.39 3.57
C VAL A 10 2.11 -1.67 4.07
N THR A 11 2.91 -2.70 4.35
CA THR A 11 2.32 -3.93 4.89
C THR A 11 1.58 -3.64 6.19
N SER A 12 2.20 -2.88 7.10
CA SER A 12 1.59 -2.61 8.40
C SER A 12 0.28 -1.84 8.25
N ILE A 13 0.21 -0.94 7.27
CA ILE A 13 -1.03 -0.20 7.03
C ILE A 13 -2.11 -1.11 6.50
N VAL A 14 -1.79 -1.97 5.53
CA VAL A 14 -2.79 -2.86 4.98
C VAL A 14 -3.27 -3.85 6.06
N ALA A 15 -2.34 -4.34 6.89
CA ALA A 15 -2.68 -5.17 8.06
C ALA A 15 -3.69 -4.48 8.98
N GLU A 16 -3.43 -3.24 9.38
CA GLU A 16 -4.29 -2.60 10.36
C GLU A 16 -5.66 -2.28 9.77
N VAL A 17 -5.68 -1.83 8.52
CA VAL A 17 -6.97 -1.53 7.89
C VAL A 17 -7.79 -2.81 7.69
N THR A 18 -7.16 -3.88 7.29
CA THR A 18 -7.88 -5.12 7.01
C THR A 18 -8.03 -6.01 8.24
N GLU A 19 -7.43 -5.62 9.37
CA GLU A 19 -7.47 -6.40 10.60
C GLU A 19 -6.95 -7.82 10.38
N LEU A 20 -5.86 -7.94 9.65
CA LEU A 20 -5.16 -9.20 9.45
C LEU A 20 -3.72 -9.09 9.93
N ASP A 21 -3.05 -10.23 9.97
CA ASP A 21 -1.72 -10.34 10.52
C ASP A 21 -0.66 -9.90 9.51
N GLU A 22 0.30 -9.12 10.01
CA GLU A 22 1.41 -8.61 9.22
C GLU A 22 2.04 -9.69 8.35
N LYS A 23 2.47 -10.78 8.98
CA LYS A 23 3.18 -11.84 8.27
C LYS A 23 2.27 -12.48 7.24
N GLU A 24 1.00 -12.65 7.57
CA GLU A 24 0.13 -13.39 6.66
C GLU A 24 -0.18 -12.57 5.41
N ILE A 25 -0.33 -11.25 5.55
CA ILE A 25 -0.59 -10.41 4.38
C ILE A 25 0.66 -10.32 3.50
N TRP A 26 1.84 -10.27 4.12
CA TRP A 26 3.07 -10.32 3.33
C TRP A 26 3.13 -11.60 2.49
N GLU A 27 2.77 -12.74 3.08
CA GLU A 27 2.76 -13.98 2.31
C GLU A 27 1.77 -13.90 1.15
N LYS A 28 0.72 -13.12 1.30
CA LYS A 28 -0.31 -12.93 0.29
C LYS A 28 -0.04 -11.72 -0.58
N ARG A 29 1.22 -11.32 -0.74
CA ARG A 29 1.48 -10.03 -1.37
C ARG A 29 0.98 -9.95 -2.82
N ASP A 30 0.85 -11.08 -3.54
CA ASP A 30 0.23 -11.12 -4.87
C ASP A 30 -1.29 -11.24 -4.85
N ALA A 31 -1.88 -11.70 -3.76
CA ALA A 31 -3.31 -11.92 -3.72
C ALA A 31 -4.07 -10.64 -4.06
N ASN A 32 -5.03 -10.74 -4.99
CA ASN A 32 -5.86 -9.59 -5.32
C ASN A 32 -6.73 -9.21 -4.12
N PHE A 33 -6.95 -7.90 -3.96
CA PHE A 33 -7.69 -7.41 -2.81
C PHE A 33 -9.18 -7.68 -2.96
N PHE A 34 -9.72 -7.50 -4.18
CA PHE A 34 -11.15 -7.60 -4.36
C PHE A 34 -11.63 -9.04 -4.58
N GLN A 35 -10.75 -9.95 -5.02
CA GLN A 35 -11.06 -11.36 -4.83
C GLN A 35 -9.94 -12.09 -4.09
N ASP A 36 -9.95 -12.02 -2.76
CA ASP A 36 -9.18 -12.90 -1.87
C ASP A 36 -9.20 -12.44 -0.43
N LEU A 37 -9.03 -11.14 -0.19
CA LEU A 37 -8.86 -10.60 1.15
C LEU A 37 -10.07 -9.80 1.58
N GLU A 38 -11.04 -9.59 0.69
CA GLU A 38 -12.05 -8.54 0.86
C GLU A 38 -11.37 -7.17 0.81
N ILE A 39 -11.86 -6.31 -0.08
CA ILE A 39 -11.58 -4.88 0.02
C ILE A 39 -12.69 -4.13 -0.69
N ASP A 40 -13.46 -3.41 0.10
CA ASP A 40 -14.47 -2.54 -0.48
C ASP A 40 -13.80 -1.25 -0.93
N SER A 41 -14.58 -0.40 -1.58
CA SER A 41 -14.17 0.98 -1.83
C SER A 41 -13.52 1.59 -0.60
N LEU A 42 -14.20 1.48 0.54
CA LEU A 42 -13.82 2.24 1.72
C LEU A 42 -12.47 1.82 2.26
N LEU A 43 -12.21 0.51 2.28
CA LEU A 43 -10.93 0.04 2.81
C LEU A 43 -9.77 0.51 1.93
N ALA A 44 -9.92 0.40 0.61
CA ALA A 44 -8.85 0.88 -0.27
C ALA A 44 -8.62 2.38 -0.08
N LEU A 45 -9.70 3.14 0.06
CA LEU A 45 -9.54 4.57 0.31
C LEU A 45 -8.81 4.81 1.63
N GLU A 46 -9.07 3.99 2.64
CA GLU A 46 -8.40 4.23 3.91
C GLU A 46 -6.91 3.89 3.81
N ILE A 47 -6.58 2.84 3.06
CA ILE A 47 -5.18 2.50 2.82
C ILE A 47 -4.47 3.69 2.20
N LEU A 48 -5.06 4.26 1.17
CA LEU A 48 -4.46 5.42 0.50
C LEU A 48 -4.20 6.54 1.51
N ALA A 49 -5.19 6.86 2.34
CA ALA A 49 -5.07 7.99 3.25
C ALA A 49 -3.95 7.78 4.25
N LEU A 50 -3.82 6.55 4.76
CA LEU A 50 -2.78 6.29 5.74
C LEU A 50 -1.39 6.24 5.09
N ILE A 51 -1.31 5.84 3.83
CA ILE A 51 -0.02 5.90 3.14
C ILE A 51 0.40 7.35 2.95
N GLU A 52 -0.50 8.16 2.38
CA GLU A 52 -0.23 9.58 2.17
C GLU A 52 0.33 10.21 3.43
N LYS A 53 -0.49 10.23 4.48
CA LYS A 53 -0.03 10.79 5.74
C LYS A 53 1.25 10.09 6.19
N LYS A 54 1.35 8.78 6.02
CA LYS A 54 2.48 8.12 6.66
C LYS A 54 3.80 8.54 6.02
N PHE A 55 3.91 8.43 4.70
CA PHE A 55 5.15 8.69 3.98
C PHE A 55 5.33 10.17 3.62
N LYS A 56 4.37 11.02 3.99
CA LYS A 56 4.42 12.48 3.80
C LYS A 56 4.30 12.84 2.32
N VAL A 57 3.38 12.14 1.67
CA VAL A 57 3.29 12.14 0.23
C VAL A 57 1.81 12.33 -0.11
N GLN A 58 1.52 13.29 -0.94
CA GLN A 58 0.15 13.41 -1.40
C GLN A 58 -0.02 12.42 -2.54
N ILE A 59 -1.06 11.59 -2.44
CA ILE A 59 -1.39 10.61 -3.46
C ILE A 59 -2.81 10.94 -3.93
N PRO A 60 -3.00 11.55 -5.10
CA PRO A 60 -4.36 11.85 -5.55
C PRO A 60 -5.19 10.57 -5.60
N GLU A 61 -6.48 10.74 -5.92
CA GLU A 61 -7.39 9.61 -5.85
C GLU A 61 -7.51 8.92 -7.20
N GLU A 62 -7.12 9.61 -8.28
CA GLU A 62 -6.83 8.90 -9.53
C GLU A 62 -6.06 7.65 -9.27
N LYS A 63 -5.12 7.70 -8.33
CA LYS A 63 -4.61 6.47 -7.75
C LYS A 63 -5.75 5.59 -7.29
N LEU A 64 -6.34 4.87 -8.23
CA LEU A 64 -7.65 4.28 -8.11
C LEU A 64 -7.56 2.79 -8.33
N VAL A 65 -7.35 2.38 -9.59
CA VAL A 65 -7.15 0.98 -9.91
C VAL A 65 -5.69 0.60 -9.70
N ASP A 66 -4.99 1.30 -8.79
CA ASP A 66 -3.64 0.95 -8.37
C ASP A 66 -3.62 0.07 -7.10
N ILE A 67 -4.53 0.30 -6.17
CA ILE A 67 -4.49 -0.36 -4.86
C ILE A 67 -5.33 -1.64 -4.93
N THR A 68 -4.74 -2.69 -5.50
CA THR A 68 -5.42 -3.96 -5.77
C THR A 68 -4.72 -5.17 -5.19
N SER A 69 -3.41 -5.13 -5.05
CA SER A 69 -2.68 -6.13 -4.26
C SER A 69 -1.69 -5.39 -3.38
N LEU A 70 -1.13 -6.08 -2.39
CA LEU A 70 -0.11 -5.45 -1.58
C LEU A 70 1.08 -5.05 -2.47
N SER A 71 1.45 -5.92 -3.42
CA SER A 71 2.61 -5.63 -4.26
C SER A 71 2.34 -4.45 -5.20
N ALA A 72 1.15 -4.39 -5.81
CA ALA A 72 0.78 -3.22 -6.59
C ALA A 72 0.75 -1.96 -5.73
N THR A 73 0.30 -2.08 -4.49
CA THR A 73 0.21 -0.92 -3.61
C THR A 73 1.61 -0.43 -3.22
N ILE A 74 2.50 -1.37 -2.94
CA ILE A 74 3.89 -1.04 -2.67
C ILE A 74 4.50 -0.34 -3.87
N GLY A 75 4.27 -0.88 -5.08
CA GLY A 75 4.80 -0.26 -6.28
C GLY A 75 4.28 1.14 -6.47
N LEU A 76 2.98 1.35 -6.18
CA LEU A 76 2.41 2.69 -6.25
C LEU A 76 3.11 3.64 -5.28
N THR A 77 3.32 3.18 -4.06
CA THR A 77 3.96 4.03 -3.06
C THR A 77 5.40 4.38 -3.49
N LYS A 78 6.11 3.40 -4.07
CA LYS A 78 7.47 3.66 -4.57
C LYS A 78 7.45 4.68 -5.72
N SER A 79 6.63 4.43 -6.75
CA SER A 79 6.48 5.36 -7.87
C SER A 79 6.20 6.79 -7.40
N VAL A 80 5.29 6.94 -6.42
CA VAL A 80 4.92 8.28 -5.97
C VAL A 80 6.06 8.89 -5.15
N LEU A 81 6.77 8.08 -4.39
CA LEU A 81 7.93 8.60 -3.67
C LEU A 81 9.05 9.01 -4.63
N ALA A 82 9.21 8.27 -5.74
CA ALA A 82 10.21 8.64 -6.73
C ALA A 82 9.79 9.88 -7.51
N GLU A 83 8.49 9.98 -7.80
CA GLU A 83 7.89 11.16 -8.41
C GLU A 83 8.26 12.44 -7.68
N SER A 84 8.45 12.39 -6.35
CA SER A 84 8.92 13.53 -5.60
C SER A 84 10.27 13.27 -4.93
N GLY A 85 11.19 12.66 -5.67
CA GLY A 85 12.59 12.62 -5.24
C GLY A 85 12.82 12.17 -3.82
N LYS A 86 12.04 11.21 -3.33
CA LYS A 86 12.16 10.81 -1.94
C LYS A 86 12.51 9.33 -1.78
N LEU A 87 12.66 8.62 -2.90
CA LEU A 87 12.95 7.19 -2.92
C LEU A 87 14.45 6.97 -3.00
N GLU A 88 14.97 5.98 -2.26
CA GLU A 88 16.38 5.61 -2.40
C GLU A 88 16.52 4.69 -3.62
N HIS A 89 16.33 3.39 -3.37
CA HIS A 89 16.16 2.26 -4.32
C HIS A 89 17.44 1.64 -4.89
N HIS A 90 17.70 0.39 -4.49
CA HIS A 90 19.04 -0.18 -4.66
C HIS A 90 19.21 -1.12 -5.85
N ASP A 2 13.26 4.49 0.40
CA ASP A 2 13.86 3.34 1.12
C ASP A 2 13.09 1.99 1.05
N ASP A 3 13.54 1.02 0.23
CA ASP A 3 12.68 -0.11 -0.13
C ASP A 3 12.24 -0.89 1.08
N GLU A 4 13.21 -1.47 1.81
CA GLU A 4 12.99 -2.02 3.15
C GLU A 4 11.87 -1.29 3.89
N GLU A 5 12.06 0.00 4.14
CA GLU A 5 11.16 0.75 4.99
C GLU A 5 9.79 0.91 4.34
N ILE A 6 9.74 1.02 3.01
CA ILE A 6 8.45 1.22 2.34
C ILE A 6 7.63 -0.05 2.39
N GLU A 7 8.25 -1.19 2.03
CA GLU A 7 7.54 -2.45 2.04
C GLU A 7 6.99 -2.79 3.42
N LYS A 8 7.73 -2.47 4.48
CA LYS A 8 7.26 -2.75 5.84
C LYS A 8 6.13 -1.79 6.26
N GLY A 9 6.27 -0.51 5.90
CA GLY A 9 5.26 0.46 6.24
C GLY A 9 3.94 0.20 5.54
N VAL A 10 3.97 -0.15 4.26
CA VAL A 10 2.73 -0.41 3.55
C VAL A 10 2.09 -1.68 4.09
N THR A 11 2.90 -2.71 4.38
CA THR A 11 2.35 -3.93 4.95
C THR A 11 1.60 -3.64 6.24
N SER A 12 2.21 -2.86 7.15
CA SER A 12 1.60 -2.58 8.44
C SER A 12 0.29 -1.81 8.26
N ILE A 13 0.23 -0.92 7.27
CA ILE A 13 -1.00 -0.18 7.01
C ILE A 13 -2.10 -1.11 6.47
N VAL A 14 -1.75 -1.99 5.55
CA VAL A 14 -2.78 -2.85 4.97
C VAL A 14 -3.27 -3.85 6.02
N ALA A 15 -2.35 -4.37 6.84
CA ALA A 15 -2.73 -5.23 7.97
C ALA A 15 -3.68 -4.53 8.94
N GLU A 16 -3.39 -3.28 9.30
CA GLU A 16 -4.26 -2.61 10.26
C GLU A 16 -5.64 -2.35 9.65
N VAL A 17 -5.70 -1.99 8.36
CA VAL A 17 -7.00 -1.74 7.74
C VAL A 17 -7.80 -3.04 7.57
N THR A 18 -7.16 -4.12 7.10
CA THR A 18 -7.88 -5.36 6.90
C THR A 18 -8.07 -6.16 8.17
N GLU A 19 -7.46 -5.72 9.27
CA GLU A 19 -7.49 -6.43 10.54
C GLU A 19 -6.95 -7.85 10.38
N LEU A 20 -5.85 -7.97 9.65
CA LEU A 20 -5.11 -9.21 9.47
C LEU A 20 -3.67 -9.04 9.94
N ASP A 21 -2.96 -10.15 10.01
CA ASP A 21 -1.59 -10.18 10.50
C ASP A 21 -0.58 -9.80 9.40
N GLU A 22 0.42 -8.95 9.74
CA GLU A 22 1.40 -8.48 8.74
C GLU A 22 2.07 -9.64 8.02
N LYS A 23 2.42 -10.69 8.77
CA LYS A 23 3.06 -11.84 8.16
C LYS A 23 2.13 -12.51 7.16
N GLU A 24 0.83 -12.64 7.52
CA GLU A 24 -0.13 -13.27 6.62
C GLU A 24 -0.29 -12.44 5.34
N ILE A 25 -0.46 -11.12 5.46
CA ILE A 25 -0.68 -10.33 4.25
C ILE A 25 0.60 -10.27 3.41
N TRP A 26 1.76 -10.28 4.06
CA TRP A 26 3.02 -10.33 3.30
C TRP A 26 3.10 -11.61 2.47
N GLU A 27 2.73 -12.75 3.07
CA GLU A 27 2.73 -14.01 2.34
C GLU A 27 1.86 -13.92 1.09
N LYS A 28 0.72 -13.26 1.19
CA LYS A 28 -0.19 -13.07 0.08
C LYS A 28 0.04 -11.74 -0.62
N ARG A 29 1.29 -11.28 -0.68
CA ARG A 29 1.54 -9.96 -1.23
C ARG A 29 1.11 -9.83 -2.69
N ASP A 30 1.21 -10.90 -3.48
CA ASP A 30 0.78 -10.90 -4.87
C ASP A 30 -0.65 -11.43 -5.03
N ALA A 31 -1.46 -11.38 -3.99
CA ALA A 31 -2.83 -11.85 -4.04
C ALA A 31 -3.78 -10.73 -4.41
N ASN A 32 -5.07 -11.05 -4.52
CA ASN A 32 -6.07 -10.12 -5.05
C ASN A 32 -6.83 -9.44 -3.92
N PHE A 33 -6.62 -8.13 -3.78
CA PHE A 33 -7.31 -7.36 -2.76
C PHE A 33 -8.83 -7.59 -2.82
N PHE A 34 -9.44 -7.34 -3.97
CA PHE A 34 -10.86 -7.57 -4.14
C PHE A 34 -11.21 -9.06 -4.08
N GLN A 35 -10.89 -9.83 -5.13
CA GLN A 35 -11.33 -11.23 -5.22
C GLN A 35 -10.28 -12.21 -4.71
N ASP A 36 -9.54 -11.86 -3.67
CA ASP A 36 -8.91 -12.83 -2.78
C ASP A 36 -8.99 -12.41 -1.33
N LEU A 37 -9.02 -11.11 -1.03
CA LEU A 37 -9.02 -10.64 0.35
C LEU A 37 -10.25 -9.81 0.67
N GLU A 38 -11.13 -9.61 -0.30
CA GLU A 38 -12.24 -8.67 -0.15
C GLU A 38 -11.71 -7.30 0.31
N ILE A 39 -11.57 -6.41 -0.66
CA ILE A 39 -11.32 -5.00 -0.40
C ILE A 39 -12.39 -4.23 -1.14
N ASP A 40 -13.40 -3.82 -0.42
CA ASP A 40 -14.26 -2.79 -0.95
C ASP A 40 -13.42 -1.53 -1.03
N SER A 41 -13.98 -0.53 -1.70
CA SER A 41 -13.23 0.68 -1.98
C SER A 41 -13.06 1.54 -0.75
N LEU A 42 -13.95 1.38 0.23
CA LEU A 42 -13.78 2.11 1.49
C LEU A 42 -12.47 1.74 2.18
N LEU A 43 -12.17 0.44 2.25
CA LEU A 43 -10.90 0.02 2.81
C LEU A 43 -9.74 0.49 1.94
N ALA A 44 -9.89 0.40 0.61
CA ALA A 44 -8.83 0.88 -0.27
C ALA A 44 -8.62 2.37 -0.06
N LEU A 45 -9.69 3.10 0.17
CA LEU A 45 -9.58 4.53 0.44
C LEU A 45 -8.83 4.78 1.74
N GLU A 46 -9.11 3.97 2.78
CA GLU A 46 -8.38 4.18 4.04
C GLU A 46 -6.90 3.88 3.87
N ILE A 47 -6.59 2.85 3.08
CA ILE A 47 -5.19 2.47 2.83
C ILE A 47 -4.47 3.65 2.20
N LEU A 48 -5.06 4.22 1.16
CA LEU A 48 -4.42 5.34 0.48
C LEU A 48 -4.19 6.51 1.43
N ALA A 49 -5.20 6.83 2.24
CA ALA A 49 -5.09 7.97 3.15
C ALA A 49 -3.98 7.75 4.16
N LEU A 50 -3.86 6.53 4.67
CA LEU A 50 -2.85 6.24 5.67
C LEU A 50 -1.45 6.24 5.06
N ILE A 51 -1.32 5.85 3.79
CA ILE A 51 -0.01 5.89 3.15
C ILE A 51 0.45 7.33 3.02
N GLU A 52 -0.44 8.20 2.58
CA GLU A 52 -0.08 9.61 2.36
C GLU A 52 0.74 10.18 3.50
N LYS A 53 0.37 9.88 4.75
CA LYS A 53 0.99 10.62 5.84
C LYS A 53 1.82 9.73 6.75
N LYS A 54 1.78 8.40 6.52
CA LYS A 54 2.93 7.55 6.83
C LYS A 54 4.18 8.09 6.14
N PHE A 55 4.06 8.33 4.84
CA PHE A 55 5.18 8.66 3.97
C PHE A 55 5.22 10.13 3.58
N LYS A 56 4.23 10.91 4.06
CA LYS A 56 4.18 12.36 3.91
C LYS A 56 4.18 12.75 2.44
N VAL A 57 3.20 12.20 1.74
CA VAL A 57 3.04 12.42 0.30
C VAL A 57 1.57 12.66 0.04
N GLN A 58 1.27 13.21 -1.12
CA GLN A 58 -0.08 13.12 -1.64
C GLN A 58 -0.09 12.05 -2.72
N ILE A 59 -1.20 11.30 -2.78
CA ILE A 59 -1.48 10.40 -3.88
C ILE A 59 -2.75 10.95 -4.49
N PRO A 60 -2.76 11.34 -5.76
CA PRO A 60 -4.03 11.67 -6.40
C PRO A 60 -5.01 10.51 -6.20
N GLU A 61 -6.19 10.83 -5.62
CA GLU A 61 -7.19 9.80 -5.39
C GLU A 61 -7.54 9.08 -6.69
N GLU A 62 -7.17 9.66 -7.83
CA GLU A 62 -7.34 9.00 -9.11
C GLU A 62 -6.59 7.68 -9.16
N LYS A 63 -5.73 7.43 -8.17
CA LYS A 63 -5.25 6.10 -7.81
C LYS A 63 -6.32 5.30 -7.06
N LEU A 64 -6.84 4.24 -7.68
CA LEU A 64 -8.29 4.08 -7.73
C LEU A 64 -8.67 2.79 -8.42
N VAL A 65 -8.26 2.61 -9.69
CA VAL A 65 -8.18 1.28 -10.28
C VAL A 65 -6.78 0.73 -10.01
N ASP A 66 -6.20 1.11 -8.88
CA ASP A 66 -4.75 1.06 -8.67
C ASP A 66 -4.37 0.17 -7.51
N ILE A 67 -5.00 0.36 -6.36
CA ILE A 67 -4.71 -0.41 -5.14
C ILE A 67 -5.37 -1.78 -5.25
N THR A 68 -4.68 -2.71 -5.93
CA THR A 68 -5.22 -4.02 -6.27
C THR A 68 -4.49 -5.20 -5.63
N SER A 69 -3.41 -4.97 -4.90
CA SER A 69 -2.73 -6.02 -4.16
C SER A 69 -1.69 -5.33 -3.29
N LEU A 70 -1.07 -6.10 -2.38
CA LEU A 70 -0.02 -5.48 -1.59
C LEU A 70 1.15 -5.06 -2.48
N SER A 71 1.54 -5.94 -3.42
CA SER A 71 2.68 -5.62 -4.29
C SER A 71 2.36 -4.42 -5.19
N ALA A 72 1.13 -4.37 -5.74
CA ALA A 72 0.72 -3.20 -6.52
C ALA A 72 0.72 -1.95 -5.66
N THR A 73 0.27 -2.05 -4.41
CA THR A 73 0.21 -0.89 -3.54
C THR A 73 1.62 -0.42 -3.18
N ILE A 74 2.51 -1.36 -2.91
CA ILE A 74 3.90 -1.04 -2.66
C ILE A 74 4.50 -0.35 -3.88
N GLY A 75 4.23 -0.88 -5.07
CA GLY A 75 4.77 -0.30 -6.29
C GLY A 75 4.25 1.11 -6.50
N LEU A 76 2.97 1.33 -6.20
CA LEU A 76 2.40 2.67 -6.29
C LEU A 76 3.10 3.63 -5.34
N THR A 77 3.33 3.18 -4.11
CA THR A 77 3.95 4.03 -3.11
C THR A 77 5.38 4.38 -3.52
N LYS A 78 6.11 3.41 -4.11
CA LYS A 78 7.47 3.68 -4.58
C LYS A 78 7.48 4.70 -5.72
N SER A 79 6.63 4.48 -6.75
CA SER A 79 6.49 5.44 -7.85
C SER A 79 6.24 6.87 -7.37
N VAL A 80 5.32 7.04 -6.41
CA VAL A 80 4.98 8.37 -5.94
C VAL A 80 6.10 8.94 -5.09
N LEU A 81 6.80 8.08 -4.36
CA LEU A 81 7.96 8.54 -3.60
C LEU A 81 9.10 8.98 -4.54
N ALA A 82 9.23 8.31 -5.69
CA ALA A 82 10.25 8.71 -6.65
C ALA A 82 9.89 10.04 -7.31
N GLU A 83 8.59 10.35 -7.39
CA GLU A 83 8.16 11.62 -7.97
C GLU A 83 8.39 12.80 -7.04
N SER A 84 8.52 12.56 -5.74
CA SER A 84 8.81 13.59 -4.76
C SER A 84 10.28 13.64 -4.36
N GLY A 85 11.15 12.96 -5.10
CA GLY A 85 12.56 12.92 -4.72
C GLY A 85 12.81 12.24 -3.40
N LYS A 86 11.93 11.31 -2.98
CA LYS A 86 12.01 10.68 -1.68
C LYS A 86 12.69 9.31 -1.72
N LEU A 87 12.60 8.59 -2.85
CA LEU A 87 12.93 7.17 -2.94
C LEU A 87 14.43 6.93 -3.01
N GLU A 88 14.97 6.05 -2.15
CA GLU A 88 16.38 5.66 -2.25
C GLU A 88 16.48 4.75 -3.48
N HIS A 89 15.98 3.53 -3.30
CA HIS A 89 15.83 2.41 -4.26
C HIS A 89 17.11 1.71 -4.69
N HIS A 90 17.09 0.40 -4.51
CA HIS A 90 18.24 -0.45 -4.86
C HIS A 90 17.89 -1.52 -5.89
N ASP A 2 13.00 4.09 -0.06
CA ASP A 2 13.75 2.94 0.47
C ASP A 2 13.01 1.58 0.60
N ASP A 3 13.43 0.58 -0.18
CA ASP A 3 12.57 -0.56 -0.46
C ASP A 3 12.03 -1.17 0.82
N GLU A 4 12.93 -1.72 1.63
CA GLU A 4 12.52 -2.53 2.77
C GLU A 4 11.69 -1.71 3.77
N GLU A 5 11.96 -0.40 3.87
CA GLU A 5 11.21 0.46 4.77
C GLU A 5 9.84 0.82 4.19
N ILE A 6 9.75 0.98 2.86
CA ILE A 6 8.45 1.18 2.24
C ILE A 6 7.63 -0.09 2.31
N GLU A 7 8.26 -1.23 2.06
CA GLU A 7 7.56 -2.50 2.10
C GLU A 7 6.99 -2.80 3.48
N LYS A 8 7.73 -2.49 4.54
CA LYS A 8 7.23 -2.79 5.89
C LYS A 8 6.13 -1.82 6.31
N GLY A 9 6.26 -0.55 5.91
CA GLY A 9 5.26 0.45 6.23
C GLY A 9 3.93 0.23 5.53
N VAL A 10 3.96 -0.15 4.25
CA VAL A 10 2.72 -0.40 3.53
C VAL A 10 2.08 -1.67 4.07
N THR A 11 2.90 -2.69 4.38
CA THR A 11 2.36 -3.91 4.95
C THR A 11 1.61 -3.62 6.25
N SER A 12 2.22 -2.83 7.14
CA SER A 12 1.62 -2.52 8.43
C SER A 12 0.28 -1.80 8.25
N ILE A 13 0.21 -0.90 7.28
CA ILE A 13 -1.03 -0.17 7.00
C ILE A 13 -2.12 -1.11 6.52
N VAL A 14 -1.79 -1.98 5.57
CA VAL A 14 -2.81 -2.85 4.98
C VAL A 14 -3.31 -3.85 6.03
N ALA A 15 -2.38 -4.38 6.84
CA ALA A 15 -2.75 -5.22 7.98
C ALA A 15 -3.66 -4.48 8.96
N GLU A 16 -3.36 -3.20 9.22
CA GLU A 16 -4.20 -2.43 10.13
C GLU A 16 -5.61 -2.31 9.58
N VAL A 17 -5.73 -1.93 8.30
CA VAL A 17 -7.05 -1.67 7.73
C VAL A 17 -7.85 -2.96 7.55
N THR A 18 -7.21 -4.05 7.14
CA THR A 18 -7.93 -5.29 6.93
C THR A 18 -8.08 -6.11 8.20
N GLU A 19 -7.43 -5.70 9.29
CA GLU A 19 -7.46 -6.43 10.54
C GLU A 19 -6.92 -7.85 10.37
N LEU A 20 -5.84 -7.97 9.61
CA LEU A 20 -5.13 -9.23 9.43
C LEU A 20 -3.71 -9.12 9.97
N ASP A 21 -3.04 -10.26 9.99
CA ASP A 21 -1.67 -10.35 10.46
C ASP A 21 -0.69 -9.90 9.37
N GLU A 22 0.34 -9.16 9.78
CA GLU A 22 1.21 -8.52 8.80
C GLU A 22 2.02 -9.57 8.04
N LYS A 23 2.31 -10.69 8.69
CA LYS A 23 3.04 -11.76 8.04
C LYS A 23 2.15 -12.53 7.06
N GLU A 24 0.84 -12.69 7.36
CA GLU A 24 -0.06 -13.26 6.34
C GLU A 24 -0.16 -12.37 5.11
N ILE A 25 -0.49 -11.09 5.29
CA ILE A 25 -0.66 -10.24 4.12
C ILE A 25 0.64 -10.23 3.31
N TRP A 26 1.79 -10.26 3.99
CA TRP A 26 3.04 -10.33 3.25
C TRP A 26 3.11 -11.62 2.45
N GLU A 27 2.74 -12.74 3.07
CA GLU A 27 2.74 -14.01 2.34
C GLU A 27 1.87 -13.94 1.10
N LYS A 28 0.72 -13.30 1.19
CA LYS A 28 -0.19 -13.14 0.07
C LYS A 28 -0.03 -11.78 -0.56
N ARG A 29 1.21 -11.30 -0.66
CA ARG A 29 1.46 -9.98 -1.20
C ARG A 29 0.99 -9.83 -2.65
N ASP A 30 0.97 -10.90 -3.43
CA ASP A 30 0.54 -10.81 -4.82
C ASP A 30 -0.94 -11.11 -5.02
N ALA A 31 -1.62 -11.63 -4.02
CA ALA A 31 -3.02 -12.00 -4.15
C ALA A 31 -3.90 -10.77 -4.38
N ASN A 32 -5.20 -11.04 -4.56
CA ASN A 32 -6.20 -10.05 -4.95
C ASN A 32 -6.89 -9.48 -3.72
N PHE A 33 -6.76 -8.16 -3.50
CA PHE A 33 -7.45 -7.53 -2.37
C PHE A 33 -8.93 -7.85 -2.39
N PHE A 34 -9.55 -7.71 -3.58
CA PHE A 34 -10.95 -8.01 -3.80
C PHE A 34 -11.27 -9.50 -3.65
N GLN A 35 -10.89 -10.35 -4.61
CA GLN A 35 -11.16 -11.78 -4.47
C GLN A 35 -10.07 -12.48 -3.66
N ASP A 36 -10.03 -12.23 -2.34
CA ASP A 36 -9.20 -12.98 -1.41
C ASP A 36 -9.01 -12.26 -0.08
N LEU A 37 -9.18 -10.95 -0.04
CA LEU A 37 -9.01 -10.19 1.19
C LEU A 37 -10.14 -9.18 1.36
N GLU A 38 -11.30 -9.44 0.75
CA GLU A 38 -12.44 -8.53 0.68
C GLU A 38 -12.09 -7.12 1.15
N ILE A 39 -10.95 -6.61 0.68
CA ILE A 39 -10.65 -5.20 0.76
C ILE A 39 -11.43 -4.54 -0.37
N ASP A 40 -12.39 -3.70 -0.02
CA ASP A 40 -13.21 -3.01 -1.00
C ASP A 40 -12.89 -1.52 -0.98
N SER A 41 -13.75 -0.74 -1.64
CA SER A 41 -13.40 0.63 -1.99
C SER A 41 -13.22 1.51 -0.78
N LEU A 42 -14.03 1.32 0.27
CA LEU A 42 -13.82 2.08 1.49
C LEU A 42 -12.50 1.72 2.15
N LEU A 43 -12.19 0.43 2.25
CA LEU A 43 -10.91 0.03 2.82
C LEU A 43 -9.75 0.49 1.93
N ALA A 44 -9.93 0.42 0.60
CA ALA A 44 -8.88 0.88 -0.28
C ALA A 44 -8.64 2.37 -0.11
N LEU A 45 -9.73 3.14 0.01
CA LEU A 45 -9.57 4.56 0.28
C LEU A 45 -8.85 4.78 1.61
N GLU A 46 -9.10 3.93 2.62
CA GLU A 46 -8.45 4.12 3.90
C GLU A 46 -6.94 3.84 3.79
N ILE A 47 -6.59 2.77 3.08
CA ILE A 47 -5.19 2.44 2.85
C ILE A 47 -4.47 3.63 2.23
N LEU A 48 -5.05 4.19 1.17
CA LEU A 48 -4.44 5.32 0.47
C LEU A 48 -4.23 6.50 1.41
N ALA A 49 -5.23 6.82 2.23
CA ALA A 49 -5.12 7.93 3.16
C ALA A 49 -3.99 7.71 4.14
N LEU A 50 -3.88 6.48 4.67
CA LEU A 50 -2.85 6.20 5.67
C LEU A 50 -1.46 6.22 5.04
N ILE A 51 -1.33 5.82 3.78
CA ILE A 51 -0.03 5.87 3.12
C ILE A 51 0.42 7.31 2.99
N GLU A 52 -0.47 8.17 2.51
CA GLU A 52 -0.16 9.60 2.44
C GLU A 52 0.37 10.13 3.76
N LYS A 53 -0.20 9.68 4.88
CA LYS A 53 0.20 10.23 6.16
C LYS A 53 1.52 9.62 6.64
N LYS A 54 1.64 8.28 6.54
CA LYS A 54 2.90 7.56 6.78
C LYS A 54 4.08 8.29 6.16
N PHE A 55 4.04 8.47 4.84
CA PHE A 55 5.20 8.77 4.03
C PHE A 55 5.28 10.24 3.60
N LYS A 56 4.40 11.10 4.14
CA LYS A 56 4.32 12.54 3.87
C LYS A 56 4.31 12.81 2.37
N VAL A 57 3.32 12.22 1.71
CA VAL A 57 3.26 12.14 0.25
C VAL A 57 1.81 12.33 -0.16
N GLN A 58 1.60 13.07 -1.24
CA GLN A 58 0.28 13.18 -1.84
C GLN A 58 0.13 12.13 -2.91
N ILE A 59 -1.12 11.70 -3.14
CA ILE A 59 -1.45 10.71 -4.15
C ILE A 59 -2.78 11.14 -4.75
N PRO A 60 -2.86 11.48 -6.04
CA PRO A 60 -4.17 11.77 -6.62
C PRO A 60 -5.10 10.60 -6.35
N GLU A 61 -6.35 10.93 -6.02
CA GLU A 61 -7.33 9.87 -5.77
C GLU A 61 -7.65 9.12 -7.06
N GLU A 62 -7.02 9.51 -8.18
CA GLU A 62 -7.15 8.75 -9.41
C GLU A 62 -6.51 7.38 -9.29
N LYS A 63 -5.89 7.10 -8.14
CA LYS A 63 -5.38 5.79 -7.77
C LYS A 63 -6.42 4.92 -7.07
N LEU A 64 -7.12 4.06 -7.81
CA LEU A 64 -8.22 3.27 -7.26
C LEU A 64 -8.65 2.21 -8.25
N VAL A 65 -8.10 2.27 -9.46
CA VAL A 65 -7.98 1.07 -10.28
C VAL A 65 -6.64 0.40 -9.94
N ASP A 66 -6.32 0.38 -8.65
CA ASP A 66 -4.95 0.29 -8.16
C ASP A 66 -4.86 -0.59 -6.91
N ILE A 67 -4.95 0.00 -5.71
CA ILE A 67 -5.16 -0.70 -4.46
C ILE A 67 -5.85 -2.05 -4.72
N THR A 68 -5.11 -2.98 -5.32
CA THR A 68 -5.62 -4.27 -5.73
C THR A 68 -4.82 -5.43 -5.17
N SER A 69 -3.51 -5.25 -4.95
CA SER A 69 -2.68 -6.21 -4.25
C SER A 69 -1.68 -5.44 -3.39
N LEU A 70 -1.11 -6.12 -2.40
CA LEU A 70 -0.10 -5.44 -1.61
C LEU A 70 1.08 -5.06 -2.50
N SER A 71 1.43 -5.94 -3.45
CA SER A 71 2.58 -5.68 -4.31
C SER A 71 2.33 -4.49 -5.22
N ALA A 72 1.12 -4.40 -5.80
CA ALA A 72 0.76 -3.22 -6.57
C ALA A 72 0.74 -1.96 -5.71
N THR A 73 0.27 -2.08 -4.47
CA THR A 73 0.20 -0.93 -3.58
C THR A 73 1.59 -0.45 -3.21
N ILE A 74 2.50 -1.40 -2.98
CA ILE A 74 3.89 -1.05 -2.71
C ILE A 74 4.49 -0.35 -3.91
N GLY A 75 4.24 -0.87 -5.11
CA GLY A 75 4.78 -0.27 -6.31
C GLY A 75 4.25 1.14 -6.52
N LEU A 76 2.98 1.36 -6.19
CA LEU A 76 2.42 2.70 -6.28
C LEU A 76 3.12 3.66 -5.32
N THR A 77 3.35 3.19 -4.10
CA THR A 77 3.98 4.03 -3.10
C THR A 77 5.42 4.38 -3.50
N LYS A 78 6.12 3.41 -4.13
CA LYS A 78 7.49 3.67 -4.58
C LYS A 78 7.52 4.71 -5.71
N SER A 79 6.68 4.52 -6.74
CA SER A 79 6.58 5.48 -7.85
C SER A 79 6.29 6.90 -7.35
N VAL A 80 5.32 7.04 -6.45
CA VAL A 80 4.96 8.36 -5.96
C VAL A 80 6.10 8.95 -5.13
N LEU A 81 6.79 8.11 -4.38
CA LEU A 81 7.97 8.58 -3.65
C LEU A 81 9.07 9.01 -4.61
N ALA A 82 9.25 8.30 -5.72
CA ALA A 82 10.26 8.68 -6.71
C ALA A 82 9.91 10.02 -7.35
N GLU A 83 8.61 10.29 -7.52
CA GLU A 83 8.20 11.59 -8.05
C GLU A 83 8.39 12.71 -7.03
N SER A 84 8.51 12.38 -5.76
CA SER A 84 8.78 13.34 -4.70
C SER A 84 10.26 13.63 -4.54
N GLY A 85 11.14 12.82 -5.13
CA GLY A 85 12.55 12.88 -4.77
C GLY A 85 12.88 12.22 -3.46
N LYS A 86 12.07 11.26 -3.01
CA LYS A 86 12.19 10.71 -1.66
C LYS A 86 12.26 9.18 -1.65
N LEU A 87 12.86 8.57 -2.66
CA LEU A 87 12.98 7.11 -2.77
C LEU A 87 14.45 6.71 -2.80
N GLU A 88 14.82 5.65 -2.06
CA GLU A 88 16.22 5.16 -2.09
C GLU A 88 16.38 3.91 -2.94
N HIS A 89 15.47 2.95 -2.84
CA HIS A 89 15.45 1.89 -3.87
C HIS A 89 16.81 1.29 -4.26
N HIS A 90 17.11 0.08 -3.80
CA HIS A 90 18.28 -0.64 -4.32
C HIS A 90 17.83 -1.97 -4.94
N ASP A 2 13.50 3.39 -0.82
CA ASP A 2 14.04 2.55 0.23
C ASP A 2 13.14 1.37 0.43
N ASP A 3 13.46 0.32 -0.29
CA ASP A 3 12.46 -0.70 -0.54
C ASP A 3 11.96 -1.28 0.76
N GLU A 4 12.86 -1.56 1.71
CA GLU A 4 12.42 -2.27 2.90
C GLU A 4 11.58 -1.37 3.81
N GLU A 5 11.96 -0.09 3.95
CA GLU A 5 11.18 0.83 4.77
C GLU A 5 9.78 1.00 4.18
N ILE A 6 9.67 1.06 2.85
CA ILE A 6 8.38 1.19 2.21
C ILE A 6 7.60 -0.12 2.30
N GLU A 7 8.27 -1.23 2.01
CA GLU A 7 7.60 -2.54 2.09
C GLU A 7 7.00 -2.79 3.47
N LYS A 8 7.73 -2.47 4.53
CA LYS A 8 7.25 -2.74 5.89
C LYS A 8 6.15 -1.76 6.30
N GLY A 9 6.28 -0.51 5.91
CA GLY A 9 5.27 0.49 6.23
C GLY A 9 3.94 0.23 5.55
N VAL A 10 3.96 -0.15 4.27
CA VAL A 10 2.71 -0.38 3.56
C VAL A 10 2.07 -1.66 4.08
N THR A 11 2.89 -2.68 4.36
CA THR A 11 2.35 -3.91 4.93
C THR A 11 1.59 -3.64 6.22
N SER A 12 2.20 -2.88 7.13
CA SER A 12 1.58 -2.61 8.43
C SER A 12 0.26 -1.87 8.24
N ILE A 13 0.21 -0.96 7.27
CA ILE A 13 -1.01 -0.20 7.01
C ILE A 13 -2.10 -1.11 6.49
N VAL A 14 -1.77 -1.98 5.53
CA VAL A 14 -2.79 -2.86 4.96
C VAL A 14 -3.28 -3.84 6.02
N ALA A 15 -2.35 -4.36 6.85
CA ALA A 15 -2.71 -5.21 7.98
C ALA A 15 -3.66 -4.50 8.94
N GLU A 16 -3.39 -3.24 9.26
CA GLU A 16 -4.25 -2.53 10.19
C GLU A 16 -5.64 -2.37 9.60
N VAL A 17 -5.73 -1.98 8.33
CA VAL A 17 -7.04 -1.72 7.73
C VAL A 17 -7.84 -3.00 7.56
N THR A 18 -7.20 -4.08 7.13
CA THR A 18 -7.91 -5.33 6.91
C THR A 18 -8.05 -6.16 8.18
N GLU A 19 -7.43 -5.73 9.28
CA GLU A 19 -7.45 -6.43 10.54
C GLU A 19 -6.91 -7.85 10.40
N LEU A 20 -5.82 -7.97 9.64
CA LEU A 20 -5.13 -9.24 9.42
C LEU A 20 -3.67 -9.12 9.83
N ASP A 21 -3.03 -10.28 9.96
CA ASP A 21 -1.65 -10.36 10.41
C ASP A 21 -0.68 -9.87 9.33
N GLU A 22 0.30 -9.05 9.72
CA GLU A 22 1.23 -8.50 8.75
C GLU A 22 1.99 -9.61 8.04
N LYS A 23 2.33 -10.66 8.78
CA LYS A 23 3.12 -11.71 8.17
C LYS A 23 2.26 -12.50 7.19
N GLU A 24 0.98 -12.73 7.53
CA GLU A 24 0.16 -13.51 6.60
C GLU A 24 -0.19 -12.67 5.38
N ILE A 25 -0.29 -11.34 5.52
CA ILE A 25 -0.61 -10.53 4.35
C ILE A 25 0.63 -10.32 3.49
N TRP A 26 1.81 -10.27 4.11
CA TRP A 26 3.04 -10.32 3.32
C TRP A 26 3.09 -11.61 2.48
N GLU A 27 2.72 -12.73 3.09
CA GLU A 27 2.69 -13.99 2.34
C GLU A 27 1.82 -13.89 1.10
N LYS A 28 0.71 -13.16 1.20
CA LYS A 28 -0.25 -13.03 0.12
C LYS A 28 -0.07 -11.71 -0.62
N ARG A 29 1.18 -11.30 -0.79
CA ARG A 29 1.45 -10.01 -1.42
C ARG A 29 0.93 -9.93 -2.86
N ASP A 30 0.67 -11.05 -3.53
CA ASP A 30 0.09 -11.04 -4.87
C ASP A 30 -1.37 -11.48 -4.93
N ALA A 31 -2.02 -11.72 -3.81
CA ALA A 31 -3.44 -11.98 -3.81
C ALA A 31 -4.20 -10.69 -4.07
N ASN A 32 -5.14 -10.71 -5.04
CA ASN A 32 -5.99 -9.57 -5.28
C ASN A 32 -6.76 -9.19 -4.02
N PHE A 33 -7.04 -7.90 -3.86
CA PHE A 33 -7.52 -7.38 -2.59
C PHE A 33 -9.00 -7.72 -2.34
N PHE A 34 -9.76 -7.98 -3.41
CA PHE A 34 -11.19 -8.25 -3.25
C PHE A 34 -11.48 -9.71 -2.93
N GLN A 35 -11.25 -10.64 -3.85
CA GLN A 35 -11.68 -12.02 -3.68
C GLN A 35 -10.83 -12.81 -2.69
N ASP A 36 -10.15 -12.13 -1.74
CA ASP A 36 -9.24 -12.81 -0.81
C ASP A 36 -9.07 -12.09 0.50
N LEU A 37 -8.29 -11.02 0.50
CA LEU A 37 -8.20 -10.10 1.63
C LEU A 37 -9.55 -9.49 1.99
N GLU A 38 -10.62 -9.91 1.30
CA GLU A 38 -11.92 -9.22 1.27
C GLU A 38 -11.75 -7.76 1.67
N ILE A 39 -11.17 -7.00 0.75
CA ILE A 39 -11.15 -5.54 0.73
C ILE A 39 -12.31 -5.06 -0.15
N ASP A 40 -12.73 -3.81 0.07
CA ASP A 40 -13.64 -3.07 -0.79
C ASP A 40 -13.16 -1.63 -0.93
N SER A 41 -14.05 -0.75 -1.43
CA SER A 41 -13.66 0.59 -1.83
C SER A 41 -13.37 1.50 -0.65
N LEU A 42 -14.15 1.41 0.43
CA LEU A 42 -13.84 2.18 1.63
C LEU A 42 -12.49 1.77 2.22
N LEU A 43 -12.20 0.47 2.28
CA LEU A 43 -10.92 0.05 2.81
C LEU A 43 -9.78 0.50 1.91
N ALA A 44 -9.97 0.42 0.59
CA ALA A 44 -8.94 0.91 -0.32
C ALA A 44 -8.67 2.40 -0.10
N LEU A 45 -9.74 3.18 0.08
CA LEU A 45 -9.54 4.60 0.34
C LEU A 45 -8.84 4.82 1.68
N GLU A 46 -9.10 3.96 2.67
CA GLU A 46 -8.45 4.11 3.96
C GLU A 46 -6.95 3.83 3.83
N ILE A 47 -6.60 2.82 3.04
CA ILE A 47 -5.20 2.49 2.79
C ILE A 47 -4.50 3.67 2.14
N LEU A 48 -5.10 4.21 1.09
CA LEU A 48 -4.50 5.35 0.40
C LEU A 48 -4.26 6.50 1.36
N ALA A 49 -5.25 6.81 2.20
CA ALA A 49 -5.13 7.94 3.12
C ALA A 49 -4.03 7.70 4.14
N LEU A 50 -3.90 6.47 4.63
CA LEU A 50 -2.87 6.19 5.63
C LEU A 50 -1.48 6.21 5.01
N ILE A 51 -1.34 5.79 3.76
CA ILE A 51 -0.03 5.85 3.12
C ILE A 51 0.43 7.30 3.02
N GLU A 52 -0.47 8.18 2.58
CA GLU A 52 -0.19 9.61 2.56
C GLU A 52 0.48 10.09 3.85
N LYS A 53 0.05 9.57 4.99
CA LYS A 53 0.38 10.25 6.24
C LYS A 53 1.69 9.75 6.82
N LYS A 54 2.00 8.47 6.65
CA LYS A 54 3.30 7.97 7.09
C LYS A 54 4.40 8.32 6.10
N PHE A 55 4.04 8.54 4.83
CA PHE A 55 5.02 8.77 3.77
C PHE A 55 5.06 10.21 3.24
N LYS A 56 4.33 11.13 3.87
CA LYS A 56 4.32 12.58 3.58
C LYS A 56 4.12 12.84 2.08
N VAL A 57 3.35 11.96 1.48
CA VAL A 57 3.16 11.93 0.03
C VAL A 57 1.71 12.33 -0.23
N GLN A 58 1.45 12.89 -1.39
CA GLN A 58 0.08 13.11 -1.81
C GLN A 58 -0.21 12.27 -3.05
N ILE A 59 -1.00 11.22 -2.84
CA ILE A 59 -1.46 10.36 -3.92
C ILE A 59 -2.79 10.94 -4.37
N PRO A 60 -2.96 11.30 -5.64
CA PRO A 60 -4.30 11.73 -6.09
C PRO A 60 -5.30 10.61 -5.85
N GLU A 61 -6.52 10.81 -6.40
CA GLU A 61 -7.51 9.75 -6.37
C GLU A 61 -7.37 8.83 -7.58
N GLU A 62 -6.73 9.30 -8.67
CA GLU A 62 -6.34 8.41 -9.76
C GLU A 62 -5.66 7.13 -9.25
N LYS A 63 -5.66 6.90 -7.94
CA LYS A 63 -5.35 5.58 -7.42
C LYS A 63 -6.57 4.84 -6.89
N LEU A 64 -6.85 3.67 -7.47
CA LEU A 64 -7.89 2.77 -6.98
C LEU A 64 -7.96 1.57 -7.90
N VAL A 65 -7.51 1.71 -9.14
CA VAL A 65 -7.29 0.55 -9.98
C VAL A 65 -6.01 -0.14 -9.54
N ASP A 66 -5.02 0.66 -9.17
CA ASP A 66 -3.80 0.20 -8.49
C ASP A 66 -4.08 -0.63 -7.25
N ILE A 67 -4.70 -0.04 -6.21
CA ILE A 67 -5.06 -0.74 -4.97
C ILE A 67 -5.68 -2.10 -5.29
N THR A 68 -4.90 -3.01 -5.86
CA THR A 68 -5.39 -4.35 -6.16
C THR A 68 -4.51 -5.47 -5.61
N SER A 69 -3.53 -5.14 -4.79
CA SER A 69 -2.74 -6.14 -4.08
C SER A 69 -1.71 -5.39 -3.25
N LEU A 70 -1.12 -6.08 -2.28
CA LEU A 70 -0.07 -5.42 -1.52
C LEU A 70 1.08 -5.04 -2.45
N SER A 71 1.40 -5.91 -3.39
CA SER A 71 2.55 -5.68 -4.25
C SER A 71 2.28 -4.51 -5.21
N ALA A 72 1.06 -4.44 -5.74
CA ALA A 72 0.63 -3.26 -6.49
C ALA A 72 0.69 -2.00 -5.63
N THR A 73 0.24 -2.08 -4.39
CA THR A 73 0.19 -0.89 -3.54
C THR A 73 1.59 -0.43 -3.19
N ILE A 74 2.50 -1.37 -2.97
CA ILE A 74 3.89 -1.03 -2.69
C ILE A 74 4.50 -0.35 -3.90
N GLY A 75 4.24 -0.90 -5.09
CA GLY A 75 4.76 -0.30 -6.31
C GLY A 75 4.25 1.11 -6.51
N LEU A 76 2.99 1.34 -6.16
CA LEU A 76 2.42 2.69 -6.26
C LEU A 76 3.13 3.64 -5.32
N THR A 77 3.34 3.19 -4.08
CA THR A 77 3.97 4.03 -3.07
C THR A 77 5.39 4.41 -3.51
N LYS A 78 6.13 3.44 -4.08
CA LYS A 78 7.50 3.72 -4.51
C LYS A 78 7.53 4.75 -5.64
N SER A 79 6.69 4.57 -6.66
CA SER A 79 6.56 5.54 -7.75
C SER A 79 6.30 6.96 -7.25
N VAL A 80 5.31 7.13 -6.36
CA VAL A 80 4.97 8.47 -5.88
C VAL A 80 6.12 9.04 -5.07
N LEU A 81 6.81 8.17 -4.31
CA LEU A 81 7.99 8.62 -3.58
C LEU A 81 9.10 9.06 -4.54
N ALA A 82 9.27 8.34 -5.66
CA ALA A 82 10.28 8.72 -6.64
C ALA A 82 9.93 10.04 -7.30
N GLU A 83 8.64 10.24 -7.59
CA GLU A 83 8.14 11.53 -8.04
C GLU A 83 8.40 12.63 -7.01
N SER A 84 8.48 12.29 -5.73
CA SER A 84 8.74 13.23 -4.64
C SER A 84 10.22 13.39 -4.35
N GLY A 85 11.10 12.78 -5.14
CA GLY A 85 12.52 12.85 -4.88
C GLY A 85 12.99 12.25 -3.58
N LYS A 86 12.25 11.28 -3.01
CA LYS A 86 12.65 10.76 -1.70
C LYS A 86 12.68 9.24 -1.64
N LEU A 87 12.83 8.57 -2.77
CA LEU A 87 12.99 7.12 -2.85
C LEU A 87 14.48 6.78 -2.89
N GLU A 88 14.94 5.84 -2.04
CA GLU A 88 16.37 5.44 -2.07
C GLU A 88 16.58 4.14 -2.87
N HIS A 89 15.78 3.11 -2.65
CA HIS A 89 15.69 2.04 -3.67
C HIS A 89 16.97 1.41 -4.23
N HIS A 90 17.23 0.17 -3.87
CA HIS A 90 18.32 -0.59 -4.46
C HIS A 90 17.82 -1.91 -5.07
N ASP A 2 13.22 4.86 0.87
CA ASP A 2 13.89 3.60 1.19
C ASP A 2 13.09 2.27 1.13
N ASP A 3 13.65 1.26 0.45
CA ASP A 3 12.84 0.12 0.00
C ASP A 3 12.21 -0.67 1.17
N GLU A 4 13.05 -1.23 2.05
CA GLU A 4 12.53 -2.10 3.11
C GLU A 4 11.49 -1.36 3.97
N GLU A 5 11.79 -0.14 4.42
CA GLU A 5 10.84 0.57 5.28
C GLU A 5 9.56 0.88 4.51
N ILE A 6 9.64 1.02 3.17
CA ILE A 6 8.41 1.17 2.39
C ILE A 6 7.62 -0.14 2.40
N GLU A 7 8.29 -1.24 2.10
CA GLU A 7 7.66 -2.56 2.21
C GLU A 7 7.02 -2.80 3.56
N LYS A 8 7.74 -2.50 4.64
CA LYS A 8 7.24 -2.76 5.99
C LYS A 8 6.13 -1.79 6.37
N GLY A 9 6.29 -0.54 5.93
CA GLY A 9 5.29 0.48 6.21
C GLY A 9 3.97 0.25 5.51
N VAL A 10 3.99 -0.16 4.24
CA VAL A 10 2.74 -0.40 3.54
C VAL A 10 2.08 -1.66 4.07
N THR A 11 2.89 -2.70 4.34
CA THR A 11 2.34 -3.93 4.91
C THR A 11 1.59 -3.65 6.20
N SER A 12 2.20 -2.87 7.10
CA SER A 12 1.59 -2.61 8.40
C SER A 12 0.28 -1.84 8.25
N ILE A 13 0.21 -0.95 7.26
CA ILE A 13 -1.01 -0.19 7.01
C ILE A 13 -2.11 -1.12 6.48
N VAL A 14 -1.76 -1.99 5.55
CA VAL A 14 -2.77 -2.87 4.98
C VAL A 14 -3.27 -3.85 6.05
N ALA A 15 -2.35 -4.34 6.90
CA ALA A 15 -2.72 -5.19 8.04
C ALA A 15 -3.71 -4.50 8.98
N GLU A 16 -3.42 -3.27 9.40
CA GLU A 16 -4.32 -2.65 10.39
C GLU A 16 -5.68 -2.34 9.76
N VAL A 17 -5.69 -1.94 8.49
CA VAL A 17 -6.96 -1.64 7.84
C VAL A 17 -7.79 -2.91 7.64
N THR A 18 -7.16 -4.00 7.21
CA THR A 18 -7.86 -5.24 6.96
C THR A 18 -8.09 -6.05 8.23
N GLU A 19 -7.42 -5.70 9.33
CA GLU A 19 -7.45 -6.47 10.57
C GLU A 19 -6.92 -7.89 10.34
N LEU A 20 -5.81 -7.99 9.61
CA LEU A 20 -5.09 -9.24 9.43
C LEU A 20 -3.67 -9.12 9.93
N ASP A 21 -3.01 -10.26 10.03
CA ASP A 21 -1.65 -10.32 10.55
C ASP A 21 -0.65 -9.86 9.49
N GLU A 22 0.33 -9.04 9.92
CA GLU A 22 1.26 -8.46 8.96
C GLU A 22 1.97 -9.57 8.18
N LYS A 23 2.23 -10.70 8.84
CA LYS A 23 2.97 -11.77 8.19
C LYS A 23 2.11 -12.51 7.17
N GLU A 24 0.80 -12.70 7.46
CA GLU A 24 -0.10 -13.29 6.45
C GLU A 24 -0.21 -12.41 5.22
N ILE A 25 -0.43 -11.12 5.38
CA ILE A 25 -0.65 -10.29 4.19
C ILE A 25 0.63 -10.25 3.37
N TRP A 26 1.79 -10.25 4.05
CA TRP A 26 3.05 -10.33 3.32
C TRP A 26 3.12 -11.63 2.50
N GLU A 27 2.76 -12.75 3.11
CA GLU A 27 2.84 -14.02 2.41
C GLU A 27 1.92 -14.02 1.20
N LYS A 28 0.84 -13.26 1.24
CA LYS A 28 -0.07 -13.12 0.11
C LYS A 28 0.08 -11.76 -0.54
N ARG A 29 1.31 -11.27 -0.62
CA ARG A 29 1.55 -9.96 -1.20
C ARG A 29 1.08 -9.86 -2.65
N ASP A 30 1.16 -10.94 -3.42
CA ASP A 30 0.85 -10.88 -4.84
C ASP A 30 -0.61 -11.28 -5.15
N ALA A 31 -1.45 -11.47 -4.14
CA ALA A 31 -2.86 -11.83 -4.34
C ALA A 31 -3.72 -10.58 -4.57
N ASN A 32 -4.93 -10.79 -5.09
CA ASN A 32 -5.88 -9.70 -5.31
C ASN A 32 -6.61 -9.31 -4.02
N PHE A 33 -6.59 -8.00 -3.71
CA PHE A 33 -7.10 -7.51 -2.43
C PHE A 33 -8.58 -7.86 -2.25
N PHE A 34 -9.32 -7.88 -3.35
CA PHE A 34 -10.77 -7.81 -3.29
C PHE A 34 -11.45 -9.17 -3.11
N GLN A 35 -10.73 -10.28 -3.35
CA GLN A 35 -11.32 -11.61 -3.16
C GLN A 35 -10.54 -12.40 -2.12
N ASP A 36 -9.21 -12.45 -2.23
CA ASP A 36 -8.37 -12.92 -1.13
C ASP A 36 -8.56 -12.12 0.14
N LEU A 37 -8.02 -10.90 0.20
CA LEU A 37 -8.03 -10.09 1.40
C LEU A 37 -9.46 -9.86 1.90
N GLU A 38 -10.39 -9.55 0.99
CA GLU A 38 -11.73 -9.04 1.33
C GLU A 38 -11.65 -7.54 1.61
N ILE A 39 -10.97 -6.83 0.73
CA ILE A 39 -11.04 -5.38 0.67
C ILE A 39 -12.20 -4.99 -0.21
N ASP A 40 -12.88 -3.90 0.17
CA ASP A 40 -13.75 -3.12 -0.70
C ASP A 40 -13.16 -1.73 -0.81
N SER A 41 -13.94 -0.79 -1.36
CA SER A 41 -13.31 0.44 -1.79
C SER A 41 -13.23 1.49 -0.69
N LEU A 42 -14.08 1.42 0.33
CA LEU A 42 -13.82 2.18 1.55
C LEU A 42 -12.48 1.77 2.18
N LEU A 43 -12.20 0.47 2.21
CA LEU A 43 -10.94 0.01 2.78
C LEU A 43 -9.76 0.49 1.93
N ALA A 44 -9.89 0.39 0.60
CA ALA A 44 -8.81 0.87 -0.25
C ALA A 44 -8.61 2.37 -0.08
N LEU A 45 -9.70 3.11 0.02
CA LEU A 45 -9.59 4.54 0.32
C LEU A 45 -8.89 4.76 1.66
N GLU A 46 -9.17 3.89 2.64
CA GLU A 46 -8.49 3.97 3.94
C GLU A 46 -6.98 3.78 3.77
N ILE A 47 -6.61 2.75 3.01
CA ILE A 47 -5.21 2.44 2.78
C ILE A 47 -4.51 3.65 2.17
N LEU A 48 -5.10 4.21 1.11
CA LEU A 48 -4.49 5.36 0.44
C LEU A 48 -4.22 6.49 1.42
N ALA A 49 -5.21 6.81 2.27
CA ALA A 49 -5.08 7.94 3.19
C ALA A 49 -3.96 7.73 4.19
N LEU A 50 -3.84 6.49 4.72
CA LEU A 50 -2.83 6.23 5.72
C LEU A 50 -1.43 6.23 5.10
N ILE A 51 -1.31 5.85 3.84
CA ILE A 51 -0.01 5.92 3.17
C ILE A 51 0.42 7.38 3.04
N GLU A 52 -0.49 8.25 2.61
CA GLU A 52 -0.13 9.67 2.46
C GLU A 52 0.40 10.25 3.75
N LYS A 53 -0.13 9.85 4.91
CA LYS A 53 0.31 10.50 6.15
C LYS A 53 1.43 9.72 6.84
N LYS A 54 1.69 8.47 6.42
CA LYS A 54 2.88 7.78 6.93
C LYS A 54 4.11 8.25 6.16
N PHE A 55 4.00 8.35 4.83
CA PHE A 55 5.13 8.63 3.95
C PHE A 55 5.20 10.10 3.49
N LYS A 56 4.32 10.96 4.01
CA LYS A 56 4.35 12.41 3.74
C LYS A 56 4.25 12.71 2.24
N VAL A 57 3.18 12.19 1.63
CA VAL A 57 3.09 12.01 0.19
C VAL A 57 1.67 12.34 -0.26
N GLN A 58 1.54 12.90 -1.46
CA GLN A 58 0.24 13.10 -2.09
C GLN A 58 -0.02 12.04 -3.16
N ILE A 59 -1.26 11.54 -3.21
CA ILE A 59 -1.65 10.49 -4.14
C ILE A 59 -3.07 10.78 -4.62
N PRO A 60 -3.27 11.24 -5.86
CA PRO A 60 -4.63 11.56 -6.32
C PRO A 60 -5.53 10.34 -6.39
N GLU A 61 -6.84 10.60 -6.23
CA GLU A 61 -7.85 9.54 -6.36
C GLU A 61 -7.65 8.73 -7.62
N GLU A 62 -7.37 9.39 -8.76
CA GLU A 62 -6.83 8.69 -9.92
C GLU A 62 -6.12 7.43 -9.49
N LYS A 63 -5.20 7.54 -8.53
CA LYS A 63 -4.59 6.42 -7.85
C LYS A 63 -5.57 5.68 -6.94
N LEU A 64 -5.91 4.46 -7.31
CA LEU A 64 -6.98 3.67 -6.71
C LEU A 64 -7.06 2.35 -7.44
N VAL A 65 -7.35 2.40 -8.75
CA VAL A 65 -7.29 1.21 -9.58
C VAL A 65 -6.04 0.42 -9.25
N ASP A 66 -4.90 1.11 -9.19
CA ASP A 66 -3.63 0.66 -8.64
C ASP A 66 -3.72 -0.17 -7.36
N ILE A 67 -4.79 -0.02 -6.59
CA ILE A 67 -4.82 -0.49 -5.21
C ILE A 67 -5.46 -1.88 -5.14
N THR A 68 -4.85 -2.85 -5.82
CA THR A 68 -5.44 -4.16 -6.02
C THR A 68 -4.71 -5.29 -5.33
N SER A 69 -3.42 -5.14 -5.04
CA SER A 69 -2.65 -6.14 -4.30
C SER A 69 -1.70 -5.41 -3.38
N LEU A 70 -1.11 -6.13 -2.44
CA LEU A 70 -0.08 -5.51 -1.62
C LEU A 70 1.09 -5.08 -2.49
N SER A 71 1.47 -5.94 -3.44
CA SER A 71 2.62 -5.64 -4.28
C SER A 71 2.33 -4.44 -5.18
N ALA A 72 1.11 -4.38 -5.74
CA ALA A 72 0.67 -3.19 -6.48
C ALA A 72 0.71 -1.94 -5.61
N THR A 73 0.25 -2.04 -4.38
CA THR A 73 0.20 -0.87 -3.51
C THR A 73 1.59 -0.40 -3.15
N ILE A 74 2.49 -1.35 -2.89
CA ILE A 74 3.89 -1.01 -2.66
C ILE A 74 4.49 -0.34 -3.87
N GLY A 75 4.23 -0.90 -5.06
CA GLY A 75 4.75 -0.30 -6.27
C GLY A 75 4.25 1.10 -6.48
N LEU A 76 2.99 1.34 -6.15
CA LEU A 76 2.42 2.67 -6.26
C LEU A 76 3.12 3.64 -5.32
N THR A 77 3.35 3.19 -4.08
CA THR A 77 3.98 4.04 -3.08
C THR A 77 5.40 4.40 -3.53
N LYS A 78 6.14 3.42 -4.07
CA LYS A 78 7.49 3.70 -4.56
C LYS A 78 7.48 4.71 -5.70
N SER A 79 6.68 4.44 -6.73
CA SER A 79 6.40 5.41 -7.81
C SER A 79 6.22 6.83 -7.28
N VAL A 80 5.29 7.00 -6.35
CA VAL A 80 4.94 8.32 -5.85
C VAL A 80 6.11 8.94 -5.10
N LEU A 81 6.82 8.13 -4.31
CA LEU A 81 7.96 8.65 -3.57
C LEU A 81 9.10 9.03 -4.51
N ALA A 82 9.21 8.36 -5.66
CA ALA A 82 10.25 8.72 -6.64
C ALA A 82 9.88 10.02 -7.36
N GLU A 83 8.59 10.19 -7.66
CA GLU A 83 8.06 11.47 -8.12
C GLU A 83 8.39 12.61 -7.17
N SER A 84 8.44 12.36 -5.87
CA SER A 84 8.64 13.40 -4.87
C SER A 84 10.11 13.60 -4.48
N GLY A 85 11.04 12.95 -5.19
CA GLY A 85 12.43 13.08 -4.83
C GLY A 85 12.88 12.37 -3.56
N LYS A 86 12.03 11.55 -2.92
CA LYS A 86 12.55 10.77 -1.80
C LYS A 86 12.26 9.28 -1.94
N LEU A 87 12.83 8.64 -2.94
CA LEU A 87 12.92 7.18 -3.01
C LEU A 87 14.38 6.79 -3.01
N GLU A 88 14.80 6.00 -2.02
CA GLU A 88 16.12 5.38 -2.00
C GLU A 88 15.93 3.94 -2.47
N HIS A 89 16.39 3.65 -3.69
CA HIS A 89 16.12 2.40 -4.39
C HIS A 89 17.34 1.73 -5.01
N HIS A 90 17.34 0.40 -5.05
CA HIS A 90 18.44 -0.32 -5.70
C HIS A 90 18.01 -1.75 -6.06
N ASP A 2 13.53 4.34 1.28
CA ASP A 2 14.12 3.01 1.60
C ASP A 2 13.22 1.80 1.19
N ASP A 3 13.71 0.89 0.34
CA ASP A 3 12.86 -0.21 -0.17
C ASP A 3 12.19 -0.98 0.98
N GLU A 4 12.98 -1.47 1.92
CA GLU A 4 12.42 -2.34 2.95
C GLU A 4 11.56 -1.56 3.95
N GLU A 5 11.90 -0.30 4.24
CA GLU A 5 11.08 0.51 5.12
C GLU A 5 9.75 0.86 4.45
N ILE A 6 9.73 0.95 3.12
CA ILE A 6 8.47 1.16 2.40
C ILE A 6 7.64 -0.11 2.40
N GLU A 7 8.28 -1.24 2.10
CA GLU A 7 7.56 -2.52 2.11
C GLU A 7 6.97 -2.83 3.48
N LYS A 8 7.72 -2.59 4.55
CA LYS A 8 7.22 -2.89 5.89
C LYS A 8 6.18 -1.87 6.36
N GLY A 9 6.32 -0.63 5.92
CA GLY A 9 5.35 0.40 6.23
C GLY A 9 4.02 0.21 5.54
N VAL A 10 4.03 -0.16 4.26
CA VAL A 10 2.76 -0.41 3.58
C VAL A 10 2.09 -1.66 4.11
N THR A 11 2.88 -2.73 4.33
CA THR A 11 2.34 -3.95 4.92
C THR A 11 1.62 -3.64 6.23
N SER A 12 2.24 -2.84 7.09
CA SER A 12 1.66 -2.50 8.38
C SER A 12 0.31 -1.79 8.22
N ILE A 13 0.22 -0.89 7.25
CA ILE A 13 -1.02 -0.15 7.01
C ILE A 13 -2.11 -1.09 6.49
N VAL A 14 -1.76 -1.97 5.56
CA VAL A 14 -2.77 -2.84 4.98
C VAL A 14 -3.26 -3.85 6.03
N ALA A 15 -2.33 -4.34 6.86
CA ALA A 15 -2.71 -5.19 8.00
C ALA A 15 -3.66 -4.47 8.95
N GLU A 16 -3.36 -3.20 9.25
CA GLU A 16 -4.22 -2.41 10.12
C GLU A 16 -5.64 -2.36 9.56
N VAL A 17 -5.78 -1.89 8.31
CA VAL A 17 -7.12 -1.63 7.77
C VAL A 17 -7.90 -2.93 7.61
N THR A 18 -7.22 -4.01 7.33
CA THR A 18 -7.88 -5.26 6.99
C THR A 18 -7.99 -6.20 8.18
N GLU A 19 -7.47 -5.78 9.33
CA GLU A 19 -7.46 -6.54 10.57
C GLU A 19 -6.92 -7.97 10.34
N LEU A 20 -5.84 -8.06 9.59
CA LEU A 20 -5.07 -9.29 9.43
C LEU A 20 -3.66 -9.13 9.98
N ASP A 21 -2.96 -10.25 10.08
CA ASP A 21 -1.59 -10.30 10.59
C ASP A 21 -0.60 -9.87 9.50
N GLU A 22 0.45 -9.14 9.91
CA GLU A 22 1.38 -8.57 8.93
C GLU A 22 2.10 -9.66 8.13
N LYS A 23 2.55 -10.70 8.82
CA LYS A 23 3.21 -11.81 8.15
C LYS A 23 2.27 -12.48 7.15
N GLU A 24 1.02 -12.66 7.53
CA GLU A 24 0.08 -13.35 6.67
C GLU A 24 -0.20 -12.56 5.39
N ILE A 25 -0.34 -11.24 5.49
CA ILE A 25 -0.60 -10.44 4.30
C ILE A 25 0.65 -10.32 3.45
N TRP A 26 1.82 -10.26 4.09
CA TRP A 26 3.06 -10.33 3.32
C TRP A 26 3.12 -11.62 2.49
N GLU A 27 2.70 -12.74 3.08
CA GLU A 27 2.69 -14.00 2.35
C GLU A 27 1.82 -13.92 1.10
N LYS A 28 0.70 -13.22 1.18
CA LYS A 28 -0.20 -13.06 0.04
C LYS A 28 -0.01 -11.70 -0.61
N ARG A 29 1.24 -11.27 -0.71
CA ARG A 29 1.51 -9.97 -1.28
C ARG A 29 1.09 -9.87 -2.75
N ASP A 30 1.20 -10.95 -3.52
CA ASP A 30 0.88 -10.88 -4.94
C ASP A 30 -0.58 -11.19 -5.24
N ALA A 31 -1.41 -11.43 -4.23
CA ALA A 31 -2.79 -11.85 -4.43
C ALA A 31 -3.74 -10.67 -4.59
N ASN A 32 -4.90 -10.95 -5.21
CA ASN A 32 -5.84 -9.91 -5.64
C ASN A 32 -6.76 -9.45 -4.50
N PHE A 33 -6.78 -8.13 -4.28
CA PHE A 33 -7.36 -7.57 -3.07
C PHE A 33 -8.88 -7.73 -3.02
N PHE A 34 -9.54 -7.63 -4.16
CA PHE A 34 -10.99 -7.50 -4.10
C PHE A 34 -11.72 -8.84 -4.05
N GLN A 35 -11.10 -9.95 -4.46
CA GLN A 35 -11.61 -11.24 -4.00
C GLN A 35 -10.83 -11.76 -2.80
N ASP A 36 -9.49 -11.79 -2.88
CA ASP A 36 -8.67 -12.20 -1.76
C ASP A 36 -8.88 -11.37 -0.50
N LEU A 37 -8.54 -10.08 -0.52
CA LEU A 37 -8.26 -9.30 0.68
C LEU A 37 -9.51 -8.63 1.25
N GLU A 38 -10.68 -8.91 0.67
CA GLU A 38 -11.94 -8.37 1.19
C GLU A 38 -12.01 -6.85 1.00
N ILE A 39 -10.87 -6.24 0.64
CA ILE A 39 -10.79 -4.80 0.43
C ILE A 39 -11.81 -4.39 -0.62
N ASP A 40 -12.90 -3.80 -0.15
CA ASP A 40 -13.79 -3.01 -0.98
C ASP A 40 -13.26 -1.59 -1.05
N SER A 41 -13.99 -0.73 -1.76
CA SER A 41 -13.40 0.56 -2.09
C SER A 41 -13.24 1.45 -0.87
N LEU A 42 -14.06 1.27 0.16
CA LEU A 42 -13.86 2.02 1.40
C LEU A 42 -12.53 1.67 2.06
N LEU A 43 -12.23 0.37 2.16
CA LEU A 43 -10.97 -0.03 2.76
C LEU A 43 -9.79 0.47 1.93
N ALA A 44 -9.92 0.41 0.61
CA ALA A 44 -8.85 0.89 -0.26
C ALA A 44 -8.63 2.38 -0.06
N LEU A 45 -9.72 3.12 0.15
CA LEU A 45 -9.60 4.55 0.36
C LEU A 45 -8.84 4.84 1.65
N GLU A 46 -9.05 4.03 2.69
CA GLU A 46 -8.35 4.30 3.94
C GLU A 46 -6.87 3.96 3.83
N ILE A 47 -6.57 2.88 3.12
CA ILE A 47 -5.17 2.52 2.86
C ILE A 47 -4.48 3.68 2.19
N LEU A 48 -5.07 4.18 1.10
CA LEU A 48 -4.52 5.34 0.40
C LEU A 48 -4.25 6.49 1.36
N ALA A 49 -5.23 6.85 2.20
CA ALA A 49 -5.09 8.00 3.08
C ALA A 49 -4.03 7.76 4.14
N LEU A 50 -3.92 6.53 4.62
CA LEU A 50 -2.90 6.20 5.61
C LEU A 50 -1.50 6.21 4.98
N ILE A 51 -1.38 5.82 3.72
CA ILE A 51 -0.09 5.91 3.04
C ILE A 51 0.30 7.37 2.86
N GLU A 52 -0.58 8.16 2.24
CA GLU A 52 -0.34 9.59 2.09
C GLU A 52 0.09 10.20 3.41
N LYS A 53 -0.62 9.87 4.48
CA LYS A 53 -0.23 10.38 5.78
C LYS A 53 1.16 9.88 6.19
N LYS A 54 1.40 8.58 6.12
CA LYS A 54 2.54 8.00 6.84
C LYS A 54 3.88 8.39 6.21
N PHE A 55 3.94 8.38 4.88
CA PHE A 55 5.17 8.70 4.17
C PHE A 55 5.28 10.20 3.90
N LYS A 56 4.26 10.96 4.30
CA LYS A 56 4.23 12.43 4.19
C LYS A 56 4.25 12.85 2.73
N VAL A 57 3.22 12.40 2.03
CA VAL A 57 3.16 12.43 0.57
C VAL A 57 1.71 12.54 0.12
N GLN A 58 1.51 13.00 -1.12
CA GLN A 58 0.18 13.01 -1.72
C GLN A 58 0.09 12.02 -2.87
N ILE A 59 -1.07 11.37 -2.97
CA ILE A 59 -1.38 10.46 -4.05
C ILE A 59 -2.71 10.94 -4.62
N PRO A 60 -2.81 11.31 -5.90
CA PRO A 60 -4.12 11.64 -6.44
C PRO A 60 -5.07 10.48 -6.23
N GLU A 61 -6.35 10.81 -5.98
CA GLU A 61 -7.31 9.76 -5.68
C GLU A 61 -7.64 8.93 -6.91
N GLU A 62 -7.51 9.53 -8.10
CA GLU A 62 -7.41 8.72 -9.31
C GLU A 62 -6.67 7.43 -9.03
N LYS A 63 -5.41 7.53 -8.58
CA LYS A 63 -4.61 6.43 -8.05
C LYS A 63 -5.26 5.74 -6.86
N LEU A 64 -6.59 5.55 -6.85
CA LEU A 64 -7.17 4.47 -6.06
C LEU A 64 -7.24 3.21 -6.90
N VAL A 65 -7.15 3.35 -8.23
CA VAL A 65 -7.27 2.21 -9.14
C VAL A 65 -6.17 1.18 -8.88
N ASP A 66 -5.11 1.59 -8.19
CA ASP A 66 -3.85 0.86 -8.11
C ASP A 66 -3.73 0.03 -6.83
N ILE A 67 -4.72 0.07 -5.96
CA ILE A 67 -4.66 -0.54 -4.66
C ILE A 67 -5.41 -1.87 -4.79
N THR A 68 -4.80 -2.80 -5.51
CA THR A 68 -5.41 -4.06 -5.90
C THR A 68 -4.62 -5.28 -5.43
N SER A 69 -3.47 -5.06 -4.81
CA SER A 69 -2.69 -6.11 -4.15
C SER A 69 -1.68 -5.38 -3.28
N LEU A 70 -1.08 -6.12 -2.34
CA LEU A 70 -0.05 -5.48 -1.54
C LEU A 70 1.11 -5.08 -2.45
N SER A 71 1.48 -5.95 -3.40
CA SER A 71 2.60 -5.64 -4.30
C SER A 71 2.29 -4.42 -5.15
N ALA A 72 1.06 -4.34 -5.69
CA ALA A 72 0.64 -3.15 -6.43
C ALA A 72 0.68 -1.90 -5.56
N THR A 73 0.23 -2.01 -4.31
CA THR A 73 0.19 -0.85 -3.44
C THR A 73 1.59 -0.39 -3.09
N ILE A 74 2.49 -1.34 -2.87
CA ILE A 74 3.89 -1.02 -2.64
C ILE A 74 4.48 -0.33 -3.86
N GLY A 75 4.24 -0.89 -5.05
CA GLY A 75 4.77 -0.30 -6.26
C GLY A 75 4.26 1.11 -6.47
N LEU A 76 3.00 1.34 -6.13
CA LEU A 76 2.43 2.68 -6.24
C LEU A 76 3.14 3.65 -5.29
N THR A 77 3.36 3.20 -4.06
CA THR A 77 3.98 4.04 -3.06
C THR A 77 5.40 4.42 -3.49
N LYS A 78 6.15 3.45 -4.03
CA LYS A 78 7.51 3.74 -4.50
C LYS A 78 7.50 4.74 -5.65
N SER A 79 6.64 4.51 -6.65
CA SER A 79 6.49 5.42 -7.78
C SER A 79 6.20 6.85 -7.34
N VAL A 80 5.20 7.02 -6.49
CA VAL A 80 4.86 8.33 -5.94
C VAL A 80 6.03 8.89 -5.14
N LEU A 81 6.76 8.02 -4.46
CA LEU A 81 7.93 8.48 -3.71
C LEU A 81 9.04 8.94 -4.65
N ALA A 82 9.20 8.26 -5.80
CA ALA A 82 10.24 8.65 -6.75
C ALA A 82 9.87 9.92 -7.48
N GLU A 83 8.59 10.06 -7.83
CA GLU A 83 8.07 11.29 -8.42
C GLU A 83 8.32 12.50 -7.52
N SER A 84 8.41 12.31 -6.21
CA SER A 84 8.61 13.41 -5.28
C SER A 84 10.08 13.63 -4.91
N GLY A 85 10.99 12.83 -5.44
CA GLY A 85 12.38 12.96 -5.01
C GLY A 85 12.73 12.36 -3.68
N LYS A 86 11.84 11.57 -3.06
CA LYS A 86 12.31 10.75 -1.94
C LYS A 86 12.10 9.27 -2.20
N LEU A 87 13.16 8.56 -2.50
CA LEU A 87 13.15 7.11 -2.69
C LEU A 87 14.60 6.67 -2.79
N GLU A 88 15.09 5.97 -1.76
CA GLU A 88 16.40 5.30 -1.80
C GLU A 88 16.11 3.89 -2.34
N HIS A 89 16.26 3.72 -3.65
CA HIS A 89 15.96 2.46 -4.32
C HIS A 89 17.18 1.78 -4.93
N HIS A 90 17.12 0.46 -5.03
CA HIS A 90 18.17 -0.29 -5.73
C HIS A 90 17.93 -1.79 -5.63
N ASP A 2 13.57 4.17 1.66
CA ASP A 2 14.22 2.98 1.08
C ASP A 2 13.28 1.74 1.00
N ASP A 3 13.65 0.74 0.19
CA ASP A 3 12.68 -0.28 -0.22
C ASP A 3 12.13 -1.05 0.98
N GLU A 4 13.02 -1.54 1.85
CA GLU A 4 12.60 -2.37 2.97
C GLU A 4 11.60 -1.63 3.87
N GLU A 5 11.83 -0.33 4.08
CA GLU A 5 11.01 0.40 5.02
C GLU A 5 9.73 0.90 4.36
N ILE A 6 9.72 0.99 3.02
CA ILE A 6 8.47 1.14 2.28
C ILE A 6 7.64 -0.14 2.39
N GLU A 7 8.29 -1.28 2.18
CA GLU A 7 7.60 -2.57 2.31
C GLU A 7 6.98 -2.77 3.67
N LYS A 8 7.78 -2.54 4.73
CA LYS A 8 7.30 -2.65 6.10
C LYS A 8 6.10 -1.75 6.33
N GLY A 9 6.24 -0.50 5.90
CA GLY A 9 5.24 0.50 6.14
C GLY A 9 3.92 0.22 5.45
N VAL A 10 3.95 -0.17 4.17
CA VAL A 10 2.70 -0.44 3.47
C VAL A 10 2.05 -1.69 4.04
N THR A 11 2.86 -2.72 4.33
CA THR A 11 2.33 -3.96 4.89
C THR A 11 1.60 -3.69 6.20
N SER A 12 2.20 -2.87 7.06
CA SER A 12 1.61 -2.61 8.36
C SER A 12 0.30 -1.83 8.24
N ILE A 13 0.24 -0.89 7.29
CA ILE A 13 -1.00 -0.17 7.02
C ILE A 13 -2.09 -1.11 6.55
N VAL A 14 -1.76 -1.97 5.58
CA VAL A 14 -2.77 -2.84 4.99
C VAL A 14 -3.27 -3.85 6.02
N ALA A 15 -2.35 -4.37 6.85
CA ALA A 15 -2.75 -5.24 7.96
C ALA A 15 -3.66 -4.50 8.94
N GLU A 16 -3.35 -3.25 9.24
CA GLU A 16 -4.22 -2.43 10.07
C GLU A 16 -5.63 -2.37 9.49
N VAL A 17 -5.73 -1.99 8.21
CA VAL A 17 -7.03 -1.76 7.59
C VAL A 17 -7.84 -3.05 7.51
N THR A 18 -7.22 -4.15 7.12
CA THR A 18 -7.94 -5.40 6.95
C THR A 18 -8.12 -6.16 8.25
N GLU A 19 -7.48 -5.69 9.33
CA GLU A 19 -7.48 -6.41 10.60
C GLU A 19 -6.94 -7.83 10.42
N LEU A 20 -5.85 -7.94 9.66
CA LEU A 20 -5.14 -9.19 9.48
C LEU A 20 -3.71 -9.05 9.97
N ASP A 21 -3.03 -10.19 10.00
CA ASP A 21 -1.70 -10.29 10.56
C ASP A 21 -0.65 -9.89 9.51
N GLU A 22 0.40 -9.16 9.93
CA GLU A 22 1.34 -8.61 8.95
C GLU A 22 2.07 -9.71 8.17
N LYS A 23 2.57 -10.74 8.85
CA LYS A 23 3.24 -11.82 8.14
C LYS A 23 2.27 -12.47 7.16
N GLU A 24 1.01 -12.58 7.57
CA GLU A 24 -0.02 -13.13 6.70
C GLU A 24 -0.19 -12.32 5.43
N ILE A 25 -0.40 -11.01 5.54
CA ILE A 25 -0.65 -10.25 4.32
C ILE A 25 0.63 -10.23 3.46
N TRP A 26 1.80 -10.26 4.10
CA TRP A 26 3.04 -10.33 3.32
C TRP A 26 3.11 -11.62 2.49
N GLU A 27 2.73 -12.75 3.08
CA GLU A 27 2.67 -13.99 2.31
C GLU A 27 1.66 -13.87 1.18
N LYS A 28 0.63 -13.06 1.37
CA LYS A 28 -0.44 -12.80 0.40
C LYS A 28 -0.09 -11.67 -0.55
N ARG A 29 1.18 -11.30 -0.68
CA ARG A 29 1.47 -10.03 -1.32
C ARG A 29 1.02 -9.98 -2.79
N ASP A 30 0.80 -11.12 -3.43
CA ASP A 30 0.12 -11.17 -4.73
C ASP A 30 -1.35 -11.57 -4.65
N ALA A 31 -1.93 -11.66 -3.47
CA ALA A 31 -3.32 -12.05 -3.36
C ALA A 31 -4.23 -10.85 -3.57
N ASN A 32 -5.08 -10.95 -4.60
CA ASN A 32 -5.98 -9.87 -4.97
C ASN A 32 -6.76 -9.39 -3.74
N PHE A 33 -6.67 -8.09 -3.45
CA PHE A 33 -7.33 -7.53 -2.29
C PHE A 33 -8.83 -7.84 -2.31
N PHE A 34 -9.40 -7.83 -3.51
CA PHE A 34 -10.84 -7.86 -3.64
C PHE A 34 -11.39 -9.28 -3.75
N GLN A 35 -11.14 -10.01 -4.85
CA GLN A 35 -11.79 -11.31 -4.93
C GLN A 35 -11.15 -12.31 -3.98
N ASP A 36 -9.98 -11.99 -3.41
CA ASP A 36 -9.41 -12.87 -2.40
C ASP A 36 -9.56 -12.39 -0.95
N LEU A 37 -9.76 -11.10 -0.69
CA LEU A 37 -9.56 -10.60 0.68
C LEU A 37 -10.39 -9.34 1.00
N GLU A 38 -11.64 -9.26 0.54
CA GLU A 38 -12.59 -8.20 0.89
C GLU A 38 -12.15 -6.82 0.36
N ILE A 39 -11.05 -6.30 0.90
CA ILE A 39 -10.65 -4.89 0.76
C ILE A 39 -11.35 -4.23 -0.41
N ASP A 40 -12.51 -3.62 -0.12
CA ASP A 40 -13.38 -2.95 -1.06
C ASP A 40 -13.12 -1.43 -1.06
N SER A 41 -14.09 -0.69 -1.61
CA SER A 41 -13.98 0.76 -1.78
C SER A 41 -13.45 1.47 -0.55
N LEU A 42 -14.19 1.42 0.56
CA LEU A 42 -13.82 2.20 1.73
C LEU A 42 -12.45 1.79 2.25
N LEU A 43 -12.17 0.50 2.25
CA LEU A 43 -10.90 0.04 2.81
C LEU A 43 -9.73 0.53 1.96
N ALA A 44 -9.85 0.44 0.64
CA ALA A 44 -8.76 0.92 -0.22
C ALA A 44 -8.57 2.42 -0.06
N LEU A 45 -9.67 3.13 0.09
CA LEU A 45 -9.59 4.57 0.37
C LEU A 45 -8.86 4.81 1.68
N GLU A 46 -9.14 4.00 2.71
CA GLU A 46 -8.43 4.16 3.99
C GLU A 46 -6.94 3.88 3.81
N ILE A 47 -6.63 2.83 3.07
CA ILE A 47 -5.23 2.47 2.80
C ILE A 47 -4.52 3.66 2.17
N LEU A 48 -5.11 4.20 1.09
CA LEU A 48 -4.52 5.37 0.43
C LEU A 48 -4.25 6.50 1.42
N ALA A 49 -5.27 6.86 2.23
CA ALA A 49 -5.12 8.02 3.11
C ALA A 49 -4.02 7.78 4.14
N LEU A 50 -3.92 6.54 4.63
CA LEU A 50 -2.87 6.22 5.59
C LEU A 50 -1.49 6.22 4.94
N ILE A 51 -1.40 5.81 3.67
CA ILE A 51 -0.09 5.81 3.01
C ILE A 51 0.37 7.25 2.83
N GLU A 52 -0.47 8.08 2.19
CA GLU A 52 -0.13 9.48 2.00
C GLU A 52 0.53 10.05 3.26
N LYS A 53 0.12 9.53 4.41
CA LYS A 53 0.38 10.20 5.69
C LYS A 53 1.63 9.69 6.36
N LYS A 54 1.83 8.38 6.44
CA LYS A 54 3.03 7.88 7.11
C LYS A 54 4.26 8.09 6.24
N PHE A 55 4.08 8.27 4.93
CA PHE A 55 5.16 8.57 4.01
C PHE A 55 5.23 10.06 3.69
N LYS A 56 4.24 10.82 4.17
CA LYS A 56 4.16 12.27 4.03
C LYS A 56 4.27 12.67 2.56
N VAL A 57 3.36 12.08 1.80
CA VAL A 57 3.13 12.33 0.39
C VAL A 57 1.65 12.49 0.18
N GLN A 58 1.29 13.21 -0.88
CA GLN A 58 -0.08 13.21 -1.39
C GLN A 58 -0.15 12.35 -2.63
N ILE A 59 -1.24 11.58 -2.76
CA ILE A 59 -1.39 10.62 -3.83
C ILE A 59 -2.61 11.03 -4.65
N PRO A 60 -2.46 11.29 -5.95
CA PRO A 60 -3.63 11.65 -6.76
C PRO A 60 -4.74 10.64 -6.53
N GLU A 61 -5.93 11.17 -6.21
CA GLU A 61 -7.06 10.30 -5.91
C GLU A 61 -7.31 9.30 -7.04
N GLU A 62 -6.97 9.68 -8.27
CA GLU A 62 -7.05 8.77 -9.41
C GLU A 62 -6.46 7.41 -9.11
N LYS A 63 -5.20 7.37 -8.66
CA LYS A 63 -4.44 6.14 -8.46
C LYS A 63 -5.10 5.13 -7.53
N LEU A 64 -6.28 5.41 -6.97
CA LEU A 64 -6.93 4.32 -6.23
C LEU A 64 -7.09 3.11 -7.14
N VAL A 65 -7.05 3.31 -8.47
CA VAL A 65 -7.09 2.19 -9.40
C VAL A 65 -5.80 1.35 -9.35
N ASP A 66 -4.78 1.84 -8.65
CA ASP A 66 -3.55 1.09 -8.47
C ASP A 66 -3.57 0.19 -7.24
N ILE A 67 -4.64 0.28 -6.43
CA ILE A 67 -4.71 -0.38 -5.12
C ILE A 67 -5.49 -1.69 -5.26
N THR A 68 -4.79 -2.78 -5.59
CA THR A 68 -5.44 -4.06 -5.83
C THR A 68 -4.72 -5.25 -5.23
N SER A 69 -3.43 -5.10 -4.90
CA SER A 69 -2.69 -6.10 -4.17
C SER A 69 -1.70 -5.37 -3.28
N LEU A 70 -1.11 -6.10 -2.33
CA LEU A 70 -0.06 -5.44 -1.56
C LEU A 70 1.08 -5.02 -2.47
N SER A 71 1.42 -5.88 -3.43
CA SER A 71 2.54 -5.62 -4.32
C SER A 71 2.29 -4.38 -5.19
N ALA A 72 1.10 -4.29 -5.79
CA ALA A 72 0.76 -3.09 -6.56
C ALA A 72 0.73 -1.84 -5.68
N THR A 73 0.24 -1.99 -4.46
CA THR A 73 0.19 -0.85 -3.54
C THR A 73 1.60 -0.40 -3.17
N ILE A 74 2.49 -1.35 -2.92
CA ILE A 74 3.90 -1.02 -2.67
C ILE A 74 4.50 -0.33 -3.88
N GLY A 75 4.26 -0.89 -5.08
CA GLY A 75 4.78 -0.28 -6.28
C GLY A 75 4.28 1.13 -6.47
N LEU A 76 2.99 1.36 -6.19
CA LEU A 76 2.43 2.70 -6.29
C LEU A 76 3.12 3.66 -5.35
N THR A 77 3.36 3.20 -4.12
CA THR A 77 3.97 4.05 -3.12
C THR A 77 5.40 4.39 -3.52
N LYS A 78 6.13 3.42 -4.10
CA LYS A 78 7.48 3.68 -4.58
C LYS A 78 7.49 4.72 -5.70
N SER A 79 6.65 4.55 -6.72
CA SER A 79 6.57 5.51 -7.82
C SER A 79 6.27 6.92 -7.32
N VAL A 80 5.28 7.04 -6.43
CA VAL A 80 4.91 8.33 -5.88
C VAL A 80 6.08 8.91 -5.09
N LEU A 81 6.81 8.06 -4.36
CA LEU A 81 7.98 8.54 -3.64
C LEU A 81 9.09 8.96 -4.59
N ALA A 82 9.22 8.29 -5.74
CA ALA A 82 10.23 8.65 -6.73
C ALA A 82 9.90 9.98 -7.40
N GLU A 83 8.62 10.20 -7.69
CA GLU A 83 8.16 11.47 -8.25
C GLU A 83 8.32 12.61 -7.24
N SER A 84 8.32 12.30 -5.95
CA SER A 84 8.41 13.31 -4.91
C SER A 84 9.82 13.42 -4.33
N GLY A 85 10.86 13.20 -5.14
CA GLY A 85 12.22 13.33 -4.64
C GLY A 85 12.47 12.56 -3.37
N LYS A 86 11.70 11.50 -3.14
CA LYS A 86 12.08 10.55 -2.11
C LYS A 86 12.39 9.22 -2.77
N LEU A 87 12.86 8.26 -1.99
CA LEU A 87 13.11 6.90 -2.44
C LEU A 87 14.60 6.68 -2.59
N GLU A 88 15.18 5.91 -1.66
CA GLU A 88 16.44 5.22 -1.87
C GLU A 88 16.06 3.86 -2.45
N HIS A 89 16.45 3.61 -3.69
CA HIS A 89 16.08 2.37 -4.38
C HIS A 89 17.31 1.65 -4.93
N HIS A 90 17.47 0.39 -4.54
CA HIS A 90 18.55 -0.43 -5.10
C HIS A 90 18.77 -1.71 -4.30
N ASP A 2 13.77 3.94 2.07
CA ASP A 2 14.28 2.87 1.20
C ASP A 2 13.32 1.69 1.00
N ASP A 3 13.71 0.75 0.14
CA ASP A 3 12.77 -0.28 -0.34
C ASP A 3 12.11 -1.02 0.81
N GLU A 4 12.91 -1.60 1.72
CA GLU A 4 12.33 -2.46 2.72
C GLU A 4 11.51 -1.66 3.73
N GLU A 5 11.86 -0.39 3.97
CA GLU A 5 11.12 0.38 4.95
C GLU A 5 9.78 0.84 4.36
N ILE A 6 9.70 0.96 3.03
CA ILE A 6 8.41 1.18 2.39
C ILE A 6 7.60 -0.11 2.38
N GLU A 7 8.27 -1.22 2.11
CA GLU A 7 7.57 -2.51 2.13
C GLU A 7 7.03 -2.83 3.53
N LYS A 8 7.78 -2.49 4.58
CA LYS A 8 7.33 -2.69 5.97
C LYS A 8 6.14 -1.80 6.30
N GLY A 9 6.24 -0.53 5.90
CA GLY A 9 5.22 0.44 6.23
C GLY A 9 3.90 0.22 5.51
N VAL A 10 3.95 -0.15 4.24
CA VAL A 10 2.71 -0.42 3.52
C VAL A 10 2.07 -1.69 4.06
N THR A 11 2.89 -2.71 4.37
CA THR A 11 2.35 -3.94 4.95
C THR A 11 1.63 -3.67 6.26
N SER A 12 2.23 -2.88 7.15
CA SER A 12 1.60 -2.56 8.43
C SER A 12 0.27 -1.86 8.23
N ILE A 13 0.20 -0.96 7.25
CA ILE A 13 -1.03 -0.21 7.00
C ILE A 13 -2.14 -1.13 6.52
N VAL A 14 -1.82 -1.99 5.56
CA VAL A 14 -2.81 -2.89 5.00
C VAL A 14 -3.28 -3.87 6.08
N ALA A 15 -2.35 -4.36 6.91
CA ALA A 15 -2.69 -5.18 8.07
C ALA A 15 -3.65 -4.46 9.03
N GLU A 16 -3.35 -3.21 9.35
CA GLU A 16 -4.19 -2.46 10.28
C GLU A 16 -5.59 -2.27 9.71
N VAL A 17 -5.68 -1.84 8.46
CA VAL A 17 -6.98 -1.49 7.89
C VAL A 17 -7.84 -2.74 7.74
N THR A 18 -7.23 -3.84 7.40
CA THR A 18 -7.93 -5.07 7.08
C THR A 18 -8.04 -6.02 8.26
N GLU A 19 -7.37 -5.70 9.37
CA GLU A 19 -7.43 -6.50 10.59
C GLU A 19 -6.93 -7.93 10.34
N LEU A 20 -5.85 -8.02 9.56
CA LEU A 20 -5.13 -9.27 9.34
C LEU A 20 -3.71 -9.15 9.89
N ASP A 21 -3.06 -10.30 10.01
CA ASP A 21 -1.72 -10.36 10.55
C ASP A 21 -0.69 -9.89 9.52
N GLU A 22 0.29 -9.10 9.97
CA GLU A 22 1.27 -8.53 9.07
C GLU A 22 2.00 -9.62 8.27
N LYS A 23 2.42 -10.70 8.93
CA LYS A 23 3.15 -11.73 8.19
C LYS A 23 2.24 -12.48 7.22
N GLU A 24 0.99 -12.72 7.62
CA GLU A 24 0.14 -13.53 6.75
C GLU A 24 -0.18 -12.78 5.46
N ILE A 25 -0.27 -11.45 5.48
CA ILE A 25 -0.59 -10.75 4.23
C ILE A 25 0.66 -10.41 3.45
N TRP A 26 1.82 -10.30 4.10
CA TRP A 26 3.06 -10.34 3.32
C TRP A 26 3.14 -11.62 2.49
N GLU A 27 2.79 -12.76 3.09
CA GLU A 27 2.74 -14.00 2.35
C GLU A 27 1.75 -13.91 1.19
N LYS A 28 0.69 -13.13 1.37
CA LYS A 28 -0.38 -12.87 0.41
C LYS A 28 -0.07 -11.72 -0.54
N ARG A 29 1.20 -11.33 -0.70
CA ARG A 29 1.48 -10.01 -1.28
C ARG A 29 1.08 -9.88 -2.75
N ASP A 30 1.11 -10.97 -3.52
CA ASP A 30 0.77 -10.89 -4.94
C ASP A 30 -0.73 -11.07 -5.23
N ALA A 31 -1.52 -11.58 -4.27
CA ALA A 31 -2.95 -11.81 -4.45
C ALA A 31 -3.72 -10.52 -4.71
N ASN A 32 -4.97 -10.67 -5.19
CA ASN A 32 -5.89 -9.54 -5.33
C ASN A 32 -6.59 -9.25 -4.01
N PHE A 33 -7.00 -7.99 -3.81
CA PHE A 33 -7.51 -7.52 -2.52
C PHE A 33 -8.97 -7.92 -2.32
N PHE A 34 -9.77 -7.78 -3.37
CA PHE A 34 -11.21 -7.87 -3.21
C PHE A 34 -11.73 -9.28 -3.41
N GLN A 35 -11.36 -9.97 -4.50
CA GLN A 35 -11.89 -11.31 -4.69
C GLN A 35 -11.07 -12.35 -3.94
N ASP A 36 -9.77 -12.11 -3.71
CA ASP A 36 -8.98 -13.05 -2.93
C ASP A 36 -8.58 -12.55 -1.55
N LEU A 37 -9.26 -11.55 -0.97
CA LEU A 37 -8.99 -11.17 0.41
C LEU A 37 -10.06 -10.26 1.01
N GLU A 38 -11.33 -10.36 0.55
CA GLU A 38 -12.51 -9.73 1.19
C GLU A 38 -12.62 -8.24 0.87
N ILE A 39 -11.47 -7.56 0.81
CA ILE A 39 -11.35 -6.10 0.81
C ILE A 39 -12.31 -5.46 -0.21
N ASP A 40 -12.65 -4.18 0.01
CA ASP A 40 -13.47 -3.37 -0.91
C ASP A 40 -12.99 -1.91 -0.96
N SER A 41 -13.88 -1.01 -1.44
CA SER A 41 -13.44 0.32 -1.86
C SER A 41 -13.25 1.28 -0.70
N LEU A 42 -14.11 1.22 0.33
CA LEU A 42 -13.87 2.03 1.52
C LEU A 42 -12.52 1.71 2.15
N LEU A 43 -12.19 0.42 2.25
CA LEU A 43 -10.91 0.06 2.84
C LEU A 43 -9.76 0.56 1.98
N ALA A 44 -9.91 0.52 0.66
CA ALA A 44 -8.82 0.99 -0.20
C ALA A 44 -8.58 2.48 0.00
N LEU A 45 -9.64 3.25 0.17
CA LEU A 45 -9.46 4.67 0.44
C LEU A 45 -8.78 4.87 1.78
N GLU A 46 -9.11 4.06 2.79
CA GLU A 46 -8.41 4.15 4.06
C GLU A 46 -6.91 3.90 3.86
N ILE A 47 -6.60 2.85 3.09
CA ILE A 47 -5.21 2.49 2.84
C ILE A 47 -4.49 3.66 2.18
N LEU A 48 -5.10 4.23 1.14
CA LEU A 48 -4.49 5.36 0.45
C LEU A 48 -4.21 6.50 1.42
N ALA A 49 -5.18 6.82 2.28
CA ALA A 49 -5.04 7.97 3.17
C ALA A 49 -3.94 7.75 4.19
N LEU A 50 -3.82 6.53 4.72
CA LEU A 50 -2.82 6.25 5.74
C LEU A 50 -1.41 6.24 5.14
N ILE A 51 -1.28 5.88 3.88
CA ILE A 51 0.05 5.92 3.25
C ILE A 51 0.51 7.38 3.15
N GLU A 52 -0.41 8.29 2.90
CA GLU A 52 -0.09 9.71 3.01
C GLU A 52 0.38 10.08 4.43
N LYS A 53 -0.34 9.63 5.45
CA LYS A 53 0.05 10.06 6.79
C LYS A 53 1.47 9.63 7.12
N LYS A 54 1.82 8.36 6.89
CA LYS A 54 3.08 7.86 7.42
C LYS A 54 4.28 8.32 6.59
N PHE A 55 4.12 8.43 5.27
CA PHE A 55 5.23 8.72 4.38
C PHE A 55 5.37 10.21 4.09
N LYS A 56 4.37 11.00 4.43
CA LYS A 56 4.34 12.45 4.20
C LYS A 56 4.42 12.74 2.70
N VAL A 57 3.35 12.30 2.03
CA VAL A 57 3.26 12.29 0.59
C VAL A 57 1.78 12.42 0.25
N GLN A 58 1.49 13.09 -0.86
CA GLN A 58 0.11 13.18 -1.30
C GLN A 58 -0.06 12.36 -2.56
N ILE A 59 -1.15 11.59 -2.61
CA ILE A 59 -1.36 10.59 -3.64
C ILE A 59 -2.65 10.96 -4.37
N PRO A 60 -2.61 11.30 -5.65
CA PRO A 60 -3.83 11.72 -6.34
C PRO A 60 -4.95 10.72 -6.09
N GLU A 61 -6.18 11.18 -6.29
CA GLU A 61 -7.31 10.29 -6.11
C GLU A 61 -7.43 9.31 -7.27
N GLU A 62 -6.68 9.55 -8.35
CA GLU A 62 -6.66 8.63 -9.48
C GLU A 62 -6.18 7.24 -9.11
N LYS A 63 -5.09 7.14 -8.36
CA LYS A 63 -4.27 5.93 -8.35
C LYS A 63 -4.68 4.89 -7.32
N LEU A 64 -5.89 4.91 -6.79
CA LEU A 64 -6.27 3.69 -6.11
C LEU A 64 -6.40 2.54 -7.12
N VAL A 65 -6.52 2.88 -8.41
CA VAL A 65 -6.51 1.86 -9.47
C VAL A 65 -5.35 0.89 -9.31
N ASP A 66 -4.30 1.32 -8.62
CA ASP A 66 -3.18 0.46 -8.28
C ASP A 66 -3.37 -0.28 -6.97
N ILE A 67 -4.52 -0.10 -6.32
CA ILE A 67 -4.76 -0.61 -4.97
C ILE A 67 -5.42 -1.97 -5.09
N THR A 68 -4.78 -2.88 -5.83
CA THR A 68 -5.34 -4.19 -6.12
C THR A 68 -4.57 -5.34 -5.51
N SER A 69 -3.48 -5.07 -4.80
CA SER A 69 -2.69 -6.09 -4.12
C SER A 69 -1.65 -5.36 -3.28
N LEU A 70 -1.09 -6.08 -2.32
CA LEU A 70 -0.03 -5.45 -1.54
C LEU A 70 1.09 -5.03 -2.47
N SER A 71 1.45 -5.92 -3.41
CA SER A 71 2.58 -5.65 -4.30
C SER A 71 2.31 -4.44 -5.19
N ALA A 72 1.10 -4.36 -5.77
CA ALA A 72 0.73 -3.17 -6.52
C ALA A 72 0.75 -1.93 -5.65
N THR A 73 0.25 -2.05 -4.42
CA THR A 73 0.21 -0.89 -3.53
C THR A 73 1.61 -0.42 -3.18
N ILE A 74 2.50 -1.37 -2.92
CA ILE A 74 3.90 -1.03 -2.67
C ILE A 74 4.50 -0.32 -3.88
N GLY A 75 4.28 -0.88 -5.08
CA GLY A 75 4.81 -0.27 -6.28
C GLY A 75 4.30 1.14 -6.47
N LEU A 76 3.01 1.35 -6.18
CA LEU A 76 2.43 2.68 -6.28
C LEU A 76 3.12 3.65 -5.32
N THR A 77 3.36 3.20 -4.09
CA THR A 77 3.97 4.03 -3.09
C THR A 77 5.41 4.38 -3.49
N LYS A 78 6.14 3.41 -4.06
CA LYS A 78 7.50 3.68 -4.54
C LYS A 78 7.48 4.70 -5.69
N SER A 79 6.61 4.48 -6.68
CA SER A 79 6.46 5.40 -7.80
C SER A 79 6.19 6.84 -7.34
N VAL A 80 5.27 7.00 -6.40
CA VAL A 80 4.91 8.33 -5.90
C VAL A 80 6.07 8.92 -5.09
N LEU A 81 6.80 8.07 -4.36
CA LEU A 81 7.95 8.57 -3.62
C LEU A 81 9.07 8.99 -4.56
N ALA A 82 9.22 8.31 -5.71
CA ALA A 82 10.24 8.69 -6.69
C ALA A 82 9.87 10.00 -7.37
N GLU A 83 8.57 10.20 -7.59
CA GLU A 83 8.06 11.45 -8.12
C GLU A 83 8.40 12.65 -7.24
N SER A 84 8.53 12.46 -5.94
CA SER A 84 8.83 13.56 -5.03
C SER A 84 10.31 13.67 -4.71
N GLY A 85 11.18 13.04 -5.49
CA GLY A 85 12.59 13.21 -5.22
C GLY A 85 13.03 12.47 -3.98
N LYS A 86 12.08 12.13 -3.12
CA LYS A 86 12.25 11.05 -2.18
C LYS A 86 12.77 9.79 -2.89
N LEU A 87 12.78 8.68 -2.17
CA LEU A 87 13.00 7.32 -2.68
C LEU A 87 14.47 7.02 -2.86
N GLU A 88 14.97 6.09 -2.06
CA GLU A 88 16.25 5.45 -2.36
C GLU A 88 15.91 4.01 -2.70
N HIS A 89 15.86 3.72 -3.99
CA HIS A 89 15.58 2.39 -4.52
C HIS A 89 16.89 1.63 -4.72
N HIS A 90 16.94 0.43 -4.16
CA HIS A 90 18.05 -0.53 -4.30
C HIS A 90 17.43 -1.94 -4.33
N ASP A 2 13.68 3.99 2.10
CA ASP A 2 14.13 2.92 1.19
C ASP A 2 13.19 1.70 1.10
N ASP A 3 13.67 0.65 0.45
CA ASP A 3 12.78 -0.37 -0.08
C ASP A 3 12.06 -1.16 1.02
N GLU A 4 12.79 -1.90 1.87
CA GLU A 4 12.03 -2.69 2.83
C GLU A 4 11.41 -1.77 3.90
N GLU A 5 11.82 -0.48 3.93
CA GLU A 5 11.14 0.48 4.80
C GLU A 5 9.76 0.81 4.26
N ILE A 6 9.65 0.99 2.93
CA ILE A 6 8.34 1.20 2.32
C ILE A 6 7.56 -0.10 2.28
N GLU A 7 8.24 -1.21 2.05
CA GLU A 7 7.55 -2.49 2.04
C GLU A 7 6.96 -2.84 3.42
N LYS A 8 7.69 -2.53 4.49
CA LYS A 8 7.18 -2.84 5.83
C LYS A 8 6.12 -1.83 6.28
N GLY A 9 6.29 -0.57 5.89
CA GLY A 9 5.29 0.44 6.20
C GLY A 9 3.97 0.23 5.50
N VAL A 10 3.99 -0.15 4.23
CA VAL A 10 2.73 -0.41 3.54
C VAL A 10 2.08 -1.68 4.09
N THR A 11 2.88 -2.72 4.36
CA THR A 11 2.34 -3.94 4.93
C THR A 11 1.63 -3.66 6.25
N SER A 12 2.26 -2.89 7.12
CA SER A 12 1.65 -2.51 8.39
C SER A 12 0.30 -1.83 8.16
N ILE A 13 0.23 -0.90 7.21
CA ILE A 13 -1.01 -0.18 6.95
C ILE A 13 -2.11 -1.14 6.48
N VAL A 14 -1.78 -1.99 5.52
CA VAL A 14 -2.78 -2.88 4.97
C VAL A 14 -3.26 -3.86 6.05
N ALA A 15 -2.33 -4.31 6.92
CA ALA A 15 -2.68 -5.15 8.06
C ALA A 15 -3.68 -4.46 9.01
N GLU A 16 -3.43 -3.20 9.35
CA GLU A 16 -4.32 -2.53 10.31
C GLU A 16 -5.71 -2.35 9.70
N VAL A 17 -5.76 -1.90 8.45
CA VAL A 17 -7.05 -1.62 7.82
C VAL A 17 -7.85 -2.90 7.63
N THR A 18 -7.19 -3.99 7.29
CA THR A 18 -7.87 -5.23 6.97
C THR A 18 -8.03 -6.15 8.19
N GLU A 19 -7.42 -5.78 9.31
CA GLU A 19 -7.44 -6.56 10.55
C GLU A 19 -6.93 -7.98 10.30
N LEU A 20 -5.83 -8.09 9.55
CA LEU A 20 -5.08 -9.33 9.37
C LEU A 20 -3.65 -9.17 9.89
N ASP A 21 -2.99 -10.30 10.10
CA ASP A 21 -1.61 -10.32 10.59
C ASP A 21 -0.62 -9.87 9.50
N GLU A 22 0.40 -9.08 9.90
CA GLU A 22 1.41 -8.61 8.95
C GLU A 22 2.05 -9.74 8.17
N LYS A 23 2.52 -10.80 8.84
CA LYS A 23 3.18 -11.88 8.10
C LYS A 23 2.22 -12.51 7.10
N GLU A 24 0.97 -12.68 7.51
CA GLU A 24 -0.01 -13.31 6.65
C GLU A 24 -0.19 -12.52 5.36
N ILE A 25 -0.39 -11.22 5.42
CA ILE A 25 -0.66 -10.52 4.18
C ILE A 25 0.63 -10.29 3.39
N TRP A 26 1.78 -10.25 4.06
CA TRP A 26 3.04 -10.31 3.31
C TRP A 26 3.09 -11.61 2.48
N GLU A 27 2.71 -12.74 3.08
CA GLU A 27 2.74 -14.00 2.36
C GLU A 27 1.91 -13.94 1.08
N LYS A 28 0.78 -13.27 1.13
CA LYS A 28 -0.09 -13.12 -0.03
C LYS A 28 0.04 -11.73 -0.64
N ARG A 29 1.26 -11.26 -0.72
CA ARG A 29 1.51 -9.94 -1.31
C ARG A 29 1.03 -9.85 -2.76
N ASP A 30 0.96 -10.98 -3.48
CA ASP A 30 0.47 -11.00 -4.85
C ASP A 30 -1.03 -11.31 -4.97
N ALA A 31 -1.72 -11.66 -3.89
CA ALA A 31 -3.13 -11.97 -3.97
C ALA A 31 -3.94 -10.71 -4.28
N ASN A 32 -5.10 -10.90 -4.90
CA ASN A 32 -5.93 -9.75 -5.26
C ASN A 32 -6.78 -9.30 -4.09
N PHE A 33 -7.04 -7.99 -4.03
CA PHE A 33 -7.67 -7.39 -2.86
C PHE A 33 -9.19 -7.65 -2.83
N PHE A 34 -9.87 -7.50 -3.96
CA PHE A 34 -11.33 -7.61 -3.94
C PHE A 34 -11.82 -9.06 -4.01
N GLN A 35 -10.93 -10.04 -4.21
CA GLN A 35 -11.36 -11.42 -4.34
C GLN A 35 -10.65 -12.34 -3.35
N ASP A 36 -9.35 -12.17 -3.16
CA ASP A 36 -8.59 -13.09 -2.31
C ASP A 36 -8.41 -12.60 -0.87
N LEU A 37 -8.69 -11.33 -0.55
CA LEU A 37 -8.33 -10.81 0.76
C LEU A 37 -9.31 -9.78 1.32
N GLU A 38 -10.42 -9.50 0.64
CA GLU A 38 -11.65 -9.01 1.27
C GLU A 38 -11.77 -7.48 1.30
N ILE A 39 -10.89 -6.80 0.56
CA ILE A 39 -10.93 -5.33 0.48
C ILE A 39 -12.13 -4.91 -0.36
N ASP A 40 -12.78 -3.82 0.06
CA ASP A 40 -13.76 -3.09 -0.74
C ASP A 40 -13.28 -1.64 -0.91
N SER A 41 -14.09 -0.81 -1.57
CA SER A 41 -13.59 0.50 -1.96
C SER A 41 -13.34 1.42 -0.77
N LEU A 42 -14.14 1.31 0.29
CA LEU A 42 -13.85 2.09 1.49
C LEU A 42 -12.50 1.72 2.08
N LEU A 43 -12.22 0.43 2.15
CA LEU A 43 -10.95 -0.01 2.72
C LEU A 43 -9.78 0.51 1.88
N ALA A 44 -9.87 0.41 0.55
CA ALA A 44 -8.77 0.89 -0.28
C ALA A 44 -8.57 2.38 -0.05
N LEU A 45 -9.65 3.11 0.17
CA LEU A 45 -9.54 4.54 0.39
C LEU A 45 -8.83 4.83 1.71
N GLU A 46 -9.08 4.03 2.75
CA GLU A 46 -8.37 4.27 4.00
C GLU A 46 -6.90 3.92 3.84
N ILE A 47 -6.60 2.86 3.10
CA ILE A 47 -5.21 2.51 2.81
C ILE A 47 -4.50 3.69 2.17
N LEU A 48 -5.09 4.24 1.10
CA LEU A 48 -4.52 5.42 0.44
C LEU A 48 -4.24 6.53 1.44
N ALA A 49 -5.21 6.83 2.32
CA ALA A 49 -5.07 7.96 3.23
C ALA A 49 -3.93 7.73 4.22
N LEU A 50 -3.85 6.51 4.77
CA LEU A 50 -2.81 6.23 5.75
C LEU A 50 -1.42 6.23 5.11
N ILE A 51 -1.33 5.86 3.84
CA ILE A 51 -0.04 5.90 3.18
C ILE A 51 0.41 7.35 3.03
N GLU A 52 -0.44 8.20 2.47
CA GLU A 52 -0.08 9.61 2.28
C GLU A 52 0.61 10.18 3.51
N LYS A 53 0.01 9.96 4.69
CA LYS A 53 0.51 10.57 5.92
C LYS A 53 1.83 9.96 6.37
N LYS A 54 1.98 8.64 6.25
CA LYS A 54 3.19 8.01 6.76
C LYS A 54 4.41 8.30 5.90
N PHE A 55 4.20 8.49 4.60
CA PHE A 55 5.30 8.81 3.70
C PHE A 55 5.30 10.27 3.26
N LYS A 56 4.61 11.13 4.03
CA LYS A 56 4.51 12.57 3.78
C LYS A 56 4.39 12.83 2.28
N VAL A 57 3.41 12.18 1.68
CA VAL A 57 3.35 12.02 0.24
C VAL A 57 1.91 12.28 -0.20
N GLN A 58 1.75 13.01 -1.30
CA GLN A 58 0.42 13.29 -1.80
C GLN A 58 0.06 12.31 -2.91
N ILE A 59 -1.11 11.70 -2.79
CA ILE A 59 -1.55 10.67 -3.72
C ILE A 59 -3.00 10.99 -4.07
N PRO A 60 -3.29 11.55 -5.23
CA PRO A 60 -4.69 11.69 -5.63
C PRO A 60 -5.42 10.37 -5.47
N GLU A 61 -6.74 10.41 -5.65
CA GLU A 61 -7.50 9.16 -5.66
C GLU A 61 -7.61 8.62 -7.08
N GLU A 62 -7.30 9.45 -8.07
CA GLU A 62 -7.09 8.97 -9.44
C GLU A 62 -6.37 7.63 -9.50
N LYS A 63 -5.56 7.29 -8.49
CA LYS A 63 -4.76 6.07 -8.52
C LYS A 63 -5.09 5.07 -7.40
N LEU A 64 -6.35 4.79 -7.10
CA LEU A 64 -6.53 3.52 -6.38
C LEU A 64 -6.88 2.41 -7.35
N VAL A 65 -6.84 2.69 -8.66
CA VAL A 65 -6.60 1.63 -9.65
C VAL A 65 -5.63 0.59 -9.12
N ASP A 66 -4.33 0.96 -9.00
CA ASP A 66 -3.25 0.07 -8.57
C ASP A 66 -3.51 -0.63 -7.26
N ILE A 67 -4.63 -0.35 -6.59
CA ILE A 67 -4.93 -0.87 -5.26
C ILE A 67 -5.54 -2.26 -5.42
N THR A 68 -4.87 -3.12 -6.18
CA THR A 68 -5.34 -4.48 -6.43
C THR A 68 -4.54 -5.56 -5.71
N SER A 69 -3.46 -5.21 -5.02
CA SER A 69 -2.71 -6.16 -4.21
C SER A 69 -1.70 -5.41 -3.37
N LEU A 70 -1.09 -6.13 -2.43
CA LEU A 70 -0.05 -5.49 -1.63
C LEU A 70 1.10 -5.07 -2.53
N SER A 71 1.54 -5.98 -3.41
CA SER A 71 2.65 -5.67 -4.29
C SER A 71 2.33 -4.46 -5.15
N ALA A 72 1.11 -4.40 -5.69
CA ALA A 72 0.67 -3.21 -6.41
C ALA A 72 0.71 -1.97 -5.53
N THR A 73 0.24 -2.07 -4.29
CA THR A 73 0.20 -0.89 -3.44
C THR A 73 1.61 -0.42 -3.11
N ILE A 74 2.51 -1.38 -2.88
CA ILE A 74 3.92 -1.04 -2.66
C ILE A 74 4.50 -0.33 -3.87
N GLY A 75 4.25 -0.85 -5.06
CA GLY A 75 4.79 -0.25 -6.26
C GLY A 75 4.29 1.16 -6.46
N LEU A 76 2.99 1.38 -6.19
CA LEU A 76 2.43 2.72 -6.26
C LEU A 76 3.14 3.67 -5.31
N THR A 77 3.36 3.22 -4.08
CA THR A 77 3.98 4.06 -3.08
C THR A 77 5.42 4.40 -3.48
N LYS A 78 6.15 3.44 -4.05
CA LYS A 78 7.52 3.72 -4.51
C LYS A 78 7.54 4.76 -5.64
N SER A 79 6.60 4.64 -6.59
CA SER A 79 6.53 5.56 -7.73
C SER A 79 6.29 7.01 -7.31
N VAL A 80 5.29 7.27 -6.45
CA VAL A 80 5.06 8.65 -6.04
C VAL A 80 6.17 9.12 -5.11
N LEU A 81 6.76 8.21 -4.35
CA LEU A 81 7.95 8.59 -3.60
C LEU A 81 9.06 9.02 -4.56
N ALA A 82 9.24 8.31 -5.68
CA ALA A 82 10.25 8.68 -6.65
C ALA A 82 9.86 9.96 -7.39
N GLU A 83 8.55 10.14 -7.58
CA GLU A 83 8.00 11.36 -8.17
C GLU A 83 8.36 12.59 -7.36
N SER A 84 8.57 12.46 -6.06
CA SER A 84 9.00 13.58 -5.23
C SER A 84 10.38 13.38 -4.61
N GLY A 85 11.30 12.74 -5.32
CA GLY A 85 12.69 12.75 -4.91
C GLY A 85 12.97 12.16 -3.55
N LYS A 86 12.18 11.16 -3.14
CA LYS A 86 12.27 10.58 -1.80
C LYS A 86 12.82 9.16 -1.86
N LEU A 87 12.56 8.46 -2.96
CA LEU A 87 12.82 7.03 -3.08
C LEU A 87 14.33 6.80 -3.04
N GLU A 88 14.79 6.05 -2.05
CA GLU A 88 16.14 5.50 -2.08
C GLU A 88 15.98 4.03 -2.45
N HIS A 89 16.11 3.77 -3.74
CA HIS A 89 15.80 2.46 -4.33
C HIS A 89 17.08 1.77 -4.75
N HIS A 90 17.13 0.46 -4.52
CA HIS A 90 18.32 -0.32 -4.88
C HIS A 90 17.94 -1.42 -5.85
N ASP A 2 13.40 4.61 1.39
CA ASP A 2 14.06 3.32 1.04
C ASP A 2 13.24 2.01 0.94
N ASP A 3 13.62 1.23 -0.07
CA ASP A 3 13.33 -0.20 -0.19
C ASP A 3 12.42 -0.72 0.94
N GLU A 4 13.00 -0.96 2.11
CA GLU A 4 12.36 -1.84 3.06
C GLU A 4 11.54 -1.08 4.09
N GLU A 5 11.90 0.17 4.37
CA GLU A 5 10.97 1.00 5.12
C GLU A 5 9.63 1.09 4.41
N ILE A 6 9.63 1.14 3.07
CA ILE A 6 8.38 1.24 2.32
C ILE A 6 7.61 -0.08 2.39
N GLU A 7 8.29 -1.19 2.14
CA GLU A 7 7.60 -2.48 2.13
C GLU A 7 6.99 -2.81 3.48
N LYS A 8 7.70 -2.51 4.57
CA LYS A 8 7.17 -2.83 5.89
C LYS A 8 6.09 -1.83 6.32
N GLY A 9 6.28 -0.56 5.95
CA GLY A 9 5.29 0.46 6.25
C GLY A 9 3.96 0.22 5.56
N VAL A 10 3.97 -0.13 4.28
CA VAL A 10 2.73 -0.40 3.57
C VAL A 10 2.07 -1.67 4.11
N THR A 11 2.87 -2.72 4.36
CA THR A 11 2.32 -3.94 4.93
C THR A 11 1.60 -3.65 6.25
N SER A 12 2.24 -2.88 7.13
CA SER A 12 1.63 -2.56 8.42
C SER A 12 0.28 -1.86 8.22
N ILE A 13 0.19 -0.96 7.24
CA ILE A 13 -1.06 -0.23 7.01
C ILE A 13 -2.13 -1.16 6.47
N VAL A 14 -1.79 -1.99 5.50
CA VAL A 14 -2.79 -2.88 4.92
C VAL A 14 -3.28 -3.86 5.98
N ALA A 15 -2.34 -4.37 6.81
CA ALA A 15 -2.70 -5.23 7.94
C ALA A 15 -3.67 -4.55 8.89
N GLU A 16 -3.38 -3.30 9.24
CA GLU A 16 -4.29 -2.57 10.10
C GLU A 16 -5.69 -2.53 9.49
N VAL A 17 -5.79 -2.03 8.26
CA VAL A 17 -7.11 -1.78 7.66
C VAL A 17 -7.89 -3.08 7.46
N THR A 18 -7.23 -4.15 7.09
CA THR A 18 -7.92 -5.41 6.86
C THR A 18 -8.11 -6.20 8.15
N GLU A 19 -7.48 -5.77 9.24
CA GLU A 19 -7.48 -6.46 10.51
C GLU A 19 -6.93 -7.88 10.35
N LEU A 20 -5.84 -7.99 9.58
CA LEU A 20 -5.11 -9.24 9.41
C LEU A 20 -3.69 -9.11 9.94
N ASP A 21 -3.03 -10.26 10.05
CA ASP A 21 -1.69 -10.33 10.59
C ASP A 21 -0.64 -9.85 9.57
N GLU A 22 0.31 -9.03 10.01
CA GLU A 22 1.32 -8.50 9.11
C GLU A 22 2.01 -9.60 8.30
N LYS A 23 2.47 -10.67 8.94
CA LYS A 23 3.20 -11.68 8.19
C LYS A 23 2.28 -12.41 7.21
N GLU A 24 1.02 -12.59 7.59
CA GLU A 24 0.09 -13.31 6.74
C GLU A 24 -0.22 -12.48 5.48
N ILE A 25 -0.35 -11.15 5.60
CA ILE A 25 -0.58 -10.33 4.41
C ILE A 25 0.67 -10.28 3.53
N TRP A 26 1.84 -10.23 4.15
CA TRP A 26 3.08 -10.30 3.36
C TRP A 26 3.12 -11.60 2.53
N GLU A 27 2.74 -12.73 3.14
CA GLU A 27 2.79 -13.98 2.41
C GLU A 27 1.91 -13.95 1.17
N LYS A 28 0.79 -13.24 1.22
CA LYS A 28 -0.11 -13.10 0.09
C LYS A 28 0.01 -11.73 -0.58
N ARG A 29 1.24 -11.25 -0.71
CA ARG A 29 1.48 -9.99 -1.39
C ARG A 29 1.04 -10.01 -2.86
N ASP A 30 1.14 -11.15 -3.54
CA ASP A 30 0.70 -11.32 -4.92
C ASP A 30 -0.82 -11.45 -5.06
N ALA A 31 -1.56 -11.70 -3.99
CA ALA A 31 -2.98 -11.97 -4.08
C ALA A 31 -3.73 -10.72 -4.54
N ASN A 32 -5.04 -10.86 -4.72
CA ASN A 32 -5.90 -9.74 -5.07
C ASN A 32 -6.70 -9.30 -3.85
N PHE A 33 -6.68 -8.00 -3.57
CA PHE A 33 -7.42 -7.44 -2.43
C PHE A 33 -8.91 -7.75 -2.56
N PHE A 34 -9.49 -7.42 -3.72
CA PHE A 34 -10.93 -7.24 -3.83
C PHE A 34 -11.69 -8.55 -3.98
N GLN A 35 -11.03 -9.69 -3.79
CA GLN A 35 -11.64 -10.98 -4.08
C GLN A 35 -11.16 -12.05 -3.11
N ASP A 36 -9.93 -11.92 -2.61
CA ASP A 36 -9.35 -12.86 -1.65
C ASP A 36 -9.32 -12.35 -0.22
N LEU A 37 -8.92 -11.11 -0.01
CA LEU A 37 -8.68 -10.62 1.34
C LEU A 37 -9.90 -9.89 1.91
N GLU A 38 -10.88 -9.56 1.06
CA GLU A 38 -12.06 -8.77 1.45
C GLU A 38 -11.72 -7.29 1.57
N ILE A 39 -11.60 -6.61 0.43
CA ILE A 39 -11.27 -5.20 0.38
C ILE A 39 -12.14 -4.47 -0.64
N ASP A 40 -13.14 -3.75 -0.13
CA ASP A 40 -13.96 -2.86 -0.94
C ASP A 40 -13.28 -1.50 -1.06
N SER A 41 -14.01 -0.52 -1.62
CA SER A 41 -13.39 0.76 -1.93
C SER A 41 -13.18 1.62 -0.70
N LEU A 42 -14.00 1.44 0.34
CA LEU A 42 -13.77 2.16 1.59
C LEU A 42 -12.44 1.79 2.22
N LEU A 43 -12.15 0.49 2.31
CA LEU A 43 -10.88 0.08 2.88
C LEU A 43 -9.72 0.54 1.99
N ALA A 44 -9.88 0.40 0.67
CA ALA A 44 -8.83 0.87 -0.24
C ALA A 44 -8.61 2.37 -0.08
N LEU A 45 -9.69 3.12 0.03
CA LEU A 45 -9.58 4.55 0.28
C LEU A 45 -8.86 4.80 1.61
N GLU A 46 -9.13 3.96 2.62
CA GLU A 46 -8.43 4.15 3.89
C GLU A 46 -6.94 3.86 3.74
N ILE A 47 -6.62 2.79 3.02
CA ILE A 47 -5.22 2.45 2.78
C ILE A 47 -4.52 3.65 2.15
N LEU A 48 -5.09 4.21 1.09
CA LEU A 48 -4.48 5.37 0.42
C LEU A 48 -4.22 6.51 1.40
N ALA A 49 -5.21 6.84 2.23
CA ALA A 49 -5.08 7.99 3.12
C ALA A 49 -3.99 7.75 4.16
N LEU A 50 -3.90 6.53 4.68
CA LEU A 50 -2.86 6.19 5.64
C LEU A 50 -1.49 6.20 4.98
N ILE A 51 -1.41 5.81 3.70
CA ILE A 51 -0.14 5.90 3.00
C ILE A 51 0.25 7.38 2.85
N GLU A 52 -0.64 8.17 2.26
CA GLU A 52 -0.41 9.62 2.18
C GLU A 52 -0.03 10.17 3.54
N LYS A 53 -0.78 9.82 4.57
CA LYS A 53 -0.43 10.29 5.90
C LYS A 53 0.96 9.82 6.33
N LYS A 54 1.35 8.60 5.94
CA LYS A 54 2.56 8.02 6.53
C LYS A 54 3.80 8.26 5.66
N PHE A 55 3.64 8.53 4.37
CA PHE A 55 4.79 8.81 3.50
C PHE A 55 4.79 10.23 2.91
N LYS A 56 4.17 11.18 3.62
CA LYS A 56 4.03 12.60 3.23
C LYS A 56 3.85 12.79 1.72
N VAL A 57 3.24 11.78 1.13
CA VAL A 57 2.99 11.74 -0.30
C VAL A 57 1.56 12.20 -0.51
N GLN A 58 1.28 12.70 -1.69
CA GLN A 58 -0.10 12.87 -2.09
C GLN A 58 -0.35 12.04 -3.34
N ILE A 59 -1.10 10.95 -3.15
CA ILE A 59 -1.60 10.13 -4.25
C ILE A 59 -2.95 10.73 -4.63
N PRO A 60 -3.16 11.16 -5.87
CA PRO A 60 -4.53 11.49 -6.28
C PRO A 60 -5.42 10.25 -6.20
N GLU A 61 -6.56 10.40 -5.53
CA GLU A 61 -7.54 9.31 -5.45
C GLU A 61 -7.76 8.71 -6.84
N GLU A 62 -7.58 9.52 -7.87
CA GLU A 62 -7.56 9.04 -9.26
C GLU A 62 -6.62 7.84 -9.44
N LYS A 63 -5.83 7.49 -8.41
CA LYS A 63 -5.04 6.25 -8.41
C LYS A 63 -5.61 5.19 -7.47
N LEU A 64 -6.87 5.35 -7.04
CA LEU A 64 -7.62 4.23 -6.48
C LEU A 64 -8.01 3.24 -7.57
N VAL A 65 -7.40 3.35 -8.75
CA VAL A 65 -7.43 2.25 -9.72
C VAL A 65 -6.30 1.28 -9.43
N ASP A 66 -5.07 1.80 -9.26
CA ASP A 66 -3.90 0.97 -9.01
C ASP A 66 -4.09 0.02 -7.83
N ILE A 67 -4.21 0.56 -6.62
CA ILE A 67 -4.42 -0.19 -5.37
C ILE A 67 -5.25 -1.44 -5.63
N THR A 68 -4.65 -2.62 -5.43
CA THR A 68 -5.32 -3.89 -5.75
C THR A 68 -4.62 -5.13 -5.20
N SER A 69 -3.36 -5.03 -4.81
CA SER A 69 -2.67 -6.08 -4.07
C SER A 69 -1.67 -5.37 -3.18
N LEU A 70 -1.03 -6.11 -2.28
CA LEU A 70 0.03 -5.48 -1.53
C LEU A 70 1.15 -5.06 -2.48
N SER A 71 1.47 -5.92 -3.44
CA SER A 71 2.55 -5.66 -4.38
C SER A 71 2.30 -4.39 -5.20
N ALA A 72 1.13 -4.28 -5.83
CA ALA A 72 0.80 -3.07 -6.56
C ALA A 72 0.78 -1.86 -5.64
N THR A 73 0.30 -2.01 -4.41
CA THR A 73 0.24 -0.88 -3.51
C THR A 73 1.64 -0.41 -3.13
N ILE A 74 2.53 -1.37 -2.84
CA ILE A 74 3.93 -1.04 -2.63
C ILE A 74 4.50 -0.36 -3.87
N GLY A 75 4.22 -0.90 -5.04
CA GLY A 75 4.76 -0.33 -6.26
C GLY A 75 4.25 1.08 -6.49
N LEU A 76 2.98 1.32 -6.17
CA LEU A 76 2.41 2.66 -6.27
C LEU A 76 3.12 3.63 -5.32
N THR A 77 3.35 3.17 -4.10
CA THR A 77 3.97 4.02 -3.10
C THR A 77 5.41 4.37 -3.50
N LYS A 78 6.14 3.41 -4.09
CA LYS A 78 7.50 3.69 -4.56
C LYS A 78 7.51 4.74 -5.68
N SER A 79 6.64 4.57 -6.67
CA SER A 79 6.60 5.51 -7.80
C SER A 79 6.26 6.93 -7.35
N VAL A 80 5.28 7.07 -6.46
CA VAL A 80 4.95 8.39 -5.92
C VAL A 80 6.12 8.93 -5.12
N LEU A 81 6.80 8.08 -4.37
CA LEU A 81 7.95 8.56 -3.61
C LEU A 81 9.08 8.98 -4.55
N ALA A 82 9.21 8.32 -5.70
CA ALA A 82 10.23 8.71 -6.69
C ALA A 82 9.86 10.04 -7.33
N GLU A 83 8.57 10.24 -7.61
CA GLU A 83 8.00 11.55 -7.90
C GLU A 83 8.37 12.59 -6.85
N SER A 84 8.43 12.20 -5.59
CA SER A 84 8.73 13.10 -4.49
C SER A 84 10.21 13.42 -4.39
N GLY A 85 11.05 12.80 -5.23
CA GLY A 85 12.47 12.86 -5.01
C GLY A 85 12.90 12.27 -3.70
N LYS A 86 12.22 11.22 -3.24
CA LYS A 86 12.31 10.85 -1.83
C LYS A 86 12.42 9.33 -1.69
N LEU A 87 12.80 8.63 -2.76
CA LEU A 87 12.97 7.18 -2.80
C LEU A 87 14.45 6.82 -2.81
N GLU A 88 14.88 5.97 -1.86
CA GLU A 88 16.21 5.36 -1.85
C GLU A 88 16.04 3.91 -2.32
N HIS A 89 16.41 3.64 -3.56
CA HIS A 89 16.02 2.39 -4.22
C HIS A 89 17.22 1.66 -4.78
N HIS A 90 17.36 0.40 -4.44
CA HIS A 90 18.55 -0.35 -4.82
C HIS A 90 18.21 -1.35 -5.92
N ASP A 2 13.11 4.50 0.26
CA ASP A 2 13.82 3.20 0.38
C ASP A 2 13.06 1.86 0.54
N ASP A 3 13.70 0.84 -0.01
CA ASP A 3 13.07 -0.43 -0.32
C ASP A 3 12.35 -1.03 0.90
N GLU A 4 13.12 -1.44 1.89
CA GLU A 4 12.57 -2.24 2.98
C GLU A 4 11.63 -1.41 3.86
N GLU A 5 11.99 -0.15 4.15
CA GLU A 5 11.12 0.70 4.96
C GLU A 5 9.73 0.81 4.32
N ILE A 6 9.67 1.00 3.01
CA ILE A 6 8.38 1.17 2.35
C ILE A 6 7.59 -0.12 2.38
N GLU A 7 8.29 -1.23 2.10
CA GLU A 7 7.63 -2.53 2.18
C GLU A 7 6.98 -2.77 3.52
N LYS A 8 7.71 -2.52 4.60
CA LYS A 8 7.17 -2.83 5.92
C LYS A 8 6.11 -1.82 6.35
N GLY A 9 6.31 -0.56 5.97
CA GLY A 9 5.32 0.47 6.24
C GLY A 9 3.99 0.22 5.55
N VAL A 10 4.00 -0.12 4.27
CA VAL A 10 2.76 -0.40 3.56
C VAL A 10 2.10 -1.67 4.12
N THR A 11 2.90 -2.70 4.40
CA THR A 11 2.35 -3.93 4.97
C THR A 11 1.63 -3.64 6.28
N SER A 12 2.26 -2.84 7.15
CA SER A 12 1.65 -2.49 8.43
C SER A 12 0.30 -1.80 8.23
N ILE A 13 0.22 -0.90 7.25
CA ILE A 13 -1.03 -0.17 7.01
C ILE A 13 -2.11 -1.11 6.48
N VAL A 14 -1.75 -1.97 5.54
CA VAL A 14 -2.76 -2.86 4.97
C VAL A 14 -3.26 -3.83 6.04
N ALA A 15 -2.34 -4.33 6.90
CA ALA A 15 -2.73 -5.19 8.01
C ALA A 15 -3.66 -4.46 8.98
N GLU A 16 -3.32 -3.21 9.31
CA GLU A 16 -4.19 -2.41 10.18
C GLU A 16 -5.60 -2.31 9.61
N VAL A 17 -5.71 -1.86 8.37
CA VAL A 17 -7.02 -1.54 7.81
C VAL A 17 -7.86 -2.80 7.67
N THR A 18 -7.22 -3.92 7.42
CA THR A 18 -7.91 -5.17 7.17
C THR A 18 -8.06 -6.00 8.43
N GLU A 19 -7.41 -5.59 9.51
CA GLU A 19 -7.32 -6.35 10.76
C GLU A 19 -6.89 -7.79 10.48
N LEU A 20 -5.82 -7.94 9.70
CA LEU A 20 -5.15 -9.22 9.48
C LEU A 20 -3.71 -9.14 9.97
N ASP A 21 -3.04 -10.28 10.12
CA ASP A 21 -1.71 -10.25 10.72
C ASP A 21 -0.67 -9.84 9.68
N GLU A 22 0.35 -9.12 10.13
CA GLU A 22 1.29 -8.51 9.22
C GLU A 22 1.98 -9.57 8.34
N LYS A 23 2.39 -10.70 8.90
CA LYS A 23 3.13 -11.65 8.07
C LYS A 23 2.17 -12.44 7.17
N GLU A 24 0.91 -12.52 7.59
CA GLU A 24 -0.19 -12.93 6.74
C GLU A 24 -0.20 -12.19 5.40
N ILE A 25 -0.43 -10.88 5.46
CA ILE A 25 -0.61 -10.11 4.24
C ILE A 25 0.66 -10.17 3.40
N TRP A 26 1.83 -10.20 4.06
CA TRP A 26 3.08 -10.30 3.31
C TRP A 26 3.15 -11.60 2.50
N GLU A 27 2.79 -12.72 3.13
CA GLU A 27 2.79 -13.98 2.40
C GLU A 27 1.98 -13.90 1.12
N LYS A 28 0.82 -13.27 1.19
CA LYS A 28 -0.05 -13.13 0.05
C LYS A 28 0.06 -11.77 -0.57
N ARG A 29 1.27 -11.22 -0.62
CA ARG A 29 1.44 -10.02 -1.42
C ARG A 29 0.74 -10.18 -2.77
N ASP A 30 1.20 -11.09 -3.64
CA ASP A 30 0.55 -11.45 -4.91
C ASP A 30 -0.98 -11.30 -4.92
N ALA A 31 -1.66 -11.66 -3.83
CA ALA A 31 -3.08 -11.96 -3.88
C ALA A 31 -3.91 -10.72 -4.16
N ASN A 32 -5.06 -10.93 -4.79
CA ASN A 32 -5.94 -9.83 -5.17
C ASN A 32 -6.79 -9.38 -4.01
N PHE A 33 -6.81 -8.07 -3.75
CA PHE A 33 -7.51 -7.53 -2.60
C PHE A 33 -9.01 -7.89 -2.64
N PHE A 34 -9.61 -7.79 -3.81
CA PHE A 34 -11.06 -7.77 -3.90
C PHE A 34 -11.67 -9.16 -4.06
N GLN A 35 -10.89 -10.16 -4.44
CA GLN A 35 -11.44 -11.50 -4.65
C GLN A 35 -10.73 -12.54 -3.80
N ASP A 36 -9.90 -12.12 -2.83
CA ASP A 36 -9.26 -13.07 -1.94
C ASP A 36 -9.13 -12.60 -0.49
N LEU A 37 -8.80 -11.35 -0.23
CA LEU A 37 -8.35 -10.95 1.10
C LEU A 37 -9.49 -10.44 1.98
N GLU A 38 -10.63 -10.07 1.40
CA GLU A 38 -11.63 -9.26 2.08
C GLU A 38 -11.09 -7.85 2.30
N ILE A 39 -11.27 -7.00 1.26
CA ILE A 39 -10.84 -5.59 1.26
C ILE A 39 -11.46 -4.89 0.06
N ASP A 40 -12.19 -3.77 0.32
CA ASP A 40 -13.03 -3.12 -0.68
C ASP A 40 -12.86 -1.59 -0.72
N SER A 41 -13.71 -0.95 -1.53
CA SER A 41 -13.60 0.46 -1.90
C SER A 41 -13.31 1.38 -0.73
N LEU A 42 -14.09 1.28 0.35
CA LEU A 42 -13.82 2.09 1.54
C LEU A 42 -12.48 1.73 2.17
N LEU A 43 -12.18 0.44 2.28
CA LEU A 43 -10.91 0.06 2.87
C LEU A 43 -9.75 0.53 1.99
N ALA A 44 -9.89 0.38 0.67
CA ALA A 44 -8.85 0.87 -0.24
C ALA A 44 -8.61 2.36 -0.04
N LEU A 45 -9.69 3.11 0.20
CA LEU A 45 -9.54 4.54 0.40
C LEU A 45 -8.82 4.83 1.71
N GLU A 46 -9.05 4.01 2.74
CA GLU A 46 -8.37 4.24 3.99
C GLU A 46 -6.89 3.90 3.87
N ILE A 47 -6.60 2.83 3.13
CA ILE A 47 -5.20 2.47 2.85
C ILE A 47 -4.50 3.66 2.21
N LEU A 48 -5.07 4.18 1.13
CA LEU A 48 -4.46 5.32 0.43
C LEU A 48 -4.23 6.48 1.39
N ALA A 49 -5.22 6.83 2.20
CA ALA A 49 -5.09 7.98 3.11
C ALA A 49 -3.97 7.75 4.12
N LEU A 50 -3.90 6.56 4.70
CA LEU A 50 -2.87 6.24 5.67
C LEU A 50 -1.48 6.25 5.03
N ILE A 51 -1.36 5.85 3.77
CA ILE A 51 -0.08 5.93 3.10
C ILE A 51 0.33 7.41 2.95
N GLU A 52 -0.59 8.23 2.47
CA GLU A 52 -0.37 9.69 2.38
C GLU A 52 -0.21 10.34 3.77
N LYS A 53 0.55 9.73 4.67
CA LYS A 53 0.66 10.25 6.02
C LYS A 53 1.84 9.64 6.75
N LYS A 54 1.81 8.32 6.88
CA LYS A 54 3.00 7.52 7.12
C LYS A 54 4.23 8.11 6.44
N PHE A 55 4.18 8.24 5.12
CA PHE A 55 5.34 8.58 4.30
C PHE A 55 5.41 10.07 4.01
N LYS A 56 4.26 10.74 3.95
CA LYS A 56 4.15 12.19 3.76
C LYS A 56 4.28 12.54 2.27
N VAL A 57 3.20 12.20 1.55
CA VAL A 57 3.12 12.25 0.10
C VAL A 57 1.67 12.53 -0.26
N GLN A 58 1.45 12.98 -1.49
CA GLN A 58 0.11 13.09 -2.04
C GLN A 58 -0.06 12.17 -3.23
N ILE A 59 -1.09 11.32 -3.18
CA ILE A 59 -1.43 10.41 -4.26
C ILE A 59 -2.65 11.01 -4.93
N PRO A 60 -2.61 11.35 -6.22
CA PRO A 60 -3.86 11.62 -6.92
C PRO A 60 -4.84 10.51 -6.58
N GLU A 61 -5.99 10.92 -6.07
CA GLU A 61 -7.00 9.92 -5.74
C GLU A 61 -7.51 9.23 -7.00
N GLU A 62 -7.04 9.69 -8.16
CA GLU A 62 -7.27 8.96 -9.41
C GLU A 62 -6.39 7.71 -9.48
N LYS A 63 -5.51 7.51 -8.50
CA LYS A 63 -4.68 6.31 -8.45
C LYS A 63 -5.28 5.20 -7.59
N LEU A 64 -6.33 5.50 -6.82
CA LEU A 64 -6.98 4.45 -6.03
C LEU A 64 -7.24 3.20 -6.87
N VAL A 65 -7.40 3.36 -8.18
CA VAL A 65 -7.74 2.24 -9.06
C VAL A 65 -6.86 1.03 -8.78
N ASP A 66 -5.56 1.27 -8.57
CA ASP A 66 -4.55 0.22 -8.43
C ASP A 66 -4.67 -0.56 -7.14
N ILE A 67 -4.69 0.11 -5.99
CA ILE A 67 -4.76 -0.51 -4.67
C ILE A 67 -5.51 -1.85 -4.79
N THR A 68 -4.88 -2.82 -5.46
CA THR A 68 -5.48 -4.11 -5.80
C THR A 68 -4.72 -5.32 -5.30
N SER A 69 -3.49 -5.12 -4.80
CA SER A 69 -2.73 -6.17 -4.14
C SER A 69 -1.67 -5.47 -3.32
N LEU A 70 -1.05 -6.20 -2.39
CA LEU A 70 -0.03 -5.55 -1.60
C LEU A 70 1.12 -5.11 -2.51
N SER A 71 1.54 -5.97 -3.43
CA SER A 71 2.68 -5.63 -4.28
C SER A 71 2.33 -4.47 -5.21
N ALA A 72 1.08 -4.42 -5.69
CA ALA A 72 0.61 -3.26 -6.43
C ALA A 72 0.70 -1.99 -5.58
N THR A 73 0.25 -2.06 -4.34
CA THR A 73 0.21 -0.87 -3.50
C THR A 73 1.62 -0.43 -3.14
N ILE A 74 2.51 -1.38 -2.86
CA ILE A 74 3.90 -1.05 -2.62
C ILE A 74 4.50 -0.38 -3.86
N GLY A 75 4.22 -0.92 -5.04
CA GLY A 75 4.76 -0.34 -6.25
C GLY A 75 4.24 1.06 -6.47
N LEU A 76 2.97 1.30 -6.15
CA LEU A 76 2.41 2.64 -6.23
C LEU A 76 3.15 3.59 -5.30
N THR A 77 3.37 3.16 -4.06
CA THR A 77 3.97 4.01 -3.06
C THR A 77 5.41 4.38 -3.48
N LYS A 78 6.14 3.42 -4.05
CA LYS A 78 7.51 3.69 -4.52
C LYS A 78 7.53 4.71 -5.66
N SER A 79 6.67 4.53 -6.67
CA SER A 79 6.63 5.45 -7.80
C SER A 79 6.26 6.87 -7.36
N VAL A 80 5.32 7.01 -6.43
CA VAL A 80 4.95 8.34 -5.94
C VAL A 80 6.08 8.92 -5.11
N LEU A 81 6.80 8.09 -4.36
CA LEU A 81 7.96 8.59 -3.62
C LEU A 81 9.08 9.03 -4.57
N ALA A 82 9.25 8.32 -5.70
CA ALA A 82 10.26 8.71 -6.66
C ALA A 82 9.90 10.06 -7.29
N GLU A 83 8.59 10.30 -7.43
CA GLU A 83 8.03 11.59 -7.81
C GLU A 83 8.45 12.72 -6.88
N SER A 84 8.50 12.46 -5.58
CA SER A 84 8.80 13.46 -4.56
C SER A 84 10.29 13.70 -4.39
N GLY A 85 11.13 12.91 -5.05
CA GLY A 85 12.56 12.98 -4.81
C GLY A 85 13.01 12.29 -3.55
N LYS A 86 12.25 11.30 -3.06
CA LYS A 86 12.52 10.79 -1.74
C LYS A 86 12.50 9.26 -1.71
N LEU A 87 12.66 8.62 -2.87
CA LEU A 87 12.88 7.18 -2.98
C LEU A 87 14.37 6.90 -2.95
N GLU A 88 14.78 6.01 -2.06
CA GLU A 88 16.20 5.65 -1.91
C GLU A 88 16.35 4.20 -2.36
N HIS A 89 16.08 3.96 -3.65
CA HIS A 89 15.86 2.63 -4.23
C HIS A 89 17.13 1.91 -4.65
N HIS A 90 17.23 0.62 -4.38
CA HIS A 90 18.44 -0.12 -4.74
C HIS A 90 18.14 -1.17 -5.81
N ASP A 2 14.35 3.46 -0.19
CA ASP A 2 14.20 2.75 1.08
C ASP A 2 13.24 1.56 0.92
N ASP A 3 13.61 0.62 0.03
CA ASP A 3 12.71 -0.46 -0.33
C ASP A 3 12.13 -1.12 0.92
N GLU A 4 13.02 -1.48 1.86
CA GLU A 4 12.60 -2.21 3.05
C GLU A 4 11.61 -1.40 3.88
N GLU A 5 11.91 -0.13 4.14
CA GLU A 5 11.05 0.69 4.99
C GLU A 5 9.67 0.85 4.35
N ILE A 6 9.64 1.02 3.04
CA ILE A 6 8.36 1.20 2.35
C ILE A 6 7.58 -0.11 2.34
N GLU A 7 8.27 -1.22 2.07
CA GLU A 7 7.63 -2.53 2.15
C GLU A 7 7.00 -2.77 3.51
N LYS A 8 7.73 -2.48 4.58
CA LYS A 8 7.23 -2.73 5.93
C LYS A 8 6.10 -1.76 6.29
N GLY A 9 6.26 -0.50 5.92
CA GLY A 9 5.26 0.50 6.22
C GLY A 9 3.94 0.24 5.53
N VAL A 10 3.98 -0.14 4.26
CA VAL A 10 2.73 -0.41 3.55
C VAL A 10 2.09 -1.67 4.10
N THR A 11 2.90 -2.72 4.33
CA THR A 11 2.35 -3.94 4.91
C THR A 11 1.65 -3.65 6.24
N SER A 12 2.29 -2.86 7.11
CA SER A 12 1.67 -2.54 8.40
C SER A 12 0.33 -1.85 8.21
N ILE A 13 0.24 -0.94 7.25
CA ILE A 13 -0.99 -0.19 7.03
C ILE A 13 -2.09 -1.11 6.54
N VAL A 14 -1.77 -1.97 5.57
CA VAL A 14 -2.78 -2.84 5.02
C VAL A 14 -3.26 -3.83 6.08
N ALA A 15 -2.31 -4.34 6.91
CA ALA A 15 -2.66 -5.19 8.05
C ALA A 15 -3.67 -4.50 8.97
N GLU A 16 -3.37 -3.26 9.37
CA GLU A 16 -4.24 -2.52 10.27
C GLU A 16 -5.65 -2.36 9.68
N VAL A 17 -5.73 -2.03 8.39
CA VAL A 17 -7.02 -1.76 7.77
C VAL A 17 -7.83 -3.04 7.57
N THR A 18 -7.18 -4.10 7.15
CA THR A 18 -7.88 -5.35 6.92
C THR A 18 -8.09 -6.13 8.21
N GLU A 19 -7.45 -5.69 9.30
CA GLU A 19 -7.44 -6.40 10.57
C GLU A 19 -6.93 -7.83 10.37
N LEU A 20 -5.84 -7.96 9.63
CA LEU A 20 -5.16 -9.24 9.41
C LEU A 20 -3.73 -9.17 9.91
N ASP A 21 -3.09 -10.33 9.91
CA ASP A 21 -1.74 -10.45 10.41
C ASP A 21 -0.73 -9.99 9.36
N GLU A 22 0.32 -9.40 9.86
CA GLU A 22 1.36 -8.79 9.06
C GLU A 22 2.11 -9.86 8.25
N LYS A 23 2.53 -10.94 8.92
CA LYS A 23 3.11 -12.06 8.19
C LYS A 23 2.15 -12.58 7.15
N GLU A 24 0.87 -12.69 7.53
CA GLU A 24 -0.17 -13.20 6.65
C GLU A 24 -0.19 -12.48 5.32
N ILE A 25 -0.37 -11.16 5.35
CA ILE A 25 -0.62 -10.45 4.11
C ILE A 25 0.66 -10.30 3.33
N TRP A 26 1.81 -10.26 4.01
CA TRP A 26 3.07 -10.33 3.27
C TRP A 26 3.14 -11.62 2.46
N GLU A 27 2.78 -12.75 3.07
CA GLU A 27 2.66 -13.99 2.29
C GLU A 27 1.70 -13.84 1.13
N LYS A 28 0.63 -13.09 1.31
CA LYS A 28 -0.42 -12.92 0.31
C LYS A 28 -0.17 -11.69 -0.55
N ARG A 29 1.09 -11.32 -0.76
CA ARG A 29 1.39 -10.02 -1.38
C ARG A 29 0.99 -9.94 -2.85
N ASP A 30 0.86 -11.06 -3.56
CA ASP A 30 0.34 -11.09 -4.93
C ASP A 30 -1.14 -11.49 -5.01
N ALA A 31 -1.83 -11.60 -3.89
CA ALA A 31 -3.26 -11.88 -3.91
C ALA A 31 -4.02 -10.61 -4.25
N ASN A 32 -5.03 -10.74 -5.12
CA ASN A 32 -5.89 -9.60 -5.41
C ASN A 32 -6.66 -9.20 -4.16
N PHE A 33 -6.73 -7.90 -3.92
CA PHE A 33 -7.30 -7.39 -2.67
C PHE A 33 -8.75 -7.82 -2.51
N PHE A 34 -9.49 -7.88 -3.62
CA PHE A 34 -10.93 -8.07 -3.56
C PHE A 34 -11.34 -9.53 -3.60
N GLN A 35 -10.88 -10.28 -4.60
CA GLN A 35 -11.35 -11.63 -4.87
C GLN A 35 -10.62 -12.68 -4.05
N ASP A 36 -9.55 -12.28 -3.35
CA ASP A 36 -8.88 -13.17 -2.41
C ASP A 36 -9.06 -12.78 -0.94
N LEU A 37 -8.99 -11.50 -0.59
CA LEU A 37 -8.73 -11.12 0.79
C LEU A 37 -10.00 -10.87 1.61
N GLU A 38 -10.93 -10.06 1.08
CA GLU A 38 -11.91 -9.29 1.85
C GLU A 38 -11.42 -7.83 1.92
N ILE A 39 -12.23 -6.94 1.32
CA ILE A 39 -11.82 -5.59 0.96
C ILE A 39 -12.83 -5.01 -0.01
N ASP A 40 -13.25 -3.76 0.22
CA ASP A 40 -14.16 -3.01 -0.65
C ASP A 40 -13.62 -1.61 -0.97
N SER A 41 -14.49 -0.77 -1.55
CA SER A 41 -14.15 0.62 -1.88
C SER A 41 -13.52 1.36 -0.69
N LEU A 42 -14.19 1.30 0.46
CA LEU A 42 -13.82 2.13 1.60
C LEU A 42 -12.47 1.75 2.19
N LEU A 43 -12.17 0.46 2.27
CA LEU A 43 -10.91 0.07 2.85
C LEU A 43 -9.75 0.53 1.98
N ALA A 44 -9.90 0.42 0.66
CA ALA A 44 -8.84 0.88 -0.25
C ALA A 44 -8.61 2.37 -0.10
N LEU A 45 -9.68 3.12 0.09
CA LEU A 45 -9.53 4.56 0.33
C LEU A 45 -8.84 4.80 1.66
N GLU A 46 -9.09 3.95 2.66
CA GLU A 46 -8.43 4.18 3.94
C GLU A 46 -6.94 3.85 3.84
N ILE A 47 -6.61 2.81 3.10
CA ILE A 47 -5.21 2.48 2.84
C ILE A 47 -4.51 3.66 2.20
N LEU A 48 -5.11 4.19 1.13
CA LEU A 48 -4.55 5.35 0.44
C LEU A 48 -4.28 6.50 1.40
N ALA A 49 -5.29 6.85 2.21
CA ALA A 49 -5.15 7.99 3.13
C ALA A 49 -4.01 7.77 4.11
N LEU A 50 -3.90 6.55 4.65
CA LEU A 50 -2.86 6.26 5.63
C LEU A 50 -1.46 6.26 5.00
N ILE A 51 -1.33 5.83 3.75
CA ILE A 51 -0.03 5.87 3.11
C ILE A 51 0.46 7.31 3.05
N GLU A 52 -0.38 8.20 2.50
CA GLU A 52 -0.23 9.61 2.84
C GLU A 52 -0.11 9.75 4.36
N LYS A 53 0.93 10.46 4.85
CA LYS A 53 1.08 10.75 6.28
C LYS A 53 2.15 9.87 6.93
N LYS A 54 2.04 8.54 6.82
CA LYS A 54 3.18 7.73 7.18
C LYS A 54 4.41 8.16 6.39
N PHE A 55 4.22 8.40 5.10
CA PHE A 55 5.31 8.76 4.21
C PHE A 55 5.34 10.25 3.88
N LYS A 56 4.41 11.01 4.48
CA LYS A 56 4.23 12.45 4.28
C LYS A 56 4.27 12.78 2.78
N VAL A 57 3.22 12.33 2.10
CA VAL A 57 3.03 12.50 0.67
C VAL A 57 1.55 12.69 0.38
N GLN A 58 1.26 13.45 -0.68
CA GLN A 58 -0.07 13.49 -1.24
C GLN A 58 -0.12 12.53 -2.42
N ILE A 59 -1.26 11.84 -2.60
CA ILE A 59 -1.39 10.82 -3.63
C ILE A 59 -2.61 11.14 -4.49
N PRO A 60 -2.43 11.43 -5.78
CA PRO A 60 -3.58 11.64 -6.66
C PRO A 60 -4.60 10.53 -6.50
N GLU A 61 -5.83 10.92 -6.21
CA GLU A 61 -6.83 9.94 -5.84
C GLU A 61 -7.62 9.48 -7.06
N GLU A 62 -6.96 9.38 -8.22
CA GLU A 62 -7.42 8.47 -9.27
C GLU A 62 -6.78 7.10 -9.10
N LYS A 63 -5.47 7.06 -8.84
CA LYS A 63 -4.71 5.82 -8.64
C LYS A 63 -5.25 4.95 -7.52
N LEU A 64 -6.33 5.35 -6.84
CA LEU A 64 -7.04 4.37 -6.04
C LEU A 64 -7.44 3.19 -6.92
N VAL A 65 -7.86 3.47 -8.15
CA VAL A 65 -8.36 2.43 -9.06
C VAL A 65 -7.39 1.26 -9.14
N ASP A 66 -6.09 1.54 -8.99
CA ASP A 66 -5.02 0.57 -9.15
C ASP A 66 -4.69 -0.23 -7.87
N ILE A 67 -4.97 0.32 -6.68
CA ILE A 67 -4.78 -0.34 -5.38
C ILE A 67 -5.41 -1.74 -5.35
N THR A 68 -4.71 -2.74 -5.91
CA THR A 68 -5.33 -4.05 -6.13
C THR A 68 -4.62 -5.23 -5.47
N SER A 69 -3.42 -5.03 -4.93
CA SER A 69 -2.73 -6.07 -4.17
C SER A 69 -1.67 -5.39 -3.33
N LEU A 70 -1.10 -6.12 -2.39
CA LEU A 70 -0.05 -5.51 -1.58
C LEU A 70 1.11 -5.10 -2.48
N SER A 71 1.50 -5.97 -3.41
CA SER A 71 2.62 -5.66 -4.29
C SER A 71 2.31 -4.46 -5.17
N ALA A 72 1.08 -4.36 -5.69
CA ALA A 72 0.73 -3.18 -6.50
C ALA A 72 0.72 -1.92 -5.63
N THR A 73 0.23 -2.04 -4.40
CA THR A 73 0.18 -0.89 -3.52
C THR A 73 1.58 -0.43 -3.14
N ILE A 74 2.47 -1.39 -2.88
CA ILE A 74 3.86 -1.06 -2.63
C ILE A 74 4.48 -0.38 -3.84
N GLY A 75 4.20 -0.92 -5.04
CA GLY A 75 4.74 -0.34 -6.25
C GLY A 75 4.24 1.09 -6.46
N LEU A 76 2.98 1.34 -6.12
CA LEU A 76 2.42 2.68 -6.23
C LEU A 76 3.15 3.64 -5.29
N THR A 77 3.37 3.20 -4.06
CA THR A 77 3.98 4.05 -3.05
C THR A 77 5.40 4.43 -3.48
N LYS A 78 6.15 3.48 -4.05
CA LYS A 78 7.50 3.75 -4.53
C LYS A 78 7.50 4.76 -5.69
N SER A 79 6.69 4.51 -6.71
CA SER A 79 6.50 5.49 -7.78
C SER A 79 6.21 6.89 -7.26
N VAL A 80 5.28 6.98 -6.30
CA VAL A 80 4.90 8.26 -5.72
C VAL A 80 6.08 8.89 -4.98
N LEU A 81 6.85 8.09 -4.26
CA LEU A 81 8.01 8.61 -3.56
C LEU A 81 9.10 9.04 -4.54
N ALA A 82 9.23 8.34 -5.67
CA ALA A 82 10.24 8.71 -6.65
C ALA A 82 9.90 10.05 -7.30
N GLU A 83 8.60 10.35 -7.42
CA GLU A 83 8.16 11.66 -7.90
C GLU A 83 8.46 12.78 -6.91
N SER A 84 8.55 12.45 -5.63
CA SER A 84 8.79 13.41 -4.57
C SER A 84 10.27 13.66 -4.34
N GLY A 85 11.15 12.99 -5.08
CA GLY A 85 12.55 12.99 -4.70
C GLY A 85 12.78 12.48 -3.31
N LYS A 86 12.34 11.25 -3.00
CA LYS A 86 12.49 10.78 -1.64
C LYS A 86 12.68 9.26 -1.57
N LEU A 87 12.79 8.60 -2.73
CA LEU A 87 12.95 7.15 -2.83
C LEU A 87 14.42 6.77 -2.81
N GLU A 88 14.81 5.91 -1.87
CA GLU A 88 16.13 5.24 -1.91
C GLU A 88 15.89 3.81 -2.40
N HIS A 89 16.48 3.46 -3.53
CA HIS A 89 16.09 2.23 -4.25
C HIS A 89 17.31 1.54 -4.84
N HIS A 90 17.50 0.27 -4.50
CA HIS A 90 18.67 -0.45 -5.02
C HIS A 90 18.26 -1.39 -6.14
N ASP A 2 15.37 2.92 0.63
CA ASP A 2 14.51 2.60 1.74
C ASP A 2 13.30 1.77 1.27
N ASP A 3 13.59 0.82 0.40
CA ASP A 3 12.58 -0.10 -0.11
C ASP A 3 11.99 -0.92 1.02
N GLU A 4 12.87 -1.50 1.82
CA GLU A 4 12.39 -2.40 2.85
C GLU A 4 11.49 -1.64 3.83
N GLU A 5 11.82 -0.37 4.14
CA GLU A 5 10.96 0.41 5.01
C GLU A 5 9.67 0.81 4.31
N ILE A 6 9.71 1.01 2.99
CA ILE A 6 8.47 1.15 2.24
C ILE A 6 7.66 -0.13 2.35
N GLU A 7 8.31 -1.26 2.08
CA GLU A 7 7.61 -2.53 2.12
C GLU A 7 7.00 -2.82 3.48
N LYS A 8 7.72 -2.51 4.55
CA LYS A 8 7.20 -2.82 5.88
C LYS A 8 6.13 -1.83 6.32
N GLY A 9 6.29 -0.56 5.90
CA GLY A 9 5.31 0.45 6.23
C GLY A 9 3.98 0.23 5.53
N VAL A 10 4.01 -0.17 4.25
CA VAL A 10 2.76 -0.42 3.55
C VAL A 10 2.10 -1.68 4.09
N THR A 11 2.89 -2.73 4.35
CA THR A 11 2.35 -3.95 4.94
C THR A 11 1.62 -3.65 6.24
N SER A 12 2.24 -2.86 7.11
CA SER A 12 1.64 -2.55 8.41
C SER A 12 0.30 -1.84 8.24
N ILE A 13 0.21 -0.95 7.25
CA ILE A 13 -1.04 -0.20 7.01
C ILE A 13 -2.12 -1.12 6.49
N VAL A 14 -1.78 -1.96 5.52
CA VAL A 14 -2.78 -2.85 4.95
C VAL A 14 -3.25 -3.84 6.00
N ALA A 15 -2.30 -4.39 6.79
CA ALA A 15 -2.66 -5.25 7.92
C ALA A 15 -3.64 -4.57 8.87
N GLU A 16 -3.39 -3.30 9.19
CA GLU A 16 -4.23 -2.62 10.16
C GLU A 16 -5.63 -2.37 9.60
N VAL A 17 -5.72 -1.94 8.34
CA VAL A 17 -7.02 -1.73 7.69
C VAL A 17 -7.81 -3.03 7.58
N THR A 18 -7.15 -4.12 7.19
CA THR A 18 -7.87 -5.35 6.92
C THR A 18 -8.04 -6.19 8.18
N GLU A 19 -7.47 -5.74 9.29
CA GLU A 19 -7.49 -6.46 10.55
C GLU A 19 -6.95 -7.87 10.39
N LEU A 20 -5.82 -7.97 9.69
CA LEU A 20 -5.14 -9.24 9.48
C LEU A 20 -3.68 -9.12 9.91
N ASP A 21 -3.02 -10.27 9.96
CA ASP A 21 -1.68 -10.37 10.50
C ASP A 21 -0.65 -9.90 9.47
N GLU A 22 0.26 -9.00 9.91
CA GLU A 22 1.40 -8.57 9.11
C GLU A 22 2.02 -9.70 8.30
N LYS A 23 2.44 -10.76 8.99
CA LYS A 23 3.15 -11.85 8.32
C LYS A 23 2.27 -12.49 7.26
N GLU A 24 0.99 -12.67 7.57
CA GLU A 24 0.19 -13.46 6.65
C GLU A 24 -0.20 -12.62 5.43
N ILE A 25 -0.30 -11.28 5.57
CA ILE A 25 -0.60 -10.46 4.40
C ILE A 25 0.65 -10.30 3.53
N TRP A 26 1.83 -10.26 4.15
CA TRP A 26 3.05 -10.31 3.35
C TRP A 26 3.12 -11.60 2.51
N GLU A 27 2.76 -12.74 3.11
CA GLU A 27 2.85 -14.00 2.38
C GLU A 27 1.98 -13.98 1.14
N LYS A 28 0.86 -13.30 1.20
CA LYS A 28 -0.04 -13.11 0.07
C LYS A 28 0.12 -11.74 -0.57
N ARG A 29 1.36 -11.26 -0.65
CA ARG A 29 1.59 -9.93 -1.21
C ARG A 29 1.13 -9.79 -2.66
N ASP A 30 1.21 -10.85 -3.47
CA ASP A 30 0.79 -10.80 -4.85
C ASP A 30 -0.49 -11.59 -5.12
N ALA A 31 -1.53 -11.36 -4.31
CA ALA A 31 -2.89 -11.80 -4.56
C ALA A 31 -3.83 -10.61 -4.70
N ASN A 32 -5.09 -10.88 -5.02
CA ASN A 32 -6.06 -9.82 -5.28
C ASN A 32 -6.74 -9.35 -4.00
N PHE A 33 -6.93 -8.04 -3.88
CA PHE A 33 -7.64 -7.45 -2.76
C PHE A 33 -9.14 -7.75 -2.85
N PHE A 34 -9.76 -7.41 -3.98
CA PHE A 34 -11.21 -7.46 -4.08
C PHE A 34 -11.75 -8.89 -4.00
N GLN A 35 -11.17 -9.86 -4.72
CA GLN A 35 -11.61 -11.24 -4.54
C GLN A 35 -10.99 -11.88 -3.32
N ASP A 36 -9.65 -11.94 -3.26
CA ASP A 36 -8.95 -12.86 -2.38
C ASP A 36 -8.65 -12.31 -0.98
N LEU A 37 -8.87 -11.01 -0.73
CA LEU A 37 -8.84 -10.49 0.64
C LEU A 37 -10.15 -9.81 1.00
N GLU A 38 -10.84 -9.27 0.00
CA GLU A 38 -11.89 -8.30 0.20
C GLU A 38 -11.27 -6.92 0.40
N ILE A 39 -11.66 -6.01 -0.46
CA ILE A 39 -11.37 -4.60 -0.25
C ILE A 39 -12.33 -3.84 -1.16
N ASP A 40 -13.42 -3.39 -0.55
CA ASP A 40 -14.36 -2.51 -1.20
C ASP A 40 -13.72 -1.12 -1.31
N SER A 41 -14.52 -0.19 -1.84
CA SER A 41 -14.12 1.20 -1.93
C SER A 41 -13.46 1.70 -0.65
N LEU A 42 -14.14 1.52 0.48
CA LEU A 42 -13.81 2.25 1.69
C LEU A 42 -12.45 1.82 2.24
N LEU A 43 -12.19 0.52 2.26
CA LEU A 43 -10.91 0.05 2.80
C LEU A 43 -9.76 0.54 1.93
N ALA A 44 -9.91 0.49 0.61
CA ALA A 44 -8.82 0.95 -0.26
C ALA A 44 -8.60 2.44 -0.11
N LEU A 45 -9.70 3.20 0.02
CA LEU A 45 -9.56 4.61 0.33
C LEU A 45 -8.84 4.82 1.65
N GLU A 46 -9.10 3.97 2.65
CA GLU A 46 -8.41 4.20 3.92
C GLU A 46 -6.93 3.88 3.81
N ILE A 47 -6.60 2.81 3.07
CA ILE A 47 -5.20 2.49 2.81
C ILE A 47 -4.51 3.69 2.18
N LEU A 48 -5.09 4.23 1.10
CA LEU A 48 -4.50 5.40 0.46
C LEU A 48 -4.25 6.51 1.46
N ALA A 49 -5.27 6.85 2.26
CA ALA A 49 -5.15 7.94 3.22
C ALA A 49 -4.00 7.71 4.16
N LEU A 50 -3.88 6.50 4.71
CA LEU A 50 -2.83 6.21 5.67
C LEU A 50 -1.44 6.24 5.02
N ILE A 51 -1.33 5.82 3.76
CA ILE A 51 -0.03 5.86 3.12
C ILE A 51 0.46 7.31 3.03
N GLU A 52 -0.40 8.21 2.59
CA GLU A 52 -0.24 9.61 2.97
C GLU A 52 -0.27 9.73 4.48
N LYS A 53 0.71 10.39 5.09
CA LYS A 53 0.70 10.67 6.54
C LYS A 53 1.78 9.87 7.25
N LYS A 54 2.04 8.61 6.84
CA LYS A 54 3.28 7.97 7.27
C LYS A 54 4.36 8.08 6.20
N PHE A 55 3.99 8.44 4.97
CA PHE A 55 4.97 8.70 3.91
C PHE A 55 4.94 10.16 3.43
N LYS A 56 4.29 11.03 4.21
CA LYS A 56 4.11 12.46 3.94
C LYS A 56 4.20 12.75 2.45
N VAL A 57 3.21 12.19 1.75
CA VAL A 57 3.08 12.34 0.31
C VAL A 57 1.63 12.62 -0.01
N GLN A 58 1.40 13.39 -1.07
CA GLN A 58 0.08 13.50 -1.66
C GLN A 58 -0.03 12.46 -2.77
N ILE A 59 -1.12 11.69 -2.74
CA ILE A 59 -1.45 10.76 -3.80
C ILE A 59 -2.82 11.18 -4.31
N PRO A 60 -2.91 11.88 -5.44
CA PRO A 60 -4.23 12.23 -5.98
C PRO A 60 -5.22 11.10 -5.80
N GLU A 61 -6.51 11.48 -5.80
CA GLU A 61 -7.57 10.50 -5.61
C GLU A 61 -8.14 10.05 -6.95
N GLU A 62 -7.27 9.54 -7.83
CA GLU A 62 -7.69 8.58 -8.84
C GLU A 62 -7.06 7.21 -8.57
N LYS A 63 -5.74 7.18 -8.36
CA LYS A 63 -4.92 5.98 -8.27
C LYS A 63 -5.31 5.03 -7.15
N LEU A 64 -6.38 5.32 -6.42
CA LEU A 64 -7.07 4.20 -5.78
C LEU A 64 -7.56 3.23 -6.85
N VAL A 65 -7.57 3.67 -8.12
CA VAL A 65 -8.10 2.86 -9.21
C VAL A 65 -7.05 1.87 -9.70
N ASP A 66 -6.06 1.56 -8.85
CA ASP A 66 -5.02 0.58 -9.11
C ASP A 66 -4.39 0.03 -7.81
N ILE A 67 -5.09 0.16 -6.68
CA ILE A 67 -4.73 -0.41 -5.37
C ILE A 67 -5.39 -1.78 -5.24
N THR A 68 -4.74 -2.81 -5.79
CA THR A 68 -5.36 -4.11 -6.00
C THR A 68 -4.60 -5.29 -5.41
N SER A 69 -3.37 -5.09 -4.97
CA SER A 69 -2.61 -6.11 -4.25
C SER A 69 -1.63 -5.39 -3.35
N LEU A 70 -1.05 -6.11 -2.39
CA LEU A 70 -0.03 -5.46 -1.58
C LEU A 70 1.13 -5.03 -2.46
N SER A 71 1.55 -5.89 -3.39
CA SER A 71 2.70 -5.56 -4.24
C SER A 71 2.38 -4.40 -5.19
N ALA A 72 1.16 -4.35 -5.73
CA ALA A 72 0.79 -3.19 -6.53
C ALA A 72 0.74 -1.94 -5.67
N THR A 73 0.25 -2.06 -4.43
CA THR A 73 0.18 -0.90 -3.55
C THR A 73 1.58 -0.44 -3.16
N ILE A 74 2.49 -1.39 -2.92
CA ILE A 74 3.88 -1.05 -2.65
C ILE A 74 4.49 -0.36 -3.86
N GLY A 75 4.24 -0.89 -5.06
CA GLY A 75 4.77 -0.29 -6.27
C GLY A 75 4.26 1.14 -6.45
N LEU A 76 2.97 1.36 -6.18
CA LEU A 76 2.41 2.70 -6.25
C LEU A 76 3.13 3.64 -5.31
N THR A 77 3.35 3.20 -4.08
CA THR A 77 3.97 4.05 -3.08
C THR A 77 5.41 4.40 -3.49
N LYS A 78 6.12 3.43 -4.07
CA LYS A 78 7.47 3.68 -4.58
C LYS A 78 7.47 4.72 -5.71
N SER A 79 6.67 4.49 -6.75
CA SER A 79 6.60 5.43 -7.86
C SER A 79 6.31 6.85 -7.40
N VAL A 80 5.37 7.01 -6.47
CA VAL A 80 4.99 8.35 -6.02
C VAL A 80 6.09 8.94 -5.14
N LEU A 81 6.80 8.09 -4.40
CA LEU A 81 7.95 8.59 -3.64
C LEU A 81 9.08 9.01 -4.58
N ALA A 82 9.23 8.30 -5.70
CA ALA A 82 10.24 8.68 -6.70
C ALA A 82 9.92 10.05 -7.28
N GLU A 83 8.63 10.41 -7.29
CA GLU A 83 8.22 11.73 -7.75
C GLU A 83 8.47 12.80 -6.69
N SER A 84 8.40 12.43 -5.41
CA SER A 84 8.74 13.29 -4.30
C SER A 84 10.24 13.57 -4.22
N GLY A 85 11.04 12.88 -5.03
CA GLY A 85 12.47 12.89 -4.80
C GLY A 85 12.92 12.13 -3.58
N LYS A 86 12.03 11.34 -2.98
CA LYS A 86 12.30 10.81 -1.64
C LYS A 86 12.74 9.34 -1.66
N LEU A 87 12.54 8.64 -2.76
CA LEU A 87 12.82 7.20 -2.86
C LEU A 87 14.33 6.94 -2.91
N GLU A 88 14.80 6.07 -2.02
CA GLU A 88 16.14 5.47 -2.16
C GLU A 88 15.92 4.02 -2.57
N HIS A 89 15.96 3.78 -3.88
CA HIS A 89 15.70 2.47 -4.47
C HIS A 89 17.02 1.75 -4.69
N HIS A 90 17.13 0.52 -4.20
CA HIS A 90 18.34 -0.27 -4.46
C HIS A 90 18.04 -1.30 -5.55
N ASP A 2 14.16 3.57 -0.37
CA ASP A 2 14.24 2.76 0.85
C ASP A 2 13.25 1.61 0.77
N ASP A 3 13.54 0.68 -0.13
CA ASP A 3 12.58 -0.35 -0.50
C ASP A 3 11.97 -1.01 0.72
N GLU A 4 12.82 -1.51 1.60
CA GLU A 4 12.31 -2.40 2.63
C GLU A 4 11.53 -1.62 3.69
N GLU A 5 11.91 -0.35 3.90
CA GLU A 5 11.13 0.50 4.80
C GLU A 5 9.77 0.83 4.21
N ILE A 6 9.70 1.00 2.89
CA ILE A 6 8.39 1.17 2.25
C ILE A 6 7.61 -0.12 2.33
N GLU A 7 8.28 -1.25 2.12
CA GLU A 7 7.59 -2.54 2.17
C GLU A 7 7.03 -2.82 3.56
N LYS A 8 7.80 -2.51 4.61
CA LYS A 8 7.31 -2.68 5.98
C LYS A 8 6.14 -1.75 6.30
N GLY A 9 6.26 -0.49 5.90
CA GLY A 9 5.25 0.49 6.24
C GLY A 9 3.93 0.24 5.54
N VAL A 10 3.96 -0.15 4.27
CA VAL A 10 2.72 -0.40 3.57
C VAL A 10 2.06 -1.68 4.09
N THR A 11 2.87 -2.72 4.36
CA THR A 11 2.33 -3.93 4.93
C THR A 11 1.60 -3.65 6.25
N SER A 12 2.23 -2.88 7.13
CA SER A 12 1.61 -2.57 8.41
C SER A 12 0.28 -1.84 8.22
N ILE A 13 0.22 -0.92 7.25
CA ILE A 13 -1.03 -0.18 7.01
C ILE A 13 -2.10 -1.11 6.49
N VAL A 14 -1.77 -1.96 5.52
CA VAL A 14 -2.76 -2.85 4.96
C VAL A 14 -3.24 -3.83 6.03
N ALA A 15 -2.30 -4.31 6.87
CA ALA A 15 -2.65 -5.17 8.02
C ALA A 15 -3.63 -4.47 8.97
N GLU A 16 -3.34 -3.23 9.36
CA GLU A 16 -4.21 -2.51 10.30
C GLU A 16 -5.62 -2.35 9.72
N VAL A 17 -5.70 -1.92 8.46
CA VAL A 17 -6.99 -1.65 7.83
C VAL A 17 -7.81 -2.93 7.64
N THR A 18 -7.16 -4.03 7.30
CA THR A 18 -7.89 -5.25 7.00
C THR A 18 -8.04 -6.16 8.21
N GLU A 19 -7.45 -5.76 9.33
CA GLU A 19 -7.46 -6.53 10.57
C GLU A 19 -6.94 -7.94 10.33
N LEU A 20 -5.81 -8.01 9.65
CA LEU A 20 -5.11 -9.25 9.36
C LEU A 20 -3.68 -9.12 9.88
N ASP A 21 -3.00 -10.25 10.01
CA ASP A 21 -1.66 -10.25 10.56
C ASP A 21 -0.63 -9.84 9.51
N GLU A 22 0.37 -9.07 9.96
CA GLU A 22 1.51 -8.64 9.13
C GLU A 22 2.07 -9.78 8.28
N LYS A 23 2.47 -10.88 8.92
CA LYS A 23 3.15 -11.94 8.19
C LYS A 23 2.22 -12.57 7.17
N GLU A 24 0.95 -12.72 7.52
CA GLU A 24 0.03 -13.39 6.61
C GLU A 24 -0.25 -12.49 5.40
N ILE A 25 -0.32 -11.17 5.59
CA ILE A 25 -0.54 -10.25 4.46
C ILE A 25 0.69 -10.25 3.55
N TRP A 26 1.88 -10.27 4.15
CA TRP A 26 3.09 -10.34 3.34
C TRP A 26 3.14 -11.63 2.50
N GLU A 27 2.80 -12.77 3.11
CA GLU A 27 2.83 -14.02 2.35
C GLU A 27 1.90 -13.96 1.15
N LYS A 28 0.79 -13.24 1.25
CA LYS A 28 -0.18 -13.09 0.18
C LYS A 28 -0.02 -11.72 -0.51
N ARG A 29 1.22 -11.28 -0.67
CA ARG A 29 1.45 -9.93 -1.18
C ARG A 29 1.00 -9.74 -2.62
N ASP A 30 0.91 -10.81 -3.40
CA ASP A 30 0.42 -10.72 -4.77
C ASP A 30 -1.03 -11.17 -4.94
N ALA A 31 -1.69 -11.60 -3.87
CA ALA A 31 -3.08 -11.98 -3.93
C ALA A 31 -3.93 -10.75 -4.26
N ASN A 32 -5.10 -10.99 -4.83
CA ASN A 32 -5.98 -9.91 -5.26
C ASN A 32 -6.80 -9.38 -4.09
N PHE A 33 -6.66 -8.08 -3.80
CA PHE A 33 -7.34 -7.46 -2.68
C PHE A 33 -8.82 -7.80 -2.68
N PHE A 34 -9.47 -7.62 -3.83
CA PHE A 34 -10.92 -7.65 -3.88
C PHE A 34 -11.49 -9.07 -3.67
N GLN A 35 -11.01 -10.08 -4.41
CA GLN A 35 -11.60 -11.42 -4.30
C GLN A 35 -10.98 -12.22 -3.15
N ASP A 36 -9.79 -11.85 -2.67
CA ASP A 36 -9.10 -12.61 -1.62
C ASP A 36 -9.06 -11.92 -0.26
N LEU A 37 -8.44 -10.74 -0.15
CA LEU A 37 -8.28 -10.06 1.12
C LEU A 37 -9.56 -9.33 1.53
N GLU A 38 -10.59 -9.35 0.68
CA GLU A 38 -11.88 -8.73 0.95
C GLU A 38 -11.78 -7.24 1.27
N ILE A 39 -10.78 -6.59 0.65
CA ILE A 39 -10.66 -5.14 0.67
C ILE A 39 -11.58 -4.60 -0.40
N ASP A 40 -12.63 -3.90 0.01
CA ASP A 40 -13.45 -3.09 -0.88
C ASP A 40 -12.91 -1.65 -0.92
N SER A 41 -13.67 -0.77 -1.57
CA SER A 41 -13.13 0.54 -1.92
C SER A 41 -13.07 1.49 -0.73
N LEU A 42 -13.98 1.35 0.25
CA LEU A 42 -13.82 2.12 1.48
C LEU A 42 -12.50 1.77 2.16
N LEU A 43 -12.21 0.48 2.30
CA LEU A 43 -10.93 0.08 2.87
C LEU A 43 -9.78 0.57 2.00
N ALA A 44 -9.97 0.54 0.67
CA ALA A 44 -8.90 0.97 -0.23
C ALA A 44 -8.65 2.46 -0.10
N LEU A 45 -9.70 3.26 0.05
CA LEU A 45 -9.48 4.67 0.33
C LEU A 45 -8.80 4.86 1.69
N GLU A 46 -9.08 3.98 2.64
CA GLU A 46 -8.43 4.14 3.94
C GLU A 46 -6.93 3.86 3.82
N ILE A 47 -6.59 2.81 3.08
CA ILE A 47 -5.19 2.49 2.83
C ILE A 47 -4.50 3.69 2.20
N LEU A 48 -5.11 4.26 1.17
CA LEU A 48 -4.50 5.41 0.49
C LEU A 48 -4.21 6.55 1.46
N ALA A 49 -5.18 6.88 2.31
CA ALA A 49 -5.04 8.02 3.22
C ALA A 49 -3.94 7.77 4.23
N LEU A 50 -3.84 6.54 4.74
CA LEU A 50 -2.80 6.22 5.70
C LEU A 50 -1.42 6.20 5.04
N ILE A 51 -1.34 5.77 3.79
CA ILE A 51 -0.08 5.89 3.07
C ILE A 51 0.26 7.36 2.89
N GLU A 52 -0.70 8.16 2.43
CA GLU A 52 -0.60 9.62 2.44
C GLU A 52 -0.60 10.18 3.86
N LYS A 53 -0.14 9.42 4.84
CA LYS A 53 0.09 9.99 6.15
C LYS A 53 1.46 9.60 6.67
N LYS A 54 1.77 8.29 6.72
CA LYS A 54 3.07 7.89 7.28
C LYS A 54 4.22 8.47 6.48
N PHE A 55 4.15 8.38 5.14
CA PHE A 55 5.30 8.68 4.29
C PHE A 55 5.40 10.15 3.92
N LYS A 56 4.33 10.91 4.14
CA LYS A 56 4.28 12.36 3.89
C LYS A 56 4.42 12.64 2.40
N VAL A 57 3.35 12.25 1.70
CA VAL A 57 3.32 12.11 0.26
C VAL A 57 1.87 12.30 -0.18
N GLN A 58 1.67 12.89 -1.35
CA GLN A 58 0.34 13.07 -1.88
C GLN A 58 0.09 12.11 -3.04
N ILE A 59 -0.89 11.24 -2.86
CA ILE A 59 -1.39 10.39 -3.93
C ILE A 59 -2.71 11.04 -4.32
N PRO A 60 -2.79 11.77 -5.42
CA PRO A 60 -4.08 12.30 -5.84
C PRO A 60 -5.17 11.29 -5.56
N GLU A 61 -6.36 11.80 -5.27
CA GLU A 61 -7.54 10.94 -5.28
C GLU A 61 -7.82 10.47 -6.71
N GLU A 62 -6.84 9.80 -7.32
CA GLU A 62 -6.96 9.11 -8.58
C GLU A 62 -6.38 7.72 -8.47
N LYS A 63 -5.07 7.63 -8.21
CA LYS A 63 -4.34 6.37 -8.16
C LYS A 63 -4.81 5.39 -7.09
N LEU A 64 -5.93 5.63 -6.41
CA LEU A 64 -6.48 4.52 -5.66
C LEU A 64 -6.67 3.32 -6.59
N VAL A 65 -6.78 3.59 -7.90
CA VAL A 65 -7.02 2.55 -8.89
C VAL A 65 -5.72 1.85 -9.29
N ASP A 66 -4.80 1.67 -8.34
CA ASP A 66 -3.84 0.57 -8.38
C ASP A 66 -3.67 -0.07 -7.00
N ILE A 67 -4.64 0.12 -6.10
CA ILE A 67 -4.66 -0.51 -4.79
C ILE A 67 -5.45 -1.83 -4.93
N THR A 68 -4.83 -2.80 -5.60
CA THR A 68 -5.45 -4.08 -5.89
C THR A 68 -4.71 -5.28 -5.30
N SER A 69 -3.54 -5.05 -4.71
CA SER A 69 -2.79 -6.09 -4.02
C SER A 69 -1.69 -5.39 -3.25
N LEU A 70 -1.08 -6.10 -2.30
CA LEU A 70 -0.05 -5.46 -1.52
C LEU A 70 1.11 -5.05 -2.43
N SER A 71 1.49 -5.93 -3.36
CA SER A 71 2.63 -5.64 -4.23
C SER A 71 2.34 -4.44 -5.14
N ALA A 72 1.14 -4.37 -5.72
CA ALA A 72 0.80 -3.20 -6.53
C ALA A 72 0.75 -1.94 -5.66
N THR A 73 0.27 -2.07 -4.43
CA THR A 73 0.20 -0.92 -3.55
C THR A 73 1.59 -0.44 -3.15
N ILE A 74 2.50 -1.40 -2.91
CA ILE A 74 3.89 -1.05 -2.66
C ILE A 74 4.48 -0.35 -3.89
N GLY A 75 4.23 -0.89 -5.08
CA GLY A 75 4.75 -0.30 -6.29
C GLY A 75 4.27 1.13 -6.47
N LEU A 76 2.98 1.36 -6.25
CA LEU A 76 2.43 2.72 -6.31
C LEU A 76 3.14 3.65 -5.34
N THR A 77 3.34 3.19 -4.11
CA THR A 77 3.96 4.03 -3.10
C THR A 77 5.39 4.39 -3.50
N LYS A 78 6.11 3.42 -4.08
CA LYS A 78 7.47 3.68 -4.56
C LYS A 78 7.48 4.69 -5.71
N SER A 79 6.67 4.45 -6.75
CA SER A 79 6.58 5.37 -7.87
C SER A 79 6.29 6.80 -7.42
N VAL A 80 5.35 6.97 -6.49
CA VAL A 80 4.97 8.31 -6.06
C VAL A 80 6.04 8.90 -5.14
N LEU A 81 6.78 8.06 -4.43
CA LEU A 81 7.92 8.57 -3.67
C LEU A 81 9.06 9.00 -4.60
N ALA A 82 9.20 8.31 -5.73
CA ALA A 82 10.24 8.68 -6.70
C ALA A 82 9.92 10.02 -7.35
N GLU A 83 8.63 10.35 -7.44
CA GLU A 83 8.23 11.60 -8.09
C GLU A 83 8.46 12.81 -7.18
N SER A 84 8.54 12.61 -5.87
CA SER A 84 8.85 13.67 -4.93
C SER A 84 10.30 13.66 -4.48
N GLY A 85 11.18 12.93 -5.19
CA GLY A 85 12.57 12.89 -4.80
C GLY A 85 12.84 12.29 -3.44
N LYS A 86 12.04 11.29 -3.02
CA LYS A 86 12.20 10.70 -1.71
C LYS A 86 12.18 9.18 -1.75
N LEU A 87 12.92 8.57 -2.67
CA LEU A 87 13.07 7.13 -2.76
C LEU A 87 14.54 6.77 -2.90
N GLU A 88 15.06 5.95 -1.99
CA GLU A 88 16.38 5.32 -2.17
C GLU A 88 16.14 3.85 -2.49
N HIS A 89 16.46 3.47 -3.73
CA HIS A 89 16.02 2.21 -4.34
C HIS A 89 17.27 1.40 -4.71
N HIS A 90 17.79 0.60 -3.78
CA HIS A 90 19.16 0.04 -3.95
C HIS A 90 19.25 -0.93 -5.13
N ASP A 2 14.32 3.42 -0.52
CA ASP A 2 14.46 2.58 0.71
C ASP A 2 13.36 1.51 0.76
N ASP A 3 13.59 0.41 0.04
CA ASP A 3 12.53 -0.54 -0.23
C ASP A 3 12.03 -1.20 1.05
N GLU A 4 12.93 -1.52 1.97
CA GLU A 4 12.49 -2.23 3.15
C GLU A 4 11.56 -1.37 4.02
N GLU A 5 11.93 -0.12 4.27
CA GLU A 5 11.06 0.72 5.09
C GLU A 5 9.70 0.90 4.43
N ILE A 6 9.67 1.06 3.10
CA ILE A 6 8.39 1.24 2.42
C ILE A 6 7.63 -0.08 2.37
N GLU A 7 8.34 -1.18 2.14
CA GLU A 7 7.66 -2.49 2.15
C GLU A 7 7.07 -2.81 3.52
N LYS A 8 7.80 -2.53 4.60
CA LYS A 8 7.29 -2.78 5.95
C LYS A 8 6.14 -1.81 6.29
N GLY A 9 6.28 -0.57 5.86
CA GLY A 9 5.29 0.44 6.18
C GLY A 9 3.96 0.22 5.50
N VAL A 10 3.96 -0.15 4.22
CA VAL A 10 2.71 -0.41 3.52
C VAL A 10 2.06 -1.67 4.07
N THR A 11 2.86 -2.71 4.33
CA THR A 11 2.32 -3.93 4.92
C THR A 11 1.58 -3.64 6.22
N SER A 12 2.21 -2.89 7.12
CA SER A 12 1.60 -2.64 8.42
C SER A 12 0.29 -1.84 8.25
N ILE A 13 0.24 -0.93 7.27
CA ILE A 13 -1.00 -0.19 7.03
C ILE A 13 -2.09 -1.12 6.52
N VAL A 14 -1.76 -1.98 5.57
CA VAL A 14 -2.78 -2.85 4.98
C VAL A 14 -3.27 -3.86 6.03
N ALA A 15 -2.33 -4.39 6.84
CA ALA A 15 -2.68 -5.25 7.96
C ALA A 15 -3.66 -4.58 8.92
N GLU A 16 -3.38 -3.33 9.27
CA GLU A 16 -4.20 -2.60 10.23
C GLU A 16 -5.61 -2.37 9.68
N VAL A 17 -5.70 -1.94 8.42
CA VAL A 17 -6.99 -1.67 7.78
C VAL A 17 -7.80 -2.96 7.62
N THR A 18 -7.17 -4.04 7.21
CA THR A 18 -7.88 -5.27 6.94
C THR A 18 -8.05 -6.15 8.18
N GLU A 19 -7.48 -5.71 9.30
CA GLU A 19 -7.49 -6.45 10.56
C GLU A 19 -6.94 -7.86 10.37
N LEU A 20 -5.82 -7.95 9.67
CA LEU A 20 -5.12 -9.21 9.44
C LEU A 20 -3.70 -9.12 9.96
N ASP A 21 -3.04 -10.26 10.02
CA ASP A 21 -1.68 -10.34 10.53
C ASP A 21 -0.68 -9.88 9.48
N GLU A 22 0.34 -9.13 9.92
CA GLU A 22 1.32 -8.58 9.01
C GLU A 22 2.03 -9.67 8.20
N LYS A 23 2.49 -10.75 8.86
CA LYS A 23 3.16 -11.80 8.08
C LYS A 23 2.20 -12.46 7.12
N GLU A 24 0.96 -12.67 7.54
CA GLU A 24 0.06 -13.39 6.66
C GLU A 24 -0.27 -12.55 5.42
N ILE A 25 -0.35 -11.22 5.58
CA ILE A 25 -0.59 -10.34 4.44
C ILE A 25 0.64 -10.27 3.55
N TRP A 26 1.84 -10.28 4.16
CA TRP A 26 3.06 -10.35 3.35
C TRP A 26 3.10 -11.63 2.51
N GLU A 27 2.68 -12.77 3.09
CA GLU A 27 2.66 -14.00 2.32
C GLU A 27 1.76 -13.90 1.10
N LYS A 28 0.65 -13.18 1.22
CA LYS A 28 -0.32 -13.04 0.13
C LYS A 28 -0.13 -11.70 -0.58
N ARG A 29 1.13 -11.28 -0.73
CA ARG A 29 1.43 -9.97 -1.31
C ARG A 29 0.95 -9.84 -2.76
N ASP A 30 0.80 -10.95 -3.48
CA ASP A 30 0.22 -10.92 -4.83
C ASP A 30 -1.22 -11.42 -4.91
N ALA A 31 -1.93 -11.53 -3.80
CA ALA A 31 -3.33 -11.94 -3.81
C ALA A 31 -4.25 -10.73 -3.95
N ASN A 32 -5.31 -10.89 -4.74
CA ASN A 32 -6.23 -9.80 -5.03
C ASN A 32 -6.90 -9.32 -3.74
N PHE A 33 -7.03 -8.00 -3.59
CA PHE A 33 -7.53 -7.45 -2.33
C PHE A 33 -9.00 -7.83 -2.13
N PHE A 34 -9.78 -7.86 -3.21
CA PHE A 34 -11.19 -8.19 -3.10
C PHE A 34 -11.44 -9.65 -2.74
N GLN A 35 -11.20 -10.61 -3.65
CA GLN A 35 -11.62 -11.98 -3.39
C GLN A 35 -10.55 -12.81 -2.69
N ASP A 36 -9.94 -12.28 -1.64
CA ASP A 36 -9.03 -13.05 -0.81
C ASP A 36 -8.93 -12.49 0.59
N LEU A 37 -8.20 -11.39 0.74
CA LEU A 37 -8.26 -10.57 1.94
C LEU A 37 -9.53 -9.73 2.01
N GLU A 38 -10.55 -10.07 1.20
CA GLU A 38 -11.90 -9.51 1.30
C GLU A 38 -11.87 -8.03 1.67
N ILE A 39 -11.65 -7.20 0.65
CA ILE A 39 -11.57 -5.76 0.78
C ILE A 39 -12.62 -5.12 -0.13
N ASP A 40 -12.95 -3.85 0.15
CA ASP A 40 -13.81 -3.04 -0.71
C ASP A 40 -13.22 -1.64 -0.90
N SER A 41 -14.01 -0.74 -1.51
CA SER A 41 -13.49 0.57 -1.89
C SER A 41 -13.27 1.48 -0.70
N LEU A 42 -14.09 1.36 0.34
CA LEU A 42 -13.85 2.11 1.57
C LEU A 42 -12.49 1.76 2.17
N LEU A 43 -12.18 0.48 2.27
CA LEU A 43 -10.91 0.11 2.87
C LEU A 43 -9.75 0.59 2.01
N ALA A 44 -9.93 0.56 0.68
CA ALA A 44 -8.86 1.03 -0.20
C ALA A 44 -8.59 2.51 0.00
N LEU A 45 -9.64 3.32 0.16
CA LEU A 45 -9.40 4.73 0.44
C LEU A 45 -8.74 4.90 1.79
N GLU A 46 -9.04 4.04 2.77
CA GLU A 46 -8.37 4.23 4.04
C GLU A 46 -6.88 3.90 3.90
N ILE A 47 -6.57 2.86 3.13
CA ILE A 47 -5.18 2.52 2.86
C ILE A 47 -4.49 3.70 2.20
N LEU A 48 -5.12 4.26 1.16
CA LEU A 48 -4.52 5.38 0.45
C LEU A 48 -4.22 6.54 1.39
N ALA A 49 -5.16 6.85 2.28
CA ALA A 49 -5.03 8.01 3.16
C ALA A 49 -3.95 7.78 4.20
N LEU A 50 -3.88 6.56 4.74
CA LEU A 50 -2.85 6.23 5.70
C LEU A 50 -1.45 6.22 5.07
N ILE A 51 -1.35 5.86 3.80
CA ILE A 51 -0.05 5.92 3.14
C ILE A 51 0.37 7.38 2.97
N GLU A 52 -0.49 8.18 2.34
CA GLU A 52 -0.29 9.62 2.28
C GLU A 52 0.24 10.16 3.61
N LYS A 53 -0.53 9.98 4.68
CA LYS A 53 -0.08 10.38 6.01
C LYS A 53 1.29 9.81 6.33
N LYS A 54 1.54 8.54 5.98
CA LYS A 54 2.68 7.82 6.53
C LYS A 54 4.00 8.24 5.85
N PHE A 55 4.00 8.43 4.54
CA PHE A 55 5.23 8.73 3.81
C PHE A 55 5.32 10.19 3.33
N LYS A 56 4.48 11.07 3.90
CA LYS A 56 4.47 12.52 3.65
C LYS A 56 4.26 12.83 2.17
N VAL A 57 3.49 11.96 1.53
CA VAL A 57 3.30 11.96 0.09
C VAL A 57 1.84 12.27 -0.17
N GLN A 58 1.54 12.81 -1.34
CA GLN A 58 0.16 12.94 -1.75
C GLN A 58 -0.11 12.12 -3.00
N ILE A 59 -1.05 11.19 -2.86
CA ILE A 59 -1.45 10.31 -3.94
C ILE A 59 -2.85 10.77 -4.30
N PRO A 60 -3.03 11.56 -5.34
CA PRO A 60 -4.39 11.88 -5.75
C PRO A 60 -5.26 10.63 -5.71
N GLU A 61 -6.41 10.77 -5.04
CA GLU A 61 -7.55 9.92 -5.34
C GLU A 61 -7.80 9.88 -6.84
N GLU A 62 -7.46 8.78 -7.49
CA GLU A 62 -7.07 8.80 -8.90
C GLU A 62 -6.28 7.56 -9.28
N LYS A 63 -5.07 7.44 -8.74
CA LYS A 63 -4.35 6.17 -8.73
C LYS A 63 -5.02 5.14 -7.84
N LEU A 64 -6.09 5.51 -7.13
CA LEU A 64 -6.69 4.56 -6.20
C LEU A 64 -6.95 3.21 -6.86
N VAL A 65 -7.03 3.17 -8.20
CA VAL A 65 -7.22 1.91 -8.90
C VAL A 65 -5.98 1.01 -8.74
N ASP A 66 -4.79 1.62 -8.59
CA ASP A 66 -3.54 0.93 -8.26
C ASP A 66 -3.66 0.02 -7.03
N ILE A 67 -4.71 0.20 -6.22
CA ILE A 67 -4.90 -0.45 -4.93
C ILE A 67 -5.57 -1.81 -5.13
N THR A 68 -4.84 -2.78 -5.69
CA THR A 68 -5.41 -4.09 -5.99
C THR A 68 -4.65 -5.27 -5.37
N SER A 69 -3.41 -5.07 -4.91
CA SER A 69 -2.71 -6.09 -4.16
C SER A 69 -1.67 -5.37 -3.32
N LEU A 70 -1.08 -6.09 -2.36
CA LEU A 70 -0.04 -5.47 -1.57
C LEU A 70 1.12 -5.07 -2.48
N SER A 71 1.54 -5.96 -3.37
CA SER A 71 2.63 -5.66 -4.28
C SER A 71 2.29 -4.45 -5.16
N ALA A 72 1.05 -4.37 -5.64
CA ALA A 72 0.63 -3.21 -6.41
C ALA A 72 0.66 -1.95 -5.56
N THR A 73 0.20 -2.04 -4.33
CA THR A 73 0.17 -0.87 -3.45
C THR A 73 1.58 -0.42 -3.12
N ILE A 74 2.48 -1.38 -2.88
CA ILE A 74 3.89 -1.04 -2.66
C ILE A 74 4.47 -0.37 -3.89
N GLY A 75 4.18 -0.92 -5.08
CA GLY A 75 4.69 -0.34 -6.31
C GLY A 75 4.22 1.08 -6.51
N LEU A 76 2.95 1.35 -6.21
CA LEU A 76 2.41 2.70 -6.27
C LEU A 76 3.14 3.65 -5.33
N THR A 77 3.37 3.20 -4.10
CA THR A 77 3.98 4.04 -3.10
C THR A 77 5.42 4.38 -3.51
N LYS A 78 6.14 3.41 -4.06
CA LYS A 78 7.50 3.67 -4.56
C LYS A 78 7.49 4.71 -5.69
N SER A 79 6.62 4.52 -6.69
CA SER A 79 6.52 5.46 -7.80
C SER A 79 6.27 6.89 -7.34
N VAL A 80 5.31 7.09 -6.43
CA VAL A 80 4.99 8.45 -6.01
C VAL A 80 6.09 9.00 -5.12
N LEU A 81 6.77 8.13 -4.37
CA LEU A 81 7.95 8.58 -3.63
C LEU A 81 9.06 9.00 -4.60
N ALA A 82 9.20 8.30 -5.72
CA ALA A 82 10.22 8.66 -6.71
C ALA A 82 9.90 9.99 -7.39
N GLU A 83 8.61 10.23 -7.65
CA GLU A 83 8.21 11.52 -8.19
C GLU A 83 8.42 12.63 -7.17
N SER A 84 8.50 12.29 -5.89
CA SER A 84 8.77 13.22 -4.81
C SER A 84 10.27 13.43 -4.54
N GLY A 85 11.14 12.69 -5.23
CA GLY A 85 12.55 12.79 -4.93
C GLY A 85 13.02 12.14 -3.65
N LYS A 86 12.18 11.30 -3.01
CA LYS A 86 12.48 10.78 -1.68
C LYS A 86 12.93 9.32 -1.70
N LEU A 87 12.61 8.57 -2.74
CA LEU A 87 12.97 7.16 -2.85
C LEU A 87 14.48 6.97 -2.87
N GLU A 88 15.03 6.17 -1.95
CA GLU A 88 16.41 5.67 -2.11
C GLU A 88 16.27 4.19 -2.47
N HIS A 89 15.96 3.94 -3.73
CA HIS A 89 15.75 2.61 -4.29
C HIS A 89 17.11 1.97 -4.39
N HIS A 90 17.34 0.83 -3.74
CA HIS A 90 18.70 0.27 -3.76
C HIS A 90 19.03 -0.07 -5.21
N ASP A 2 14.39 3.56 -0.25
CA ASP A 2 14.18 3.02 1.10
C ASP A 2 13.24 1.80 1.01
N ASP A 3 13.69 0.79 0.28
CA ASP A 3 12.79 -0.29 -0.14
C ASP A 3 12.21 -1.04 1.07
N GLU A 4 13.07 -1.45 2.00
CA GLU A 4 12.58 -2.21 3.16
C GLU A 4 11.60 -1.37 3.98
N GLU A 5 11.87 -0.06 4.12
CA GLU A 5 10.98 0.81 4.88
C GLU A 5 9.62 0.92 4.24
N ILE A 6 9.58 1.08 2.91
CA ILE A 6 8.31 1.19 2.22
C ILE A 6 7.56 -0.12 2.31
N GLU A 7 8.27 -1.24 2.12
CA GLU A 7 7.62 -2.54 2.14
C GLU A 7 7.01 -2.84 3.50
N LYS A 8 7.73 -2.56 4.58
CA LYS A 8 7.20 -2.81 5.91
C LYS A 8 6.11 -1.82 6.28
N GLY A 9 6.31 -0.55 5.90
CA GLY A 9 5.33 0.48 6.20
C GLY A 9 3.99 0.25 5.52
N VAL A 10 3.99 -0.14 4.25
CA VAL A 10 2.73 -0.39 3.55
C VAL A 10 2.07 -1.66 4.09
N THR A 11 2.87 -2.70 4.36
CA THR A 11 2.33 -3.92 4.94
C THR A 11 1.60 -3.64 6.25
N SER A 12 2.22 -2.86 7.14
CA SER A 12 1.61 -2.59 8.43
C SER A 12 0.29 -1.83 8.26
N ILE A 13 0.23 -0.90 7.31
CA ILE A 13 -1.02 -0.17 7.07
C ILE A 13 -2.10 -1.11 6.55
N VAL A 14 -1.76 -1.96 5.59
CA VAL A 14 -2.76 -2.84 5.02
C VAL A 14 -3.26 -3.83 6.07
N ALA A 15 -2.33 -4.36 6.88
CA ALA A 15 -2.68 -5.22 8.02
C ALA A 15 -3.67 -4.53 8.96
N GLU A 16 -3.37 -3.29 9.35
CA GLU A 16 -4.21 -2.60 10.32
C GLU A 16 -5.60 -2.36 9.75
N VAL A 17 -5.69 -1.93 8.49
CA VAL A 17 -6.97 -1.64 7.87
C VAL A 17 -7.80 -2.91 7.66
N THR A 18 -7.17 -4.00 7.29
CA THR A 18 -7.89 -5.23 6.99
C THR A 18 -8.09 -6.12 8.23
N GLU A 19 -7.49 -5.74 9.35
CA GLU A 19 -7.57 -6.53 10.58
C GLU A 19 -6.94 -7.91 10.40
N LEU A 20 -5.81 -7.95 9.71
CA LEU A 20 -5.09 -9.19 9.45
C LEU A 20 -3.65 -9.09 9.94
N ASP A 21 -3.02 -10.24 10.12
CA ASP A 21 -1.67 -10.31 10.63
C ASP A 21 -0.67 -9.88 9.55
N GLU A 22 0.36 -9.12 9.93
CA GLU A 22 1.25 -8.57 8.92
C GLU A 22 2.00 -9.67 8.17
N LYS A 23 2.37 -10.76 8.85
CA LYS A 23 3.08 -11.82 8.14
C LYS A 23 2.18 -12.47 7.10
N GLU A 24 0.89 -12.61 7.40
CA GLU A 24 0.02 -13.29 6.44
C GLU A 24 -0.28 -12.38 5.25
N ILE A 25 -0.42 -11.07 5.49
CA ILE A 25 -0.58 -10.14 4.38
C ILE A 25 0.67 -10.19 3.49
N TRP A 26 1.84 -10.24 4.11
CA TRP A 26 3.08 -10.33 3.32
C TRP A 26 3.13 -11.63 2.51
N GLU A 27 2.76 -12.75 3.11
CA GLU A 27 2.68 -13.99 2.36
C GLU A 27 1.73 -13.87 1.17
N LYS A 28 0.66 -13.12 1.31
CA LYS A 28 -0.34 -12.94 0.26
C LYS A 28 -0.06 -11.69 -0.57
N ARG A 29 1.21 -11.27 -0.69
CA ARG A 29 1.50 -9.97 -1.29
C ARG A 29 1.03 -9.86 -2.74
N ASP A 30 0.96 -10.97 -3.49
CA ASP A 30 0.50 -10.95 -4.87
C ASP A 30 -0.98 -11.27 -5.05
N ALA A 31 -1.68 -11.75 -4.03
CA ALA A 31 -3.10 -12.04 -4.14
C ALA A 31 -3.85 -10.79 -4.59
N ASN A 32 -5.10 -10.97 -5.00
CA ASN A 32 -5.97 -9.84 -5.31
C ASN A 32 -6.77 -9.45 -4.06
N PHE A 33 -6.93 -8.13 -3.86
CA PHE A 33 -7.37 -7.61 -2.57
C PHE A 33 -8.82 -7.99 -2.27
N PHE A 34 -9.64 -8.19 -3.30
CA PHE A 34 -11.07 -8.26 -3.11
C PHE A 34 -11.60 -9.63 -2.69
N GLN A 35 -11.29 -10.70 -3.42
CA GLN A 35 -11.94 -11.97 -3.11
C GLN A 35 -11.17 -12.78 -2.06
N ASP A 36 -9.88 -12.57 -1.97
CA ASP A 36 -9.09 -13.36 -1.05
C ASP A 36 -8.91 -12.70 0.31
N LEU A 37 -8.27 -11.54 0.37
CA LEU A 37 -8.12 -10.83 1.65
C LEU A 37 -9.31 -9.93 1.94
N GLU A 38 -10.31 -9.90 1.06
CA GLU A 38 -11.66 -9.44 1.37
C GLU A 38 -11.70 -7.94 1.67
N ILE A 39 -11.13 -7.18 0.73
CA ILE A 39 -11.04 -5.73 0.79
C ILE A 39 -12.14 -5.15 -0.11
N ASP A 40 -12.48 -3.88 0.11
CA ASP A 40 -13.45 -3.17 -0.72
C ASP A 40 -13.05 -1.69 -0.86
N SER A 41 -13.94 -0.91 -1.49
CA SER A 41 -13.53 0.43 -1.92
C SER A 41 -13.30 1.38 -0.75
N LEU A 42 -14.12 1.29 0.31
CA LEU A 42 -13.84 2.07 1.51
C LEU A 42 -12.50 1.71 2.12
N LEU A 43 -12.19 0.42 2.19
CA LEU A 43 -10.92 0.03 2.79
C LEU A 43 -9.76 0.53 1.95
N ALA A 44 -9.92 0.57 0.63
CA ALA A 44 -8.85 1.05 -0.24
C ALA A 44 -8.57 2.53 -0.03
N LEU A 45 -9.61 3.36 0.05
CA LEU A 45 -9.37 4.77 0.37
C LEU A 45 -8.76 4.91 1.75
N GLU A 46 -9.11 4.00 2.67
CA GLU A 46 -8.48 4.03 3.98
C GLU A 46 -6.98 3.81 3.84
N ILE A 47 -6.61 2.79 3.07
CA ILE A 47 -5.20 2.48 2.83
C ILE A 47 -4.52 3.70 2.22
N LEU A 48 -5.09 4.23 1.15
CA LEU A 48 -4.48 5.36 0.45
C LEU A 48 -4.19 6.51 1.42
N ALA A 49 -5.16 6.86 2.27
CA ALA A 49 -5.04 8.03 3.14
C ALA A 49 -3.96 7.80 4.20
N LEU A 50 -3.86 6.57 4.69
CA LEU A 50 -2.86 6.27 5.70
C LEU A 50 -1.44 6.23 5.09
N ILE A 51 -1.33 5.86 3.82
CA ILE A 51 -0.04 5.90 3.16
C ILE A 51 0.40 7.36 3.00
N GLU A 52 -0.48 8.20 2.45
CA GLU A 52 -0.20 9.62 2.35
C GLU A 52 0.33 10.17 3.67
N LYS A 53 -0.31 9.79 4.77
CA LYS A 53 0.14 10.25 6.08
C LYS A 53 1.52 9.73 6.40
N LYS A 54 1.71 8.41 6.31
CA LYS A 54 2.93 7.78 6.78
C LYS A 54 4.14 8.22 5.96
N PHE A 55 3.99 8.37 4.64
CA PHE A 55 5.13 8.66 3.76
C PHE A 55 5.17 10.13 3.29
N LYS A 56 4.36 11.00 3.89
CA LYS A 56 4.37 12.45 3.65
C LYS A 56 4.15 12.76 2.18
N VAL A 57 3.35 11.91 1.56
CA VAL A 57 3.17 11.85 0.13
C VAL A 57 1.73 12.23 -0.14
N GLN A 58 1.49 12.93 -1.23
CA GLN A 58 0.12 13.17 -1.62
C GLN A 58 -0.16 12.38 -2.89
N ILE A 59 -1.33 11.75 -2.92
CA ILE A 59 -1.68 10.79 -3.95
C ILE A 59 -3.08 11.20 -4.39
N PRO A 60 -3.37 11.28 -5.67
CA PRO A 60 -4.75 11.62 -6.06
C PRO A 60 -5.69 10.46 -5.76
N GLU A 61 -6.92 10.82 -5.37
CA GLU A 61 -8.01 9.85 -5.24
C GLU A 61 -8.46 9.37 -6.62
N GLU A 62 -7.76 8.37 -7.15
CA GLU A 62 -7.59 8.24 -8.59
C GLU A 62 -6.62 7.13 -8.91
N LYS A 63 -5.40 7.24 -8.36
CA LYS A 63 -4.57 6.09 -8.11
C LYS A 63 -5.27 5.02 -7.27
N LEU A 64 -6.56 5.20 -6.94
CA LEU A 64 -7.25 4.14 -6.24
C LEU A 64 -7.33 2.86 -7.07
N VAL A 65 -7.01 2.94 -8.37
CA VAL A 65 -7.11 1.76 -9.22
C VAL A 65 -5.82 0.96 -9.24
N ASP A 66 -4.75 1.49 -8.62
CA ASP A 66 -3.53 0.73 -8.37
C ASP A 66 -3.60 -0.06 -7.07
N ILE A 67 -4.69 0.07 -6.30
CA ILE A 67 -4.88 -0.56 -5.00
C ILE A 67 -5.56 -1.92 -5.20
N THR A 68 -4.84 -2.88 -5.80
CA THR A 68 -5.41 -4.19 -6.08
C THR A 68 -4.62 -5.36 -5.51
N SER A 69 -3.42 -5.13 -4.99
CA SER A 69 -2.68 -6.13 -4.25
C SER A 69 -1.67 -5.40 -3.39
N LEU A 70 -1.10 -6.11 -2.41
CA LEU A 70 -0.08 -5.46 -1.60
C LEU A 70 1.09 -5.05 -2.48
N SER A 71 1.49 -5.92 -3.43
CA SER A 71 2.64 -5.61 -4.28
C SER A 71 2.36 -4.39 -5.16
N ALA A 72 1.17 -4.32 -5.75
CA ALA A 72 0.84 -3.14 -6.56
C ALA A 72 0.77 -1.89 -5.69
N THR A 73 0.28 -2.04 -4.46
CA THR A 73 0.20 -0.89 -3.56
C THR A 73 1.60 -0.44 -3.14
N ILE A 74 2.50 -1.40 -2.90
CA ILE A 74 3.89 -1.07 -2.66
C ILE A 74 4.48 -0.38 -3.89
N GLY A 75 4.21 -0.94 -5.07
CA GLY A 75 4.73 -0.34 -6.29
C GLY A 75 4.24 1.08 -6.49
N LEU A 76 2.97 1.33 -6.16
CA LEU A 76 2.42 2.69 -6.22
C LEU A 76 3.14 3.63 -5.28
N THR A 77 3.38 3.18 -4.05
CA THR A 77 3.98 4.04 -3.05
C THR A 77 5.42 4.39 -3.47
N LYS A 78 6.15 3.41 -4.01
CA LYS A 78 7.50 3.69 -4.50
C LYS A 78 7.49 4.73 -5.62
N SER A 79 6.61 4.56 -6.61
CA SER A 79 6.53 5.51 -7.72
C SER A 79 6.18 6.92 -7.24
N VAL A 80 5.22 7.05 -6.32
CA VAL A 80 4.88 8.37 -5.80
C VAL A 80 6.06 8.93 -5.01
N LEU A 81 6.80 8.08 -4.32
CA LEU A 81 7.97 8.56 -3.60
C LEU A 81 9.07 9.01 -4.57
N ALA A 82 9.24 8.28 -5.69
CA ALA A 82 10.24 8.66 -6.67
C ALA A 82 9.89 9.98 -7.33
N GLU A 83 8.59 10.29 -7.40
CA GLU A 83 8.12 11.55 -7.95
C GLU A 83 8.49 12.74 -7.07
N SER A 84 8.57 12.55 -5.76
CA SER A 84 8.82 13.65 -4.83
C SER A 84 10.27 13.75 -4.38
N GLY A 85 11.20 12.99 -4.98
CA GLY A 85 12.54 12.93 -4.43
C GLY A 85 12.60 12.40 -3.02
N LYS A 86 12.15 11.15 -2.81
CA LYS A 86 11.99 10.57 -1.48
C LYS A 86 12.43 9.09 -1.47
N LEU A 87 12.82 8.55 -2.61
CA LEU A 87 13.13 7.13 -2.79
C LEU A 87 14.63 6.91 -2.97
N GLU A 88 15.23 6.02 -2.16
CA GLU A 88 16.65 5.67 -2.36
C GLU A 88 16.74 4.25 -2.94
N HIS A 89 15.90 3.96 -3.93
CA HIS A 89 15.75 2.61 -4.52
C HIS A 89 17.05 1.83 -4.77
N HIS A 90 16.95 0.51 -4.88
CA HIS A 90 18.12 -0.36 -5.06
C HIS A 90 18.59 -0.42 -6.51
N ASP A 2 13.74 3.76 -0.28
CA ASP A 2 14.00 3.00 0.94
C ASP A 2 13.15 1.73 0.92
N ASP A 3 13.55 0.77 0.08
CA ASP A 3 12.70 -0.36 -0.23
C ASP A 3 12.20 -1.05 1.03
N GLU A 4 13.12 -1.39 1.94
CA GLU A 4 12.75 -2.01 3.22
C GLU A 4 11.62 -1.25 3.90
N GLU A 5 11.89 0.03 4.23
CA GLU A 5 10.96 0.83 5.01
C GLU A 5 9.60 0.91 4.33
N ILE A 6 9.61 1.05 3.00
CA ILE A 6 8.37 1.16 2.25
C ILE A 6 7.58 -0.12 2.36
N GLU A 7 8.25 -1.25 2.11
CA GLU A 7 7.60 -2.57 2.21
C GLU A 7 6.95 -2.78 3.57
N LYS A 8 7.68 -2.50 4.64
CA LYS A 8 7.17 -2.80 5.98
C LYS A 8 6.10 -1.81 6.41
N GLY A 9 6.26 -0.55 6.01
CA GLY A 9 5.28 0.46 6.33
C GLY A 9 3.96 0.24 5.63
N VAL A 10 3.99 -0.12 4.34
CA VAL A 10 2.75 -0.37 3.63
C VAL A 10 2.08 -1.65 4.12
N THR A 11 2.88 -2.69 4.40
CA THR A 11 2.34 -3.91 4.99
C THR A 11 1.63 -3.63 6.30
N SER A 12 2.25 -2.82 7.16
CA SER A 12 1.64 -2.48 8.43
C SER A 12 0.29 -1.79 8.22
N ILE A 13 0.23 -0.84 7.30
CA ILE A 13 -1.03 -0.13 7.03
C ILE A 13 -2.10 -1.10 6.53
N VAL A 14 -1.74 -1.97 5.61
CA VAL A 14 -2.75 -2.85 5.04
C VAL A 14 -3.24 -3.84 6.11
N ALA A 15 -2.32 -4.33 6.94
CA ALA A 15 -2.69 -5.16 8.10
C ALA A 15 -3.67 -4.45 9.03
N GLU A 16 -3.38 -3.19 9.41
CA GLU A 16 -4.24 -2.47 10.35
C GLU A 16 -5.65 -2.29 9.77
N VAL A 17 -5.72 -1.88 8.49
CA VAL A 17 -7.01 -1.62 7.85
C VAL A 17 -7.81 -2.92 7.66
N THR A 18 -7.15 -3.99 7.28
CA THR A 18 -7.82 -5.27 7.03
C THR A 18 -8.03 -6.09 8.30
N GLU A 19 -7.43 -5.68 9.41
CA GLU A 19 -7.43 -6.47 10.64
C GLU A 19 -6.90 -7.89 10.39
N LEU A 20 -5.83 -7.98 9.60
CA LEU A 20 -5.12 -9.25 9.40
C LEU A 20 -3.70 -9.11 9.91
N ASP A 21 -3.02 -10.26 10.08
CA ASP A 21 -1.65 -10.29 10.58
C ASP A 21 -0.67 -9.87 9.49
N GLU A 22 0.36 -9.10 9.86
CA GLU A 22 1.32 -8.59 8.90
C GLU A 22 2.02 -9.71 8.13
N LYS A 23 2.49 -10.76 8.80
CA LYS A 23 3.20 -11.79 8.07
C LYS A 23 2.27 -12.52 7.11
N GLU A 24 1.00 -12.69 7.50
CA GLU A 24 0.08 -13.37 6.60
C GLU A 24 -0.20 -12.53 5.36
N ILE A 25 -0.35 -11.22 5.53
CA ILE A 25 -0.59 -10.36 4.37
C ILE A 25 0.66 -10.28 3.51
N TRP A 26 1.84 -10.27 4.14
CA TRP A 26 3.08 -10.33 3.36
C TRP A 26 3.14 -11.62 2.53
N GLU A 27 2.73 -12.76 3.11
CA GLU A 27 2.68 -13.99 2.34
C GLU A 27 1.75 -13.86 1.14
N LYS A 28 0.67 -13.13 1.27
CA LYS A 28 -0.32 -12.95 0.20
C LYS A 28 -0.07 -11.68 -0.59
N ARG A 29 1.19 -11.26 -0.71
CA ARG A 29 1.47 -9.96 -1.31
C ARG A 29 1.08 -9.88 -2.78
N ASP A 30 1.11 -11.01 -3.49
CA ASP A 30 0.66 -11.09 -4.88
C ASP A 30 -0.86 -11.27 -5.02
N ALA A 31 -1.58 -11.53 -3.93
CA ALA A 31 -2.99 -11.89 -3.99
C ALA A 31 -3.87 -10.69 -4.26
N ASN A 32 -4.87 -10.89 -5.13
CA ASN A 32 -5.84 -9.85 -5.47
C ASN A 32 -6.57 -9.38 -4.21
N PHE A 33 -6.44 -8.09 -3.89
CA PHE A 33 -7.02 -7.53 -2.67
C PHE A 33 -8.51 -7.83 -2.59
N PHE A 34 -9.14 -8.03 -3.73
CA PHE A 34 -10.56 -7.79 -3.84
C PHE A 34 -11.44 -9.05 -3.81
N GLN A 35 -10.92 -10.22 -4.18
CA GLN A 35 -11.60 -11.45 -3.80
C GLN A 35 -10.81 -12.24 -2.77
N ASP A 36 -9.49 -12.22 -2.87
CA ASP A 36 -8.64 -12.94 -1.95
C ASP A 36 -8.42 -12.25 -0.62
N LEU A 37 -9.20 -11.20 -0.29
CA LEU A 37 -8.91 -10.41 0.91
C LEU A 37 -9.98 -9.37 1.24
N GLU A 38 -11.13 -9.39 0.59
CA GLU A 38 -12.34 -8.71 1.09
C GLU A 38 -12.12 -7.20 1.27
N ILE A 39 -11.30 -6.62 0.39
CA ILE A 39 -11.04 -5.19 0.37
C ILE A 39 -11.95 -4.53 -0.66
N ASP A 40 -12.89 -3.70 -0.17
CA ASP A 40 -13.73 -2.87 -1.00
C ASP A 40 -13.15 -1.45 -1.09
N SER A 41 -13.95 -0.53 -1.65
CA SER A 41 -13.43 0.81 -1.95
C SER A 41 -13.23 1.64 -0.69
N LEU A 42 -14.07 1.45 0.32
CA LEU A 42 -13.83 2.15 1.58
C LEU A 42 -12.50 1.76 2.18
N LEU A 43 -12.21 0.46 2.24
CA LEU A 43 -10.96 0.03 2.84
C LEU A 43 -9.77 0.51 2.01
N ALA A 44 -9.89 0.46 0.67
CA ALA A 44 -8.81 0.93 -0.18
C ALA A 44 -8.59 2.43 -0.01
N LEU A 45 -9.67 3.22 0.11
CA LEU A 45 -9.51 4.64 0.37
C LEU A 45 -8.81 4.86 1.70
N GLU A 46 -9.06 4.00 2.69
CA GLU A 46 -8.41 4.17 3.97
C GLU A 46 -6.92 3.90 3.84
N ILE A 47 -6.59 2.82 3.13
CA ILE A 47 -5.19 2.49 2.86
C ILE A 47 -4.50 3.70 2.25
N LEU A 48 -5.08 4.25 1.18
CA LEU A 48 -4.46 5.38 0.49
C LEU A 48 -4.18 6.52 1.44
N ALA A 49 -5.14 6.86 2.31
CA ALA A 49 -4.98 8.01 3.19
C ALA A 49 -3.93 7.77 4.24
N LEU A 50 -3.86 6.52 4.74
CA LEU A 50 -2.83 6.17 5.70
C LEU A 50 -1.43 6.22 5.08
N ILE A 51 -1.31 5.85 3.81
CA ILE A 51 -0.01 5.91 3.15
C ILE A 51 0.43 7.38 3.01
N GLU A 52 -0.49 8.23 2.59
CA GLU A 52 -0.20 9.68 2.54
C GLU A 52 0.36 10.17 3.88
N LYS A 53 -0.25 9.74 4.99
CA LYS A 53 0.16 10.21 6.30
C LYS A 53 1.57 9.77 6.63
N LYS A 54 1.84 8.46 6.53
CA LYS A 54 3.04 7.88 7.14
C LYS A 54 4.30 8.25 6.37
N PHE A 55 4.21 8.39 5.05
CA PHE A 55 5.37 8.71 4.22
C PHE A 55 5.45 10.19 3.87
N LYS A 56 4.45 10.98 4.25
CA LYS A 56 4.42 12.42 4.00
C LYS A 56 4.39 12.69 2.50
N VAL A 57 3.21 12.43 1.93
CA VAL A 57 3.06 11.97 0.56
C VAL A 57 1.64 12.30 0.12
N GLN A 58 1.48 12.74 -1.13
CA GLN A 58 0.14 12.96 -1.66
C GLN A 58 -0.15 12.05 -2.85
N ILE A 59 -1.29 11.34 -2.75
CA ILE A 59 -1.73 10.39 -3.77
C ILE A 59 -3.15 10.81 -4.10
N PRO A 60 -3.62 10.63 -5.34
CA PRO A 60 -5.02 10.97 -5.63
C PRO A 60 -6.00 9.87 -5.26
N GLU A 61 -7.18 10.29 -4.81
CA GLU A 61 -8.32 9.37 -4.65
C GLU A 61 -8.69 8.76 -6.01
N GLU A 62 -7.74 8.11 -6.67
CA GLU A 62 -7.80 7.91 -8.11
C GLU A 62 -6.80 6.89 -8.60
N LYS A 63 -5.52 7.14 -8.33
CA LYS A 63 -4.54 6.05 -8.27
C LYS A 63 -5.08 4.87 -7.45
N LEU A 64 -6.25 5.00 -6.83
CA LEU A 64 -6.87 3.85 -6.17
C LEU A 64 -6.85 2.64 -7.10
N VAL A 65 -7.03 2.87 -8.41
CA VAL A 65 -7.06 1.76 -9.37
C VAL A 65 -5.75 1.00 -9.39
N ASP A 66 -4.74 1.48 -8.66
CA ASP A 66 -3.50 0.75 -8.46
C ASP A 66 -3.46 0.01 -7.13
N ILE A 67 -4.44 0.22 -6.24
CA ILE A 67 -4.45 -0.39 -4.92
C ILE A 67 -5.31 -1.65 -4.96
N THR A 68 -4.71 -2.75 -5.44
CA THR A 68 -5.42 -3.98 -5.77
C THR A 68 -4.68 -5.23 -5.31
N SER A 69 -3.43 -5.09 -4.89
CA SER A 69 -2.71 -6.13 -4.16
C SER A 69 -1.66 -5.42 -3.33
N LEU A 70 -1.09 -6.13 -2.36
CA LEU A 70 -0.07 -5.48 -1.55
C LEU A 70 1.11 -5.07 -2.43
N SER A 71 1.46 -5.92 -3.40
CA SER A 71 2.61 -5.63 -4.26
C SER A 71 2.34 -4.44 -5.18
N ALA A 72 1.11 -4.33 -5.69
CA ALA A 72 0.79 -3.16 -6.52
C ALA A 72 0.76 -1.90 -5.67
N THR A 73 0.30 -2.02 -4.43
CA THR A 73 0.23 -0.87 -3.53
C THR A 73 1.62 -0.42 -3.12
N ILE A 74 2.52 -1.37 -2.84
CA ILE A 74 3.91 -1.04 -2.62
C ILE A 74 4.51 -0.38 -3.86
N GLY A 75 4.23 -0.93 -5.03
CA GLY A 75 4.73 -0.37 -6.27
C GLY A 75 4.24 1.06 -6.49
N LEU A 76 2.97 1.31 -6.18
CA LEU A 76 2.42 2.67 -6.26
C LEU A 76 3.16 3.62 -5.33
N THR A 77 3.37 3.18 -4.08
CA THR A 77 3.98 4.04 -3.08
C THR A 77 5.42 4.39 -3.49
N LYS A 78 6.15 3.43 -4.04
CA LYS A 78 7.50 3.73 -4.51
C LYS A 78 7.48 4.76 -5.64
N SER A 79 6.60 4.57 -6.62
CA SER A 79 6.39 5.55 -7.69
C SER A 79 6.16 6.97 -7.14
N VAL A 80 5.19 7.12 -6.22
CA VAL A 80 4.90 8.45 -5.68
C VAL A 80 6.11 9.00 -4.93
N LEU A 81 6.83 8.14 -4.23
CA LEU A 81 8.02 8.60 -3.53
C LEU A 81 9.10 9.01 -4.53
N ALA A 82 9.21 8.31 -5.67
CA ALA A 82 10.18 8.67 -6.69
C ALA A 82 9.83 10.01 -7.33
N GLU A 83 8.53 10.24 -7.55
CA GLU A 83 8.01 11.56 -7.89
C GLU A 83 8.43 12.63 -6.89
N SER A 84 8.46 12.31 -5.61
CA SER A 84 8.79 13.25 -4.56
C SER A 84 10.28 13.59 -4.51
N GLY A 85 11.11 12.86 -5.25
CA GLY A 85 12.54 12.91 -4.98
C GLY A 85 12.94 12.19 -3.71
N LYS A 86 12.05 11.35 -3.17
CA LYS A 86 12.25 10.78 -1.85
C LYS A 86 12.82 9.36 -1.90
N LEU A 87 12.44 8.58 -2.91
CA LEU A 87 12.76 7.15 -3.00
C LEU A 87 14.26 6.89 -2.95
N GLU A 88 14.68 5.84 -2.23
CA GLU A 88 16.03 5.29 -2.40
C GLU A 88 15.94 3.78 -2.60
N HIS A 89 16.50 3.30 -3.71
CA HIS A 89 16.00 2.07 -4.35
C HIS A 89 17.02 1.06 -4.88
N HIS A 90 16.64 -0.21 -4.74
CA HIS A 90 17.34 -1.39 -5.27
C HIS A 90 18.59 -1.09 -6.07
N ASP A 2 13.51 4.42 0.34
CA ASP A 2 13.78 3.55 1.48
C ASP A 2 12.99 2.19 1.42
N ASP A 3 13.54 1.18 0.75
CA ASP A 3 12.70 0.17 0.10
C ASP A 3 12.11 -0.86 1.08
N GLU A 4 12.95 -1.62 1.80
CA GLU A 4 12.37 -2.54 2.78
C GLU A 4 11.55 -1.76 3.80
N GLU A 5 11.90 -0.48 3.99
CA GLU A 5 11.18 0.41 4.88
C GLU A 5 9.82 0.78 4.31
N ILE A 6 9.76 0.96 2.99
CA ILE A 6 8.47 1.18 2.32
C ILE A 6 7.64 -0.10 2.39
N GLU A 7 8.29 -1.24 2.15
CA GLU A 7 7.61 -2.53 2.25
C GLU A 7 7.00 -2.75 3.63
N LYS A 8 7.76 -2.47 4.68
CA LYS A 8 7.28 -2.62 6.05
C LYS A 8 6.08 -1.72 6.33
N GLY A 9 6.22 -0.45 5.96
CA GLY A 9 5.21 0.53 6.25
C GLY A 9 3.90 0.25 5.54
N VAL A 10 3.95 -0.12 4.27
CA VAL A 10 2.72 -0.40 3.54
C VAL A 10 2.07 -1.68 4.08
N THR A 11 2.87 -2.72 4.35
CA THR A 11 2.33 -3.94 4.94
C THR A 11 1.62 -3.64 6.26
N SER A 12 2.29 -2.86 7.12
CA SER A 12 1.71 -2.44 8.38
C SER A 12 0.33 -1.78 8.19
N ILE A 13 0.23 -0.86 7.24
CA ILE A 13 -1.02 -0.16 7.01
C ILE A 13 -2.10 -1.11 6.52
N VAL A 14 -1.76 -1.99 5.58
CA VAL A 14 -2.77 -2.86 4.99
C VAL A 14 -3.26 -3.88 6.03
N ALA A 15 -2.34 -4.47 6.79
CA ALA A 15 -2.71 -5.33 7.92
C ALA A 15 -3.65 -4.60 8.86
N GLU A 16 -3.32 -3.34 9.15
CA GLU A 16 -4.13 -2.49 9.98
C GLU A 16 -5.57 -2.42 9.47
N VAL A 17 -5.75 -1.92 8.25
CA VAL A 17 -7.08 -1.62 7.74
C VAL A 17 -7.90 -2.91 7.57
N THR A 18 -7.25 -4.00 7.23
CA THR A 18 -7.93 -5.26 7.03
C THR A 18 -8.06 -6.07 8.32
N GLU A 19 -7.46 -5.60 9.40
CA GLU A 19 -7.40 -6.31 10.67
C GLU A 19 -6.90 -7.75 10.48
N LEU A 20 -5.81 -7.88 9.74
CA LEU A 20 -5.13 -9.16 9.52
C LEU A 20 -3.69 -9.08 9.99
N ASP A 21 -3.05 -10.25 10.10
CA ASP A 21 -1.69 -10.35 10.59
C ASP A 21 -0.69 -9.87 9.53
N GLU A 22 0.30 -9.08 9.95
CA GLU A 22 1.26 -8.51 9.01
C GLU A 22 1.98 -9.60 8.21
N LYS A 23 2.42 -10.68 8.84
CA LYS A 23 3.18 -11.65 8.06
C LYS A 23 2.26 -12.45 7.14
N GLU A 24 0.98 -12.58 7.51
CA GLU A 24 0.06 -13.24 6.60
C GLU A 24 -0.21 -12.42 5.36
N ILE A 25 -0.35 -11.12 5.52
CA ILE A 25 -0.62 -10.29 4.35
C ILE A 25 0.64 -10.23 3.48
N TRP A 26 1.81 -10.23 4.12
CA TRP A 26 3.06 -10.30 3.35
C TRP A 26 3.14 -11.59 2.54
N GLU A 27 2.79 -12.73 3.16
CA GLU A 27 2.89 -13.99 2.43
C GLU A 27 1.97 -14.00 1.21
N LYS A 28 0.87 -13.27 1.26
CA LYS A 28 -0.05 -13.17 0.13
C LYS A 28 0.02 -11.79 -0.52
N ARG A 29 1.24 -11.32 -0.75
CA ARG A 29 1.44 -9.97 -1.28
C ARG A 29 0.97 -9.81 -2.72
N ASP A 30 0.86 -10.91 -3.49
CA ASP A 30 0.24 -10.88 -4.81
C ASP A 30 -1.22 -11.37 -4.81
N ALA A 31 -1.85 -11.50 -3.65
CA ALA A 31 -3.24 -11.92 -3.59
C ALA A 31 -4.18 -10.73 -3.78
N ASN A 32 -5.15 -10.91 -4.69
CA ASN A 32 -6.09 -9.86 -5.07
C ASN A 32 -6.85 -9.35 -3.86
N PHE A 33 -6.72 -8.05 -3.59
CA PHE A 33 -7.45 -7.43 -2.49
C PHE A 33 -8.94 -7.79 -2.54
N PHE A 34 -9.54 -7.61 -3.72
CA PHE A 34 -10.98 -7.71 -3.90
C PHE A 34 -11.48 -9.14 -4.01
N GLN A 35 -10.82 -10.02 -4.78
CA GLN A 35 -11.31 -11.39 -4.94
C GLN A 35 -10.51 -12.41 -4.14
N ASP A 36 -9.56 -12.00 -3.31
CA ASP A 36 -8.81 -12.99 -2.53
C ASP A 36 -8.60 -12.61 -1.07
N LEU A 37 -9.13 -11.47 -0.63
CA LEU A 37 -8.79 -10.94 0.68
C LEU A 37 -9.99 -10.28 1.34
N GLU A 38 -10.70 -9.46 0.58
CA GLU A 38 -11.72 -8.53 1.05
C GLU A 38 -11.14 -7.13 1.24
N ILE A 39 -11.36 -6.30 0.23
CA ILE A 39 -11.15 -4.86 0.30
C ILE A 39 -12.22 -4.20 -0.56
N ASP A 40 -13.29 -3.76 0.08
CA ASP A 40 -14.23 -2.91 -0.63
C ASP A 40 -13.56 -1.56 -0.88
N SER A 41 -14.30 -0.66 -1.52
CA SER A 41 -13.72 0.62 -1.92
C SER A 41 -13.38 1.47 -0.73
N LEU A 42 -14.17 1.38 0.35
CA LEU A 42 -13.86 2.12 1.56
C LEU A 42 -12.52 1.70 2.14
N LEU A 43 -12.25 0.40 2.17
CA LEU A 43 -11.01 -0.06 2.75
C LEU A 43 -9.82 0.44 1.93
N ALA A 44 -9.89 0.29 0.59
CA ALA A 44 -8.81 0.77 -0.25
C ALA A 44 -8.61 2.27 -0.08
N LEU A 45 -9.70 2.99 0.20
CA LEU A 45 -9.59 4.42 0.44
C LEU A 45 -8.83 4.71 1.72
N GLU A 46 -9.07 3.93 2.78
CA GLU A 46 -8.37 4.19 4.04
C GLU A 46 -6.89 3.88 3.90
N ILE A 47 -6.57 2.83 3.15
CA ILE A 47 -5.19 2.47 2.89
C ILE A 47 -4.47 3.66 2.27
N LEU A 48 -5.08 4.23 1.24
CA LEU A 48 -4.43 5.34 0.54
C LEU A 48 -4.18 6.51 1.47
N ALA A 49 -5.16 6.87 2.30
CA ALA A 49 -5.02 8.03 3.17
C ALA A 49 -3.94 7.79 4.22
N LEU A 50 -3.86 6.56 4.74
CA LEU A 50 -2.84 6.23 5.72
C LEU A 50 -1.43 6.25 5.12
N ILE A 51 -1.31 5.87 3.85
CA ILE A 51 0.00 5.91 3.20
C ILE A 51 0.49 7.35 3.08
N GLU A 52 -0.43 8.27 2.77
CA GLU A 52 -0.07 9.67 2.57
C GLU A 52 0.73 10.25 3.74
N LYS A 53 0.46 9.76 4.94
CA LYS A 53 0.90 10.43 6.17
C LYS A 53 2.10 9.74 6.79
N LYS A 54 2.13 8.40 6.71
CA LYS A 54 3.32 7.65 7.07
C LYS A 54 4.49 8.04 6.18
N PHE A 55 4.23 8.33 4.90
CA PHE A 55 5.27 8.70 3.94
C PHE A 55 5.20 10.17 3.51
N LYS A 56 4.36 10.95 4.18
CA LYS A 56 4.22 12.40 3.96
C LYS A 56 4.21 12.73 2.46
N VAL A 57 3.23 12.12 1.79
CA VAL A 57 3.17 12.00 0.34
C VAL A 57 1.73 12.26 -0.05
N GLN A 58 1.51 12.94 -1.18
CA GLN A 58 0.13 13.14 -1.61
C GLN A 58 -0.22 12.23 -2.78
N ILE A 59 -1.36 11.55 -2.63
CA ILE A 59 -1.89 10.60 -3.60
C ILE A 59 -3.38 10.90 -3.59
N PRO A 60 -4.10 10.72 -4.68
CA PRO A 60 -5.55 10.95 -4.62
C PRO A 60 -6.30 9.69 -4.19
N GLU A 61 -7.58 9.86 -3.83
CA GLU A 61 -8.45 8.68 -3.78
C GLU A 61 -8.67 8.09 -5.18
N GLU A 62 -7.85 8.49 -6.16
CA GLU A 62 -8.11 8.21 -7.56
C GLU A 62 -7.20 7.15 -8.13
N LYS A 63 -5.87 7.34 -8.02
CA LYS A 63 -4.92 6.23 -8.12
C LYS A 63 -5.41 4.99 -7.38
N LEU A 64 -6.60 5.08 -6.75
CA LEU A 64 -7.28 3.90 -6.25
C LEU A 64 -7.14 2.72 -7.19
N VAL A 65 -7.15 2.96 -8.50
CA VAL A 65 -7.24 1.85 -9.45
C VAL A 65 -5.89 1.17 -9.62
N ASP A 66 -4.94 1.40 -8.70
CA ASP A 66 -3.75 0.58 -8.55
C ASP A 66 -3.70 -0.14 -7.21
N ILE A 67 -4.67 0.08 -6.33
CA ILE A 67 -4.65 -0.47 -4.97
C ILE A 67 -5.48 -1.74 -4.95
N THR A 68 -4.89 -2.83 -5.43
CA THR A 68 -5.56 -4.10 -5.65
C THR A 68 -4.80 -5.30 -5.08
N SER A 69 -3.50 -5.17 -4.83
CA SER A 69 -2.74 -6.16 -4.09
C SER A 69 -1.71 -5.42 -3.26
N LEU A 70 -1.12 -6.13 -2.30
CA LEU A 70 -0.08 -5.48 -1.51
C LEU A 70 1.08 -5.08 -2.43
N SER A 71 1.41 -5.93 -3.40
CA SER A 71 2.54 -5.67 -4.28
C SER A 71 2.29 -4.46 -5.17
N ALA A 72 1.07 -4.33 -5.71
CA ALA A 72 0.77 -3.15 -6.52
C ALA A 72 0.75 -1.89 -5.66
N THR A 73 0.28 -2.02 -4.43
CA THR A 73 0.21 -0.87 -3.53
C THR A 73 1.62 -0.41 -3.14
N ILE A 74 2.51 -1.36 -2.84
CA ILE A 74 3.90 -1.03 -2.62
C ILE A 74 4.50 -0.35 -3.85
N GLY A 75 4.22 -0.91 -5.03
CA GLY A 75 4.75 -0.33 -6.25
C GLY A 75 4.25 1.10 -6.47
N LEU A 76 2.97 1.33 -6.18
CA LEU A 76 2.42 2.69 -6.26
C LEU A 76 3.14 3.63 -5.32
N THR A 77 3.36 3.18 -4.08
CA THR A 77 3.97 4.03 -3.07
C THR A 77 5.42 4.38 -3.47
N LYS A 78 6.14 3.41 -4.04
CA LYS A 78 7.51 3.69 -4.50
C LYS A 78 7.52 4.72 -5.63
N SER A 79 6.68 4.52 -6.65
CA SER A 79 6.65 5.44 -7.78
C SER A 79 6.27 6.86 -7.36
N VAL A 80 5.30 7.00 -6.44
CA VAL A 80 4.95 8.34 -5.97
C VAL A 80 6.09 8.93 -5.16
N LEU A 81 6.77 8.11 -4.37
CA LEU A 81 7.91 8.61 -3.61
C LEU A 81 9.06 9.00 -4.53
N ALA A 82 9.20 8.31 -5.66
CA ALA A 82 10.25 8.67 -6.63
C ALA A 82 9.90 9.99 -7.32
N GLU A 83 8.59 10.27 -7.47
CA GLU A 83 8.13 11.57 -7.92
C GLU A 83 8.44 12.67 -6.93
N SER A 84 8.52 12.33 -5.65
CA SER A 84 8.73 13.28 -4.57
C SER A 84 10.20 13.37 -4.15
N GLY A 85 11.12 12.96 -5.02
CA GLY A 85 12.52 12.88 -4.63
C GLY A 85 12.74 12.21 -3.30
N LYS A 86 11.83 11.30 -2.90
CA LYS A 86 11.84 10.74 -1.57
C LYS A 86 12.06 9.22 -1.59
N LEU A 87 12.63 8.70 -2.68
CA LEU A 87 12.83 7.26 -2.85
C LEU A 87 14.31 6.91 -2.89
N GLU A 88 14.75 6.03 -1.99
CA GLU A 88 16.07 5.42 -2.09
C GLU A 88 15.88 3.95 -2.48
N HIS A 89 16.29 3.61 -3.71
CA HIS A 89 15.90 2.35 -4.35
C HIS A 89 17.06 1.51 -4.87
N HIS A 90 16.86 0.20 -4.81
CA HIS A 90 17.79 -0.85 -5.27
C HIS A 90 18.70 -0.50 -6.43
N ASP A 2 13.34 4.59 0.32
CA ASP A 2 13.67 3.83 1.53
C ASP A 2 12.91 2.45 1.61
N ASP A 3 13.41 1.40 0.95
CA ASP A 3 12.54 0.42 0.30
C ASP A 3 12.08 -0.74 1.20
N GLU A 4 12.99 -1.40 1.91
CA GLU A 4 12.53 -2.32 2.96
C GLU A 4 11.64 -1.56 3.94
N GLU A 5 11.98 -0.29 4.15
CA GLU A 5 11.21 0.60 5.01
C GLU A 5 9.84 0.89 4.40
N ILE A 6 9.77 1.00 3.06
CA ILE A 6 8.48 1.19 2.40
C ILE A 6 7.66 -0.09 2.45
N GLU A 7 8.31 -1.22 2.15
CA GLU A 7 7.65 -2.53 2.22
C GLU A 7 6.99 -2.77 3.56
N LYS A 8 7.71 -2.52 4.65
CA LYS A 8 7.18 -2.79 5.99
C LYS A 8 6.08 -1.79 6.35
N GLY A 9 6.28 -0.53 5.96
CA GLY A 9 5.30 0.50 6.24
C GLY A 9 3.97 0.25 5.55
N VAL A 10 4.00 -0.17 4.29
CA VAL A 10 2.76 -0.39 3.58
C VAL A 10 2.09 -1.67 4.10
N THR A 11 2.89 -2.70 4.39
CA THR A 11 2.34 -3.93 4.97
C THR A 11 1.62 -3.63 6.28
N SER A 12 2.25 -2.86 7.15
CA SER A 12 1.64 -2.52 8.44
C SER A 12 0.30 -1.81 8.24
N ILE A 13 0.24 -0.89 7.28
CA ILE A 13 -1.01 -0.16 7.03
C ILE A 13 -2.09 -1.09 6.52
N VAL A 14 -1.75 -1.97 5.58
CA VAL A 14 -2.76 -2.85 5.01
C VAL A 14 -3.25 -3.84 6.07
N ALA A 15 -2.33 -4.29 6.94
CA ALA A 15 -2.70 -5.16 8.07
C ALA A 15 -3.70 -4.49 9.02
N GLU A 16 -3.43 -3.25 9.45
CA GLU A 16 -4.37 -2.61 10.38
C GLU A 16 -5.73 -2.38 9.73
N VAL A 17 -5.74 -1.91 8.46
CA VAL A 17 -7.02 -1.64 7.80
C VAL A 17 -7.82 -2.92 7.63
N THR A 18 -7.18 -4.00 7.24
CA THR A 18 -7.87 -5.25 6.97
C THR A 18 -8.06 -6.11 8.22
N GLU A 19 -7.44 -5.70 9.33
CA GLU A 19 -7.46 -6.47 10.58
C GLU A 19 -6.94 -7.89 10.35
N LEU A 20 -5.86 -8.01 9.57
CA LEU A 20 -5.13 -9.26 9.40
C LEU A 20 -3.71 -9.12 9.90
N ASP A 21 -3.05 -10.26 10.09
CA ASP A 21 -1.68 -10.31 10.57
C ASP A 21 -0.70 -9.86 9.50
N GLU A 22 0.33 -9.11 9.90
CA GLU A 22 1.27 -8.57 8.92
C GLU A 22 2.04 -9.69 8.21
N LYS A 23 2.42 -10.75 8.92
CA LYS A 23 3.11 -11.85 8.25
C LYS A 23 2.21 -12.51 7.22
N GLU A 24 0.93 -12.73 7.56
CA GLU A 24 0.06 -13.41 6.61
C GLU A 24 -0.23 -12.49 5.42
N ILE A 25 -0.31 -11.18 5.65
CA ILE A 25 -0.51 -10.24 4.56
C ILE A 25 0.68 -10.27 3.61
N TRP A 26 1.90 -10.23 4.18
CA TRP A 26 3.10 -10.31 3.35
C TRP A 26 3.12 -11.60 2.52
N GLU A 27 2.73 -12.73 3.13
CA GLU A 27 2.65 -13.98 2.38
C GLU A 27 1.81 -13.84 1.12
N LYS A 28 0.68 -13.16 1.20
CA LYS A 28 -0.23 -13.01 0.07
C LYS A 28 -0.08 -11.66 -0.57
N ARG A 29 1.17 -11.22 -0.72
CA ARG A 29 1.44 -9.89 -1.24
C ARG A 29 1.05 -9.75 -2.71
N ASP A 30 1.16 -10.81 -3.51
CA ASP A 30 0.91 -10.73 -4.94
C ASP A 30 -0.55 -11.03 -5.32
N ALA A 31 -1.36 -11.54 -4.41
CA ALA A 31 -2.75 -11.87 -4.68
C ALA A 31 -3.62 -10.62 -4.81
N ASN A 32 -4.89 -10.84 -5.18
CA ASN A 32 -5.84 -9.77 -5.45
C ASN A 32 -6.58 -9.34 -4.18
N PHE A 33 -6.66 -8.02 -3.95
CA PHE A 33 -7.19 -7.50 -2.69
C PHE A 33 -8.68 -7.79 -2.55
N PHE A 34 -9.42 -7.62 -3.64
CA PHE A 34 -10.87 -7.66 -3.62
C PHE A 34 -11.45 -9.05 -3.85
N GLN A 35 -10.93 -9.80 -4.83
CA GLN A 35 -11.39 -11.15 -5.11
C GLN A 35 -10.75 -12.17 -4.18
N ASP A 36 -9.40 -12.18 -4.09
CA ASP A 36 -8.65 -13.20 -3.37
C ASP A 36 -8.64 -13.06 -1.86
N LEU A 37 -9.45 -12.19 -1.25
CA LEU A 37 -9.27 -11.89 0.16
C LEU A 37 -10.50 -11.25 0.81
N GLU A 38 -10.58 -9.90 0.80
CA GLU A 38 -11.46 -9.12 1.68
C GLU A 38 -10.95 -7.69 1.83
N ILE A 39 -11.43 -6.85 0.92
CA ILE A 39 -11.28 -5.40 0.94
C ILE A 39 -12.52 -4.86 0.24
N ASP A 40 -12.93 -3.62 0.56
CA ASP A 40 -13.95 -2.93 -0.23
C ASP A 40 -13.45 -1.58 -0.74
N SER A 41 -14.36 -0.84 -1.40
CA SER A 41 -14.17 0.56 -1.76
C SER A 41 -13.56 1.36 -0.63
N LEU A 42 -14.24 1.36 0.52
CA LEU A 42 -13.82 2.18 1.65
C LEU A 42 -12.47 1.76 2.18
N LEU A 43 -12.22 0.45 2.24
CA LEU A 43 -10.96 -0.01 2.79
C LEU A 43 -9.79 0.47 1.94
N ALA A 44 -9.92 0.39 0.61
CA ALA A 44 -8.84 0.86 -0.27
C ALA A 44 -8.60 2.35 -0.07
N LEU A 45 -9.65 3.11 0.16
CA LEU A 45 -9.46 4.54 0.37
C LEU A 45 -8.80 4.80 1.71
N GLU A 46 -9.07 3.97 2.73
CA GLU A 46 -8.38 4.17 4.01
C GLU A 46 -6.89 3.89 3.86
N ILE A 47 -6.57 2.82 3.12
CA ILE A 47 -5.18 2.47 2.86
C ILE A 47 -4.48 3.66 2.23
N LEU A 48 -5.07 4.20 1.18
CA LEU A 48 -4.47 5.34 0.49
C LEU A 48 -4.21 6.49 1.45
N ALA A 49 -5.21 6.83 2.28
CA ALA A 49 -5.09 8.00 3.15
C ALA A 49 -4.00 7.79 4.19
N LEU A 50 -3.87 6.55 4.69
CA LEU A 50 -2.84 6.24 5.67
C LEU A 50 -1.45 6.24 5.03
N ILE A 51 -1.33 5.80 3.79
CA ILE A 51 -0.06 5.92 3.09
C ILE A 51 0.30 7.39 2.95
N GLU A 52 -0.60 8.17 2.35
CA GLU A 52 -0.42 9.62 2.28
C GLU A 52 0.09 10.18 3.61
N LYS A 53 -0.57 9.85 4.71
CA LYS A 53 -0.19 10.41 6.00
C LYS A 53 1.11 9.81 6.54
N LYS A 54 1.47 8.59 6.13
CA LYS A 54 2.65 7.95 6.70
C LYS A 54 3.93 8.37 5.98
N PHE A 55 3.91 8.42 4.65
CA PHE A 55 5.08 8.75 3.85
C PHE A 55 5.08 10.21 3.40
N LYS A 56 4.15 10.99 3.94
CA LYS A 56 4.00 12.43 3.71
C LYS A 56 4.09 12.77 2.23
N VAL A 57 3.13 12.23 1.50
CA VAL A 57 3.01 12.43 0.06
C VAL A 57 1.58 12.79 -0.28
N GLN A 58 1.40 13.45 -1.42
CA GLN A 58 0.10 13.62 -2.05
C GLN A 58 -0.21 12.38 -2.88
N ILE A 59 -1.40 11.82 -2.65
CA ILE A 59 -1.91 10.68 -3.38
C ILE A 59 -3.41 10.85 -3.23
N PRO A 60 -4.16 11.13 -4.28
CA PRO A 60 -5.54 11.59 -4.09
C PRO A 60 -6.47 10.49 -3.60
N GLU A 61 -7.77 10.64 -3.84
CA GLU A 61 -8.62 9.45 -3.80
C GLU A 61 -8.54 8.73 -5.16
N GLU A 62 -7.62 9.19 -6.03
CA GLU A 62 -7.65 8.92 -7.47
C GLU A 62 -7.11 7.56 -7.83
N LYS A 63 -5.78 7.45 -8.07
CA LYS A 63 -5.06 6.19 -8.35
C LYS A 63 -5.56 5.03 -7.50
N LEU A 64 -6.82 5.04 -7.08
CA LEU A 64 -7.37 4.01 -6.21
C LEU A 64 -7.32 2.63 -6.85
N VAL A 65 -7.18 2.57 -8.18
CA VAL A 65 -7.31 1.30 -8.88
C VAL A 65 -6.03 0.49 -8.75
N ASP A 66 -4.87 1.16 -8.73
CA ASP A 66 -3.58 0.54 -8.45
C ASP A 66 -3.55 -0.20 -7.12
N ILE A 67 -4.53 0.02 -6.26
CA ILE A 67 -4.53 -0.64 -4.96
C ILE A 67 -5.31 -1.96 -5.16
N THR A 68 -4.74 -2.83 -6.00
CA THR A 68 -5.26 -4.16 -6.31
C THR A 68 -4.60 -5.29 -5.52
N SER A 69 -3.42 -5.06 -4.97
CA SER A 69 -2.71 -6.07 -4.18
C SER A 69 -1.72 -5.35 -3.30
N LEU A 70 -1.13 -6.08 -2.34
CA LEU A 70 -0.07 -5.46 -1.56
C LEU A 70 1.09 -5.06 -2.47
N SER A 71 1.43 -5.92 -3.43
CA SER A 71 2.56 -5.66 -4.30
C SER A 71 2.32 -4.44 -5.18
N ALA A 72 1.14 -4.32 -5.78
CA ALA A 72 0.82 -3.12 -6.56
C ALA A 72 0.78 -1.89 -5.67
N THR A 73 0.29 -2.04 -4.45
CA THR A 73 0.21 -0.90 -3.54
C THR A 73 1.60 -0.42 -3.14
N ILE A 74 2.51 -1.36 -2.90
CA ILE A 74 3.90 -1.01 -2.65
C ILE A 74 4.50 -0.32 -3.86
N GLY A 75 4.24 -0.86 -5.05
CA GLY A 75 4.77 -0.26 -6.26
C GLY A 75 4.26 1.14 -6.47
N LEU A 76 2.97 1.36 -6.18
CA LEU A 76 2.39 2.69 -6.24
C LEU A 76 3.13 3.64 -5.31
N THR A 77 3.36 3.20 -4.08
CA THR A 77 3.97 4.06 -3.08
C THR A 77 5.41 4.42 -3.47
N LYS A 78 6.14 3.45 -4.05
CA LYS A 78 7.50 3.75 -4.50
C LYS A 78 7.50 4.76 -5.66
N SER A 79 6.56 4.61 -6.61
CA SER A 79 6.48 5.53 -7.74
C SER A 79 6.22 6.98 -7.31
N VAL A 80 5.25 7.21 -6.43
CA VAL A 80 5.00 8.60 -6.02
C VAL A 80 6.08 9.05 -5.04
N LEU A 81 6.77 8.11 -4.40
CA LEU A 81 7.94 8.50 -3.61
C LEU A 81 9.08 8.96 -4.53
N ALA A 82 9.21 8.31 -5.70
CA ALA A 82 10.25 8.71 -6.64
C ALA A 82 9.94 10.06 -7.25
N GLU A 83 8.65 10.42 -7.31
CA GLU A 83 8.26 11.72 -7.84
C GLU A 83 8.43 12.83 -6.82
N SER A 84 8.49 12.49 -5.53
CA SER A 84 8.73 13.44 -4.46
C SER A 84 10.21 13.64 -4.14
N GLY A 85 11.11 13.03 -4.90
CA GLY A 85 12.49 12.96 -4.44
C GLY A 85 12.60 12.45 -3.03
N LYS A 86 12.08 11.24 -2.77
CA LYS A 86 12.09 10.64 -1.45
C LYS A 86 12.34 9.14 -1.51
N LEU A 87 12.59 8.60 -2.71
CA LEU A 87 12.80 7.16 -2.88
C LEU A 87 14.29 6.84 -2.91
N GLU A 88 14.72 5.94 -2.02
CA GLU A 88 16.09 5.42 -2.08
C GLU A 88 15.97 3.95 -2.45
N HIS A 89 16.34 3.66 -3.68
CA HIS A 89 16.01 2.40 -4.35
C HIS A 89 17.23 1.75 -4.95
N HIS A 90 17.18 0.43 -5.12
CA HIS A 90 18.27 -0.28 -5.81
C HIS A 90 18.66 0.43 -7.11
N ASP A 2 13.81 4.15 0.55
CA ASP A 2 13.91 3.02 1.46
C ASP A 2 13.07 1.79 1.01
N ASP A 3 13.62 0.82 0.28
CA ASP A 3 12.77 -0.24 -0.25
C ASP A 3 12.12 -1.04 0.88
N GLU A 4 12.92 -1.51 1.82
CA GLU A 4 12.42 -2.44 2.82
C GLU A 4 11.58 -1.70 3.86
N GLU A 5 11.85 -0.41 4.05
CA GLU A 5 11.06 0.40 4.95
C GLU A 5 9.73 0.81 4.31
N ILE A 6 9.72 1.03 2.99
CA ILE A 6 8.45 1.18 2.27
C ILE A 6 7.64 -0.10 2.39
N GLU A 7 8.29 -1.23 2.13
CA GLU A 7 7.62 -2.52 2.18
C GLU A 7 6.97 -2.80 3.52
N LYS A 8 7.70 -2.57 4.60
CA LYS A 8 7.18 -2.88 5.92
C LYS A 8 6.15 -1.85 6.38
N GLY A 9 6.32 -0.60 5.92
CA GLY A 9 5.36 0.43 6.22
C GLY A 9 4.02 0.22 5.55
N VAL A 10 4.03 -0.16 4.27
CA VAL A 10 2.77 -0.40 3.58
C VAL A 10 2.11 -1.67 4.11
N THR A 11 2.93 -2.68 4.45
CA THR A 11 2.37 -3.92 5.02
C THR A 11 1.64 -3.63 6.32
N SER A 12 2.23 -2.82 7.18
CA SER A 12 1.60 -2.51 8.45
C SER A 12 0.25 -1.81 8.24
N ILE A 13 0.19 -0.85 7.31
CA ILE A 13 -1.07 -0.15 7.04
C ILE A 13 -2.13 -1.11 6.52
N VAL A 14 -1.77 -1.97 5.58
CA VAL A 14 -2.77 -2.86 5.01
C VAL A 14 -3.25 -3.87 6.06
N ALA A 15 -2.33 -4.40 6.87
CA ALA A 15 -2.70 -5.24 8.01
C ALA A 15 -3.64 -4.52 8.97
N GLU A 16 -3.29 -3.27 9.33
CA GLU A 16 -4.20 -2.47 10.15
C GLU A 16 -5.58 -2.46 9.53
N VAL A 17 -5.69 -2.01 8.27
CA VAL A 17 -7.02 -1.73 7.71
C VAL A 17 -7.83 -3.02 7.54
N THR A 18 -7.21 -4.10 7.13
CA THR A 18 -7.94 -5.35 6.93
C THR A 18 -8.11 -6.15 8.21
N GLU A 19 -7.47 -5.71 9.30
CA GLU A 19 -7.47 -6.44 10.56
C GLU A 19 -6.95 -7.87 10.35
N LEU A 20 -5.85 -7.97 9.61
CA LEU A 20 -5.13 -9.23 9.42
C LEU A 20 -3.71 -9.10 9.93
N ASP A 21 -3.04 -10.24 10.03
CA ASP A 21 -1.69 -10.33 10.55
C ASP A 21 -0.67 -9.86 9.51
N GLU A 22 0.35 -9.12 9.94
CA GLU A 22 1.33 -8.59 9.00
C GLU A 22 2.05 -9.71 8.26
N LYS A 23 2.47 -10.74 8.99
CA LYS A 23 3.08 -11.92 8.38
C LYS A 23 2.22 -12.48 7.26
N GLU A 24 0.94 -12.73 7.56
CA GLU A 24 0.14 -13.46 6.59
C GLU A 24 -0.25 -12.55 5.42
N ILE A 25 -0.31 -11.23 5.66
CA ILE A 25 -0.52 -10.28 4.58
C ILE A 25 0.67 -10.29 3.62
N TRP A 26 1.88 -10.26 4.19
CA TRP A 26 3.09 -10.33 3.37
C TRP A 26 3.12 -11.62 2.54
N GLU A 27 2.76 -12.75 3.14
CA GLU A 27 2.69 -14.00 2.38
C GLU A 27 1.75 -13.88 1.18
N LYS A 28 0.66 -13.15 1.30
CA LYS A 28 -0.29 -12.98 0.20
C LYS A 28 -0.06 -11.68 -0.55
N ARG A 29 1.20 -11.28 -0.71
CA ARG A 29 1.47 -9.97 -1.29
C ARG A 29 0.99 -9.85 -2.74
N ASP A 30 0.88 -10.96 -3.48
CA ASP A 30 0.34 -10.96 -4.85
C ASP A 30 -1.12 -11.41 -4.96
N ALA A 31 -1.82 -11.64 -3.86
CA ALA A 31 -3.23 -11.93 -3.92
C ALA A 31 -4.00 -10.64 -4.18
N ASN A 32 -5.11 -10.74 -4.93
CA ASN A 32 -5.86 -9.53 -5.28
C ASN A 32 -6.74 -9.08 -4.12
N PHE A 33 -6.90 -7.77 -3.99
CA PHE A 33 -7.53 -7.19 -2.81
C PHE A 33 -9.03 -7.46 -2.77
N PHE A 34 -9.71 -7.15 -3.88
CA PHE A 34 -11.16 -7.28 -3.93
C PHE A 34 -11.60 -8.71 -4.22
N GLN A 35 -10.83 -9.44 -5.02
CA GLN A 35 -11.25 -10.74 -5.48
C GLN A 35 -10.82 -11.85 -4.53
N ASP A 36 -9.53 -11.92 -4.20
CA ASP A 36 -8.93 -13.10 -3.60
C ASP A 36 -8.53 -12.94 -2.14
N LEU A 37 -9.28 -12.19 -1.33
CA LEU A 37 -8.95 -12.04 0.09
C LEU A 37 -10.05 -11.39 0.91
N GLU A 38 -10.16 -10.06 0.87
CA GLU A 38 -10.81 -9.28 1.94
C GLU A 38 -10.39 -7.79 1.89
N ILE A 39 -11.11 -7.04 1.05
CA ILE A 39 -11.10 -5.58 1.02
C ILE A 39 -12.38 -5.15 0.31
N ASP A 40 -12.69 -3.84 0.36
CA ASP A 40 -13.60 -3.19 -0.58
C ASP A 40 -13.12 -1.76 -0.90
N SER A 41 -14.01 -0.98 -1.51
CA SER A 41 -13.65 0.37 -1.97
C SER A 41 -13.33 1.31 -0.81
N LEU A 42 -14.12 1.25 0.28
CA LEU A 42 -13.84 2.07 1.44
C LEU A 42 -12.51 1.71 2.10
N LEU A 43 -12.24 0.40 2.25
CA LEU A 43 -10.98 0.01 2.86
C LEU A 43 -9.81 0.50 2.00
N ALA A 44 -9.94 0.41 0.67
CA ALA A 44 -8.86 0.86 -0.21
C ALA A 44 -8.63 2.36 -0.06
N LEU A 45 -9.71 3.13 0.03
CA LEU A 45 -9.56 4.56 0.25
C LEU A 45 -8.84 4.83 1.57
N GLU A 46 -9.08 3.99 2.59
CA GLU A 46 -8.40 4.23 3.87
C GLU A 46 -6.92 3.88 3.78
N ILE A 47 -6.60 2.82 3.04
CA ILE A 47 -5.21 2.47 2.79
C ILE A 47 -4.51 3.66 2.16
N LEU A 48 -5.10 4.21 1.11
CA LEU A 48 -4.51 5.38 0.45
C LEU A 48 -4.23 6.49 1.45
N ALA A 49 -5.21 6.80 2.31
CA ALA A 49 -5.08 7.96 3.20
C ALA A 49 -3.97 7.75 4.21
N LEU A 50 -3.83 6.53 4.73
CA LEU A 50 -2.79 6.26 5.72
C LEU A 50 -1.39 6.26 5.09
N ILE A 51 -1.28 5.84 3.83
CA ILE A 51 0.02 5.91 3.15
C ILE A 51 0.43 7.37 2.99
N GLU A 52 -0.47 8.18 2.46
CA GLU A 52 -0.22 9.62 2.39
C GLU A 52 0.35 10.14 3.70
N LYS A 53 -0.25 9.72 4.80
CA LYS A 53 0.13 10.28 6.09
C LYS A 53 1.47 9.73 6.56
N LYS A 54 1.67 8.40 6.48
CA LYS A 54 2.90 7.79 7.01
C LYS A 54 4.14 8.27 6.27
N PHE A 55 4.06 8.42 4.95
CA PHE A 55 5.23 8.66 4.12
C PHE A 55 5.40 10.10 3.69
N LYS A 56 4.44 10.97 4.02
CA LYS A 56 4.41 12.32 3.49
C LYS A 56 4.50 12.28 1.97
N VAL A 57 3.31 12.29 1.36
CA VAL A 57 3.15 12.13 -0.08
C VAL A 57 1.67 12.28 -0.41
N GLN A 58 1.38 12.74 -1.61
CA GLN A 58 0.01 12.80 -2.09
C GLN A 58 -0.29 11.69 -3.09
N ILE A 59 -1.11 10.74 -2.66
CA ILE A 59 -1.90 9.88 -3.54
C ILE A 59 -3.36 10.21 -3.25
N PRO A 60 -4.03 10.99 -4.09
CA PRO A 60 -5.17 11.79 -3.63
C PRO A 60 -6.42 10.95 -3.33
N GLU A 61 -7.52 11.23 -4.03
CA GLU A 61 -8.51 10.18 -4.27
C GLU A 61 -8.53 9.84 -5.76
N GLU A 62 -7.34 9.74 -6.37
CA GLU A 62 -7.23 9.37 -7.78
C GLU A 62 -6.72 7.96 -7.98
N LYS A 63 -5.41 7.77 -8.20
CA LYS A 63 -4.79 6.47 -8.50
C LYS A 63 -5.26 5.35 -7.56
N LEU A 64 -6.49 5.44 -7.07
CA LEU A 64 -7.13 4.35 -6.35
C LEU A 64 -7.15 3.06 -7.15
N VAL A 65 -7.74 3.08 -8.36
CA VAL A 65 -7.87 1.85 -9.15
C VAL A 65 -6.61 1.00 -9.03
N ASP A 66 -5.44 1.64 -9.00
CA ASP A 66 -4.16 0.98 -8.88
C ASP A 66 -3.94 0.31 -7.51
N ILE A 67 -4.92 0.34 -6.61
CA ILE A 67 -4.80 -0.20 -5.24
C ILE A 67 -5.46 -1.58 -5.16
N THR A 68 -4.75 -2.63 -5.57
CA THR A 68 -5.37 -3.92 -5.85
C THR A 68 -4.71 -5.13 -5.18
N SER A 69 -3.40 -5.11 -4.97
CA SER A 69 -2.71 -6.12 -4.19
C SER A 69 -1.65 -5.40 -3.35
N LEU A 70 -1.08 -6.11 -2.38
CA LEU A 70 -0.05 -5.47 -1.58
C LEU A 70 1.11 -5.04 -2.46
N SER A 71 1.50 -5.91 -3.41
CA SER A 71 2.64 -5.61 -4.26
C SER A 71 2.36 -4.42 -5.17
N ALA A 72 1.18 -4.36 -5.78
CA ALA A 72 0.79 -3.17 -6.54
C ALA A 72 0.76 -1.93 -5.66
N THR A 73 0.27 -2.07 -4.42
CA THR A 73 0.20 -0.92 -3.52
C THR A 73 1.59 -0.43 -3.14
N ILE A 74 2.50 -1.37 -2.90
CA ILE A 74 3.89 -1.02 -2.63
C ILE A 74 4.49 -0.34 -3.86
N GLY A 75 4.20 -0.89 -5.05
CA GLY A 75 4.74 -0.31 -6.27
C GLY A 75 4.24 1.11 -6.47
N LEU A 76 2.97 1.35 -6.16
CA LEU A 76 2.42 2.70 -6.24
C LEU A 76 3.14 3.65 -5.30
N THR A 77 3.37 3.20 -4.06
CA THR A 77 3.99 4.04 -3.06
C THR A 77 5.43 4.40 -3.49
N LYS A 78 6.16 3.43 -4.04
CA LYS A 78 7.52 3.70 -4.52
C LYS A 78 7.52 4.72 -5.65
N SER A 79 6.66 4.53 -6.64
CA SER A 79 6.57 5.47 -7.77
C SER A 79 6.25 6.89 -7.32
N VAL A 80 5.28 7.07 -6.42
CA VAL A 80 4.96 8.43 -6.00
C VAL A 80 6.06 8.96 -5.08
N LEU A 81 6.77 8.08 -4.39
CA LEU A 81 7.93 8.54 -3.64
C LEU A 81 9.04 8.98 -4.59
N ALA A 82 9.20 8.26 -5.70
CA ALA A 82 10.21 8.63 -6.69
C ALA A 82 9.89 10.00 -7.30
N GLU A 83 8.61 10.31 -7.40
CA GLU A 83 8.18 11.55 -8.03
C GLU A 83 8.43 12.77 -7.16
N SER A 84 8.64 12.60 -5.86
CA SER A 84 9.02 13.71 -5.00
C SER A 84 10.48 13.62 -4.52
N GLY A 85 11.32 12.83 -5.18
CA GLY A 85 12.73 12.82 -4.85
C GLY A 85 13.06 12.14 -3.54
N LYS A 86 12.19 11.24 -3.06
CA LYS A 86 12.32 10.56 -1.78
C LYS A 86 12.99 9.20 -1.89
N LEU A 87 12.57 8.41 -2.86
CA LEU A 87 12.87 6.98 -2.91
C LEU A 87 14.36 6.72 -2.93
N GLU A 88 14.83 5.82 -2.07
CA GLU A 88 16.15 5.20 -2.27
C GLU A 88 15.93 3.76 -2.70
N HIS A 89 16.39 3.47 -3.91
CA HIS A 89 16.09 2.23 -4.59
C HIS A 89 17.40 1.69 -5.11
N HIS A 90 17.49 0.37 -5.30
CA HIS A 90 18.73 -0.31 -5.75
C HIS A 90 19.71 0.59 -6.52
N ASP A 2 14.91 3.14 -0.09
CA ASP A 2 14.53 2.52 1.16
C ASP A 2 13.40 1.53 0.90
N ASP A 3 13.73 0.49 0.13
CA ASP A 3 12.73 -0.48 -0.23
C ASP A 3 12.15 -1.18 1.02
N GLU A 4 13.03 -1.53 1.98
CA GLU A 4 12.54 -2.22 3.19
C GLU A 4 11.55 -1.35 3.95
N GLU A 5 11.87 -0.09 4.17
CA GLU A 5 10.99 0.76 4.96
C GLU A 5 9.65 0.94 4.28
N ILE A 6 9.65 1.07 2.95
CA ILE A 6 8.39 1.21 2.22
C ILE A 6 7.59 -0.08 2.31
N GLU A 7 8.25 -1.21 2.05
CA GLU A 7 7.55 -2.50 2.09
C GLU A 7 6.94 -2.77 3.45
N LYS A 8 7.70 -2.51 4.51
CA LYS A 8 7.23 -2.76 5.86
C LYS A 8 6.11 -1.79 6.27
N GLY A 9 6.30 -0.51 5.94
CA GLY A 9 5.29 0.47 6.26
C GLY A 9 3.96 0.23 5.56
N VAL A 10 4.01 -0.15 4.28
CA VAL A 10 2.77 -0.40 3.56
C VAL A 10 2.12 -1.68 4.08
N THR A 11 2.92 -2.69 4.41
CA THR A 11 2.36 -3.92 4.98
C THR A 11 1.64 -3.64 6.27
N SER A 12 2.26 -2.86 7.17
CA SER A 12 1.63 -2.51 8.43
C SER A 12 0.28 -1.82 8.21
N ILE A 13 0.22 -0.87 7.27
CA ILE A 13 -1.04 -0.16 7.02
C ILE A 13 -2.11 -1.10 6.52
N VAL A 14 -1.77 -1.95 5.55
CA VAL A 14 -2.77 -2.84 4.98
C VAL A 14 -3.24 -3.84 6.03
N ALA A 15 -2.30 -4.36 6.85
CA ALA A 15 -2.67 -5.23 7.98
C ALA A 15 -3.64 -4.54 8.92
N GLU A 16 -3.35 -3.30 9.31
CA GLU A 16 -4.38 -2.56 10.05
C GLU A 16 -5.68 -2.63 9.28
N VAL A 17 -5.80 -1.86 8.19
CA VAL A 17 -7.12 -1.63 7.59
C VAL A 17 -7.92 -2.92 7.52
N THR A 18 -7.27 -4.02 7.23
CA THR A 18 -7.93 -5.27 6.93
C THR A 18 -8.05 -6.17 8.15
N GLU A 19 -7.41 -5.79 9.25
CA GLU A 19 -7.50 -6.53 10.49
C GLU A 19 -6.93 -7.94 10.31
N LEU A 20 -5.82 -8.00 9.58
CA LEU A 20 -5.10 -9.24 9.36
C LEU A 20 -3.67 -9.11 9.87
N ASP A 21 -3.02 -10.26 10.05
CA ASP A 21 -1.67 -10.34 10.55
C ASP A 21 -0.66 -9.85 9.50
N GLU A 22 0.35 -9.11 9.97
CA GLU A 22 1.36 -8.56 9.07
C GLU A 22 2.04 -9.66 8.27
N LYS A 23 2.44 -10.73 8.93
CA LYS A 23 3.12 -11.84 8.28
C LYS A 23 2.27 -12.42 7.15
N GLU A 24 0.98 -12.65 7.40
CA GLU A 24 0.25 -13.37 6.37
C GLU A 24 -0.25 -12.43 5.27
N ILE A 25 -0.39 -11.14 5.56
CA ILE A 25 -0.57 -10.17 4.47
C ILE A 25 0.64 -10.22 3.54
N TRP A 26 1.84 -10.26 4.14
CA TRP A 26 3.07 -10.32 3.34
C TRP A 26 3.14 -11.61 2.52
N GLU A 27 2.85 -12.77 3.13
CA GLU A 27 2.83 -13.99 2.35
C GLU A 27 1.78 -13.92 1.24
N LYS A 28 0.76 -13.10 1.43
CA LYS A 28 -0.30 -12.85 0.46
C LYS A 28 0.00 -11.71 -0.49
N ARG A 29 1.27 -11.29 -0.63
CA ARG A 29 1.52 -9.99 -1.26
C ARG A 29 1.06 -9.94 -2.72
N ASP A 30 1.10 -11.05 -3.44
CA ASP A 30 0.76 -11.11 -4.86
C ASP A 30 -0.69 -11.53 -5.13
N ALA A 31 -1.53 -11.61 -4.10
CA ALA A 31 -2.94 -11.94 -4.28
C ALA A 31 -3.72 -10.68 -4.61
N ASN A 32 -4.99 -10.84 -4.99
CA ASN A 32 -5.80 -9.69 -5.36
C ASN A 32 -6.64 -9.17 -4.20
N PHE A 33 -6.65 -7.84 -4.05
CA PHE A 33 -7.38 -7.19 -2.96
C PHE A 33 -8.89 -7.36 -3.14
N PHE A 34 -9.44 -6.68 -4.16
CA PHE A 34 -10.88 -6.63 -4.30
C PHE A 34 -11.49 -8.02 -4.38
N GLN A 35 -10.68 -9.04 -4.68
CA GLN A 35 -11.21 -10.33 -5.10
C GLN A 35 -10.84 -11.44 -4.14
N ASP A 36 -9.55 -11.60 -3.86
CA ASP A 36 -9.02 -12.88 -3.38
C ASP A 36 -8.28 -12.81 -2.06
N LEU A 37 -8.62 -11.86 -1.18
CA LEU A 37 -8.02 -11.79 0.17
C LEU A 37 -8.88 -11.00 1.13
N GLU A 38 -9.00 -9.69 0.94
CA GLU A 38 -9.86 -8.81 1.76
C GLU A 38 -9.59 -7.32 1.49
N ILE A 39 -10.58 -6.67 0.84
CA ILE A 39 -10.64 -5.21 0.68
C ILE A 39 -11.73 -4.85 -0.33
N ASP A 40 -12.44 -3.75 -0.03
CA ASP A 40 -13.33 -3.05 -0.96
C ASP A 40 -12.93 -1.58 -1.03
N SER A 41 -13.73 -0.78 -1.75
CA SER A 41 -13.33 0.59 -2.07
C SER A 41 -13.18 1.48 -0.84
N LEU A 42 -14.06 1.32 0.15
CA LEU A 42 -13.87 2.05 1.41
C LEU A 42 -12.55 1.69 2.07
N LEU A 43 -12.25 0.40 2.14
CA LEU A 43 -10.98 -0.01 2.75
C LEU A 43 -9.82 0.50 1.93
N ALA A 44 -9.90 0.41 0.60
CA ALA A 44 -8.80 0.85 -0.24
C ALA A 44 -8.59 2.35 -0.07
N LEU A 45 -9.68 3.09 0.02
CA LEU A 45 -9.58 4.51 0.29
C LEU A 45 -8.84 4.77 1.60
N GLU A 46 -9.08 3.95 2.63
CA GLU A 46 -8.39 4.21 3.89
C GLU A 46 -6.91 3.86 3.81
N ILE A 47 -6.58 2.83 3.03
CA ILE A 47 -5.18 2.49 2.82
C ILE A 47 -4.48 3.68 2.19
N LEU A 48 -5.09 4.24 1.15
CA LEU A 48 -4.47 5.37 0.46
C LEU A 48 -4.22 6.53 1.41
N ALA A 49 -5.21 6.89 2.25
CA ALA A 49 -5.05 8.04 3.14
C ALA A 49 -3.95 7.80 4.15
N LEU A 50 -3.84 6.55 4.64
CA LEU A 50 -2.83 6.22 5.63
C LEU A 50 -1.42 6.21 5.03
N ILE A 51 -1.27 5.84 3.77
CA ILE A 51 0.03 5.91 3.12
C ILE A 51 0.44 7.37 2.95
N GLU A 52 -0.48 8.19 2.47
CA GLU A 52 -0.22 9.63 2.38
C GLU A 52 0.35 10.17 3.69
N LYS A 53 -0.24 9.78 4.81
CA LYS A 53 0.25 10.22 6.10
C LYS A 53 1.65 9.74 6.38
N LYS A 54 1.85 8.42 6.36
CA LYS A 54 3.08 7.84 6.90
C LYS A 54 4.31 8.30 6.13
N PHE A 55 4.19 8.43 4.82
CA PHE A 55 5.32 8.76 3.95
C PHE A 55 5.32 10.23 3.52
N LYS A 56 4.19 10.90 3.68
CA LYS A 56 4.04 12.35 3.50
C LYS A 56 3.96 12.72 2.02
N VAL A 57 3.04 12.06 1.34
CA VAL A 57 2.84 12.24 -0.10
C VAL A 57 1.34 12.39 -0.35
N GLN A 58 0.99 12.84 -1.55
CA GLN A 58 -0.37 12.72 -2.02
C GLN A 58 -0.49 11.72 -3.16
N ILE A 59 -1.29 10.68 -2.92
CA ILE A 59 -1.93 9.89 -3.95
C ILE A 59 -3.40 10.26 -3.85
N PRO A 60 -3.95 11.02 -4.78
CA PRO A 60 -5.33 11.47 -4.62
C PRO A 60 -6.34 10.31 -4.63
N GLU A 61 -7.54 10.64 -5.11
CA GLU A 61 -8.50 9.59 -5.45
C GLU A 61 -8.52 9.39 -6.97
N GLU A 62 -7.34 9.16 -7.56
CA GLU A 62 -7.21 8.87 -8.99
C GLU A 62 -6.29 7.68 -9.24
N LYS A 63 -5.18 7.55 -8.50
CA LYS A 63 -4.42 6.30 -8.43
C LYS A 63 -4.97 5.34 -7.38
N LEU A 64 -6.04 5.74 -6.68
CA LEU A 64 -6.71 4.80 -5.80
C LEU A 64 -6.95 3.47 -6.51
N VAL A 65 -7.06 3.49 -7.85
CA VAL A 65 -7.51 2.30 -8.56
C VAL A 65 -6.43 1.22 -8.55
N ASP A 66 -5.16 1.60 -8.79
CA ASP A 66 -4.09 0.61 -8.83
C ASP A 66 -4.14 -0.30 -7.61
N ILE A 67 -4.28 0.27 -6.42
CA ILE A 67 -4.36 -0.45 -5.15
C ILE A 67 -5.23 -1.69 -5.30
N THR A 68 -4.62 -2.79 -5.76
CA THR A 68 -5.30 -4.04 -6.05
C THR A 68 -4.62 -5.27 -5.47
N SER A 69 -3.39 -5.10 -4.96
CA SER A 69 -2.68 -6.14 -4.23
C SER A 69 -1.66 -5.41 -3.36
N LEU A 70 -1.06 -6.12 -2.42
CA LEU A 70 -0.02 -5.46 -1.65
C LEU A 70 1.14 -5.07 -2.56
N SER A 71 1.52 -5.96 -3.48
CA SER A 71 2.62 -5.67 -4.40
C SER A 71 2.34 -4.42 -5.22
N ALA A 72 1.19 -4.35 -5.88
CA ALA A 72 0.84 -3.14 -6.63
C ALA A 72 0.79 -1.92 -5.72
N THR A 73 0.27 -2.08 -4.50
CA THR A 73 0.20 -0.95 -3.58
C THR A 73 1.59 -0.47 -3.19
N ILE A 74 2.51 -1.41 -2.97
CA ILE A 74 3.90 -1.05 -2.71
C ILE A 74 4.50 -0.39 -3.93
N GLY A 75 4.20 -0.92 -5.11
CA GLY A 75 4.71 -0.34 -6.33
C GLY A 75 4.23 1.09 -6.50
N LEU A 76 2.96 1.34 -6.18
CA LEU A 76 2.41 2.69 -6.27
C LEU A 76 3.13 3.64 -5.33
N THR A 77 3.35 3.21 -4.10
CA THR A 77 3.98 4.04 -3.10
C THR A 77 5.41 4.39 -3.52
N LYS A 78 6.11 3.43 -4.12
CA LYS A 78 7.50 3.68 -4.54
C LYS A 78 7.54 4.70 -5.68
N SER A 79 6.71 4.53 -6.71
CA SER A 79 6.68 5.47 -7.82
C SER A 79 6.30 6.87 -7.37
N VAL A 80 5.34 7.00 -6.44
CA VAL A 80 4.96 8.32 -5.97
C VAL A 80 6.07 8.90 -5.10
N LEU A 81 6.80 8.05 -4.38
CA LEU A 81 7.94 8.56 -3.63
C LEU A 81 9.05 9.03 -4.57
N ALA A 82 9.23 8.32 -5.70
CA ALA A 82 10.27 8.69 -6.65
C ALA A 82 9.93 9.97 -7.37
N GLU A 83 8.64 10.16 -7.68
CA GLU A 83 8.20 11.43 -8.25
C GLU A 83 8.34 12.57 -7.26
N SER A 84 8.41 12.29 -5.96
CA SER A 84 8.66 13.30 -4.94
C SER A 84 10.12 13.33 -4.49
N GLY A 85 11.02 12.69 -5.25
CA GLY A 85 12.44 12.82 -4.97
C GLY A 85 12.88 12.27 -3.64
N LYS A 86 12.12 11.32 -3.08
CA LYS A 86 12.43 10.83 -1.76
C LYS A 86 12.36 9.30 -1.71
N LEU A 87 12.74 8.64 -2.81
CA LEU A 87 12.89 7.19 -2.88
C LEU A 87 14.37 6.83 -2.94
N GLU A 88 14.76 5.79 -2.20
CA GLU A 88 16.08 5.20 -2.37
C GLU A 88 15.91 3.71 -2.68
N HIS A 89 16.38 3.31 -3.84
CA HIS A 89 15.92 2.09 -4.46
C HIS A 89 17.09 1.29 -4.97
N HIS A 90 17.23 0.05 -4.50
CA HIS A 90 18.34 -0.81 -4.92
C HIS A 90 19.67 -0.08 -4.89
N ASP A 2 15.59 2.52 0.75
CA ASP A 2 14.60 2.24 1.76
C ASP A 2 13.39 1.50 1.15
N ASP A 3 13.69 0.58 0.24
CA ASP A 3 12.68 -0.36 -0.22
C ASP A 3 12.07 -1.15 0.94
N GLU A 4 12.90 -1.74 1.80
CA GLU A 4 12.36 -2.53 2.90
C GLU A 4 11.57 -1.63 3.86
N GLU A 5 11.98 -0.37 3.97
CA GLU A 5 11.26 0.57 4.82
C GLU A 5 9.87 0.84 4.27
N ILE A 6 9.74 1.00 2.95
CA ILE A 6 8.43 1.22 2.38
C ILE A 6 7.63 -0.07 2.39
N GLU A 7 8.30 -1.20 2.14
CA GLU A 7 7.60 -2.48 2.14
C GLU A 7 7.00 -2.79 3.50
N LYS A 8 7.73 -2.51 4.57
CA LYS A 8 7.23 -2.78 5.92
C LYS A 8 6.13 -1.79 6.32
N GLY A 9 6.30 -0.52 5.95
CA GLY A 9 5.30 0.47 6.29
C GLY A 9 3.97 0.24 5.58
N VAL A 10 4.01 -0.15 4.31
CA VAL A 10 2.77 -0.39 3.59
C VAL A 10 2.11 -1.67 4.10
N THR A 11 2.91 -2.70 4.39
CA THR A 11 2.35 -3.92 4.97
C THR A 11 1.64 -3.62 6.27
N SER A 12 2.29 -2.85 7.14
CA SER A 12 1.71 -2.45 8.41
C SER A 12 0.34 -1.79 8.20
N ILE A 13 0.24 -0.89 7.22
CA ILE A 13 -1.01 -0.17 6.98
C ILE A 13 -2.09 -1.11 6.49
N VAL A 14 -1.75 -1.99 5.54
CA VAL A 14 -2.79 -2.85 4.98
C VAL A 14 -3.28 -3.84 6.04
N ALA A 15 -2.36 -4.39 6.86
CA ALA A 15 -2.76 -5.28 7.95
C ALA A 15 -3.72 -4.61 8.91
N GLU A 16 -3.40 -3.39 9.31
CA GLU A 16 -4.18 -2.70 10.33
C GLU A 16 -5.56 -2.32 9.78
N VAL A 17 -5.63 -1.97 8.49
CA VAL A 17 -6.92 -1.62 7.90
C VAL A 17 -7.79 -2.87 7.69
N THR A 18 -7.20 -3.96 7.25
CA THR A 18 -7.93 -5.20 7.03
C THR A 18 -8.07 -6.03 8.29
N GLU A 19 -7.42 -5.62 9.37
CA GLU A 19 -7.45 -6.35 10.63
C GLU A 19 -6.95 -7.79 10.42
N LEU A 20 -5.83 -7.90 9.71
CA LEU A 20 -5.13 -9.17 9.48
C LEU A 20 -3.69 -9.08 9.95
N ASP A 21 -3.03 -10.24 10.09
CA ASP A 21 -1.66 -10.28 10.59
C ASP A 21 -0.66 -9.85 9.51
N GLU A 22 0.39 -9.11 9.94
CA GLU A 22 1.35 -8.58 8.99
C GLU A 22 2.06 -9.68 8.22
N LYS A 23 2.53 -10.73 8.92
CA LYS A 23 3.20 -11.81 8.20
C LYS A 23 2.25 -12.44 7.19
N GLU A 24 0.97 -12.54 7.53
CA GLU A 24 0.09 -13.23 6.61
C GLU A 24 -0.22 -12.35 5.40
N ILE A 25 -0.38 -11.05 5.60
CA ILE A 25 -0.55 -10.12 4.47
C ILE A 25 0.67 -10.21 3.56
N TRP A 26 1.86 -10.23 4.17
CA TRP A 26 3.09 -10.33 3.38
C TRP A 26 3.12 -11.61 2.55
N GLU A 27 2.72 -12.74 3.15
CA GLU A 27 2.73 -14.00 2.41
C GLU A 27 1.85 -13.95 1.17
N LYS A 28 0.72 -13.25 1.24
CA LYS A 28 -0.18 -13.11 0.11
C LYS A 28 -0.03 -11.75 -0.54
N ARG A 29 1.22 -11.30 -0.71
CA ARG A 29 1.48 -10.00 -1.32
C ARG A 29 1.06 -9.94 -2.79
N ASP A 30 1.25 -11.03 -3.53
CA ASP A 30 0.84 -11.13 -4.93
C ASP A 30 -0.49 -11.84 -5.09
N ALA A 31 -1.58 -11.21 -4.65
CA ALA A 31 -2.89 -11.81 -4.54
C ALA A 31 -3.96 -10.72 -4.56
N ASN A 32 -5.07 -11.03 -5.21
CA ASN A 32 -6.16 -10.08 -5.45
C ASN A 32 -6.78 -9.58 -4.14
N PHE A 33 -6.77 -8.26 -3.98
CA PHE A 33 -7.17 -7.61 -2.73
C PHE A 33 -8.63 -7.91 -2.38
N PHE A 34 -9.50 -7.75 -3.36
CA PHE A 34 -10.94 -7.63 -3.14
C PHE A 34 -11.65 -8.97 -3.22
N GLN A 35 -10.90 -10.06 -3.14
CA GLN A 35 -11.36 -11.30 -3.75
C GLN A 35 -10.55 -12.49 -3.23
N ASP A 36 -9.27 -12.28 -2.97
CA ASP A 36 -8.32 -13.34 -2.63
C ASP A 36 -7.42 -12.95 -1.45
N LEU A 37 -7.02 -11.69 -1.34
CA LEU A 37 -6.87 -11.03 -0.05
C LEU A 37 -8.20 -10.39 0.33
N GLU A 38 -8.25 -9.56 1.38
CA GLU A 38 -9.53 -9.20 1.99
C GLU A 38 -9.76 -7.68 2.15
N ILE A 39 -10.10 -7.02 1.01
CA ILE A 39 -10.31 -5.57 0.96
C ILE A 39 -11.49 -5.20 0.05
N ASP A 40 -11.75 -3.88 -0.06
CA ASP A 40 -12.89 -3.26 -0.77
C ASP A 40 -12.73 -1.72 -0.80
N SER A 41 -13.61 -1.05 -1.56
CA SER A 41 -13.33 0.33 -1.98
C SER A 41 -13.21 1.32 -0.82
N LEU A 42 -14.09 1.23 0.20
CA LEU A 42 -13.87 2.01 1.41
C LEU A 42 -12.55 1.65 2.08
N LEU A 43 -12.27 0.36 2.22
CA LEU A 43 -11.01 -0.03 2.81
C LEU A 43 -9.83 0.48 1.98
N ALA A 44 -9.94 0.38 0.65
CA ALA A 44 -8.84 0.82 -0.20
C ALA A 44 -8.61 2.32 -0.07
N LEU A 45 -9.68 3.09 0.10
CA LEU A 45 -9.46 4.51 0.29
C LEU A 45 -8.80 4.77 1.63
N GLU A 46 -9.07 3.96 2.65
CA GLU A 46 -8.39 4.19 3.92
C GLU A 46 -6.91 3.82 3.84
N ILE A 47 -6.59 2.80 3.04
CA ILE A 47 -5.18 2.48 2.80
C ILE A 47 -4.51 3.69 2.17
N LEU A 48 -5.09 4.20 1.08
CA LEU A 48 -4.50 5.37 0.41
C LEU A 48 -4.24 6.50 1.39
N ALA A 49 -5.22 6.85 2.23
CA ALA A 49 -5.09 8.01 3.11
C ALA A 49 -3.98 7.80 4.12
N LEU A 50 -3.86 6.58 4.66
CA LEU A 50 -2.84 6.31 5.67
C LEU A 50 -1.44 6.25 5.04
N ILE A 51 -1.32 5.85 3.78
CA ILE A 51 -0.02 5.90 3.12
C ILE A 51 0.42 7.36 3.00
N GLU A 52 -0.48 8.22 2.54
CA GLU A 52 -0.21 9.66 2.55
C GLU A 52 0.33 10.10 3.91
N LYS A 53 -0.28 9.61 4.98
CA LYS A 53 0.09 10.06 6.32
C LYS A 53 1.53 9.68 6.64
N LYS A 54 1.86 8.39 6.58
CA LYS A 54 3.12 7.95 7.16
C LYS A 54 4.29 8.21 6.22
N PHE A 55 4.05 8.30 4.92
CA PHE A 55 5.10 8.64 3.96
C PHE A 55 5.02 10.10 3.56
N LYS A 56 4.38 10.90 4.41
CA LYS A 56 4.08 12.32 4.20
C LYS A 56 4.16 12.69 2.72
N VAL A 57 3.20 12.14 1.98
CA VAL A 57 3.03 12.43 0.56
C VAL A 57 1.55 12.57 0.29
N GLN A 58 1.23 13.27 -0.78
CA GLN A 58 -0.13 13.25 -1.29
C GLN A 58 -0.18 12.33 -2.51
N ILE A 59 -1.30 11.60 -2.63
CA ILE A 59 -1.50 10.61 -3.67
C ILE A 59 -2.83 10.94 -4.34
N PRO A 60 -2.85 11.37 -5.58
CA PRO A 60 -4.13 11.71 -6.22
C PRO A 60 -5.11 10.54 -6.21
N GLU A 61 -6.37 10.87 -6.47
CA GLU A 61 -7.43 9.86 -6.52
C GLU A 61 -7.71 9.41 -7.95
N GLU A 62 -6.66 9.28 -8.76
CA GLU A 62 -6.75 8.41 -9.92
C GLU A 62 -5.84 7.21 -9.74
N LYS A 63 -5.05 7.22 -8.67
CA LYS A 63 -4.22 6.09 -8.27
C LYS A 63 -4.91 5.18 -7.27
N LEU A 64 -6.08 5.55 -6.79
CA LEU A 64 -6.82 4.63 -5.95
C LEU A 64 -7.13 3.33 -6.69
N VAL A 65 -6.89 3.28 -8.02
CA VAL A 65 -7.25 2.10 -8.80
C VAL A 65 -6.26 0.96 -8.60
N ASP A 66 -4.95 1.23 -8.72
CA ASP A 66 -3.94 0.25 -8.38
C ASP A 66 -4.37 -0.63 -7.21
N ILE A 67 -4.60 -0.02 -6.04
CA ILE A 67 -4.86 -0.70 -4.77
C ILE A 67 -5.60 -2.03 -4.98
N THR A 68 -4.94 -2.99 -5.62
CA THR A 68 -5.52 -4.29 -5.92
C THR A 68 -4.72 -5.46 -5.37
N SER A 69 -3.56 -5.20 -4.78
CA SER A 69 -2.80 -6.20 -4.06
C SER A 69 -1.72 -5.47 -3.29
N LEU A 70 -1.07 -6.18 -2.36
CA LEU A 70 -0.05 -5.50 -1.59
C LEU A 70 1.10 -5.07 -2.49
N SER A 71 1.49 -5.94 -3.43
CA SER A 71 2.61 -5.63 -4.31
C SER A 71 2.32 -4.43 -5.20
N ALA A 72 1.10 -4.37 -5.74
CA ALA A 72 0.71 -3.19 -6.52
C ALA A 72 0.72 -1.94 -5.65
N THR A 73 0.26 -2.07 -4.41
CA THR A 73 0.20 -0.92 -3.51
C THR A 73 1.60 -0.46 -3.13
N ILE A 74 2.51 -1.40 -2.90
CA ILE A 74 3.91 -1.06 -2.65
C ILE A 74 4.51 -0.38 -3.88
N GLY A 75 4.21 -0.92 -5.06
CA GLY A 75 4.75 -0.34 -6.27
C GLY A 75 4.25 1.08 -6.50
N LEU A 76 2.99 1.33 -6.17
CA LEU A 76 2.43 2.67 -6.28
C LEU A 76 3.13 3.62 -5.33
N THR A 77 3.35 3.18 -4.10
CA THR A 77 3.98 4.02 -3.09
C THR A 77 5.43 4.37 -3.50
N LYS A 78 6.11 3.42 -4.14
CA LYS A 78 7.48 3.67 -4.57
C LYS A 78 7.54 4.75 -5.65
N SER A 79 6.66 4.67 -6.65
CA SER A 79 6.62 5.67 -7.71
C SER A 79 6.25 7.06 -7.18
N VAL A 80 5.24 7.14 -6.31
CA VAL A 80 4.89 8.43 -5.72
C VAL A 80 6.05 8.98 -4.91
N LEU A 81 6.82 8.11 -4.26
CA LEU A 81 7.98 8.59 -3.53
C LEU A 81 9.08 9.04 -4.49
N ALA A 82 9.22 8.35 -5.64
CA ALA A 82 10.27 8.70 -6.58
C ALA A 82 9.92 9.97 -7.34
N GLU A 83 8.62 10.20 -7.57
CA GLU A 83 8.18 11.50 -8.07
C GLU A 83 8.45 12.62 -7.08
N SER A 84 8.53 12.32 -5.79
CA SER A 84 8.81 13.31 -4.76
C SER A 84 10.28 13.33 -4.34
N GLY A 85 11.18 12.84 -5.20
CA GLY A 85 12.58 12.85 -4.88
C GLY A 85 12.94 12.23 -3.56
N LYS A 86 12.11 11.32 -3.02
CA LYS A 86 12.37 10.78 -1.69
C LYS A 86 12.42 9.25 -1.69
N LEU A 87 12.66 8.63 -2.84
CA LEU A 87 12.80 7.18 -2.93
C LEU A 87 14.27 6.78 -2.85
N GLU A 88 14.61 5.93 -1.90
CA GLU A 88 15.96 5.43 -1.70
C GLU A 88 15.96 3.98 -2.15
N HIS A 89 16.36 3.74 -3.40
CA HIS A 89 15.97 2.50 -4.11
C HIS A 89 17.10 1.63 -4.62
N HIS A 90 16.99 0.34 -4.31
CA HIS A 90 17.93 -0.73 -4.73
C HIS A 90 19.20 -0.22 -5.39
N ASP A 2 14.70 3.71 -0.01
CA ASP A 2 14.12 3.28 1.24
C ASP A 2 13.21 2.04 1.05
N ASP A 3 13.69 1.07 0.28
CA ASP A 3 12.85 -0.04 -0.17
C ASP A 3 12.20 -0.83 0.98
N GLU A 4 12.99 -1.48 1.81
CA GLU A 4 12.40 -2.35 2.81
C GLU A 4 11.63 -1.52 3.85
N GLU A 5 12.09 -0.28 4.06
CA GLU A 5 11.31 0.71 4.79
C GLU A 5 9.91 0.87 4.19
N ILE A 6 9.81 0.98 2.86
CA ILE A 6 8.50 1.16 2.24
C ILE A 6 7.67 -0.10 2.39
N GLU A 7 8.29 -1.25 2.14
CA GLU A 7 7.58 -2.53 2.21
C GLU A 7 7.05 -2.79 3.61
N LYS A 8 7.85 -2.47 4.64
CA LYS A 8 7.45 -2.56 6.05
C LYS A 8 6.21 -1.71 6.34
N GLY A 9 6.27 -0.45 5.91
CA GLY A 9 5.24 0.49 6.27
C GLY A 9 3.93 0.25 5.56
N VAL A 10 3.99 -0.15 4.29
CA VAL A 10 2.76 -0.41 3.57
C VAL A 10 2.10 -1.68 4.09
N THR A 11 2.91 -2.71 4.40
CA THR A 11 2.34 -3.93 4.97
C THR A 11 1.62 -3.64 6.27
N SER A 12 2.24 -2.85 7.14
CA SER A 12 1.63 -2.53 8.43
C SER A 12 0.28 -1.82 8.24
N ILE A 13 0.20 -0.89 7.28
CA ILE A 13 -1.05 -0.16 7.05
C ILE A 13 -2.12 -1.09 6.51
N VAL A 14 -1.78 -1.95 5.56
CA VAL A 14 -2.80 -2.83 4.99
C VAL A 14 -3.28 -3.83 6.05
N ALA A 15 -2.35 -4.35 6.86
CA ALA A 15 -2.73 -5.22 7.98
C ALA A 15 -3.70 -4.51 8.93
N GLU A 16 -3.40 -3.27 9.29
CA GLU A 16 -4.24 -2.56 10.24
C GLU A 16 -5.64 -2.32 9.67
N VAL A 17 -5.72 -1.91 8.39
CA VAL A 17 -7.03 -1.65 7.77
C VAL A 17 -7.83 -2.94 7.64
N THR A 18 -7.20 -4.01 7.24
CA THR A 18 -7.88 -5.25 6.97
C THR A 18 -8.05 -6.11 8.22
N GLU A 19 -7.49 -5.65 9.33
CA GLU A 19 -7.45 -6.39 10.59
C GLU A 19 -6.92 -7.81 10.37
N LEU A 20 -5.81 -7.90 9.66
CA LEU A 20 -5.13 -9.18 9.44
C LEU A 20 -3.69 -9.09 9.92
N ASP A 21 -3.03 -10.24 10.01
CA ASP A 21 -1.68 -10.35 10.55
C ASP A 21 -0.65 -9.87 9.53
N GLU A 22 0.35 -9.09 10.01
CA GLU A 22 1.36 -8.53 9.12
C GLU A 22 2.04 -9.61 8.28
N LYS A 23 2.43 -10.73 8.89
CA LYS A 23 3.18 -11.70 8.10
C LYS A 23 2.26 -12.49 7.18
N GLU A 24 1.00 -12.67 7.57
CA GLU A 24 0.09 -13.38 6.68
C GLU A 24 -0.22 -12.52 5.45
N ILE A 25 -0.32 -11.18 5.63
CA ILE A 25 -0.51 -10.25 4.52
C ILE A 25 0.69 -10.29 3.58
N TRP A 26 1.88 -10.31 4.16
CA TRP A 26 3.09 -10.37 3.36
C TRP A 26 3.14 -11.64 2.52
N GLU A 27 2.79 -12.79 3.11
CA GLU A 27 2.73 -14.03 2.36
C GLU A 27 1.84 -13.92 1.13
N LYS A 28 0.74 -13.20 1.24
CA LYS A 28 -0.24 -13.05 0.18
C LYS A 28 -0.06 -11.75 -0.57
N ARG A 29 1.19 -11.32 -0.76
CA ARG A 29 1.45 -9.99 -1.33
C ARG A 29 0.97 -9.84 -2.77
N ASP A 30 0.81 -10.93 -3.51
CA ASP A 30 0.19 -10.90 -4.83
C ASP A 30 -1.29 -11.22 -4.81
N ALA A 31 -1.82 -11.69 -3.69
CA ALA A 31 -3.23 -12.06 -3.62
C ALA A 31 -4.10 -10.86 -4.01
N ASN A 32 -5.13 -11.17 -4.78
CA ASN A 32 -6.17 -10.20 -5.14
C ASN A 32 -6.79 -9.60 -3.89
N PHE A 33 -6.99 -8.30 -3.89
CA PHE A 33 -7.54 -7.64 -2.72
C PHE A 33 -9.01 -8.02 -2.51
N PHE A 34 -9.84 -7.79 -3.52
CA PHE A 34 -11.28 -7.74 -3.31
C PHE A 34 -11.93 -9.12 -3.21
N GLN A 35 -11.30 -10.18 -3.74
CA GLN A 35 -11.81 -11.53 -3.49
C GLN A 35 -10.84 -12.38 -2.67
N ASP A 36 -9.65 -12.66 -3.21
CA ASP A 36 -8.63 -13.35 -2.43
C ASP A 36 -8.41 -12.70 -1.08
N LEU A 37 -7.33 -11.94 -0.89
CA LEU A 37 -7.13 -11.14 0.32
C LEU A 37 -8.43 -10.44 0.73
N GLU A 38 -8.47 -9.75 1.87
CA GLU A 38 -9.71 -9.49 2.61
C GLU A 38 -10.08 -7.98 2.64
N ILE A 39 -10.89 -7.48 1.66
CA ILE A 39 -11.01 -6.03 1.46
C ILE A 39 -12.14 -5.62 0.52
N ASP A 40 -12.18 -4.30 0.17
CA ASP A 40 -13.31 -3.55 -0.36
C ASP A 40 -12.90 -2.10 -0.73
N SER A 41 -13.86 -1.33 -1.28
CA SER A 41 -13.61 0.01 -1.80
C SER A 41 -13.32 1.08 -0.73
N LEU A 42 -14.11 1.12 0.35
CA LEU A 42 -13.81 1.99 1.48
C LEU A 42 -12.47 1.66 2.13
N LEU A 43 -12.16 0.38 2.31
CA LEU A 43 -10.89 0.04 2.92
C LEU A 43 -9.74 0.52 2.03
N ALA A 44 -9.89 0.41 0.71
CA ALA A 44 -8.82 0.85 -0.18
C ALA A 44 -8.59 2.34 -0.06
N LEU A 45 -9.66 3.11 0.08
CA LEU A 45 -9.46 4.53 0.31
C LEU A 45 -8.78 4.79 1.64
N GLU A 46 -9.07 3.96 2.66
CA GLU A 46 -8.40 4.18 3.94
C GLU A 46 -6.91 3.85 3.84
N ILE A 47 -6.58 2.80 3.08
CA ILE A 47 -5.17 2.48 2.83
C ILE A 47 -4.49 3.69 2.21
N LEU A 48 -5.07 4.21 1.14
CA LEU A 48 -4.46 5.35 0.44
C LEU A 48 -4.22 6.51 1.41
N ALA A 49 -5.20 6.82 2.27
CA ALA A 49 -5.07 7.97 3.16
C ALA A 49 -3.96 7.75 4.17
N LEU A 50 -3.85 6.53 4.69
CA LEU A 50 -2.83 6.22 5.68
C LEU A 50 -1.43 6.22 5.05
N ILE A 51 -1.32 5.83 3.79
CA ILE A 51 -0.03 5.90 3.11
C ILE A 51 0.39 7.35 2.93
N GLU A 52 -0.50 8.16 2.34
CA GLU A 52 -0.19 9.57 2.13
C GLU A 52 0.48 10.17 3.36
N LYS A 53 0.02 9.76 4.55
CA LYS A 53 0.35 10.46 5.78
C LYS A 53 1.50 9.82 6.53
N LYS A 54 1.62 8.48 6.51
CA LYS A 54 2.79 7.85 7.13
C LYS A 54 4.06 8.42 6.54
N PHE A 55 4.24 8.26 5.22
CA PHE A 55 5.44 8.66 4.51
C PHE A 55 5.47 10.16 4.29
N LYS A 56 4.33 10.83 4.44
CA LYS A 56 4.24 12.29 4.39
C LYS A 56 4.29 12.75 2.92
N VAL A 57 3.27 12.30 2.21
CA VAL A 57 3.20 12.40 0.75
C VAL A 57 1.73 12.50 0.37
N GLN A 58 1.44 13.09 -0.77
CA GLN A 58 0.07 13.08 -1.25
C GLN A 58 -0.03 12.27 -2.54
N ILE A 59 -1.17 11.61 -2.70
CA ILE A 59 -1.39 10.62 -3.75
C ILE A 59 -2.69 11.03 -4.42
N PRO A 60 -2.71 11.32 -5.72
CA PRO A 60 -4.00 11.66 -6.36
C PRO A 60 -5.04 10.59 -6.09
N GLU A 61 -6.31 10.98 -6.24
CA GLU A 61 -7.41 10.06 -5.97
C GLU A 61 -7.54 9.01 -7.05
N GLU A 62 -7.23 9.37 -8.31
CA GLU A 62 -7.49 8.45 -9.40
C GLU A 62 -6.68 7.17 -9.28
N LYS A 63 -5.56 7.21 -8.54
CA LYS A 63 -4.71 6.05 -8.33
C LYS A 63 -5.32 5.00 -7.41
N LEU A 64 -6.58 5.17 -6.99
CA LEU A 64 -7.28 3.99 -6.47
C LEU A 64 -7.28 2.88 -7.52
N VAL A 65 -7.02 3.24 -8.78
CA VAL A 65 -7.14 2.32 -9.91
C VAL A 65 -6.09 1.21 -9.82
N ASP A 66 -5.10 1.36 -8.97
CA ASP A 66 -4.13 0.29 -8.76
C ASP A 66 -4.44 -0.59 -7.55
N ILE A 67 -4.70 -0.02 -6.37
CA ILE A 67 -4.96 -0.76 -5.13
C ILE A 67 -5.53 -2.16 -5.38
N THR A 68 -4.77 -3.01 -6.08
CA THR A 68 -5.24 -4.35 -6.39
C THR A 68 -4.59 -5.45 -5.57
N SER A 69 -3.38 -5.24 -5.08
CA SER A 69 -2.68 -6.22 -4.26
C SER A 69 -1.68 -5.47 -3.39
N LEU A 70 -1.09 -6.17 -2.42
CA LEU A 70 -0.08 -5.49 -1.61
C LEU A 70 1.09 -5.07 -2.48
N SER A 71 1.50 -5.94 -3.41
CA SER A 71 2.64 -5.60 -4.26
C SER A 71 2.31 -4.42 -5.16
N ALA A 72 1.08 -4.37 -5.68
CA ALA A 72 0.63 -3.20 -6.43
C ALA A 72 0.68 -1.94 -5.58
N THR A 73 0.22 -2.04 -4.33
CA THR A 73 0.19 -0.88 -3.45
C THR A 73 1.60 -0.41 -3.13
N ILE A 74 2.50 -1.36 -2.88
CA ILE A 74 3.90 -1.03 -2.62
C ILE A 74 4.52 -0.33 -3.83
N GLY A 75 4.28 -0.88 -5.02
CA GLY A 75 4.81 -0.27 -6.23
C GLY A 75 4.29 1.13 -6.43
N LEU A 76 3.02 1.36 -6.13
CA LEU A 76 2.44 2.69 -6.20
C LEU A 76 3.14 3.66 -5.26
N THR A 77 3.37 3.22 -4.03
CA THR A 77 4.00 4.07 -3.03
C THR A 77 5.44 4.41 -3.45
N LYS A 78 6.14 3.44 -4.05
CA LYS A 78 7.50 3.70 -4.53
C LYS A 78 7.50 4.74 -5.65
N SER A 79 6.56 4.63 -6.59
CA SER A 79 6.45 5.57 -7.70
C SER A 79 6.28 7.02 -7.24
N VAL A 80 5.32 7.27 -6.34
CA VAL A 80 5.06 8.67 -5.96
C VAL A 80 6.14 9.15 -4.99
N LEU A 81 6.80 8.22 -4.30
CA LEU A 81 7.98 8.61 -3.52
C LEU A 81 9.10 9.06 -4.46
N ALA A 82 9.28 8.38 -5.59
CA ALA A 82 10.31 8.78 -6.53
C ALA A 82 9.92 10.07 -7.25
N GLU A 83 8.62 10.27 -7.42
CA GLU A 83 8.07 11.56 -7.82
C GLU A 83 8.44 12.69 -6.86
N SER A 84 8.44 12.42 -5.56
CA SER A 84 8.67 13.42 -4.54
C SER A 84 10.15 13.68 -4.30
N GLY A 85 11.02 13.07 -5.10
CA GLY A 85 12.42 13.01 -4.73
C GLY A 85 12.60 12.57 -3.30
N LYS A 86 12.18 11.35 -2.96
CA LYS A 86 12.41 10.85 -1.61
C LYS A 86 12.51 9.32 -1.58
N LEU A 87 12.70 8.69 -2.73
CA LEU A 87 12.91 7.25 -2.83
C LEU A 87 14.41 6.95 -2.89
N GLU A 88 14.88 6.09 -2.00
CA GLU A 88 16.25 5.60 -2.06
C GLU A 88 16.16 4.11 -2.38
N HIS A 89 16.41 3.76 -3.65
CA HIS A 89 15.99 2.48 -4.22
C HIS A 89 17.11 1.61 -4.77
N HIS A 90 16.99 0.31 -4.49
CA HIS A 90 17.90 -0.78 -4.90
C HIS A 90 18.68 -0.59 -6.19
N ASP A 2 13.79 3.25 -0.41
CA ASP A 2 14.11 2.50 0.78
C ASP A 2 13.18 1.30 0.78
N ASP A 3 13.58 0.25 0.07
CA ASP A 3 12.61 -0.75 -0.33
C ASP A 3 11.92 -1.41 0.87
N GLU A 4 12.67 -2.10 1.73
CA GLU A 4 11.96 -2.92 2.70
C GLU A 4 11.31 -2.03 3.77
N GLU A 5 11.75 -0.77 3.87
CA GLU A 5 11.14 0.19 4.80
C GLU A 5 9.80 0.70 4.26
N ILE A 6 9.72 0.94 2.95
CA ILE A 6 8.43 1.19 2.34
C ILE A 6 7.60 -0.09 2.35
N GLU A 7 8.26 -1.22 2.11
CA GLU A 7 7.55 -2.50 2.12
C GLU A 7 6.99 -2.82 3.50
N LYS A 8 7.75 -2.56 4.56
CA LYS A 8 7.26 -2.85 5.91
C LYS A 8 6.19 -1.84 6.35
N GLY A 9 6.34 -0.58 5.91
CA GLY A 9 5.36 0.43 6.25
C GLY A 9 4.02 0.23 5.57
N VAL A 10 4.03 -0.18 4.31
CA VAL A 10 2.78 -0.41 3.60
C VAL A 10 2.11 -1.69 4.11
N THR A 11 2.92 -2.70 4.42
CA THR A 11 2.36 -3.94 4.97
C THR A 11 1.62 -3.66 6.27
N SER A 12 2.24 -2.88 7.17
CA SER A 12 1.61 -2.54 8.43
C SER A 12 0.27 -1.82 8.23
N ILE A 13 0.21 -0.89 7.28
CA ILE A 13 -1.04 -0.17 7.03
C ILE A 13 -2.12 -1.10 6.50
N VAL A 14 -1.79 -1.95 5.55
CA VAL A 14 -2.80 -2.84 4.99
C VAL A 14 -3.28 -3.82 6.06
N ALA A 15 -2.34 -4.30 6.90
CA ALA A 15 -2.71 -5.16 8.03
C ALA A 15 -3.70 -4.49 8.98
N GLU A 16 -3.43 -3.24 9.40
CA GLU A 16 -4.32 -2.61 10.37
C GLU A 16 -5.70 -2.35 9.75
N VAL A 17 -5.73 -1.94 8.47
CA VAL A 17 -7.00 -1.63 7.84
C VAL A 17 -7.84 -2.91 7.65
N THR A 18 -7.20 -4.00 7.33
CA THR A 18 -7.93 -5.24 7.08
C THR A 18 -8.08 -6.08 8.33
N GLU A 19 -7.45 -5.66 9.43
CA GLU A 19 -7.43 -6.39 10.69
C GLU A 19 -6.92 -7.82 10.44
N LEU A 20 -5.80 -7.91 9.73
CA LEU A 20 -5.11 -9.16 9.47
C LEU A 20 -3.66 -9.06 9.95
N ASP A 21 -3.01 -10.21 10.09
CA ASP A 21 -1.65 -10.26 10.61
C ASP A 21 -0.63 -9.83 9.55
N GLU A 22 0.37 -9.04 9.96
CA GLU A 22 1.34 -8.51 9.00
C GLU A 22 2.00 -9.63 8.19
N LYS A 23 2.31 -10.77 8.83
CA LYS A 23 3.08 -11.74 8.06
C LYS A 23 2.19 -12.54 7.12
N GLU A 24 0.92 -12.73 7.46
CA GLU A 24 0.04 -13.39 6.51
C GLU A 24 -0.23 -12.48 5.31
N ILE A 25 -0.37 -11.17 5.55
CA ILE A 25 -0.56 -10.22 4.46
C ILE A 25 0.67 -10.23 3.55
N TRP A 26 1.86 -10.29 4.14
CA TRP A 26 3.08 -10.35 3.34
C TRP A 26 3.14 -11.63 2.50
N GLU A 27 2.75 -12.78 3.08
CA GLU A 27 2.67 -14.00 2.31
C GLU A 27 1.74 -13.86 1.11
N LYS A 28 0.64 -13.15 1.28
CA LYS A 28 -0.37 -12.97 0.25
C LYS A 28 -0.12 -11.70 -0.54
N ARG A 29 1.14 -11.28 -0.67
CA ARG A 29 1.43 -9.98 -1.26
C ARG A 29 0.98 -9.87 -2.71
N ASP A 30 0.89 -10.99 -3.42
CA ASP A 30 0.42 -11.02 -4.80
C ASP A 30 -1.05 -11.37 -4.93
N ALA A 31 -1.72 -11.72 -3.84
CA ALA A 31 -3.15 -12.00 -3.88
C ALA A 31 -3.90 -10.72 -4.21
N ASN A 32 -5.16 -10.87 -4.62
CA ASN A 32 -6.00 -9.72 -4.97
C ASN A 32 -6.88 -9.33 -3.78
N PHE A 33 -6.76 -8.07 -3.33
CA PHE A 33 -7.44 -7.63 -2.10
C PHE A 33 -8.93 -7.98 -2.13
N PHE A 34 -9.58 -7.71 -3.26
CA PHE A 34 -11.03 -7.75 -3.32
C PHE A 34 -11.60 -9.11 -2.96
N GLN A 35 -11.47 -10.14 -3.82
CA GLN A 35 -12.11 -11.41 -3.50
C GLN A 35 -11.47 -12.11 -2.31
N ASP A 36 -10.13 -12.16 -2.27
CA ASP A 36 -9.38 -13.04 -1.39
C ASP A 36 -9.18 -12.48 0.01
N LEU A 37 -8.57 -11.31 0.11
CA LEU A 37 -8.54 -10.56 1.36
C LEU A 37 -9.85 -9.77 1.50
N GLU A 38 -10.04 -9.02 2.60
CA GLU A 38 -11.39 -8.80 3.14
C GLU A 38 -12.02 -7.44 2.76
N ILE A 39 -11.75 -6.92 1.55
CA ILE A 39 -11.84 -5.47 1.36
C ILE A 39 -12.82 -5.02 0.26
N ASP A 40 -13.21 -3.73 0.35
CA ASP A 40 -14.03 -3.00 -0.62
C ASP A 40 -13.48 -1.57 -0.84
N SER A 41 -14.31 -0.76 -1.51
CA SER A 41 -14.12 0.68 -1.73
C SER A 41 -13.52 1.43 -0.55
N LEU A 42 -14.19 1.41 0.62
CA LEU A 42 -13.79 2.24 1.76
C LEU A 42 -12.43 1.82 2.31
N LEU A 43 -12.15 0.52 2.33
CA LEU A 43 -10.89 0.10 2.92
C LEU A 43 -9.72 0.53 2.03
N ALA A 44 -9.87 0.41 0.71
CA ALA A 44 -8.83 0.88 -0.21
C ALA A 44 -8.62 2.38 -0.06
N LEU A 45 -9.72 3.14 0.00
CA LEU A 45 -9.59 4.56 0.29
C LEU A 45 -8.84 4.78 1.60
N GLU A 46 -9.12 3.95 2.60
CA GLU A 46 -8.46 4.11 3.89
C GLU A 46 -6.95 3.81 3.78
N ILE A 47 -6.62 2.77 3.02
CA ILE A 47 -5.21 2.44 2.79
C ILE A 47 -4.51 3.64 2.19
N LEU A 48 -5.08 4.17 1.10
CA LEU A 48 -4.47 5.31 0.43
C LEU A 48 -4.23 6.46 1.40
N ALA A 49 -5.22 6.79 2.23
CA ALA A 49 -5.09 7.96 3.09
C ALA A 49 -3.98 7.74 4.11
N LEU A 50 -3.88 6.52 4.65
CA LEU A 50 -2.85 6.22 5.62
C LEU A 50 -1.46 6.20 4.98
N ILE A 51 -1.37 5.81 3.70
CA ILE A 51 -0.09 5.90 3.00
C ILE A 51 0.27 7.36 2.77
N GLU A 52 -0.65 8.10 2.15
CA GLU A 52 -0.44 9.51 1.85
C GLU A 52 0.08 10.24 3.08
N LYS A 53 -0.55 10.02 4.21
CA LYS A 53 -0.09 10.63 5.46
C LYS A 53 1.26 10.08 5.86
N LYS A 54 1.43 8.76 5.85
CA LYS A 54 2.60 8.15 6.49
C LYS A 54 3.89 8.36 5.71
N PHE A 55 3.79 8.48 4.40
CA PHE A 55 4.95 8.74 3.58
C PHE A 55 5.01 10.20 3.12
N LYS A 56 4.44 11.10 3.92
CA LYS A 56 4.46 12.55 3.71
C LYS A 56 4.23 12.88 2.24
N VAL A 57 3.44 12.02 1.60
CA VAL A 57 3.32 11.97 0.16
C VAL A 57 1.87 12.28 -0.17
N GLN A 58 1.62 12.74 -1.39
CA GLN A 58 0.24 12.95 -1.81
C GLN A 58 -0.04 12.16 -3.08
N ILE A 59 -1.08 11.34 -2.99
CA ILE A 59 -1.45 10.40 -4.04
C ILE A 59 -2.76 10.89 -4.62
N PRO A 60 -2.82 11.29 -5.89
CA PRO A 60 -4.12 11.63 -6.48
C PRO A 60 -5.13 10.51 -6.26
N GLU A 61 -6.40 10.90 -6.17
CA GLU A 61 -7.47 9.93 -6.02
C GLU A 61 -7.53 8.96 -7.20
N GLU A 62 -7.11 9.41 -8.39
CA GLU A 62 -7.32 8.60 -9.59
C GLU A 62 -6.45 7.35 -9.58
N LYS A 63 -5.50 7.25 -8.65
CA LYS A 63 -4.74 6.02 -8.48
C LYS A 63 -5.43 4.99 -7.60
N LEU A 64 -6.74 5.17 -7.36
CA LEU A 64 -7.53 4.05 -6.84
C LEU A 64 -7.89 3.07 -7.95
N VAL A 65 -6.95 2.82 -8.88
CA VAL A 65 -7.11 1.74 -9.85
C VAL A 65 -6.05 0.67 -9.61
N ASP A 66 -4.95 1.04 -8.94
CA ASP A 66 -3.87 0.09 -8.67
C ASP A 66 -3.63 -0.16 -7.18
N ILE A 67 -4.68 -0.16 -6.36
CA ILE A 67 -4.54 -0.72 -5.02
C ILE A 67 -5.29 -2.05 -5.06
N THR A 68 -4.79 -2.95 -5.92
CA THR A 68 -5.39 -4.24 -6.20
C THR A 68 -4.70 -5.39 -5.48
N SER A 69 -3.57 -5.13 -4.82
CA SER A 69 -2.83 -6.13 -4.08
C SER A 69 -1.75 -5.41 -3.29
N LEU A 70 -1.16 -6.12 -2.31
CA LEU A 70 -0.09 -5.50 -1.57
C LEU A 70 1.05 -5.09 -2.50
N SER A 71 1.41 -5.98 -3.43
CA SER A 71 2.54 -5.71 -4.32
C SER A 71 2.31 -4.48 -5.18
N ALA A 72 1.12 -4.34 -5.76
CA ALA A 72 0.83 -3.15 -6.55
C ALA A 72 0.76 -1.90 -5.68
N THR A 73 0.27 -2.04 -4.45
CA THR A 73 0.20 -0.91 -3.55
C THR A 73 1.59 -0.43 -3.16
N ILE A 74 2.50 -1.37 -2.92
CA ILE A 74 3.89 -1.02 -2.63
C ILE A 74 4.51 -0.33 -3.84
N GLY A 75 4.30 -0.88 -5.03
CA GLY A 75 4.83 -0.27 -6.24
C GLY A 75 4.30 1.14 -6.45
N LEU A 76 3.02 1.34 -6.15
CA LEU A 76 2.44 2.68 -6.22
C LEU A 76 3.15 3.64 -5.29
N THR A 77 3.35 3.22 -4.05
CA THR A 77 3.99 4.07 -3.06
C THR A 77 5.42 4.41 -3.49
N LYS A 78 6.13 3.44 -4.06
CA LYS A 78 7.50 3.70 -4.52
C LYS A 78 7.53 4.73 -5.65
N SER A 79 6.67 4.56 -6.65
CA SER A 79 6.57 5.51 -7.76
C SER A 79 6.27 6.93 -7.30
N VAL A 80 5.29 7.13 -6.41
CA VAL A 80 4.98 8.51 -6.03
C VAL A 80 6.10 9.03 -5.13
N LEU A 81 6.74 8.16 -4.36
CA LEU A 81 7.93 8.58 -3.63
C LEU A 81 9.05 8.99 -4.57
N ALA A 82 9.22 8.28 -5.69
CA ALA A 82 10.25 8.66 -6.66
C ALA A 82 9.92 10.01 -7.29
N GLU A 83 8.65 10.41 -7.21
CA GLU A 83 8.25 11.75 -7.66
C GLU A 83 8.57 12.83 -6.64
N SER A 84 8.62 12.49 -5.36
CA SER A 84 8.84 13.46 -4.29
C SER A 84 10.33 13.71 -4.03
N GLY A 85 11.22 13.05 -4.76
CA GLY A 85 12.62 13.05 -4.39
C GLY A 85 12.87 12.35 -3.08
N LYS A 86 11.95 11.46 -2.66
CA LYS A 86 12.05 10.72 -1.41
C LYS A 86 11.96 9.21 -1.64
N LEU A 87 12.90 8.64 -2.39
CA LEU A 87 13.01 7.21 -2.58
C LEU A 87 14.47 6.80 -2.75
N GLU A 88 14.91 5.81 -1.97
CA GLU A 88 16.10 5.04 -2.34
C GLU A 88 15.63 3.68 -2.84
N HIS A 89 15.68 3.50 -4.15
CA HIS A 89 15.59 2.19 -4.79
C HIS A 89 17.00 1.67 -4.93
N HIS A 90 17.22 0.42 -4.55
CA HIS A 90 18.52 -0.23 -4.70
C HIS A 90 18.53 -1.11 -5.94
N ASP A 2 14.63 3.37 -0.26
CA ASP A 2 14.31 2.83 1.05
C ASP A 2 13.25 1.75 0.95
N ASP A 3 13.54 0.73 0.14
CA ASP A 3 12.49 -0.20 -0.27
C ASP A 3 12.00 -1.04 0.90
N GLU A 4 12.86 -1.29 1.88
CA GLU A 4 12.42 -2.07 3.04
C GLU A 4 11.51 -1.22 3.94
N GLU A 5 11.95 -0.01 4.26
CA GLU A 5 11.07 1.01 4.83
C GLU A 5 9.68 0.96 4.21
N ILE A 6 9.61 1.02 2.89
CA ILE A 6 8.33 1.17 2.22
C ILE A 6 7.55 -0.13 2.30
N GLU A 7 8.25 -1.25 2.12
CA GLU A 7 7.58 -2.55 2.19
C GLU A 7 6.98 -2.81 3.56
N LYS A 8 7.72 -2.51 4.62
CA LYS A 8 7.20 -2.76 5.97
C LYS A 8 6.11 -1.77 6.35
N GLY A 9 6.29 -0.51 5.94
CA GLY A 9 5.29 0.50 6.23
C GLY A 9 3.96 0.25 5.55
N VAL A 10 3.99 -0.17 4.29
CA VAL A 10 2.74 -0.41 3.58
C VAL A 10 2.08 -1.69 4.09
N THR A 11 2.88 -2.70 4.39
CA THR A 11 2.34 -3.93 4.97
C THR A 11 1.60 -3.66 6.27
N SER A 12 2.22 -2.88 7.16
CA SER A 12 1.61 -2.56 8.44
C SER A 12 0.29 -1.82 8.25
N ILE A 13 0.22 -0.91 7.28
CA ILE A 13 -1.03 -0.19 7.02
C ILE A 13 -2.11 -1.14 6.50
N VAL A 14 -1.77 -2.00 5.54
CA VAL A 14 -2.78 -2.87 4.98
C VAL A 14 -3.28 -3.85 6.05
N ALA A 15 -2.35 -4.39 6.86
CA ALA A 15 -2.73 -5.22 8.00
C ALA A 15 -3.65 -4.47 8.96
N GLU A 16 -3.32 -3.22 9.28
CA GLU A 16 -4.16 -2.41 10.17
C GLU A 16 -5.58 -2.33 9.61
N VAL A 17 -5.70 -1.97 8.32
CA VAL A 17 -7.02 -1.72 7.75
C VAL A 17 -7.84 -3.01 7.60
N THR A 18 -7.20 -4.09 7.22
CA THR A 18 -7.92 -5.34 7.00
C THR A 18 -8.11 -6.15 8.28
N GLU A 19 -7.49 -5.70 9.37
CA GLU A 19 -7.47 -6.44 10.63
C GLU A 19 -6.94 -7.86 10.39
N LEU A 20 -5.83 -7.95 9.65
CA LEU A 20 -5.13 -9.19 9.41
C LEU A 20 -3.69 -9.09 9.92
N ASP A 21 -3.04 -10.24 10.04
CA ASP A 21 -1.69 -10.27 10.56
C ASP A 21 -0.67 -9.86 9.49
N GLU A 22 0.33 -9.09 9.90
CA GLU A 22 1.32 -8.57 8.96
C GLU A 22 2.03 -9.70 8.21
N LYS A 23 2.40 -10.78 8.92
CA LYS A 23 3.10 -11.87 8.26
C LYS A 23 2.23 -12.50 7.17
N GLU A 24 0.93 -12.65 7.46
CA GLU A 24 0.06 -13.33 6.52
C GLU A 24 -0.20 -12.50 5.29
N ILE A 25 -0.35 -11.19 5.46
CA ILE A 25 -0.60 -10.33 4.32
C ILE A 25 0.66 -10.24 3.44
N TRP A 26 1.83 -10.26 4.07
CA TRP A 26 3.08 -10.33 3.31
C TRP A 26 3.14 -11.63 2.48
N GLU A 27 2.75 -12.77 3.07
CA GLU A 27 2.66 -14.00 2.31
C GLU A 27 1.68 -13.87 1.14
N LYS A 28 0.59 -13.13 1.34
CA LYS A 28 -0.44 -12.92 0.33
C LYS A 28 -0.14 -11.70 -0.53
N ARG A 29 1.13 -11.30 -0.65
CA ARG A 29 1.42 -9.99 -1.23
C ARG A 29 0.98 -9.87 -2.68
N ASP A 30 0.94 -10.97 -3.44
CA ASP A 30 0.50 -10.94 -4.83
C ASP A 30 -0.97 -11.30 -5.00
N ALA A 31 -1.67 -11.63 -3.92
CA ALA A 31 -3.09 -11.94 -4.01
C ALA A 31 -3.90 -10.67 -4.27
N ASN A 32 -4.94 -10.81 -5.09
CA ASN A 32 -5.86 -9.71 -5.37
C ASN A 32 -6.62 -9.31 -4.11
N PHE A 33 -6.72 -8.00 -3.87
CA PHE A 33 -7.33 -7.49 -2.65
C PHE A 33 -8.83 -7.78 -2.60
N PHE A 34 -9.47 -7.79 -3.77
CA PHE A 34 -10.93 -7.78 -3.83
C PHE A 34 -11.55 -9.18 -3.75
N GLN A 35 -10.95 -10.19 -4.40
CA GLN A 35 -11.57 -11.50 -4.48
C GLN A 35 -10.96 -12.49 -3.49
N ASP A 36 -9.74 -12.24 -3.01
CA ASP A 36 -9.07 -13.12 -2.07
C ASP A 36 -8.97 -12.57 -0.66
N LEU A 37 -8.57 -11.32 -0.50
CA LEU A 37 -8.77 -10.62 0.75
C LEU A 37 -10.18 -10.02 0.76
N GLU A 38 -10.37 -8.84 1.33
CA GLU A 38 -11.71 -8.42 1.75
C GLU A 38 -11.88 -6.91 1.66
N ILE A 39 -11.07 -6.28 0.82
CA ILE A 39 -11.06 -4.83 0.72
C ILE A 39 -12.06 -4.41 -0.36
N ASP A 40 -12.89 -3.45 -0.01
CA ASP A 40 -13.73 -2.70 -0.93
C ASP A 40 -13.21 -1.28 -0.98
N SER A 41 -13.92 -0.42 -1.72
CA SER A 41 -13.41 0.92 -1.98
C SER A 41 -13.20 1.72 -0.70
N LEU A 42 -14.02 1.50 0.32
CA LEU A 42 -13.79 2.18 1.59
C LEU A 42 -12.46 1.77 2.22
N LEU A 43 -12.19 0.47 2.24
CA LEU A 43 -10.92 0.04 2.81
C LEU A 43 -9.74 0.50 1.95
N ALA A 44 -9.88 0.39 0.62
CA ALA A 44 -8.81 0.85 -0.26
C ALA A 44 -8.59 2.35 -0.08
N LEU A 45 -9.67 3.09 0.09
CA LEU A 45 -9.52 4.52 0.34
C LEU A 45 -8.79 4.77 1.65
N GLU A 46 -9.06 3.96 2.68
CA GLU A 46 -8.38 4.16 3.95
C GLU A 46 -6.89 3.86 3.81
N ILE A 47 -6.56 2.81 3.06
CA ILE A 47 -5.16 2.48 2.80
C ILE A 47 -4.48 3.67 2.15
N LEU A 48 -5.09 4.19 1.10
CA LEU A 48 -4.57 5.39 0.42
C LEU A 48 -4.25 6.49 1.42
N ALA A 49 -5.21 6.83 2.29
CA ALA A 49 -5.05 7.99 3.16
C ALA A 49 -3.94 7.76 4.17
N LEU A 50 -3.82 6.54 4.69
CA LEU A 50 -2.81 6.24 5.69
C LEU A 50 -1.41 6.22 5.07
N ILE A 51 -1.29 5.84 3.80
CA ILE A 51 0.00 5.92 3.14
C ILE A 51 0.41 7.38 3.00
N GLU A 52 -0.54 8.24 2.62
CA GLU A 52 -0.33 9.68 2.50
C GLU A 52 -0.02 10.35 3.85
N LYS A 53 0.35 9.57 4.85
CA LYS A 53 0.38 10.10 6.21
C LYS A 53 1.61 9.64 6.95
N LYS A 54 2.05 8.41 6.64
CA LYS A 54 3.30 7.91 7.18
C LYS A 54 4.45 8.15 6.21
N PHE A 55 4.14 8.38 4.92
CA PHE A 55 5.15 8.63 3.90
C PHE A 55 5.16 10.08 3.38
N LYS A 56 4.28 10.92 3.91
CA LYS A 56 4.34 12.37 3.66
C LYS A 56 4.15 12.69 2.18
N VAL A 57 3.18 11.99 1.60
CA VAL A 57 3.02 11.90 0.15
C VAL A 57 1.58 12.27 -0.18
N GLN A 58 1.38 13.04 -1.24
CA GLN A 58 0.04 13.24 -1.77
C GLN A 58 -0.15 12.26 -2.93
N ILE A 59 -1.29 11.56 -2.92
CA ILE A 59 -1.61 10.54 -3.91
C ILE A 59 -3.02 10.83 -4.40
N PRO A 60 -3.21 11.24 -5.66
CA PRO A 60 -4.56 11.53 -6.12
C PRO A 60 -5.44 10.29 -6.06
N GLU A 61 -6.74 10.50 -5.80
CA GLU A 61 -7.71 9.41 -5.82
C GLU A 61 -7.66 8.66 -7.15
N GLU A 62 -7.19 9.32 -8.21
CA GLU A 62 -7.24 8.71 -9.54
C GLU A 62 -6.35 7.49 -9.66
N LYS A 63 -5.62 7.11 -8.61
CA LYS A 63 -4.78 5.92 -8.61
C LYS A 63 -5.31 4.79 -7.72
N LEU A 64 -6.59 4.83 -7.36
CA LEU A 64 -7.24 3.69 -6.71
C LEU A 64 -7.75 2.67 -7.72
N VAL A 65 -7.08 2.52 -8.86
CA VAL A 65 -7.28 1.33 -9.68
C VAL A 65 -6.18 0.32 -9.41
N ASP A 66 -5.07 0.78 -8.84
CA ASP A 66 -3.94 -0.09 -8.57
C ASP A 66 -3.64 -0.26 -7.09
N ILE A 67 -4.54 0.18 -6.21
CA ILE A 67 -4.54 -0.33 -4.84
C ILE A 67 -5.37 -1.61 -4.88
N THR A 68 -4.76 -2.67 -5.41
CA THR A 68 -5.43 -3.92 -5.73
C THR A 68 -4.71 -5.16 -5.22
N SER A 69 -3.44 -5.04 -4.85
CA SER A 69 -2.73 -6.09 -4.15
C SER A 69 -1.66 -5.39 -3.33
N LEU A 70 -1.09 -6.10 -2.36
CA LEU A 70 -0.03 -5.47 -1.59
C LEU A 70 1.11 -5.07 -2.51
N SER A 71 1.51 -5.96 -3.41
CA SER A 71 2.61 -5.67 -4.33
C SER A 71 2.32 -4.43 -5.19
N ALA A 72 1.10 -4.34 -5.74
CA ALA A 72 0.73 -3.15 -6.50
C ALA A 72 0.72 -1.91 -5.61
N THR A 73 0.23 -2.04 -4.37
CA THR A 73 0.18 -0.90 -3.49
C THR A 73 1.58 -0.42 -3.13
N ILE A 74 2.49 -1.36 -2.89
CA ILE A 74 3.89 -1.01 -2.65
C ILE A 74 4.49 -0.34 -3.87
N GLY A 75 4.22 -0.91 -5.05
CA GLY A 75 4.74 -0.32 -6.28
C GLY A 75 4.25 1.10 -6.48
N LEU A 76 2.97 1.35 -6.19
CA LEU A 76 2.43 2.69 -6.28
C LEU A 76 3.15 3.65 -5.33
N THR A 77 3.37 3.19 -4.10
CA THR A 77 4.00 4.04 -3.11
C THR A 77 5.44 4.38 -3.52
N LYS A 78 6.15 3.40 -4.06
CA LYS A 78 7.51 3.67 -4.55
C LYS A 78 7.50 4.73 -5.65
N SER A 79 6.60 4.58 -6.62
CA SER A 79 6.52 5.51 -7.75
C SER A 79 6.22 6.94 -7.31
N VAL A 80 5.25 7.17 -6.41
CA VAL A 80 4.98 8.56 -6.05
C VAL A 80 6.08 9.06 -5.13
N LEU A 81 6.72 8.16 -4.37
CA LEU A 81 7.92 8.58 -3.64
C LEU A 81 9.02 9.02 -4.59
N ALA A 82 9.22 8.29 -5.69
CA ALA A 82 10.26 8.66 -6.64
C ALA A 82 9.91 9.99 -7.32
N GLU A 83 8.63 10.34 -7.34
CA GLU A 83 8.21 11.56 -8.01
C GLU A 83 8.41 12.80 -7.15
N SER A 84 8.54 12.66 -5.84
CA SER A 84 8.85 13.80 -4.98
C SER A 84 10.29 13.76 -4.47
N GLY A 85 11.18 13.02 -5.13
CA GLY A 85 12.56 12.94 -4.71
C GLY A 85 12.75 12.30 -3.36
N LYS A 86 11.86 11.35 -2.98
CA LYS A 86 11.85 10.71 -1.67
C LYS A 86 11.87 9.18 -1.79
N LEU A 87 12.78 8.64 -2.59
CA LEU A 87 12.96 7.19 -2.75
C LEU A 87 14.44 6.85 -2.85
N GLU A 88 14.91 5.92 -2.01
CA GLU A 88 16.21 5.28 -2.21
C GLU A 88 15.93 3.87 -2.71
N HIS A 89 16.06 3.65 -4.02
CA HIS A 89 15.78 2.35 -4.63
C HIS A 89 17.09 1.65 -4.95
N HIS A 90 17.12 0.33 -4.77
CA HIS A 90 18.30 -0.47 -5.07
C HIS A 90 17.89 -1.66 -5.94
N ASP A 2 13.28 4.50 0.18
CA ASP A 2 13.73 3.73 1.32
C ASP A 2 13.02 2.34 1.36
N ASP A 3 13.53 1.36 0.62
CA ASP A 3 12.69 0.26 0.11
C ASP A 3 12.18 -0.66 1.22
N GLU A 4 13.07 -1.16 2.07
CA GLU A 4 12.64 -1.97 3.20
C GLU A 4 11.57 -1.25 4.01
N GLU A 5 11.84 -0.01 4.40
CA GLU A 5 10.89 0.72 5.21
C GLU A 5 9.58 0.93 4.47
N ILE A 6 9.63 1.06 3.14
CA ILE A 6 8.41 1.19 2.35
C ILE A 6 7.62 -0.10 2.38
N GLU A 7 8.30 -1.23 2.16
CA GLU A 7 7.63 -2.52 2.23
C GLU A 7 7.05 -2.78 3.62
N LYS A 8 7.81 -2.45 4.66
CA LYS A 8 7.37 -2.59 6.05
C LYS A 8 6.15 -1.71 6.36
N GLY A 9 6.22 -0.45 5.93
CA GLY A 9 5.17 0.50 6.25
C GLY A 9 3.87 0.21 5.55
N VAL A 10 3.92 -0.12 4.25
CA VAL A 10 2.69 -0.41 3.53
C VAL A 10 2.05 -1.69 4.07
N THR A 11 2.86 -2.70 4.36
CA THR A 11 2.32 -3.92 4.96
C THR A 11 1.60 -3.64 6.26
N SER A 12 2.24 -2.86 7.15
CA SER A 12 1.64 -2.53 8.43
C SER A 12 0.30 -1.82 8.26
N ILE A 13 0.22 -0.91 7.28
CA ILE A 13 -1.02 -0.19 7.03
C ILE A 13 -2.11 -1.12 6.52
N VAL A 14 -1.77 -1.97 5.55
CA VAL A 14 -2.80 -2.85 4.99
C VAL A 14 -3.28 -3.84 6.06
N ALA A 15 -2.34 -4.38 6.85
CA ALA A 15 -2.71 -5.24 7.98
C ALA A 15 -3.67 -4.53 8.94
N GLU A 16 -3.32 -3.31 9.34
CA GLU A 16 -4.21 -2.49 10.16
C GLU A 16 -5.61 -2.47 9.57
N VAL A 17 -5.71 -2.01 8.32
CA VAL A 17 -7.01 -1.71 7.75
C VAL A 17 -7.84 -2.97 7.58
N THR A 18 -7.21 -4.08 7.21
CA THR A 18 -7.93 -5.31 6.97
C THR A 18 -8.08 -6.15 8.23
N GLU A 19 -7.45 -5.73 9.33
CA GLU A 19 -7.44 -6.47 10.58
C GLU A 19 -6.94 -7.90 10.35
N LEU A 20 -5.85 -8.01 9.58
CA LEU A 20 -5.13 -9.27 9.39
C LEU A 20 -3.70 -9.12 9.88
N ASP A 21 -3.02 -10.25 10.06
CA ASP A 21 -1.65 -10.19 10.57
C ASP A 21 -0.65 -9.83 9.47
N GLU A 22 0.37 -9.04 9.83
CA GLU A 22 1.28 -8.54 8.81
C GLU A 22 2.06 -9.67 8.13
N LYS A 23 2.48 -10.70 8.88
CA LYS A 23 3.16 -11.82 8.23
C LYS A 23 2.23 -12.50 7.23
N GLU A 24 0.96 -12.66 7.62
CA GLU A 24 0.04 -13.39 6.76
C GLU A 24 -0.20 -12.64 5.47
N ILE A 25 -0.28 -11.31 5.54
CA ILE A 25 -0.62 -10.55 4.36
C ILE A 25 0.62 -10.29 3.49
N TRP A 26 1.81 -10.27 4.12
CA TRP A 26 3.05 -10.31 3.34
C TRP A 26 3.12 -11.61 2.51
N GLU A 27 2.75 -12.75 3.10
CA GLU A 27 2.76 -14.00 2.35
C GLU A 27 1.92 -13.93 1.08
N LYS A 28 0.78 -13.26 1.16
CA LYS A 28 -0.14 -13.11 0.03
C LYS A 28 0.01 -11.73 -0.61
N ARG A 29 1.25 -11.29 -0.78
CA ARG A 29 1.49 -9.95 -1.33
C ARG A 29 1.06 -9.84 -2.79
N ASP A 30 0.96 -10.95 -3.53
CA ASP A 30 0.49 -10.91 -4.90
C ASP A 30 -0.98 -11.32 -5.05
N ALA A 31 -1.66 -11.66 -3.96
CA ALA A 31 -3.08 -11.97 -4.01
C ALA A 31 -3.85 -10.74 -4.47
N ASN A 32 -5.06 -10.96 -4.97
CA ASN A 32 -5.91 -9.84 -5.38
C ASN A 32 -6.69 -9.28 -4.19
N PHE A 33 -6.73 -7.96 -4.10
CA PHE A 33 -7.36 -7.31 -2.96
C PHE A 33 -8.86 -7.60 -2.90
N PHE A 34 -9.55 -7.45 -4.03
CA PHE A 34 -11.00 -7.56 -4.03
C PHE A 34 -11.50 -9.00 -4.22
N GLN A 35 -10.80 -9.82 -5.02
CA GLN A 35 -11.26 -11.18 -5.29
C GLN A 35 -10.75 -12.19 -4.26
N ASP A 36 -9.45 -12.15 -3.96
CA ASP A 36 -8.86 -13.04 -2.97
C ASP A 36 -8.75 -12.42 -1.59
N LEU A 37 -9.68 -11.55 -1.22
CA LEU A 37 -9.64 -10.87 0.07
C LEU A 37 -10.92 -10.05 0.29
N GLU A 38 -11.00 -9.28 1.36
CA GLU A 38 -12.23 -8.57 1.72
C GLU A 38 -12.11 -7.06 1.47
N ILE A 39 -10.97 -6.66 0.94
CA ILE A 39 -10.63 -5.24 0.98
C ILE A 39 -11.28 -4.54 -0.21
N ASP A 40 -12.39 -3.83 0.08
CA ASP A 40 -13.24 -3.11 -0.88
C ASP A 40 -12.87 -1.63 -0.94
N SER A 41 -13.69 -0.84 -1.63
CA SER A 41 -13.28 0.52 -2.01
C SER A 41 -13.15 1.45 -0.81
N LEU A 42 -14.04 1.33 0.18
CA LEU A 42 -13.85 2.08 1.43
C LEU A 42 -12.52 1.70 2.10
N LEU A 43 -12.22 0.42 2.19
CA LEU A 43 -10.97 0.03 2.80
C LEU A 43 -9.79 0.49 1.93
N ALA A 44 -9.92 0.37 0.61
CA ALA A 44 -8.83 0.82 -0.27
C ALA A 44 -8.60 2.30 -0.11
N LEU A 45 -9.68 3.06 0.04
CA LEU A 45 -9.54 4.49 0.25
C LEU A 45 -8.86 4.76 1.58
N GLU A 46 -9.11 3.92 2.59
CA GLU A 46 -8.46 4.12 3.88
C GLU A 46 -6.96 3.81 3.80
N ILE A 47 -6.61 2.76 3.04
CA ILE A 47 -5.21 2.44 2.78
C ILE A 47 -4.52 3.65 2.16
N LEU A 48 -5.14 4.24 1.14
CA LEU A 48 -4.54 5.38 0.46
C LEU A 48 -4.25 6.50 1.44
N ALA A 49 -5.22 6.84 2.30
CA ALA A 49 -5.08 7.99 3.20
C ALA A 49 -3.96 7.76 4.20
N LEU A 50 -3.83 6.52 4.70
CA LEU A 50 -2.83 6.23 5.70
C LEU A 50 -1.42 6.22 5.09
N ILE A 51 -1.30 5.82 3.83
CA ILE A 51 -0.01 5.90 3.18
C ILE A 51 0.44 7.35 3.11
N GLU A 52 -0.44 8.22 2.60
CA GLU A 52 -0.12 9.65 2.50
C GLU A 52 0.53 10.18 3.76
N LYS A 53 -0.02 9.85 4.93
CA LYS A 53 0.50 10.42 6.17
C LYS A 53 1.86 9.86 6.52
N LYS A 54 1.93 8.53 6.73
CA LYS A 54 3.12 7.92 7.30
C LYS A 54 4.37 8.28 6.50
N PHE A 55 4.25 8.37 5.18
CA PHE A 55 5.37 8.77 4.35
C PHE A 55 5.34 10.27 4.06
N LYS A 56 4.27 10.95 4.49
CA LYS A 56 4.13 12.39 4.31
C LYS A 56 4.23 12.76 2.83
N VAL A 57 3.26 12.25 2.09
CA VAL A 57 3.30 12.25 0.64
C VAL A 57 1.89 12.48 0.09
N GLN A 58 1.84 12.98 -1.13
CA GLN A 58 0.60 13.28 -1.82
C GLN A 58 0.29 12.21 -2.85
N ILE A 59 -0.88 11.57 -2.72
CA ILE A 59 -1.39 10.64 -3.71
C ILE A 59 -2.80 11.06 -4.08
N PRO A 60 -3.11 11.31 -5.35
CA PRO A 60 -4.49 11.70 -5.68
C PRO A 60 -5.40 10.48 -5.71
N GLU A 61 -6.71 10.75 -5.57
CA GLU A 61 -7.72 9.70 -5.60
C GLU A 61 -7.67 8.94 -6.92
N GLU A 62 -7.34 9.63 -8.01
CA GLU A 62 -7.58 9.07 -9.33
C GLU A 62 -6.64 7.90 -9.62
N LYS A 63 -5.76 7.56 -8.66
CA LYS A 63 -4.99 6.32 -8.62
C LYS A 63 -5.69 5.22 -7.82
N LEU A 64 -7.01 5.31 -7.63
CA LEU A 64 -7.74 4.25 -6.96
C LEU A 64 -8.38 3.26 -7.93
N VAL A 65 -7.77 3.05 -9.09
CA VAL A 65 -7.97 1.80 -9.80
C VAL A 65 -6.98 0.76 -9.29
N ASP A 66 -5.70 1.14 -9.18
CA ASP A 66 -4.59 0.19 -9.08
C ASP A 66 -4.09 -0.04 -7.64
N ILE A 67 -4.96 0.12 -6.63
CA ILE A 67 -4.67 -0.47 -5.31
C ILE A 67 -5.39 -1.82 -5.27
N THR A 68 -4.76 -2.82 -5.90
CA THR A 68 -5.35 -4.12 -6.15
C THR A 68 -4.62 -5.28 -5.49
N SER A 69 -3.47 -5.04 -4.88
CA SER A 69 -2.74 -6.07 -4.15
C SER A 69 -1.67 -5.37 -3.33
N LEU A 70 -1.12 -6.06 -2.33
CA LEU A 70 -0.07 -5.44 -1.55
C LEU A 70 1.10 -5.06 -2.45
N SER A 71 1.46 -5.95 -3.37
CA SER A 71 2.58 -5.68 -4.27
C SER A 71 2.30 -4.47 -5.16
N ALA A 72 1.07 -4.35 -5.65
CA ALA A 72 0.71 -3.15 -6.42
C ALA A 72 0.70 -1.91 -5.54
N THR A 73 0.22 -2.03 -4.30
CA THR A 73 0.18 -0.87 -3.43
C THR A 73 1.59 -0.41 -3.10
N ILE A 74 2.50 -1.35 -2.82
CA ILE A 74 3.90 -1.02 -2.60
C ILE A 74 4.49 -0.36 -3.84
N GLY A 75 4.21 -0.93 -5.02
CA GLY A 75 4.71 -0.36 -6.25
C GLY A 75 4.22 1.06 -6.47
N LEU A 76 2.96 1.31 -6.14
CA LEU A 76 2.41 2.66 -6.24
C LEU A 76 3.12 3.61 -5.30
N THR A 77 3.38 3.16 -4.07
CA THR A 77 4.00 4.02 -3.08
C THR A 77 5.44 4.38 -3.50
N LYS A 78 6.16 3.39 -4.05
CA LYS A 78 7.53 3.68 -4.53
C LYS A 78 7.52 4.74 -5.63
N SER A 79 6.66 4.57 -6.63
CA SER A 79 6.58 5.51 -7.74
C SER A 79 6.25 6.94 -7.30
N VAL A 80 5.29 7.12 -6.40
CA VAL A 80 5.00 8.50 -5.98
C VAL A 80 6.07 8.97 -5.00
N LEU A 81 6.82 8.04 -4.41
CA LEU A 81 7.99 8.48 -3.67
C LEU A 81 9.12 8.89 -4.61
N ALA A 82 9.21 8.25 -5.78
CA ALA A 82 10.24 8.62 -6.76
C ALA A 82 9.84 9.87 -7.52
N GLU A 83 8.56 9.95 -7.93
CA GLU A 83 8.06 11.09 -8.67
C GLU A 83 8.23 12.39 -7.91
N SER A 84 8.48 12.33 -6.61
CA SER A 84 8.79 13.53 -5.85
C SER A 84 10.27 13.64 -5.48
N GLY A 85 11.07 12.60 -5.70
CA GLY A 85 12.46 12.64 -5.29
C GLY A 85 12.75 12.15 -3.88
N LYS A 86 11.99 11.16 -3.38
CA LYS A 86 12.15 10.71 -2.00
C LYS A 86 12.62 9.25 -1.90
N LEU A 87 12.51 8.49 -2.98
CA LEU A 87 12.85 7.06 -3.03
C LEU A 87 14.36 6.87 -2.98
N GLU A 88 14.86 6.09 -2.02
CA GLU A 88 16.22 5.54 -2.11
C GLU A 88 16.08 4.07 -2.48
N HIS A 89 16.31 3.76 -3.75
CA HIS A 89 15.99 2.48 -4.39
C HIS A 89 17.24 1.75 -4.82
N HIS A 90 17.33 0.47 -4.49
CA HIS A 90 18.46 -0.34 -4.95
C HIS A 90 17.97 -1.43 -5.92
N ASP A 2 13.40 4.28 0.17
CA ASP A 2 13.76 3.31 1.21
C ASP A 2 13.08 1.92 1.01
N ASP A 3 13.64 1.06 0.15
CA ASP A 3 12.92 -0.13 -0.30
C ASP A 3 12.19 -0.85 0.83
N GLU A 4 12.93 -1.48 1.73
CA GLU A 4 12.30 -2.40 2.65
C GLU A 4 11.57 -1.65 3.77
N GLU A 5 11.94 -0.38 4.00
CA GLU A 5 11.22 0.47 4.92
C GLU A 5 9.83 0.80 4.38
N ILE A 6 9.72 1.01 3.07
CA ILE A 6 8.41 1.22 2.46
C ILE A 6 7.61 -0.06 2.43
N GLU A 7 8.30 -1.19 2.22
CA GLU A 7 7.63 -2.49 2.32
C GLU A 7 6.99 -2.71 3.68
N LYS A 8 7.75 -2.47 4.75
CA LYS A 8 7.27 -2.70 6.11
C LYS A 8 6.10 -1.75 6.44
N GLY A 9 6.21 -0.51 5.99
CA GLY A 9 5.19 0.47 6.27
C GLY A 9 3.88 0.21 5.55
N VAL A 10 3.94 -0.14 4.27
CA VAL A 10 2.72 -0.42 3.52
C VAL A 10 2.06 -1.68 4.05
N THR A 11 2.86 -2.72 4.33
CA THR A 11 2.32 -3.94 4.91
C THR A 11 1.61 -3.66 6.23
N SER A 12 2.26 -2.88 7.10
CA SER A 12 1.68 -2.52 8.38
C SER A 12 0.33 -1.82 8.19
N ILE A 13 0.24 -0.91 7.22
CA ILE A 13 -1.00 -0.18 6.97
C ILE A 13 -2.10 -1.12 6.48
N VAL A 14 -1.77 -1.97 5.52
CA VAL A 14 -2.79 -2.86 4.97
C VAL A 14 -3.28 -3.83 6.05
N ALA A 15 -2.35 -4.32 6.91
CA ALA A 15 -2.73 -5.14 8.05
C ALA A 15 -3.62 -4.37 9.04
N GLU A 16 -3.25 -3.13 9.39
CA GLU A 16 -4.07 -2.27 10.22
C GLU A 16 -5.50 -2.25 9.68
N VAL A 17 -5.63 -1.86 8.41
CA VAL A 17 -6.94 -1.58 7.83
C VAL A 17 -7.77 -2.85 7.67
N THR A 18 -7.13 -3.95 7.32
CA THR A 18 -7.84 -5.18 7.02
C THR A 18 -8.01 -6.07 8.24
N GLU A 19 -7.42 -5.70 9.37
CA GLU A 19 -7.42 -6.47 10.61
C GLU A 19 -6.93 -7.90 10.36
N LEU A 20 -5.79 -7.99 9.67
CA LEU A 20 -5.10 -9.25 9.42
C LEU A 20 -3.65 -9.13 9.91
N ASP A 21 -2.96 -10.25 10.11
CA ASP A 21 -1.60 -10.18 10.63
C ASP A 21 -0.61 -9.82 9.52
N GLU A 22 0.43 -9.04 9.89
CA GLU A 22 1.35 -8.56 8.87
C GLU A 22 2.06 -9.70 8.14
N LYS A 23 2.44 -10.78 8.85
CA LYS A 23 3.10 -11.89 8.17
C LYS A 23 2.17 -12.54 7.13
N GLU A 24 0.88 -12.71 7.47
CA GLU A 24 -0.04 -13.30 6.51
C GLU A 24 -0.25 -12.41 5.30
N ILE A 25 -0.43 -11.11 5.53
CA ILE A 25 -0.60 -10.16 4.42
C ILE A 25 0.64 -10.21 3.53
N TRP A 26 1.82 -10.23 4.14
CA TRP A 26 3.06 -10.30 3.35
C TRP A 26 3.13 -11.59 2.54
N GLU A 27 2.80 -12.73 3.17
CA GLU A 27 2.92 -13.99 2.44
C GLU A 27 1.99 -14.01 1.22
N LYS A 28 0.88 -13.29 1.28
CA LYS A 28 -0.02 -13.15 0.14
C LYS A 28 0.09 -11.77 -0.50
N ARG A 29 1.31 -11.27 -0.63
CA ARG A 29 1.52 -9.95 -1.19
C ARG A 29 1.04 -9.84 -2.63
N ASP A 30 1.00 -10.95 -3.36
CA ASP A 30 0.59 -10.92 -4.75
C ASP A 30 -0.91 -11.15 -4.96
N ALA A 31 -1.63 -11.60 -3.94
CA ALA A 31 -3.04 -11.93 -4.07
C ALA A 31 -3.89 -10.67 -4.28
N ASN A 32 -5.02 -10.85 -4.96
CA ASN A 32 -5.95 -9.75 -5.25
C ASN A 32 -6.72 -9.37 -3.99
N PHE A 33 -6.55 -8.11 -3.55
CA PHE A 33 -7.25 -7.59 -2.39
C PHE A 33 -8.73 -7.94 -2.44
N PHE A 34 -9.39 -7.59 -3.54
CA PHE A 34 -10.81 -7.75 -3.74
C PHE A 34 -11.19 -9.20 -4.00
N GLN A 35 -10.71 -9.81 -5.10
CA GLN A 35 -11.15 -11.15 -5.48
C GLN A 35 -10.61 -12.20 -4.53
N ASP A 36 -9.29 -12.35 -4.48
CA ASP A 36 -8.64 -13.29 -3.58
C ASP A 36 -8.62 -12.84 -2.13
N LEU A 37 -9.53 -11.96 -1.69
CA LEU A 37 -9.68 -11.67 -0.27
C LEU A 37 -10.94 -10.84 0.01
N GLU A 38 -10.81 -9.60 0.50
CA GLU A 38 -11.96 -8.77 0.90
C GLU A 38 -11.77 -7.30 0.49
N ILE A 39 -10.66 -6.73 0.92
CA ILE A 39 -10.54 -5.29 1.16
C ILE A 39 -11.08 -4.50 -0.03
N ASP A 40 -12.21 -3.79 0.20
CA ASP A 40 -13.06 -3.14 -0.80
C ASP A 40 -12.82 -1.62 -0.87
N SER A 41 -13.69 -0.91 -1.61
CA SER A 41 -13.41 0.47 -2.01
C SER A 41 -13.27 1.44 -0.83
N LEU A 42 -14.10 1.29 0.21
CA LEU A 42 -13.89 2.06 1.43
C LEU A 42 -12.54 1.73 2.08
N LEU A 43 -12.24 0.45 2.19
CA LEU A 43 -10.96 0.07 2.78
C LEU A 43 -9.79 0.55 1.91
N ALA A 44 -9.97 0.55 0.58
CA ALA A 44 -8.92 1.03 -0.30
C ALA A 44 -8.65 2.51 -0.04
N LEU A 45 -9.71 3.32 0.04
CA LEU A 45 -9.54 4.72 0.35
C LEU A 45 -8.81 4.91 1.67
N GLU A 46 -9.05 4.03 2.63
CA GLU A 46 -8.38 4.23 3.92
C GLU A 46 -6.90 3.89 3.82
N ILE A 47 -6.57 2.83 3.10
CA ILE A 47 -5.17 2.48 2.83
C ILE A 47 -4.47 3.67 2.20
N LEU A 48 -5.08 4.24 1.17
CA LEU A 48 -4.46 5.37 0.48
C LEU A 48 -4.22 6.53 1.45
N ALA A 49 -5.23 6.89 2.25
CA ALA A 49 -5.10 8.02 3.17
C ALA A 49 -3.97 7.78 4.16
N LEU A 50 -3.85 6.54 4.65
CA LEU A 50 -2.84 6.23 5.64
C LEU A 50 -1.44 6.22 5.01
N ILE A 51 -1.32 5.82 3.75
CA ILE A 51 -0.02 5.88 3.08
C ILE A 51 0.39 7.33 2.89
N GLU A 52 -0.50 8.13 2.33
CA GLU A 52 -0.26 9.57 2.25
C GLU A 52 0.24 10.09 3.58
N LYS A 53 -0.54 9.89 4.63
CA LYS A 53 -0.12 10.30 5.95
C LYS A 53 1.28 9.78 6.28
N LYS A 54 1.49 8.46 6.18
CA LYS A 54 2.66 7.84 6.81
C LYS A 54 3.95 8.22 6.08
N PHE A 55 3.91 8.41 4.77
CA PHE A 55 5.10 8.71 4.00
C PHE A 55 5.18 10.17 3.60
N LYS A 56 4.25 10.99 4.08
CA LYS A 56 4.15 12.42 3.80
C LYS A 56 4.23 12.68 2.29
N VAL A 57 3.25 12.10 1.59
CA VAL A 57 3.12 12.22 0.14
C VAL A 57 1.67 12.55 -0.18
N GLN A 58 1.47 13.13 -1.36
CA GLN A 58 0.15 13.26 -1.95
C GLN A 58 -0.03 12.21 -3.06
N ILE A 59 -0.97 11.29 -2.84
CA ILE A 59 -1.43 10.40 -3.90
C ILE A 59 -2.73 11.00 -4.41
N PRO A 60 -2.79 11.54 -5.61
CA PRO A 60 -4.10 11.87 -6.17
C PRO A 60 -5.03 10.68 -6.02
N GLU A 61 -6.29 10.97 -5.72
CA GLU A 61 -7.31 9.93 -5.77
C GLU A 61 -7.34 9.28 -7.16
N GLU A 62 -6.70 9.92 -8.13
CA GLU A 62 -6.81 9.48 -9.51
C GLU A 62 -5.86 8.34 -9.80
N LYS A 63 -5.50 7.55 -8.76
CA LYS A 63 -4.75 6.29 -8.76
C LYS A 63 -5.40 5.21 -7.87
N LEU A 64 -6.55 5.52 -7.23
CA LEU A 64 -7.39 4.55 -6.53
C LEU A 64 -8.18 3.63 -7.46
N VAL A 65 -7.59 3.17 -8.57
CA VAL A 65 -8.30 2.22 -9.42
C VAL A 65 -7.49 0.93 -9.54
N ASP A 66 -6.31 0.92 -8.91
CA ASP A 66 -5.32 -0.14 -9.05
C ASP A 66 -4.54 -0.42 -7.75
N ILE A 67 -5.09 -0.06 -6.58
CA ILE A 67 -4.67 -0.64 -5.31
C ILE A 67 -5.34 -2.00 -5.20
N THR A 68 -4.79 -2.99 -5.91
CA THR A 68 -5.42 -4.28 -6.08
C THR A 68 -4.69 -5.43 -5.38
N SER A 69 -3.44 -5.22 -4.98
CA SER A 69 -2.71 -6.21 -4.19
C SER A 69 -1.68 -5.45 -3.36
N LEU A 70 -1.12 -6.12 -2.35
CA LEU A 70 -0.09 -5.45 -1.57
C LEU A 70 1.05 -5.03 -2.49
N SER A 71 1.41 -5.89 -3.43
CA SER A 71 2.59 -5.63 -4.26
C SER A 71 2.33 -4.51 -5.26
N ALA A 72 1.09 -4.43 -5.78
CA ALA A 72 0.71 -3.25 -6.55
C ALA A 72 0.74 -2.00 -5.69
N THR A 73 0.28 -2.10 -4.44
CA THR A 73 0.22 -0.94 -3.58
C THR A 73 1.60 -0.45 -3.19
N ILE A 74 2.51 -1.38 -2.86
CA ILE A 74 3.90 -1.02 -2.62
C ILE A 74 4.51 -0.35 -3.86
N GLY A 75 4.28 -0.96 -5.01
CA GLY A 75 4.78 -0.40 -6.25
C GLY A 75 4.28 1.01 -6.50
N LEU A 76 3.00 1.26 -6.17
CA LEU A 76 2.45 2.60 -6.28
C LEU A 76 3.15 3.55 -5.33
N THR A 77 3.38 3.11 -4.10
CA THR A 77 3.97 3.98 -3.10
C THR A 77 5.41 4.35 -3.52
N LYS A 78 6.13 3.39 -4.11
CA LYS A 78 7.49 3.69 -4.56
C LYS A 78 7.52 4.73 -5.67
N SER A 79 6.69 4.55 -6.71
CA SER A 79 6.64 5.53 -7.79
C SER A 79 6.24 6.92 -7.30
N VAL A 80 5.29 7.00 -6.35
CA VAL A 80 4.95 8.33 -5.82
C VAL A 80 6.11 8.89 -5.00
N LEU A 81 6.85 8.03 -4.32
CA LEU A 81 8.02 8.51 -3.60
C LEU A 81 9.13 8.94 -4.58
N ALA A 82 9.23 8.27 -5.74
CA ALA A 82 10.23 8.63 -6.73
C ALA A 82 9.81 9.87 -7.50
N GLU A 83 8.56 9.89 -8.00
CA GLU A 83 7.98 11.09 -8.57
C GLU A 83 8.23 12.31 -7.69
N SER A 84 8.29 12.15 -6.38
CA SER A 84 8.75 13.22 -5.52
C SER A 84 10.19 13.57 -5.75
N GLY A 85 11.06 12.56 -5.89
CA GLY A 85 12.42 12.69 -5.44
C GLY A 85 12.59 12.44 -3.96
N LYS A 86 12.42 11.17 -3.51
CA LYS A 86 12.75 10.79 -2.15
C LYS A 86 12.81 9.28 -1.96
N LEU A 87 12.77 8.51 -3.05
CA LEU A 87 12.93 7.07 -3.01
C LEU A 87 14.41 6.72 -3.06
N GLU A 88 14.85 5.83 -2.17
CA GLU A 88 16.17 5.20 -2.30
C GLU A 88 15.91 3.73 -2.67
N HIS A 89 16.46 3.32 -3.80
CA HIS A 89 16.08 2.10 -4.50
C HIS A 89 17.35 1.54 -5.13
N HIS A 90 17.63 0.26 -4.94
CA HIS A 90 18.95 -0.23 -5.36
C HIS A 90 18.93 -1.00 -6.68
N ASP A 2 14.21 3.21 -0.50
CA ASP A 2 14.33 2.47 0.75
C ASP A 2 13.29 1.37 0.70
N ASP A 3 13.61 0.32 -0.05
CA ASP A 3 12.59 -0.64 -0.39
C ASP A 3 12.05 -1.32 0.86
N GLU A 4 12.90 -1.60 1.83
CA GLU A 4 12.40 -2.28 3.03
C GLU A 4 11.54 -1.36 3.88
N GLU A 5 11.96 -0.10 4.05
CA GLU A 5 11.14 0.81 4.83
C GLU A 5 9.77 0.99 4.18
N ILE A 6 9.72 1.07 2.85
CA ILE A 6 8.44 1.17 2.17
C ILE A 6 7.64 -0.11 2.34
N GLU A 7 8.31 -1.25 2.19
CA GLU A 7 7.65 -2.55 2.30
C GLU A 7 6.99 -2.75 3.65
N LYS A 8 7.73 -2.51 4.73
CA LYS A 8 7.23 -2.67 6.09
C LYS A 8 6.07 -1.73 6.36
N GLY A 9 6.24 -0.46 5.98
CA GLY A 9 5.22 0.54 6.22
C GLY A 9 3.91 0.23 5.53
N VAL A 10 3.96 -0.13 4.24
CA VAL A 10 2.72 -0.41 3.51
C VAL A 10 2.08 -1.68 4.06
N THR A 11 2.88 -2.69 4.38
CA THR A 11 2.33 -3.92 4.93
C THR A 11 1.59 -3.66 6.24
N SER A 12 2.21 -2.88 7.13
CA SER A 12 1.60 -2.59 8.42
C SER A 12 0.27 -1.85 8.24
N ILE A 13 0.22 -0.93 7.27
CA ILE A 13 -1.01 -0.19 7.01
C ILE A 13 -2.10 -1.12 6.50
N VAL A 14 -1.77 -1.97 5.54
CA VAL A 14 -2.78 -2.86 4.98
C VAL A 14 -3.29 -3.84 6.05
N ALA A 15 -2.37 -4.37 6.87
CA ALA A 15 -2.75 -5.24 7.99
C ALA A 15 -3.71 -4.53 8.94
N GLU A 16 -3.39 -3.29 9.33
CA GLU A 16 -4.24 -2.56 10.25
C GLU A 16 -5.65 -2.41 9.67
N VAL A 17 -5.73 -2.08 8.36
CA VAL A 17 -7.03 -1.79 7.75
C VAL A 17 -7.84 -3.07 7.52
N THR A 18 -7.19 -4.16 7.16
CA THR A 18 -7.92 -5.40 6.92
C THR A 18 -8.10 -6.21 8.20
N GLU A 19 -7.51 -5.74 9.30
CA GLU A 19 -7.48 -6.45 10.56
C GLU A 19 -6.94 -7.87 10.36
N LEU A 20 -5.83 -7.96 9.64
CA LEU A 20 -5.12 -9.23 9.46
C LEU A 20 -3.68 -9.11 9.94
N ASP A 21 -3.02 -10.26 10.05
CA ASP A 21 -1.67 -10.33 10.57
C ASP A 21 -0.65 -9.89 9.52
N GLU A 22 0.37 -9.11 9.94
CA GLU A 22 1.35 -8.59 9.00
C GLU A 22 2.03 -9.71 8.22
N LYS A 23 2.45 -10.79 8.88
CA LYS A 23 3.14 -11.86 8.16
C LYS A 23 2.21 -12.52 7.16
N GLU A 24 0.93 -12.68 7.51
CA GLU A 24 0.00 -13.34 6.58
C GLU A 24 -0.25 -12.45 5.37
N ILE A 25 -0.39 -11.14 5.58
CA ILE A 25 -0.58 -10.20 4.47
C ILE A 25 0.65 -10.22 3.55
N TRP A 26 1.84 -10.24 4.15
CA TRP A 26 3.06 -10.32 3.35
C TRP A 26 3.11 -11.60 2.51
N GLU A 27 2.76 -12.74 3.11
CA GLU A 27 2.77 -13.98 2.34
C GLU A 27 1.80 -13.92 1.15
N LYS A 28 0.72 -13.15 1.28
CA LYS A 28 -0.24 -13.01 0.20
C LYS A 28 -0.06 -11.69 -0.55
N ARG A 29 1.19 -11.27 -0.73
CA ARG A 29 1.46 -9.96 -1.35
C ARG A 29 0.95 -9.88 -2.79
N ASP A 30 0.82 -11.00 -3.50
CA ASP A 30 0.18 -11.01 -4.80
C ASP A 30 -1.25 -11.53 -4.81
N ALA A 31 -1.89 -11.62 -3.65
CA ALA A 31 -3.30 -12.00 -3.60
C ALA A 31 -4.16 -10.77 -3.92
N ASN A 32 -5.17 -10.96 -4.77
CA ASN A 32 -6.01 -9.84 -5.19
C ASN A 32 -6.82 -9.34 -4.01
N PHE A 33 -6.91 -8.02 -3.89
CA PHE A 33 -7.51 -7.40 -2.72
C PHE A 33 -9.00 -7.69 -2.63
N PHE A 34 -9.64 -7.87 -3.78
CA PHE A 34 -11.09 -7.93 -3.85
C PHE A 34 -11.59 -9.34 -4.19
N GLN A 35 -10.78 -10.15 -4.88
CA GLN A 35 -11.13 -11.53 -5.23
C GLN A 35 -10.51 -12.52 -4.26
N ASP A 36 -9.19 -12.68 -4.32
CA ASP A 36 -8.46 -13.39 -3.29
C ASP A 36 -8.50 -12.72 -1.92
N LEU A 37 -9.35 -11.71 -1.69
CA LEU A 37 -9.34 -11.00 -0.41
C LEU A 37 -10.61 -10.14 -0.21
N GLU A 38 -10.50 -8.85 0.16
CA GLU A 38 -11.69 -8.06 0.53
C GLU A 38 -11.63 -6.59 0.07
N ILE A 39 -10.68 -5.84 0.62
CA ILE A 39 -10.73 -4.39 0.73
C ILE A 39 -11.53 -3.73 -0.40
N ASP A 40 -12.86 -3.74 -0.24
CA ASP A 40 -13.77 -2.93 -1.05
C ASP A 40 -13.28 -1.48 -1.11
N SER A 41 -14.12 -0.58 -1.63
CA SER A 41 -13.61 0.75 -1.96
C SER A 41 -13.34 1.60 -0.73
N LEU A 42 -14.13 1.43 0.34
CA LEU A 42 -13.83 2.16 1.58
C LEU A 42 -12.49 1.75 2.17
N LEU A 43 -12.22 0.46 2.26
CA LEU A 43 -10.94 0.03 2.80
C LEU A 43 -9.80 0.53 1.92
N ALA A 44 -9.98 0.52 0.59
CA ALA A 44 -8.93 1.02 -0.28
C ALA A 44 -8.64 2.49 -0.01
N LEU A 45 -9.70 3.29 0.13
CA LEU A 45 -9.48 4.70 0.40
C LEU A 45 -8.78 4.88 1.73
N GLU A 46 -9.05 4.02 2.70
CA GLU A 46 -8.36 4.23 3.97
C GLU A 46 -6.88 3.86 3.85
N ILE A 47 -6.57 2.82 3.09
CA ILE A 47 -5.18 2.48 2.81
C ILE A 47 -4.48 3.67 2.18
N LEU A 48 -5.09 4.23 1.14
CA LEU A 48 -4.47 5.36 0.45
C LEU A 48 -4.22 6.51 1.41
N ALA A 49 -5.23 6.86 2.24
CA ALA A 49 -5.10 8.00 3.13
C ALA A 49 -3.98 7.76 4.15
N LEU A 50 -3.88 6.53 4.65
CA LEU A 50 -2.87 6.21 5.65
C LEU A 50 -1.48 6.17 5.03
N ILE A 51 -1.36 5.83 3.76
CA ILE A 51 -0.05 5.88 3.11
C ILE A 51 0.39 7.32 2.96
N GLU A 52 -0.49 8.16 2.45
CA GLU A 52 -0.16 9.57 2.29
C GLU A 52 0.49 10.12 3.55
N LYS A 53 0.04 9.64 4.70
CA LYS A 53 0.46 10.25 5.96
C LYS A 53 1.76 9.67 6.47
N LYS A 54 1.99 8.37 6.24
CA LYS A 54 3.22 7.73 6.68
C LYS A 54 4.39 8.12 5.79
N PHE A 55 4.13 8.37 4.51
CA PHE A 55 5.20 8.68 3.56
C PHE A 55 5.14 10.12 3.09
N LYS A 56 4.46 10.99 3.86
CA LYS A 56 4.38 12.43 3.64
C LYS A 56 4.18 12.78 2.17
N VAL A 57 3.40 11.93 1.51
CA VAL A 57 3.14 12.06 0.08
C VAL A 57 1.66 12.35 -0.08
N GLN A 58 1.33 13.02 -1.17
CA GLN A 58 -0.04 13.14 -1.60
C GLN A 58 -0.20 12.31 -2.85
N ILE A 59 -1.32 11.58 -2.94
CA ILE A 59 -1.55 10.65 -4.03
C ILE A 59 -2.77 11.14 -4.78
N PRO A 60 -2.72 11.31 -6.10
CA PRO A 60 -3.93 11.65 -6.84
C PRO A 60 -5.07 10.71 -6.48
N GLU A 61 -6.29 11.17 -6.71
CA GLU A 61 -7.43 10.26 -6.65
C GLU A 61 -7.34 9.22 -7.75
N GLU A 62 -6.59 9.51 -8.82
CA GLU A 62 -6.45 8.56 -9.91
C GLU A 62 -5.88 7.24 -9.43
N LYS A 63 -5.08 7.26 -8.36
CA LYS A 63 -4.28 6.11 -7.96
C LYS A 63 -4.96 5.18 -6.97
N LEU A 64 -6.22 5.43 -6.59
CA LEU A 64 -6.93 4.51 -5.70
C LEU A 64 -7.31 3.22 -6.40
N VAL A 65 -6.91 3.03 -7.66
CA VAL A 65 -7.47 1.95 -8.46
C VAL A 65 -6.62 0.70 -8.36
N ASP A 66 -5.30 0.84 -8.47
CA ASP A 66 -4.40 -0.29 -8.32
C ASP A 66 -3.80 -0.34 -6.92
N ILE A 67 -4.52 0.21 -5.95
CA ILE A 67 -4.53 -0.33 -4.61
C ILE A 67 -5.39 -1.59 -4.71
N THR A 68 -4.78 -2.68 -5.17
CA THR A 68 -5.48 -3.91 -5.55
C THR A 68 -4.76 -5.19 -5.16
N SER A 69 -3.47 -5.10 -4.87
CA SER A 69 -2.76 -6.15 -4.15
C SER A 69 -1.71 -5.44 -3.32
N LEU A 70 -1.12 -6.16 -2.35
CA LEU A 70 -0.09 -5.49 -1.57
C LEU A 70 1.07 -5.07 -2.47
N SER A 71 1.46 -5.95 -3.40
CA SER A 71 2.60 -5.67 -4.26
C SER A 71 2.33 -4.48 -5.20
N ALA A 72 1.13 -4.42 -5.79
CA ALA A 72 0.77 -3.23 -6.57
C ALA A 72 0.76 -1.98 -5.71
N THR A 73 0.26 -2.10 -4.47
CA THR A 73 0.19 -0.93 -3.59
C THR A 73 1.59 -0.45 -3.20
N ILE A 74 2.50 -1.39 -2.91
CA ILE A 74 3.89 -1.02 -2.64
C ILE A 74 4.50 -0.33 -3.85
N GLY A 75 4.27 -0.90 -5.04
CA GLY A 75 4.79 -0.29 -6.25
C GLY A 75 4.27 1.11 -6.47
N LEU A 76 2.99 1.32 -6.13
CA LEU A 76 2.42 2.66 -6.22
C LEU A 76 3.13 3.62 -5.29
N THR A 77 3.36 3.19 -4.06
CA THR A 77 3.99 4.04 -3.07
C THR A 77 5.43 4.39 -3.51
N LYS A 78 6.14 3.42 -4.10
CA LYS A 78 7.48 3.70 -4.59
C LYS A 78 7.47 4.75 -5.71
N SER A 79 6.62 4.56 -6.73
CA SER A 79 6.46 5.55 -7.80
C SER A 79 6.20 6.96 -7.26
N VAL A 80 5.25 7.11 -6.33
CA VAL A 80 4.94 8.46 -5.85
C VAL A 80 6.11 9.00 -5.04
N LEU A 81 6.79 8.13 -4.30
CA LEU A 81 7.98 8.59 -3.59
C LEU A 81 9.07 9.03 -4.56
N ALA A 82 9.26 8.29 -5.66
CA ALA A 82 10.26 8.68 -6.66
C ALA A 82 9.91 10.03 -7.27
N GLU A 83 8.63 10.22 -7.57
CA GLU A 83 8.19 11.50 -8.12
C GLU A 83 8.34 12.63 -7.11
N SER A 84 8.48 12.33 -5.82
CA SER A 84 8.65 13.35 -4.79
C SER A 84 10.11 13.50 -4.36
N GLY A 85 11.04 12.81 -5.04
CA GLY A 85 12.45 12.90 -4.71
C GLY A 85 12.90 12.16 -3.48
N LYS A 86 12.02 11.37 -2.83
CA LYS A 86 12.40 10.78 -1.54
C LYS A 86 12.46 9.25 -1.55
N LEU A 87 12.68 8.64 -2.71
CA LEU A 87 12.91 7.20 -2.83
C LEU A 87 14.40 6.89 -2.85
N GLU A 88 14.85 5.96 -2.00
CA GLU A 88 16.19 5.36 -2.14
C GLU A 88 15.99 3.91 -2.59
N HIS A 89 16.02 3.70 -3.90
CA HIS A 89 15.80 2.41 -4.52
C HIS A 89 17.16 1.76 -4.83
N HIS A 90 17.46 0.64 -4.19
CA HIS A 90 18.83 0.11 -4.30
C HIS A 90 19.13 -0.45 -5.69
N ASP A 2 14.36 3.48 -0.12
CA ASP A 2 14.29 2.78 1.15
C ASP A 2 13.29 1.63 1.00
N ASP A 3 13.63 0.64 0.19
CA ASP A 3 12.66 -0.39 -0.14
C ASP A 3 12.16 -1.09 1.12
N GLU A 4 13.10 -1.40 2.03
CA GLU A 4 12.75 -1.92 3.35
C GLU A 4 11.60 -1.14 4.01
N GLU A 5 11.85 0.13 4.35
CA GLU A 5 10.85 0.93 5.06
C GLU A 5 9.54 0.96 4.31
N ILE A 6 9.58 1.08 2.97
CA ILE A 6 8.33 1.19 2.24
C ILE A 6 7.57 -0.12 2.31
N GLU A 7 8.27 -1.24 2.11
CA GLU A 7 7.63 -2.55 2.23
C GLU A 7 7.00 -2.76 3.59
N LYS A 8 7.75 -2.50 4.66
CA LYS A 8 7.24 -2.69 6.02
C LYS A 8 6.09 -1.74 6.32
N GLY A 9 6.24 -0.49 5.90
CA GLY A 9 5.24 0.51 6.18
C GLY A 9 3.92 0.24 5.49
N VAL A 10 3.95 -0.14 4.22
CA VAL A 10 2.71 -0.41 3.51
C VAL A 10 2.07 -1.69 4.03
N THR A 11 2.89 -2.70 4.33
CA THR A 11 2.35 -3.94 4.89
C THR A 11 1.62 -3.68 6.20
N SER A 12 2.24 -2.90 7.09
CA SER A 12 1.63 -2.58 8.37
C SER A 12 0.31 -1.84 8.20
N ILE A 13 0.25 -0.91 7.25
CA ILE A 13 -0.99 -0.17 7.01
C ILE A 13 -2.09 -1.10 6.52
N VAL A 14 -1.79 -1.95 5.56
CA VAL A 14 -2.80 -2.84 5.02
C VAL A 14 -3.29 -3.82 6.09
N ALA A 15 -2.36 -4.31 6.93
CA ALA A 15 -2.73 -5.17 8.05
C ALA A 15 -3.68 -4.47 9.03
N GLU A 16 -3.36 -3.23 9.42
CA GLU A 16 -4.21 -2.51 10.35
C GLU A 16 -5.60 -2.32 9.76
N VAL A 17 -5.66 -1.83 8.52
CA VAL A 17 -6.93 -1.47 7.92
C VAL A 17 -7.79 -2.71 7.71
N THR A 18 -7.18 -3.83 7.36
CA THR A 18 -7.89 -5.05 7.05
C THR A 18 -8.01 -5.99 8.25
N GLU A 19 -7.42 -5.60 9.38
CA GLU A 19 -7.41 -6.38 10.61
C GLU A 19 -6.91 -7.79 10.36
N LEU A 20 -5.80 -7.89 9.64
CA LEU A 20 -5.10 -9.15 9.42
C LEU A 20 -3.67 -9.05 9.94
N ASP A 21 -2.99 -10.21 10.01
CA ASP A 21 -1.64 -10.28 10.56
C ASP A 21 -0.62 -9.87 9.49
N GLU A 22 0.42 -9.09 9.89
CA GLU A 22 1.39 -8.57 8.92
C GLU A 22 2.08 -9.70 8.15
N LYS A 23 2.45 -10.80 8.83
CA LYS A 23 3.12 -11.89 8.13
C LYS A 23 2.21 -12.53 7.11
N GLU A 24 0.94 -12.78 7.47
CA GLU A 24 0.07 -13.49 6.54
C GLU A 24 -0.25 -12.57 5.36
N ILE A 25 -0.34 -11.26 5.59
CA ILE A 25 -0.54 -10.30 4.51
C ILE A 25 0.68 -10.27 3.58
N TRP A 26 1.87 -10.27 4.16
CA TRP A 26 3.09 -10.33 3.36
C TRP A 26 3.13 -11.61 2.52
N GLU A 27 2.77 -12.75 3.12
CA GLU A 27 2.70 -14.00 2.37
C GLU A 27 1.82 -13.88 1.13
N LYS A 28 0.69 -13.22 1.26
CA LYS A 28 -0.24 -13.07 0.15
C LYS A 28 -0.06 -11.73 -0.55
N ARG A 29 1.20 -11.29 -0.64
CA ARG A 29 1.46 -9.96 -1.20
C ARG A 29 1.04 -9.84 -2.65
N ASP A 30 1.14 -10.92 -3.43
CA ASP A 30 0.88 -10.82 -4.85
C ASP A 30 -0.60 -11.05 -5.20
N ALA A 31 -1.40 -11.51 -4.24
CA ALA A 31 -2.80 -11.86 -4.45
C ALA A 31 -3.69 -10.65 -4.67
N ASN A 32 -4.78 -10.85 -5.44
CA ASN A 32 -5.76 -9.80 -5.67
C ASN A 32 -6.54 -9.46 -4.40
N PHE A 33 -6.79 -8.17 -4.22
CA PHE A 33 -7.24 -7.63 -2.94
C PHE A 33 -8.70 -7.95 -2.69
N PHE A 34 -9.54 -7.82 -3.72
CA PHE A 34 -10.98 -7.90 -3.60
C PHE A 34 -11.51 -9.33 -3.70
N GLN A 35 -10.74 -10.24 -4.31
CA GLN A 35 -11.14 -11.64 -4.40
C GLN A 35 -10.72 -12.41 -3.16
N ASP A 36 -9.55 -12.12 -2.61
CA ASP A 36 -8.99 -12.97 -1.57
C ASP A 36 -9.03 -12.32 -0.19
N LEU A 37 -9.04 -11.00 -0.11
CA LEU A 37 -9.65 -10.28 0.99
C LEU A 37 -10.89 -9.55 0.51
N GLU A 38 -11.34 -8.53 1.22
CA GLU A 38 -12.60 -7.87 0.89
C GLU A 38 -12.32 -6.54 0.20
N ILE A 39 -11.55 -5.72 0.89
CA ILE A 39 -11.29 -4.34 0.49
C ILE A 39 -12.27 -3.92 -0.58
N ASP A 40 -13.47 -3.64 -0.14
CA ASP A 40 -14.35 -2.66 -0.74
C ASP A 40 -13.54 -1.39 -1.04
N SER A 41 -14.21 -0.38 -1.61
CA SER A 41 -13.49 0.84 -1.92
C SER A 41 -13.25 1.68 -0.68
N LEU A 42 -14.05 1.47 0.37
CA LEU A 42 -13.82 2.17 1.63
C LEU A 42 -12.49 1.77 2.25
N LEU A 43 -12.21 0.47 2.34
CA LEU A 43 -10.93 0.06 2.90
C LEU A 43 -9.78 0.52 2.00
N ALA A 44 -9.96 0.44 0.68
CA ALA A 44 -8.90 0.91 -0.21
C ALA A 44 -8.66 2.40 -0.03
N LEU A 45 -9.72 3.19 0.15
CA LEU A 45 -9.52 4.61 0.39
C LEU A 45 -8.82 4.84 1.71
N GLU A 46 -9.07 4.01 2.71
CA GLU A 46 -8.37 4.25 3.96
C GLU A 46 -6.90 3.89 3.83
N ILE A 47 -6.59 2.82 3.10
CA ILE A 47 -5.19 2.46 2.84
C ILE A 47 -4.49 3.66 2.22
N LEU A 48 -5.07 4.21 1.15
CA LEU A 48 -4.41 5.31 0.48
C LEU A 48 -4.20 6.49 1.43
N ALA A 49 -5.21 6.81 2.25
CA ALA A 49 -5.09 7.96 3.15
C ALA A 49 -3.97 7.76 4.16
N LEU A 50 -3.85 6.54 4.70
CA LEU A 50 -2.83 6.26 5.70
C LEU A 50 -1.43 6.25 5.10
N ILE A 51 -1.30 5.84 3.84
CA ILE A 51 0.00 5.91 3.19
C ILE A 51 0.43 7.36 3.05
N GLU A 52 -0.52 8.23 2.71
CA GLU A 52 -0.20 9.65 2.57
C GLU A 52 0.51 10.20 3.80
N LYS A 53 0.04 9.90 5.01
CA LYS A 53 0.59 10.61 6.15
C LYS A 53 1.64 9.80 6.89
N LYS A 54 1.78 8.50 6.59
CA LYS A 54 2.94 7.78 7.09
C LYS A 54 4.21 8.34 6.47
N PHE A 55 4.30 8.27 5.14
CA PHE A 55 5.48 8.66 4.39
C PHE A 55 5.48 10.15 4.05
N LYS A 56 4.41 10.85 4.41
CA LYS A 56 4.37 12.31 4.34
C LYS A 56 4.25 12.77 2.88
N VAL A 57 3.19 12.29 2.23
CA VAL A 57 3.05 12.44 0.79
C VAL A 57 1.57 12.59 0.42
N GLN A 58 1.31 13.23 -0.71
CA GLN A 58 0.00 13.25 -1.33
C GLN A 58 -0.03 12.24 -2.47
N ILE A 59 -1.19 11.59 -2.67
CA ILE A 59 -1.38 10.62 -3.74
C ILE A 59 -2.67 10.97 -4.47
N PRO A 60 -2.63 11.25 -5.79
CA PRO A 60 -3.87 11.56 -6.51
C PRO A 60 -4.96 10.53 -6.29
N GLU A 61 -6.17 10.86 -6.78
CA GLU A 61 -7.33 9.98 -6.57
C GLU A 61 -7.32 8.81 -7.54
N GLU A 62 -7.43 9.10 -8.85
CA GLU A 62 -7.35 8.05 -9.85
C GLU A 62 -6.48 6.90 -9.40
N LYS A 63 -5.21 7.18 -9.03
CA LYS A 63 -4.25 6.19 -8.55
C LYS A 63 -4.84 5.22 -7.53
N LEU A 64 -6.03 5.50 -7.00
CA LEU A 64 -6.75 4.45 -6.29
C LEU A 64 -6.98 3.24 -7.20
N VAL A 65 -6.72 3.38 -8.51
CA VAL A 65 -6.93 2.30 -9.48
C VAL A 65 -5.99 1.13 -9.20
N ASP A 66 -4.70 1.41 -9.03
CA ASP A 66 -3.70 0.37 -8.87
C ASP A 66 -3.61 -0.18 -7.45
N ILE A 67 -4.55 0.15 -6.58
CA ILE A 67 -4.55 -0.39 -5.22
C ILE A 67 -5.34 -1.70 -5.24
N THR A 68 -4.69 -2.77 -5.70
CA THR A 68 -5.33 -4.05 -6.00
C THR A 68 -4.57 -5.26 -5.48
N SER A 69 -3.39 -5.06 -4.90
CA SER A 69 -2.68 -6.11 -4.19
C SER A 69 -1.66 -5.40 -3.32
N LEU A 70 -1.09 -6.11 -2.36
CA LEU A 70 -0.04 -5.46 -1.58
C LEU A 70 1.09 -5.05 -2.50
N SER A 71 1.51 -5.95 -3.40
CA SER A 71 2.64 -5.65 -4.27
C SER A 71 2.33 -4.49 -5.21
N ALA A 72 1.11 -4.44 -5.75
CA ALA A 72 0.67 -3.26 -6.50
C ALA A 72 0.70 -2.00 -5.64
N THR A 73 0.26 -2.09 -4.40
CA THR A 73 0.20 -0.91 -3.53
C THR A 73 1.59 -0.44 -3.16
N ILE A 74 2.50 -1.37 -2.87
CA ILE A 74 3.90 -1.02 -2.63
C ILE A 74 4.49 -0.31 -3.85
N GLY A 75 4.28 -0.89 -5.04
CA GLY A 75 4.78 -0.27 -6.25
C GLY A 75 4.26 1.14 -6.43
N LEU A 76 2.98 1.36 -6.14
CA LEU A 76 2.41 2.69 -6.21
C LEU A 76 3.13 3.65 -5.28
N THR A 77 3.35 3.20 -4.04
CA THR A 77 3.99 4.05 -3.06
C THR A 77 5.42 4.40 -3.50
N LYS A 78 6.14 3.42 -4.07
CA LYS A 78 7.49 3.68 -4.58
C LYS A 78 7.47 4.74 -5.69
N SER A 79 6.63 4.55 -6.71
CA SER A 79 6.48 5.54 -7.78
C SER A 79 6.21 6.95 -7.26
N VAL A 80 5.26 7.10 -6.32
CA VAL A 80 4.95 8.45 -5.85
C VAL A 80 6.09 8.99 -5.01
N LEU A 81 6.81 8.11 -4.31
CA LEU A 81 7.98 8.58 -3.58
C LEU A 81 9.08 9.02 -4.54
N ALA A 82 9.25 8.31 -5.67
CA ALA A 82 10.26 8.72 -6.65
C ALA A 82 9.92 10.08 -7.24
N GLU A 83 8.62 10.36 -7.39
CA GLU A 83 8.16 11.65 -7.90
C GLU A 83 8.47 12.80 -6.95
N SER A 84 8.59 12.52 -5.65
CA SER A 84 8.87 13.53 -4.65
C SER A 84 10.35 13.64 -4.30
N GLY A 85 11.22 12.96 -5.04
CA GLY A 85 12.62 12.85 -4.65
C GLY A 85 12.84 12.25 -3.28
N LYS A 86 11.96 11.31 -2.87
CA LYS A 86 11.96 10.77 -1.52
C LYS A 86 12.32 9.27 -1.49
N LEU A 87 12.63 8.68 -2.63
CA LEU A 87 12.88 7.24 -2.76
C LEU A 87 14.37 6.96 -2.83
N GLU A 88 14.85 5.96 -2.10
CA GLU A 88 16.14 5.36 -2.45
C GLU A 88 15.93 3.86 -2.63
N HIS A 89 16.42 3.36 -3.74
CA HIS A 89 16.00 2.12 -4.37
C HIS A 89 17.24 1.43 -4.91
N HIS A 90 17.51 0.21 -4.46
CA HIS A 90 18.85 -0.35 -4.60
C HIS A 90 19.09 -1.09 -5.93
N ASP A 2 14.30 3.48 -0.20
CA ASP A 2 14.25 2.82 1.10
C ASP A 2 13.27 1.67 1.01
N ASP A 3 13.63 0.67 0.21
CA ASP A 3 12.66 -0.36 -0.18
C ASP A 3 12.14 -1.11 1.03
N GLU A 4 13.04 -1.59 1.89
CA GLU A 4 12.62 -2.36 3.06
C GLU A 4 11.60 -1.58 3.89
N GLU A 5 11.92 -0.33 4.21
CA GLU A 5 11.08 0.49 5.07
C GLU A 5 9.74 0.78 4.42
N ILE A 6 9.73 0.97 3.09
CA ILE A 6 8.46 1.18 2.41
C ILE A 6 7.65 -0.09 2.42
N GLU A 7 8.29 -1.22 2.13
CA GLU A 7 7.60 -2.51 2.17
C GLU A 7 6.99 -2.79 3.54
N LYS A 8 7.73 -2.52 4.63
CA LYS A 8 7.21 -2.81 5.96
C LYS A 8 6.13 -1.80 6.36
N GLY A 9 6.30 -0.55 5.92
CA GLY A 9 5.30 0.47 6.19
C GLY A 9 3.96 0.22 5.52
N VAL A 10 3.97 -0.17 4.25
CA VAL A 10 2.71 -0.41 3.55
C VAL A 10 2.06 -1.70 4.06
N THR A 11 2.87 -2.71 4.37
CA THR A 11 2.32 -3.94 4.94
C THR A 11 1.62 -3.65 6.26
N SER A 12 2.27 -2.87 7.13
CA SER A 12 1.69 -2.47 8.41
C SER A 12 0.33 -1.77 8.21
N ILE A 13 0.25 -0.88 7.23
CA ILE A 13 -1.01 -0.17 6.99
C ILE A 13 -2.10 -1.12 6.52
N VAL A 14 -1.78 -1.98 5.54
CA VAL A 14 -2.80 -2.86 4.99
C VAL A 14 -3.29 -3.83 6.07
N ALA A 15 -2.36 -4.40 6.84
CA ALA A 15 -2.72 -5.26 7.97
C ALA A 15 -3.68 -4.55 8.93
N GLU A 16 -3.35 -3.32 9.31
CA GLU A 16 -4.23 -2.56 10.17
C GLU A 16 -5.62 -2.47 9.55
N VAL A 17 -5.69 -2.13 8.26
CA VAL A 17 -6.99 -1.87 7.63
C VAL A 17 -7.79 -3.17 7.45
N THR A 18 -7.18 -4.24 6.98
CA THR A 18 -7.90 -5.49 6.80
C THR A 18 -8.13 -6.21 8.11
N GLU A 19 -7.54 -5.73 9.21
CA GLU A 19 -7.52 -6.43 10.49
C GLU A 19 -6.96 -7.85 10.34
N LEU A 20 -5.87 -7.96 9.59
CA LEU A 20 -5.15 -9.23 9.40
C LEU A 20 -3.72 -9.11 9.93
N ASP A 21 -3.01 -10.24 9.96
CA ASP A 21 -1.67 -10.31 10.54
C ASP A 21 -0.65 -9.88 9.50
N GLU A 22 0.40 -9.13 9.94
CA GLU A 22 1.43 -8.62 9.02
C GLU A 22 2.04 -9.77 8.22
N LYS A 23 2.41 -10.89 8.87
CA LYS A 23 3.09 -11.96 8.17
C LYS A 23 2.18 -12.57 7.12
N GLU A 24 0.88 -12.69 7.45
CA GLU A 24 -0.05 -13.31 6.51
C GLU A 24 -0.27 -12.41 5.30
N ILE A 25 -0.44 -11.10 5.55
CA ILE A 25 -0.56 -10.12 4.47
C ILE A 25 0.66 -10.21 3.55
N TRP A 26 1.85 -10.26 4.14
CA TRP A 26 3.08 -10.34 3.34
C TRP A 26 3.12 -11.61 2.50
N GLU A 27 2.74 -12.75 3.08
CA GLU A 27 2.60 -13.97 2.29
C GLU A 27 1.61 -13.81 1.15
N LYS A 28 0.54 -13.07 1.36
CA LYS A 28 -0.50 -12.85 0.35
C LYS A 28 -0.17 -11.65 -0.54
N ARG A 29 1.11 -11.31 -0.70
CA ARG A 29 1.42 -10.01 -1.32
C ARG A 29 1.00 -9.92 -2.78
N ASP A 30 0.90 -11.04 -3.52
CA ASP A 30 0.31 -11.03 -4.85
C ASP A 30 -1.13 -11.53 -4.89
N ALA A 31 -1.84 -11.53 -3.77
CA ALA A 31 -3.25 -11.90 -3.75
C ALA A 31 -4.12 -10.68 -3.98
N ASN A 32 -5.28 -10.91 -4.58
CA ASN A 32 -6.17 -9.81 -4.95
C ASN A 32 -6.90 -9.30 -3.71
N PHE A 33 -6.57 -8.08 -3.30
CA PHE A 33 -7.23 -7.47 -2.15
C PHE A 33 -8.71 -7.82 -2.12
N PHE A 34 -9.33 -7.84 -3.28
CA PHE A 34 -10.78 -7.89 -3.37
C PHE A 34 -11.33 -9.30 -3.17
N GLN A 35 -11.08 -10.23 -4.08
CA GLN A 35 -11.48 -11.62 -3.83
C GLN A 35 -10.82 -12.15 -2.57
N ASP A 36 -9.49 -12.12 -2.53
CA ASP A 36 -8.73 -12.96 -1.61
C ASP A 36 -8.60 -12.38 -0.21
N LEU A 37 -7.87 -11.29 0.00
CA LEU A 37 -8.22 -10.39 1.08
C LEU A 37 -9.64 -9.88 0.84
N GLU A 38 -10.35 -9.41 1.86
CA GLU A 38 -11.78 -9.09 1.69
C GLU A 38 -11.98 -7.69 1.08
N ILE A 39 -10.91 -6.91 1.12
CA ILE A 39 -10.99 -5.44 1.13
C ILE A 39 -11.91 -4.94 0.03
N ASP A 40 -12.67 -3.88 0.38
CA ASP A 40 -13.64 -3.15 -0.44
C ASP A 40 -13.05 -1.81 -0.86
N SER A 41 -13.90 -0.96 -1.45
CA SER A 41 -13.43 0.35 -1.89
C SER A 41 -13.25 1.34 -0.74
N LEU A 42 -14.10 1.26 0.29
CA LEU A 42 -13.85 2.06 1.49
C LEU A 42 -12.53 1.71 2.15
N LEU A 43 -12.22 0.42 2.24
CA LEU A 43 -10.95 0.04 2.86
C LEU A 43 -9.77 0.53 2.00
N ALA A 44 -9.91 0.50 0.67
CA ALA A 44 -8.84 0.99 -0.18
C ALA A 44 -8.60 2.48 0.04
N LEU A 45 -9.67 3.26 0.20
CA LEU A 45 -9.52 4.68 0.51
C LEU A 45 -8.79 4.86 1.83
N GLU A 46 -9.09 3.99 2.81
CA GLU A 46 -8.41 4.08 4.09
C GLU A 46 -6.92 3.84 3.91
N ILE A 47 -6.58 2.82 3.11
CA ILE A 47 -5.17 2.51 2.83
C ILE A 47 -4.50 3.71 2.17
N LEU A 48 -5.13 4.25 1.13
CA LEU A 48 -4.55 5.40 0.44
C LEU A 48 -4.25 6.53 1.42
N ALA A 49 -5.21 6.87 2.29
CA ALA A 49 -5.05 8.02 3.16
C ALA A 49 -3.95 7.79 4.19
N LEU A 50 -3.84 6.55 4.69
CA LEU A 50 -2.84 6.22 5.68
C LEU A 50 -1.43 6.22 5.08
N ILE A 51 -1.31 5.83 3.81
CA ILE A 51 -0.02 5.90 3.15
C ILE A 51 0.40 7.36 3.00
N GLU A 52 -0.53 8.20 2.52
CA GLU A 52 -0.27 9.64 2.47
C GLU A 52 0.28 10.15 3.79
N LYS A 53 -0.28 9.70 4.92
CA LYS A 53 0.24 10.17 6.20
C LYS A 53 1.67 9.72 6.44
N LYS A 54 1.89 8.40 6.46
CA LYS A 54 3.16 7.83 6.92
C LYS A 54 4.32 8.22 6.02
N PHE A 55 4.03 8.49 4.75
CA PHE A 55 5.08 8.74 3.78
C PHE A 55 5.13 10.20 3.32
N LYS A 56 4.35 11.06 3.96
CA LYS A 56 4.29 12.49 3.68
C LYS A 56 4.25 12.74 2.17
N VAL A 57 3.29 12.07 1.53
CA VAL A 57 3.13 12.13 0.08
C VAL A 57 1.67 12.40 -0.23
N GLN A 58 1.43 13.06 -1.36
CA GLN A 58 0.07 13.30 -1.83
C GLN A 58 -0.19 12.42 -3.05
N ILE A 59 -0.98 11.38 -2.84
CA ILE A 59 -1.39 10.46 -3.90
C ILE A 59 -2.77 10.90 -4.36
N PRO A 60 -2.96 11.27 -5.62
CA PRO A 60 -4.28 11.68 -6.09
C PRO A 60 -5.28 10.53 -5.99
N GLU A 61 -6.56 10.90 -6.09
CA GLU A 61 -7.66 9.95 -5.90
C GLU A 61 -7.70 8.90 -7.00
N GLU A 62 -7.46 9.30 -8.26
CA GLU A 62 -7.55 8.35 -9.37
C GLU A 62 -6.80 7.06 -9.09
N LYS A 63 -5.72 7.13 -8.30
CA LYS A 63 -4.82 6.00 -8.11
C LYS A 63 -5.40 4.90 -7.23
N LEU A 64 -6.67 4.99 -6.84
CA LEU A 64 -7.34 3.79 -6.34
C LEU A 64 -7.26 2.64 -7.33
N VAL A 65 -6.99 2.97 -8.60
CA VAL A 65 -6.91 1.96 -9.67
C VAL A 65 -5.71 1.03 -9.48
N ASP A 66 -4.75 1.44 -8.63
CA ASP A 66 -3.53 0.66 -8.41
C ASP A 66 -3.56 -0.15 -7.12
N ILE A 67 -4.64 -0.08 -6.35
CA ILE A 67 -4.68 -0.67 -5.01
C ILE A 67 -5.43 -2.00 -5.09
N THR A 68 -4.83 -2.96 -5.80
CA THR A 68 -5.43 -4.27 -6.04
C THR A 68 -4.68 -5.43 -5.38
N SER A 69 -3.47 -5.19 -4.88
CA SER A 69 -2.74 -6.18 -4.11
C SER A 69 -1.67 -5.43 -3.31
N LEU A 70 -1.08 -6.12 -2.32
CA LEU A 70 -0.05 -5.46 -1.54
C LEU A 70 1.11 -5.05 -2.44
N SER A 71 1.48 -5.91 -3.38
CA SER A 71 2.62 -5.61 -4.25
C SER A 71 2.32 -4.42 -5.15
N ALA A 72 1.09 -4.33 -5.69
CA ALA A 72 0.69 -3.15 -6.45
C ALA A 72 0.69 -1.90 -5.58
N THR A 73 0.23 -2.01 -4.34
CA THR A 73 0.20 -0.86 -3.47
C THR A 73 1.61 -0.39 -3.12
N ILE A 74 2.51 -1.33 -2.86
CA ILE A 74 3.92 -1.00 -2.63
C ILE A 74 4.50 -0.31 -3.85
N GLY A 75 4.27 -0.88 -5.03
CA GLY A 75 4.77 -0.27 -6.25
C GLY A 75 4.26 1.14 -6.44
N LEU A 76 2.98 1.36 -6.14
CA LEU A 76 2.42 2.71 -6.22
C LEU A 76 3.15 3.66 -5.29
N THR A 77 3.37 3.22 -4.06
CA THR A 77 3.99 4.07 -3.06
C THR A 77 5.43 4.40 -3.48
N LYS A 78 6.13 3.43 -4.07
CA LYS A 78 7.48 3.71 -4.56
C LYS A 78 7.47 4.73 -5.70
N SER A 79 6.61 4.55 -6.70
CA SER A 79 6.42 5.55 -7.76
C SER A 79 6.19 6.95 -7.22
N VAL A 80 5.25 7.13 -6.30
CA VAL A 80 4.94 8.48 -5.85
C VAL A 80 6.11 9.03 -5.02
N LEU A 81 6.78 8.16 -4.29
CA LEU A 81 7.99 8.59 -3.58
C LEU A 81 9.07 9.04 -4.57
N ALA A 82 9.23 8.32 -5.69
CA ALA A 82 10.23 8.71 -6.69
C ALA A 82 9.86 10.05 -7.34
N GLU A 83 8.58 10.27 -7.58
CA GLU A 83 8.07 11.57 -8.05
C GLU A 83 8.39 12.69 -7.07
N SER A 84 8.49 12.38 -5.77
CA SER A 84 8.77 13.37 -4.73
C SER A 84 10.26 13.57 -4.47
N GLY A 85 11.13 12.84 -5.18
CA GLY A 85 12.56 12.92 -4.91
C GLY A 85 13.02 12.31 -3.60
N LYS A 86 12.26 11.36 -3.02
CA LYS A 86 12.60 10.80 -1.72
C LYS A 86 13.11 9.36 -1.80
N LEU A 87 12.54 8.56 -2.69
CA LEU A 87 12.85 7.12 -2.81
C LEU A 87 14.36 6.89 -2.84
N GLU A 88 14.86 6.08 -1.90
CA GLU A 88 16.23 5.55 -2.04
C GLU A 88 16.07 4.07 -2.39
N HIS A 89 16.12 3.80 -3.69
CA HIS A 89 15.79 2.49 -4.27
C HIS A 89 17.03 1.74 -4.69
N HIS A 90 17.05 0.43 -4.48
CA HIS A 90 18.24 -0.37 -4.76
C HIS A 90 18.04 -1.23 -6.01
N ASP A 2 13.30 3.51 -0.28
CA ASP A 2 13.97 2.67 0.70
C ASP A 2 13.13 1.44 0.74
N ASP A 3 13.50 0.45 -0.07
CA ASP A 3 12.58 -0.62 -0.37
C ASP A 3 12.05 -1.26 0.91
N GLU A 4 12.94 -1.52 1.87
CA GLU A 4 12.52 -2.21 3.08
C GLU A 4 11.53 -1.38 3.90
N GLU A 5 11.93 -0.16 4.24
CA GLU A 5 11.09 0.74 5.03
C GLU A 5 9.72 0.90 4.37
N ILE A 6 9.70 1.05 3.04
CA ILE A 6 8.43 1.21 2.34
C ILE A 6 7.65 -0.09 2.36
N GLU A 7 8.31 -1.21 2.05
CA GLU A 7 7.60 -2.48 2.04
C GLU A 7 7.01 -2.80 3.41
N LYS A 8 7.76 -2.48 4.47
CA LYS A 8 7.31 -2.81 5.83
C LYS A 8 6.23 -1.84 6.31
N GLY A 9 6.32 -0.58 5.87
CA GLY A 9 5.33 0.40 6.23
C GLY A 9 3.98 0.19 5.56
N VAL A 10 3.99 -0.16 4.26
CA VAL A 10 2.74 -0.40 3.56
C VAL A 10 2.07 -1.67 4.10
N THR A 11 2.87 -2.71 4.38
CA THR A 11 2.32 -3.94 4.94
C THR A 11 1.58 -3.68 6.24
N SER A 12 2.19 -2.90 7.14
CA SER A 12 1.57 -2.63 8.43
C SER A 12 0.26 -1.84 8.26
N ILE A 13 0.23 -0.89 7.31
CA ILE A 13 -1.01 -0.16 7.04
C ILE A 13 -2.10 -1.11 6.58
N VAL A 14 -1.79 -1.96 5.59
CA VAL A 14 -2.81 -2.83 5.03
C VAL A 14 -3.30 -3.82 6.08
N ALA A 15 -2.38 -4.31 6.93
CA ALA A 15 -2.77 -5.14 8.07
C ALA A 15 -3.71 -4.40 9.04
N GLU A 16 -3.39 -3.16 9.40
CA GLU A 16 -4.25 -2.39 10.31
C GLU A 16 -5.66 -2.24 9.73
N VAL A 17 -5.73 -1.76 8.48
CA VAL A 17 -7.03 -1.43 7.89
C VAL A 17 -7.88 -2.68 7.72
N THR A 18 -7.24 -3.81 7.42
CA THR A 18 -7.97 -5.02 7.11
C THR A 18 -8.07 -5.99 8.29
N GLU A 19 -7.46 -5.62 9.42
CA GLU A 19 -7.48 -6.43 10.64
C GLU A 19 -6.96 -7.84 10.39
N LEU A 20 -5.85 -7.94 9.64
CA LEU A 20 -5.17 -9.20 9.38
C LEU A 20 -3.72 -9.13 9.85
N ASP A 21 -3.08 -10.31 10.00
CA ASP A 21 -1.74 -10.33 10.55
C ASP A 21 -0.71 -9.89 9.52
N GLU A 22 0.26 -9.11 9.98
CA GLU A 22 1.22 -8.52 9.07
C GLU A 22 1.98 -9.59 8.29
N LYS A 23 2.41 -10.68 8.95
CA LYS A 23 3.15 -11.71 8.23
C LYS A 23 2.25 -12.43 7.23
N GLU A 24 0.96 -12.59 7.57
CA GLU A 24 0.10 -13.35 6.69
C GLU A 24 -0.24 -12.54 5.44
N ILE A 25 -0.34 -11.21 5.58
CA ILE A 25 -0.59 -10.34 4.43
C ILE A 25 0.65 -10.28 3.54
N TRP A 26 1.83 -10.23 4.14
CA TRP A 26 3.06 -10.30 3.35
C TRP A 26 3.13 -11.59 2.53
N GLU A 27 2.77 -12.73 3.12
CA GLU A 27 2.76 -13.97 2.37
C GLU A 27 1.81 -13.89 1.17
N LYS A 28 0.71 -13.18 1.30
CA LYS A 28 -0.27 -13.01 0.24
C LYS A 28 -0.04 -11.74 -0.55
N ARG A 29 1.22 -11.29 -0.67
CA ARG A 29 1.45 -9.98 -1.27
C ARG A 29 1.00 -9.89 -2.72
N ASP A 30 0.93 -11.02 -3.44
CA ASP A 30 0.37 -11.03 -4.79
C ASP A 30 -1.13 -11.30 -4.84
N ALA A 31 -1.76 -11.65 -3.73
CA ALA A 31 -3.18 -11.95 -3.75
C ALA A 31 -3.96 -10.70 -4.16
N ASN A 32 -5.10 -10.91 -4.80
CA ASN A 32 -6.01 -9.83 -5.16
C ASN A 32 -6.81 -9.41 -3.93
N PHE A 33 -7.07 -8.10 -3.82
CA PHE A 33 -7.60 -7.55 -2.58
C PHE A 33 -9.08 -7.89 -2.40
N PHE A 34 -9.89 -7.62 -3.42
CA PHE A 34 -11.33 -7.69 -3.29
C PHE A 34 -11.85 -9.11 -3.41
N GLN A 35 -10.98 -10.12 -3.27
CA GLN A 35 -11.38 -11.53 -3.35
C GLN A 35 -10.71 -12.37 -2.27
N ASP A 36 -9.39 -12.52 -2.36
CA ASP A 36 -8.67 -13.32 -1.39
C ASP A 36 -8.61 -12.67 -0.02
N LEU A 37 -8.13 -11.44 0.08
CA LEU A 37 -8.40 -10.62 1.24
C LEU A 37 -9.81 -10.04 1.13
N GLU A 38 -10.21 -9.18 2.03
CA GLU A 38 -11.63 -8.79 2.13
C GLU A 38 -11.80 -7.27 2.04
N ILE A 39 -11.25 -6.69 0.99
CA ILE A 39 -11.09 -5.24 0.97
C ILE A 39 -11.99 -4.64 -0.10
N ASP A 40 -12.75 -3.64 0.32
CA ASP A 40 -13.74 -2.90 -0.45
C ASP A 40 -13.15 -1.56 -0.88
N SER A 41 -13.97 -0.71 -1.50
CA SER A 41 -13.47 0.59 -1.91
C SER A 41 -13.28 1.53 -0.73
N LEU A 42 -14.08 1.37 0.33
CA LEU A 42 -13.82 2.12 1.55
C LEU A 42 -12.49 1.73 2.18
N LEU A 43 -12.20 0.44 2.25
CA LEU A 43 -10.93 0.02 2.82
C LEU A 43 -9.76 0.50 1.96
N ALA A 44 -9.94 0.49 0.62
CA ALA A 44 -8.86 0.96 -0.25
C ALA A 44 -8.65 2.47 -0.11
N LEU A 45 -9.73 3.26 -0.15
CA LEU A 45 -9.60 4.68 0.19
C LEU A 45 -8.83 4.85 1.49
N GLU A 46 -9.07 3.97 2.45
CA GLU A 46 -8.46 4.16 3.75
C GLU A 46 -6.96 3.84 3.72
N ILE A 47 -6.61 2.78 3.00
CA ILE A 47 -5.20 2.46 2.76
C ILE A 47 -4.51 3.66 2.15
N LEU A 48 -5.15 4.24 1.13
CA LEU A 48 -4.54 5.36 0.41
C LEU A 48 -4.27 6.52 1.36
N ALA A 49 -5.22 6.85 2.24
CA ALA A 49 -5.07 8.01 3.11
C ALA A 49 -3.97 7.79 4.14
N LEU A 50 -3.88 6.56 4.65
CA LEU A 50 -2.86 6.24 5.64
C LEU A 50 -1.46 6.24 5.03
N ILE A 51 -1.34 5.83 3.76
CA ILE A 51 -0.05 5.89 3.07
C ILE A 51 0.33 7.34 2.86
N GLU A 52 -0.58 8.12 2.28
CA GLU A 52 -0.36 9.55 2.05
C GLU A 52 0.09 10.23 3.33
N LYS A 53 -0.43 9.77 4.45
CA LYS A 53 -0.01 10.32 5.73
C LYS A 53 1.33 9.78 6.17
N LYS A 54 1.54 8.45 6.08
CA LYS A 54 2.76 7.84 6.61
C LYS A 54 3.98 8.26 5.82
N PHE A 55 3.85 8.38 4.51
CA PHE A 55 4.99 8.68 3.65
C PHE A 55 5.00 10.12 3.18
N LYS A 56 4.22 10.97 3.85
CA LYS A 56 4.07 12.40 3.55
C LYS A 56 4.09 12.66 2.04
N VAL A 57 3.22 11.93 1.36
CA VAL A 57 3.13 11.91 -0.08
C VAL A 57 1.69 12.24 -0.43
N GLN A 58 1.49 12.93 -1.54
CA GLN A 58 0.16 13.10 -2.09
C GLN A 58 -0.03 12.06 -3.17
N ILE A 59 -1.17 11.37 -3.12
CA ILE A 59 -1.55 10.39 -4.12
C ILE A 59 -2.94 10.77 -4.58
N PRO A 60 -3.13 11.19 -5.83
CA PRO A 60 -4.49 11.48 -6.30
C PRO A 60 -5.36 10.25 -6.13
N GLU A 61 -6.61 10.48 -5.72
CA GLU A 61 -7.57 9.39 -5.52
C GLU A 61 -7.67 8.51 -6.75
N GLU A 62 -7.46 9.06 -7.94
CA GLU A 62 -7.63 8.26 -9.14
C GLU A 62 -6.65 7.11 -9.18
N LYS A 63 -5.73 7.05 -8.22
CA LYS A 63 -4.80 5.94 -8.07
C LYS A 63 -5.35 4.81 -7.22
N LEU A 64 -6.63 4.84 -6.86
CA LEU A 64 -7.25 3.61 -6.34
C LEU A 64 -7.07 2.47 -7.33
N VAL A 65 -6.97 2.79 -8.63
CA VAL A 65 -6.76 1.77 -9.66
C VAL A 65 -5.50 0.95 -9.37
N ASP A 66 -4.64 1.46 -8.49
CA ASP A 66 -3.41 0.76 -8.11
C ASP A 66 -3.55 -0.06 -6.84
N ILE A 67 -4.59 0.15 -6.04
CA ILE A 67 -4.75 -0.55 -4.77
C ILE A 67 -5.45 -1.89 -5.01
N THR A 68 -4.76 -2.80 -5.69
CA THR A 68 -5.34 -4.10 -6.05
C THR A 68 -4.64 -5.29 -5.43
N SER A 69 -3.41 -5.10 -4.93
CA SER A 69 -2.73 -6.12 -4.15
C SER A 69 -1.71 -5.41 -3.27
N LEU A 70 -1.06 -6.16 -2.37
CA LEU A 70 -0.04 -5.53 -1.57
C LEU A 70 1.13 -5.09 -2.46
N SER A 71 1.53 -5.94 -3.40
CA SER A 71 2.68 -5.61 -4.25
C SER A 71 2.38 -4.39 -5.12
N ALA A 72 1.18 -4.33 -5.72
CA ALA A 72 0.81 -3.14 -6.49
C ALA A 72 0.77 -1.89 -5.61
N THR A 73 0.25 -2.03 -4.39
CA THR A 73 0.20 -0.88 -3.50
C THR A 73 1.60 -0.40 -3.14
N ILE A 74 2.50 -1.35 -2.85
CA ILE A 74 3.90 -1.01 -2.61
C ILE A 74 4.51 -0.33 -3.83
N GLY A 75 4.25 -0.89 -5.02
CA GLY A 75 4.77 -0.30 -6.24
C GLY A 75 4.26 1.12 -6.45
N LEU A 76 2.99 1.36 -6.12
CA LEU A 76 2.45 2.72 -6.21
C LEU A 76 3.17 3.66 -5.27
N THR A 77 3.37 3.21 -4.04
CA THR A 77 3.99 4.04 -3.03
C THR A 77 5.43 4.39 -3.46
N LYS A 78 6.15 3.42 -4.04
CA LYS A 78 7.49 3.69 -4.55
C LYS A 78 7.46 4.71 -5.69
N SER A 79 6.63 4.46 -6.71
CA SER A 79 6.38 5.43 -7.78
C SER A 79 6.15 6.85 -7.26
N VAL A 80 5.24 7.01 -6.29
CA VAL A 80 4.92 8.34 -5.79
C VAL A 80 6.11 8.93 -5.06
N LEU A 81 6.82 8.12 -4.29
CA LEU A 81 8.00 8.61 -3.59
C LEU A 81 9.09 9.03 -4.58
N ALA A 82 9.21 8.32 -5.71
CA ALA A 82 10.22 8.69 -6.71
C ALA A 82 9.86 10.00 -7.39
N GLU A 83 8.55 10.27 -7.53
CA GLU A 83 8.07 11.55 -8.06
C GLU A 83 8.36 12.70 -7.10
N SER A 84 8.42 12.46 -5.80
CA SER A 84 8.70 13.52 -4.83
C SER A 84 10.16 13.59 -4.43
N GLY A 85 11.06 12.98 -5.22
CA GLY A 85 12.46 12.90 -4.84
C GLY A 85 12.71 12.38 -3.44
N LYS A 86 12.17 11.21 -3.10
CA LYS A 86 12.26 10.76 -1.72
C LYS A 86 12.50 9.25 -1.61
N LEU A 87 12.64 8.58 -2.75
CA LEU A 87 12.88 7.14 -2.81
C LEU A 87 14.37 6.86 -2.76
N GLU A 88 14.80 5.95 -1.89
CA GLU A 88 16.12 5.34 -2.02
C GLU A 88 15.84 3.91 -2.47
N HIS A 89 16.20 3.61 -3.72
CA HIS A 89 15.87 2.33 -4.36
C HIS A 89 17.12 1.60 -4.82
N HIS A 90 17.12 0.28 -4.63
CA HIS A 90 18.28 -0.51 -5.00
C HIS A 90 17.99 -1.36 -6.25
N ASP A 2 14.49 3.80 0.41
CA ASP A 2 14.67 2.62 1.24
C ASP A 2 13.53 1.63 0.99
N ASP A 3 13.84 0.62 0.18
CA ASP A 3 12.81 -0.30 -0.27
C ASP A 3 12.20 -1.06 0.91
N GLU A 4 13.04 -1.58 1.80
CA GLU A 4 12.54 -2.45 2.86
C GLU A 4 11.64 -1.66 3.82
N GLU A 5 11.94 -0.37 3.99
CA GLU A 5 11.17 0.51 4.86
C GLU A 5 9.81 0.85 4.24
N ILE A 6 9.75 0.97 2.91
CA ILE A 6 8.45 1.13 2.24
C ILE A 6 7.65 -0.15 2.36
N GLU A 7 8.29 -1.28 2.11
CA GLU A 7 7.59 -2.56 2.17
C GLU A 7 7.00 -2.81 3.55
N LYS A 8 7.75 -2.50 4.61
CA LYS A 8 7.29 -2.75 5.97
C LYS A 8 6.15 -1.80 6.35
N GLY A 9 6.27 -0.54 5.93
CA GLY A 9 5.27 0.44 6.27
C GLY A 9 3.94 0.22 5.56
N VAL A 10 3.96 -0.13 4.28
CA VAL A 10 2.72 -0.39 3.56
C VAL A 10 2.08 -1.67 4.11
N THR A 11 2.89 -2.69 4.41
CA THR A 11 2.35 -3.91 5.00
C THR A 11 1.63 -3.64 6.30
N SER A 12 2.25 -2.86 7.20
CA SER A 12 1.59 -2.54 8.47
C SER A 12 0.25 -1.83 8.24
N ILE A 13 0.21 -0.87 7.31
CA ILE A 13 -1.03 -0.13 7.06
C ILE A 13 -2.12 -1.06 6.55
N VAL A 14 -1.78 -1.93 5.60
CA VAL A 14 -2.79 -2.81 5.01
C VAL A 14 -3.29 -3.82 6.04
N ALA A 15 -2.36 -4.41 6.81
CA ALA A 15 -2.75 -5.27 7.94
C ALA A 15 -3.69 -4.54 8.91
N GLU A 16 -3.34 -3.30 9.26
CA GLU A 16 -4.22 -2.48 10.08
C GLU A 16 -5.62 -2.46 9.47
N VAL A 17 -5.75 -1.99 8.23
CA VAL A 17 -7.06 -1.75 7.65
C VAL A 17 -7.86 -3.03 7.50
N THR A 18 -7.22 -4.13 7.13
CA THR A 18 -7.94 -5.37 6.92
C THR A 18 -8.11 -6.16 8.19
N GLU A 19 -7.57 -5.67 9.31
CA GLU A 19 -7.52 -6.38 10.58
C GLU A 19 -6.97 -7.80 10.39
N LEU A 20 -5.84 -7.90 9.71
CA LEU A 20 -5.13 -9.16 9.51
C LEU A 20 -3.70 -9.03 9.98
N ASP A 21 -2.99 -10.17 10.03
CA ASP A 21 -1.64 -10.17 10.58
C ASP A 21 -0.61 -9.81 9.51
N GLU A 22 0.42 -9.03 9.91
CA GLU A 22 1.42 -8.54 8.95
C GLU A 22 2.07 -9.69 8.20
N LYS A 23 2.44 -10.77 8.91
CA LYS A 23 3.08 -11.90 8.24
C LYS A 23 2.17 -12.49 7.16
N GLU A 24 0.86 -12.58 7.44
CA GLU A 24 -0.06 -13.20 6.49
C GLU A 24 -0.25 -12.34 5.26
N ILE A 25 -0.47 -11.03 5.45
CA ILE A 25 -0.62 -10.13 4.32
C ILE A 25 0.62 -10.20 3.45
N TRP A 26 1.80 -10.22 4.07
CA TRP A 26 3.04 -10.30 3.31
C TRP A 26 3.13 -11.60 2.50
N GLU A 27 2.82 -12.74 3.13
CA GLU A 27 2.80 -14.00 2.39
C GLU A 27 1.93 -13.92 1.15
N LYS A 28 0.79 -13.23 1.25
CA LYS A 28 -0.14 -13.09 0.15
C LYS A 28 0.01 -11.74 -0.55
N ARG A 29 1.25 -11.25 -0.62
CA ARG A 29 1.47 -9.92 -1.15
C ARG A 29 1.05 -9.77 -2.60
N ASP A 30 1.05 -10.85 -3.37
CA ASP A 30 0.75 -10.75 -4.79
C ASP A 30 -0.71 -11.03 -5.11
N ALA A 31 -1.52 -11.40 -4.12
CA ALA A 31 -2.92 -11.74 -4.31
C ALA A 31 -3.80 -10.51 -4.49
N ASN A 32 -4.99 -10.74 -5.06
CA ASN A 32 -5.94 -9.66 -5.37
C ASN A 32 -6.72 -9.23 -4.12
N PHE A 33 -6.74 -7.92 -3.86
CA PHE A 33 -7.54 -7.39 -2.77
C PHE A 33 -9.02 -7.67 -2.99
N PHE A 34 -9.57 -7.25 -4.14
CA PHE A 34 -11.02 -7.17 -4.26
C PHE A 34 -11.71 -8.53 -4.26
N GLN A 35 -10.96 -9.63 -4.23
CA GLN A 35 -11.51 -10.86 -3.65
C GLN A 35 -10.67 -11.34 -2.47
N ASP A 36 -9.49 -11.86 -2.75
CA ASP A 36 -8.75 -12.77 -1.89
C ASP A 36 -8.52 -12.27 -0.47
N LEU A 37 -9.01 -11.07 -0.13
CA LEU A 37 -9.20 -10.63 1.25
C LEU A 37 -10.53 -9.89 1.39
N GLU A 38 -11.18 -9.92 2.55
CA GLU A 38 -12.40 -9.13 2.71
C GLU A 38 -12.05 -7.64 2.66
N ILE A 39 -12.42 -7.01 1.53
CA ILE A 39 -12.03 -5.64 1.23
C ILE A 39 -12.95 -5.07 0.15
N ASP A 40 -13.28 -3.79 0.32
CA ASP A 40 -14.11 -3.03 -0.60
C ASP A 40 -13.46 -1.66 -0.85
N SER A 41 -14.23 -0.73 -1.42
CA SER A 41 -13.60 0.53 -1.83
C SER A 41 -13.31 1.45 -0.64
N LEU A 42 -14.09 1.33 0.44
CA LEU A 42 -13.80 2.14 1.62
C LEU A 42 -12.46 1.77 2.23
N LEU A 43 -12.14 0.47 2.28
CA LEU A 43 -10.88 0.07 2.88
C LEU A 43 -9.70 0.49 2.00
N ALA A 44 -9.83 0.34 0.68
CA ALA A 44 -8.76 0.82 -0.20
C ALA A 44 -8.59 2.32 -0.04
N LEU A 45 -9.70 3.02 0.17
CA LEU A 45 -9.62 4.45 0.41
C LEU A 45 -8.85 4.75 1.68
N GLU A 46 -9.06 3.96 2.73
CA GLU A 46 -8.36 4.27 3.98
C GLU A 46 -6.88 3.92 3.87
N ILE A 47 -6.56 2.87 3.12
CA ILE A 47 -5.16 2.52 2.86
C ILE A 47 -4.48 3.69 2.18
N LEU A 48 -5.11 4.22 1.14
CA LEU A 48 -4.54 5.36 0.42
C LEU A 48 -4.27 6.51 1.38
N ALA A 49 -5.25 6.85 2.22
CA ALA A 49 -5.10 8.02 3.10
C ALA A 49 -4.00 7.78 4.12
N LEU A 50 -3.90 6.56 4.63
CA LEU A 50 -2.88 6.24 5.62
C LEU A 50 -1.48 6.24 5.00
N ILE A 51 -1.35 5.82 3.74
CA ILE A 51 -0.07 5.90 3.06
C ILE A 51 0.33 7.35 2.89
N GLU A 52 -0.64 8.19 2.51
CA GLU A 52 -0.44 9.64 2.43
C GLU A 52 -0.29 10.25 3.82
N LYS A 53 0.28 9.49 4.76
CA LYS A 53 0.59 10.02 6.08
C LYS A 53 1.93 9.50 6.57
N LYS A 54 2.04 8.18 6.75
CA LYS A 54 3.27 7.58 7.26
C LYS A 54 4.48 8.08 6.49
N PHE A 55 4.31 8.35 5.20
CA PHE A 55 5.40 8.72 4.32
C PHE A 55 5.38 10.21 3.98
N LYS A 56 4.30 10.90 4.37
CA LYS A 56 4.13 12.33 4.17
C LYS A 56 4.17 12.68 2.69
N VAL A 57 3.17 12.15 2.00
CA VAL A 57 3.16 12.02 0.54
C VAL A 57 1.73 12.28 0.09
N GLN A 58 1.57 12.92 -1.06
CA GLN A 58 0.25 13.07 -1.67
C GLN A 58 0.11 12.08 -2.80
N ILE A 59 -1.07 11.44 -2.88
CA ILE A 59 -1.40 10.50 -3.94
C ILE A 59 -2.70 10.99 -4.57
N PRO A 60 -2.77 11.20 -5.88
CA PRO A 60 -4.07 11.50 -6.50
C PRO A 60 -4.98 10.29 -6.47
N GLU A 61 -6.26 10.56 -6.18
CA GLU A 61 -7.27 9.49 -6.12
C GLU A 61 -7.43 8.79 -7.46
N GLU A 62 -7.03 9.44 -8.55
CA GLU A 62 -7.15 8.78 -9.85
C GLU A 62 -6.24 7.57 -9.94
N LYS A 63 -5.25 7.46 -9.03
CA LYS A 63 -4.48 6.23 -8.86
C LYS A 63 -5.14 5.26 -7.87
N LEU A 64 -6.40 5.52 -7.47
CA LEU A 64 -7.15 4.49 -6.75
C LEU A 64 -7.26 3.22 -7.56
N VAL A 65 -7.14 3.33 -8.89
CA VAL A 65 -7.03 2.14 -9.74
C VAL A 65 -6.00 1.20 -9.16
N ASP A 66 -4.82 1.73 -8.85
CA ASP A 66 -3.61 0.95 -8.55
C ASP A 66 -3.78 0.00 -7.38
N ILE A 67 -4.66 0.30 -6.43
CA ILE A 67 -4.62 -0.28 -5.09
C ILE A 67 -5.42 -1.58 -5.06
N THR A 68 -4.77 -2.67 -5.50
CA THR A 68 -5.43 -3.94 -5.78
C THR A 68 -4.73 -5.16 -5.18
N SER A 69 -3.43 -5.07 -4.92
CA SER A 69 -2.72 -6.09 -4.17
C SER A 69 -1.66 -5.39 -3.33
N LEU A 70 -1.09 -6.09 -2.36
CA LEU A 70 -0.03 -5.46 -1.58
C LEU A 70 1.13 -5.06 -2.49
N SER A 71 1.53 -5.96 -3.40
CA SER A 71 2.65 -5.65 -4.30
C SER A 71 2.34 -4.44 -5.18
N ALA A 72 1.12 -4.37 -5.73
CA ALA A 72 0.73 -3.18 -6.49
C ALA A 72 0.73 -1.94 -5.60
N THR A 73 0.22 -2.07 -4.38
CA THR A 73 0.18 -0.90 -3.50
C THR A 73 1.59 -0.42 -3.15
N ILE A 74 2.50 -1.36 -2.85
CA ILE A 74 3.89 -1.03 -2.60
C ILE A 74 4.49 -0.32 -3.82
N GLY A 75 4.26 -0.89 -5.01
CA GLY A 75 4.78 -0.27 -6.22
C GLY A 75 4.28 1.15 -6.40
N LEU A 76 3.02 1.40 -6.07
CA LEU A 76 2.46 2.75 -6.18
C LEU A 76 3.15 3.70 -5.22
N THR A 77 3.37 3.26 -3.99
CA THR A 77 3.99 4.09 -2.99
C THR A 77 5.43 4.45 -3.41
N LYS A 78 6.15 3.48 -3.99
CA LYS A 78 7.51 3.77 -4.47
C LYS A 78 7.52 4.78 -5.60
N SER A 79 6.63 4.61 -6.59
CA SER A 79 6.49 5.57 -7.68
C SER A 79 6.23 7.00 -7.19
N VAL A 80 5.32 7.17 -6.23
CA VAL A 80 5.01 8.54 -5.78
C VAL A 80 6.18 9.08 -4.97
N LEU A 81 6.85 8.21 -4.23
CA LEU A 81 8.05 8.64 -3.52
C LEU A 81 9.14 9.03 -4.52
N ALA A 82 9.22 8.34 -5.65
CA ALA A 82 10.22 8.68 -6.68
C ALA A 82 9.91 10.03 -7.32
N GLU A 83 8.62 10.37 -7.45
CA GLU A 83 8.25 11.68 -7.98
C GLU A 83 8.47 12.78 -6.94
N SER A 84 8.52 12.44 -5.65
CA SER A 84 8.77 13.39 -4.59
C SER A 84 10.26 13.65 -4.36
N GLY A 85 11.14 13.01 -5.15
CA GLY A 85 12.54 12.96 -4.79
C GLY A 85 12.81 12.41 -3.40
N LYS A 86 12.18 11.29 -3.04
CA LYS A 86 12.36 10.78 -1.69
C LYS A 86 12.58 9.28 -1.65
N LEU A 87 12.64 8.61 -2.81
CA LEU A 87 12.86 7.18 -2.90
C LEU A 87 14.36 6.88 -2.89
N GLU A 88 14.79 5.99 -1.99
CA GLU A 88 16.09 5.33 -2.12
C GLU A 88 15.77 3.90 -2.56
N HIS A 89 16.00 3.64 -3.84
CA HIS A 89 15.78 2.33 -4.46
C HIS A 89 17.13 1.69 -4.72
N HIS A 90 17.36 0.52 -4.13
CA HIS A 90 18.61 -0.19 -4.44
C HIS A 90 18.27 -1.30 -5.42
N ASP A 2 16.03 1.73 -0.12
CA ASP A 2 15.16 1.90 1.06
C ASP A 2 13.71 1.48 0.69
N ASP A 3 13.62 0.41 -0.09
CA ASP A 3 12.33 -0.25 -0.28
C ASP A 3 11.89 -0.96 0.98
N GLU A 4 12.83 -1.57 1.71
CA GLU A 4 12.40 -2.40 2.81
C GLU A 4 11.58 -1.57 3.83
N GLU A 5 11.94 -0.29 3.98
CA GLU A 5 11.18 0.58 4.88
C GLU A 5 9.79 0.91 4.31
N ILE A 6 9.69 1.02 2.98
CA ILE A 6 8.38 1.19 2.37
C ILE A 6 7.61 -0.12 2.42
N GLU A 7 8.30 -1.22 2.21
CA GLU A 7 7.67 -2.54 2.31
C GLU A 7 7.02 -2.77 3.66
N LYS A 8 7.75 -2.51 4.75
CA LYS A 8 7.24 -2.71 6.10
C LYS A 8 6.08 -1.77 6.38
N GLY A 9 6.22 -0.52 5.97
CA GLY A 9 5.20 0.47 6.26
C GLY A 9 3.88 0.23 5.54
N VAL A 10 3.93 -0.12 4.25
CA VAL A 10 2.69 -0.39 3.53
C VAL A 10 2.05 -1.68 4.06
N THR A 11 2.87 -2.69 4.38
CA THR A 11 2.33 -3.92 4.96
C THR A 11 1.61 -3.64 6.27
N SER A 12 2.24 -2.87 7.16
CA SER A 12 1.63 -2.54 8.44
C SER A 12 0.29 -1.82 8.26
N ILE A 13 0.22 -0.89 7.31
CA ILE A 13 -1.02 -0.15 7.07
C ILE A 13 -2.11 -1.08 6.56
N VAL A 14 -1.79 -1.92 5.59
CA VAL A 14 -2.79 -2.81 5.01
C VAL A 14 -3.26 -3.81 6.06
N ALA A 15 -2.32 -4.37 6.83
CA ALA A 15 -2.68 -5.26 7.92
C ALA A 15 -3.71 -4.63 8.86
N GLU A 16 -3.47 -3.40 9.30
CA GLU A 16 -4.29 -2.88 10.38
C GLU A 16 -5.63 -2.37 9.84
N VAL A 17 -5.65 -1.83 8.62
CA VAL A 17 -6.92 -1.48 7.99
C VAL A 17 -7.78 -2.73 7.79
N THR A 18 -7.16 -3.84 7.42
CA THR A 18 -7.87 -5.05 7.06
C THR A 18 -8.02 -6.01 8.23
N GLU A 19 -7.41 -5.69 9.37
CA GLU A 19 -7.46 -6.49 10.58
C GLU A 19 -6.94 -7.91 10.33
N LEU A 20 -5.83 -7.99 9.61
CA LEU A 20 -5.09 -9.24 9.41
C LEU A 20 -3.68 -9.10 9.92
N ASP A 21 -3.00 -10.24 10.07
CA ASP A 21 -1.62 -10.24 10.54
C ASP A 21 -0.65 -9.86 9.42
N GLU A 22 0.42 -9.09 9.78
CA GLU A 22 1.36 -8.61 8.77
C GLU A 22 2.14 -9.75 8.08
N LYS A 23 2.53 -10.77 8.84
CA LYS A 23 3.22 -11.88 8.20
C LYS A 23 2.32 -12.53 7.17
N GLU A 24 1.04 -12.66 7.50
CA GLU A 24 0.22 -13.44 6.60
C GLU A 24 -0.23 -12.60 5.41
N ILE A 25 -0.31 -11.27 5.56
CA ILE A 25 -0.60 -10.40 4.43
C ILE A 25 0.63 -10.29 3.52
N TRP A 26 1.83 -10.26 4.13
CA TRP A 26 3.06 -10.32 3.34
C TRP A 26 3.13 -11.61 2.52
N GLU A 27 2.83 -12.76 3.13
CA GLU A 27 2.85 -14.01 2.39
C GLU A 27 1.91 -13.95 1.17
N LYS A 28 0.80 -13.22 1.28
CA LYS A 28 -0.13 -13.09 0.16
C LYS A 28 -0.02 -11.74 -0.52
N ARG A 29 1.20 -11.29 -0.74
CA ARG A 29 1.44 -9.99 -1.36
C ARG A 29 1.01 -9.93 -2.82
N ASP A 30 0.92 -11.06 -3.51
CA ASP A 30 0.38 -11.11 -4.86
C ASP A 30 -1.03 -11.68 -4.92
N ALA A 31 -1.77 -11.64 -3.82
CA ALA A 31 -3.19 -11.97 -3.84
C ALA A 31 -3.96 -10.73 -4.26
N ASN A 32 -5.16 -10.96 -4.77
CA ASN A 32 -5.98 -9.87 -5.28
C ASN A 32 -6.77 -9.24 -4.13
N PHE A 33 -6.74 -7.91 -4.06
CA PHE A 33 -7.51 -7.19 -3.05
C PHE A 33 -9.01 -7.34 -3.30
N PHE A 34 -9.51 -6.75 -4.39
CA PHE A 34 -10.96 -6.58 -4.52
C PHE A 34 -11.73 -7.89 -4.39
N GLN A 35 -11.13 -9.02 -4.77
CA GLN A 35 -11.66 -10.30 -4.35
C GLN A 35 -10.77 -10.91 -3.28
N ASP A 36 -9.90 -11.84 -3.68
CA ASP A 36 -9.35 -12.89 -2.82
C ASP A 36 -9.23 -12.51 -1.33
N LEU A 37 -8.92 -11.25 -1.01
CA LEU A 37 -8.87 -10.78 0.37
C LEU A 37 -10.15 -10.03 0.73
N GLU A 38 -10.69 -10.19 1.94
CA GLU A 38 -12.04 -9.67 2.23
C GLU A 38 -12.07 -8.14 2.20
N ILE A 39 -11.52 -7.54 1.11
CA ILE A 39 -11.12 -6.13 1.08
C ILE A 39 -11.70 -5.42 -0.16
N ASP A 40 -12.10 -4.15 0.02
CA ASP A 40 -12.96 -3.44 -0.92
C ASP A 40 -12.69 -1.92 -0.96
N SER A 41 -13.60 -1.21 -1.63
CA SER A 41 -13.37 0.18 -2.04
C SER A 41 -13.20 1.14 -0.87
N LEU A 42 -14.08 1.10 0.13
CA LEU A 42 -13.89 1.93 1.32
C LEU A 42 -12.57 1.63 2.02
N LEU A 43 -12.22 0.34 2.13
CA LEU A 43 -10.96 -0.01 2.76
C LEU A 43 -9.78 0.49 1.93
N ALA A 44 -9.89 0.43 0.60
CA ALA A 44 -8.79 0.90 -0.24
C ALA A 44 -8.60 2.41 -0.06
N LEU A 45 -9.69 3.15 0.02
CA LEU A 45 -9.57 4.58 0.31
C LEU A 45 -8.85 4.80 1.63
N GLU A 46 -9.12 3.95 2.62
CA GLU A 46 -8.45 4.15 3.90
C GLU A 46 -6.96 3.85 3.78
N ILE A 47 -6.61 2.81 3.04
CA ILE A 47 -5.20 2.48 2.80
C ILE A 47 -4.51 3.68 2.18
N LEU A 48 -5.12 4.25 1.14
CA LEU A 48 -4.52 5.39 0.46
C LEU A 48 -4.25 6.52 1.43
N ALA A 49 -5.26 6.90 2.23
CA ALA A 49 -5.11 8.04 3.14
C ALA A 49 -3.98 7.79 4.14
N LEU A 50 -3.88 6.57 4.66
CA LEU A 50 -2.86 6.29 5.65
C LEU A 50 -1.46 6.26 5.04
N ILE A 51 -1.33 5.84 3.77
CA ILE A 51 -0.04 5.91 3.12
C ILE A 51 0.36 7.38 2.97
N GLU A 52 -0.55 8.20 2.44
CA GLU A 52 -0.46 9.65 2.59
C GLU A 52 -0.51 10.05 4.05
N LYS A 53 0.58 9.87 4.80
CA LYS A 53 0.58 10.25 6.20
C LYS A 53 1.80 9.69 6.90
N LYS A 54 2.05 8.40 6.69
CA LYS A 54 3.28 7.79 7.18
C LYS A 54 4.46 8.18 6.30
N PHE A 55 4.22 8.34 5.00
CA PHE A 55 5.28 8.65 4.06
C PHE A 55 5.29 10.12 3.68
N LYS A 56 4.29 10.86 4.15
CA LYS A 56 4.20 12.31 4.11
C LYS A 56 4.19 12.80 2.65
N VAL A 57 3.12 12.41 1.96
CA VAL A 57 2.99 12.63 0.54
C VAL A 57 1.52 12.90 0.19
N GLN A 58 1.29 13.59 -0.93
CA GLN A 58 -0.02 13.68 -1.56
C GLN A 58 -0.06 12.73 -2.75
N ILE A 59 -0.79 11.62 -2.61
CA ILE A 59 -1.08 10.73 -3.72
C ILE A 59 -2.24 11.37 -4.46
N PRO A 60 -2.22 11.42 -5.79
CA PRO A 60 -3.41 11.87 -6.50
C PRO A 60 -4.58 10.97 -6.16
N GLU A 61 -5.76 11.57 -5.99
CA GLU A 61 -6.92 10.75 -5.64
C GLU A 61 -7.28 9.81 -6.79
N GLU A 62 -6.64 9.97 -7.95
CA GLU A 62 -7.01 9.19 -9.13
C GLU A 62 -6.48 7.76 -9.10
N LYS A 63 -5.55 7.42 -8.20
CA LYS A 63 -4.91 6.10 -8.25
C LYS A 63 -5.46 5.08 -7.26
N LEU A 64 -6.73 5.18 -6.87
CA LEU A 64 -7.43 4.03 -6.30
C LEU A 64 -7.68 2.96 -7.36
N VAL A 65 -7.44 3.27 -8.63
CA VAL A 65 -7.57 2.28 -9.70
C VAL A 65 -6.26 1.50 -9.85
N ASP A 66 -5.29 1.81 -8.98
CA ASP A 66 -4.01 1.11 -8.93
C ASP A 66 -3.94 0.12 -7.79
N ILE A 67 -4.53 0.46 -6.63
CA ILE A 67 -4.41 -0.24 -5.36
C ILE A 67 -5.19 -1.55 -5.39
N THR A 68 -4.53 -2.64 -5.82
CA THR A 68 -5.21 -3.91 -6.08
C THR A 68 -4.53 -5.15 -5.50
N SER A 69 -3.30 -5.03 -5.04
CA SER A 69 -2.63 -6.07 -4.29
C SER A 69 -1.65 -5.39 -3.34
N LEU A 70 -1.07 -6.14 -2.42
CA LEU A 70 -0.03 -5.54 -1.61
C LEU A 70 1.13 -5.09 -2.50
N SER A 71 1.54 -5.95 -3.45
CA SER A 71 2.66 -5.63 -4.33
C SER A 71 2.39 -4.38 -5.16
N ALA A 72 1.21 -4.31 -5.81
CA ALA A 72 0.88 -3.11 -6.58
C ALA A 72 0.78 -1.89 -5.67
N THR A 73 0.25 -2.05 -4.47
CA THR A 73 0.19 -0.92 -3.55
C THR A 73 1.59 -0.46 -3.19
N ILE A 74 2.50 -1.40 -2.93
CA ILE A 74 3.89 -1.06 -2.66
C ILE A 74 4.52 -0.37 -3.86
N GLY A 75 4.27 -0.91 -5.07
CA GLY A 75 4.80 -0.29 -6.27
C GLY A 75 4.29 1.12 -6.47
N LEU A 76 3.00 1.35 -6.18
CA LEU A 76 2.44 2.69 -6.28
C LEU A 76 3.15 3.65 -5.34
N THR A 77 3.36 3.23 -4.10
CA THR A 77 3.98 4.07 -3.11
C THR A 77 5.42 4.40 -3.51
N LYS A 78 6.14 3.43 -4.07
CA LYS A 78 7.49 3.70 -4.58
C LYS A 78 7.45 4.72 -5.72
N SER A 79 6.64 4.45 -6.75
CA SER A 79 6.36 5.41 -7.83
C SER A 79 6.20 6.84 -7.33
N VAL A 80 5.25 7.08 -6.41
CA VAL A 80 4.97 8.47 -6.06
C VAL A 80 6.07 8.99 -5.15
N LEU A 81 6.76 8.11 -4.43
CA LEU A 81 7.92 8.56 -3.69
C LEU A 81 9.05 8.98 -4.64
N ALA A 82 9.17 8.30 -5.79
CA ALA A 82 10.19 8.67 -6.77
C ALA A 82 9.91 10.03 -7.38
N GLU A 83 8.64 10.34 -7.67
CA GLU A 83 8.33 11.66 -8.22
C GLU A 83 8.48 12.76 -7.17
N SER A 84 8.57 12.42 -5.88
CA SER A 84 8.78 13.39 -4.82
C SER A 84 10.26 13.60 -4.46
N GLY A 85 11.18 12.88 -5.12
CA GLY A 85 12.58 12.91 -4.71
C GLY A 85 12.90 12.20 -3.41
N LYS A 86 11.99 11.34 -2.91
CA LYS A 86 12.12 10.79 -1.57
C LYS A 86 12.45 9.28 -1.56
N LEU A 87 12.74 8.68 -2.72
CA LEU A 87 12.97 7.24 -2.84
C LEU A 87 14.46 6.93 -2.90
N GLU A 88 14.92 6.01 -2.03
CA GLU A 88 16.27 5.45 -2.15
C GLU A 88 16.11 3.98 -2.50
N HIS A 89 16.22 3.69 -3.79
CA HIS A 89 15.90 2.38 -4.38
C HIS A 89 17.16 1.62 -4.69
N HIS A 90 17.47 0.59 -3.90
CA HIS A 90 18.70 -0.15 -4.16
C HIS A 90 18.38 -1.24 -5.18
N ASP A 2 15.87 1.99 1.27
CA ASP A 2 14.53 2.54 1.37
C ASP A 2 13.44 1.56 0.95
N ASP A 3 13.81 0.61 0.10
CA ASP A 3 12.86 -0.41 -0.31
C ASP A 3 12.26 -1.11 0.91
N GLU A 4 13.09 -1.38 1.92
CA GLU A 4 12.61 -2.09 3.11
C GLU A 4 11.56 -1.26 3.87
N GLU A 5 11.89 -0.02 4.19
CA GLU A 5 11.02 0.78 5.05
C GLU A 5 9.65 0.98 4.39
N ILE A 6 9.62 1.08 3.07
CA ILE A 6 8.35 1.24 2.38
C ILE A 6 7.59 -0.07 2.37
N GLU A 7 8.31 -1.18 2.21
CA GLU A 7 7.70 -2.50 2.30
C GLU A 7 7.03 -2.74 3.64
N LYS A 8 7.77 -2.54 4.74
CA LYS A 8 7.22 -2.81 6.07
C LYS A 8 6.10 -1.84 6.41
N GLY A 9 6.22 -0.61 5.91
CA GLY A 9 5.25 0.42 6.23
C GLY A 9 3.92 0.23 5.52
N VAL A 10 3.95 -0.15 4.24
CA VAL A 10 2.71 -0.42 3.53
C VAL A 10 2.06 -1.68 4.09
N THR A 11 2.87 -2.71 4.35
CA THR A 11 2.33 -3.93 4.95
C THR A 11 1.59 -3.64 6.25
N SER A 12 2.22 -2.86 7.14
CA SER A 12 1.61 -2.55 8.43
C SER A 12 0.29 -1.82 8.25
N ILE A 13 0.22 -0.90 7.29
CA ILE A 13 -1.03 -0.16 7.04
C ILE A 13 -2.11 -1.10 6.53
N VAL A 14 -1.77 -1.96 5.58
CA VAL A 14 -2.78 -2.84 5.00
C VAL A 14 -3.25 -3.86 6.05
N ALA A 15 -2.33 -4.36 6.88
CA ALA A 15 -2.71 -5.22 8.01
C ALA A 15 -3.70 -4.52 8.95
N GLU A 16 -3.39 -3.27 9.32
CA GLU A 16 -4.28 -2.52 10.22
C GLU A 16 -5.68 -2.39 9.63
N VAL A 17 -5.76 -2.08 8.32
CA VAL A 17 -7.07 -1.82 7.71
C VAL A 17 -7.86 -3.11 7.52
N THR A 18 -7.21 -4.19 7.11
CA THR A 18 -7.95 -5.43 6.88
C THR A 18 -8.14 -6.22 8.17
N GLU A 19 -7.56 -5.73 9.27
CA GLU A 19 -7.51 -6.43 10.54
C GLU A 19 -6.96 -7.85 10.37
N LEU A 20 -5.83 -7.93 9.70
CA LEU A 20 -5.11 -9.19 9.48
C LEU A 20 -3.67 -9.06 9.95
N ASP A 21 -2.98 -10.20 10.06
CA ASP A 21 -1.60 -10.24 10.55
C ASP A 21 -0.61 -9.82 9.45
N GLU A 22 0.40 -9.02 9.80
CA GLU A 22 1.37 -8.56 8.80
C GLU A 22 2.03 -9.71 8.08
N LYS A 23 2.40 -10.76 8.82
CA LYS A 23 3.07 -11.90 8.18
C LYS A 23 2.15 -12.54 7.15
N GLU A 24 0.86 -12.71 7.48
CA GLU A 24 -0.01 -13.43 6.55
C GLU A 24 -0.24 -12.58 5.30
N ILE A 25 -0.37 -11.27 5.45
CA ILE A 25 -0.67 -10.43 4.31
C ILE A 25 0.60 -10.24 3.46
N TRP A 26 1.76 -10.25 4.11
CA TRP A 26 3.02 -10.31 3.33
C TRP A 26 3.11 -11.60 2.51
N GLU A 27 2.79 -12.75 3.11
CA GLU A 27 2.75 -14.00 2.36
C GLU A 27 1.86 -13.89 1.13
N LYS A 28 0.74 -13.20 1.24
CA LYS A 28 -0.20 -13.06 0.13
C LYS A 28 -0.08 -11.72 -0.57
N ARG A 29 1.17 -11.28 -0.77
CA ARG A 29 1.41 -9.98 -1.38
C ARG A 29 1.00 -9.90 -2.84
N ASP A 30 0.79 -11.04 -3.52
CA ASP A 30 0.17 -11.03 -4.85
C ASP A 30 -1.33 -11.33 -4.83
N ALA A 31 -1.89 -11.68 -3.70
CA ALA A 31 -3.31 -12.02 -3.65
C ALA A 31 -4.15 -10.81 -3.99
N ASN A 32 -5.06 -10.98 -4.95
CA ASN A 32 -5.92 -9.90 -5.38
C ASN A 32 -6.62 -9.28 -4.17
N PHE A 33 -6.45 -7.98 -4.01
CA PHE A 33 -7.16 -7.26 -2.97
C PHE A 33 -8.66 -7.40 -3.15
N PHE A 34 -9.26 -6.63 -4.05
CA PHE A 34 -10.70 -6.66 -4.21
C PHE A 34 -11.24 -8.07 -4.11
N GLN A 35 -10.95 -8.94 -5.08
CA GLN A 35 -11.29 -10.34 -4.91
C GLN A 35 -10.58 -10.90 -3.68
N ASP A 36 -9.58 -11.77 -3.87
CA ASP A 36 -9.17 -12.74 -2.87
C ASP A 36 -9.00 -12.17 -1.46
N LEU A 37 -8.31 -11.05 -1.28
CA LEU A 37 -8.24 -10.41 0.03
C LEU A 37 -9.35 -9.38 0.18
N GLU A 38 -10.46 -9.74 0.83
CA GLU A 38 -11.56 -8.80 1.02
C GLU A 38 -10.99 -7.41 1.30
N ILE A 39 -11.42 -6.46 0.49
CA ILE A 39 -11.00 -5.06 0.59
C ILE A 39 -11.73 -4.26 -0.51
N ASP A 40 -12.83 -3.63 -0.11
CA ASP A 40 -13.67 -2.88 -1.03
C ASP A 40 -13.27 -1.41 -1.03
N SER A 41 -14.17 -0.58 -1.58
CA SER A 41 -13.87 0.81 -1.87
C SER A 41 -13.44 1.60 -0.63
N LEU A 42 -14.15 1.43 0.48
CA LEU A 42 -13.81 2.18 1.69
C LEU A 42 -12.46 1.77 2.25
N LEU A 43 -12.18 0.47 2.32
CA LEU A 43 -10.91 0.04 2.86
C LEU A 43 -9.75 0.52 1.99
N ALA A 44 -9.91 0.41 0.67
CA ALA A 44 -8.84 0.88 -0.21
C ALA A 44 -8.65 2.38 -0.07
N LEU A 45 -9.74 3.11 0.07
CA LEU A 45 -9.64 4.53 0.35
C LEU A 45 -8.88 4.77 1.64
N GLU A 46 -9.11 3.94 2.67
CA GLU A 46 -8.42 4.20 3.92
C GLU A 46 -6.94 3.85 3.81
N ILE A 47 -6.62 2.81 3.03
CA ILE A 47 -5.22 2.47 2.79
C ILE A 47 -4.52 3.66 2.17
N LEU A 48 -5.11 4.21 1.10
CA LEU A 48 -4.51 5.36 0.43
C LEU A 48 -4.25 6.48 1.41
N ALA A 49 -5.26 6.82 2.23
CA ALA A 49 -5.13 7.95 3.15
C ALA A 49 -4.02 7.71 4.17
N LEU A 50 -3.91 6.48 4.68
CA LEU A 50 -2.88 6.18 5.66
C LEU A 50 -1.48 6.24 5.03
N ILE A 51 -1.35 5.87 3.75
CA ILE A 51 -0.04 5.91 3.12
C ILE A 51 0.42 7.36 3.01
N GLU A 52 -0.49 8.26 2.65
CA GLU A 52 -0.31 9.68 2.99
C GLU A 52 -0.34 9.87 4.50
N LYS A 53 0.61 10.63 5.05
CA LYS A 53 0.79 10.74 6.51
C LYS A 53 2.02 10.02 6.94
N LYS A 54 1.93 8.68 7.04
CA LYS A 54 3.12 7.87 7.26
C LYS A 54 4.29 8.48 6.53
N PHE A 55 4.27 8.39 5.20
CA PHE A 55 5.41 8.71 4.35
C PHE A 55 5.46 10.19 3.97
N LYS A 56 4.46 10.97 4.36
CA LYS A 56 4.40 12.42 4.16
C LYS A 56 4.32 12.75 2.67
N VAL A 57 3.27 12.24 2.04
CA VAL A 57 3.12 12.34 0.58
C VAL A 57 1.66 12.57 0.24
N GLN A 58 1.42 13.35 -0.81
CA GLN A 58 0.10 13.47 -1.42
C GLN A 58 0.03 12.48 -2.59
N ILE A 59 -1.19 12.07 -2.95
CA ILE A 59 -1.39 11.03 -3.96
C ILE A 59 -2.68 11.28 -4.71
N PRO A 60 -2.64 11.66 -6.00
CA PRO A 60 -3.86 11.77 -6.80
C PRO A 60 -4.92 10.78 -6.36
N GLU A 61 -6.04 11.32 -5.90
CA GLU A 61 -7.17 10.49 -5.45
C GLU A 61 -7.45 9.36 -6.44
N GLU A 62 -7.32 9.62 -7.75
CA GLU A 62 -7.54 8.60 -8.76
C GLU A 62 -6.86 7.27 -8.46
N LYS A 63 -5.53 7.26 -8.28
CA LYS A 63 -4.73 6.04 -8.31
C LYS A 63 -5.10 5.04 -7.24
N LEU A 64 -6.29 5.18 -6.63
CA LEU A 64 -6.87 4.04 -5.91
C LEU A 64 -6.71 2.75 -6.71
N VAL A 65 -6.84 2.81 -8.04
CA VAL A 65 -7.09 1.60 -8.83
C VAL A 65 -5.83 0.76 -8.98
N ASP A 66 -4.72 1.20 -8.38
CA ASP A 66 -3.54 0.36 -8.25
C ASP A 66 -3.43 -0.20 -6.85
N ILE A 67 -4.49 -0.09 -6.05
CA ILE A 67 -4.55 -0.67 -4.72
C ILE A 67 -5.38 -1.94 -4.86
N THR A 68 -4.82 -2.89 -5.63
CA THR A 68 -5.44 -4.17 -5.95
C THR A 68 -4.65 -5.37 -5.43
N SER A 69 -3.56 -5.12 -4.71
CA SER A 69 -2.76 -6.15 -4.05
C SER A 69 -1.69 -5.43 -3.27
N LEU A 70 -1.09 -6.12 -2.29
CA LEU A 70 -0.05 -5.46 -1.53
C LEU A 70 1.11 -5.08 -2.45
N SER A 71 1.50 -5.99 -3.36
CA SER A 71 2.59 -5.69 -4.28
C SER A 71 2.29 -4.48 -5.15
N ALA A 72 1.07 -4.40 -5.69
CA ALA A 72 0.68 -3.22 -6.45
C ALA A 72 0.70 -1.97 -5.57
N THR A 73 0.21 -2.08 -4.34
CA THR A 73 0.17 -0.91 -3.47
C THR A 73 1.58 -0.44 -3.13
N ILE A 74 2.49 -1.39 -2.86
CA ILE A 74 3.88 -1.05 -2.62
C ILE A 74 4.48 -0.37 -3.85
N GLY A 75 4.21 -0.91 -5.03
CA GLY A 75 4.76 -0.33 -6.24
C GLY A 75 4.26 1.09 -6.47
N LEU A 76 2.99 1.33 -6.16
CA LEU A 76 2.43 2.67 -6.27
C LEU A 76 3.14 3.63 -5.34
N THR A 77 3.37 3.19 -4.10
CA THR A 77 3.98 4.06 -3.10
C THR A 77 5.41 4.42 -3.51
N LYS A 78 6.16 3.43 -4.02
CA LYS A 78 7.53 3.72 -4.48
C LYS A 78 7.52 4.76 -5.61
N SER A 79 6.66 4.56 -6.62
CA SER A 79 6.55 5.50 -7.74
C SER A 79 6.24 6.93 -7.29
N VAL A 80 5.24 7.12 -6.42
CA VAL A 80 4.94 8.49 -6.01
C VAL A 80 6.05 9.02 -5.12
N LEU A 81 6.75 8.13 -4.42
CA LEU A 81 7.91 8.58 -3.66
C LEU A 81 9.05 8.96 -4.60
N ALA A 82 9.20 8.24 -5.72
CA ALA A 82 10.26 8.56 -6.69
C ALA A 82 9.97 9.88 -7.39
N GLU A 83 8.69 10.13 -7.70
CA GLU A 83 8.40 11.37 -8.42
C GLU A 83 8.36 12.56 -7.48
N SER A 84 8.39 12.35 -6.17
CA SER A 84 8.59 13.45 -5.23
C SER A 84 10.06 13.63 -4.84
N GLY A 85 10.98 12.85 -5.42
CA GLY A 85 12.37 12.91 -5.00
C GLY A 85 12.67 12.26 -3.67
N LYS A 86 11.86 11.27 -3.26
CA LYS A 86 12.00 10.62 -1.96
C LYS A 86 12.74 9.29 -2.04
N LEU A 87 12.40 8.45 -3.01
CA LEU A 87 12.82 7.06 -3.09
C LEU A 87 14.35 6.93 -3.09
N GLU A 88 14.88 6.00 -2.31
CA GLU A 88 16.32 5.71 -2.37
C GLU A 88 16.48 4.26 -2.84
N HIS A 89 15.80 3.92 -3.93
CA HIS A 89 15.72 2.56 -4.50
C HIS A 89 17.06 1.88 -4.75
N HIS A 90 17.08 0.55 -4.77
CA HIS A 90 18.30 -0.18 -5.07
C HIS A 90 18.07 -1.22 -6.18
N ASP A 2 15.52 2.49 2.28
CA ASP A 2 14.20 3.11 2.07
C ASP A 2 13.22 2.08 1.42
N ASP A 3 13.73 1.19 0.55
CA ASP A 3 12.90 0.11 0.02
C ASP A 3 12.30 -0.76 1.12
N GLU A 4 13.13 -1.24 2.05
CA GLU A 4 12.58 -2.06 3.13
C GLU A 4 11.61 -1.26 4.00
N GLU A 5 11.93 0.02 4.25
CA GLU A 5 11.00 0.88 4.98
C GLU A 5 9.67 0.98 4.25
N ILE A 6 9.69 1.09 2.93
CA ILE A 6 8.45 1.18 2.17
C ILE A 6 7.64 -0.10 2.32
N GLU A 7 8.27 -1.24 2.03
CA GLU A 7 7.55 -2.50 2.05
C GLU A 7 7.00 -2.80 3.46
N LYS A 8 7.79 -2.47 4.48
CA LYS A 8 7.37 -2.59 5.88
C LYS A 8 6.16 -1.73 6.21
N GLY A 9 6.22 -0.46 5.83
CA GLY A 9 5.19 0.47 6.24
C GLY A 9 3.87 0.24 5.55
N VAL A 10 3.90 -0.11 4.26
CA VAL A 10 2.68 -0.41 3.54
C VAL A 10 2.04 -1.68 4.08
N THR A 11 2.86 -2.72 4.33
CA THR A 11 2.34 -3.94 4.93
C THR A 11 1.60 -3.66 6.23
N SER A 12 2.22 -2.89 7.13
CA SER A 12 1.60 -2.59 8.41
C SER A 12 0.28 -1.83 8.21
N ILE A 13 0.23 -0.91 7.25
CA ILE A 13 -1.01 -0.18 6.97
C ILE A 13 -2.11 -1.13 6.51
N VAL A 14 -1.78 -1.99 5.55
CA VAL A 14 -2.79 -2.88 5.00
C VAL A 14 -3.27 -3.86 6.08
N ALA A 15 -2.35 -4.34 6.94
CA ALA A 15 -2.73 -5.19 8.07
C ALA A 15 -3.70 -4.47 9.02
N GLU A 16 -3.35 -3.25 9.45
CA GLU A 16 -4.23 -2.44 10.30
C GLU A 16 -5.62 -2.32 9.68
N VAL A 17 -5.68 -1.81 8.45
CA VAL A 17 -6.95 -1.53 7.78
C VAL A 17 -7.81 -2.79 7.71
N THR A 18 -7.19 -3.91 7.37
CA THR A 18 -7.90 -5.14 7.07
C THR A 18 -8.06 -6.03 8.29
N GLU A 19 -7.44 -5.66 9.40
CA GLU A 19 -7.47 -6.41 10.64
C GLU A 19 -6.94 -7.83 10.42
N LEU A 20 -5.83 -7.92 9.72
CA LEU A 20 -5.12 -9.19 9.50
C LEU A 20 -3.68 -9.07 9.95
N ASP A 21 -3.00 -10.21 10.12
CA ASP A 21 -1.62 -10.18 10.59
C ASP A 21 -0.64 -9.82 9.47
N GLU A 22 0.38 -9.04 9.83
CA GLU A 22 1.38 -8.61 8.86
C GLU A 22 2.01 -9.78 8.11
N LYS A 23 2.45 -10.81 8.84
CA LYS A 23 3.05 -11.95 8.15
C LYS A 23 2.08 -12.53 7.14
N GLU A 24 0.80 -12.61 7.52
CA GLU A 24 -0.18 -13.20 6.62
C GLU A 24 -0.31 -12.35 5.37
N ILE A 25 -0.44 -11.04 5.55
CA ILE A 25 -0.62 -10.14 4.42
C ILE A 25 0.62 -10.18 3.52
N TRP A 26 1.80 -10.25 4.14
CA TRP A 26 3.04 -10.31 3.35
C TRP A 26 3.12 -11.60 2.53
N GLU A 27 2.81 -12.75 3.14
CA GLU A 27 2.84 -13.99 2.39
C GLU A 27 1.92 -13.94 1.19
N LYS A 28 0.82 -13.20 1.28
CA LYS A 28 -0.14 -13.05 0.19
C LYS A 28 0.01 -11.72 -0.53
N ARG A 29 1.25 -11.24 -0.64
CA ARG A 29 1.48 -9.92 -1.22
C ARG A 29 1.07 -9.83 -2.69
N ASP A 30 1.11 -10.93 -3.44
CA ASP A 30 0.88 -10.87 -4.87
C ASP A 30 -0.60 -11.03 -5.26
N ALA A 31 -1.45 -11.50 -4.34
CA ALA A 31 -2.84 -11.84 -4.64
C ALA A 31 -3.69 -10.61 -4.92
N ASN A 32 -4.95 -10.85 -5.32
CA ASN A 32 -5.97 -9.82 -5.55
C ASN A 32 -6.63 -9.43 -4.22
N PHE A 33 -6.61 -8.13 -3.91
CA PHE A 33 -7.20 -7.65 -2.65
C PHE A 33 -8.65 -8.05 -2.54
N PHE A 34 -9.43 -7.81 -3.60
CA PHE A 34 -10.88 -7.96 -3.58
C PHE A 34 -11.32 -9.43 -3.62
N GLN A 35 -10.66 -10.27 -4.44
CA GLN A 35 -11.14 -11.62 -4.67
C GLN A 35 -10.63 -12.64 -3.65
N ASP A 36 -9.57 -12.33 -2.89
CA ASP A 36 -9.03 -13.27 -1.92
C ASP A 36 -9.06 -12.79 -0.47
N LEU A 37 -8.50 -11.62 -0.18
CA LEU A 37 -8.51 -11.06 1.16
C LEU A 37 -9.46 -9.87 1.27
N GLU A 38 -10.73 -10.09 0.90
CA GLU A 38 -11.78 -9.09 0.70
C GLU A 38 -11.37 -7.66 1.10
N ILE A 39 -12.04 -6.71 0.46
CA ILE A 39 -11.67 -5.30 0.56
C ILE A 39 -12.57 -4.51 -0.37
N ASP A 40 -13.38 -3.65 0.22
CA ASP A 40 -14.24 -2.79 -0.58
C ASP A 40 -13.51 -1.48 -0.87
N SER A 41 -14.22 -0.56 -1.52
CA SER A 41 -13.57 0.69 -1.91
C SER A 41 -13.30 1.58 -0.70
N LEU A 42 -14.09 1.43 0.36
CA LEU A 42 -13.82 2.16 1.59
C LEU A 42 -12.48 1.76 2.19
N LEU A 43 -12.21 0.46 2.29
CA LEU A 43 -10.94 0.03 2.86
C LEU A 43 -9.77 0.51 2.00
N ALA A 44 -9.91 0.42 0.67
CA ALA A 44 -8.84 0.90 -0.20
C ALA A 44 -8.62 2.39 0.00
N LEU A 45 -9.70 3.11 0.31
CA LEU A 45 -9.56 4.54 0.55
C LEU A 45 -8.85 4.79 1.87
N GLU A 46 -9.12 3.95 2.89
CA GLU A 46 -8.40 4.09 4.15
C GLU A 46 -6.91 3.84 3.92
N ILE A 47 -6.59 2.83 3.12
CA ILE A 47 -5.19 2.50 2.85
C ILE A 47 -4.50 3.68 2.19
N LEU A 48 -5.11 4.20 1.12
CA LEU A 48 -4.55 5.36 0.43
C LEU A 48 -4.25 6.49 1.40
N ALA A 49 -5.22 6.84 2.26
CA ALA A 49 -5.09 7.98 3.15
C ALA A 49 -3.99 7.76 4.17
N LEU A 50 -3.89 6.53 4.69
CA LEU A 50 -2.85 6.24 5.67
C LEU A 50 -1.46 6.23 5.03
N ILE A 51 -1.35 5.83 3.77
CA ILE A 51 -0.06 5.87 3.09
C ILE A 51 0.40 7.32 2.97
N GLU A 52 -0.48 8.20 2.49
CA GLU A 52 -0.28 9.63 2.68
C GLU A 52 -0.10 9.96 4.15
N LYS A 53 0.93 10.72 4.51
CA LYS A 53 1.10 11.13 5.91
C LYS A 53 1.95 10.14 6.69
N LYS A 54 1.81 8.84 6.43
CA LYS A 54 2.88 7.92 6.85
C LYS A 54 4.11 8.17 6.01
N PHE A 55 3.92 8.45 4.71
CA PHE A 55 5.01 8.69 3.77
C PHE A 55 5.05 10.13 3.26
N LYS A 56 4.38 11.05 3.96
CA LYS A 56 4.51 12.49 3.75
C LYS A 56 4.26 12.84 2.27
N VAL A 57 3.44 12.02 1.64
CA VAL A 57 3.25 12.05 0.20
C VAL A 57 1.78 12.33 -0.08
N GLN A 58 1.51 12.82 -1.28
CA GLN A 58 0.15 12.98 -1.74
C GLN A 58 -0.09 12.07 -2.93
N ILE A 59 -1.06 11.17 -2.80
CA ILE A 59 -1.44 10.27 -3.87
C ILE A 59 -2.76 10.79 -4.42
N PRO A 60 -2.79 11.42 -5.59
CA PRO A 60 -4.08 11.81 -6.17
C PRO A 60 -5.05 10.65 -6.07
N GLU A 61 -6.26 10.97 -5.64
CA GLU A 61 -7.22 9.92 -5.32
C GLU A 61 -7.53 9.04 -6.54
N GLU A 62 -7.17 9.49 -7.74
CA GLU A 62 -7.38 8.67 -8.93
C GLU A 62 -6.71 7.31 -8.81
N LYS A 63 -5.41 7.27 -8.47
CA LYS A 63 -4.67 6.03 -8.36
C LYS A 63 -5.26 5.03 -7.37
N LEU A 64 -6.46 5.31 -6.84
CA LEU A 64 -7.19 4.30 -6.07
C LEU A 64 -7.32 2.98 -6.83
N VAL A 65 -7.29 3.03 -8.16
CA VAL A 65 -7.57 1.84 -8.95
C VAL A 65 -6.43 0.82 -8.80
N ASP A 66 -5.18 1.31 -8.80
CA ASP A 66 -4.00 0.44 -8.69
C ASP A 66 -3.79 -0.08 -7.28
N ILE A 67 -4.73 0.15 -6.36
CA ILE A 67 -4.67 -0.41 -5.01
C ILE A 67 -5.47 -1.71 -5.01
N THR A 68 -4.86 -2.76 -5.51
CA THR A 68 -5.50 -4.04 -5.78
C THR A 68 -4.78 -5.24 -5.16
N SER A 69 -3.47 -5.15 -4.99
CA SER A 69 -2.69 -6.15 -4.25
C SER A 69 -1.71 -5.40 -3.36
N LEU A 70 -1.15 -6.10 -2.37
CA LEU A 70 -0.11 -5.47 -1.58
C LEU A 70 1.07 -5.07 -2.47
N SER A 71 1.41 -5.93 -3.43
CA SER A 71 2.53 -5.66 -4.32
C SER A 71 2.28 -4.43 -5.18
N ALA A 72 1.06 -4.31 -5.73
CA ALA A 72 0.72 -3.12 -6.49
C ALA A 72 0.71 -1.88 -5.60
N THR A 73 0.22 -2.02 -4.37
CA THR A 73 0.19 -0.86 -3.48
C THR A 73 1.60 -0.39 -3.13
N ILE A 74 2.49 -1.35 -2.85
CA ILE A 74 3.89 -1.02 -2.61
C ILE A 74 4.49 -0.35 -3.85
N GLY A 75 4.20 -0.89 -5.03
CA GLY A 75 4.75 -0.32 -6.25
C GLY A 75 4.23 1.09 -6.47
N LEU A 76 2.96 1.32 -6.18
CA LEU A 76 2.40 2.67 -6.26
C LEU A 76 3.13 3.61 -5.33
N THR A 77 3.37 3.17 -4.10
CA THR A 77 3.98 4.01 -3.10
C THR A 77 5.42 4.37 -3.51
N LYS A 78 6.15 3.40 -4.08
CA LYS A 78 7.50 3.70 -4.56
C LYS A 78 7.48 4.75 -5.67
N SER A 79 6.63 4.57 -6.69
CA SER A 79 6.42 5.57 -7.73
C SER A 79 6.18 6.98 -7.17
N VAL A 80 5.25 7.13 -6.22
CA VAL A 80 4.94 8.46 -5.71
C VAL A 80 6.13 9.01 -4.93
N LEU A 81 6.86 8.14 -4.24
CA LEU A 81 8.05 8.61 -3.54
C LEU A 81 9.13 9.02 -4.53
N ALA A 82 9.24 8.29 -5.66
CA ALA A 82 10.25 8.63 -6.67
C ALA A 82 9.91 9.95 -7.35
N GLU A 83 8.63 10.18 -7.60
CA GLU A 83 8.26 11.41 -8.28
C GLU A 83 8.41 12.63 -7.39
N SER A 84 8.54 12.45 -6.07
CA SER A 84 8.85 13.56 -5.18
C SER A 84 10.19 13.41 -4.46
N GLY A 85 11.24 12.97 -5.16
CA GLY A 85 12.58 13.01 -4.59
C GLY A 85 12.67 12.46 -3.18
N LYS A 86 12.44 11.18 -3.01
CA LYS A 86 12.43 10.55 -1.70
C LYS A 86 13.01 9.14 -1.77
N LEU A 87 12.70 8.41 -2.84
CA LEU A 87 13.02 6.98 -2.97
C LEU A 87 14.53 6.75 -3.04
N GLU A 88 15.03 5.80 -2.22
CA GLU A 88 16.46 5.44 -2.26
C GLU A 88 16.71 4.23 -3.16
N HIS A 89 15.64 3.55 -3.58
CA HIS A 89 15.69 2.34 -4.41
C HIS A 89 17.04 1.70 -4.73
N HIS A 90 17.22 0.45 -4.30
CA HIS A 90 18.42 -0.30 -4.69
C HIS A 90 18.06 -1.29 -5.79
N ASP A 2 15.21 0.68 2.48
CA ASP A 2 14.17 1.60 2.04
C ASP A 2 13.16 1.01 1.07
N ASP A 3 13.59 0.19 0.11
CA ASP A 3 12.62 -0.74 -0.43
C ASP A 3 11.91 -1.40 0.73
N GLU A 4 12.69 -1.75 1.75
CA GLU A 4 12.16 -2.61 2.78
C GLU A 4 11.44 -1.80 3.85
N GLU A 5 11.83 -0.53 4.00
CA GLU A 5 11.10 0.33 4.92
C GLU A 5 9.77 0.77 4.32
N ILE A 6 9.72 1.00 3.00
CA ILE A 6 8.43 1.20 2.36
C ILE A 6 7.62 -0.08 2.36
N GLU A 7 8.28 -1.20 2.09
CA GLU A 7 7.59 -2.50 2.11
C GLU A 7 7.01 -2.80 3.49
N LYS A 8 7.73 -2.50 4.56
CA LYS A 8 7.23 -2.70 5.91
C LYS A 8 6.07 -1.76 6.24
N GLY A 9 6.24 -0.49 5.90
CA GLY A 9 5.24 0.50 6.23
C GLY A 9 3.91 0.24 5.56
N VAL A 10 3.94 -0.12 4.26
CA VAL A 10 2.70 -0.40 3.54
C VAL A 10 2.06 -1.67 4.08
N THR A 11 2.87 -2.70 4.35
CA THR A 11 2.33 -3.92 4.94
C THR A 11 1.59 -3.63 6.24
N SER A 12 2.23 -2.86 7.12
CA SER A 12 1.62 -2.55 8.42
C SER A 12 0.29 -1.82 8.24
N ILE A 13 0.22 -0.90 7.28
CA ILE A 13 -1.02 -0.17 7.02
C ILE A 13 -2.11 -1.11 6.53
N VAL A 14 -1.77 -1.97 5.56
CA VAL A 14 -2.79 -2.85 4.99
C VAL A 14 -3.27 -3.84 6.05
N ALA A 15 -2.34 -4.35 6.88
CA ALA A 15 -2.72 -5.23 7.99
C ALA A 15 -3.70 -4.53 8.94
N GLU A 16 -3.38 -3.30 9.35
CA GLU A 16 -4.21 -2.55 10.27
C GLU A 16 -5.64 -2.38 9.71
N VAL A 17 -5.75 -2.06 8.42
CA VAL A 17 -7.06 -1.75 7.85
C VAL A 17 -7.86 -3.03 7.58
N THR A 18 -7.21 -4.10 7.19
CA THR A 18 -7.91 -5.35 6.94
C THR A 18 -8.09 -6.18 8.19
N GLU A 19 -7.50 -5.75 9.30
CA GLU A 19 -7.52 -6.47 10.57
C GLU A 19 -6.92 -7.86 10.40
N LEU A 20 -5.83 -7.94 9.65
CA LEU A 20 -5.10 -9.18 9.45
C LEU A 20 -3.68 -9.05 9.98
N ASP A 21 -2.97 -10.17 10.02
CA ASP A 21 -1.63 -10.21 10.56
C ASP A 21 -0.60 -9.82 9.48
N GLU A 22 0.43 -9.03 9.87
CA GLU A 22 1.40 -8.54 8.89
C GLU A 22 2.04 -9.70 8.13
N LYS A 23 2.37 -10.79 8.83
CA LYS A 23 3.02 -11.91 8.17
C LYS A 23 2.12 -12.54 7.11
N GLU A 24 0.81 -12.71 7.43
CA GLU A 24 -0.07 -13.31 6.43
C GLU A 24 -0.19 -12.41 5.22
N ILE A 25 -0.39 -11.12 5.48
CA ILE A 25 -0.57 -10.16 4.40
C ILE A 25 0.66 -10.18 3.50
N TRP A 26 1.85 -10.22 4.09
CA TRP A 26 3.08 -10.31 3.30
C TRP A 26 3.11 -11.61 2.48
N GLU A 27 2.74 -12.75 3.08
CA GLU A 27 2.62 -13.97 2.31
C GLU A 27 1.67 -13.82 1.14
N LYS A 28 0.58 -13.08 1.32
CA LYS A 28 -0.43 -12.87 0.29
C LYS A 28 -0.14 -11.64 -0.57
N ARG A 29 1.13 -11.25 -0.70
CA ARG A 29 1.45 -9.97 -1.34
C ARG A 29 1.01 -9.91 -2.81
N ASP A 30 0.97 -11.04 -3.51
CA ASP A 30 0.43 -11.09 -4.85
C ASP A 30 -1.05 -11.49 -4.89
N ALA A 31 -1.70 -11.63 -3.74
CA ALA A 31 -3.12 -11.96 -3.70
C ALA A 31 -3.94 -10.70 -3.93
N ASN A 32 -5.17 -10.87 -4.41
CA ASN A 32 -5.97 -9.73 -4.83
C ASN A 32 -6.87 -9.25 -3.69
N PHE A 33 -6.74 -7.97 -3.34
CA PHE A 33 -7.50 -7.39 -2.25
C PHE A 33 -8.99 -7.75 -2.35
N PHE A 34 -9.54 -7.73 -3.56
CA PHE A 34 -10.98 -7.72 -3.75
C PHE A 34 -11.60 -9.12 -3.77
N GLN A 35 -10.94 -10.11 -4.37
CA GLN A 35 -11.48 -11.47 -4.39
C GLN A 35 -10.95 -12.31 -3.22
N ASP A 36 -9.93 -11.85 -2.49
CA ASP A 36 -9.24 -12.67 -1.51
C ASP A 36 -9.13 -12.08 -0.12
N LEU A 37 -8.60 -10.87 0.03
CA LEU A 37 -8.64 -10.20 1.32
C LEU A 37 -9.93 -9.40 1.45
N GLU A 38 -10.97 -9.84 0.72
CA GLU A 38 -12.35 -9.37 0.80
C GLU A 38 -12.44 -7.98 1.41
N ILE A 39 -12.78 -7.03 0.56
CA ILE A 39 -12.44 -5.63 0.74
C ILE A 39 -13.28 -4.79 -0.22
N ASP A 40 -13.68 -3.62 0.24
CA ASP A 40 -14.43 -2.71 -0.62
C ASP A 40 -13.58 -1.47 -0.90
N SER A 41 -14.17 -0.54 -1.65
CA SER A 41 -13.46 0.68 -1.98
C SER A 41 -13.23 1.55 -0.76
N LEU A 42 -14.06 1.39 0.28
CA LEU A 42 -13.83 2.13 1.52
C LEU A 42 -12.49 1.76 2.17
N LEU A 43 -12.19 0.48 2.26
CA LEU A 43 -10.94 0.07 2.88
C LEU A 43 -9.75 0.50 2.01
N ALA A 44 -9.88 0.38 0.69
CA ALA A 44 -8.81 0.83 -0.19
C ALA A 44 -8.64 2.34 -0.09
N LEU A 45 -9.76 3.06 0.01
CA LEU A 45 -9.69 4.48 0.26
C LEU A 45 -8.90 4.78 1.52
N GLU A 46 -9.07 3.99 2.58
CA GLU A 46 -8.37 4.35 3.81
C GLU A 46 -6.90 3.95 3.74
N ILE A 47 -6.59 2.83 3.08
CA ILE A 47 -5.19 2.48 2.83
C ILE A 47 -4.48 3.68 2.20
N LEU A 48 -5.05 4.19 1.11
CA LEU A 48 -4.48 5.36 0.43
C LEU A 48 -4.22 6.51 1.39
N ALA A 49 -5.20 6.86 2.23
CA ALA A 49 -5.05 8.01 3.13
C ALA A 49 -3.95 7.77 4.15
N LEU A 50 -3.90 6.55 4.71
CA LEU A 50 -2.85 6.21 5.67
C LEU A 50 -1.47 6.23 5.00
N ILE A 51 -1.38 5.83 3.73
CA ILE A 51 -0.09 5.89 3.04
C ILE A 51 0.31 7.34 2.83
N GLU A 52 -0.56 8.11 2.17
CA GLU A 52 -0.39 9.57 2.04
C GLU A 52 -0.33 10.24 3.41
N LYS A 53 0.76 10.08 4.15
CA LYS A 53 0.74 10.48 5.56
C LYS A 53 1.86 9.84 6.32
N LYS A 54 1.84 8.51 6.43
CA LYS A 54 3.01 7.77 6.87
C LYS A 54 4.24 8.23 6.11
N PHE A 55 4.11 8.39 4.80
CA PHE A 55 5.23 8.70 3.92
C PHE A 55 5.17 10.12 3.39
N LYS A 56 4.25 10.93 3.89
CA LYS A 56 4.16 12.37 3.62
C LYS A 56 4.17 12.67 2.12
N VAL A 57 3.31 11.95 1.40
CA VAL A 57 3.25 12.01 -0.05
C VAL A 57 1.77 12.20 -0.38
N GLN A 58 1.48 12.78 -1.54
CA GLN A 58 0.10 12.95 -1.96
C GLN A 58 -0.17 12.06 -3.17
N ILE A 59 -1.30 11.36 -3.13
CA ILE A 59 -1.66 10.41 -4.18
C ILE A 59 -2.98 10.88 -4.78
N PRO A 60 -3.01 11.37 -6.02
CA PRO A 60 -4.30 11.62 -6.66
C PRO A 60 -5.15 10.35 -6.59
N GLU A 61 -6.43 10.52 -6.26
CA GLU A 61 -7.32 9.37 -6.14
C GLU A 61 -7.58 8.72 -7.49
N GLU A 62 -7.30 9.43 -8.58
CA GLU A 62 -7.32 8.78 -9.89
C GLU A 62 -6.42 7.55 -9.88
N LYS A 63 -5.39 7.53 -9.02
CA LYS A 63 -4.49 6.40 -8.88
C LYS A 63 -5.04 5.30 -7.97
N LEU A 64 -6.11 5.57 -7.20
CA LEU A 64 -6.73 4.53 -6.38
C LEU A 64 -6.94 3.23 -7.13
N VAL A 65 -7.11 3.28 -8.45
CA VAL A 65 -7.60 2.11 -9.17
C VAL A 65 -6.52 1.04 -9.24
N ASP A 66 -5.29 1.39 -8.83
CA ASP A 66 -4.17 0.46 -8.83
C ASP A 66 -3.85 -0.08 -7.43
N ILE A 67 -4.74 0.11 -6.46
CA ILE A 67 -4.59 -0.51 -5.15
C ILE A 67 -5.32 -1.85 -5.18
N THR A 68 -4.69 -2.84 -5.82
CA THR A 68 -5.31 -4.12 -6.13
C THR A 68 -4.61 -5.32 -5.50
N SER A 69 -3.45 -5.11 -4.89
CA SER A 69 -2.72 -6.13 -4.16
C SER A 69 -1.68 -5.42 -3.32
N LEU A 70 -1.10 -6.12 -2.34
CA LEU A 70 -0.06 -5.46 -1.57
C LEU A 70 1.08 -5.05 -2.49
N SER A 71 1.46 -5.93 -3.42
CA SER A 71 2.60 -5.64 -4.29
C SER A 71 2.33 -4.43 -5.17
N ALA A 72 1.12 -4.34 -5.74
CA ALA A 72 0.76 -3.16 -6.53
C ALA A 72 0.72 -1.91 -5.64
N THR A 73 0.23 -2.05 -4.42
CA THR A 73 0.18 -0.89 -3.53
C THR A 73 1.58 -0.41 -3.16
N ILE A 74 2.48 -1.36 -2.91
CA ILE A 74 3.88 -1.03 -2.66
C ILE A 74 4.49 -0.32 -3.86
N GLY A 75 4.22 -0.83 -5.06
CA GLY A 75 4.76 -0.22 -6.26
C GLY A 75 4.25 1.19 -6.45
N LEU A 76 2.97 1.42 -6.14
CA LEU A 76 2.42 2.77 -6.23
C LEU A 76 3.14 3.71 -5.27
N THR A 77 3.39 3.23 -4.06
CA THR A 77 4.01 4.07 -3.05
C THR A 77 5.44 4.42 -3.48
N LYS A 78 6.17 3.44 -4.02
CA LYS A 78 7.53 3.72 -4.51
C LYS A 78 7.53 4.78 -5.62
N SER A 79 6.63 4.62 -6.60
CA SER A 79 6.47 5.58 -7.69
C SER A 79 6.25 7.01 -7.19
N VAL A 80 5.30 7.23 -6.28
CA VAL A 80 5.01 8.60 -5.86
C VAL A 80 6.14 9.11 -4.98
N LEU A 81 6.83 8.20 -4.29
CA LEU A 81 8.04 8.62 -3.58
C LEU A 81 9.13 9.04 -4.57
N ALA A 82 9.27 8.32 -5.69
CA ALA A 82 10.26 8.69 -6.71
C ALA A 82 9.91 10.04 -7.32
N GLU A 83 8.61 10.34 -7.38
CA GLU A 83 8.16 11.65 -7.82
C GLU A 83 8.44 12.73 -6.80
N SER A 84 8.54 12.38 -5.53
CA SER A 84 8.80 13.32 -4.46
C SER A 84 10.29 13.50 -4.19
N GLY A 85 11.15 12.70 -4.81
CA GLY A 85 12.59 12.86 -4.66
C GLY A 85 13.17 12.27 -3.40
N LYS A 86 12.49 11.29 -2.77
CA LYS A 86 13.03 10.74 -1.53
C LYS A 86 13.41 9.25 -1.67
N LEU A 87 12.75 8.52 -2.56
CA LEU A 87 13.01 7.09 -2.79
C LEU A 87 14.50 6.78 -2.87
N GLU A 88 14.96 5.63 -2.30
CA GLU A 88 16.37 5.18 -2.44
C GLU A 88 16.57 3.99 -3.40
N HIS A 89 15.51 3.23 -3.66
CA HIS A 89 15.59 2.02 -4.54
C HIS A 89 17.01 1.48 -4.77
N HIS A 90 17.34 0.40 -4.08
CA HIS A 90 18.63 -0.24 -4.33
C HIS A 90 18.42 -1.35 -5.35
N ASP A 2 14.27 1.57 3.40
CA ASP A 2 13.47 2.53 2.58
C ASP A 2 12.77 1.80 1.45
N ASP A 3 13.48 1.11 0.55
CA ASP A 3 12.77 0.03 -0.13
C ASP A 3 12.12 -0.86 0.91
N GLU A 4 12.93 -1.44 1.78
CA GLU A 4 12.35 -2.33 2.76
C GLU A 4 11.55 -1.55 3.81
N GLU A 5 11.92 -0.29 4.07
CA GLU A 5 11.09 0.51 4.98
C GLU A 5 9.77 0.90 4.30
N ILE A 6 9.77 1.02 2.97
CA ILE A 6 8.50 1.17 2.25
C ILE A 6 7.68 -0.11 2.36
N GLU A 7 8.32 -1.24 2.09
CA GLU A 7 7.60 -2.52 2.10
C GLU A 7 7.01 -2.81 3.47
N LYS A 8 7.73 -2.49 4.53
CA LYS A 8 7.24 -2.72 5.89
C LYS A 8 6.11 -1.76 6.26
N GLY A 9 6.26 -0.49 5.89
CA GLY A 9 5.25 0.49 6.22
C GLY A 9 3.92 0.24 5.52
N VAL A 10 3.95 -0.12 4.24
CA VAL A 10 2.73 -0.40 3.50
C VAL A 10 2.08 -1.67 4.05
N THR A 11 2.89 -2.70 4.31
CA THR A 11 2.34 -3.92 4.90
C THR A 11 1.60 -3.62 6.19
N SER A 12 2.23 -2.83 7.07
CA SER A 12 1.64 -2.54 8.37
C SER A 12 0.31 -1.80 8.23
N ILE A 13 0.21 -0.89 7.26
CA ILE A 13 -1.04 -0.17 7.05
C ILE A 13 -2.12 -1.11 6.52
N VAL A 14 -1.79 -1.95 5.53
CA VAL A 14 -2.78 -2.84 4.97
C VAL A 14 -3.25 -3.83 6.03
N ALA A 15 -2.32 -4.32 6.87
CA ALA A 15 -2.68 -5.17 8.01
C ALA A 15 -3.64 -4.46 8.96
N GLU A 16 -3.35 -3.19 9.28
CA GLU A 16 -4.17 -2.40 10.19
C GLU A 16 -5.60 -2.26 9.66
N VAL A 17 -5.75 -1.75 8.42
CA VAL A 17 -7.10 -1.49 7.90
C VAL A 17 -7.88 -2.79 7.72
N THR A 18 -7.20 -3.87 7.37
CA THR A 18 -7.88 -5.12 7.07
C THR A 18 -8.01 -6.04 8.29
N GLU A 19 -7.37 -5.67 9.39
CA GLU A 19 -7.44 -6.43 10.64
C GLU A 19 -6.91 -7.84 10.45
N LEU A 20 -5.80 -7.94 9.73
CA LEU A 20 -5.10 -9.19 9.47
C LEU A 20 -3.66 -9.09 9.97
N ASP A 21 -2.97 -10.23 10.01
CA ASP A 21 -1.62 -10.27 10.55
C ASP A 21 -0.59 -9.85 9.48
N GLU A 22 0.43 -9.07 9.91
CA GLU A 22 1.48 -8.57 9.01
C GLU A 22 2.12 -9.71 8.21
N LYS A 23 2.51 -10.79 8.90
CA LYS A 23 3.16 -11.89 8.20
C LYS A 23 2.21 -12.51 7.19
N GLU A 24 0.94 -12.67 7.55
CA GLU A 24 0.03 -13.34 6.64
C GLU A 24 -0.20 -12.50 5.39
N ILE A 25 -0.29 -11.17 5.58
CA ILE A 25 -0.55 -10.26 4.48
C ILE A 25 0.66 -10.22 3.54
N TRP A 26 1.86 -10.25 4.13
CA TRP A 26 3.07 -10.34 3.32
C TRP A 26 3.12 -11.62 2.49
N GLU A 27 2.76 -12.77 3.09
CA GLU A 27 2.74 -14.01 2.31
C GLU A 27 1.82 -13.89 1.09
N LYS A 28 0.70 -13.20 1.23
CA LYS A 28 -0.27 -13.02 0.16
C LYS A 28 -0.03 -11.72 -0.60
N ARG A 29 1.21 -11.26 -0.68
CA ARG A 29 1.48 -9.94 -1.24
C ARG A 29 1.03 -9.81 -2.70
N ASP A 30 1.01 -10.90 -3.45
CA ASP A 30 0.66 -10.84 -4.86
C ASP A 30 -0.79 -11.19 -5.15
N ALA A 31 -1.63 -11.36 -4.13
CA ALA A 31 -3.05 -11.67 -4.33
C ALA A 31 -3.86 -10.39 -4.55
N ASN A 32 -5.05 -10.54 -5.16
CA ASN A 32 -6.00 -9.44 -5.33
C ASN A 32 -6.68 -9.07 -4.01
N PHE A 33 -6.83 -7.77 -3.78
CA PHE A 33 -7.41 -7.28 -2.53
C PHE A 33 -8.88 -7.69 -2.41
N PHE A 34 -9.59 -7.71 -3.53
CA PHE A 34 -11.03 -7.84 -3.51
C PHE A 34 -11.48 -9.30 -3.55
N GLN A 35 -10.83 -10.16 -4.35
CA GLN A 35 -11.23 -11.55 -4.47
C GLN A 35 -10.39 -12.48 -3.60
N ASP A 36 -9.44 -11.95 -2.80
CA ASP A 36 -8.72 -12.78 -1.84
C ASP A 36 -8.67 -12.23 -0.42
N LEU A 37 -8.40 -10.95 -0.23
CA LEU A 37 -8.24 -10.45 1.14
C LEU A 37 -9.58 -10.05 1.72
N GLU A 38 -10.62 -10.02 0.87
CA GLU A 38 -12.03 -9.94 1.26
C GLU A 38 -12.29 -8.62 1.99
N ILE A 39 -13.02 -7.75 1.31
CA ILE A 39 -12.70 -6.33 1.35
C ILE A 39 -13.78 -5.46 0.71
N ASP A 40 -13.57 -4.13 0.79
CA ASP A 40 -14.47 -3.08 0.30
C ASP A 40 -13.70 -2.12 -0.62
N SER A 41 -14.38 -1.10 -1.17
CA SER A 41 -13.65 0.00 -1.79
C SER A 41 -13.39 1.12 -0.78
N LEU A 42 -14.20 1.18 0.28
CA LEU A 42 -13.88 2.04 1.42
C LEU A 42 -12.53 1.69 2.05
N LEU A 43 -12.21 0.39 2.10
CA LEU A 43 -10.95 0.00 2.72
C LEU A 43 -9.77 0.52 1.90
N ALA A 44 -9.90 0.51 0.57
CA ALA A 44 -8.80 0.98 -0.27
C ALA A 44 -8.59 2.47 -0.10
N LEU A 45 -9.69 3.22 -0.06
CA LEU A 45 -9.58 4.63 0.27
C LEU A 45 -8.84 4.83 1.58
N GLU A 46 -9.07 3.98 2.57
CA GLU A 46 -8.43 4.21 3.85
C GLU A 46 -6.94 3.87 3.78
N ILE A 47 -6.60 2.81 3.05
CA ILE A 47 -5.19 2.48 2.82
C ILE A 47 -4.49 3.69 2.21
N LEU A 48 -5.07 4.25 1.15
CA LEU A 48 -4.47 5.40 0.48
C LEU A 48 -4.20 6.54 1.46
N ALA A 49 -5.19 6.88 2.29
CA ALA A 49 -5.04 8.02 3.20
C ALA A 49 -3.94 7.77 4.20
N LEU A 50 -3.87 6.56 4.75
CA LEU A 50 -2.84 6.22 5.71
C LEU A 50 -1.45 6.23 5.07
N ILE A 51 -1.35 5.88 3.78
CA ILE A 51 -0.04 5.88 3.13
C ILE A 51 0.44 7.31 2.94
N GLU A 52 -0.37 8.13 2.26
CA GLU A 52 -0.06 9.57 2.19
C GLU A 52 0.53 10.03 3.52
N LYS A 53 -0.23 9.80 4.59
CA LYS A 53 0.10 10.27 5.92
C LYS A 53 1.46 9.78 6.41
N LYS A 54 1.67 8.46 6.52
CA LYS A 54 2.85 7.96 7.25
C LYS A 54 4.14 8.35 6.54
N PHE A 55 4.13 8.35 5.22
CA PHE A 55 5.31 8.64 4.43
C PHE A 55 5.43 10.13 4.12
N LYS A 56 4.29 10.82 4.03
CA LYS A 56 4.15 12.28 3.91
C LYS A 56 4.08 12.68 2.44
N VAL A 57 3.01 12.24 1.77
CA VAL A 57 2.86 12.46 0.33
C VAL A 57 1.39 12.75 0.03
N GLN A 58 1.12 13.25 -1.18
CA GLN A 58 -0.21 13.19 -1.75
C GLN A 58 -0.24 12.20 -2.91
N ILE A 59 -1.29 11.39 -2.96
CA ILE A 59 -1.48 10.41 -4.01
C ILE A 59 -2.75 10.79 -4.77
N PRO A 60 -2.67 11.03 -6.08
CA PRO A 60 -3.88 11.39 -6.82
C PRO A 60 -5.00 10.37 -6.63
N GLU A 61 -6.22 10.89 -6.48
CA GLU A 61 -7.41 10.05 -6.33
C GLU A 61 -7.45 8.93 -7.36
N GLU A 62 -7.05 9.21 -8.61
CA GLU A 62 -7.18 8.20 -9.66
C GLU A 62 -6.45 6.91 -9.32
N LYS A 63 -5.28 6.98 -8.70
CA LYS A 63 -4.49 5.79 -8.39
C LYS A 63 -5.14 4.89 -7.34
N LEU A 64 -6.43 5.09 -7.05
CA LEU A 64 -7.24 4.04 -6.40
C LEU A 64 -7.72 3.01 -7.40
N VAL A 65 -7.45 3.21 -8.69
CA VAL A 65 -7.87 2.23 -9.70
C VAL A 65 -6.76 1.22 -9.91
N ASP A 66 -5.65 1.40 -9.20
CA ASP A 66 -4.48 0.54 -9.33
C ASP A 66 -4.02 -0.03 -7.98
N ILE A 67 -4.84 0.07 -6.92
CA ILE A 67 -4.53 -0.51 -5.61
C ILE A 67 -5.15 -1.90 -5.50
N THR A 68 -4.58 -2.88 -6.19
CA THR A 68 -5.21 -4.18 -6.36
C THR A 68 -4.57 -5.31 -5.56
N SER A 69 -3.35 -5.11 -5.07
CA SER A 69 -2.66 -6.10 -4.24
C SER A 69 -1.69 -5.37 -3.33
N LEU A 70 -1.10 -6.10 -2.38
CA LEU A 70 -0.06 -5.48 -1.58
C LEU A 70 1.11 -5.05 -2.47
N SER A 71 1.52 -5.92 -3.41
CA SER A 71 2.66 -5.59 -4.24
C SER A 71 2.35 -4.42 -5.17
N ALA A 72 1.13 -4.37 -5.72
CA ALA A 72 0.70 -3.19 -6.47
C ALA A 72 0.69 -1.95 -5.60
N THR A 73 0.25 -2.07 -4.36
CA THR A 73 0.18 -0.91 -3.48
C THR A 73 1.58 -0.42 -3.12
N ILE A 74 2.47 -1.37 -2.78
CA ILE A 74 3.87 -1.04 -2.56
C ILE A 74 4.47 -0.34 -3.77
N GLY A 75 4.20 -0.87 -4.97
CA GLY A 75 4.75 -0.29 -6.17
C GLY A 75 4.25 1.13 -6.42
N LEU A 76 2.96 1.36 -6.17
CA LEU A 76 2.42 2.70 -6.28
C LEU A 76 3.12 3.65 -5.33
N THR A 77 3.35 3.19 -4.10
CA THR A 77 3.97 4.03 -3.10
C THR A 77 5.41 4.36 -3.52
N LYS A 78 6.12 3.38 -4.08
CA LYS A 78 7.48 3.64 -4.57
C LYS A 78 7.48 4.67 -5.71
N SER A 79 6.61 4.48 -6.71
CA SER A 79 6.51 5.43 -7.82
C SER A 79 6.20 6.86 -7.35
N VAL A 80 5.23 7.03 -6.44
CA VAL A 80 4.90 8.39 -6.02
C VAL A 80 6.01 8.93 -5.13
N LEU A 81 6.74 8.06 -4.44
CA LEU A 81 7.89 8.54 -3.71
C LEU A 81 9.02 8.97 -4.68
N ALA A 82 9.16 8.28 -5.81
CA ALA A 82 10.14 8.68 -6.82
C ALA A 82 9.76 10.01 -7.46
N GLU A 83 8.45 10.20 -7.73
CA GLU A 83 7.91 11.51 -8.07
C GLU A 83 8.41 12.62 -7.17
N SER A 84 8.48 12.37 -5.87
CA SER A 84 8.74 13.41 -4.88
C SER A 84 10.22 13.57 -4.59
N GLY A 85 11.08 12.76 -5.22
CA GLY A 85 12.49 12.77 -4.85
C GLY A 85 12.79 12.29 -3.45
N LYS A 86 12.02 11.31 -2.93
CA LYS A 86 12.25 10.82 -1.58
C LYS A 86 12.57 9.30 -1.53
N LEU A 87 12.61 8.63 -2.68
CA LEU A 87 12.91 7.20 -2.77
C LEU A 87 14.42 6.96 -2.85
N GLU A 88 14.95 5.93 -2.17
CA GLU A 88 16.36 5.52 -2.43
C GLU A 88 16.36 4.58 -3.64
N HIS A 89 16.07 3.30 -3.40
CA HIS A 89 16.10 2.23 -4.42
C HIS A 89 17.49 1.87 -4.96
N HIS A 90 17.85 0.60 -4.98
CA HIS A 90 19.17 0.18 -5.46
C HIS A 90 19.11 -1.03 -6.39
N ASP A 2 15.29 1.85 3.05
CA ASP A 2 14.15 2.61 2.46
C ASP A 2 13.14 1.71 1.71
N ASP A 3 13.54 1.00 0.66
CA ASP A 3 12.64 0.01 0.08
C ASP A 3 12.14 -0.95 1.16
N GLU A 4 13.05 -1.46 1.98
CA GLU A 4 12.62 -2.18 3.18
C GLU A 4 11.64 -1.32 3.99
N GLU A 5 12.02 -0.07 4.27
CA GLU A 5 11.16 0.89 4.94
C GLU A 5 9.77 0.93 4.33
N ILE A 6 9.69 0.98 3.00
CA ILE A 6 8.38 1.15 2.37
C ILE A 6 7.60 -0.16 2.40
N GLU A 7 8.27 -1.27 2.14
CA GLU A 7 7.63 -2.58 2.24
C GLU A 7 7.00 -2.80 3.61
N LYS A 8 7.76 -2.50 4.66
CA LYS A 8 7.28 -2.67 6.04
C LYS A 8 6.12 -1.74 6.34
N GLY A 9 6.24 -0.49 5.94
CA GLY A 9 5.23 0.50 6.26
C GLY A 9 3.91 0.24 5.57
N VAL A 10 3.95 -0.13 4.29
CA VAL A 10 2.72 -0.41 3.55
C VAL A 10 2.08 -1.69 4.06
N THR A 11 2.90 -2.70 4.37
CA THR A 11 2.36 -3.93 4.95
C THR A 11 1.62 -3.63 6.24
N SER A 12 2.23 -2.83 7.11
CA SER A 12 1.62 -2.51 8.40
C SER A 12 0.28 -1.78 8.23
N ILE A 13 0.19 -0.88 7.25
CA ILE A 13 -1.07 -0.18 7.03
C ILE A 13 -2.15 -1.14 6.53
N VAL A 14 -1.83 -1.95 5.53
CA VAL A 14 -2.83 -2.87 4.98
C VAL A 14 -3.29 -3.84 6.05
N ALA A 15 -2.34 -4.37 6.85
CA ALA A 15 -2.68 -5.20 8.00
C ALA A 15 -3.67 -4.50 8.94
N GLU A 16 -3.40 -3.23 9.26
CA GLU A 16 -4.26 -2.49 10.18
C GLU A 16 -5.71 -2.40 9.66
N VAL A 17 -5.90 -2.03 8.37
CA VAL A 17 -7.29 -1.78 7.96
C VAL A 17 -7.99 -3.07 7.51
N THR A 18 -7.25 -4.12 7.19
CA THR A 18 -7.94 -5.38 6.97
C THR A 18 -8.09 -6.18 8.26
N GLU A 19 -7.46 -5.72 9.34
CA GLU A 19 -7.41 -6.44 10.60
C GLU A 19 -6.91 -7.87 10.38
N LEU A 20 -5.84 -7.99 9.60
CA LEU A 20 -5.13 -9.24 9.40
C LEU A 20 -3.71 -9.13 9.92
N ASP A 21 -3.04 -10.27 10.02
CA ASP A 21 -1.69 -10.32 10.56
C ASP A 21 -0.67 -9.86 9.51
N GLU A 22 0.34 -9.10 9.96
CA GLU A 22 1.33 -8.54 9.06
C GLU A 22 2.03 -9.63 8.24
N LYS A 23 2.33 -10.77 8.88
CA LYS A 23 3.05 -11.84 8.20
C LYS A 23 2.17 -12.52 7.17
N GLU A 24 0.89 -12.71 7.52
CA GLU A 24 -0.03 -13.38 6.61
C GLU A 24 -0.25 -12.52 5.37
N ILE A 25 -0.31 -11.21 5.57
CA ILE A 25 -0.55 -10.27 4.49
C ILE A 25 0.66 -10.24 3.56
N TRP A 26 1.86 -10.26 4.14
CA TRP A 26 3.07 -10.35 3.34
C TRP A 26 3.12 -11.65 2.52
N GLU A 27 2.79 -12.78 3.13
CA GLU A 27 2.81 -14.02 2.38
C GLU A 27 1.87 -13.97 1.18
N LYS A 28 0.76 -13.26 1.30
CA LYS A 28 -0.18 -13.11 0.21
C LYS A 28 -0.05 -11.75 -0.48
N ARG A 29 1.20 -11.28 -0.64
CA ARG A 29 1.42 -9.94 -1.17
C ARG A 29 1.03 -9.81 -2.64
N ASP A 30 1.11 -10.89 -3.41
CA ASP A 30 0.71 -10.83 -4.81
C ASP A 30 -0.77 -11.18 -5.02
N ALA A 31 -1.50 -11.51 -3.96
CA ALA A 31 -2.92 -11.84 -4.07
C ALA A 31 -3.78 -10.58 -4.19
N ASN A 32 -4.90 -10.71 -4.91
CA ASN A 32 -5.76 -9.58 -5.24
C ASN A 32 -6.66 -9.16 -4.08
N PHE A 33 -6.64 -7.87 -3.75
CA PHE A 33 -7.26 -7.37 -2.52
C PHE A 33 -8.72 -7.79 -2.42
N PHE A 34 -9.42 -7.83 -3.54
CA PHE A 34 -10.85 -7.96 -3.49
C PHE A 34 -11.31 -9.41 -3.38
N GLN A 35 -10.96 -10.27 -4.35
CA GLN A 35 -11.27 -11.69 -4.26
C GLN A 35 -10.06 -12.54 -3.87
N ASP A 36 -9.17 -12.01 -3.01
CA ASP A 36 -8.18 -12.83 -2.31
C ASP A 36 -7.96 -12.42 -0.86
N LEU A 37 -8.54 -11.29 -0.40
CA LEU A 37 -8.16 -10.69 0.87
C LEU A 37 -9.33 -10.05 1.60
N GLU A 38 -10.55 -10.16 1.08
CA GLU A 38 -11.75 -9.81 1.83
C GLU A 38 -11.75 -8.32 2.17
N ILE A 39 -11.97 -7.53 1.14
CA ILE A 39 -11.75 -6.11 1.21
C ILE A 39 -12.78 -5.41 0.33
N ASP A 40 -13.04 -4.13 0.63
CA ASP A 40 -14.20 -3.39 0.12
C ASP A 40 -13.75 -2.44 -0.99
N SER A 41 -14.23 -1.19 -0.95
CA SER A 41 -13.58 -0.09 -1.64
C SER A 41 -13.38 1.11 -0.71
N LEU A 42 -14.19 1.19 0.36
CA LEU A 42 -13.84 2.06 1.49
C LEU A 42 -12.50 1.69 2.11
N LEU A 43 -12.21 0.39 2.20
CA LEU A 43 -10.94 -0.02 2.78
C LEU A 43 -9.77 0.48 1.93
N ALA A 44 -9.92 0.46 0.60
CA ALA A 44 -8.85 0.93 -0.27
C ALA A 44 -8.61 2.42 -0.09
N LEU A 45 -9.70 3.19 -0.03
CA LEU A 45 -9.56 4.60 0.25
C LEU A 45 -8.85 4.83 1.58
N GLU A 46 -9.09 3.96 2.57
CA GLU A 46 -8.42 4.20 3.84
C GLU A 46 -6.94 3.85 3.76
N ILE A 47 -6.61 2.79 3.03
CA ILE A 47 -5.20 2.46 2.81
C ILE A 47 -4.49 3.67 2.21
N LEU A 48 -5.08 4.22 1.15
CA LEU A 48 -4.47 5.38 0.48
C LEU A 48 -4.22 6.52 1.46
N ALA A 49 -5.21 6.84 2.30
CA ALA A 49 -5.08 7.99 3.20
C ALA A 49 -3.96 7.77 4.20
N LEU A 50 -3.85 6.55 4.73
CA LEU A 50 -2.81 6.26 5.71
C LEU A 50 -1.41 6.24 5.08
N ILE A 51 -1.31 5.86 3.81
CA ILE A 51 -0.02 5.90 3.14
C ILE A 51 0.44 7.34 3.00
N GLU A 52 -0.47 8.22 2.57
CA GLU A 52 -0.17 9.64 2.49
C GLU A 52 0.40 10.16 3.81
N LYS A 53 -0.22 9.78 4.92
CA LYS A 53 0.27 10.22 6.21
C LYS A 53 1.63 9.61 6.53
N LYS A 54 1.75 8.28 6.41
CA LYS A 54 2.95 7.58 6.84
C LYS A 54 4.17 8.07 6.08
N PHE A 55 4.01 8.38 4.80
CA PHE A 55 5.13 8.67 3.92
C PHE A 55 5.19 10.15 3.51
N LYS A 56 4.44 11.01 4.21
CA LYS A 56 4.34 12.43 3.93
C LYS A 56 4.31 12.70 2.42
N VAL A 57 3.26 12.19 1.79
CA VAL A 57 3.16 12.13 0.34
C VAL A 57 1.70 12.29 -0.03
N GLN A 58 1.44 12.83 -1.21
CA GLN A 58 0.06 12.95 -1.69
C GLN A 58 -0.14 12.13 -2.96
N ILE A 59 -1.13 11.25 -2.93
CA ILE A 59 -1.41 10.34 -4.04
C ILE A 59 -2.59 10.92 -4.81
N PRO A 60 -2.55 10.96 -6.13
CA PRO A 60 -3.73 11.36 -6.89
C PRO A 60 -4.96 10.55 -6.47
N GLU A 61 -6.10 10.90 -7.05
CA GLU A 61 -7.35 10.23 -6.67
C GLU A 61 -7.67 9.08 -7.61
N GLU A 62 -7.41 9.25 -8.91
CA GLU A 62 -7.56 8.13 -9.83
C GLU A 62 -6.91 6.87 -9.30
N LYS A 63 -5.59 6.87 -9.15
CA LYS A 63 -4.83 5.64 -8.88
C LYS A 63 -5.39 4.81 -7.73
N LEU A 64 -6.55 5.19 -7.17
CA LEU A 64 -7.48 4.27 -6.52
C LEU A 64 -8.13 3.31 -7.50
N VAL A 65 -7.75 3.38 -8.77
CA VAL A 65 -8.41 2.58 -9.80
C VAL A 65 -7.44 1.55 -10.34
N ASP A 66 -6.67 0.91 -9.43
CA ASP A 66 -5.46 0.17 -9.75
C ASP A 66 -4.78 -0.45 -8.51
N ILE A 67 -5.24 -0.08 -7.30
CA ILE A 67 -4.67 -0.51 -6.03
C ILE A 67 -5.28 -1.86 -5.64
N THR A 68 -4.67 -2.94 -6.13
CA THR A 68 -5.33 -4.23 -6.24
C THR A 68 -4.64 -5.36 -5.47
N SER A 69 -3.44 -5.12 -4.93
CA SER A 69 -2.73 -6.11 -4.13
C SER A 69 -1.71 -5.37 -3.28
N LEU A 70 -1.15 -6.08 -2.29
CA LEU A 70 -0.08 -5.45 -1.53
C LEU A 70 1.07 -5.05 -2.46
N SER A 71 1.45 -5.95 -3.36
CA SER A 71 2.60 -5.67 -4.22
C SER A 71 2.31 -4.49 -5.16
N ALA A 72 1.08 -4.39 -5.66
CA ALA A 72 0.70 -3.21 -6.45
C ALA A 72 0.68 -1.96 -5.59
N THR A 73 0.24 -2.07 -4.35
CA THR A 73 0.18 -0.90 -3.47
C THR A 73 1.58 -0.42 -3.14
N ILE A 74 2.48 -1.37 -2.86
CA ILE A 74 3.88 -1.04 -2.63
C ILE A 74 4.48 -0.33 -3.83
N GLY A 75 4.25 -0.87 -5.03
CA GLY A 75 4.77 -0.26 -6.24
C GLY A 75 4.27 1.16 -6.42
N LEU A 76 2.98 1.38 -6.14
CA LEU A 76 2.44 2.73 -6.23
C LEU A 76 3.15 3.66 -5.26
N THR A 77 3.37 3.20 -4.04
CA THR A 77 4.01 4.03 -3.03
C THR A 77 5.43 4.37 -3.47
N LYS A 78 6.14 3.38 -4.02
CA LYS A 78 7.49 3.63 -4.54
C LYS A 78 7.49 4.68 -5.66
N SER A 79 6.65 4.49 -6.67
CA SER A 79 6.51 5.45 -7.77
C SER A 79 6.21 6.86 -7.28
N VAL A 80 5.25 7.02 -6.35
CA VAL A 80 4.92 8.36 -5.88
C VAL A 80 6.07 8.92 -5.07
N LEU A 81 6.78 8.07 -4.33
CA LEU A 81 7.98 8.54 -3.65
C LEU A 81 9.03 9.02 -4.65
N ALA A 82 9.18 8.28 -5.77
CA ALA A 82 10.17 8.67 -6.79
C ALA A 82 9.78 9.99 -7.45
N GLU A 83 8.48 10.18 -7.71
CA GLU A 83 7.92 11.49 -8.05
C GLU A 83 8.41 12.59 -7.13
N SER A 84 8.55 12.30 -5.84
CA SER A 84 8.77 13.32 -4.82
C SER A 84 10.25 13.54 -4.53
N GLY A 85 11.14 12.85 -5.23
CA GLY A 85 12.55 12.87 -4.85
C GLY A 85 12.80 12.27 -3.48
N LYS A 86 12.05 11.23 -3.11
CA LYS A 86 12.06 10.72 -1.75
C LYS A 86 12.56 9.27 -1.66
N LEU A 87 12.62 8.57 -2.78
CA LEU A 87 12.93 7.13 -2.84
C LEU A 87 14.44 6.90 -2.89
N GLU A 88 15.00 5.98 -2.07
CA GLU A 88 16.41 5.61 -2.31
C GLU A 88 16.40 4.67 -3.52
N HIS A 89 16.02 3.43 -3.27
CA HIS A 89 15.93 2.33 -4.25
C HIS A 89 17.26 1.76 -4.73
N HIS A 90 17.32 0.44 -4.83
CA HIS A 90 18.56 -0.20 -5.26
C HIS A 90 18.39 -1.71 -5.44
N ASP A 2 15.40 2.81 2.02
CA ASP A 2 14.08 3.26 1.59
C ASP A 2 13.18 2.05 1.31
N ASP A 3 13.57 1.17 0.39
CA ASP A 3 12.65 0.10 -0.03
C ASP A 3 12.22 -0.82 1.12
N GLU A 4 13.16 -1.22 1.98
CA GLU A 4 12.80 -1.92 3.21
C GLU A 4 11.67 -1.20 3.95
N GLU A 5 11.90 0.07 4.28
CA GLU A 5 10.93 0.83 5.06
C GLU A 5 9.62 0.96 4.32
N ILE A 6 9.68 1.03 2.99
CA ILE A 6 8.46 1.15 2.20
C ILE A 6 7.64 -0.12 2.32
N GLU A 7 8.28 -1.28 2.13
CA GLU A 7 7.59 -2.56 2.23
C GLU A 7 7.00 -2.79 3.61
N LYS A 8 7.77 -2.52 4.67
CA LYS A 8 7.29 -2.72 6.03
C LYS A 8 6.13 -1.78 6.36
N GLY A 9 6.25 -0.53 5.93
CA GLY A 9 5.25 0.46 6.25
C GLY A 9 3.92 0.22 5.55
N VAL A 10 3.96 -0.14 4.27
CA VAL A 10 2.72 -0.41 3.54
C VAL A 10 2.08 -1.69 4.06
N THR A 11 2.90 -2.70 4.40
CA THR A 11 2.35 -3.92 4.99
C THR A 11 1.63 -3.63 6.29
N SER A 12 2.24 -2.81 7.15
CA SER A 12 1.62 -2.50 8.44
C SER A 12 0.28 -1.78 8.25
N ILE A 13 0.20 -0.89 7.27
CA ILE A 13 -1.06 -0.17 7.02
C ILE A 13 -2.14 -1.11 6.51
N VAL A 14 -1.81 -1.94 5.52
CA VAL A 14 -2.81 -2.85 4.97
C VAL A 14 -3.28 -3.83 6.05
N ALA A 15 -2.33 -4.33 6.86
CA ALA A 15 -2.68 -5.18 8.01
C ALA A 15 -3.65 -4.48 8.98
N GLU A 16 -3.34 -3.26 9.39
CA GLU A 16 -4.19 -2.55 10.36
C GLU A 16 -5.58 -2.29 9.78
N VAL A 17 -5.64 -1.84 8.52
CA VAL A 17 -6.93 -1.53 7.92
C VAL A 17 -7.78 -2.78 7.73
N THR A 18 -7.18 -3.87 7.28
CA THR A 18 -7.90 -5.09 7.01
C THR A 18 -8.01 -6.00 8.23
N GLU A 19 -7.41 -5.61 9.35
CA GLU A 19 -7.46 -6.38 10.59
C GLU A 19 -6.93 -7.79 10.39
N LEU A 20 -5.81 -7.89 9.68
CA LEU A 20 -5.13 -9.16 9.42
C LEU A 20 -3.71 -9.10 9.93
N ASP A 21 -3.04 -10.25 9.94
CA ASP A 21 -1.69 -10.36 10.47
C ASP A 21 -0.67 -9.87 9.43
N GLU A 22 0.34 -9.11 9.88
CA GLU A 22 1.31 -8.58 8.91
C GLU A 22 2.05 -9.69 8.19
N LYS A 23 2.43 -10.76 8.91
CA LYS A 23 3.07 -11.92 8.30
C LYS A 23 2.18 -12.50 7.19
N GLU A 24 0.88 -12.62 7.47
CA GLU A 24 -0.04 -13.24 6.51
C GLU A 24 -0.24 -12.35 5.29
N ILE A 25 -0.45 -11.05 5.51
CA ILE A 25 -0.56 -10.09 4.43
C ILE A 25 0.66 -10.21 3.51
N TRP A 26 1.84 -10.26 4.11
CA TRP A 26 3.07 -10.36 3.31
C TRP A 26 3.10 -11.65 2.49
N GLU A 27 2.72 -12.79 3.08
CA GLU A 27 2.66 -14.02 2.32
C GLU A 27 1.75 -13.91 1.10
N LYS A 28 0.66 -13.17 1.21
CA LYS A 28 -0.30 -13.03 0.13
C LYS A 28 -0.12 -11.69 -0.59
N ARG A 29 1.13 -11.24 -0.73
CA ARG A 29 1.38 -9.94 -1.34
C ARG A 29 0.94 -9.88 -2.81
N ASP A 30 0.80 -11.02 -3.48
CA ASP A 30 0.20 -11.05 -4.81
C ASP A 30 -1.28 -11.40 -4.80
N ALA A 31 -1.84 -11.81 -3.67
CA ALA A 31 -3.27 -12.04 -3.61
C ALA A 31 -3.98 -10.76 -4.05
N ASN A 32 -5.05 -10.93 -4.82
CA ASN A 32 -5.85 -9.80 -5.26
C ASN A 32 -6.77 -9.34 -4.13
N PHE A 33 -6.99 -8.03 -4.02
CA PHE A 33 -7.64 -7.49 -2.84
C PHE A 33 -9.16 -7.69 -2.89
N PHE A 34 -9.75 -7.53 -4.07
CA PHE A 34 -11.21 -7.49 -4.15
C PHE A 34 -11.83 -8.89 -4.19
N GLN A 35 -11.11 -9.88 -4.73
CA GLN A 35 -11.52 -11.27 -4.56
C GLN A 35 -10.37 -12.14 -4.08
N ASP A 36 -9.82 -11.83 -2.90
CA ASP A 36 -9.15 -12.77 -2.02
C ASP A 36 -9.34 -12.42 -0.55
N LEU A 37 -9.40 -11.13 -0.20
CA LEU A 37 -9.32 -10.71 1.19
C LEU A 37 -10.62 -10.09 1.70
N GLU A 38 -11.30 -9.31 0.88
CA GLU A 38 -12.53 -8.58 1.25
C GLU A 38 -12.18 -7.12 1.55
N ILE A 39 -11.37 -6.54 0.66
CA ILE A 39 -10.99 -5.14 0.70
C ILE A 39 -12.01 -4.32 -0.10
N ASP A 40 -12.74 -3.46 0.60
CA ASP A 40 -13.68 -2.52 0.03
C ASP A 40 -12.93 -1.32 -0.55
N SER A 41 -13.58 -0.65 -1.52
CA SER A 41 -13.11 0.68 -1.92
C SER A 41 -13.08 1.64 -0.74
N LEU A 42 -14.00 1.47 0.23
CA LEU A 42 -13.82 2.16 1.51
C LEU A 42 -12.50 1.75 2.16
N LEU A 43 -12.22 0.45 2.19
CA LEU A 43 -10.95 0.00 2.76
C LEU A 43 -9.77 0.51 1.92
N ALA A 44 -9.91 0.48 0.59
CA ALA A 44 -8.82 0.96 -0.26
C ALA A 44 -8.59 2.45 -0.06
N LEU A 45 -9.68 3.20 0.04
CA LEU A 45 -9.58 4.61 0.38
C LEU A 45 -8.85 4.82 1.70
N GLU A 46 -9.11 3.95 2.69
CA GLU A 46 -8.43 4.13 3.96
C GLU A 46 -6.95 3.81 3.85
N ILE A 47 -6.62 2.81 3.04
CA ILE A 47 -5.21 2.47 2.80
C ILE A 47 -4.51 3.66 2.19
N LEU A 48 -5.09 4.21 1.13
CA LEU A 48 -4.47 5.36 0.46
C LEU A 48 -4.22 6.50 1.45
N ALA A 49 -5.22 6.81 2.28
CA ALA A 49 -5.10 7.95 3.19
C ALA A 49 -3.96 7.75 4.17
N LEU A 50 -3.84 6.54 4.72
CA LEU A 50 -2.80 6.27 5.71
C LEU A 50 -1.42 6.23 5.05
N ILE A 51 -1.33 5.81 3.79
CA ILE A 51 -0.05 5.87 3.08
C ILE A 51 0.38 7.31 2.94
N GLU A 52 -0.52 8.15 2.42
CA GLU A 52 -0.25 9.59 2.33
C GLU A 52 0.26 10.13 3.65
N LYS A 53 -0.43 9.77 4.73
CA LYS A 53 -0.06 10.25 6.05
C LYS A 53 1.35 9.77 6.42
N LYS A 54 1.61 8.46 6.30
CA LYS A 54 2.85 7.89 6.84
C LYS A 54 4.06 8.27 6.00
N PHE A 55 3.88 8.38 4.68
CA PHE A 55 4.99 8.67 3.78
C PHE A 55 5.01 10.13 3.34
N LYS A 56 4.32 10.98 4.10
CA LYS A 56 4.37 12.44 3.99
C LYS A 56 4.29 12.85 2.52
N VAL A 57 3.38 12.15 1.83
CA VAL A 57 3.34 12.15 0.37
C VAL A 57 1.90 12.41 -0.04
N GLN A 58 1.73 12.99 -1.21
CA GLN A 58 0.41 13.16 -1.79
C GLN A 58 0.22 12.13 -2.89
N ILE A 59 -1.03 11.79 -3.15
CA ILE A 59 -1.40 10.76 -4.12
C ILE A 59 -2.73 11.20 -4.70
N PRO A 60 -2.86 11.40 -6.02
CA PRO A 60 -4.14 11.88 -6.58
C PRO A 60 -5.32 11.00 -6.22
N GLU A 61 -6.26 10.86 -7.15
CA GLU A 61 -7.46 10.07 -6.88
C GLU A 61 -7.56 8.88 -7.83
N GLU A 62 -7.50 9.15 -9.15
CA GLU A 62 -7.45 8.09 -10.16
C GLU A 62 -6.88 6.79 -9.64
N LYS A 63 -5.56 6.72 -9.40
CA LYS A 63 -4.94 5.46 -9.01
C LYS A 63 -5.53 4.87 -7.73
N LEU A 64 -6.71 5.37 -7.30
CA LEU A 64 -7.71 4.62 -6.53
C LEU A 64 -8.58 3.75 -7.42
N VAL A 65 -8.39 3.80 -8.74
CA VAL A 65 -8.96 2.78 -9.60
C VAL A 65 -8.00 1.62 -9.72
N ASP A 66 -6.92 1.64 -8.93
CA ASP A 66 -5.80 0.71 -9.04
C ASP A 66 -4.91 0.65 -7.79
N ILE A 67 -5.47 0.23 -6.65
CA ILE A 67 -4.79 -0.08 -5.38
C ILE A 67 -5.41 -1.41 -4.89
N THR A 68 -4.75 -2.53 -5.22
CA THR A 68 -5.46 -3.78 -5.49
C THR A 68 -4.73 -5.07 -5.09
N SER A 69 -3.43 -5.01 -4.88
CA SER A 69 -2.71 -6.06 -4.17
C SER A 69 -1.67 -5.37 -3.31
N LEU A 70 -1.09 -6.10 -2.37
CA LEU A 70 -0.05 -5.47 -1.56
C LEU A 70 1.11 -5.05 -2.45
N SER A 71 1.52 -5.93 -3.37
CA SER A 71 2.66 -5.62 -4.21
C SER A 71 2.34 -4.46 -5.16
N ALA A 72 1.12 -4.41 -5.71
CA ALA A 72 0.70 -3.25 -6.48
C ALA A 72 0.70 -1.98 -5.63
N THR A 73 0.25 -2.08 -4.38
CA THR A 73 0.18 -0.91 -3.51
C THR A 73 1.57 -0.43 -3.14
N ILE A 74 2.48 -1.37 -2.84
CA ILE A 74 3.86 -1.02 -2.61
C ILE A 74 4.45 -0.33 -3.83
N GLY A 75 4.20 -0.89 -5.02
CA GLY A 75 4.71 -0.28 -6.24
C GLY A 75 4.23 1.14 -6.41
N LEU A 76 2.95 1.37 -6.15
CA LEU A 76 2.42 2.73 -6.23
C LEU A 76 3.17 3.65 -5.28
N THR A 77 3.36 3.21 -4.05
CA THR A 77 4.00 4.04 -3.05
C THR A 77 5.44 4.37 -3.50
N LYS A 78 6.13 3.37 -4.07
CA LYS A 78 7.48 3.63 -4.62
C LYS A 78 7.44 4.67 -5.75
N SER A 79 6.52 4.50 -6.72
CA SER A 79 6.27 5.51 -7.75
C SER A 79 6.16 6.92 -7.20
N VAL A 80 5.20 7.17 -6.29
CA VAL A 80 4.95 8.55 -5.86
C VAL A 80 6.10 9.06 -5.00
N LEU A 81 6.78 8.16 -4.30
CA LEU A 81 7.96 8.61 -3.58
C LEU A 81 9.06 9.05 -4.55
N ALA A 82 9.21 8.34 -5.67
CA ALA A 82 10.20 8.72 -6.68
C ALA A 82 9.84 10.05 -7.35
N GLU A 83 8.54 10.31 -7.49
CA GLU A 83 8.03 11.62 -7.91
C GLU A 83 8.48 12.74 -6.98
N SER A 84 8.58 12.48 -5.69
CA SER A 84 8.85 13.51 -4.70
C SER A 84 10.34 13.61 -4.36
N GLY A 85 11.20 12.91 -5.10
CA GLY A 85 12.61 12.93 -4.81
C GLY A 85 13.01 12.18 -3.56
N LYS A 86 12.15 11.27 -3.09
CA LYS A 86 12.32 10.65 -1.79
C LYS A 86 12.98 9.27 -1.90
N LEU A 87 12.56 8.46 -2.85
CA LEU A 87 12.97 7.06 -3.00
C LEU A 87 14.49 6.94 -3.05
N GLU A 88 15.08 6.01 -2.28
CA GLU A 88 16.50 5.68 -2.48
C GLU A 88 16.57 4.78 -3.72
N HIS A 89 15.91 3.64 -3.56
CA HIS A 89 15.82 2.45 -4.42
C HIS A 89 17.10 1.70 -4.79
N HIS A 90 17.03 0.40 -4.57
CA HIS A 90 18.06 -0.53 -5.02
C HIS A 90 17.34 -1.74 -5.62
N ASP A 2 15.72 1.74 0.51
CA ASP A 2 14.31 2.14 0.64
C ASP A 2 13.28 1.08 0.59
N ASP A 3 13.51 0.11 -0.29
CA ASP A 3 12.55 -0.96 -0.45
C ASP A 3 12.00 -1.36 0.90
N GLU A 4 12.89 -1.62 1.85
CA GLU A 4 12.51 -2.30 3.08
C GLU A 4 11.56 -1.45 3.92
N GLU A 5 11.91 -0.17 4.15
CA GLU A 5 11.06 0.68 4.96
C GLU A 5 9.70 0.88 4.32
N ILE A 6 9.66 1.05 3.00
CA ILE A 6 8.38 1.23 2.33
C ILE A 6 7.60 -0.07 2.35
N GLU A 7 8.29 -1.19 2.14
CA GLU A 7 7.62 -2.49 2.16
C GLU A 7 7.01 -2.78 3.53
N LYS A 8 7.73 -2.50 4.61
CA LYS A 8 7.19 -2.78 5.94
C LYS A 8 6.11 -1.77 6.32
N GLY A 9 6.30 -0.51 5.91
CA GLY A 9 5.29 0.49 6.17
C GLY A 9 3.96 0.23 5.50
N VAL A 10 3.99 -0.16 4.22
CA VAL A 10 2.74 -0.41 3.50
C VAL A 10 2.08 -1.67 4.05
N THR A 11 2.86 -2.73 4.28
CA THR A 11 2.33 -3.94 4.90
C THR A 11 1.62 -3.61 6.21
N SER A 12 2.27 -2.82 7.06
CA SER A 12 1.72 -2.44 8.34
C SER A 12 0.36 -1.75 8.18
N ILE A 13 0.23 -0.88 7.19
CA ILE A 13 -1.03 -0.16 6.99
C ILE A 13 -2.11 -1.11 6.48
N VAL A 14 -1.78 -1.94 5.51
CA VAL A 14 -2.78 -2.84 4.95
C VAL A 14 -3.26 -3.80 6.03
N ALA A 15 -2.34 -4.28 6.88
CA ALA A 15 -2.68 -5.15 8.00
C ALA A 15 -3.69 -4.50 8.96
N GLU A 16 -3.42 -3.27 9.42
CA GLU A 16 -4.35 -2.69 10.39
C GLU A 16 -5.71 -2.41 9.74
N VAL A 17 -5.73 -1.92 8.50
CA VAL A 17 -7.01 -1.64 7.83
C VAL A 17 -7.80 -2.92 7.60
N THR A 18 -7.14 -3.98 7.18
CA THR A 18 -7.83 -5.24 6.88
C THR A 18 -7.99 -6.13 8.11
N GLU A 19 -7.45 -5.70 9.24
CA GLU A 19 -7.48 -6.44 10.50
C GLU A 19 -6.96 -7.87 10.29
N LEU A 20 -5.85 -8.00 9.58
CA LEU A 20 -5.12 -9.25 9.39
C LEU A 20 -3.69 -9.11 9.87
N ASP A 21 -3.02 -10.26 10.00
CA ASP A 21 -1.66 -10.31 10.53
C ASP A 21 -0.64 -9.85 9.48
N GLU A 22 0.39 -9.08 9.90
CA GLU A 22 1.35 -8.56 8.92
C GLU A 22 2.07 -9.68 8.17
N LYS A 23 2.44 -10.76 8.87
CA LYS A 23 3.11 -11.87 8.19
C LYS A 23 2.20 -12.51 7.14
N GLU A 24 0.91 -12.69 7.48
CA GLU A 24 0.04 -13.39 6.55
C GLU A 24 -0.22 -12.56 5.30
N ILE A 25 -0.36 -11.24 5.45
CA ILE A 25 -0.63 -10.39 4.31
C ILE A 25 0.63 -10.26 3.46
N TRP A 26 1.80 -10.28 4.11
CA TRP A 26 3.04 -10.37 3.33
C TRP A 26 3.09 -11.65 2.50
N GLU A 27 2.69 -12.78 3.07
CA GLU A 27 2.65 -14.01 2.28
C GLU A 27 1.74 -13.89 1.06
N LYS A 28 0.63 -13.19 1.19
CA LYS A 28 -0.32 -13.01 0.09
C LYS A 28 -0.11 -11.69 -0.62
N ARG A 29 1.15 -11.23 -0.72
CA ARG A 29 1.43 -9.94 -1.34
C ARG A 29 1.06 -9.90 -2.82
N ASP A 30 1.13 -11.03 -3.53
CA ASP A 30 0.72 -11.11 -4.91
C ASP A 30 -0.80 -11.22 -5.07
N ALA A 31 -1.49 -11.70 -4.05
CA ALA A 31 -2.92 -11.99 -4.13
C ALA A 31 -3.70 -10.72 -4.45
N ASN A 32 -4.98 -10.90 -4.78
CA ASN A 32 -5.82 -9.78 -5.22
C ASN A 32 -6.68 -9.27 -4.06
N PHE A 33 -6.77 -7.94 -3.93
CA PHE A 33 -7.52 -7.35 -2.84
C PHE A 33 -9.02 -7.50 -3.05
N PHE A 34 -9.50 -7.24 -4.27
CA PHE A 34 -10.94 -7.27 -4.48
C PHE A 34 -11.49 -8.69 -4.52
N GLN A 35 -10.76 -9.65 -5.12
CA GLN A 35 -11.22 -11.04 -5.14
C GLN A 35 -10.23 -11.94 -4.40
N ASP A 36 -10.22 -11.91 -3.06
CA ASP A 36 -9.48 -12.86 -2.23
C ASP A 36 -9.37 -12.46 -0.77
N LEU A 37 -9.05 -11.20 -0.47
CA LEU A 37 -8.80 -10.79 0.92
C LEU A 37 -10.01 -10.07 1.53
N GLU A 38 -10.96 -9.61 0.70
CA GLU A 38 -12.21 -8.96 1.15
C GLU A 38 -11.93 -7.51 1.54
N ILE A 39 -11.26 -6.81 0.63
CA ILE A 39 -11.06 -5.36 0.72
C ILE A 39 -12.17 -4.66 -0.08
N ASP A 40 -12.64 -3.52 0.46
CA ASP A 40 -13.67 -2.67 -0.14
C ASP A 40 -13.05 -1.42 -0.75
N SER A 41 -13.89 -0.62 -1.45
CA SER A 41 -13.43 0.69 -1.88
C SER A 41 -13.28 1.64 -0.70
N LEU A 42 -14.11 1.47 0.33
CA LEU A 42 -13.86 2.19 1.57
C LEU A 42 -12.51 1.79 2.18
N LEU A 43 -12.22 0.49 2.21
CA LEU A 43 -10.95 0.04 2.78
C LEU A 43 -9.78 0.53 1.93
N ALA A 44 -9.93 0.48 0.60
CA ALA A 44 -8.87 0.95 -0.29
C ALA A 44 -8.62 2.44 -0.10
N LEU A 45 -9.71 3.21 0.00
CA LEU A 45 -9.61 4.62 0.32
C LEU A 45 -8.84 4.83 1.62
N GLU A 46 -9.09 3.98 2.63
CA GLU A 46 -8.42 4.19 3.90
C GLU A 46 -6.94 3.87 3.81
N ILE A 47 -6.60 2.82 3.05
CA ILE A 47 -5.20 2.48 2.84
C ILE A 47 -4.48 3.65 2.22
N LEU A 48 -5.08 4.22 1.18
CA LEU A 48 -4.43 5.34 0.50
C LEU A 48 -4.21 6.50 1.46
N ALA A 49 -5.21 6.84 2.26
CA ALA A 49 -5.09 7.98 3.17
C ALA A 49 -3.97 7.76 4.18
N LEU A 50 -3.86 6.53 4.69
CA LEU A 50 -2.84 6.23 5.68
C LEU A 50 -1.45 6.24 5.06
N ILE A 51 -1.32 5.84 3.81
CA ILE A 51 -0.03 5.89 3.14
C ILE A 51 0.41 7.34 3.02
N GLU A 52 -0.51 8.21 2.62
CA GLU A 52 -0.18 9.62 2.42
C GLU A 52 0.54 10.19 3.64
N LYS A 53 0.08 9.88 4.84
CA LYS A 53 0.56 10.64 5.98
C LYS A 53 1.65 9.89 6.75
N LYS A 54 1.81 8.59 6.53
CA LYS A 54 2.92 7.88 7.18
C LYS A 54 4.23 8.15 6.47
N PHE A 55 4.19 8.34 5.16
CA PHE A 55 5.38 8.66 4.38
C PHE A 55 5.47 10.14 4.07
N LYS A 56 4.31 10.80 3.90
CA LYS A 56 4.16 12.25 3.86
C LYS A 56 4.09 12.74 2.41
N VAL A 57 3.13 12.18 1.66
CA VAL A 57 2.97 12.47 0.24
C VAL A 57 1.52 12.91 -0.04
N GLN A 58 1.32 13.48 -1.23
CA GLN A 58 0.01 13.66 -1.84
C GLN A 58 -0.21 12.57 -2.91
N ILE A 59 -1.02 11.56 -2.59
CA ILE A 59 -1.50 10.60 -3.55
C ILE A 59 -2.96 10.93 -3.81
N PRO A 60 -3.37 11.21 -5.05
CA PRO A 60 -4.58 12.01 -5.26
C PRO A 60 -5.86 11.21 -5.11
N GLU A 61 -6.37 10.69 -6.23
CA GLU A 61 -7.65 10.01 -6.23
C GLU A 61 -7.72 8.95 -7.31
N GLU A 62 -7.21 9.25 -8.51
CA GLU A 62 -7.09 8.23 -9.55
C GLU A 62 -6.62 6.91 -9.00
N LYS A 63 -5.32 6.73 -8.85
CA LYS A 63 -4.77 5.41 -8.56
C LYS A 63 -5.16 4.86 -7.19
N LEU A 64 -6.28 5.30 -6.62
CA LEU A 64 -7.04 4.38 -5.79
C LEU A 64 -7.73 3.35 -6.66
N VAL A 65 -8.37 3.82 -7.75
CA VAL A 65 -8.94 2.95 -8.78
C VAL A 65 -8.10 1.68 -8.89
N ASP A 66 -6.78 1.83 -8.80
CA ASP A 66 -5.88 0.69 -8.69
C ASP A 66 -4.99 0.76 -7.44
N ILE A 67 -5.43 0.16 -6.33
CA ILE A 67 -4.62 -0.35 -5.23
C ILE A 67 -5.19 -1.75 -4.95
N THR A 68 -4.62 -2.75 -5.62
CA THR A 68 -5.30 -4.01 -5.86
C THR A 68 -4.53 -5.23 -5.40
N SER A 69 -3.43 -5.02 -4.69
CA SER A 69 -2.70 -6.08 -4.03
C SER A 69 -1.64 -5.36 -3.21
N LEU A 70 -1.06 -6.06 -2.24
CA LEU A 70 -0.01 -5.41 -1.48
C LEU A 70 1.11 -5.00 -2.43
N SER A 71 1.44 -5.86 -3.39
CA SER A 71 2.59 -5.61 -4.25
C SER A 71 2.34 -4.43 -5.18
N ALA A 72 1.13 -4.34 -5.76
CA ALA A 72 0.77 -3.14 -6.53
C ALA A 72 0.74 -1.90 -5.65
N THR A 73 0.26 -2.04 -4.41
CA THR A 73 0.19 -0.89 -3.51
C THR A 73 1.58 -0.42 -3.12
N ILE A 74 2.48 -1.38 -2.87
CA ILE A 74 3.87 -1.02 -2.62
C ILE A 74 4.47 -0.33 -3.84
N GLY A 75 4.20 -0.87 -5.02
CA GLY A 75 4.74 -0.28 -6.24
C GLY A 75 4.25 1.13 -6.46
N LEU A 76 2.98 1.39 -6.16
CA LEU A 76 2.45 2.73 -6.26
C LEU A 76 3.18 3.66 -5.31
N THR A 77 3.37 3.21 -4.07
CA THR A 77 4.00 4.04 -3.06
C THR A 77 5.43 4.37 -3.49
N LYS A 78 6.16 3.37 -4.01
CA LYS A 78 7.50 3.63 -4.56
C LYS A 78 7.46 4.66 -5.69
N SER A 79 6.58 4.46 -6.67
CA SER A 79 6.36 5.43 -7.76
C SER A 79 6.17 6.85 -7.24
N VAL A 80 5.19 7.07 -6.34
CA VAL A 80 4.92 8.44 -5.89
C VAL A 80 6.10 8.96 -5.06
N LEU A 81 6.78 8.10 -4.32
CA LEU A 81 7.95 8.58 -3.60
C LEU A 81 9.04 9.02 -4.57
N ALA A 82 9.21 8.28 -5.68
CA ALA A 82 10.23 8.64 -6.67
C ALA A 82 9.89 9.96 -7.36
N GLU A 83 8.60 10.23 -7.56
CA GLU A 83 8.21 11.49 -8.18
C GLU A 83 8.39 12.68 -7.24
N SER A 84 8.52 12.44 -5.94
CA SER A 84 8.71 13.52 -4.97
C SER A 84 10.15 13.64 -4.48
N GLY A 85 11.10 12.96 -5.12
CA GLY A 85 12.46 12.91 -4.58
C GLY A 85 12.51 12.44 -3.15
N LYS A 86 12.13 11.18 -2.91
CA LYS A 86 11.93 10.61 -1.59
C LYS A 86 12.27 9.14 -1.59
N LEU A 87 12.63 8.61 -2.76
CA LEU A 87 12.82 7.19 -2.96
C LEU A 87 14.30 6.90 -3.02
N GLU A 88 14.78 5.98 -2.20
CA GLU A 88 16.20 5.65 -2.26
C GLU A 88 16.37 4.63 -3.41
N HIS A 89 15.73 3.48 -3.26
CA HIS A 89 15.70 2.35 -4.22
C HIS A 89 17.05 1.78 -4.58
N HIS A 90 17.11 0.46 -4.53
CA HIS A 90 18.29 -0.28 -4.98
C HIS A 90 17.83 -1.46 -5.85
N ASP A 2 15.12 2.91 -0.39
CA ASP A 2 14.29 3.01 0.83
C ASP A 2 13.33 1.84 0.92
N ASP A 3 13.68 0.77 0.22
CA ASP A 3 12.70 -0.27 -0.08
C ASP A 3 12.18 -0.94 1.19
N GLU A 4 13.08 -1.38 2.07
CA GLU A 4 12.67 -2.09 3.28
C GLU A 4 11.63 -1.30 4.07
N GLU A 5 11.92 -0.01 4.33
CA GLU A 5 10.98 0.84 5.06
C GLU A 5 9.65 0.94 4.34
N ILE A 6 9.69 1.00 3.01
CA ILE A 6 8.45 1.13 2.23
C ILE A 6 7.64 -0.16 2.32
N GLU A 7 8.31 -1.30 2.13
CA GLU A 7 7.66 -2.61 2.27
C GLU A 7 6.98 -2.78 3.61
N LYS A 8 7.67 -2.46 4.68
CA LYS A 8 7.15 -2.76 6.01
C LYS A 8 6.07 -1.76 6.42
N GLY A 9 6.23 -0.51 6.02
CA GLY A 9 5.23 0.49 6.30
C GLY A 9 3.90 0.24 5.58
N VAL A 10 3.97 -0.12 4.30
CA VAL A 10 2.74 -0.40 3.56
C VAL A 10 2.07 -1.66 4.12
N THR A 11 2.87 -2.70 4.37
CA THR A 11 2.34 -3.92 4.97
C THR A 11 1.62 -3.62 6.28
N SER A 12 2.25 -2.82 7.14
CA SER A 12 1.66 -2.48 8.43
C SER A 12 0.31 -1.77 8.25
N ILE A 13 0.22 -0.87 7.28
CA ILE A 13 -1.04 -0.15 7.04
C ILE A 13 -2.12 -1.10 6.53
N VAL A 14 -1.76 -1.96 5.57
CA VAL A 14 -2.77 -2.84 4.99
C VAL A 14 -3.27 -3.83 6.03
N ALA A 15 -2.34 -4.38 6.84
CA ALA A 15 -2.72 -5.23 7.97
C ALA A 15 -3.68 -4.52 8.93
N GLU A 16 -3.36 -3.29 9.34
CA GLU A 16 -4.24 -2.60 10.29
C GLU A 16 -5.63 -2.41 9.68
N VAL A 17 -5.69 -1.97 8.42
CA VAL A 17 -6.97 -1.67 7.79
C VAL A 17 -7.80 -2.94 7.59
N THR A 18 -7.18 -4.04 7.21
CA THR A 18 -7.92 -5.27 6.98
C THR A 18 -8.06 -6.12 8.25
N GLU A 19 -7.46 -5.70 9.35
CA GLU A 19 -7.47 -6.45 10.59
C GLU A 19 -6.95 -7.87 10.38
N LEU A 20 -5.83 -7.99 9.66
CA LEU A 20 -5.10 -9.23 9.43
C LEU A 20 -3.65 -9.10 9.92
N ASP A 21 -2.94 -10.22 10.10
CA ASP A 21 -1.57 -10.12 10.60
C ASP A 21 -0.59 -9.78 9.49
N GLU A 22 0.43 -8.97 9.83
CA GLU A 22 1.36 -8.49 8.82
C GLU A 22 2.08 -9.65 8.13
N LYS A 23 2.38 -10.73 8.86
CA LYS A 23 3.05 -11.87 8.24
C LYS A 23 2.16 -12.50 7.16
N GLU A 24 0.86 -12.62 7.46
CA GLU A 24 -0.06 -13.19 6.47
C GLU A 24 -0.26 -12.27 5.29
N ILE A 25 -0.48 -10.98 5.58
CA ILE A 25 -0.46 -9.93 4.57
C ILE A 25 0.70 -10.16 3.60
N TRP A 26 1.90 -10.25 4.16
CA TRP A 26 3.10 -10.34 3.33
C TRP A 26 3.12 -11.62 2.50
N GLU A 27 2.75 -12.76 3.09
CA GLU A 27 2.74 -14.00 2.33
C GLU A 27 1.71 -13.93 1.18
N LYS A 28 0.66 -13.13 1.33
CA LYS A 28 -0.36 -12.92 0.29
C LYS A 28 -0.04 -11.70 -0.60
N ARG A 29 1.21 -11.28 -0.72
CA ARG A 29 1.48 -9.99 -1.38
C ARG A 29 0.98 -9.92 -2.83
N ASP A 30 0.71 -11.06 -3.49
CA ASP A 30 0.10 -11.06 -4.81
C ASP A 30 -1.39 -11.41 -4.81
N ALA A 31 -2.01 -11.55 -3.66
CA ALA A 31 -3.45 -11.82 -3.63
C ALA A 31 -4.22 -10.54 -3.99
N ASN A 32 -5.16 -10.68 -4.92
CA ASN A 32 -6.12 -9.63 -5.25
C ASN A 32 -6.83 -9.14 -3.98
N PHE A 33 -6.74 -7.84 -3.73
CA PHE A 33 -7.41 -7.23 -2.58
C PHE A 33 -8.88 -7.63 -2.53
N PHE A 34 -9.67 -7.01 -3.40
CA PHE A 34 -11.03 -7.44 -3.65
C PHE A 34 -11.14 -8.95 -3.75
N GLN A 35 -10.55 -9.53 -4.80
CA GLN A 35 -10.67 -10.95 -5.08
C GLN A 35 -9.66 -11.78 -4.29
N ASP A 36 -9.63 -11.62 -2.96
CA ASP A 36 -9.02 -12.59 -2.07
C ASP A 36 -8.89 -12.13 -0.63
N LEU A 37 -8.84 -10.83 -0.37
CA LEU A 37 -8.60 -10.36 0.99
C LEU A 37 -9.77 -9.54 1.53
N GLU A 38 -10.95 -9.70 0.96
CA GLU A 38 -12.19 -9.18 1.55
C GLU A 38 -12.12 -7.66 1.66
N ILE A 39 -11.34 -7.06 0.77
CA ILE A 39 -11.08 -5.62 0.79
C ILE A 39 -12.13 -4.92 -0.06
N ASP A 40 -12.29 -3.63 0.22
CA ASP A 40 -13.43 -2.80 -0.18
C ASP A 40 -12.94 -1.49 -0.80
N SER A 41 -13.87 -0.76 -1.43
CA SER A 41 -13.53 0.59 -1.89
C SER A 41 -13.33 1.54 -0.71
N LEU A 42 -14.12 1.39 0.36
CA LEU A 42 -13.84 2.14 1.58
C LEU A 42 -12.49 1.75 2.17
N LEU A 43 -12.20 0.46 2.25
CA LEU A 43 -10.92 0.03 2.79
C LEU A 43 -9.77 0.51 1.92
N ALA A 44 -9.94 0.43 0.60
CA ALA A 44 -8.95 0.95 -0.33
C ALA A 44 -8.67 2.42 -0.05
N LEU A 45 -9.73 3.20 0.14
CA LEU A 45 -9.58 4.62 0.43
C LEU A 45 -8.84 4.83 1.74
N GLU A 46 -9.10 3.98 2.74
CA GLU A 46 -8.41 4.14 4.00
C GLU A 46 -6.93 3.82 3.87
N ILE A 47 -6.60 2.82 3.06
CA ILE A 47 -5.20 2.48 2.82
C ILE A 47 -4.50 3.67 2.19
N LEU A 48 -5.10 4.20 1.12
CA LEU A 48 -4.47 5.33 0.42
C LEU A 48 -4.23 6.48 1.37
N ALA A 49 -5.22 6.81 2.20
CA ALA A 49 -5.12 7.96 3.09
C ALA A 49 -4.02 7.74 4.12
N LEU A 50 -3.90 6.52 4.65
CA LEU A 50 -2.89 6.23 5.64
C LEU A 50 -1.49 6.22 5.02
N ILE A 51 -1.37 5.82 3.76
CA ILE A 51 -0.07 5.89 3.10
C ILE A 51 0.35 7.35 2.99
N GLU A 52 -0.55 8.21 2.52
CA GLU A 52 -0.30 9.64 2.57
C GLU A 52 0.04 10.07 4.00
N LYS A 53 -0.74 9.58 4.95
CA LYS A 53 -0.48 9.91 6.36
C LYS A 53 0.65 9.08 6.92
N LYS A 54 1.38 8.34 6.06
CA LYS A 54 2.60 7.66 6.47
C LYS A 54 3.84 8.31 5.82
N PHE A 55 3.80 8.51 4.52
CA PHE A 55 5.01 8.78 3.76
C PHE A 55 5.13 10.23 3.27
N LYS A 56 4.29 11.12 3.78
CA LYS A 56 4.33 12.56 3.51
C LYS A 56 4.18 12.84 2.01
N VAL A 57 3.53 11.89 1.33
CA VAL A 57 3.25 12.00 -0.09
C VAL A 57 1.78 12.29 -0.24
N GLN A 58 1.47 13.14 -1.19
CA GLN A 58 0.15 13.23 -1.75
C GLN A 58 -0.02 12.13 -2.79
N ILE A 59 -1.05 11.31 -2.60
CA ILE A 59 -1.56 10.42 -3.63
C ILE A 59 -3.00 10.91 -3.82
N PRO A 60 -3.38 11.38 -5.00
CA PRO A 60 -4.58 12.20 -5.10
C PRO A 60 -5.86 11.41 -4.78
N GLU A 61 -6.46 10.85 -5.83
CA GLU A 61 -7.61 9.97 -5.63
C GLU A 61 -7.76 8.99 -6.79
N GLU A 62 -7.43 9.43 -8.00
CA GLU A 62 -7.65 8.58 -9.16
C GLU A 62 -6.95 7.24 -9.03
N LYS A 63 -5.67 7.22 -8.63
CA LYS A 63 -4.90 5.98 -8.61
C LYS A 63 -5.22 5.07 -7.43
N LEU A 64 -6.42 5.16 -6.86
CA LEU A 64 -6.86 4.08 -5.98
C LEU A 64 -7.09 2.80 -6.77
N VAL A 65 -7.13 2.87 -8.09
CA VAL A 65 -7.59 1.72 -8.86
C VAL A 65 -6.52 0.63 -8.92
N ASP A 66 -5.28 0.96 -8.56
CA ASP A 66 -4.24 -0.05 -8.42
C ASP A 66 -3.80 -0.28 -6.97
N ILE A 67 -4.67 0.01 -6.00
CA ILE A 67 -4.58 -0.64 -4.68
C ILE A 67 -5.39 -1.92 -4.82
N THR A 68 -4.77 -2.92 -5.45
CA THR A 68 -5.42 -4.18 -5.82
C THR A 68 -4.69 -5.40 -5.29
N SER A 69 -3.39 -5.30 -5.08
CA SER A 69 -2.64 -6.29 -4.32
C SER A 69 -1.67 -5.51 -3.43
N LEU A 70 -1.09 -6.20 -2.46
CA LEU A 70 -0.08 -5.51 -1.66
C LEU A 70 1.08 -5.09 -2.54
N SER A 71 1.51 -5.98 -3.44
CA SER A 71 2.64 -5.68 -4.30
C SER A 71 2.35 -4.45 -5.17
N ALA A 72 1.14 -4.34 -5.72
CA ALA A 72 0.78 -3.15 -6.50
C ALA A 72 0.76 -1.90 -5.61
N THR A 73 0.23 -2.02 -4.39
CA THR A 73 0.18 -0.86 -3.50
C THR A 73 1.58 -0.41 -3.13
N ILE A 74 2.47 -1.36 -2.87
CA ILE A 74 3.87 -1.03 -2.63
C ILE A 74 4.47 -0.35 -3.84
N GLY A 75 4.20 -0.89 -5.04
CA GLY A 75 4.74 -0.32 -6.25
C GLY A 75 4.25 1.10 -6.46
N LEU A 76 2.98 1.35 -6.17
CA LEU A 76 2.45 2.70 -6.25
C LEU A 76 3.18 3.63 -5.30
N THR A 77 3.38 3.17 -4.06
CA THR A 77 4.00 4.00 -3.05
C THR A 77 5.43 4.34 -3.47
N LYS A 78 6.15 3.36 -4.04
CA LYS A 78 7.50 3.62 -4.55
C LYS A 78 7.49 4.70 -5.64
N SER A 79 6.65 4.54 -6.67
CA SER A 79 6.58 5.52 -7.76
C SER A 79 6.22 6.92 -7.25
N VAL A 80 5.25 7.03 -6.35
CA VAL A 80 4.92 8.35 -5.80
C VAL A 80 6.10 8.92 -5.03
N LEU A 81 6.82 8.07 -4.30
CA LEU A 81 7.97 8.58 -3.57
C LEU A 81 9.08 9.00 -4.53
N ALA A 82 9.24 8.29 -5.66
CA ALA A 82 10.26 8.65 -6.65
C ALA A 82 9.92 9.99 -7.30
N GLU A 83 8.66 10.16 -7.71
CA GLU A 83 8.20 11.45 -8.20
C GLU A 83 8.37 12.56 -7.18
N SER A 84 8.49 12.21 -5.90
CA SER A 84 8.57 13.15 -4.80
C SER A 84 9.98 13.24 -4.21
N GLY A 85 11.00 12.81 -4.96
CA GLY A 85 12.36 12.81 -4.45
C GLY A 85 12.52 12.22 -3.06
N LYS A 86 11.75 11.16 -2.73
CA LYS A 86 11.70 10.55 -1.41
C LYS A 86 12.37 9.17 -1.36
N LEU A 87 12.73 8.58 -2.52
CA LEU A 87 13.00 7.15 -2.65
C LEU A 87 14.50 6.84 -2.72
N GLU A 88 14.96 5.79 -2.01
CA GLU A 88 16.39 5.39 -2.01
C GLU A 88 16.65 4.12 -2.83
N HIS A 89 15.61 3.41 -3.21
CA HIS A 89 15.69 2.25 -4.13
C HIS A 89 17.05 1.57 -4.44
N HIS A 90 17.20 0.35 -3.96
CA HIS A 90 18.33 -0.51 -4.33
C HIS A 90 17.78 -1.86 -4.84
N ASP A 2 15.11 2.50 -0.84
CA ASP A 2 14.24 2.53 0.37
C ASP A 2 13.30 1.37 0.46
N ASP A 3 13.59 0.32 -0.30
CA ASP A 3 12.53 -0.63 -0.61
C ASP A 3 11.97 -1.27 0.65
N GLU A 4 12.84 -1.68 1.57
CA GLU A 4 12.39 -2.45 2.73
C GLU A 4 11.60 -1.59 3.71
N GLU A 5 12.00 -0.32 3.87
CA GLU A 5 11.30 0.60 4.76
C GLU A 5 9.90 0.88 4.23
N ILE A 6 9.75 0.92 2.91
CA ILE A 6 8.45 1.15 2.29
C ILE A 6 7.61 -0.13 2.35
N GLU A 7 8.25 -1.27 2.07
CA GLU A 7 7.62 -2.58 2.23
C GLU A 7 6.95 -2.76 3.57
N LYS A 8 7.69 -2.49 4.64
CA LYS A 8 7.21 -2.75 5.98
C LYS A 8 6.11 -1.78 6.40
N GLY A 9 6.25 -0.53 5.98
CA GLY A 9 5.25 0.47 6.30
C GLY A 9 3.92 0.24 5.58
N VAL A 10 3.97 -0.12 4.29
CA VAL A 10 2.74 -0.39 3.57
C VAL A 10 2.08 -1.64 4.12
N THR A 11 2.89 -2.67 4.45
CA THR A 11 2.32 -3.90 5.00
C THR A 11 1.60 -3.62 6.31
N SER A 12 2.22 -2.86 7.22
CA SER A 12 1.57 -2.47 8.48
C SER A 12 0.21 -1.81 8.22
N ILE A 13 0.16 -0.86 7.29
CA ILE A 13 -1.08 -0.13 7.01
C ILE A 13 -2.16 -1.08 6.50
N VAL A 14 -1.80 -1.95 5.56
CA VAL A 14 -2.81 -2.83 4.98
C VAL A 14 -3.29 -3.83 6.03
N ALA A 15 -2.37 -4.34 6.87
CA ALA A 15 -2.74 -5.21 7.99
C ALA A 15 -3.70 -4.50 8.97
N GLU A 16 -3.37 -3.26 9.36
CA GLU A 16 -4.23 -2.50 10.26
C GLU A 16 -5.63 -2.34 9.69
N VAL A 17 -5.73 -1.82 8.46
CA VAL A 17 -7.02 -1.54 7.84
C VAL A 17 -7.81 -2.84 7.63
N THR A 18 -7.12 -3.91 7.27
CA THR A 18 -7.76 -5.17 6.94
C THR A 18 -8.00 -6.07 8.15
N GLU A 19 -7.42 -5.71 9.30
CA GLU A 19 -7.49 -6.51 10.52
C GLU A 19 -6.96 -7.94 10.29
N LEU A 20 -5.80 -8.02 9.65
CA LEU A 20 -5.05 -9.27 9.47
C LEU A 20 -3.61 -9.12 9.95
N ASP A 21 -2.92 -10.27 10.13
CA ASP A 21 -1.53 -10.28 10.59
C ASP A 21 -0.58 -9.83 9.47
N GLU A 22 0.44 -9.02 9.80
CA GLU A 22 1.36 -8.55 8.75
C GLU A 22 2.06 -9.72 8.08
N LYS A 23 2.40 -10.76 8.84
CA LYS A 23 3.04 -11.94 8.24
C LYS A 23 2.16 -12.56 7.17
N GLU A 24 0.88 -12.75 7.50
CA GLU A 24 -0.02 -13.44 6.60
C GLU A 24 -0.29 -12.57 5.38
N ILE A 25 -0.33 -11.24 5.58
CA ILE A 25 -0.54 -10.27 4.51
C ILE A 25 0.66 -10.26 3.57
N TRP A 26 1.86 -10.27 4.14
CA TRP A 26 3.07 -10.33 3.33
C TRP A 26 3.13 -11.61 2.50
N GLU A 27 2.77 -12.76 3.09
CA GLU A 27 2.70 -13.99 2.32
C GLU A 27 1.83 -13.86 1.08
N LYS A 28 0.70 -13.18 1.20
CA LYS A 28 -0.25 -13.00 0.11
C LYS A 28 -0.01 -11.69 -0.62
N ARG A 29 1.24 -11.22 -0.66
CA ARG A 29 1.51 -9.91 -1.28
C ARG A 29 1.06 -9.83 -2.73
N ASP A 30 1.13 -10.91 -3.48
CA ASP A 30 0.76 -10.90 -4.89
C ASP A 30 -0.69 -11.32 -5.11
N ALA A 31 -1.45 -11.58 -4.05
CA ALA A 31 -2.85 -11.95 -4.20
C ALA A 31 -3.69 -10.71 -4.42
N ASN A 32 -4.90 -10.93 -4.94
CA ASN A 32 -5.83 -9.85 -5.27
C ASN A 32 -6.61 -9.42 -4.02
N PHE A 33 -6.64 -8.10 -3.76
CA PHE A 33 -7.20 -7.58 -2.53
C PHE A 33 -8.66 -7.99 -2.36
N PHE A 34 -9.44 -7.87 -3.43
CA PHE A 34 -10.88 -7.96 -3.32
C PHE A 34 -11.37 -9.40 -3.17
N GLN A 35 -10.81 -10.36 -3.93
CA GLN A 35 -11.11 -11.78 -3.76
C GLN A 35 -10.02 -12.50 -2.97
N ASP A 36 -9.91 -12.23 -1.66
CA ASP A 36 -8.96 -12.85 -0.75
C ASP A 36 -8.69 -12.03 0.49
N LEU A 37 -7.94 -10.93 0.38
CA LEU A 37 -7.81 -9.95 1.47
C LEU A 37 -9.13 -9.23 1.75
N GLU A 38 -10.22 -9.62 1.08
CA GLU A 38 -11.56 -9.23 1.51
C GLU A 38 -11.64 -7.72 1.73
N ILE A 39 -12.16 -7.02 0.72
CA ILE A 39 -11.96 -5.59 0.67
C ILE A 39 -13.14 -4.89 0.00
N ASP A 40 -13.31 -3.64 0.40
CA ASP A 40 -14.27 -2.68 -0.10
C ASP A 40 -13.51 -1.53 -0.75
N SER A 41 -14.24 -0.67 -1.48
CA SER A 41 -13.63 0.57 -1.93
C SER A 41 -13.33 1.49 -0.76
N LEU A 42 -14.11 1.37 0.32
CA LEU A 42 -13.84 2.14 1.54
C LEU A 42 -12.50 1.75 2.16
N LEU A 43 -12.23 0.45 2.27
CA LEU A 43 -10.96 0.03 2.84
C LEU A 43 -9.79 0.51 1.99
N ALA A 44 -9.92 0.40 0.66
CA ALA A 44 -8.85 0.85 -0.23
C ALA A 44 -8.61 2.35 -0.09
N LEU A 45 -9.70 3.11 0.00
CA LEU A 45 -9.55 4.55 0.24
C LEU A 45 -8.84 4.80 1.57
N GLU A 46 -9.09 3.97 2.58
CA GLU A 46 -8.43 4.20 3.85
C GLU A 46 -6.95 3.84 3.78
N ILE A 47 -6.62 2.78 3.04
CA ILE A 47 -5.21 2.45 2.81
C ILE A 47 -4.52 3.67 2.20
N LEU A 48 -5.09 4.18 1.11
CA LEU A 48 -4.52 5.34 0.42
C LEU A 48 -4.25 6.48 1.39
N ALA A 49 -5.24 6.80 2.24
CA ALA A 49 -5.12 7.93 3.14
C ALA A 49 -4.01 7.72 4.15
N LEU A 50 -3.88 6.49 4.66
CA LEU A 50 -2.85 6.22 5.64
C LEU A 50 -1.46 6.19 5.02
N ILE A 51 -1.35 5.83 3.75
CA ILE A 51 -0.05 5.87 3.09
C ILE A 51 0.43 7.31 3.01
N GLU A 52 -0.47 8.23 2.66
CA GLU A 52 -0.07 9.63 2.54
C GLU A 52 0.58 10.12 3.84
N LYS A 53 0.28 9.44 4.95
CA LYS A 53 0.79 9.82 6.27
C LYS A 53 1.82 8.82 6.79
N LYS A 54 2.29 7.92 5.95
CA LYS A 54 3.55 7.26 6.27
C LYS A 54 4.69 7.95 5.52
N PHE A 55 4.44 8.30 4.26
CA PHE A 55 5.47 8.69 3.32
C PHE A 55 5.30 10.12 2.81
N LYS A 56 4.55 10.93 3.54
CA LYS A 56 4.46 12.38 3.33
C LYS A 56 4.28 12.69 1.85
N VAL A 57 3.22 12.11 1.29
CA VAL A 57 3.11 11.91 -0.15
C VAL A 57 1.68 12.25 -0.56
N GLN A 58 1.49 12.54 -1.84
CA GLN A 58 0.16 12.80 -2.36
C GLN A 58 -0.16 11.82 -3.49
N ILE A 59 -1.24 11.06 -3.27
CA ILE A 59 -1.79 10.15 -4.25
C ILE A 59 -3.21 10.64 -4.40
N PRO A 60 -3.56 11.37 -5.47
CA PRO A 60 -4.82 12.12 -5.48
C PRO A 60 -6.01 11.25 -5.06
N GLU A 61 -6.63 10.60 -6.06
CA GLU A 61 -7.49 9.46 -5.74
C GLU A 61 -7.72 8.59 -6.97
N GLU A 62 -7.64 9.15 -8.17
CA GLU A 62 -7.72 8.27 -9.33
C GLU A 62 -6.45 7.43 -9.47
N LYS A 63 -5.60 7.40 -8.43
CA LYS A 63 -4.62 6.35 -8.26
C LYS A 63 -5.13 5.19 -7.41
N LEU A 64 -6.38 5.25 -6.93
CA LEU A 64 -6.99 4.05 -6.38
C LEU A 64 -6.95 2.91 -7.38
N VAL A 65 -6.76 3.22 -8.67
CA VAL A 65 -6.84 2.19 -9.71
C VAL A 65 -5.78 1.10 -9.50
N ASP A 66 -4.80 1.36 -8.64
CA ASP A 66 -3.70 0.40 -8.44
C ASP A 66 -3.56 -0.11 -7.00
N ILE A 67 -4.53 0.17 -6.12
CA ILE A 67 -4.58 -0.52 -4.83
C ILE A 67 -5.36 -1.80 -5.01
N THR A 68 -4.72 -2.80 -5.60
CA THR A 68 -5.35 -4.07 -5.96
C THR A 68 -4.60 -5.28 -5.43
N SER A 69 -3.53 -5.07 -4.68
CA SER A 69 -2.75 -6.12 -4.06
C SER A 69 -1.66 -5.41 -3.28
N LEU A 70 -1.07 -6.11 -2.31
CA LEU A 70 -0.03 -5.43 -1.54
C LEU A 70 1.13 -5.06 -2.46
N SER A 71 1.48 -5.96 -3.38
CA SER A 71 2.59 -5.70 -4.29
C SER A 71 2.32 -4.45 -5.12
N ALA A 72 1.14 -4.35 -5.75
CA ALA A 72 0.80 -3.15 -6.52
C ALA A 72 0.77 -1.91 -5.63
N THR A 73 0.25 -2.03 -4.41
CA THR A 73 0.20 -0.89 -3.50
C THR A 73 1.59 -0.43 -3.12
N ILE A 74 2.50 -1.38 -2.93
CA ILE A 74 3.90 -1.04 -2.67
C ILE A 74 4.49 -0.35 -3.89
N GLY A 75 4.23 -0.87 -5.08
CA GLY A 75 4.76 -0.26 -6.29
C GLY A 75 4.26 1.16 -6.48
N LEU A 76 2.99 1.39 -6.14
CA LEU A 76 2.45 2.74 -6.26
C LEU A 76 3.14 3.68 -5.28
N THR A 77 3.36 3.22 -4.05
CA THR A 77 4.01 4.04 -3.05
C THR A 77 5.45 4.36 -3.50
N LYS A 78 6.17 3.35 -4.01
CA LYS A 78 7.51 3.58 -4.56
C LYS A 78 7.48 4.64 -5.68
N SER A 79 6.63 4.44 -6.69
CA SER A 79 6.49 5.37 -7.81
C SER A 79 6.22 6.80 -7.35
N VAL A 80 5.26 7.00 -6.42
CA VAL A 80 4.94 8.36 -6.00
C VAL A 80 6.06 8.91 -5.13
N LEU A 81 6.76 8.07 -4.40
CA LEU A 81 7.90 8.57 -3.62
C LEU A 81 9.02 9.01 -4.56
N ALA A 82 9.24 8.29 -5.66
CA ALA A 82 10.27 8.68 -6.62
C ALA A 82 9.90 9.99 -7.31
N GLU A 83 8.60 10.20 -7.56
CA GLU A 83 8.12 11.48 -8.07
C GLU A 83 8.35 12.62 -7.10
N SER A 84 8.43 12.33 -5.80
CA SER A 84 8.73 13.31 -4.77
C SER A 84 10.23 13.54 -4.62
N GLY A 85 11.05 12.85 -5.42
CA GLY A 85 12.50 12.89 -5.23
C GLY A 85 12.99 12.21 -3.96
N LYS A 86 12.32 11.14 -3.52
CA LYS A 86 12.45 10.74 -2.13
C LYS A 86 12.57 9.23 -1.94
N LEU A 87 13.03 8.49 -2.96
CA LEU A 87 13.16 7.04 -2.92
C LEU A 87 14.63 6.63 -3.01
N GLU A 88 15.06 5.68 -2.13
CA GLU A 88 16.44 5.15 -2.09
C GLU A 88 16.55 3.80 -2.83
N HIS A 89 15.98 3.69 -4.02
CA HIS A 89 15.85 2.36 -4.65
C HIS A 89 17.18 1.61 -4.91
N HIS A 90 17.21 0.35 -4.48
CA HIS A 90 18.41 -0.52 -4.59
C HIS A 90 18.07 -1.99 -4.26
N ASP A 2 15.90 2.00 1.14
CA ASP A 2 14.58 2.56 1.40
C ASP A 2 13.46 1.62 1.03
N ASP A 3 13.76 0.66 0.16
CA ASP A 3 12.73 -0.28 -0.26
C ASP A 3 12.15 -1.01 0.94
N GLU A 4 13.02 -1.52 1.81
CA GLU A 4 12.58 -2.26 2.99
C GLU A 4 11.60 -1.43 3.82
N GLU A 5 11.96 -0.20 4.17
CA GLU A 5 11.10 0.63 4.99
C GLU A 5 9.74 0.85 4.34
N ILE A 6 9.71 0.97 3.01
CA ILE A 6 8.43 1.18 2.32
C ILE A 6 7.60 -0.09 2.37
N GLU A 7 8.23 -1.22 2.05
CA GLU A 7 7.54 -2.51 2.08
C GLU A 7 6.95 -2.81 3.44
N LYS A 8 7.69 -2.51 4.51
CA LYS A 8 7.22 -2.80 5.86
C LYS A 8 6.13 -1.82 6.29
N GLY A 9 6.27 -0.55 5.90
CA GLY A 9 5.28 0.44 6.24
C GLY A 9 3.96 0.24 5.52
N VAL A 10 4.00 -0.14 4.25
CA VAL A 10 2.75 -0.41 3.54
C VAL A 10 2.10 -1.67 4.10
N THR A 11 2.90 -2.70 4.41
CA THR A 11 2.33 -3.92 4.98
C THR A 11 1.60 -3.63 6.28
N SER A 12 2.23 -2.88 7.19
CA SER A 12 1.58 -2.52 8.45
C SER A 12 0.24 -1.83 8.22
N ILE A 13 0.19 -0.90 7.27
CA ILE A 13 -1.04 -0.16 7.00
C ILE A 13 -2.13 -1.10 6.48
N VAL A 14 -1.79 -1.97 5.53
CA VAL A 14 -2.81 -2.85 4.97
C VAL A 14 -3.27 -3.85 6.02
N ALA A 15 -2.33 -4.38 6.83
CA ALA A 15 -2.69 -5.25 7.94
C ALA A 15 -3.67 -4.57 8.90
N GLU A 16 -3.38 -3.33 9.29
CA GLU A 16 -4.22 -2.66 10.27
C GLU A 16 -5.62 -2.40 9.69
N VAL A 17 -5.70 -2.04 8.40
CA VAL A 17 -7.00 -1.74 7.79
C VAL A 17 -7.82 -3.01 7.56
N THR A 18 -7.18 -4.07 7.10
CA THR A 18 -7.86 -5.33 6.88
C THR A 18 -8.04 -6.13 8.17
N GLU A 19 -7.46 -5.68 9.27
CA GLU A 19 -7.47 -6.42 10.54
C GLU A 19 -6.93 -7.83 10.36
N LEU A 20 -5.80 -7.94 9.67
CA LEU A 20 -5.10 -9.21 9.45
C LEU A 20 -3.65 -9.12 9.91
N ASP A 21 -3.01 -10.28 10.00
CA ASP A 21 -1.66 -10.34 10.54
C ASP A 21 -0.63 -9.89 9.51
N GLU A 22 0.39 -9.15 9.98
CA GLU A 22 1.35 -8.55 9.06
C GLU A 22 2.06 -9.59 8.21
N LYS A 23 2.48 -10.70 8.81
CA LYS A 23 3.25 -11.67 8.05
C LYS A 23 2.32 -12.46 7.13
N GLU A 24 1.06 -12.61 7.54
CA GLU A 24 0.08 -13.25 6.69
C GLU A 24 -0.20 -12.42 5.44
N ILE A 25 -0.35 -11.11 5.61
CA ILE A 25 -0.55 -10.17 4.50
C ILE A 25 0.64 -10.23 3.55
N TRP A 26 1.85 -10.28 4.12
CA TRP A 26 3.06 -10.35 3.30
C TRP A 26 3.12 -11.64 2.48
N GLU A 27 2.80 -12.78 3.09
CA GLU A 27 2.76 -14.03 2.33
C GLU A 27 1.86 -13.92 1.11
N LYS A 28 0.77 -13.18 1.20
CA LYS A 28 -0.19 -13.04 0.12
C LYS A 28 -0.03 -11.71 -0.60
N ARG A 29 1.21 -11.23 -0.73
CA ARG A 29 1.45 -9.93 -1.35
C ARG A 29 0.98 -9.85 -2.81
N ASP A 30 0.91 -10.96 -3.53
CA ASP A 30 0.44 -10.93 -4.91
C ASP A 30 -1.03 -11.35 -5.07
N ALA A 31 -1.75 -11.57 -3.97
CA ALA A 31 -3.16 -11.90 -4.05
C ALA A 31 -3.98 -10.64 -4.33
N ASN A 32 -5.18 -10.84 -4.88
CA ASN A 32 -6.06 -9.74 -5.24
C ASN A 32 -6.84 -9.27 -4.02
N PHE A 33 -6.81 -7.96 -3.76
CA PHE A 33 -7.32 -7.41 -2.51
C PHE A 33 -8.77 -7.80 -2.27
N PHE A 34 -9.60 -7.67 -3.30
CA PHE A 34 -11.03 -7.83 -3.09
C PHE A 34 -11.39 -9.26 -2.73
N GLN A 35 -11.09 -10.23 -3.60
CA GLN A 35 -11.23 -11.63 -3.20
C GLN A 35 -9.95 -12.16 -2.55
N ASP A 36 -9.67 -11.78 -1.31
CA ASP A 36 -8.54 -12.33 -0.55
C ASP A 36 -8.28 -11.62 0.75
N LEU A 37 -8.39 -10.29 0.76
CA LEU A 37 -8.44 -9.51 2.00
C LEU A 37 -9.72 -8.68 2.05
N GLU A 38 -10.71 -9.02 1.22
CA GLU A 38 -11.93 -8.21 1.07
C GLU A 38 -11.59 -6.73 1.09
N ILE A 39 -11.69 -6.08 -0.06
CA ILE A 39 -11.41 -4.65 -0.12
C ILE A 39 -12.56 -3.91 -0.80
N ASP A 40 -13.56 -3.55 -0.02
CA ASP A 40 -14.50 -2.50 -0.40
C ASP A 40 -13.67 -1.30 -0.83
N SER A 41 -14.29 -0.39 -1.58
CA SER A 41 -13.58 0.83 -1.93
C SER A 41 -13.28 1.66 -0.69
N LEU A 42 -14.06 1.46 0.38
CA LEU A 42 -13.80 2.17 1.63
C LEU A 42 -12.47 1.77 2.24
N LEU A 43 -12.18 0.47 2.28
CA LEU A 43 -10.92 0.03 2.86
C LEU A 43 -9.74 0.52 2.02
N ALA A 44 -9.86 0.46 0.69
CA ALA A 44 -8.75 0.89 -0.14
C ALA A 44 -8.55 2.40 -0.03
N LEU A 45 -9.65 3.16 0.05
CA LEU A 45 -9.52 4.58 0.30
C LEU A 45 -8.81 4.83 1.63
N GLU A 46 -9.08 3.99 2.65
CA GLU A 46 -8.40 4.20 3.92
C GLU A 46 -6.92 3.85 3.83
N ILE A 47 -6.60 2.81 3.05
CA ILE A 47 -5.20 2.49 2.80
C ILE A 47 -4.51 3.70 2.18
N LEU A 48 -5.08 4.21 1.09
CA LEU A 48 -4.49 5.37 0.41
C LEU A 48 -4.23 6.50 1.38
N ALA A 49 -5.21 6.80 2.24
CA ALA A 49 -5.10 7.94 3.14
C ALA A 49 -4.00 7.73 4.15
N LEU A 50 -3.87 6.50 4.65
CA LEU A 50 -2.85 6.20 5.64
C LEU A 50 -1.45 6.20 5.03
N ILE A 51 -1.33 5.83 3.76
CA ILE A 51 -0.02 5.90 3.10
C ILE A 51 0.41 7.35 2.99
N GLU A 52 -0.49 8.21 2.52
CA GLU A 52 -0.19 9.64 2.43
C GLU A 52 0.43 10.15 3.72
N LYS A 53 -0.13 9.71 4.84
CA LYS A 53 0.23 10.29 6.12
C LYS A 53 1.54 9.74 6.63
N LYS A 54 1.74 8.43 6.51
CA LYS A 54 2.93 7.76 7.02
C LYS A 54 4.18 8.26 6.33
N PHE A 55 4.12 8.42 5.01
CA PHE A 55 5.29 8.69 4.19
C PHE A 55 5.42 10.16 3.81
N LYS A 56 4.38 10.96 4.07
CA LYS A 56 4.38 12.39 3.77
C LYS A 56 4.41 12.61 2.25
N VAL A 57 3.26 12.31 1.65
CA VAL A 57 3.13 12.07 0.22
C VAL A 57 1.69 12.38 -0.18
N GLN A 58 1.49 13.28 -1.15
CA GLN A 58 0.16 13.47 -1.72
C GLN A 58 -0.06 12.39 -2.77
N ILE A 59 -1.26 11.81 -2.76
CA ILE A 59 -1.69 10.85 -3.77
C ILE A 59 -3.14 11.23 -4.09
N PRO A 60 -3.54 11.33 -5.35
CA PRO A 60 -4.87 11.88 -5.63
C PRO A 60 -5.97 10.84 -5.41
N GLU A 61 -6.74 10.53 -6.46
CA GLU A 61 -7.75 9.49 -6.35
C GLU A 61 -7.73 8.59 -7.57
N GLU A 62 -7.40 9.14 -8.74
CA GLU A 62 -7.29 8.26 -9.91
C GLU A 62 -6.20 7.21 -9.70
N LYS A 63 -5.39 7.33 -8.63
CA LYS A 63 -4.47 6.26 -8.23
C LYS A 63 -5.11 5.18 -7.37
N LEU A 64 -6.38 5.36 -6.95
CA LEU A 64 -7.11 4.20 -6.46
C LEU A 64 -7.10 3.08 -7.50
N VAL A 65 -6.81 3.41 -8.75
CA VAL A 65 -6.67 2.38 -9.79
C VAL A 65 -5.65 1.33 -9.38
N ASP A 66 -4.72 1.68 -8.48
CA ASP A 66 -3.54 0.87 -8.19
C ASP A 66 -3.65 0.02 -6.92
N ILE A 67 -4.77 0.07 -6.20
CA ILE A 67 -4.92 -0.64 -4.93
C ILE A 67 -5.51 -2.03 -5.16
N THR A 68 -4.80 -2.89 -5.90
CA THR A 68 -5.31 -4.21 -6.22
C THR A 68 -4.62 -5.35 -5.48
N SER A 69 -3.38 -5.18 -5.06
CA SER A 69 -2.68 -6.18 -4.27
C SER A 69 -1.69 -5.45 -3.36
N LEU A 70 -1.09 -6.18 -2.42
CA LEU A 70 -0.09 -5.54 -1.59
C LEU A 70 1.09 -5.09 -2.46
N SER A 71 1.51 -5.94 -3.40
CA SER A 71 2.67 -5.59 -4.20
C SER A 71 2.36 -4.43 -5.15
N ALA A 72 1.16 -4.40 -5.74
CA ALA A 72 0.75 -3.23 -6.52
C ALA A 72 0.74 -1.97 -5.65
N THR A 73 0.25 -2.08 -4.42
CA THR A 73 0.20 -0.92 -3.53
C THR A 73 1.60 -0.45 -3.17
N ILE A 74 2.52 -1.39 -2.96
CA ILE A 74 3.90 -1.03 -2.70
C ILE A 74 4.50 -0.33 -3.92
N GLY A 75 4.25 -0.88 -5.11
CA GLY A 75 4.77 -0.26 -6.31
C GLY A 75 4.27 1.15 -6.49
N LEU A 76 3.00 1.39 -6.14
CA LEU A 76 2.45 2.74 -6.24
C LEU A 76 3.13 3.68 -5.28
N THR A 77 3.37 3.21 -4.05
CA THR A 77 3.99 4.05 -3.05
C THR A 77 5.44 4.37 -3.46
N LYS A 78 6.16 3.38 -4.01
CA LYS A 78 7.52 3.63 -4.50
C LYS A 78 7.54 4.71 -5.59
N SER A 79 6.69 4.58 -6.60
CA SER A 79 6.70 5.51 -7.74
C SER A 79 6.33 6.94 -7.33
N VAL A 80 5.33 7.13 -6.45
CA VAL A 80 5.02 8.51 -6.05
C VAL A 80 6.09 9.03 -5.11
N LEU A 81 6.76 8.14 -4.38
CA LEU A 81 7.93 8.58 -3.63
C LEU A 81 9.05 9.02 -4.58
N ALA A 82 9.26 8.27 -5.67
CA ALA A 82 10.27 8.66 -6.66
C ALA A 82 9.91 9.98 -7.31
N GLU A 83 8.61 10.22 -7.54
CA GLU A 83 8.18 11.52 -8.07
C GLU A 83 8.38 12.65 -7.07
N SER A 84 8.46 12.35 -5.78
CA SER A 84 8.71 13.34 -4.73
C SER A 84 10.20 13.53 -4.46
N GLY A 85 11.07 12.82 -5.20
CA GLY A 85 12.49 12.87 -4.93
C GLY A 85 12.91 12.23 -3.62
N LYS A 86 12.14 11.26 -3.11
CA LYS A 86 12.43 10.79 -1.76
C LYS A 86 12.57 9.26 -1.69
N LEU A 87 12.57 8.58 -2.83
CA LEU A 87 12.83 7.15 -2.90
C LEU A 87 14.33 6.88 -2.91
N GLU A 88 14.82 6.02 -2.02
CA GLU A 88 16.17 5.46 -2.18
C GLU A 88 16.00 3.98 -2.51
N HIS A 89 16.29 3.64 -3.77
CA HIS A 89 15.94 2.35 -4.38
C HIS A 89 17.19 1.54 -4.74
N HIS A 90 17.34 0.39 -4.10
CA HIS A 90 18.49 -0.51 -4.28
C HIS A 90 18.03 -1.98 -4.37
#